data_5X51
#
_entry.id   5X51
#
_cell.length_a   148.770
_cell.length_b   158.050
_cell.length_c   254.960
_cell.angle_alpha   90.000
_cell.angle_beta   92.540
_cell.angle_gamma   90.000
#
_symmetry.space_group_name_H-M   'P 1 21 1'
#
loop_
_entity.id
_entity.type
_entity.pdbx_description
1 polymer 'DNA-directed RNA polymerase subunit'
2 polymer 'DNA-directed RNA polymerase subunit beta'
3 polymer 'RNA polymerase II third largest subunit B44, part of central core'
4 polymer 'RNA polymerase II subunit B32'
5 polymer 'RNA polymerase subunit ABC27, common to RNA polymerases I, II, and III'
6 polymer 'RNA polymerase subunit ABC23, common to RNA polymerases I, II, and III'
7 polymer 'RNA polymerase II subunit'
8 polymer 'RNA polymerase subunit ABC14.5, common to RNA polymerases I, II, and III'
9 polymer 'DNA-directed RNA polymerase subunit'
10 polymer 'RNA polymerase subunit ABC10-beta, common to RNA polymerases I, II, and III'
11 polymer 'RNA polymerase II subunit B12.5'
12 polymer 'RNA polymerase subunit, found in RNA polymerase complexes I, II, and III'
13 non-polymer 'ZINC ION'
#
loop_
_entity_poly.entity_id
_entity_poly.type
_entity_poly.pdbx_seq_one_letter_code
_entity_poly.pdbx_strand_id
1 'polypeptide(L)'
;MSQFPYSSAPLRSVKEVQFGLLSPEEIRAISVVKIEYPEIMDESRQRPREGGLNDPKLGSIDRNFKCQTCGEGMAECPGH
FGHMELAKPVFHIGFIPKIKKVCECICMNCGKLLLDETNPTMAQAIRIRDPKKRFNAVWQLCKTKMVCEADAPVDEYSEQ
KVVSRGGCGNTQPVVRKDGMKLWGTWKKSGFSDRDAQPERKLLTPGEILNVFKHISPEDCFRLGFNEDYARPEWMIITVL
PVPPPQVRPSIAMDETTQGQDDLTHKLSDILKANINVQKLEMDGSPQHIINEVEQLLQFHVATYMDNDIAGQPQALQKSG
RPVKAIRARLKGKEGRLRGNLMGKRVDFSARTVISGDPNLELDQVGVPISIAKTLSYPETVTQYNIHRLTEYVRNGPNEH
PGAKYVIRDNGDRIDLRYHKRAGDIVLQYGWKVERHLMDDDPVLFNRQPSLHKMSMMAHRVKVMPYSTFRLNLSVTSPYN
ADFDGDEMNLHVPQSEETRAELSQLCAVPLQIVSPQSNKPVMGIVQDTLCGVRKMTLRDTFIEYEQVMNMLFWVPSWDGV
VPQPAILKPKPLWTGKQLLSIAIPSGIHLQRTDGGNSLLSPKDNGMLIVDGKVMFGVVDKKTVGSGGGGLIHTVMREKGP
KICAELFGNIQKVVNYWLLHNGFSIGIGDAIADASTMKEITHAISSAKEQVQEIIYKAQHNELELKPGMTLRESFEGEVS
RTLNDARDSAGRSAEMNLKDLNNVKQMVSAGSKGSFINIAQMSACVGQQMVEGKRIAFGFADRSLPHFTKDDFSPESKGF
VENSYLRGLTPQEFFFHAMAGREGLIDTAVKTAETGYIQRRLVKALEDIMVHYDGTTRNSLGDIIQFLYGEDGLDGTQVE
RQTIDTIPGSDKAFHKRYYVDLMDEKNSIKPDVIEYAADILGDVELQKELNSEYEQLVSDRKFLREIVFVNGDHNWPLPV
NLRRIIQNAQQIFHLDRAKASDLTIPEIIHGVRDLCKKLFVLRGENELIKEAQQNATSLFQCLVRARLATRRILEEFRLN
RDAFEWVLGTIEAQFQRSLVHPGEMVGVIAAQSIGEPATQMTLNTFHYAGVSSKNVTLGVPRLKEILNVAKNIKTPALTV
YLDREIALDIEKAKVIQSSIEYTTLKNVTSATEIYYDPDPTSTVIEEDFDTVEAYFSIPDEKVEETIDKQSPWLLRLELD
RARMLDKQLTMNQVADKISEVFSDDLFVMWSEDNADKLIIRCRVIRDPKAMDEELEAEEDQMLKRIEAHMLDLIALRGIP
GISKVYMVKHKVSVPDESGEYKNEELWALETDGINLAEVMAVPGVDSSRTYSNSFVEILSVLGIEATRSSLYKEILNVIA
FDGSYVNYRHMALLVDVMTSRGYLMAITRHGINRADTGALMRCSFEETVEILFEAGAAAELDDCRGVSENVMLGQLAPMG
TGAFDVMIDEKLLTSLPADYAPTMPLFKGKATQGSATPYDNNAQYDDEFNHDDVADVMFSPMAETGSGDDRSGGLTEYAG
IQSPYQPTSPGLSATSPGFAPTSPGFAPTSPRYSPTSPGYSPTSPSYSPTSPSYSPTSPSYSPTSPSYSPTSPSYSPTSP
SYSPTSPSYSPTSPSYSPTSPSYSPTSPQYSPTSPQYSPTSPQYSPTSPQYSPTSPQYSPTSPQYSPTSPQYSPTSPQYS
PTSPQYSPTSPQYSPTSPQYSPTSPQYSPTSPQYSPTSPQYSPASPQYSPSRHSPNGESKEGE
;
A,M
2 'polypeptide(L)'
;MSYDPYSIDDTITTEDCWTVISAFFEEKGLVSQQLDSFDEFMETSIQDLVWEEPRLILDQPAQHTNEKDNINKRYEIRFG
KIYLSRPTMTEADGTTHAMFPQEARLRNLTYSSPVYLDMEKSMFTSIDDEGNPNATLDWQQVHEPIKDGVEEGNKVHIGK
VPIMLRSKFCSLRTLDEVDLYKMKECPYDMGGYFVINGSEKVLIAQERSAANIVQVFKKAAPSPISHVAEIRSALEKGSR
LISTMQIKLYGREDKGTGRTIKATLPYVKQDIPIVIVFRALGVVPDGEILQHICYDENDWQMLEMLKPCIEEGFVIQDKE
VALDFIGRRGSAALGIRREKRIQYAKDILQKELLPHITQEEGFETRKTFFLGYMVNRLLLCALERKDQDDRDHFGKKRLD
LAGPLLANLFRILFRKLTREIYRYMQRCIETDRDFNLNLAVKSTTITSGLKYSLATGNWGEQKKAMSSRAGVSQVLNRYT
YSSTLSHLRRTNTPIGRDGKLAKPRQLHNTHWGLVCPAETPEGQACGLVKNLSLLSGISIGSPSEPIINFLEEWGMEPLE
DYDPAQHTKSTRIFVNGVWTGIHRDPSMLVSTMRDLRRSGAISPEVSIIRDIREREFKIFTDVGRVYRPLFIVEDDESKD
NKGELRITKEHIRKIQQGYDDDAMNDDSEEQEQDVYGWSSLVTSGVIEYVDGEEEETIMIAMTPEDLQTRSLEQKEIDLN
DTAKRIKPEMSTSSHHTFTHCEIHPSMILGVAASIIPFPDHNQSPRNTYQSAMGKQAMGVFLTNYNVRMDTMANILYYPQ
KPLAKTQAMEYLKFRELPAGQNAIVAIACYSGYNQEDSMIMNQSSIDRGLFRSLFFRSYMDQEKRFGISIVEEFEKPTRA
TTLRLKHGTYEKLDEDGLIAPGVRVSGDDIIIGKTTPIPPDTEELGQRTKYHTKRDASTPLRSTENGIVDQVLLTTNQEG
LKFVKVRMRTTKVPQIGDKFASRHGQKGTIGVTYRHEDMPFSAEGIVPDLIINPHAIPSRMTVAHLIECLLSKVGSIRGY
EGDATPFTDLTVDAVSNLLRDNGYQSRGFEVMYNGHTGKKLMAQVFFGPTYYQRLRHMVDDKIHARARGPVQVLTRQPVE
GRSRDGGLRFGEMERDCMIAHGAAGFLKERLMEASDAFRVHVCGICGLMSVIANLKKNQFECRSCKNKTNIYQLHIPYAA
KLLFQELMAMNIAPRLYTERSGVSMRS
;
B,N
3 'polypeptide(L)'
;MSKEPKVNIINAQDDEVELMLSDVNLSLANSLRRTMLAEVPTLAIDLVEIKMNTSVLADEFISHRLGLIPLVSEDVEEMK
YSRDCTCEDYCDECSVVLELSARHEGEEGTTDVYSSSLIKVSGPGNLNVGEPVRRDDYDQGILLCKLRNHQELNIRCIAK
KGIAKEHAKWSPCSAIAFEYDPHNKLKHTDFWFEVDAKKEWPDSKYATWEEPPKPGEVFDYKAKPNRFYMTVETTGSLKA
NQVFSRGIKTLQEKLANVLFELENSRPANTTAYGGATAYGGQTVYGRETSYGGNTNYGDYNAPY
;
C,O
4 'polypeptide(L)'
;MNVSTSTVGARRRRAKQQVDDEENATLLRLGPEFALKQYDHDGNEHDLIALSLSESRLLIREALKARSRARNGGVDIESS
NGEIDDDELAKVTSGAVANGVVKKTLDYLNTFARFKDEETCTAVDQLLHNSSDCSVLHPFEIAQLSSLGCEDVDEAITLI
PSLAAKKEVNLQRILDELNRLEDPYK
;
D,P
5 'polypeptide(L)'
;MEDNNRIISRLWRSFRTVKEMAADRGYFISQEEMDQSLEEFRSKICDSMGNPQRKLMSFLANPTPEALEKYSDLGTLWVE
FCDEPSVGIKTMRNFCLRIQEKNFSTGIFIYQNNITPSANKMIPTVSPAIIETFQESDLVVNITHHELVPKHIRLSDGEK
SQLLQRYKLKESQLPRIQREDPVARYLGLKRGQVVKIIRRSETSGRYASYRICL
;
E,Q
6 'polypeptide(L)'
;MSEDEAFNEQTENFENFEDEHFSDDNFEDRSTQPEDYAVGVTADGRQIINGDGIQEVNGTIKAHRKRSNKELAILKEERT
TTPYLTKYERARILGTRALQISMNAPVLVDIEGETDPLQIAMKELSQRKIPLVIRRYLPDGSYEDWGCDELIVDN
;
F,R
7 'polypeptide(L)'
;MFFLKDLSLILTLHPSYFGPQMNQYLREKLLTDVEGTCTGQFGYIVTVLDGMNIDVGKGRIIPGSGSAEFEVKYRAVVWK
PFKGEVVDAIVSNVSPIGFFADVGPLNVFVSTRLIPDNLVYNPSNSPPAYMSNDELITKGSKVRLKVVGTRTDVNEIYAI
GSIKEDFLGAI
;
G,S
8 'polypeptide(L)'
;MSSALFDDIFTVQTVDNGRYNKVSRIIGISTTNSAIKLTLDINNEMFPVSQDDSLTVTLANSLSLDGEDESANFSKSWRP
PKPTDKSLADDYDYVMFGTVYKFEEGDEDKIKVYVSFGGLLMCLEGGYKSLASLKQDNLYILIRR
;
H,T
9 'polypeptide(L)'
;MASFRFCLECNNMLYPKEDKENQRLLYSCRNCDYTELAEDPKVYRHELITNIGETAGIVDDIGQDPTLPRSDKECPECHS
RDCVFFQSQQRRKDTNMTLFYVCLNCKKTFRDESE
;
I,U
10 'polypeptide(L)' MIIPVRCFSCGKVVGDKWDAYLRLLEEGKQEGDALDELKLKRYCCRRMVLTHVDLIEKFLRYNPLEKKDFDS J,V
11 'polypeptide(L)'
;MNAPDRFELFILPDDVPKLKITPDSRVPNCIIIKFEREDHTLANLLREELALYPDVTFVAYKVEHPLFANFVMRLQTEEG
TRPKQALERACASIINKLKTLDHKFNEEWNIKNFSLND
;
K,W
12 'polypeptide(L)' MSREGFVAPSGTDLAAAASGVAPNKHYGVKYTCGACAHNFSLNKSDPVRCKECGHRVIYKARTKRMSKFLTTY L,X
#
loop_
_chem_comp.id
_chem_comp.type
_chem_comp.name
_chem_comp.formula
ZN non-polymer 'ZINC ION' 'Zn 2'
#
# COMPACT_ATOMS: atom_id res chain seq x y z
N TYR A 6 -48.84 80.56 30.59
CA TYR A 6 -49.46 80.77 29.28
C TYR A 6 -49.09 82.10 28.63
N SER A 7 -48.86 82.06 27.31
CA SER A 7 -48.52 83.26 26.53
C SER A 7 -49.61 83.52 25.51
N SER A 8 -50.22 84.70 25.57
CA SER A 8 -51.30 85.03 24.63
C SER A 8 -50.89 84.91 23.16
N ALA A 9 -49.62 85.11 22.87
CA ALA A 9 -49.12 85.05 21.50
C ALA A 9 -49.38 83.69 20.84
N PRO A 10 -49.83 83.70 19.58
CA PRO A 10 -50.13 82.48 18.82
C PRO A 10 -48.94 81.54 18.74
N LEU A 11 -49.19 80.24 18.80
CA LEU A 11 -48.13 79.24 18.73
C LEU A 11 -47.92 78.74 17.31
N ARG A 12 -46.67 78.72 16.85
CA ARG A 12 -46.35 78.24 15.50
C ARG A 12 -45.05 77.48 15.46
N SER A 13 -44.82 76.81 14.34
CA SER A 13 -43.61 76.02 14.15
C SER A 13 -42.83 76.63 13.02
N VAL A 14 -41.50 76.60 13.12
CA VAL A 14 -40.66 77.16 12.08
C VAL A 14 -40.80 76.36 10.81
N LYS A 15 -41.16 77.02 9.71
CA LYS A 15 -41.33 76.37 8.43
C LYS A 15 -40.23 76.83 7.47
N GLU A 16 -39.38 77.73 7.94
CA GLU A 16 -38.31 78.25 7.10
C GLU A 16 -37.25 79.01 7.91
N VAL A 17 -35.99 78.92 7.49
CA VAL A 17 -34.91 79.61 8.18
C VAL A 17 -34.14 80.48 7.18
N GLN A 18 -34.02 81.77 7.51
CA GLN A 18 -33.32 82.71 6.65
C GLN A 18 -31.99 83.19 7.24
N PHE A 19 -30.90 82.93 6.51
CA PHE A 19 -29.58 83.35 6.99
C PHE A 19 -29.12 84.67 6.37
N GLY A 20 -28.28 85.38 7.11
CA GLY A 20 -27.75 86.66 6.67
C GLY A 20 -26.74 87.22 7.65
N LEU A 21 -26.36 88.47 7.49
CA LEU A 21 -25.38 89.09 8.37
C LEU A 21 -25.96 90.37 8.96
N LEU A 22 -25.67 90.59 10.24
CA LEU A 22 -26.13 91.77 10.93
C LEU A 22 -25.62 93.06 10.31
N SER A 23 -26.55 93.94 9.98
CA SER A 23 -26.22 95.25 9.44
C SER A 23 -25.97 96.03 10.71
N PRO A 24 -24.83 96.70 10.80
CA PRO A 24 -24.57 97.46 12.03
C PRO A 24 -25.74 98.23 12.57
N GLU A 25 -26.46 98.94 11.71
CA GLU A 25 -27.61 99.73 12.17
C GLU A 25 -28.62 98.89 12.95
N GLU A 26 -28.77 97.62 12.57
CA GLU A 26 -29.71 96.71 13.23
C GLU A 26 -29.28 96.33 14.63
N ILE A 27 -28.02 95.92 14.76
CA ILE A 27 -27.47 95.55 16.07
C ILE A 27 -27.72 96.70 17.01
N ARG A 28 -27.44 97.92 16.53
CA ARG A 28 -27.66 99.11 17.32
C ARG A 28 -29.14 99.06 17.72
N ALA A 29 -30.04 99.08 16.74
CA ALA A 29 -31.48 99.03 17.00
C ALA A 29 -31.88 98.12 18.16
N ILE A 30 -31.55 96.84 17.98
CA ILE A 30 -31.84 95.78 18.94
C ILE A 30 -31.27 95.92 20.35
N SER A 31 -30.06 96.46 20.46
CA SER A 31 -29.40 96.62 21.75
C SER A 31 -30.17 97.38 22.83
N VAL A 32 -30.07 96.82 24.05
CA VAL A 32 -30.73 97.38 25.22
C VAL A 32 -29.68 97.86 26.22
N VAL A 33 -28.42 97.76 25.79
CA VAL A 33 -27.30 98.17 26.61
C VAL A 33 -26.29 98.93 25.77
N LYS A 34 -25.85 100.06 26.30
CA LYS A 34 -24.89 100.89 25.61
C LYS A 34 -23.51 100.24 25.78
N ILE A 35 -23.37 99.43 26.83
CA ILE A 35 -22.13 98.70 27.17
C ILE A 35 -20.81 99.44 26.90
N GLU A 36 -20.45 100.30 27.84
CA GLU A 36 -19.24 101.12 27.76
C GLU A 36 -18.15 100.62 28.70
N TYR A 37 -18.54 100.28 29.93
CA TYR A 37 -17.60 99.80 30.93
C TYR A 37 -17.16 98.34 30.71
N PRO A 38 -15.91 98.00 31.09
CA PRO A 38 -15.42 96.62 30.91
C PRO A 38 -15.54 95.70 32.13
N GLU A 39 -15.94 96.22 33.28
CA GLU A 39 -16.08 95.38 34.46
C GLU A 39 -17.41 94.68 34.48
N ILE A 40 -17.70 94.06 35.61
CA ILE A 40 -18.93 93.33 35.77
C ILE A 40 -19.99 94.16 36.49
N MET A 41 -19.82 94.31 37.80
CA MET A 41 -20.78 95.02 38.64
C MET A 41 -20.21 95.90 39.75
N ASP A 42 -19.92 95.27 40.88
CA ASP A 42 -19.41 95.96 42.05
C ASP A 42 -19.43 97.48 41.94
N GLU A 43 -20.46 98.07 42.55
CA GLU A 43 -20.65 99.52 42.61
C GLU A 43 -19.60 99.97 43.63
N SER A 44 -18.34 99.61 43.34
CA SER A 44 -17.16 99.88 44.19
C SER A 44 -17.21 98.84 45.32
N ARG A 45 -17.21 97.56 44.92
CA ARG A 45 -17.25 96.41 45.83
C ARG A 45 -18.71 95.97 46.11
N GLN A 46 -19.60 96.94 46.13
CA GLN A 46 -21.02 96.68 46.38
C GLN A 46 -21.54 95.80 45.24
N ARG A 47 -22.12 94.65 45.56
CA ARG A 47 -22.63 93.76 44.52
C ARG A 47 -23.94 94.26 43.93
N PRO A 48 -24.00 94.24 42.61
CA PRO A 48 -25.16 94.66 41.83
C PRO A 48 -24.75 94.32 40.42
N ARG A 49 -24.78 95.29 39.52
CA ARG A 49 -24.38 95.09 38.11
C ARG A 49 -24.20 96.47 37.46
N GLU A 50 -23.00 97.03 37.47
CA GLU A 50 -22.81 98.38 36.90
C GLU A 50 -23.52 98.52 35.56
N GLY A 51 -24.13 99.70 35.34
CA GLY A 51 -24.80 99.97 34.10
C GLY A 51 -23.81 99.78 32.96
N GLY A 52 -22.57 99.41 33.27
CA GLY A 52 -21.52 99.22 32.26
C GLY A 52 -21.54 97.92 31.46
N LEU A 53 -21.17 96.77 32.06
CA LEU A 53 -21.18 95.47 31.37
C LEU A 53 -22.30 94.59 31.92
N ASN A 54 -22.50 93.44 31.28
CA ASN A 54 -23.62 92.57 31.62
C ASN A 54 -24.64 93.05 32.67
N ASP A 55 -25.82 93.25 32.10
CA ASP A 55 -27.05 93.77 32.65
C ASP A 55 -27.13 95.24 32.69
N PRO A 56 -26.49 95.92 31.74
CA PRO A 56 -26.68 97.37 31.87
C PRO A 56 -28.14 97.56 31.38
N LYS A 57 -28.86 96.42 31.52
CA LYS A 57 -30.26 96.17 31.17
C LYS A 57 -30.45 94.74 30.56
N LEU A 58 -29.35 94.01 30.26
CA LEU A 58 -29.44 92.67 29.66
C LEU A 58 -30.11 91.73 30.61
N GLY A 59 -29.96 90.43 30.36
CA GLY A 59 -30.56 89.44 31.25
C GLY A 59 -30.05 89.61 32.68
N SER A 60 -30.27 88.62 33.55
CA SER A 60 -29.77 88.75 34.93
C SER A 60 -29.44 87.45 35.70
N ILE A 61 -28.85 87.65 36.88
CA ILE A 61 -28.41 86.58 37.78
C ILE A 61 -29.25 86.60 39.08
N ASP A 62 -28.68 86.02 40.15
CA ASP A 62 -29.26 86.00 41.50
C ASP A 62 -30.75 85.73 41.77
N ARG A 63 -31.49 85.13 40.86
CA ARG A 63 -32.91 84.90 41.13
C ARG A 63 -33.62 86.24 41.38
N ASN A 64 -33.45 87.17 40.44
CA ASN A 64 -34.09 88.47 40.54
C ASN A 64 -34.88 88.86 39.30
N PHE A 65 -36.19 88.70 39.37
CA PHE A 65 -37.11 89.02 38.28
C PHE A 65 -36.49 90.15 37.44
N LYS A 66 -35.95 91.16 38.12
CA LYS A 66 -35.30 92.30 37.48
C LYS A 66 -34.68 91.89 36.15
N CYS A 67 -34.92 92.69 35.12
CA CYS A 67 -34.42 92.39 33.79
C CYS A 67 -35.13 93.35 32.85
N GLN A 68 -35.28 94.59 33.26
CA GLN A 68 -35.99 95.60 32.47
C GLN A 68 -37.48 95.33 32.66
N THR A 69 -37.87 95.02 33.91
CA THR A 69 -39.26 94.69 34.30
C THR A 69 -39.92 93.55 33.49
N CYS A 70 -39.29 93.16 32.37
CA CYS A 70 -39.81 92.07 31.57
C CYS A 70 -39.54 90.84 32.43
N GLY A 71 -39.64 91.07 33.73
CA GLY A 71 -39.49 90.09 34.80
C GLY A 71 -39.03 88.70 34.37
N GLU A 72 -39.86 87.72 34.68
CA GLU A 72 -39.61 86.34 34.31
C GLU A 72 -38.48 85.66 35.08
N GLY A 73 -37.53 86.44 35.58
CA GLY A 73 -36.45 85.84 36.34
C GLY A 73 -35.84 84.54 35.84
N MET A 74 -34.57 84.62 35.49
CA MET A 74 -33.77 83.52 34.98
C MET A 74 -34.50 82.60 34.03
N ALA A 75 -35.41 81.77 34.54
CA ALA A 75 -36.10 80.86 33.64
C ALA A 75 -37.43 81.36 33.10
N GLU A 76 -37.41 81.68 31.80
CA GLU A 76 -38.53 82.19 31.00
C GLU A 76 -38.01 83.35 30.17
N CYS A 77 -36.96 83.98 30.68
CA CYS A 77 -36.34 85.10 30.02
C CYS A 77 -35.18 84.69 29.17
N PRO A 78 -35.37 84.58 27.85
CA PRO A 78 -34.22 84.20 27.03
C PRO A 78 -33.28 85.37 27.16
N GLY A 79 -32.06 85.29 26.66
CA GLY A 79 -31.15 86.41 26.84
C GLY A 79 -31.54 87.70 26.13
N HIS A 80 -30.86 88.79 26.50
CA HIS A 80 -31.09 90.09 25.88
C HIS A 80 -29.81 90.70 25.38
N PHE A 81 -29.73 90.87 24.07
CA PHE A 81 -28.54 91.40 23.43
C PHE A 81 -28.22 92.87 23.68
N GLY A 82 -26.93 93.16 23.75
CA GLY A 82 -26.42 94.50 23.93
C GLY A 82 -25.40 94.69 22.81
N HIS A 83 -24.79 95.85 22.70
CA HIS A 83 -23.83 96.05 21.63
C HIS A 83 -22.57 96.76 22.12
N MET A 84 -21.81 97.30 21.18
CA MET A 84 -20.58 98.00 21.50
C MET A 84 -19.97 98.62 20.23
N GLU A 85 -20.00 99.95 20.16
CA GLU A 85 -19.47 100.66 19.00
C GLU A 85 -17.93 100.55 18.94
N LEU A 86 -17.42 99.77 18.00
CA LEU A 86 -15.98 99.61 17.85
C LEU A 86 -15.43 100.95 17.42
N ALA A 87 -14.17 101.21 17.72
CA ALA A 87 -13.56 102.49 17.36
C ALA A 87 -13.27 102.55 15.87
N LYS A 88 -12.93 101.41 15.29
CA LYS A 88 -12.62 101.36 13.88
C LYS A 88 -13.02 100.00 13.31
N PRO A 89 -13.53 99.97 12.07
CA PRO A 89 -13.96 98.76 11.35
C PRO A 89 -13.01 97.55 11.44
N VAL A 90 -13.59 96.37 11.63
CA VAL A 90 -12.79 95.15 11.75
C VAL A 90 -13.24 94.05 10.82
N PHE A 91 -12.36 93.08 10.59
CA PHE A 91 -12.65 91.93 9.72
C PHE A 91 -13.31 90.77 10.47
N HIS A 92 -14.42 90.27 9.92
CA HIS A 92 -15.08 89.15 10.57
C HIS A 92 -14.26 87.92 10.30
N ILE A 93 -13.43 87.59 11.29
CA ILE A 93 -12.50 86.46 11.27
C ILE A 93 -12.74 85.35 10.24
N GLY A 94 -13.98 84.89 10.10
CA GLY A 94 -14.24 83.78 9.18
C GLY A 94 -14.53 84.14 7.73
N PHE A 95 -14.82 85.42 7.51
CA PHE A 95 -15.13 85.95 6.18
C PHE A 95 -13.92 86.59 5.50
N ILE A 96 -12.86 86.76 6.27
CA ILE A 96 -11.62 87.36 5.78
C ILE A 96 -11.19 86.74 4.46
N PRO A 97 -11.61 85.51 4.22
CA PRO A 97 -11.28 84.82 2.98
C PRO A 97 -12.04 85.47 1.83
N LYS A 98 -13.36 85.57 2.00
CA LYS A 98 -14.25 86.16 1.01
C LYS A 98 -13.96 87.63 0.88
N ILE A 99 -13.93 88.33 2.00
CA ILE A 99 -13.64 89.75 1.94
C ILE A 99 -12.50 89.96 0.95
N LYS A 100 -11.53 89.05 0.99
CA LYS A 100 -10.38 89.14 0.10
C LYS A 100 -10.71 88.75 -1.34
N LYS A 101 -11.40 87.62 -1.53
CA LYS A 101 -11.75 87.19 -2.88
C LYS A 101 -12.68 88.20 -3.55
N VAL A 102 -13.38 88.99 -2.74
CA VAL A 102 -14.27 90.01 -3.27
C VAL A 102 -13.43 91.09 -3.93
N CYS A 103 -12.47 91.63 -3.18
CA CYS A 103 -11.60 92.67 -3.71
C CYS A 103 -10.88 92.16 -4.94
N GLU A 104 -10.48 90.91 -4.91
CA GLU A 104 -9.80 90.33 -6.05
C GLU A 104 -10.70 90.46 -7.29
N CYS A 105 -12.00 90.60 -7.06
CA CYS A 105 -12.99 90.70 -8.14
C CYS A 105 -13.53 92.11 -8.42
N ILE A 106 -13.27 93.05 -7.52
CA ILE A 106 -13.77 94.41 -7.70
C ILE A 106 -12.64 95.44 -7.70
N CYS A 107 -12.87 96.56 -8.39
CA CYS A 107 -11.88 97.62 -8.47
C CYS A 107 -12.04 98.61 -7.33
N MET A 108 -10.92 99.20 -6.92
CA MET A 108 -10.91 100.15 -5.83
C MET A 108 -11.03 101.60 -6.34
N ASN A 109 -11.02 102.56 -5.42
CA ASN A 109 -11.12 103.98 -5.76
C ASN A 109 -12.41 104.28 -6.53
N CYS A 110 -13.10 103.22 -6.94
CA CYS A 110 -14.36 103.27 -7.70
C CYS A 110 -15.39 102.29 -7.12
N GLY A 111 -15.09 101.00 -7.23
CA GLY A 111 -15.97 99.97 -6.69
C GLY A 111 -16.95 99.25 -7.58
N LYS A 112 -16.53 98.83 -8.77
CA LYS A 112 -17.44 98.11 -9.64
C LYS A 112 -16.76 96.89 -10.21
N LEU A 113 -17.55 95.97 -10.77
CA LEU A 113 -17.02 94.75 -11.35
C LEU A 113 -15.85 94.98 -12.30
N LEU A 114 -15.14 93.90 -12.60
CA LEU A 114 -13.98 93.99 -13.48
C LEU A 114 -14.22 93.24 -14.77
N LEU A 115 -15.48 92.93 -15.04
CA LEU A 115 -15.86 92.22 -16.25
C LEU A 115 -17.35 92.40 -16.45
N ASP A 116 -17.71 93.09 -17.53
CA ASP A 116 -19.11 93.33 -17.82
C ASP A 116 -19.64 92.36 -18.85
N GLU A 117 -20.95 92.45 -19.10
CA GLU A 117 -21.62 91.61 -20.08
C GLU A 117 -20.76 91.64 -21.36
N THR A 118 -20.02 92.74 -21.51
CA THR A 118 -19.14 92.96 -22.65
C THR A 118 -18.18 91.79 -22.84
N ASN A 119 -17.54 91.33 -21.77
CA ASN A 119 -16.64 90.18 -21.90
C ASN A 119 -17.47 88.91 -22.01
N PRO A 120 -17.25 88.17 -23.09
CA PRO A 120 -17.99 86.94 -23.33
C PRO A 120 -17.92 85.90 -22.23
N THR A 121 -16.72 85.41 -21.92
CA THR A 121 -16.59 84.39 -20.88
C THR A 121 -17.33 84.81 -19.61
N MET A 122 -17.58 86.12 -19.49
CA MET A 122 -18.28 86.66 -18.34
C MET A 122 -19.78 86.45 -18.45
N ALA A 123 -20.35 86.67 -19.64
CA ALA A 123 -21.78 86.48 -19.84
C ALA A 123 -22.10 85.14 -19.20
N GLN A 124 -21.43 84.10 -19.69
CA GLN A 124 -21.60 82.73 -19.21
C GLN A 124 -21.64 82.65 -17.69
N ALA A 125 -20.54 83.07 -17.08
CA ALA A 125 -20.45 83.05 -15.63
C ALA A 125 -21.69 83.75 -15.07
N ILE A 126 -22.03 84.90 -15.64
CA ILE A 126 -23.18 85.68 -15.22
C ILE A 126 -24.53 84.99 -15.36
N ARG A 127 -24.58 83.91 -16.12
CA ARG A 127 -25.84 83.19 -16.30
C ARG A 127 -25.91 81.97 -15.39
N ILE A 128 -24.76 81.54 -14.88
CA ILE A 128 -24.70 80.39 -13.98
C ILE A 128 -25.59 80.65 -12.77
N ARG A 129 -26.77 80.02 -12.76
CA ARG A 129 -27.70 80.19 -11.65
C ARG A 129 -27.32 79.29 -10.51
N ASP A 130 -26.62 79.87 -9.54
CA ASP A 130 -26.17 79.14 -8.36
C ASP A 130 -25.36 80.12 -7.54
N PRO A 131 -26.06 80.79 -6.63
CA PRO A 131 -25.45 81.79 -5.75
C PRO A 131 -23.99 81.51 -5.40
N LYS A 132 -23.58 80.24 -5.42
CA LYS A 132 -22.22 79.89 -5.06
C LYS A 132 -21.29 79.67 -6.25
N LYS A 133 -21.70 78.84 -7.21
CA LYS A 133 -20.84 78.57 -8.35
C LYS A 133 -20.69 79.76 -9.29
N ARG A 134 -21.57 80.74 -9.10
CA ARG A 134 -21.52 81.98 -9.89
C ARG A 134 -20.32 82.71 -9.32
N PHE A 135 -20.42 83.08 -8.05
CA PHE A 135 -19.35 83.79 -7.35
C PHE A 135 -18.05 82.99 -7.43
N ASN A 136 -18.18 81.73 -7.83
CA ASN A 136 -17.02 80.85 -7.98
C ASN A 136 -16.41 81.14 -9.34
N ALA A 137 -17.18 80.84 -10.37
CA ALA A 137 -16.72 81.09 -11.74
C ALA A 137 -16.26 82.54 -11.89
N VAL A 138 -17.03 83.49 -11.37
CA VAL A 138 -16.67 84.90 -11.48
C VAL A 138 -15.24 85.14 -11.05
N TRP A 139 -14.96 84.94 -9.76
CA TRP A 139 -13.61 85.14 -9.21
C TRP A 139 -12.51 84.45 -10.00
N GLN A 140 -12.84 83.31 -10.61
CA GLN A 140 -11.85 82.58 -11.38
C GLN A 140 -11.47 83.42 -12.61
N LEU A 141 -12.28 84.42 -12.93
CA LEU A 141 -12.02 85.30 -14.07
C LEU A 141 -11.33 86.58 -13.63
N CYS A 142 -12.06 87.41 -12.89
CA CYS A 142 -11.60 88.71 -12.39
C CYS A 142 -10.34 88.77 -11.52
N LYS A 143 -9.83 87.61 -11.09
CA LYS A 143 -8.64 87.61 -10.25
C LYS A 143 -7.40 87.86 -11.10
N THR A 144 -7.57 87.85 -12.42
CA THR A 144 -6.47 88.05 -13.35
C THR A 144 -6.37 89.51 -13.79
N LYS A 145 -7.37 90.01 -14.50
CA LYS A 145 -7.35 91.40 -14.95
C LYS A 145 -7.20 92.33 -13.75
N MET A 146 -6.30 93.30 -13.90
CA MET A 146 -6.02 94.27 -12.83
C MET A 146 -5.94 95.71 -13.38
N VAL A 147 -6.78 95.98 -14.37
CA VAL A 147 -6.85 97.28 -15.02
C VAL A 147 -8.34 97.64 -15.12
N CYS A 148 -8.79 98.57 -14.29
CA CYS A 148 -10.20 98.97 -14.31
C CYS A 148 -10.51 99.67 -15.63
N GLU A 149 -10.51 98.88 -16.70
CA GLU A 149 -10.75 99.37 -18.05
C GLU A 149 -12.00 100.24 -18.26
N ALA A 150 -11.78 101.40 -18.87
CA ALA A 150 -12.84 102.35 -19.16
C ALA A 150 -13.36 102.20 -20.60
N ARG A 165 -17.40 102.40 -20.68
CA ARG A 165 -18.29 102.03 -19.59
C ARG A 165 -17.73 102.76 -18.37
N GLY A 166 -17.85 102.16 -17.18
CA GLY A 166 -17.31 102.80 -15.99
C GLY A 166 -15.89 103.25 -16.26
N GLY A 167 -15.37 104.14 -15.43
CA GLY A 167 -14.02 104.63 -15.67
C GLY A 167 -12.95 104.48 -14.58
N CYS A 168 -11.89 105.26 -14.72
CA CYS A 168 -10.72 105.29 -13.83
C CYS A 168 -9.99 103.94 -13.77
N GLY A 169 -9.18 103.71 -14.79
CA GLY A 169 -8.44 102.46 -14.88
C GLY A 169 -7.35 102.22 -13.87
N ASN A 170 -7.34 102.97 -12.77
CA ASN A 170 -6.32 102.78 -11.74
C ASN A 170 -6.02 101.28 -11.64
N THR A 171 -4.74 100.91 -11.75
CA THR A 171 -4.35 99.50 -11.68
C THR A 171 -4.77 98.89 -10.35
N GLN A 172 -5.35 97.70 -10.42
CA GLN A 172 -5.78 97.03 -9.22
C GLN A 172 -4.65 96.18 -8.70
N PRO A 173 -4.37 96.29 -7.39
CA PRO A 173 -3.31 95.56 -6.70
C PRO A 173 -3.52 94.07 -6.56
N VAL A 174 -2.45 93.32 -6.37
CA VAL A 174 -2.53 91.89 -6.16
C VAL A 174 -2.54 91.71 -4.65
N VAL A 175 -3.62 91.19 -4.09
CA VAL A 175 -3.70 91.02 -2.65
C VAL A 175 -3.26 89.66 -2.13
N ARG A 176 -2.70 89.69 -0.92
CA ARG A 176 -2.23 88.49 -0.25
C ARG A 176 -2.58 88.50 1.24
N LYS A 177 -2.65 87.32 1.83
CA LYS A 177 -2.99 87.15 3.24
C LYS A 177 -1.79 87.03 4.18
N ASP A 178 -1.70 87.96 5.13
CA ASP A 178 -0.63 87.94 6.13
C ASP A 178 -1.30 88.17 7.47
N GLY A 179 -1.52 87.08 8.20
CA GLY A 179 -2.18 87.19 9.48
C GLY A 179 -3.59 87.71 9.29
N MET A 180 -3.92 88.80 9.97
CA MET A 180 -5.25 89.39 9.89
C MET A 180 -5.31 90.64 9.03
N LYS A 181 -4.41 90.76 8.05
CA LYS A 181 -4.38 91.93 7.19
C LYS A 181 -4.16 91.61 5.73
N LEU A 182 -4.91 92.30 4.87
CA LEU A 182 -4.80 92.10 3.45
C LEU A 182 -3.93 93.18 2.83
N TRP A 183 -2.86 92.76 2.16
CA TRP A 183 -1.98 93.71 1.53
C TRP A 183 -1.69 93.33 0.08
N GLY A 184 -1.37 94.33 -0.71
CA GLY A 184 -1.09 94.09 -2.11
C GLY A 184 -0.08 95.03 -2.73
N THR A 185 0.38 94.68 -3.92
CA THR A 185 1.36 95.45 -4.67
C THR A 185 0.83 95.98 -6.00
N TRP A 186 1.21 97.21 -6.34
CA TRP A 186 0.83 97.86 -7.60
C TRP A 186 2.11 98.07 -8.41
N LYS A 187 2.13 97.64 -9.67
CA LYS A 187 3.32 97.80 -10.51
C LYS A 187 3.03 98.47 -11.86
N ASP A 195 9.89 100.16 -12.81
CA ASP A 195 9.93 98.75 -12.44
C ASP A 195 9.89 98.55 -10.92
N ALA A 196 9.71 97.29 -10.49
CA ALA A 196 9.61 96.94 -9.07
C ALA A 196 8.31 97.48 -8.47
N GLN A 197 7.60 96.64 -7.68
CA GLN A 197 6.32 97.02 -7.04
C GLN A 197 6.30 98.27 -6.14
N PRO A 198 5.20 98.40 -5.41
CA PRO A 198 4.94 99.47 -4.46
C PRO A 198 3.95 98.87 -3.46
N GLU A 199 4.42 98.53 -2.26
CA GLU A 199 3.58 97.90 -1.25
C GLU A 199 2.84 98.80 -0.27
N ARG A 200 1.56 98.51 -0.07
CA ARG A 200 0.70 99.23 0.88
C ARG A 200 -0.27 98.26 1.56
N LYS A 201 -0.55 98.52 2.82
CA LYS A 201 -1.44 97.70 3.63
C LYS A 201 -2.88 98.21 3.61
N LEU A 202 -3.71 97.62 2.76
CA LEU A 202 -5.13 97.99 2.64
C LEU A 202 -5.84 98.10 3.98
N LEU A 203 -6.28 99.31 4.34
CA LEU A 203 -6.97 99.48 5.62
C LEU A 203 -8.36 98.87 5.57
N GLU A 207 -10.87 101.64 4.46
CA GLU A 207 -10.71 101.79 3.02
C GLU A 207 -11.54 100.76 2.26
N ILE A 208 -11.37 99.50 2.63
CA ILE A 208 -12.08 98.37 2.01
C ILE A 208 -13.59 98.57 2.10
N LEU A 209 -14.08 98.68 3.33
CA LEU A 209 -15.50 98.88 3.59
C LEU A 209 -16.07 99.97 2.66
N ASN A 210 -15.41 101.12 2.62
CA ASN A 210 -15.88 102.19 1.76
C ASN A 210 -16.10 101.64 0.36
N VAL A 211 -15.07 101.02 -0.20
CA VAL A 211 -15.18 100.46 -1.54
C VAL A 211 -16.37 99.53 -1.68
N PHE A 212 -16.55 98.65 -0.71
CA PHE A 212 -17.67 97.73 -0.75
C PHE A 212 -18.98 98.49 -0.79
N LYS A 213 -19.19 99.39 0.17
CA LYS A 213 -20.42 100.17 0.20
C LYS A 213 -20.80 100.68 -1.19
N HIS A 214 -19.79 101.13 -1.93
CA HIS A 214 -19.99 101.64 -3.27
C HIS A 214 -20.36 100.57 -4.28
N ILE A 215 -19.86 99.35 -4.08
CA ILE A 215 -20.17 98.26 -5.00
C ILE A 215 -21.68 98.31 -5.34
N SER A 216 -21.99 98.24 -6.64
CA SER A 216 -23.37 98.31 -7.15
C SER A 216 -24.30 97.18 -6.69
N PRO A 217 -25.58 97.49 -6.53
CA PRO A 217 -26.57 96.52 -6.07
C PRO A 217 -26.73 95.30 -6.98
N GLU A 218 -26.76 95.52 -8.29
CA GLU A 218 -26.91 94.42 -9.20
C GLU A 218 -25.62 93.64 -9.21
N ASP A 219 -24.60 94.23 -8.61
CA ASP A 219 -23.28 93.62 -8.49
C ASP A 219 -23.19 92.75 -7.23
N CYS A 220 -23.77 93.22 -6.12
CA CYS A 220 -23.78 92.42 -4.88
C CYS A 220 -24.17 91.07 -5.43
N PHE A 221 -25.35 91.08 -6.03
CA PHE A 221 -26.02 89.95 -6.63
C PHE A 221 -25.22 89.23 -7.70
N ARG A 222 -24.36 89.95 -8.39
CA ARG A 222 -23.55 89.29 -9.41
C ARG A 222 -22.68 88.29 -8.64
N LEU A 223 -22.14 88.73 -7.51
CA LEU A 223 -21.34 87.87 -6.65
C LEU A 223 -22.36 87.18 -5.75
N GLY A 224 -21.91 86.22 -4.96
CA GLY A 224 -22.85 85.49 -4.11
C GLY A 224 -23.59 86.19 -2.97
N PHE A 225 -24.16 87.37 -3.21
CA PHE A 225 -24.85 88.10 -2.14
C PHE A 225 -26.35 88.33 -2.27
N ASN A 226 -26.88 89.02 -1.27
CA ASN A 226 -28.31 89.31 -1.21
C ASN A 226 -28.57 90.65 -0.53
N GLU A 227 -28.95 91.63 -1.35
CA GLU A 227 -29.23 93.00 -0.93
C GLU A 227 -30.07 93.20 0.32
N ASP A 228 -30.90 92.23 0.64
CA ASP A 228 -31.77 92.36 1.80
C ASP A 228 -31.18 91.76 3.08
N TYR A 229 -30.85 90.47 2.99
CA TYR A 229 -30.33 89.71 4.12
C TYR A 229 -28.84 89.74 4.40
N ALA A 230 -28.03 89.91 3.36
CA ALA A 230 -26.58 89.98 3.54
C ALA A 230 -25.82 90.67 2.41
N ARG A 231 -25.47 91.94 2.65
CA ARG A 231 -24.73 92.75 1.69
C ARG A 231 -23.23 92.64 1.96
N PRO A 232 -22.44 92.39 0.93
CA PRO A 232 -20.98 92.25 0.99
C PRO A 232 -20.28 93.02 2.11
N GLU A 233 -20.67 94.28 2.27
CA GLU A 233 -20.07 95.13 3.28
C GLU A 233 -20.15 94.62 4.71
N TRP A 234 -21.31 94.13 5.11
CA TRP A 234 -21.48 93.65 6.47
C TRP A 234 -20.54 92.53 6.87
N MET A 235 -19.63 92.14 5.99
CA MET A 235 -18.66 91.10 6.33
C MET A 235 -17.60 91.75 7.20
N ILE A 236 -17.72 93.06 7.37
CA ILE A 236 -16.82 93.85 8.20
C ILE A 236 -17.72 94.38 9.31
N ILE A 237 -17.29 94.26 10.56
CA ILE A 237 -18.13 94.72 11.66
C ILE A 237 -17.82 96.13 12.13
N THR A 238 -18.87 96.92 12.34
CA THR A 238 -18.74 98.31 12.80
C THR A 238 -19.11 98.33 14.27
N VAL A 239 -20.34 97.91 14.56
CA VAL A 239 -20.89 97.83 15.91
C VAL A 239 -21.05 96.34 16.30
N LEU A 240 -20.32 95.92 17.33
CA LEU A 240 -20.33 94.52 17.78
C LEU A 240 -21.47 94.02 18.67
N PRO A 241 -22.20 93.01 18.20
CA PRO A 241 -23.32 92.43 18.95
C PRO A 241 -22.86 91.64 20.19
N VAL A 242 -23.17 92.18 21.37
CA VAL A 242 -22.80 91.54 22.64
C VAL A 242 -23.89 90.62 23.17
N PRO A 243 -23.62 89.29 23.19
CA PRO A 243 -24.56 88.27 23.67
C PRO A 243 -24.66 88.31 25.18
N PRO A 244 -25.87 88.03 25.72
CA PRO A 244 -26.26 88.02 27.12
C PRO A 244 -25.97 86.78 27.94
N PRO A 245 -25.98 86.94 29.27
CA PRO A 245 -25.74 85.94 30.33
C PRO A 245 -25.99 84.45 30.06
N GLN A 246 -27.22 84.06 29.67
CA GLN A 246 -27.52 82.64 29.42
C GLN A 246 -26.54 82.05 28.41
N VAL A 247 -25.88 82.97 27.69
CA VAL A 247 -24.89 82.61 26.69
C VAL A 247 -23.53 82.37 27.33
N ARG A 248 -23.10 83.31 28.17
CA ARG A 248 -21.82 83.28 28.88
C ARG A 248 -22.07 83.37 30.39
N PRO A 249 -22.88 82.46 30.96
CA PRO A 249 -23.19 82.46 32.38
C PRO A 249 -21.97 82.58 33.27
N SER A 250 -22.21 83.08 34.48
CA SER A 250 -21.15 83.23 35.47
C SER A 250 -21.39 82.10 36.45
N ILE A 251 -20.33 81.61 37.07
CA ILE A 251 -20.47 80.53 38.05
C ILE A 251 -19.78 80.99 39.36
N ALA A 252 -20.54 81.60 40.27
CA ALA A 252 -19.99 82.07 41.55
C ALA A 252 -19.76 80.92 42.55
N MET A 253 -18.74 81.07 43.40
CA MET A 253 -18.44 80.02 44.37
C MET A 253 -19.12 80.33 45.73
N ASP A 254 -20.46 80.41 45.70
CA ASP A 254 -21.33 80.70 46.86
C ASP A 254 -21.89 82.12 46.89
N THR A 257 -17.19 85.28 46.06
CA THR A 257 -16.11 84.78 45.19
C THR A 257 -16.50 84.99 43.71
N GLN A 258 -15.53 85.44 42.91
CA GLN A 258 -15.73 85.74 41.47
C GLN A 258 -16.50 84.71 40.61
N GLY A 259 -15.80 84.16 39.62
CA GLY A 259 -16.40 83.16 38.73
C GLY A 259 -17.05 83.74 37.47
N GLN A 260 -16.27 83.94 36.41
CA GLN A 260 -16.80 84.50 35.17
C GLN A 260 -16.46 83.65 33.96
N ASP A 261 -17.40 83.57 33.02
CA ASP A 261 -17.20 82.76 31.84
C ASP A 261 -16.06 83.20 30.95
N ASP A 262 -15.68 82.31 30.04
CA ASP A 262 -14.59 82.55 29.11
C ASP A 262 -14.91 83.72 28.20
N LEU A 263 -16.07 83.69 27.57
CA LEU A 263 -16.44 84.77 26.67
C LEU A 263 -16.61 86.08 27.39
N THR A 264 -17.14 86.04 28.61
CA THR A 264 -17.33 87.25 29.39
C THR A 264 -15.97 87.89 29.67
N HIS A 265 -14.93 87.46 28.96
CA HIS A 265 -13.59 88.01 29.14
C HIS A 265 -13.13 88.62 27.83
N LYS A 266 -13.05 87.81 26.77
CA LYS A 266 -12.60 88.30 25.45
C LYS A 266 -13.59 89.30 24.91
N LEU A 267 -14.57 89.62 25.75
CA LEU A 267 -15.52 90.64 25.41
C LEU A 267 -14.82 91.79 26.08
N SER A 268 -14.48 91.62 27.34
CA SER A 268 -13.77 92.67 28.07
C SER A 268 -12.37 92.95 27.51
N ASP A 269 -11.70 91.93 26.99
CA ASP A 269 -10.37 92.15 26.43
C ASP A 269 -10.54 93.06 25.23
N ILE A 270 -11.61 92.83 24.47
CA ILE A 270 -11.96 93.60 23.28
C ILE A 270 -12.36 95.01 23.73
N LEU A 271 -13.29 95.06 24.66
CA LEU A 271 -13.77 96.31 25.19
C LEU A 271 -12.56 97.18 25.52
N LYS A 272 -11.63 96.66 26.33
CA LYS A 272 -10.42 97.42 26.69
C LYS A 272 -9.57 97.83 25.49
N ALA A 273 -9.41 96.93 24.50
CA ALA A 273 -8.63 97.24 23.31
C ALA A 273 -9.33 98.29 22.45
N ASN A 274 -10.57 98.61 22.81
CA ASN A 274 -11.40 99.60 22.10
C ASN A 274 -11.17 100.94 22.80
N ILE A 275 -11.35 100.93 24.12
CA ILE A 275 -11.17 102.12 24.92
C ILE A 275 -9.85 102.82 24.59
N ASN A 276 -8.73 102.16 24.87
CA ASN A 276 -7.43 102.76 24.60
C ASN A 276 -7.32 103.31 23.17
N VAL A 277 -7.82 102.58 22.18
CA VAL A 277 -7.74 103.04 20.80
C VAL A 277 -8.29 104.45 20.71
N GLN A 278 -9.59 104.60 21.02
CA GLN A 278 -10.21 105.92 20.98
C GLN A 278 -9.45 107.00 21.76
N LYS A 279 -8.94 106.65 22.95
CA LYS A 279 -8.19 107.61 23.77
C LYS A 279 -6.80 107.89 23.20
N LEU A 280 -6.63 107.60 21.91
CA LEU A 280 -5.39 107.86 21.21
C LEU A 280 -5.79 108.63 19.97
N GLU A 281 -7.08 108.72 19.75
CA GLU A 281 -7.60 109.42 18.58
C GLU A 281 -8.37 110.66 18.98
N MET A 282 -8.07 111.18 20.17
CA MET A 282 -8.72 112.38 20.64
C MET A 282 -7.75 113.05 21.58
N ASP A 283 -6.50 112.63 21.46
CA ASP A 283 -5.40 113.18 22.24
C ASP A 283 -4.20 113.08 21.31
N GLY A 284 -3.03 113.50 21.82
CA GLY A 284 -1.81 113.45 21.03
C GLY A 284 -1.71 112.13 20.28
N SER A 285 -2.41 112.08 19.15
CA SER A 285 -2.47 110.89 18.30
C SER A 285 -1.26 110.70 17.40
N PRO A 286 -0.27 109.91 17.85
CA PRO A 286 0.90 109.70 16.99
C PRO A 286 0.52 108.73 15.85
N GLN A 287 -0.27 109.27 14.92
CA GLN A 287 -0.83 108.60 13.72
C GLN A 287 -0.26 107.26 13.19
N HIS A 288 1.00 106.96 13.47
CA HIS A 288 1.59 105.70 13.01
C HIS A 288 1.90 104.78 14.19
N ILE A 289 1.39 105.14 15.36
CA ILE A 289 1.57 104.36 16.58
C ILE A 289 0.19 103.96 17.10
N ILE A 290 -0.83 104.30 16.32
CA ILE A 290 -2.22 103.98 16.62
C ILE A 290 -2.50 102.64 15.96
N ASN A 291 -2.14 102.56 14.68
CA ASN A 291 -2.31 101.35 13.89
C ASN A 291 -1.74 100.18 14.66
N GLU A 292 -0.65 100.44 15.37
CA GLU A 292 0.03 99.42 16.17
C GLU A 292 -0.90 98.96 17.28
N VAL A 293 -1.92 99.77 17.56
CA VAL A 293 -2.92 99.49 18.59
C VAL A 293 -4.26 99.10 17.99
N GLU A 294 -4.40 99.29 16.68
CA GLU A 294 -5.63 98.93 15.98
C GLU A 294 -5.56 97.42 15.74
N GLN A 295 -4.43 96.98 15.22
CA GLN A 295 -4.19 95.57 14.94
C GLN A 295 -4.57 94.69 16.14
N LEU A 296 -4.46 95.26 17.34
CA LEU A 296 -4.79 94.53 18.54
C LEU A 296 -6.30 94.24 18.62
N LEU A 297 -7.12 95.27 18.43
CA LEU A 297 -8.57 95.09 18.47
C LEU A 297 -9.00 94.10 17.39
N GLN A 298 -8.43 94.26 16.19
CA GLN A 298 -8.75 93.38 15.06
C GLN A 298 -8.56 91.94 15.50
N PHE A 299 -7.54 91.74 16.32
CA PHE A 299 -7.16 90.43 16.86
C PHE A 299 -8.12 89.91 17.92
N HIS A 300 -8.28 90.67 19.00
CA HIS A 300 -9.18 90.25 20.06
C HIS A 300 -10.56 89.93 19.51
N VAL A 301 -10.94 90.55 18.40
CA VAL A 301 -12.24 90.30 17.80
C VAL A 301 -12.16 89.05 16.91
N ALA A 302 -10.94 88.74 16.47
CA ALA A 302 -10.73 87.54 15.67
C ALA A 302 -10.88 86.45 16.73
N THR A 303 -10.12 86.60 17.82
CA THR A 303 -10.14 85.72 18.96
C THR A 303 -11.58 85.35 19.29
N TYR A 304 -12.23 86.22 20.07
CA TYR A 304 -13.64 86.11 20.50
C TYR A 304 -14.50 85.12 19.68
N MET A 305 -14.43 85.23 18.35
CA MET A 305 -15.24 84.37 17.49
C MET A 305 -14.49 83.12 17.07
N ASP A 306 -13.20 83.27 16.77
CA ASP A 306 -12.35 82.13 16.39
C ASP A 306 -10.97 82.21 17.01
N ASN A 307 -10.53 81.13 17.64
CA ASN A 307 -9.21 81.12 18.26
C ASN A 307 -8.45 79.85 17.93
N ASP A 308 -8.47 79.49 16.66
CA ASP A 308 -7.80 78.30 16.11
C ASP A 308 -7.47 78.65 14.67
N ILE A 309 -6.46 79.51 14.45
CA ILE A 309 -6.12 79.94 13.09
C ILE A 309 -4.74 79.56 12.54
N ALA A 310 -4.39 80.17 11.40
CA ALA A 310 -3.13 79.94 10.71
C ALA A 310 -1.94 80.62 11.42
N GLY A 311 -1.94 81.97 11.43
CA GLY A 311 -0.90 82.75 12.07
C GLY A 311 -0.91 82.49 13.57
N GLN A 312 -0.45 81.29 13.91
CA GLN A 312 -0.38 80.76 15.26
C GLN A 312 -0.91 81.57 16.44
N PRO A 313 -0.05 82.38 17.10
CA PRO A 313 -0.48 83.17 18.25
C PRO A 313 -1.79 82.67 18.89
N GLN A 314 -1.74 81.48 19.46
CA GLN A 314 -2.91 80.87 20.07
C GLN A 314 -3.77 81.81 20.91
N ALA A 315 -3.18 82.86 21.47
CA ALA A 315 -3.95 83.79 22.29
C ALA A 315 -4.49 83.05 23.50
N LEU A 316 -3.59 82.76 24.44
CA LEU A 316 -3.95 82.03 25.65
C LEU A 316 -4.36 82.94 26.79
N GLN A 317 -5.26 82.44 27.64
CA GLN A 317 -5.74 83.17 28.81
C GLN A 317 -4.76 82.98 29.97
N LYS A 318 -4.55 84.03 30.75
CA LYS A 318 -3.64 83.99 31.89
C LYS A 318 -3.70 82.62 32.56
N SER A 319 -2.69 81.78 32.32
CA SER A 319 -2.59 80.43 32.89
C SER A 319 -2.16 79.45 31.80
N GLY A 320 -2.41 79.81 30.55
CA GLY A 320 -2.05 78.95 29.45
C GLY A 320 -3.32 78.50 28.74
N ARG A 321 -4.41 78.50 29.49
CA ARG A 321 -5.71 78.12 28.96
C ARG A 321 -5.92 78.78 27.59
N PRO A 322 -6.25 77.97 26.56
CA PRO A 322 -6.49 78.42 25.17
C PRO A 322 -7.58 79.47 24.96
N VAL A 323 -8.67 79.38 25.73
CA VAL A 323 -9.79 80.31 25.61
C VAL A 323 -10.68 79.86 24.47
N LYS A 324 -11.78 79.21 24.81
CA LYS A 324 -12.71 78.71 23.80
C LYS A 324 -13.33 79.86 22.99
N ALA A 325 -13.15 79.84 21.68
CA ALA A 325 -13.72 80.86 20.79
C ALA A 325 -15.15 80.42 20.51
N ILE A 326 -16.05 81.36 20.20
CA ILE A 326 -17.43 80.97 19.95
C ILE A 326 -17.52 79.75 19.02
N ARG A 327 -16.79 79.78 17.91
CA ARG A 327 -16.82 78.69 16.95
C ARG A 327 -16.34 77.38 17.53
N ALA A 328 -15.63 77.43 18.66
CA ALA A 328 -15.16 76.20 19.30
C ALA A 328 -16.35 75.49 19.95
N ARG A 329 -17.29 76.28 20.44
CA ARG A 329 -18.50 75.74 21.08
C ARG A 329 -19.39 75.00 20.09
N LEU A 330 -19.10 75.13 18.80
CA LEU A 330 -19.93 74.51 17.80
C LEU A 330 -19.33 73.31 17.06
N LYS A 331 -18.01 73.29 16.89
CA LYS A 331 -17.35 72.20 16.16
C LYS A 331 -17.99 70.84 16.47
N GLY A 332 -18.43 70.18 15.40
CA GLY A 332 -19.08 68.87 15.48
C GLY A 332 -18.60 67.90 16.55
N LYS A 333 -19.56 67.19 17.17
CA LYS A 333 -19.26 66.22 18.23
C LYS A 333 -18.86 67.03 19.44
N GLU A 334 -19.67 66.98 20.48
CA GLU A 334 -19.38 67.73 21.69
C GLU A 334 -19.89 69.14 21.54
N GLY A 335 -19.75 69.69 20.34
CA GLY A 335 -20.17 71.06 20.13
C GLY A 335 -21.56 71.35 19.62
N ARG A 336 -22.42 71.83 20.53
CA ARG A 336 -23.79 72.24 20.23
C ARG A 336 -24.51 71.44 19.14
N LEU A 337 -24.15 71.69 17.88
CA LEU A 337 -24.77 70.99 16.76
C LEU A 337 -24.76 69.51 16.98
N ARG A 338 -23.61 68.87 16.82
CA ARG A 338 -23.58 67.42 16.99
C ARG A 338 -23.59 66.96 18.44
N GLY A 339 -23.28 67.84 19.38
CA GLY A 339 -23.24 67.43 20.78
C GLY A 339 -24.49 67.61 21.65
N ASN A 340 -25.23 68.70 21.39
CA ASN A 340 -26.44 69.04 22.14
C ASN A 340 -27.76 68.93 21.37
N LEU A 341 -27.69 68.97 20.03
CA LEU A 341 -28.89 68.91 19.20
C LEU A 341 -29.13 67.58 18.52
N MET A 342 -28.19 67.08 17.75
CA MET A 342 -28.40 65.78 17.09
C MET A 342 -28.44 64.64 18.12
N GLY A 343 -28.20 64.99 19.38
CA GLY A 343 -28.22 64.00 20.44
C GLY A 343 -28.00 64.60 21.82
N LYS A 344 -28.96 64.38 22.71
CA LYS A 344 -28.88 64.91 24.07
C LYS A 344 -29.21 63.87 25.12
N ARG A 345 -28.82 64.15 26.36
CA ARG A 345 -29.09 63.26 27.49
C ARG A 345 -30.57 63.50 27.73
N VAL A 346 -31.34 62.45 28.00
CA VAL A 346 -32.76 62.64 28.19
C VAL A 346 -33.25 62.12 29.50
N PHE A 348 -36.57 60.99 32.38
CA PHE A 348 -37.29 59.72 32.29
C PHE A 348 -36.42 58.66 31.62
N SER A 349 -35.31 58.35 32.29
CA SER A 349 -34.36 57.38 31.77
C SER A 349 -33.61 56.78 32.94
N ALA A 350 -33.11 55.56 32.74
CA ALA A 350 -32.38 54.85 33.77
C ALA A 350 -31.46 53.83 33.12
N ARG A 351 -30.46 53.38 33.86
CA ARG A 351 -29.46 52.43 33.36
C ARG A 351 -28.75 51.66 34.50
N THR A 352 -28.58 50.34 34.35
CA THR A 352 -27.87 49.53 35.37
C THR A 352 -27.28 48.30 34.71
N VAL A 353 -27.00 47.27 35.50
CA VAL A 353 -26.41 46.05 34.95
C VAL A 353 -27.38 44.96 34.59
N ILE A 354 -27.17 44.40 33.41
CA ILE A 354 -28.02 43.33 32.88
C ILE A 354 -27.50 41.96 33.23
N SER A 355 -28.47 41.05 33.37
CA SER A 355 -28.24 39.64 33.64
C SER A 355 -29.53 39.05 33.10
N GLY A 356 -29.43 38.02 32.25
CA GLY A 356 -30.61 37.43 31.67
C GLY A 356 -31.41 36.56 32.60
N ASP A 357 -32.72 36.49 32.35
CA ASP A 357 -33.61 35.69 33.16
C ASP A 357 -34.41 34.75 32.27
N PRO A 358 -34.22 33.43 32.44
CA PRO A 358 -34.93 32.42 31.65
C PRO A 358 -36.42 32.19 31.93
N ASN A 359 -37.04 33.07 32.71
CA ASN A 359 -38.45 32.94 33.02
C ASN A 359 -39.17 34.22 32.71
N LEU A 360 -38.69 34.94 31.69
CA LEU A 360 -39.33 36.20 31.28
C LEU A 360 -39.72 36.14 29.82
N GLU A 361 -41.01 36.34 29.54
CA GLU A 361 -41.49 36.32 28.16
C GLU A 361 -40.44 37.04 27.33
N LEU A 362 -40.29 36.62 26.08
CA LEU A 362 -39.30 37.24 25.21
C LEU A 362 -39.25 38.78 25.35
N ASP A 363 -40.41 39.41 25.21
CA ASP A 363 -40.53 40.86 25.24
C ASP A 363 -40.57 41.59 26.58
N GLN A 364 -40.44 40.89 27.70
CA GLN A 364 -40.46 41.61 28.95
C GLN A 364 -39.10 42.23 29.24
N VAL A 365 -38.95 42.81 30.42
CA VAL A 365 -37.69 43.42 30.88
C VAL A 365 -37.86 43.78 32.35
N GLY A 366 -37.31 42.93 33.20
CA GLY A 366 -37.42 43.14 34.64
C GLY A 366 -36.79 44.41 35.14
N VAL A 367 -37.58 45.24 35.78
CA VAL A 367 -37.04 46.47 36.28
C VAL A 367 -37.01 46.48 37.78
N PRO A 368 -35.84 46.81 38.36
CA PRO A 368 -35.68 46.87 39.82
C PRO A 368 -36.70 47.79 40.45
N ILE A 369 -37.43 47.27 41.45
CA ILE A 369 -38.46 48.05 42.13
C ILE A 369 -37.96 49.49 42.26
N SER A 370 -36.79 49.64 42.88
CA SER A 370 -36.16 50.94 43.07
C SER A 370 -36.41 51.88 41.89
N ILE A 371 -36.12 51.39 40.68
CA ILE A 371 -36.28 52.21 39.50
C ILE A 371 -37.73 52.57 39.18
N ALA A 372 -38.62 51.59 39.25
CA ALA A 372 -40.03 51.85 38.99
C ALA A 372 -40.56 52.92 39.95
N LYS A 373 -40.03 52.93 41.17
CA LYS A 373 -40.46 53.88 42.19
C LYS A 373 -39.86 55.25 41.98
N THR A 374 -39.08 55.38 40.91
CA THR A 374 -38.41 56.62 40.54
C THR A 374 -38.94 57.26 39.24
N LEU A 375 -39.14 56.43 38.23
CA LEU A 375 -39.66 56.85 36.93
C LEU A 375 -41.18 56.92 37.00
N SER A 376 -41.78 58.01 36.55
CA SER A 376 -43.23 58.15 36.62
C SER A 376 -43.85 58.17 35.23
N TYR A 377 -45.18 58.31 35.19
CA TYR A 377 -45.93 58.40 33.95
C TYR A 377 -47.23 59.19 34.06
N PRO A 378 -47.26 60.42 33.49
CA PRO A 378 -48.42 61.33 33.49
C PRO A 378 -49.67 60.76 32.84
N GLU A 379 -50.56 60.25 33.68
CA GLU A 379 -51.81 59.65 33.24
C GLU A 379 -52.94 60.56 33.68
N THR A 380 -53.63 61.15 32.72
CA THR A 380 -54.73 62.06 33.00
C THR A 380 -55.88 61.34 33.70
N VAL A 381 -56.52 62.03 34.63
CA VAL A 381 -57.62 61.46 35.37
C VAL A 381 -58.83 61.25 34.47
N THR A 382 -59.36 60.03 34.51
CA THR A 382 -60.48 59.68 33.67
C THR A 382 -61.37 58.74 34.44
N GLN A 383 -62.67 58.93 34.31
CA GLN A 383 -63.67 58.09 35.00
C GLN A 383 -63.53 56.58 34.81
N TYR A 384 -62.42 56.12 34.25
CA TYR A 384 -62.20 54.70 34.04
C TYR A 384 -61.10 54.30 35.02
N ASN A 385 -60.20 55.25 35.27
CA ASN A 385 -59.06 55.02 36.15
C ASN A 385 -58.98 55.90 37.41
N ILE A 386 -59.99 56.75 37.62
CA ILE A 386 -60.03 57.60 38.80
C ILE A 386 -59.86 56.70 40.04
N HIS A 387 -60.73 55.71 40.15
CA HIS A 387 -60.71 54.80 41.27
C HIS A 387 -59.32 54.26 41.57
N ARG A 388 -58.64 53.72 40.55
CA ARG A 388 -57.32 53.15 40.76
C ARG A 388 -56.28 54.22 41.09
N LEU A 389 -56.36 55.36 40.40
CA LEU A 389 -55.44 56.46 40.61
C LEU A 389 -55.53 57.04 42.03
N THR A 390 -56.75 57.20 42.53
CA THR A 390 -56.93 57.75 43.86
C THR A 390 -56.35 56.82 44.88
N GLU A 391 -56.19 55.56 44.48
CA GLU A 391 -55.60 54.58 45.36
C GLU A 391 -54.06 54.73 45.27
N TYR A 392 -53.56 54.64 44.03
CA TYR A 392 -52.12 54.78 43.78
C TYR A 392 -51.59 56.04 44.45
N VAL A 393 -52.41 57.11 44.46
CA VAL A 393 -52.01 58.38 45.07
C VAL A 393 -51.92 58.27 46.58
N ARG A 394 -52.94 57.70 47.18
CA ARG A 394 -52.91 57.57 48.63
C ARG A 394 -51.66 56.77 48.94
N ASN A 395 -51.45 55.70 48.18
CA ASN A 395 -50.29 54.86 48.38
C ASN A 395 -48.95 55.58 48.57
N GLY A 396 -48.87 56.83 48.12
CA GLY A 396 -47.62 57.58 48.28
C GLY A 396 -46.47 57.06 47.44
N PRO A 397 -45.42 57.87 47.29
CA PRO A 397 -44.21 57.58 46.51
C PRO A 397 -43.27 56.51 47.08
N ASN A 398 -43.63 55.91 48.20
CA ASN A 398 -42.76 54.92 48.80
C ASN A 398 -43.26 53.47 48.76
N GLU A 399 -44.54 53.27 48.46
CA GLU A 399 -45.13 51.93 48.33
C GLU A 399 -44.96 51.62 46.84
N HIS A 400 -44.60 50.41 46.43
CA HIS A 400 -44.43 50.22 44.99
C HIS A 400 -45.61 50.57 44.10
N PRO A 401 -46.69 49.76 44.11
CA PRO A 401 -47.75 50.22 43.20
C PRO A 401 -48.34 51.58 43.63
N GLY A 402 -47.50 52.61 43.74
CA GLY A 402 -47.94 53.94 44.12
C GLY A 402 -47.65 55.02 43.09
N ALA A 403 -47.73 56.28 43.49
CA ALA A 403 -47.46 57.39 42.58
C ALA A 403 -46.68 58.49 43.32
N LYS A 404 -46.21 59.52 42.60
CA LYS A 404 -45.43 60.56 43.27
C LYS A 404 -45.69 62.07 42.97
N TYR A 405 -46.72 62.41 42.20
CA TYR A 405 -47.02 63.82 41.86
C TYR A 405 -48.42 63.97 41.26
N VAL A 406 -49.19 64.96 41.73
CA VAL A 406 -50.53 65.23 41.20
C VAL A 406 -50.57 66.65 40.67
N ILE A 407 -50.98 66.83 39.40
CA ILE A 407 -51.04 68.17 38.86
C ILE A 407 -52.41 68.65 38.40
N ARG A 408 -52.93 69.61 39.16
CA ARG A 408 -54.24 70.21 38.95
C ARG A 408 -54.21 71.05 37.71
N ASP A 409 -55.41 71.28 37.18
CA ASP A 409 -55.61 72.11 35.99
C ASP A 409 -54.76 73.38 36.08
N ASN A 410 -54.71 73.96 37.28
CA ASN A 410 -53.97 75.20 37.53
C ASN A 410 -52.46 75.00 37.48
N GLY A 411 -51.95 74.76 36.27
CA GLY A 411 -50.53 74.55 36.03
C GLY A 411 -49.61 74.72 37.22
N ASP A 412 -49.81 73.85 38.23
CA ASP A 412 -49.03 73.86 39.47
C ASP A 412 -48.89 72.40 39.95
N ARG A 413 -47.81 72.07 40.67
CA ARG A 413 -47.63 70.68 41.12
C ARG A 413 -47.58 70.34 42.61
N ILE A 414 -48.32 69.32 43.00
CA ILE A 414 -48.37 68.85 44.38
C ILE A 414 -47.39 67.72 44.54
N ASP A 415 -46.51 67.83 45.52
CA ASP A 415 -45.50 66.80 45.77
C ASP A 415 -46.00 65.77 46.79
N LEU A 416 -46.46 64.63 46.27
CA LEU A 416 -47.01 63.59 47.11
C LEU A 416 -46.22 63.13 48.31
N ARG A 417 -45.02 63.67 48.54
CA ARG A 417 -44.25 63.22 49.69
C ARG A 417 -44.11 64.28 50.77
N TYR A 418 -44.60 65.49 50.51
CA TYR A 418 -44.51 66.56 51.47
C TYR A 418 -45.87 67.17 51.78
N HIS A 419 -46.45 67.82 50.77
CA HIS A 419 -47.75 68.46 50.92
C HIS A 419 -48.54 68.00 52.11
N LYS A 420 -48.85 68.92 53.01
CA LYS A 420 -49.62 68.58 54.20
C LYS A 420 -50.90 67.80 53.88
N ARG A 421 -51.41 67.91 52.65
CA ARG A 421 -52.63 67.20 52.25
C ARG A 421 -52.30 65.94 51.45
N ALA A 422 -51.14 65.38 51.73
CA ALA A 422 -50.61 64.18 51.08
C ALA A 422 -51.61 63.05 50.84
N GLY A 423 -52.16 62.51 51.93
CA GLY A 423 -53.10 61.40 51.82
C GLY A 423 -54.53 61.86 51.60
N ASP A 424 -54.71 63.18 51.67
CA ASP A 424 -56.00 63.81 51.49
C ASP A 424 -56.47 63.68 50.05
N ILE A 425 -56.11 64.67 49.25
CA ILE A 425 -56.44 64.76 47.82
C ILE A 425 -57.44 63.82 47.19
N VAL A 426 -58.49 64.40 46.64
CA VAL A 426 -59.53 63.67 45.93
C VAL A 426 -59.38 64.33 44.58
N LEU A 427 -59.07 63.53 43.56
CA LEU A 427 -58.83 64.05 42.23
C LEU A 427 -60.01 64.74 41.53
N GLN A 428 -59.74 65.31 40.35
CA GLN A 428 -60.72 65.99 39.53
C GLN A 428 -60.48 65.56 38.08
N TYR A 429 -61.46 64.99 37.41
CA TYR A 429 -61.25 64.56 36.04
C TYR A 429 -60.51 65.68 35.33
N GLY A 430 -59.48 65.34 34.57
CA GLY A 430 -58.75 66.38 33.86
C GLY A 430 -57.42 66.69 34.50
N TRP A 431 -57.29 66.33 35.77
CA TRP A 431 -56.02 66.54 36.46
C TRP A 431 -55.16 65.42 35.93
N LYS A 432 -53.85 65.54 36.09
CA LYS A 432 -52.98 64.47 35.63
C LYS A 432 -52.25 64.00 36.87
N VAL A 433 -51.95 62.71 36.93
CA VAL A 433 -51.21 62.12 38.04
C VAL A 433 -49.98 61.40 37.56
N GLU A 434 -48.87 61.58 38.26
CA GLU A 434 -47.66 60.90 37.84
C GLU A 434 -47.49 59.63 38.67
N ARG A 435 -47.76 58.50 38.05
CA ARG A 435 -47.65 57.25 38.77
C ARG A 435 -46.37 56.49 38.50
N HIS A 436 -46.06 55.56 39.40
CA HIS A 436 -44.89 54.71 39.27
C HIS A 436 -45.11 53.81 38.05
N LEU A 437 -44.04 53.52 37.32
CA LEU A 437 -44.14 52.66 36.17
C LEU A 437 -44.69 51.35 36.72
N MET A 438 -45.55 50.67 35.96
CA MET A 438 -46.13 49.40 36.41
C MET A 438 -45.93 48.28 35.38
N ASP A 439 -46.32 47.07 35.75
CA ASP A 439 -46.19 45.96 34.81
C ASP A 439 -46.95 46.24 33.53
N ASP A 440 -46.30 45.94 32.42
CA ASP A 440 -46.88 46.14 31.11
C ASP A 440 -46.98 47.58 30.63
N ASP A 441 -45.91 48.32 30.90
CA ASP A 441 -45.81 49.69 30.45
C ASP A 441 -44.76 49.59 29.36
N PRO A 442 -45.11 50.00 28.15
CA PRO A 442 -44.12 49.92 27.09
C PRO A 442 -42.95 50.87 27.36
N VAL A 443 -41.72 50.38 27.24
CA VAL A 443 -40.55 51.24 27.43
C VAL A 443 -39.41 50.87 26.48
N LEU A 444 -38.64 51.88 26.11
CA LEU A 444 -37.53 51.71 25.18
C LEU A 444 -36.27 51.22 25.90
N PHE A 445 -35.87 50.00 25.58
CA PHE A 445 -34.71 49.39 26.21
C PHE A 445 -33.62 49.37 25.17
N ASN A 446 -32.40 49.73 25.53
CA ASN A 446 -31.34 49.71 24.53
C ASN A 446 -29.98 49.50 25.08
N ARG A 447 -29.08 49.08 24.19
CA ARG A 447 -27.68 48.88 24.52
C ARG A 447 -26.85 49.48 23.40
N GLN A 448 -26.01 50.45 23.72
CA GLN A 448 -25.19 51.06 22.69
C GLN A 448 -23.85 50.41 22.81
N PRO A 449 -23.01 50.46 21.75
CA PRO A 449 -23.24 51.14 20.46
C PRO A 449 -24.57 50.76 19.79
N SER A 450 -25.34 51.79 19.45
CA SER A 450 -26.65 51.61 18.83
C SER A 450 -26.52 51.69 17.32
N LEU A 451 -26.20 50.58 16.65
CA LEU A 451 -26.03 50.57 15.20
C LEU A 451 -27.10 49.76 14.47
N HIS A 452 -28.18 49.49 15.18
CA HIS A 452 -29.24 48.68 14.63
C HIS A 452 -30.56 49.33 14.86
N LYS A 453 -31.56 48.86 14.11
CA LYS A 453 -32.92 49.37 14.29
C LYS A 453 -33.25 48.67 15.62
N MET A 454 -32.67 47.48 15.81
CA MET A 454 -32.86 46.64 17.00
C MET A 454 -32.00 46.95 18.22
N SER A 455 -31.18 48.01 18.17
CA SER A 455 -30.36 48.35 19.33
C SER A 455 -31.26 49.04 20.36
N MET A 456 -32.51 49.24 19.96
CA MET A 456 -33.52 49.84 20.79
C MET A 456 -34.86 49.14 20.52
N MET A 457 -35.46 48.57 21.55
CA MET A 457 -36.72 47.88 21.40
C MET A 457 -37.64 48.12 22.60
N ALA A 458 -38.94 48.13 22.31
CA ALA A 458 -39.93 48.36 23.34
C ALA A 458 -40.21 47.04 24.05
N HIS A 459 -40.18 47.05 25.39
CA HIS A 459 -40.45 45.85 26.22
C HIS A 459 -41.62 46.04 27.18
N ARG A 460 -42.19 44.92 27.62
CA ARG A 460 -43.26 44.95 28.61
C ARG A 460 -42.48 45.08 29.92
N VAL A 461 -42.94 45.98 30.78
CA VAL A 461 -42.29 46.21 32.08
C VAL A 461 -42.69 45.17 33.10
N LYS A 462 -41.72 44.73 33.87
CA LYS A 462 -41.99 43.77 34.92
C LYS A 462 -41.14 44.27 36.08
N VAL A 463 -41.80 44.78 37.09
CA VAL A 463 -41.06 45.26 38.24
C VAL A 463 -40.66 44.00 38.98
N MET A 464 -39.39 43.94 39.35
CA MET A 464 -38.84 42.81 40.08
C MET A 464 -37.88 43.32 41.14
N PRO A 465 -37.46 42.42 42.05
CA PRO A 465 -36.54 42.88 43.07
C PRO A 465 -35.11 42.94 42.53
N TYR A 466 -34.16 43.14 43.42
CA TYR A 466 -32.75 43.19 43.06
C TYR A 466 -32.43 44.20 41.98
N SER A 467 -31.35 44.92 42.25
CA SER A 467 -30.83 46.00 41.43
C SER A 467 -30.38 45.75 39.98
N THR A 468 -31.19 45.08 39.14
CA THR A 468 -30.76 44.86 37.75
C THR A 468 -31.84 44.62 36.71
N PHE A 469 -31.59 45.13 35.50
CA PHE A 469 -32.47 44.94 34.37
C PHE A 469 -32.35 43.47 33.95
N ARG A 470 -33.47 42.76 34.06
CA ARG A 470 -33.53 41.34 33.71
C ARG A 470 -34.20 41.12 32.35
N LEU A 471 -33.36 40.86 31.34
CA LEU A 471 -33.82 40.63 29.98
C LEU A 471 -33.72 39.18 29.55
N ASN A 472 -34.58 38.81 28.59
CA ASN A 472 -34.64 37.45 28.05
C ASN A 472 -33.40 37.11 27.23
N LEU A 473 -33.04 35.83 27.19
CA LEU A 473 -31.86 35.41 26.44
C LEU A 473 -31.97 35.57 24.93
N SER A 474 -33.04 35.03 24.37
CA SER A 474 -33.22 35.11 22.93
C SER A 474 -33.15 36.53 22.35
N VAL A 475 -33.39 37.53 23.20
CA VAL A 475 -33.33 38.93 22.75
C VAL A 475 -31.95 39.45 23.12
N THR A 476 -30.98 38.55 23.11
CA THR A 476 -29.61 38.90 23.46
C THR A 476 -28.82 39.50 22.27
N SER A 477 -28.66 38.70 21.21
CA SER A 477 -27.89 39.13 20.04
C SER A 477 -28.32 40.42 19.36
N PRO A 478 -29.61 40.83 19.47
CA PRO A 478 -29.95 42.09 18.80
C PRO A 478 -29.16 43.28 19.40
N TYR A 479 -29.17 43.40 20.73
CA TYR A 479 -28.44 44.47 21.41
C TYR A 479 -26.98 44.09 21.40
N ASN A 480 -26.76 42.77 21.40
CA ASN A 480 -25.44 42.17 21.39
C ASN A 480 -24.85 42.31 22.77
N ALA A 481 -25.59 41.90 23.79
CA ALA A 481 -25.06 42.01 25.12
C ALA A 481 -24.74 40.66 25.73
N ASP A 482 -24.01 40.72 26.83
CA ASP A 482 -23.60 39.55 27.61
C ASP A 482 -23.72 40.05 29.04
N PHE A 483 -23.46 39.20 30.01
CA PHE A 483 -23.63 39.63 31.37
C PHE A 483 -22.38 39.84 32.19
N ASP A 484 -21.25 40.01 31.52
CA ASP A 484 -20.00 40.21 32.22
C ASP A 484 -19.86 41.64 32.77
N GLY A 485 -20.98 42.30 33.02
CA GLY A 485 -20.92 43.67 33.55
C GLY A 485 -21.61 44.71 32.71
N ASP A 486 -21.93 44.30 31.47
CA ASP A 486 -22.62 45.14 30.50
C ASP A 486 -23.78 45.89 31.15
N GLU A 487 -23.99 47.15 30.75
CA GLU A 487 -25.08 47.99 31.27
C GLU A 487 -26.13 48.33 30.16
N MET A 488 -27.35 48.68 30.56
CA MET A 488 -28.38 48.99 29.58
C MET A 488 -29.17 50.27 29.88
N ASN A 489 -29.47 51.06 28.85
CA ASN A 489 -30.23 52.28 29.06
C ASN A 489 -31.72 52.00 28.85
N LEU A 490 -32.57 52.61 29.67
CA LEU A 490 -34.02 52.44 29.53
C LEU A 490 -34.70 53.82 29.44
N HIS A 491 -35.63 53.99 28.51
CA HIS A 491 -36.34 55.25 28.37
C HIS A 491 -37.83 55.00 28.57
N VAL A 492 -38.53 55.97 29.12
CA VAL A 492 -39.96 55.80 29.39
C VAL A 492 -40.85 56.74 28.61
N PRO A 493 -41.69 56.21 27.70
CA PRO A 493 -42.62 56.99 26.87
C PRO A 493 -43.40 57.92 27.79
N GLN A 494 -44.10 58.91 27.25
CA GLN A 494 -44.81 59.81 28.15
C GLN A 494 -46.23 60.22 27.72
N SER A 495 -46.50 60.14 26.42
CA SER A 495 -47.80 60.50 25.90
C SER A 495 -48.56 59.19 25.68
N GLU A 496 -49.86 59.28 25.40
CA GLU A 496 -50.64 58.07 25.18
C GLU A 496 -50.25 57.46 23.82
N GLU A 497 -49.83 58.32 22.90
CA GLU A 497 -49.43 57.89 21.57
C GLU A 497 -47.98 57.50 21.58
N THR A 498 -47.17 58.30 22.26
CA THR A 498 -45.78 57.98 22.37
C THR A 498 -45.67 56.48 22.68
N ARG A 499 -46.42 56.05 23.70
CA ARG A 499 -46.45 54.66 24.12
C ARG A 499 -46.83 53.75 22.94
N ALA A 500 -47.99 54.03 22.36
CA ALA A 500 -48.51 53.28 21.22
C ALA A 500 -47.47 53.13 20.12
N GLU A 501 -46.85 54.26 19.78
CA GLU A 501 -45.82 54.28 18.75
C GLU A 501 -44.69 53.31 19.12
N LEU A 502 -44.50 53.14 20.42
CA LEU A 502 -43.47 52.28 20.96
C LEU A 502 -43.89 50.81 20.92
N SER A 503 -45.18 50.56 21.06
CA SER A 503 -45.67 49.19 21.08
C SER A 503 -46.12 48.65 19.75
N GLN A 504 -46.53 49.54 18.84
CA GLN A 504 -46.99 49.13 17.52
C GLN A 504 -45.93 48.96 16.44
N LEU A 505 -44.74 49.52 16.68
CA LEU A 505 -43.60 49.45 15.73
C LEU A 505 -42.28 48.99 16.36
N CYS A 506 -42.11 49.19 17.66
CA CYS A 506 -40.85 48.84 18.29
C CYS A 506 -40.97 47.65 19.24
N ALA A 507 -42.13 47.05 19.29
CA ALA A 507 -42.28 45.91 20.18
C ALA A 507 -41.26 44.87 19.73
N VAL A 508 -40.64 44.18 20.69
CA VAL A 508 -39.68 43.13 20.36
C VAL A 508 -40.22 42.09 19.36
N PRO A 509 -41.49 41.67 19.51
CA PRO A 509 -42.07 40.68 18.60
C PRO A 509 -42.10 41.12 17.14
N LEU A 510 -42.32 42.41 16.89
CA LEU A 510 -42.36 42.90 15.53
C LEU A 510 -40.98 42.81 14.90
N GLN A 511 -39.96 42.93 15.74
CA GLN A 511 -38.57 42.91 15.30
C GLN A 511 -37.96 41.56 14.92
N ILE A 512 -38.61 40.45 15.25
CA ILE A 512 -38.04 39.12 14.97
C ILE A 512 -37.49 38.84 13.58
N VAL A 513 -38.04 39.47 12.55
CA VAL A 513 -37.50 39.22 11.22
C VAL A 513 -36.77 40.52 10.78
N SER A 514 -35.44 40.46 10.75
CA SER A 514 -34.61 41.63 10.39
C SER A 514 -34.55 41.96 8.92
N PRO A 515 -34.99 43.19 8.56
CA PRO A 515 -34.96 43.62 7.16
C PRO A 515 -33.57 43.68 6.55
N GLN A 516 -32.53 43.84 7.36
CA GLN A 516 -31.21 43.93 6.75
C GLN A 516 -30.79 42.65 6.06
N SER A 517 -31.14 41.50 6.62
CA SER A 517 -30.77 40.22 6.01
C SER A 517 -31.96 39.29 5.80
N ASN A 518 -33.13 39.89 5.61
CA ASN A 518 -34.40 39.19 5.38
C ASN A 518 -34.52 37.85 6.05
N LYS A 519 -33.98 37.75 7.27
CA LYS A 519 -34.06 36.52 8.05
C LYS A 519 -34.24 36.97 9.51
N PRO A 520 -34.72 36.08 10.37
CA PRO A 520 -34.88 36.51 11.76
C PRO A 520 -33.55 37.04 12.29
N VAL A 521 -33.51 37.45 13.56
CA VAL A 521 -32.27 37.95 14.15
C VAL A 521 -32.20 37.67 15.65
N MET A 522 -32.96 36.66 16.08
CA MET A 522 -33.01 36.23 17.47
C MET A 522 -33.35 34.74 17.44
N GLY A 523 -32.50 33.91 18.01
CA GLY A 523 -32.77 32.49 18.01
C GLY A 523 -32.63 31.97 19.41
N ILE A 524 -32.40 30.67 19.55
CA ILE A 524 -32.23 30.06 20.86
C ILE A 524 -30.75 29.92 21.15
N VAL A 525 -30.26 30.60 22.17
CA VAL A 525 -28.84 30.53 22.48
C VAL A 525 -28.48 29.50 23.57
N GLN A 526 -27.19 29.47 23.90
CA GLN A 526 -26.61 28.58 24.91
C GLN A 526 -27.43 27.39 25.46
N ASP A 527 -27.58 27.33 26.78
CA ASP A 527 -28.30 26.24 27.45
C ASP A 527 -29.51 25.71 26.71
N THR A 528 -30.44 26.60 26.38
CA THR A 528 -31.64 26.19 25.70
C THR A 528 -31.30 25.49 24.38
N LEU A 529 -30.36 26.05 23.62
CA LEU A 529 -29.98 25.40 22.36
C LEU A 529 -29.32 24.09 22.66
N CYS A 530 -28.17 24.16 23.31
CA CYS A 530 -27.40 22.97 23.63
C CYS A 530 -28.28 21.82 24.11
N GLY A 531 -29.14 22.09 25.07
CA GLY A 531 -30.01 21.05 25.59
C GLY A 531 -31.10 20.60 24.62
N VAL A 532 -31.73 21.53 23.93
CA VAL A 532 -32.79 21.14 22.98
C VAL A 532 -32.27 20.03 22.08
N ARG A 533 -30.95 20.03 21.83
CA ARG A 533 -30.32 19.00 20.98
C ARG A 533 -30.39 17.65 21.64
N LYS A 534 -29.84 17.57 22.84
CA LYS A 534 -29.84 16.34 23.59
C LYS A 534 -31.26 15.79 23.60
N MET A 535 -32.17 16.51 24.25
CA MET A 535 -33.57 16.11 24.34
C MET A 535 -34.20 15.51 23.08
N THR A 536 -33.63 15.81 21.92
CA THR A 536 -34.17 15.33 20.64
C THR A 536 -33.75 13.91 20.19
N LEU A 537 -32.48 13.55 20.43
CA LEU A 537 -31.96 12.23 20.05
C LEU A 537 -32.89 11.05 20.29
N ARG A 538 -32.85 10.05 19.41
CA ARG A 538 -33.72 8.88 19.58
C ARG A 538 -33.53 8.26 20.97
N ASP A 539 -32.31 8.38 21.51
CA ASP A 539 -31.94 7.83 22.82
C ASP A 539 -32.54 8.54 24.04
N THR A 540 -33.07 9.72 23.82
CA THR A 540 -33.65 10.51 24.90
C THR A 540 -35.09 10.14 25.21
N PHE A 541 -35.30 9.52 26.38
CA PHE A 541 -36.64 9.14 26.80
C PHE A 541 -36.97 9.66 28.18
N ILE A 542 -38.25 9.99 28.36
CA ILE A 542 -38.77 10.54 29.60
C ILE A 542 -40.01 9.79 30.05
N GLU A 543 -40.11 9.55 31.36
CA GLU A 543 -41.26 8.84 31.90
C GLU A 543 -42.31 9.78 32.45
N TYR A 544 -43.52 9.23 32.56
CA TYR A 544 -44.71 9.93 33.04
C TYR A 544 -44.51 11.04 34.07
N GLU A 545 -43.89 10.69 35.18
CA GLU A 545 -43.64 11.63 36.27
C GLU A 545 -43.10 12.97 35.77
N GLN A 546 -42.16 12.89 34.84
CA GLN A 546 -41.54 14.07 34.29
C GLN A 546 -42.27 14.57 33.05
N VAL A 547 -42.73 13.65 32.20
CA VAL A 547 -43.46 14.08 31.01
C VAL A 547 -44.64 14.95 31.45
N MET A 548 -45.01 14.84 32.72
CA MET A 548 -46.11 15.64 33.25
C MET A 548 -45.63 17.01 33.68
N ASN A 549 -44.62 17.05 34.54
CA ASN A 549 -44.07 18.31 35.02
C ASN A 549 -43.52 19.10 33.85
N MET A 550 -43.37 18.43 32.71
CA MET A 550 -42.86 19.12 31.54
C MET A 550 -44.02 19.77 30.79
N LEU A 551 -45.13 19.04 30.69
CA LEU A 551 -46.27 19.59 29.99
C LEU A 551 -46.82 20.76 30.79
N PHE A 552 -46.69 20.67 32.11
CA PHE A 552 -47.20 21.74 32.95
C PHE A 552 -46.51 23.05 32.68
N TRP A 553 -45.20 23.00 32.44
CA TRP A 553 -44.45 24.22 32.17
C TRP A 553 -44.80 24.91 30.89
N VAL A 554 -45.48 24.23 29.98
CA VAL A 554 -45.90 24.90 28.77
C VAL A 554 -47.23 25.52 29.16
N PRO A 555 -47.28 26.86 29.26
CA PRO A 555 -48.48 27.62 29.63
C PRO A 555 -49.72 27.41 28.76
N SER A 556 -49.51 27.29 27.46
CA SER A 556 -50.62 27.10 26.51
C SER A 556 -51.13 25.69 26.47
N TRP A 557 -50.46 24.80 27.19
CA TRP A 557 -50.86 23.41 27.18
C TRP A 557 -52.37 23.22 27.25
N ASP A 558 -52.85 22.51 26.23
CA ASP A 558 -54.25 22.19 26.03
C ASP A 558 -54.84 21.39 27.18
N GLY A 559 -53.97 20.87 28.05
CA GLY A 559 -54.43 20.08 29.18
C GLY A 559 -54.69 18.65 28.75
N VAL A 560 -53.89 18.21 27.78
CA VAL A 560 -54.01 16.85 27.27
C VAL A 560 -52.67 16.18 27.00
N VAL A 561 -52.43 15.11 27.76
CA VAL A 561 -51.23 14.30 27.69
C VAL A 561 -51.30 13.41 26.44
N PRO A 562 -50.34 13.58 25.51
CA PRO A 562 -50.25 12.84 24.26
C PRO A 562 -49.88 11.38 24.47
N GLN A 563 -50.53 10.50 23.71
CA GLN A 563 -50.29 9.06 23.79
C GLN A 563 -48.81 8.72 23.68
N PRO A 564 -48.28 8.03 24.71
CA PRO A 564 -46.89 7.58 24.87
C PRO A 564 -46.29 6.99 23.62
N ALA A 565 -45.04 7.34 23.36
CA ALA A 565 -44.35 6.83 22.20
C ALA A 565 -44.00 5.37 22.42
N ILE A 566 -44.34 4.89 23.60
CA ILE A 566 -44.07 3.52 23.97
C ILE A 566 -45.08 3.12 25.04
N LEU A 567 -45.63 1.92 24.93
CA LEU A 567 -46.60 1.42 25.90
C LEU A 567 -46.18 0.04 26.40
N LYS A 568 -45.67 -0.79 25.49
CA LYS A 568 -45.21 -2.16 25.76
C LYS A 568 -44.80 -2.34 27.22
N PRO A 569 -43.49 -2.44 27.55
CA PRO A 569 -43.32 -2.59 28.99
C PRO A 569 -43.54 -1.31 29.80
N LYS A 570 -42.69 -0.32 29.60
CA LYS A 570 -42.79 0.96 30.31
C LYS A 570 -43.33 2.02 29.36
N PRO A 571 -44.32 2.80 29.81
CA PRO A 571 -44.90 3.85 28.97
C PRO A 571 -43.98 5.09 28.96
N LEU A 572 -43.16 5.23 27.92
CA LEU A 572 -42.27 6.38 27.83
C LEU A 572 -42.59 7.35 26.69
N TRP A 573 -41.91 8.49 26.71
CA TRP A 573 -42.06 9.53 25.69
C TRP A 573 -40.65 9.92 25.28
N THR A 574 -40.54 10.66 24.18
CA THR A 574 -39.24 11.11 23.71
C THR A 574 -39.29 12.62 23.59
N GLY A 575 -38.13 13.25 23.74
CA GLY A 575 -38.06 14.69 23.63
C GLY A 575 -38.80 15.10 22.38
N LYS A 576 -38.35 14.59 21.23
CA LYS A 576 -38.98 14.92 19.96
C LYS A 576 -40.48 15.05 20.16
N GLN A 577 -41.07 14.17 20.94
CA GLN A 577 -42.51 14.25 21.21
C GLN A 577 -42.85 15.49 22.00
N LEU A 578 -42.52 15.48 23.28
CA LEU A 578 -42.83 16.63 24.13
C LEU A 578 -42.31 17.97 23.59
N LEU A 579 -41.05 18.05 23.16
CA LEU A 579 -40.55 19.32 22.64
C LEU A 579 -41.55 19.87 21.65
N SER A 580 -42.25 18.96 20.97
CA SER A 580 -43.23 19.33 19.95
C SER A 580 -44.50 19.99 20.45
N ILE A 581 -44.85 19.74 21.71
CA ILE A 581 -46.04 20.33 22.30
C ILE A 581 -45.92 21.85 22.31
N ALA A 582 -44.72 22.34 22.02
CA ALA A 582 -44.44 23.78 21.97
C ALA A 582 -44.73 24.35 20.59
N ILE A 583 -44.69 23.48 19.57
CA ILE A 583 -44.91 23.89 18.19
C ILE A 583 -46.40 23.89 17.81
N PRO A 584 -46.93 25.08 17.47
CA PRO A 584 -48.31 25.35 17.07
C PRO A 584 -48.74 24.54 15.85
N SER A 585 -50.03 24.27 15.75
CA SER A 585 -50.59 23.50 14.65
C SER A 585 -50.50 24.22 13.32
N GLY A 586 -50.20 23.48 12.25
CA GLY A 586 -50.08 24.08 10.94
C GLY A 586 -48.65 24.40 10.55
N ILE A 587 -47.72 24.21 11.49
CA ILE A 587 -46.31 24.48 11.23
C ILE A 587 -45.69 23.30 10.45
N HIS A 588 -45.41 23.51 9.16
CA HIS A 588 -44.83 22.46 8.31
C HIS A 588 -43.37 22.79 8.00
N LEU A 589 -42.45 21.94 8.43
CA LEU A 589 -41.05 22.19 8.13
C LEU A 589 -40.35 20.97 7.53
N GLN A 590 -39.58 21.21 6.47
CA GLN A 590 -38.82 20.16 5.75
C GLN A 590 -37.35 20.56 5.62
N ARG A 591 -36.44 19.60 5.76
CA ARG A 591 -35.01 19.91 5.70
C ARG A 591 -34.14 19.21 4.64
N THR A 592 -33.37 18.20 5.08
CA THR A 592 -32.44 17.41 4.25
C THR A 592 -30.99 17.90 4.31
N ASP A 593 -30.18 17.23 5.12
CA ASP A 593 -28.77 17.57 5.30
C ASP A 593 -27.91 16.75 4.32
N GLY A 594 -27.07 15.85 4.83
CA GLY A 594 -26.23 15.02 3.98
C GLY A 594 -27.01 13.78 3.60
N GLY A 595 -26.64 12.66 4.21
CA GLY A 595 -27.33 11.41 3.94
C GLY A 595 -28.69 11.49 4.61
N ASN A 596 -29.56 12.37 4.09
CA ASN A 596 -30.89 12.57 4.65
C ASN A 596 -31.98 12.14 3.68
N SER A 597 -32.83 11.23 4.12
CA SER A 597 -33.95 10.76 3.31
C SER A 597 -35.01 10.12 4.15
N LEU A 598 -36.24 10.59 3.95
CA LEU A 598 -37.45 10.12 4.63
C LEU A 598 -37.28 8.88 5.51
N LEU A 599 -36.29 8.91 6.39
CA LEU A 599 -35.98 7.81 7.30
C LEU A 599 -34.52 8.09 7.63
N SER A 600 -34.25 9.37 7.80
CA SER A 600 -32.92 9.86 8.11
C SER A 600 -32.22 8.87 9.00
N PRO A 601 -31.23 8.17 8.43
CA PRO A 601 -30.47 7.18 9.19
C PRO A 601 -29.76 7.87 10.36
N LYS A 602 -28.75 8.68 10.06
CA LYS A 602 -28.02 9.37 11.11
C LYS A 602 -28.92 10.35 11.88
N ASP A 603 -30.22 10.31 11.58
CA ASP A 603 -31.24 11.16 12.21
C ASP A 603 -30.98 12.62 11.83
N ASN A 604 -30.66 12.84 10.57
CA ASN A 604 -30.38 14.17 10.06
C ASN A 604 -31.65 14.85 9.64
N GLY A 605 -31.47 15.92 8.88
CA GLY A 605 -32.59 16.67 8.37
C GLY A 605 -33.57 17.07 9.44
N MET A 606 -34.74 17.50 9.02
CA MET A 606 -35.76 17.94 9.95
C MET A 606 -37.08 17.95 9.22
N LEU A 607 -38.08 17.33 9.83
CA LEU A 607 -39.38 17.31 9.23
C LEU A 607 -40.43 17.48 10.31
N ILE A 608 -41.19 18.54 10.19
CA ILE A 608 -42.23 18.81 11.15
C ILE A 608 -43.49 19.01 10.36
N VAL A 609 -44.50 18.19 10.63
CA VAL A 609 -45.77 18.33 9.95
C VAL A 609 -46.82 18.62 11.03
N ASP A 610 -47.89 19.31 10.63
CA ASP A 610 -48.99 19.66 11.54
C ASP A 610 -48.53 20.26 12.87
N GLY A 611 -47.24 20.56 12.98
CA GLY A 611 -46.74 21.14 14.20
C GLY A 611 -46.31 20.10 15.20
N LYS A 612 -45.76 19.00 14.68
CA LYS A 612 -45.23 17.89 15.47
C LYS A 612 -43.93 17.44 14.81
N VAL A 613 -42.86 17.36 15.58
CA VAL A 613 -41.57 16.95 15.03
C VAL A 613 -41.68 15.50 14.60
N MET A 614 -41.45 15.25 13.31
CA MET A 614 -41.54 13.88 12.79
C MET A 614 -40.20 13.20 12.87
N PHE A 615 -39.17 13.84 12.35
CA PHE A 615 -37.86 13.26 12.38
C PHE A 615 -36.71 14.24 12.24
N GLY A 616 -35.55 13.84 12.78
CA GLY A 616 -34.36 14.67 12.72
C GLY A 616 -34.07 15.27 14.08
N VAL A 617 -32.83 15.73 14.30
CA VAL A 617 -32.51 16.33 15.58
C VAL A 617 -32.63 17.84 15.48
N VAL A 618 -32.90 18.48 16.60
CA VAL A 618 -33.07 19.93 16.60
C VAL A 618 -31.90 20.70 17.21
N ASP A 619 -31.32 21.59 16.42
CA ASP A 619 -30.23 22.42 16.88
C ASP A 619 -30.15 23.75 16.08
N LYS A 620 -29.04 24.47 16.23
CA LYS A 620 -28.86 25.76 15.58
C LYS A 620 -29.54 25.90 14.20
N LYS A 621 -29.40 24.87 13.39
CA LYS A 621 -29.97 24.85 12.05
C LYS A 621 -31.49 24.93 12.03
N THR A 622 -32.14 24.25 12.98
CA THR A 622 -33.60 24.20 13.02
C THR A 622 -34.28 25.23 13.92
N VAL A 623 -33.51 25.84 14.81
CA VAL A 623 -34.09 26.79 15.74
C VAL A 623 -33.21 28.02 15.97
N GLY A 624 -32.31 28.28 15.03
CA GLY A 624 -31.43 29.43 15.17
C GLY A 624 -31.98 30.63 14.42
N SER A 625 -31.26 31.74 14.47
CA SER A 625 -31.64 32.99 13.79
C SER A 625 -31.36 32.86 12.29
N GLY A 626 -31.62 31.65 11.80
CA GLY A 626 -31.40 31.26 10.41
C GLY A 626 -32.61 31.38 9.49
N GLY A 627 -32.34 31.21 8.19
CA GLY A 627 -33.35 31.30 7.14
C GLY A 627 -34.52 30.34 7.25
N GLY A 628 -34.28 29.04 7.03
CA GLY A 628 -35.36 28.08 7.14
C GLY A 628 -36.00 28.14 8.52
N GLY A 629 -35.17 28.60 9.48
CA GLY A 629 -35.54 28.73 10.89
C GLY A 629 -36.98 28.47 11.28
N LEU A 630 -37.20 27.49 12.14
CA LEU A 630 -38.56 27.18 12.57
C LEU A 630 -39.16 28.48 13.08
N ILE A 631 -38.30 29.36 13.58
CA ILE A 631 -38.72 30.66 14.09
C ILE A 631 -39.15 31.48 12.88
N HIS A 632 -38.23 31.66 11.93
CA HIS A 632 -38.52 32.42 10.73
C HIS A 632 -39.88 32.00 10.17
N THR A 633 -40.18 30.71 10.23
CA THR A 633 -41.43 30.17 9.71
C THR A 633 -42.64 30.46 10.59
N VAL A 634 -42.49 30.28 11.90
CA VAL A 634 -43.59 30.50 12.82
C VAL A 634 -43.97 31.98 12.83
N MET A 635 -42.99 32.85 12.61
CA MET A 635 -43.26 34.28 12.56
C MET A 635 -44.13 34.52 11.35
N ARG A 636 -43.62 34.11 10.20
CA ARG A 636 -44.34 34.27 8.94
C ARG A 636 -45.72 33.62 8.91
N GLU A 637 -45.83 32.43 9.45
CA GLU A 637 -47.10 31.72 9.42
C GLU A 637 -48.10 32.10 10.52
N LYS A 638 -47.61 32.37 11.73
CA LYS A 638 -48.53 32.70 12.81
C LYS A 638 -48.61 34.17 13.21
N GLY A 639 -47.49 34.89 13.12
CA GLY A 639 -47.51 36.30 13.49
C GLY A 639 -46.46 36.69 14.51
N PRO A 640 -46.30 37.99 14.76
CA PRO A 640 -45.29 38.41 15.74
C PRO A 640 -45.55 37.74 17.07
N LYS A 641 -46.77 37.95 17.56
CA LYS A 641 -47.20 37.42 18.85
C LYS A 641 -46.96 35.93 19.11
N ILE A 642 -47.68 35.09 18.36
CA ILE A 642 -47.56 33.64 18.50
C ILE A 642 -46.11 33.17 18.58
N CYS A 643 -45.30 33.62 17.62
CA CYS A 643 -43.90 33.24 17.57
C CYS A 643 -43.12 33.76 18.77
N ALA A 644 -43.41 34.97 19.20
CA ALA A 644 -42.71 35.57 20.34
C ALA A 644 -42.92 34.72 21.58
N GLU A 645 -44.12 34.14 21.68
CA GLU A 645 -44.44 33.28 22.80
C GLU A 645 -43.65 31.98 22.62
N LEU A 646 -43.62 31.47 21.39
CA LEU A 646 -42.90 30.25 21.05
C LEU A 646 -41.54 30.14 21.71
N PHE A 647 -40.80 31.24 21.79
CA PHE A 647 -39.51 31.20 22.44
C PHE A 647 -39.68 30.65 23.86
N GLY A 648 -40.26 31.49 24.72
CA GLY A 648 -40.48 31.14 26.11
C GLY A 648 -40.84 29.69 26.37
N ASN A 649 -41.71 29.15 25.53
CA ASN A 649 -42.11 27.76 25.68
C ASN A 649 -40.93 26.83 25.40
N ILE A 650 -40.52 26.76 24.13
CA ILE A 650 -39.39 25.93 23.74
C ILE A 650 -38.35 26.07 24.81
N GLN A 651 -38.28 27.26 25.36
CA GLN A 651 -37.33 27.53 26.42
C GLN A 651 -37.79 26.77 27.65
N LYS A 652 -38.74 27.35 28.38
CA LYS A 652 -39.26 26.75 29.61
C LYS A 652 -39.17 25.20 29.66
N VAL A 653 -39.62 24.52 28.60
CA VAL A 653 -39.54 23.05 28.58
C VAL A 653 -38.09 22.61 28.66
N VAL A 654 -37.32 22.97 27.65
CA VAL A 654 -35.91 22.63 27.59
C VAL A 654 -35.09 23.04 28.81
N ASN A 655 -35.03 24.34 29.13
CA ASN A 655 -34.22 24.82 30.28
C ASN A 655 -34.49 23.97 31.51
N TYR A 656 -35.77 23.67 31.73
CA TYR A 656 -36.23 22.87 32.87
C TYR A 656 -35.59 21.48 32.80
N TRP A 657 -35.78 20.85 31.65
CA TRP A 657 -35.25 19.53 31.36
C TRP A 657 -33.76 19.50 31.64
N LEU A 658 -33.02 20.44 31.04
CA LEU A 658 -31.59 20.51 31.25
C LEU A 658 -31.32 20.64 32.73
N LEU A 659 -32.08 21.48 33.43
CA LEU A 659 -31.87 21.64 34.88
C LEU A 659 -31.71 20.29 35.57
N HIS A 660 -32.42 19.29 35.06
CA HIS A 660 -32.39 17.94 35.62
C HIS A 660 -31.41 16.99 34.96
N ASN A 661 -31.23 17.07 33.65
CA ASN A 661 -30.29 16.18 32.98
C ASN A 661 -28.84 16.64 33.23
N GLY A 662 -28.66 17.89 33.61
CA GLY A 662 -27.32 18.40 33.86
C GLY A 662 -26.46 18.44 32.61
N PHE A 663 -25.31 19.12 32.69
CA PHE A 663 -24.34 19.24 31.59
C PHE A 663 -23.11 20.02 32.08
N SER A 664 -21.93 19.66 31.59
CA SER A 664 -20.70 20.32 32.05
C SER A 664 -19.56 20.18 31.04
N ILE A 665 -18.35 20.52 31.47
CA ILE A 665 -17.15 20.42 30.65
C ILE A 665 -15.96 20.45 31.56
N GLY A 666 -14.91 19.71 31.23
CA GLY A 666 -13.72 19.68 32.06
C GLY A 666 -12.52 19.19 31.28
N ILE A 667 -11.31 19.50 31.73
CA ILE A 667 -10.09 19.07 31.04
C ILE A 667 -10.29 17.76 30.30
N GLY A 668 -11.03 16.84 30.91
CA GLY A 668 -11.27 15.55 30.28
C GLY A 668 -11.85 15.65 28.88
N ASP A 669 -12.59 16.71 28.59
CA ASP A 669 -13.18 16.87 27.28
C ASP A 669 -12.12 17.31 26.27
N ALA A 670 -10.97 17.74 26.77
CA ALA A 670 -9.90 18.19 25.89
C ALA A 670 -8.72 17.24 25.73
N ILE A 671 -8.81 16.02 26.24
CA ILE A 671 -7.68 15.10 26.08
C ILE A 671 -7.90 14.10 24.97
N ALA A 672 -6.85 13.86 24.21
CA ALA A 672 -6.89 12.94 23.08
C ALA A 672 -6.46 11.51 23.45
N ASP A 673 -7.07 10.55 22.76
CA ASP A 673 -6.81 9.11 22.92
C ASP A 673 -5.31 8.87 23.21
N ALA A 674 -5.00 7.79 23.91
CA ALA A 674 -3.61 7.49 24.19
C ALA A 674 -2.72 7.46 22.95
N SER A 675 -3.09 6.70 21.90
CA SER A 675 -2.29 6.62 20.66
C SER A 675 -2.48 7.78 19.68
N THR A 676 -3.63 8.44 19.71
CA THR A 676 -3.86 9.55 18.81
C THR A 676 -2.88 10.69 19.09
N MET A 677 -2.63 10.94 20.37
CA MET A 677 -1.69 12.01 20.75
C MET A 677 -0.30 11.71 20.18
N LYS A 678 -0.08 10.46 19.79
CA LYS A 678 1.19 10.04 19.20
C LYS A 678 1.09 10.22 17.69
N GLU A 679 0.06 9.60 17.11
CA GLU A 679 -0.18 9.67 15.68
C GLU A 679 -0.05 11.09 15.15
N ILE A 680 -0.30 12.06 16.03
CA ILE A 680 -0.21 13.46 15.66
C ILE A 680 1.24 13.94 15.71
N THR A 681 1.88 13.70 16.84
CA THR A 681 3.27 14.10 17.04
C THR A 681 4.07 13.87 15.76
N HIS A 682 3.95 12.65 15.22
CA HIS A 682 4.66 12.25 14.02
C HIS A 682 4.04 12.74 12.71
N ALA A 683 3.06 13.63 12.84
CA ALA A 683 2.43 14.21 11.66
C ALA A 683 2.98 15.62 11.60
N ILE A 684 3.76 15.94 12.63
CA ILE A 684 4.42 17.23 12.77
C ILE A 684 5.91 17.00 12.50
N SER A 685 6.39 15.81 12.88
CA SER A 685 7.78 15.45 12.66
C SER A 685 7.95 15.34 11.15
N SER A 686 7.14 14.48 10.53
CA SER A 686 7.17 14.27 9.08
C SER A 686 6.93 15.59 8.37
N ALA A 687 6.03 16.40 8.92
CA ALA A 687 5.73 17.70 8.37
C ALA A 687 6.93 18.59 8.58
N LYS A 688 7.69 18.32 9.63
CA LYS A 688 8.89 19.11 9.88
C LYS A 688 9.92 18.82 8.79
N GLU A 689 10.06 17.55 8.45
CA GLU A 689 11.02 17.19 7.42
C GLU A 689 10.59 17.58 6.02
N GLN A 690 9.29 17.60 5.76
CA GLN A 690 8.85 18.01 4.42
C GLN A 690 9.18 19.50 4.29
N VAL A 691 9.74 20.07 5.35
CA VAL A 691 10.15 21.48 5.39
C VAL A 691 11.69 21.51 5.30
N GLN A 692 12.34 20.73 6.16
CA GLN A 692 13.80 20.62 6.16
C GLN A 692 14.22 20.25 4.74
N GLU A 693 13.40 19.42 4.10
CA GLU A 693 13.59 18.93 2.73
C GLU A 693 13.59 20.03 1.68
N ILE A 694 12.55 20.85 1.71
CA ILE A 694 12.42 21.94 0.75
C ILE A 694 13.34 23.11 1.09
N ILE A 695 13.99 23.01 2.25
CA ILE A 695 14.90 24.05 2.70
C ILE A 695 16.27 23.66 2.15
N TYR A 696 16.55 22.35 2.13
CA TYR A 696 17.81 21.82 1.59
C TYR A 696 17.77 22.13 0.09
N LYS A 697 16.65 21.77 -0.52
CA LYS A 697 16.39 21.96 -1.94
C LYS A 697 16.24 23.43 -2.35
N ALA A 698 16.44 24.33 -1.40
CA ALA A 698 16.36 25.76 -1.69
C ALA A 698 17.77 26.29 -1.47
N GLN A 699 18.44 25.70 -0.50
CA GLN A 699 19.82 26.06 -0.17
C GLN A 699 20.68 25.23 -1.11
N HIS A 700 20.39 25.36 -2.40
CA HIS A 700 21.10 24.64 -3.44
C HIS A 700 20.64 25.21 -4.78
N ASN A 701 19.64 26.09 -4.71
CA ASN A 701 19.09 26.72 -5.89
C ASN A 701 18.43 25.70 -6.82
N GLU A 702 18.03 24.58 -6.23
CA GLU A 702 17.39 23.49 -6.96
C GLU A 702 15.83 23.59 -6.98
N LEU A 703 15.32 24.74 -7.44
CA LEU A 703 13.88 25.00 -7.53
C LEU A 703 13.68 26.21 -8.42
N GLU A 704 12.62 26.21 -9.24
CA GLU A 704 12.36 27.33 -10.15
C GLU A 704 11.30 28.29 -9.60
N LEU A 705 11.43 29.56 -10.01
CA LEU A 705 10.55 30.64 -9.58
C LEU A 705 9.16 30.66 -10.25
N LYS A 706 8.13 30.32 -9.49
CA LYS A 706 6.76 30.32 -9.99
C LYS A 706 6.43 31.73 -10.49
N PRO A 707 6.32 31.91 -11.81
CA PRO A 707 6.06 33.22 -12.41
C PRO A 707 5.30 34.22 -11.55
N GLY A 708 5.91 35.39 -11.35
CA GLY A 708 5.30 36.46 -10.57
C GLY A 708 5.71 36.53 -9.11
N MET A 709 6.42 35.50 -8.65
CA MET A 709 6.87 35.43 -7.26
C MET A 709 8.40 35.38 -7.15
N THR A 710 8.92 35.88 -6.03
CA THR A 710 10.37 35.89 -5.80
C THR A 710 10.79 34.51 -5.36
N LEU A 711 12.02 34.14 -5.70
CA LEU A 711 12.57 32.84 -5.34
C LEU A 711 12.39 32.60 -3.85
N ARG A 712 12.54 33.67 -3.08
CA ARG A 712 12.42 33.61 -1.62
C ARG A 712 10.94 33.42 -1.24
N GLU A 713 10.10 34.33 -1.73
CA GLU A 713 8.67 34.32 -1.46
C GLU A 713 8.07 32.97 -1.73
N SER A 714 8.49 32.38 -2.85
CA SER A 714 8.02 31.07 -3.25
C SER A 714 8.50 30.01 -2.26
N PHE A 715 9.55 30.31 -1.51
CA PHE A 715 10.02 29.36 -0.53
C PHE A 715 8.99 29.33 0.59
N GLU A 716 8.63 30.50 1.09
CA GLU A 716 7.63 30.65 2.17
C GLU A 716 6.34 29.97 1.75
N GLY A 717 5.78 30.48 0.66
CA GLY A 717 4.54 29.98 0.08
C GLY A 717 4.36 28.47 0.22
N GLU A 718 5.46 27.73 0.31
CA GLU A 718 5.36 26.29 0.47
C GLU A 718 5.41 25.90 1.95
N VAL A 719 6.37 26.49 2.68
CA VAL A 719 6.53 26.21 4.11
C VAL A 719 5.19 26.43 4.78
N SER A 720 4.57 27.56 4.43
CA SER A 720 3.27 27.96 4.97
C SER A 720 2.22 26.90 4.61
N ARG A 721 2.13 26.57 3.32
CA ARG A 721 1.18 25.56 2.85
C ARG A 721 1.48 24.16 3.36
N THR A 722 2.66 23.98 3.95
CA THR A 722 3.04 22.68 4.48
C THR A 722 2.58 22.54 5.92
N LEU A 723 2.93 23.54 6.73
CA LEU A 723 2.56 23.57 8.14
C LEU A 723 1.05 23.64 8.31
N ASN A 724 0.40 24.42 7.45
CA ASN A 724 -1.04 24.58 7.50
C ASN A 724 -1.74 23.24 7.28
N ASP A 725 -1.37 22.52 6.22
CA ASP A 725 -1.99 21.23 5.94
C ASP A 725 -1.65 20.22 7.02
N ALA A 726 -0.50 20.40 7.64
CA ALA A 726 -0.07 19.51 8.71
C ALA A 726 -1.05 19.75 9.84
N ARG A 727 -1.04 20.97 10.35
CA ARG A 727 -1.91 21.41 11.43
C ARG A 727 -3.36 21.00 11.18
N ASP A 728 -3.83 21.19 9.96
CA ASP A 728 -5.21 20.86 9.58
C ASP A 728 -5.66 19.45 9.93
N SER A 729 -4.81 18.47 9.69
CA SER A 729 -5.21 17.11 10.03
C SER A 729 -4.82 16.79 11.46
N ALA A 730 -3.79 17.46 11.96
CA ALA A 730 -3.36 17.25 13.34
C ALA A 730 -4.62 17.30 14.18
N GLY A 731 -5.39 18.35 13.96
CA GLY A 731 -6.62 18.53 14.69
C GLY A 731 -7.65 17.50 14.26
N ARG A 732 -7.82 17.34 12.95
CA ARG A 732 -8.80 16.40 12.45
C ARG A 732 -8.66 14.98 13.00
N SER A 733 -7.48 14.61 13.50
CA SER A 733 -7.32 13.27 14.06
C SER A 733 -8.07 13.15 15.36
N ALA A 734 -8.03 14.24 16.14
CA ALA A 734 -8.69 14.30 17.42
C ALA A 734 -10.19 14.52 17.25
N GLU A 735 -10.57 15.35 16.28
CA GLU A 735 -11.97 15.64 16.00
C GLU A 735 -12.79 14.35 15.95
N MET A 736 -12.33 13.40 15.15
CA MET A 736 -13.01 12.11 15.00
C MET A 736 -12.64 11.19 16.16
N ASN A 737 -11.76 11.67 17.04
CA ASN A 737 -11.34 10.88 18.19
C ASN A 737 -12.16 11.21 19.45
N LEU A 738 -13.06 12.18 19.31
CA LEU A 738 -13.91 12.57 20.40
C LEU A 738 -15.32 12.05 20.20
N LYS A 739 -15.63 11.03 21.00
CA LYS A 739 -16.91 10.34 20.97
C LYS A 739 -18.14 11.24 21.06
N ASP A 740 -19.30 10.63 20.84
CA ASP A 740 -20.58 11.32 20.89
C ASP A 740 -20.96 11.62 22.34
N LEU A 741 -19.97 11.65 23.21
CA LEU A 741 -20.21 11.95 24.61
C LEU A 741 -19.32 13.10 25.03
N ASN A 742 -18.30 13.37 24.23
CA ASN A 742 -17.42 14.49 24.57
C ASN A 742 -18.28 15.73 24.66
N ASN A 743 -18.24 16.35 25.82
CA ASN A 743 -19.03 17.53 26.05
C ASN A 743 -18.68 18.65 25.08
N VAL A 744 -17.40 18.97 24.94
CA VAL A 744 -17.00 20.03 24.01
C VAL A 744 -17.57 19.75 22.63
N LYS A 745 -17.52 18.50 22.18
CA LYS A 745 -18.06 18.21 20.86
C LYS A 745 -19.52 18.61 20.89
N GLN A 746 -20.26 18.07 21.86
CA GLN A 746 -21.67 18.34 22.02
C GLN A 746 -22.01 19.84 21.91
N MET A 747 -21.25 20.68 22.61
CA MET A 747 -21.45 22.12 22.58
C MET A 747 -21.10 22.73 21.24
N VAL A 748 -20.59 21.91 20.33
CA VAL A 748 -20.23 22.40 19.02
C VAL A 748 -21.27 21.98 17.99
N SER A 749 -21.83 20.79 18.19
CA SER A 749 -22.83 20.27 17.28
C SER A 749 -24.11 21.02 17.52
N ALA A 750 -24.45 21.18 18.79
CA ALA A 750 -25.66 21.91 19.14
C ALA A 750 -25.59 23.25 18.40
N GLY A 751 -24.36 23.76 18.28
CA GLY A 751 -24.11 25.03 17.61
C GLY A 751 -24.22 26.18 18.60
N SER A 752 -24.00 25.86 19.88
CA SER A 752 -24.10 26.86 20.93
C SER A 752 -22.79 27.43 21.39
N LYS A 753 -21.67 26.98 20.82
CA LYS A 753 -20.34 27.51 21.17
C LYS A 753 -19.16 26.78 20.55
N GLY A 754 -18.17 27.56 20.13
CA GLY A 754 -16.95 27.04 19.55
C GLY A 754 -17.07 26.14 18.35
N SER A 755 -15.92 25.85 17.73
CA SER A 755 -15.84 25.01 16.53
C SER A 755 -14.54 24.19 16.46
N PHE A 756 -14.46 23.34 15.43
CA PHE A 756 -13.30 22.50 15.18
C PHE A 756 -12.04 23.20 15.67
N ILE A 757 -11.69 24.29 15.00
CA ILE A 757 -10.51 25.08 15.31
C ILE A 757 -10.20 25.05 16.80
N ASN A 758 -11.21 25.41 17.60
CA ASN A 758 -11.07 25.45 19.05
C ASN A 758 -10.53 24.13 19.62
N ILE A 759 -11.22 23.03 19.34
CA ILE A 759 -10.79 21.73 19.85
C ILE A 759 -9.33 21.56 19.50
N ALA A 760 -9.05 21.75 18.21
CA ALA A 760 -7.70 21.64 17.68
C ALA A 760 -6.66 22.28 18.57
N GLN A 761 -6.75 23.60 18.69
CA GLN A 761 -5.82 24.36 19.49
C GLN A 761 -5.79 23.98 20.97
N MET A 762 -6.70 23.11 21.40
CA MET A 762 -6.71 22.73 22.81
C MET A 762 -6.29 21.30 23.08
N SER A 763 -6.45 20.44 22.09
CA SER A 763 -6.12 19.04 22.26
C SER A 763 -5.00 18.56 21.35
N ALA A 764 -4.76 19.29 20.26
CA ALA A 764 -3.73 18.92 19.29
C ALA A 764 -2.56 19.90 19.13
N CYS A 765 -2.69 20.76 18.13
CA CYS A 765 -1.67 21.75 17.85
C CYS A 765 -2.27 23.16 17.85
N VAL A 766 -1.65 24.06 18.60
CA VAL A 766 -2.09 25.44 18.70
C VAL A 766 -2.10 26.14 17.34
N GLY A 767 -1.03 25.94 16.59
CA GLY A 767 -0.91 26.54 15.26
C GLY A 767 0.32 27.41 15.05
N GLN A 768 0.34 28.05 13.89
CA GLN A 768 1.42 28.94 13.48
C GLN A 768 1.03 30.36 13.91
N GLN A 769 1.99 31.09 14.44
CA GLN A 769 1.72 32.45 14.88
C GLN A 769 2.03 33.40 13.73
N MET A 770 1.43 34.59 13.73
CA MET A 770 1.72 35.53 12.66
C MET A 770 1.32 36.96 12.88
N VAL A 771 2.10 37.84 12.26
CA VAL A 771 1.85 39.27 12.31
C VAL A 771 2.01 39.73 10.87
N GLU A 772 1.36 40.83 10.53
CA GLU A 772 1.46 41.38 9.18
C GLU A 772 1.50 40.31 8.08
N GLY A 773 0.91 39.15 8.35
CA GLY A 773 0.85 38.07 7.36
C GLY A 773 2.02 37.11 7.24
N LYS A 774 3.17 37.44 7.83
CA LYS A 774 4.32 36.56 7.73
C LYS A 774 4.76 36.07 9.09
N ARG A 775 5.13 34.79 9.14
CA ARG A 775 5.59 34.15 10.36
C ARG A 775 6.64 34.99 11.07
N ILE A 776 6.52 35.07 12.39
CA ILE A 776 7.42 35.85 13.26
C ILE A 776 8.73 36.30 12.64
N ALA A 777 8.84 37.60 12.45
CA ALA A 777 10.01 38.22 11.83
C ALA A 777 11.37 38.01 12.51
N PHE A 778 12.36 38.73 11.98
CA PHE A 778 13.74 38.71 12.47
C PHE A 778 14.02 40.11 13.04
N GLY A 779 13.46 40.40 14.21
CA GLY A 779 13.66 41.70 14.86
C GLY A 779 15.11 41.85 15.26
N PHE A 780 15.67 40.72 15.66
CA PHE A 780 17.07 40.61 16.03
C PHE A 780 17.72 40.26 14.70
N ALA A 781 18.79 40.96 14.36
CA ALA A 781 19.44 40.66 13.11
C ALA A 781 19.56 39.15 12.90
N ASP A 782 18.92 38.70 11.82
CA ASP A 782 18.87 37.31 11.38
C ASP A 782 18.45 36.23 12.36
N ARG A 783 17.53 36.58 13.25
CA ARG A 783 17.02 35.60 14.19
C ARG A 783 15.75 36.05 14.92
N SER A 784 15.00 35.07 15.39
CA SER A 784 13.74 35.29 16.08
C SER A 784 13.91 35.79 17.51
N LEU A 785 14.72 35.07 18.27
CA LEU A 785 14.99 35.41 19.65
C LEU A 785 16.48 35.26 19.81
N PRO A 786 17.06 35.82 20.86
CA PRO A 786 18.51 35.67 21.02
C PRO A 786 18.89 34.21 21.32
N HIS A 787 17.86 33.41 21.62
CA HIS A 787 18.01 31.99 21.93
C HIS A 787 18.11 31.16 20.66
N PHE A 788 18.31 31.83 19.52
CA PHE A 788 18.40 31.14 18.24
C PHE A 788 19.64 31.44 17.41
N THR A 789 20.01 30.45 16.60
CA THR A 789 21.16 30.52 15.70
C THR A 789 20.71 31.39 14.52
N LYS A 790 21.59 32.27 14.06
CA LYS A 790 21.23 33.15 12.94
C LYS A 790 20.67 32.37 11.77
N ASP A 791 20.01 33.11 10.87
CA ASP A 791 19.42 32.56 9.64
C ASP A 791 18.55 31.30 9.77
N ASP A 792 17.98 31.07 10.96
CA ASP A 792 17.12 29.90 11.14
C ASP A 792 15.73 30.19 10.57
N PHE A 793 15.49 29.65 9.38
CA PHE A 793 14.23 29.82 8.68
C PHE A 793 13.20 28.74 9.04
N SER A 794 13.58 27.78 9.87
CA SER A 794 12.69 26.68 10.27
C SER A 794 11.37 27.14 10.88
N PRO A 795 10.48 26.20 11.23
CA PRO A 795 9.20 26.62 11.82
C PRO A 795 9.26 26.89 13.32
N GLU A 796 10.16 26.17 14.01
CA GLU A 796 10.35 26.30 15.46
C GLU A 796 10.92 27.66 15.79
N SER A 797 11.32 28.39 14.76
CA SER A 797 11.89 29.71 14.91
C SER A 797 10.94 30.79 14.41
N LYS A 798 10.29 30.52 13.28
CA LYS A 798 9.35 31.48 12.67
C LYS A 798 7.98 31.54 13.33
N GLY A 799 7.81 30.86 14.45
CA GLY A 799 6.55 30.92 15.15
C GLY A 799 5.52 29.82 15.01
N PHE A 800 5.95 28.57 14.89
CA PHE A 800 4.97 27.51 14.78
C PHE A 800 4.82 26.79 16.12
N VAL A 801 3.70 27.01 16.81
CA VAL A 801 3.48 26.35 18.08
C VAL A 801 2.99 24.93 17.81
N GLU A 802 3.89 23.95 17.95
CA GLU A 802 3.56 22.55 17.71
C GLU A 802 2.76 21.93 18.86
N ASN A 803 2.79 22.59 20.01
CA ASN A 803 2.10 22.08 21.18
C ASN A 803 0.60 22.40 21.25
N SER A 804 -0.08 21.65 22.11
CA SER A 804 -1.51 21.83 22.35
C SER A 804 -1.67 22.52 23.71
N TYR A 805 -2.76 23.26 23.88
CA TYR A 805 -3.00 23.95 25.14
C TYR A 805 -2.99 22.97 26.30
N LEU A 806 -3.50 21.76 26.07
CA LEU A 806 -3.54 20.72 27.10
C LEU A 806 -2.14 20.40 27.59
N ARG A 807 -1.18 20.58 26.71
CA ARG A 807 0.22 20.30 27.02
C ARG A 807 0.99 21.53 27.50
N LEU A 809 2.53 24.99 25.33
CA LEU A 809 3.57 25.64 24.53
C LEU A 809 4.93 25.77 25.18
N THR A 810 5.98 25.69 24.36
CA THR A 810 7.34 25.84 24.83
C THR A 810 7.58 27.33 24.75
N PRO A 811 8.50 27.85 25.56
CA PRO A 811 8.78 29.27 25.55
C PRO A 811 8.62 29.86 24.14
N GLN A 812 9.45 29.43 23.21
CA GLN A 812 9.39 29.89 21.83
C GLN A 812 7.96 29.86 21.34
N GLU A 813 7.37 28.67 21.31
CA GLU A 813 6.00 28.56 20.85
C GLU A 813 5.15 29.55 21.62
N PHE A 814 5.23 29.51 22.95
CA PHE A 814 4.44 30.43 23.76
C PHE A 814 4.57 31.91 23.39
N PHE A 815 5.79 32.31 23.03
CA PHE A 815 6.04 33.69 22.66
C PHE A 815 5.40 34.03 21.32
N PHE A 816 5.90 33.42 20.25
CA PHE A 816 5.37 33.66 18.92
C PHE A 816 3.86 33.81 19.07
N HIS A 817 3.23 32.79 19.63
CA HIS A 817 1.78 32.76 19.87
C HIS A 817 1.30 34.12 20.39
N ALA A 818 2.03 34.67 21.35
CA ALA A 818 1.67 35.97 21.91
C ALA A 818 1.76 37.03 20.82
N MET A 819 2.90 37.09 20.13
CA MET A 819 3.08 38.07 19.06
C MET A 819 1.95 37.96 18.05
N ALA A 820 1.40 36.76 17.90
CA ALA A 820 0.33 36.54 16.95
C ALA A 820 -0.96 37.12 17.46
N GLY A 821 -1.30 36.75 18.70
CA GLY A 821 -2.51 37.24 19.30
C GLY A 821 -2.44 38.76 19.42
N ARG A 822 -1.27 39.27 19.80
CA ARG A 822 -1.06 40.70 19.93
C ARG A 822 -1.55 41.45 18.70
N GLU A 823 -1.31 40.90 17.51
CA GLU A 823 -1.79 41.57 16.30
C GLU A 823 -3.30 41.58 16.35
N GLY A 824 -3.87 40.43 16.75
CA GLY A 824 -5.31 40.33 16.86
C GLY A 824 -5.86 41.45 17.71
N LEU A 825 -5.53 41.43 19.01
CA LEU A 825 -6.01 42.46 19.92
C LEU A 825 -5.90 43.84 19.31
N ILE A 826 -4.84 44.07 18.55
CA ILE A 826 -4.64 45.38 17.94
C ILE A 826 -5.84 45.96 17.21
N ASP A 827 -6.23 45.36 16.10
CA ASP A 827 -7.37 45.89 15.38
C ASP A 827 -8.69 45.83 16.16
N THR A 828 -8.87 44.85 17.04
CA THR A 828 -10.11 44.80 17.80
C THR A 828 -10.15 46.06 18.64
N ALA A 829 -9.03 46.79 18.62
CA ALA A 829 -8.90 48.03 19.36
C ALA A 829 -8.56 49.20 18.43
N VAL A 830 -8.90 49.05 17.16
CA VAL A 830 -8.64 50.08 16.15
C VAL A 830 -9.82 50.12 15.19
N LYS A 831 -10.10 48.97 14.60
CA LYS A 831 -11.22 48.83 13.67
C LYS A 831 -12.51 49.14 14.45
N THR A 832 -12.38 49.17 15.77
CA THR A 832 -13.51 49.43 16.64
C THR A 832 -14.20 50.79 16.47
N ALA A 833 -13.42 51.85 16.24
CA ALA A 833 -14.02 53.17 16.07
C ALA A 833 -13.87 53.73 14.64
N GLU A 834 -12.96 53.17 13.86
CA GLU A 834 -12.82 53.64 12.49
C GLU A 834 -13.98 53.04 11.72
N THR A 835 -14.44 51.88 12.18
CA THR A 835 -15.56 51.18 11.57
C THR A 835 -16.79 52.03 11.87
N GLY A 836 -16.80 52.60 13.07
CA GLY A 836 -17.89 53.44 13.52
C GLY A 836 -18.00 54.73 12.73
N TYR A 837 -16.86 55.24 12.26
CA TYR A 837 -16.89 56.46 11.47
C TYR A 837 -17.58 56.11 10.16
N ILE A 838 -16.99 55.15 9.43
CA ILE A 838 -17.53 54.69 8.16
C ILE A 838 -19.02 54.44 8.26
N GLN A 839 -19.44 54.02 9.45
CA GLN A 839 -20.83 53.77 9.70
C GLN A 839 -21.52 55.12 9.69
N ARG A 840 -21.14 55.97 10.63
CA ARG A 840 -21.67 57.33 10.77
C ARG A 840 -21.89 58.07 9.42
N ARG A 841 -20.89 58.00 8.55
CA ARG A 841 -20.97 58.63 7.23
C ARG A 841 -22.20 58.13 6.49
N LEU A 842 -22.23 56.82 6.21
CA LEU A 842 -23.36 56.20 5.52
C LEU A 842 -24.69 56.76 6.00
N VAL A 843 -24.77 57.04 7.30
CA VAL A 843 -25.98 57.56 7.92
C VAL A 843 -26.29 59.00 7.54
N LYS A 844 -25.33 59.87 7.84
CA LYS A 844 -25.52 61.25 7.53
C LYS A 844 -25.61 61.42 6.02
N ALA A 845 -25.60 60.31 5.31
CA ALA A 845 -25.66 60.33 3.86
C ALA A 845 -26.97 59.79 3.27
N LEU A 846 -27.85 59.24 4.10
CA LEU A 846 -29.10 58.69 3.62
C LEU A 846 -30.28 59.07 4.51
N GLU A 847 -29.98 59.72 5.64
CA GLU A 847 -30.98 60.15 6.61
C GLU A 847 -32.35 60.35 5.95
N ASP A 848 -32.44 61.50 5.27
CA ASP A 848 -33.63 61.98 4.56
C ASP A 848 -34.17 61.15 3.37
N ILE A 849 -33.87 59.86 3.33
CA ILE A 849 -34.38 59.03 2.25
C ILE A 849 -35.50 58.16 2.84
N MET A 850 -36.70 58.29 2.28
CA MET A 850 -37.87 57.54 2.74
C MET A 850 -38.92 57.34 1.65
N VAL A 851 -39.43 56.10 1.55
CA VAL A 851 -40.45 55.78 0.56
C VAL A 851 -41.54 56.83 0.64
N HIS A 852 -42.08 57.20 -0.53
CA HIS A 852 -43.15 58.19 -0.58
C HIS A 852 -44.45 57.60 -1.06
N TYR A 853 -45.55 58.22 -0.62
CA TYR A 853 -46.90 57.79 -0.94
C TYR A 853 -47.22 57.39 -2.38
N ASP A 854 -46.29 57.65 -3.30
CA ASP A 854 -46.46 57.29 -4.70
C ASP A 854 -45.57 56.09 -5.00
N GLY A 855 -44.67 55.79 -4.07
CA GLY A 855 -43.73 54.68 -4.16
C GLY A 855 -42.38 55.04 -4.74
N THR A 856 -42.04 56.31 -4.60
CA THR A 856 -40.79 56.83 -5.08
C THR A 856 -39.86 56.90 -3.88
N THR A 857 -38.58 56.62 -4.08
CA THR A 857 -37.66 56.74 -2.97
C THR A 857 -36.95 58.05 -3.25
N ARG A 858 -37.20 59.07 -2.42
CA ARG A 858 -36.58 60.38 -2.60
C ARG A 858 -35.98 60.94 -1.31
N ASN A 859 -35.56 62.20 -1.34
CA ASN A 859 -34.96 62.81 -0.17
C ASN A 859 -35.54 64.17 0.14
N SER A 860 -34.84 64.93 0.98
CA SER A 860 -35.29 66.26 1.38
C SER A 860 -35.33 67.28 0.23
N LEU A 861 -35.23 66.78 -0.99
CA LEU A 861 -35.28 67.61 -2.18
C LEU A 861 -36.27 67.06 -3.20
N GLY A 862 -36.84 65.90 -2.91
CA GLY A 862 -37.78 65.31 -3.84
C GLY A 862 -37.02 64.63 -4.96
N ASP A 863 -35.72 64.85 -4.98
CA ASP A 863 -34.87 64.22 -5.99
C ASP A 863 -35.09 62.72 -5.89
N ILE A 864 -35.56 62.12 -6.99
CA ILE A 864 -35.83 60.69 -7.03
C ILE A 864 -34.54 59.89 -7.06
N ILE A 865 -34.33 59.08 -6.03
CA ILE A 865 -33.14 58.25 -5.92
C ILE A 865 -33.45 56.88 -6.47
N GLN A 866 -34.71 56.50 -6.39
CA GLN A 866 -35.19 55.22 -6.89
C GLN A 866 -36.67 55.44 -7.12
N PHE A 867 -37.15 54.99 -8.28
CA PHE A 867 -38.56 55.16 -8.60
C PHE A 867 -39.48 54.20 -7.88
N LEU A 868 -38.94 53.05 -7.50
CA LEU A 868 -39.68 52.00 -6.78
C LEU A 868 -38.65 51.34 -5.86
N TYR A 869 -38.70 51.66 -4.57
CA TYR A 869 -37.76 51.13 -3.58
C TYR A 869 -37.32 49.72 -3.86
N GLY A 870 -36.01 49.52 -4.01
CA GLY A 870 -35.47 48.20 -4.29
C GLY A 870 -35.78 47.64 -5.68
N GLU A 871 -36.37 48.46 -6.54
CA GLU A 871 -36.72 48.05 -7.90
C GLU A 871 -37.88 47.04 -7.91
N ASP A 872 -38.74 47.13 -6.91
CA ASP A 872 -39.90 46.25 -6.78
C ASP A 872 -40.91 46.76 -5.75
N GLY A 873 -40.47 47.65 -4.87
CA GLY A 873 -41.36 48.21 -3.84
C GLY A 873 -41.79 47.21 -2.79
N LEU A 874 -40.88 46.32 -2.41
CA LEU A 874 -41.16 45.28 -1.44
C LEU A 874 -40.39 45.49 -0.15
N ASP A 875 -40.98 45.13 0.99
CA ASP A 875 -40.29 45.27 2.26
C ASP A 875 -39.50 44.01 2.58
N GLY A 876 -38.19 44.13 2.58
CA GLY A 876 -37.30 43.02 2.85
C GLY A 876 -37.76 42.02 3.89
N THR A 877 -38.45 42.48 4.92
CA THR A 877 -38.91 41.58 5.99
C THR A 877 -39.75 40.42 5.45
N GLN A 878 -40.66 40.74 4.53
CA GLN A 878 -41.55 39.76 3.93
C GLN A 878 -40.98 39.01 2.74
N VAL A 879 -39.68 38.76 2.72
CA VAL A 879 -39.11 38.07 1.58
C VAL A 879 -38.25 36.87 1.94
N GLU A 880 -38.34 35.81 1.13
CA GLU A 880 -37.61 34.57 1.38
C GLU A 880 -36.98 33.95 0.12
N ARG A 881 -35.95 33.16 0.34
CA ARG A 881 -35.19 32.52 -0.74
C ARG A 881 -36.00 31.44 -1.44
N GLN A 882 -36.50 31.78 -2.63
CA GLN A 882 -37.28 30.86 -3.44
C GLN A 882 -36.42 30.34 -4.60
N THR A 883 -36.86 29.27 -5.26
CA THR A 883 -36.09 28.73 -6.36
C THR A 883 -36.88 28.76 -7.66
N ILE A 884 -36.51 29.67 -8.55
CA ILE A 884 -37.18 29.79 -9.85
C ILE A 884 -36.92 28.54 -10.67
N ASP A 885 -37.86 27.58 -10.59
CA ASP A 885 -37.74 26.30 -11.31
C ASP A 885 -37.27 26.43 -12.73
N THR A 886 -38.18 26.95 -13.55
CA THR A 886 -37.96 27.19 -14.96
C THR A 886 -36.50 27.27 -15.40
N ILE A 887 -35.72 28.15 -14.76
CA ILE A 887 -34.32 28.33 -15.12
C ILE A 887 -33.39 27.12 -15.18
N PRO A 888 -33.35 26.31 -14.12
CA PRO A 888 -32.45 25.16 -14.11
C PRO A 888 -32.94 23.85 -14.74
N GLY A 889 -32.00 22.99 -15.10
CA GLY A 889 -32.37 21.71 -15.69
C GLY A 889 -32.27 21.65 -17.20
N SER A 890 -32.37 20.43 -17.73
CA SER A 890 -32.28 20.17 -19.16
C SER A 890 -33.58 20.50 -19.90
N ASP A 891 -33.46 20.85 -21.18
CA ASP A 891 -34.63 21.16 -22.01
C ASP A 891 -35.55 19.95 -22.03
N LYS A 892 -34.95 18.79 -21.88
CA LYS A 892 -35.68 17.53 -21.87
C LYS A 892 -36.58 17.45 -20.63
N ALA A 893 -35.96 17.47 -19.45
CA ALA A 893 -36.68 17.39 -18.20
C ALA A 893 -37.64 18.55 -18.00
N PHE A 894 -37.34 19.69 -18.61
CA PHE A 894 -38.23 20.86 -18.49
C PHE A 894 -39.58 20.50 -19.08
N HIS A 895 -39.57 20.19 -20.38
CA HIS A 895 -40.77 19.82 -21.13
C HIS A 895 -41.62 18.77 -20.43
N LYS A 896 -40.98 17.70 -19.97
CA LYS A 896 -41.70 16.62 -19.29
C LYS A 896 -42.35 17.10 -18.01
N ARG A 897 -42.25 18.38 -17.70
CA ARG A 897 -42.84 18.87 -16.48
C ARG A 897 -44.00 19.80 -16.70
N TYR A 898 -43.79 20.82 -17.53
CA TYR A 898 -44.82 21.81 -17.80
C TYR A 898 -45.56 21.61 -19.12
N TYR A 899 -45.04 20.75 -19.97
CA TYR A 899 -45.68 20.51 -21.24
C TYR A 899 -46.92 19.63 -21.14
N VAL A 900 -48.00 20.11 -21.76
CA VAL A 900 -49.26 19.39 -21.78
C VAL A 900 -49.69 19.44 -23.24
N ASP A 901 -50.11 18.30 -23.79
CA ASP A 901 -50.54 18.18 -25.19
C ASP A 901 -51.83 17.37 -25.32
N LEU A 902 -52.97 18.05 -25.31
CA LEU A 902 -54.26 17.39 -25.42
C LEU A 902 -54.46 16.69 -26.77
N MET A 903 -53.56 16.95 -27.69
CA MET A 903 -53.65 16.35 -29.01
C MET A 903 -52.58 15.26 -29.08
N ASP A 904 -52.52 14.41 -28.06
CA ASP A 904 -51.52 13.34 -28.05
C ASP A 904 -51.69 12.26 -26.99
N GLU A 905 -51.69 11.01 -27.45
CA GLU A 905 -51.86 9.81 -26.62
C GLU A 905 -50.91 9.68 -25.42
N LYS A 906 -49.69 10.20 -25.58
CA LYS A 906 -48.69 10.10 -24.52
C LYS A 906 -48.41 11.38 -23.73
N ASN A 907 -48.67 12.52 -24.36
CA ASN A 907 -48.42 13.79 -23.72
C ASN A 907 -49.71 14.55 -23.37
N SER A 908 -50.65 13.86 -22.73
CA SER A 908 -51.89 14.51 -22.32
C SER A 908 -52.13 14.13 -20.88
N ILE A 909 -52.92 14.94 -20.18
CA ILE A 909 -53.22 14.66 -18.79
C ILE A 909 -54.04 13.39 -18.74
N LYS A 910 -53.51 12.37 -18.08
CA LYS A 910 -54.21 11.11 -17.94
C LYS A 910 -55.54 11.44 -17.24
N PRO A 911 -56.66 10.82 -17.65
CA PRO A 911 -57.91 11.16 -16.97
C PRO A 911 -58.00 10.65 -15.52
N ASP A 912 -56.85 10.37 -14.91
CA ASP A 912 -56.79 9.94 -13.52
C ASP A 912 -56.34 11.13 -12.65
N VAL A 913 -56.10 12.26 -13.32
CA VAL A 913 -55.66 13.50 -12.68
C VAL A 913 -56.80 14.50 -12.73
N ILE A 914 -57.32 14.74 -13.93
CA ILE A 914 -58.41 15.65 -14.10
C ILE A 914 -59.71 14.87 -14.02
N GLU A 915 -60.83 15.57 -13.96
CA GLU A 915 -62.16 14.96 -13.87
C GLU A 915 -62.83 14.94 -15.25
N TYR A 916 -62.12 15.47 -16.24
CA TYR A 916 -62.62 15.52 -17.60
C TYR A 916 -61.47 15.12 -18.53
N ALA A 917 -60.62 14.22 -18.02
CA ALA A 917 -59.46 13.77 -18.78
C ALA A 917 -59.72 13.16 -20.14
N ALA A 918 -60.81 12.38 -20.25
CA ALA A 918 -61.16 11.76 -21.51
C ALA A 918 -62.04 12.69 -22.35
N ASP A 919 -62.91 13.46 -21.70
CA ASP A 919 -63.77 14.37 -22.43
C ASP A 919 -63.00 15.61 -22.87
N ILE A 920 -61.71 15.64 -22.53
CA ILE A 920 -60.89 16.78 -22.89
C ILE A 920 -59.83 16.47 -23.94
N LEU A 921 -59.47 15.19 -24.03
CA LEU A 921 -58.46 14.74 -24.97
C LEU A 921 -58.79 15.09 -26.42
N GLY A 922 -57.97 15.95 -27.02
CA GLY A 922 -58.18 16.33 -28.40
C GLY A 922 -58.78 17.70 -28.65
N ASP A 923 -59.30 18.37 -27.63
CA ASP A 923 -59.90 19.69 -27.81
C ASP A 923 -58.94 20.73 -28.39
N VAL A 924 -59.26 21.24 -29.58
CA VAL A 924 -58.40 22.22 -30.26
C VAL A 924 -58.37 23.60 -29.61
N GLU A 925 -59.54 24.04 -29.14
CA GLU A 925 -59.68 25.34 -28.50
C GLU A 925 -58.97 25.40 -27.15
N LEU A 926 -58.91 24.26 -26.48
CA LEU A 926 -58.26 24.16 -25.18
C LEU A 926 -56.73 24.07 -25.39
N GLN A 927 -56.32 23.23 -26.32
CA GLN A 927 -54.89 23.07 -26.60
C GLN A 927 -54.28 24.38 -27.01
N LYS A 928 -55.10 25.40 -27.26
CA LYS A 928 -54.56 26.70 -27.63
C LYS A 928 -54.29 27.53 -26.39
N GLU A 929 -55.17 27.46 -25.39
CA GLU A 929 -54.94 28.21 -24.16
C GLU A 929 -53.77 27.52 -23.51
N LEU A 930 -53.60 26.25 -23.85
CA LEU A 930 -52.52 25.45 -23.31
C LEU A 930 -51.21 25.79 -24.02
N ASN A 931 -51.31 26.43 -25.18
CA ASN A 931 -50.11 26.83 -25.93
C ASN A 931 -49.68 28.18 -25.38
N SER A 932 -50.63 29.13 -25.34
CA SER A 932 -50.37 30.46 -24.78
C SER A 932 -49.48 30.23 -23.58
N GLU A 933 -49.94 29.31 -22.72
CA GLU A 933 -49.24 28.95 -21.49
C GLU A 933 -47.87 28.35 -21.75
N TYR A 934 -47.79 27.16 -22.35
CA TYR A 934 -46.47 26.58 -22.57
C TYR A 934 -45.54 27.52 -23.35
N GLU A 935 -46.08 28.34 -24.25
CA GLU A 935 -45.25 29.27 -25.03
C GLU A 935 -44.69 30.37 -24.12
N GLN A 936 -45.45 30.66 -23.07
CA GLN A 936 -45.08 31.68 -22.09
C GLN A 936 -43.88 31.18 -21.32
N LEU A 937 -44.10 30.14 -20.55
CA LEU A 937 -43.06 29.53 -19.74
C LEU A 937 -41.72 29.50 -20.44
N VAL A 938 -41.73 29.31 -21.75
CA VAL A 938 -40.48 29.26 -22.50
C VAL A 938 -39.88 30.64 -22.63
N SER A 939 -40.75 31.65 -22.75
CA SER A 939 -40.30 33.04 -22.86
C SER A 939 -39.54 33.35 -21.57
N ASP A 940 -40.09 32.85 -20.47
CA ASP A 940 -39.52 33.00 -19.14
C ASP A 940 -38.14 32.38 -19.09
N ARG A 941 -38.12 31.06 -19.18
CA ARG A 941 -36.88 30.30 -19.16
C ARG A 941 -35.72 31.02 -19.82
N LYS A 942 -35.98 31.59 -20.99
CA LYS A 942 -34.94 32.29 -21.74
C LYS A 942 -34.69 33.70 -21.22
N PHE A 943 -35.72 34.27 -20.59
CA PHE A 943 -35.61 35.61 -20.02
C PHE A 943 -34.84 35.59 -18.71
N LEU A 944 -34.89 34.47 -18.00
CA LEU A 944 -34.20 34.39 -16.72
C LEU A 944 -32.71 34.08 -16.93
N ARG A 945 -32.36 33.49 -18.06
CA ARG A 945 -30.96 33.19 -18.36
C ARG A 945 -30.35 34.43 -18.96
N VAL A 948 -31.03 37.41 -17.20
CA VAL A 948 -30.92 38.25 -16.01
C VAL A 948 -29.89 37.65 -15.08
N PHE A 949 -29.98 36.33 -14.92
CA PHE A 949 -29.07 35.58 -14.08
C PHE A 949 -28.26 34.70 -15.01
N VAL A 950 -27.21 35.23 -15.60
CA VAL A 950 -26.38 34.45 -16.52
C VAL A 950 -25.68 33.30 -15.79
N ASN A 951 -25.75 33.32 -14.45
CA ASN A 951 -25.12 32.31 -13.59
C ASN A 951 -25.88 30.99 -13.60
N GLY A 952 -27.21 31.07 -13.74
CA GLY A 952 -28.03 29.89 -13.72
C GLY A 952 -28.58 29.65 -12.31
N ASP A 953 -27.95 30.28 -11.33
CA ASP A 953 -28.38 30.16 -9.94
C ASP A 953 -29.86 30.53 -9.89
N HIS A 954 -30.69 29.56 -9.54
CA HIS A 954 -32.12 29.79 -9.48
C HIS A 954 -32.69 30.14 -8.10
N ASN A 955 -31.83 30.43 -7.13
CA ASN A 955 -32.30 30.78 -5.80
C ASN A 955 -32.23 32.25 -5.53
N TRP A 956 -33.38 32.85 -5.27
CA TRP A 956 -33.45 34.28 -5.02
C TRP A 956 -34.52 34.72 -4.01
N PRO A 957 -34.29 35.87 -3.38
CA PRO A 957 -35.22 36.43 -2.40
C PRO A 957 -36.47 36.92 -3.13
N LEU A 958 -37.63 36.37 -2.78
CA LEU A 958 -38.87 36.78 -3.44
C LEU A 958 -40.10 36.78 -2.53
N PRO A 959 -40.84 37.92 -2.47
CA PRO A 959 -42.03 38.01 -1.61
C PRO A 959 -43.03 36.88 -1.83
N VAL A 960 -43.87 36.62 -0.84
CA VAL A 960 -44.86 35.54 -0.91
C VAL A 960 -44.22 34.17 -1.09
N ASN A 961 -44.12 33.40 0.00
CA ASN A 961 -43.55 32.07 -0.08
C ASN A 961 -44.61 31.10 -0.60
N LEU A 962 -44.54 30.79 -1.90
CA LEU A 962 -45.49 29.89 -2.54
C LEU A 962 -45.32 28.42 -2.21
N ARG A 963 -44.09 28.01 -1.93
CA ARG A 963 -43.86 26.61 -1.58
C ARG A 963 -44.70 26.22 -0.37
N ARG A 964 -44.74 27.09 0.66
CA ARG A 964 -45.52 26.82 1.87
C ARG A 964 -47.00 27.05 1.64
N ILE A 965 -47.32 28.22 1.09
CA ILE A 965 -48.70 28.61 0.84
C ILE A 965 -49.50 27.45 0.25
N ILE A 966 -48.85 26.62 -0.56
CA ILE A 966 -49.53 25.46 -1.15
C ILE A 966 -49.55 24.32 -0.16
N GLN A 967 -48.47 24.18 0.61
CA GLN A 967 -48.39 23.12 1.61
C GLN A 967 -49.47 23.28 2.66
N ASN A 968 -50.03 24.49 2.75
CA ASN A 968 -51.09 24.78 3.69
C ASN A 968 -52.39 24.22 3.12
N ALA A 969 -52.57 24.39 1.81
CA ALA A 969 -53.76 23.85 1.17
C ALA A 969 -53.68 22.34 1.41
N GLN A 970 -52.50 21.79 1.12
CA GLN A 970 -52.19 20.37 1.27
C GLN A 970 -53.00 19.66 2.34
N GLN A 971 -52.96 20.17 3.55
CA GLN A 971 -53.68 19.52 4.62
C GLN A 971 -54.91 20.25 5.13
N ILE A 972 -55.20 21.43 4.59
CA ILE A 972 -56.38 22.16 5.04
C ILE A 972 -57.62 21.47 4.50
N PHE A 973 -57.48 20.83 3.34
CA PHE A 973 -58.59 20.13 2.68
C PHE A 973 -58.33 18.64 2.52
N HIS A 974 -57.17 18.19 2.98
CA HIS A 974 -56.78 16.78 2.90
C HIS A 974 -57.00 16.21 1.50
N LEU A 975 -55.93 16.24 0.72
CA LEU A 975 -55.98 15.77 -0.65
C LEU A 975 -55.28 14.43 -0.84
N ASP A 976 -55.95 13.52 -1.53
CA ASP A 976 -55.43 12.18 -1.80
C ASP A 976 -54.68 12.07 -3.12
N ARG A 977 -53.53 11.39 -3.10
CA ARG A 977 -52.73 11.20 -4.30
C ARG A 977 -53.41 10.14 -5.18
N ALA A 978 -54.75 10.10 -5.15
CA ALA A 978 -55.48 9.10 -5.94
C ALA A 978 -56.64 9.63 -6.81
N LYS A 979 -57.76 9.96 -6.19
CA LYS A 979 -58.94 10.45 -6.91
C LYS A 979 -58.74 11.85 -7.45
N ALA A 980 -59.03 12.05 -8.75
CA ALA A 980 -58.94 13.27 -9.57
C ALA A 980 -59.49 14.60 -9.08
N SER A 981 -58.92 15.67 -9.63
CA SER A 981 -59.30 17.04 -9.31
C SER A 981 -60.64 17.38 -9.95
N ASP A 982 -60.86 18.68 -10.20
CA ASP A 982 -62.08 19.16 -10.81
C ASP A 982 -61.90 20.60 -11.29
N LEU A 983 -60.99 20.78 -12.24
CA LEU A 983 -60.75 22.10 -12.76
C LEU A 983 -60.81 22.06 -14.28
N THR A 984 -61.39 23.09 -14.90
CA THR A 984 -61.44 23.16 -16.35
C THR A 984 -60.00 23.55 -16.64
N ILE A 985 -59.52 23.26 -17.84
CA ILE A 985 -58.17 23.67 -18.13
C ILE A 985 -58.22 25.20 -18.08
N PRO A 986 -59.40 25.75 -18.35
CA PRO A 986 -59.60 27.20 -18.31
C PRO A 986 -59.53 27.62 -16.85
N GLU A 987 -60.08 26.77 -15.97
CA GLU A 987 -60.08 27.01 -14.53
C GLU A 987 -58.67 27.42 -14.13
N ILE A 988 -57.73 26.50 -14.28
CA ILE A 988 -56.34 26.75 -13.94
C ILE A 988 -55.72 27.92 -14.72
N ILE A 989 -55.35 27.68 -15.96
CA ILE A 989 -54.73 28.69 -16.82
C ILE A 989 -55.36 30.08 -16.65
N HIS A 990 -56.65 30.19 -16.94
CA HIS A 990 -57.36 31.45 -16.86
C HIS A 990 -57.25 32.06 -15.46
N GLY A 991 -57.38 31.22 -14.43
CA GLY A 991 -57.30 31.68 -13.05
C GLY A 991 -55.99 32.33 -12.62
N VAL A 992 -54.86 31.81 -13.13
CA VAL A 992 -53.57 32.36 -12.78
C VAL A 992 -53.33 33.70 -13.48
N ARG A 993 -54.10 33.97 -14.54
CA ARG A 993 -53.96 35.22 -15.27
C ARG A 993 -54.71 36.29 -14.47
N ASP A 994 -55.88 35.91 -13.96
CA ASP A 994 -56.69 36.85 -13.18
C ASP A 994 -55.93 37.24 -11.91
N LEU A 995 -55.08 36.34 -11.44
CA LEU A 995 -54.30 36.66 -10.25
C LEU A 995 -53.33 37.78 -10.58
N CYS A 996 -52.42 37.52 -11.52
CA CYS A 996 -51.42 38.50 -11.91
C CYS A 996 -52.02 39.89 -11.94
N LYS A 997 -53.27 39.99 -12.33
CA LYS A 997 -53.95 41.28 -12.42
C LYS A 997 -54.12 42.03 -11.10
N LYS A 998 -54.19 41.30 -9.99
CA LYS A 998 -54.38 41.92 -8.68
C LYS A 998 -53.11 42.11 -7.84
N LEU A 999 -51.97 41.62 -8.32
CA LEU A 999 -50.71 41.76 -7.59
C LEU A 999 -50.14 43.15 -7.83
N PHE A 1000 -50.93 44.15 -7.47
CA PHE A 1000 -50.59 45.55 -7.67
C PHE A 1000 -49.63 46.18 -6.68
N VAL A 1001 -48.61 46.84 -7.21
CA VAL A 1001 -47.63 47.52 -6.38
C VAL A 1001 -47.89 49.02 -6.52
N LEU A 1002 -47.69 49.56 -7.71
CA LEU A 1002 -47.97 50.97 -7.95
C LEU A 1002 -49.43 51.06 -8.36
N ARG A 1003 -50.09 52.20 -8.19
CA ARG A 1003 -51.50 52.23 -8.57
C ARG A 1003 -51.98 53.17 -9.66
N GLY A 1004 -51.20 54.22 -9.95
CA GLY A 1004 -51.56 55.18 -10.99
C GLY A 1004 -52.56 54.81 -12.12
N GLU A 1005 -53.33 55.81 -12.53
CA GLU A 1005 -54.36 55.68 -13.58
C GLU A 1005 -53.79 55.54 -14.99
N ASN A 1006 -52.83 56.41 -15.33
CA ASN A 1006 -52.19 56.44 -16.66
C ASN A 1006 -51.38 55.22 -17.09
N GLU A 1007 -50.57 55.39 -18.14
CA GLU A 1007 -49.74 54.31 -18.68
C GLU A 1007 -48.31 54.20 -18.10
N LEU A 1008 -47.51 55.26 -18.19
CA LEU A 1008 -46.15 55.20 -17.66
C LEU A 1008 -46.14 54.43 -16.35
N ILE A 1009 -47.16 54.70 -15.54
CA ILE A 1009 -47.32 54.05 -14.26
C ILE A 1009 -47.66 52.59 -14.51
N LYS A 1010 -48.78 52.37 -15.21
CA LYS A 1010 -49.24 51.02 -15.54
C LYS A 1010 -48.12 50.17 -16.14
N GLU A 1011 -47.13 50.83 -16.72
CA GLU A 1011 -45.99 50.12 -17.29
C GLU A 1011 -45.14 49.71 -16.10
N ALA A 1012 -44.78 50.68 -15.26
CA ALA A 1012 -43.98 50.42 -14.07
C ALA A 1012 -44.56 49.22 -13.34
N GLN A 1013 -45.88 49.17 -13.32
CA GLN A 1013 -46.57 48.08 -12.67
C GLN A 1013 -45.97 46.78 -13.20
N GLN A 1014 -46.28 46.45 -14.46
CA GLN A 1014 -45.77 45.24 -15.08
C GLN A 1014 -44.28 45.09 -14.84
N ASN A 1015 -43.53 46.15 -15.11
CA ASN A 1015 -42.08 46.15 -14.92
C ASN A 1015 -41.77 45.58 -13.56
N ALA A 1016 -41.79 46.45 -12.56
CA ALA A 1016 -41.48 46.04 -11.21
C ALA A 1016 -42.48 45.00 -10.67
N THR A 1017 -42.45 43.81 -11.24
CA THR A 1017 -43.31 42.71 -10.80
C THR A 1017 -42.80 41.43 -11.45
N SER A 1018 -42.82 41.45 -12.78
CA SER A 1018 -42.35 40.37 -13.65
C SER A 1018 -41.74 39.16 -12.95
N LEU A 1019 -40.51 39.37 -12.48
CA LEU A 1019 -39.78 38.31 -11.81
C LEU A 1019 -40.71 37.47 -10.96
N PHE A 1020 -41.59 38.13 -10.20
CA PHE A 1020 -42.50 37.38 -9.37
C PHE A 1020 -43.37 36.49 -10.24
N GLN A 1021 -44.14 37.13 -11.12
CA GLN A 1021 -45.03 36.41 -12.00
C GLN A 1021 -44.45 35.12 -12.54
N CYS A 1022 -43.17 35.11 -12.89
CA CYS A 1022 -42.52 33.92 -13.43
C CYS A 1022 -42.45 32.82 -12.39
N LEU A 1023 -42.14 33.23 -11.17
CA LEU A 1023 -42.08 32.29 -10.07
C LEU A 1023 -43.50 31.74 -9.96
N VAL A 1024 -44.47 32.65 -10.06
CA VAL A 1024 -45.90 32.32 -9.99
C VAL A 1024 -46.31 31.27 -11.03
N ARG A 1025 -45.99 31.52 -12.28
CA ARG A 1025 -46.33 30.57 -13.33
C ARG A 1025 -45.66 29.23 -13.04
N ALA A 1026 -44.36 29.29 -12.78
CA ALA A 1026 -43.58 28.10 -12.47
C ALA A 1026 -44.30 27.09 -11.53
N ARG A 1027 -45.06 27.58 -10.55
CA ARG A 1027 -45.74 26.69 -9.61
C ARG A 1027 -47.22 26.59 -9.88
N LEU A 1028 -47.69 27.23 -10.94
CA LEU A 1028 -49.12 27.18 -11.26
C LEU A 1028 -49.39 26.79 -12.72
N ALA A 1029 -48.49 25.96 -13.24
CA ALA A 1029 -48.59 25.44 -14.58
C ALA A 1029 -49.58 24.32 -14.39
N THR A 1030 -50.45 24.14 -15.35
CA THR A 1030 -51.44 23.11 -15.24
C THR A 1030 -50.83 21.78 -14.84
N ARG A 1031 -49.82 21.32 -15.56
CA ARG A 1031 -49.19 20.04 -15.24
C ARG A 1031 -48.82 19.78 -13.78
N ARG A 1032 -48.17 20.76 -13.15
CA ARG A 1032 -47.75 20.64 -11.76
C ARG A 1032 -48.94 20.71 -10.83
N ILE A 1033 -49.77 21.73 -11.04
CA ILE A 1033 -50.96 21.97 -10.22
C ILE A 1033 -51.90 20.76 -10.13
N LEU A 1034 -51.80 19.84 -11.09
CA LEU A 1034 -52.68 18.68 -11.09
C LEU A 1034 -51.97 17.36 -10.83
N GLU A 1035 -50.81 17.19 -11.45
CA GLU A 1035 -50.05 15.96 -11.33
C GLU A 1035 -49.16 15.94 -10.10
N GLU A 1036 -48.62 17.11 -9.73
CA GLU A 1036 -47.77 17.19 -8.56
C GLU A 1036 -48.58 17.42 -7.28
N PHE A 1037 -49.22 18.58 -7.15
CA PHE A 1037 -50.03 18.82 -5.96
C PHE A 1037 -51.51 18.84 -6.27
N ARG A 1038 -52.08 17.66 -6.43
CA ARG A 1038 -53.49 17.48 -6.75
C ARG A 1038 -54.37 18.51 -6.07
N LEU A 1039 -54.47 19.72 -6.62
CA LEU A 1039 -55.32 20.74 -5.98
C LEU A 1039 -56.76 20.58 -6.44
N ASN A 1040 -57.70 20.64 -5.51
CA ASN A 1040 -59.10 20.53 -5.91
C ASN A 1040 -59.46 21.89 -6.48
N ARG A 1041 -60.71 22.06 -6.89
CA ARG A 1041 -61.15 23.33 -7.43
C ARG A 1041 -61.09 24.32 -6.28
N ASP A 1042 -61.53 23.83 -5.13
CA ASP A 1042 -61.56 24.61 -3.89
C ASP A 1042 -60.16 25.10 -3.55
N ALA A 1043 -59.24 24.16 -3.29
CA ALA A 1043 -57.86 24.49 -2.94
C ALA A 1043 -57.34 25.64 -3.79
N PHE A 1044 -57.30 25.43 -5.10
CA PHE A 1044 -56.84 26.43 -6.04
C PHE A 1044 -57.36 27.84 -5.77
N GLU A 1045 -58.68 27.99 -5.62
CA GLU A 1045 -59.29 29.29 -5.36
C GLU A 1045 -58.80 29.92 -4.07
N TRP A 1046 -58.26 29.08 -3.20
CA TRP A 1046 -57.73 29.47 -1.89
C TRP A 1046 -56.26 29.90 -2.06
N VAL A 1047 -55.43 29.01 -2.60
CA VAL A 1047 -54.03 29.32 -2.81
C VAL A 1047 -53.97 30.66 -3.53
N LEU A 1048 -54.68 30.76 -4.63
CA LEU A 1048 -54.72 31.98 -5.41
C LEU A 1048 -55.01 33.16 -4.51
N GLY A 1049 -56.21 33.18 -3.93
CA GLY A 1049 -56.65 34.25 -3.05
C GLY A 1049 -55.62 34.67 -2.01
N THR A 1050 -54.86 33.69 -1.52
CA THR A 1050 -53.82 33.95 -0.52
C THR A 1050 -52.58 34.57 -1.15
N ILE A 1051 -52.08 33.98 -2.23
CA ILE A 1051 -50.92 34.56 -2.90
C ILE A 1051 -51.22 36.05 -3.01
N GLU A 1052 -52.39 36.38 -3.53
CA GLU A 1052 -52.81 37.76 -3.70
C GLU A 1052 -52.74 38.57 -2.41
N ALA A 1053 -53.42 38.08 -1.37
CA ALA A 1053 -53.45 38.76 -0.09
C ALA A 1053 -52.04 38.95 0.49
N GLN A 1054 -51.35 37.82 0.66
CA GLN A 1054 -50.00 37.81 1.20
C GLN A 1054 -49.20 38.92 0.54
N PHE A 1055 -49.07 38.83 -0.78
CA PHE A 1055 -48.36 39.81 -1.58
C PHE A 1055 -48.61 41.25 -1.12
N GLN A 1056 -49.87 41.67 -1.19
CA GLN A 1056 -50.27 43.01 -0.79
C GLN A 1056 -49.72 43.49 0.57
N ARG A 1057 -49.43 42.55 1.47
CA ARG A 1057 -48.88 42.86 2.80
C ARG A 1057 -47.39 42.99 2.68
N SER A 1058 -46.83 42.23 1.74
CA SER A 1058 -45.39 42.19 1.49
C SER A 1058 -44.87 43.44 0.80
N LEU A 1059 -45.74 44.37 0.45
CA LEU A 1059 -45.32 45.61 -0.20
C LEU A 1059 -44.76 46.59 0.85
N VAL A 1060 -43.85 47.47 0.42
CA VAL A 1060 -43.26 48.47 1.33
C VAL A 1060 -44.31 49.52 1.71
N HIS A 1061 -44.19 50.08 2.92
CA HIS A 1061 -45.11 51.08 3.44
C HIS A 1061 -44.61 52.52 3.25
N PRO A 1062 -45.41 53.43 2.66
CA PRO A 1062 -44.85 54.78 2.53
C PRO A 1062 -44.72 55.30 3.93
N GLY A 1063 -43.52 55.76 4.23
CA GLY A 1063 -43.17 56.27 5.55
C GLY A 1063 -41.81 55.68 5.86
N GLU A 1064 -41.71 54.37 5.64
CA GLU A 1064 -40.48 53.61 5.86
C GLU A 1064 -39.26 54.46 5.64
N MET A 1065 -38.59 54.82 6.73
CA MET A 1065 -37.37 55.61 6.65
C MET A 1065 -36.26 54.72 6.10
N VAL A 1066 -36.37 54.45 4.81
CA VAL A 1066 -35.47 53.60 4.07
C VAL A 1066 -33.96 53.84 4.12
N GLY A 1067 -33.53 55.09 3.97
CA GLY A 1067 -32.10 55.41 3.98
C GLY A 1067 -31.30 55.03 5.21
N VAL A 1068 -31.74 55.51 6.36
CA VAL A 1068 -31.12 55.22 7.64
C VAL A 1068 -31.03 53.70 7.77
N ILE A 1069 -32.06 53.03 7.24
CA ILE A 1069 -32.16 51.58 7.28
C ILE A 1069 -31.02 50.98 6.50
N ALA A 1070 -31.05 51.14 5.19
CA ALA A 1070 -29.98 50.58 4.37
C ALA A 1070 -28.60 51.06 4.85
N ALA A 1071 -28.53 52.30 5.33
CA ALA A 1071 -27.29 52.88 5.84
C ALA A 1071 -26.67 51.97 6.91
N GLN A 1072 -27.50 51.63 7.88
CA GLN A 1072 -27.08 50.77 8.96
C GLN A 1072 -26.93 49.36 8.41
N SER A 1073 -28.00 48.84 7.84
CA SER A 1073 -27.98 47.51 7.27
C SER A 1073 -26.63 47.20 6.62
N ILE A 1074 -25.99 48.24 6.07
CA ILE A 1074 -24.70 48.07 5.43
C ILE A 1074 -23.52 48.20 6.40
N GLY A 1075 -23.51 49.29 7.16
CA GLY A 1075 -22.42 49.53 8.11
C GLY A 1075 -22.31 48.53 9.25
N GLU A 1076 -23.45 47.98 9.66
CA GLU A 1076 -23.53 46.99 10.74
C GLU A 1076 -22.62 45.79 10.45
N PRO A 1077 -22.89 45.07 9.34
CA PRO A 1077 -22.09 43.90 8.98
C PRO A 1077 -20.67 44.30 8.61
N ALA A 1078 -20.26 45.48 9.06
CA ALA A 1078 -18.92 45.97 8.78
C ALA A 1078 -18.19 46.09 10.11
N THR A 1079 -18.96 46.39 11.15
CA THR A 1079 -18.40 46.51 12.48
C THR A 1079 -17.93 45.11 12.84
N GLN A 1080 -18.47 44.12 12.14
CA GLN A 1080 -18.09 42.75 12.42
C GLN A 1080 -16.99 42.19 11.55
N MET A 1081 -16.17 43.07 10.97
CA MET A 1081 -15.06 42.63 10.13
C MET A 1081 -13.72 43.03 10.75
N THR A 1082 -12.63 42.54 10.19
CA THR A 1082 -11.28 42.85 10.71
C THR A 1082 -10.58 43.92 9.86
N LEU A 1083 -9.81 44.81 10.49
CA LEU A 1083 -9.10 45.84 9.73
C LEU A 1083 -8.10 45.17 8.79
N ASN A 1084 -7.70 43.95 9.12
CA ASN A 1084 -6.74 43.19 8.30
C ASN A 1084 -7.23 42.91 6.88
N THR A 1085 -6.29 42.86 5.94
CA THR A 1085 -6.58 42.56 4.53
C THR A 1085 -5.84 41.26 4.20
N PHE A 1086 -5.57 40.47 5.23
CA PHE A 1086 -4.87 39.18 5.08
C PHE A 1086 -5.89 38.05 4.96
N HIS A 1087 -5.38 36.82 5.09
CA HIS A 1087 -6.18 35.61 5.04
C HIS A 1087 -7.38 35.71 4.08
N VAL A 1096 -5.92 40.65 -2.92
CA VAL A 1096 -6.43 41.98 -3.27
C VAL A 1096 -7.03 42.74 -2.07
N THR A 1097 -6.78 44.04 -1.99
CA THR A 1097 -7.28 44.87 -0.89
C THR A 1097 -8.77 44.69 -0.72
N LEU A 1098 -9.19 44.06 0.38
CA LEU A 1098 -10.60 43.82 0.65
C LEU A 1098 -11.05 44.23 2.06
N GLY A 1099 -12.20 43.70 2.49
CA GLY A 1099 -12.72 44.00 3.82
C GLY A 1099 -12.74 45.47 4.22
N VAL A 1100 -12.70 45.69 5.53
CA VAL A 1100 -12.74 47.03 6.14
C VAL A 1100 -12.09 48.18 5.37
N PRO A 1101 -10.76 48.11 5.15
CA PRO A 1101 -10.06 49.19 4.43
C PRO A 1101 -10.60 49.40 3.01
N ARG A 1102 -11.06 48.33 2.38
CA ARG A 1102 -11.59 48.40 1.02
C ARG A 1102 -12.85 49.25 0.98
N LEU A 1103 -13.81 48.91 1.83
CA LEU A 1103 -15.07 49.63 1.89
C LEU A 1103 -14.73 51.09 2.00
N LYS A 1104 -13.77 51.36 2.89
CA LYS A 1104 -13.26 52.69 3.15
C LYS A 1104 -12.88 53.22 1.77
N GLU A 1105 -11.84 52.60 1.21
CA GLU A 1105 -11.34 52.94 -0.10
C GLU A 1105 -12.47 53.39 -1.03
N ILE A 1106 -13.50 52.55 -1.13
CA ILE A 1106 -14.67 52.81 -1.97
C ILE A 1106 -15.49 54.03 -1.59
N LEU A 1107 -16.00 54.06 -0.36
CA LEU A 1107 -16.82 55.17 0.07
C LEU A 1107 -16.12 56.49 -0.16
N ASN A 1108 -14.79 56.44 -0.23
CA ASN A 1108 -14.01 57.66 -0.45
C ASN A 1108 -13.93 57.97 -1.95
N VAL A 1109 -14.27 57.00 -2.80
CA VAL A 1109 -14.16 57.17 -4.26
C VAL A 1109 -12.70 57.58 -4.46
N ALA A 1110 -11.83 56.65 -4.09
CA ALA A 1110 -10.39 56.82 -4.16
C ALA A 1110 -9.86 56.85 -5.58
N LYS A 1111 -8.92 57.76 -5.85
CA LYS A 1111 -8.37 57.84 -7.20
C LYS A 1111 -7.16 56.91 -7.40
N ASN A 1112 -6.66 56.32 -6.33
CA ASN A 1112 -5.52 55.41 -6.46
C ASN A 1112 -5.59 54.27 -5.44
N ILE A 1113 -6.42 53.28 -5.72
CA ILE A 1113 -6.56 52.16 -4.81
C ILE A 1113 -5.25 51.42 -4.71
N LYS A 1114 -5.07 50.69 -3.61
CA LYS A 1114 -3.84 49.93 -3.43
C LYS A 1114 -3.73 48.88 -4.51
N THR A 1115 -4.76 48.04 -4.66
CA THR A 1115 -4.74 47.01 -5.68
C THR A 1115 -5.62 47.43 -6.83
N PRO A 1116 -5.04 47.96 -7.90
CA PRO A 1116 -5.99 48.31 -8.96
C PRO A 1116 -6.42 47.04 -9.71
N ALA A 1117 -5.48 46.33 -10.35
CA ALA A 1117 -5.79 45.07 -11.07
C ALA A 1117 -7.01 45.09 -12.02
N LEU A 1118 -7.06 44.19 -12.98
CA LEU A 1118 -8.18 44.16 -13.91
C LEU A 1118 -8.30 42.83 -14.66
N THR A 1119 -9.50 42.24 -14.61
CA THR A 1119 -9.79 40.95 -15.24
C THR A 1119 -10.39 41.05 -16.65
N VAL A 1120 -9.75 40.38 -17.61
CA VAL A 1120 -10.19 40.35 -19.00
C VAL A 1120 -10.41 38.91 -19.44
N TYR A 1121 -11.55 38.67 -20.08
CA TYR A 1121 -11.88 37.33 -20.56
C TYR A 1121 -11.58 37.25 -22.06
N LEU A 1122 -11.22 36.04 -22.50
CA LEU A 1122 -10.89 35.78 -23.90
C LEU A 1122 -12.06 36.21 -24.77
N ASP A 1123 -11.97 35.94 -26.07
CA ASP A 1123 -13.07 36.30 -26.98
C ASP A 1123 -13.97 35.06 -27.09
N ARG A 1124 -15.25 35.25 -27.48
CA ARG A 1124 -16.17 34.11 -27.61
C ARG A 1124 -15.52 32.75 -27.81
N GLU A 1125 -15.05 32.47 -29.03
CA GLU A 1125 -14.42 31.19 -29.31
C GLU A 1125 -13.39 30.69 -28.31
N ILE A 1126 -12.13 30.70 -28.74
CA ILE A 1126 -10.99 30.26 -27.94
C ILE A 1126 -11.26 30.45 -26.44
N ALA A 1127 -11.60 29.36 -25.74
CA ALA A 1127 -11.89 29.44 -24.33
C ALA A 1127 -10.87 28.69 -23.48
N LEU A 1128 -10.80 27.37 -23.65
CA LEU A 1128 -9.86 26.54 -22.89
C LEU A 1128 -8.57 26.36 -23.68
N ASP A 1129 -8.24 27.39 -24.46
CA ASP A 1129 -7.06 27.42 -25.30
C ASP A 1129 -5.83 27.88 -24.49
N ILE A 1130 -5.20 26.96 -23.76
CA ILE A 1130 -4.03 27.25 -22.92
C ILE A 1130 -3.02 28.23 -23.53
N GLU A 1131 -2.51 27.86 -24.70
CA GLU A 1131 -1.52 28.67 -25.41
C GLU A 1131 -2.11 30.00 -25.90
N LYS A 1132 -3.44 30.04 -26.10
CA LYS A 1132 -4.10 31.26 -26.54
C LYS A 1132 -4.03 32.27 -25.41
N ALA A 1133 -4.05 31.76 -24.18
CA ALA A 1133 -3.97 32.59 -22.98
C ALA A 1133 -2.65 33.35 -23.04
N LYS A 1134 -1.55 32.59 -23.06
CA LYS A 1134 -0.22 33.17 -23.13
C LYS A 1134 -0.16 34.19 -24.28
N VAL A 1135 -0.57 33.75 -25.47
CA VAL A 1135 -0.54 34.58 -26.68
C VAL A 1135 -1.12 35.98 -26.50
N ILE A 1136 -1.90 36.16 -25.44
CA ILE A 1136 -2.50 37.46 -25.17
C ILE A 1136 -1.72 38.11 -24.03
N GLN A 1137 -1.35 37.30 -23.05
CA GLN A 1137 -0.58 37.77 -21.91
C GLN A 1137 0.55 38.67 -22.38
N SER A 1138 1.45 38.08 -23.17
CA SER A 1138 2.61 38.77 -23.71
C SER A 1138 2.28 39.87 -24.73
N SER A 1139 1.00 40.10 -24.98
CA SER A 1139 0.59 41.14 -25.90
C SER A 1139 0.03 42.28 -25.07
N ILE A 1140 -0.02 42.08 -23.76
CA ILE A 1140 -0.54 43.07 -22.80
C ILE A 1140 0.44 43.47 -21.68
N TYR A 1142 4.15 43.96 -19.25
CA TYR A 1142 5.19 44.98 -19.50
C TYR A 1142 6.62 44.58 -19.12
N THR A 1143 7.42 44.30 -20.15
CA THR A 1143 8.82 43.90 -20.02
C THR A 1143 9.73 45.01 -20.56
N THR A 1144 10.69 45.45 -19.75
CA THR A 1144 11.62 46.50 -20.14
C THR A 1144 13.07 46.02 -20.18
N LEU A 1145 13.85 46.65 -21.05
CA LEU A 1145 15.25 46.32 -21.22
C LEU A 1145 15.93 46.23 -19.86
N LYS A 1146 15.47 47.07 -18.94
CA LYS A 1146 16.03 47.12 -17.60
C LYS A 1146 15.90 45.80 -16.85
N ASN A 1147 14.91 44.99 -17.20
CA ASN A 1147 14.69 43.73 -16.51
C ASN A 1147 15.42 42.51 -17.06
N VAL A 1148 16.22 42.71 -18.09
CA VAL A 1148 16.97 41.59 -18.69
C VAL A 1148 18.49 41.87 -18.77
N THR A 1149 18.89 43.08 -18.37
CA THR A 1149 20.28 43.52 -18.40
C THR A 1149 21.05 43.27 -17.10
N SER A 1150 22.04 42.38 -17.14
CA SER A 1150 22.83 42.06 -15.93
C SER A 1150 23.82 43.18 -15.60
N ALA A 1151 24.30 43.87 -16.63
CA ALA A 1151 25.24 44.97 -16.47
C ALA A 1151 25.44 45.74 -17.77
N THR A 1152 25.94 46.95 -17.65
CA THR A 1152 26.21 47.79 -18.81
C THR A 1152 27.52 48.53 -18.55
N GLU A 1153 28.37 48.60 -19.58
CA GLU A 1153 29.66 49.28 -19.48
C GLU A 1153 29.90 50.14 -20.71
N ILE A 1154 30.72 51.17 -20.55
CA ILE A 1154 31.04 52.04 -21.67
C ILE A 1154 32.56 52.13 -21.82
N TYR A 1155 33.07 51.33 -22.76
CA TYR A 1155 34.48 51.22 -23.07
C TYR A 1155 34.91 52.24 -24.12
N TYR A 1156 36.22 52.35 -24.30
CA TYR A 1156 36.78 53.24 -25.29
C TYR A 1156 37.29 52.42 -26.48
N ASP A 1157 36.52 52.35 -27.55
CA ASP A 1157 36.96 51.61 -28.73
C ASP A 1157 36.79 52.51 -29.92
N PRO A 1158 37.90 53.07 -30.42
CA PRO A 1158 37.93 53.98 -31.57
C PRO A 1158 37.97 53.35 -32.96
N ASP A 1159 38.12 52.03 -33.01
CA ASP A 1159 38.18 51.36 -34.30
C ASP A 1159 36.92 50.57 -34.66
N PRO A 1160 36.06 51.17 -35.51
CA PRO A 1160 34.81 50.53 -35.94
C PRO A 1160 34.98 49.33 -36.89
N THR A 1161 35.97 48.48 -36.59
CA THR A 1161 36.21 47.28 -37.39
C THR A 1161 36.98 46.20 -36.60
N SER A 1162 36.96 46.34 -35.27
CA SER A 1162 37.59 45.39 -34.33
C SER A 1162 37.48 45.96 -32.92
N THR A 1163 37.57 45.10 -31.90
CA THR A 1163 37.44 45.54 -30.51
C THR A 1163 38.68 45.39 -29.64
N VAL A 1164 38.65 46.05 -28.50
CA VAL A 1164 39.73 45.98 -27.52
C VAL A 1164 39.30 44.85 -26.59
N ILE A 1165 38.20 44.20 -26.94
CA ILE A 1165 37.62 43.11 -26.16
C ILE A 1165 37.74 41.75 -26.84
N GLU A 1166 38.09 40.70 -26.09
CA GLU A 1166 38.24 39.35 -26.63
C GLU A 1166 36.91 38.72 -27.07
N GLU A 1167 36.11 38.34 -26.07
CA GLU A 1167 34.80 37.70 -26.26
C GLU A 1167 33.83 38.50 -27.13
N ASP A 1168 34.36 39.35 -27.99
CA ASP A 1168 33.54 40.16 -28.86
C ASP A 1168 33.98 40.03 -30.31
N PHE A 1169 35.28 39.83 -30.51
CA PHE A 1169 35.85 39.70 -31.84
C PHE A 1169 34.88 39.11 -32.86
N ASP A 1170 34.64 37.81 -32.74
CA ASP A 1170 33.73 37.10 -33.63
C ASP A 1170 32.51 37.93 -33.99
N THR A 1171 31.85 38.43 -32.96
CA THR A 1171 30.63 39.21 -33.12
C THR A 1171 30.74 40.43 -34.04
N VAL A 1172 31.94 40.76 -34.48
CA VAL A 1172 32.10 41.90 -35.39
C VAL A 1172 32.17 41.37 -36.80
N GLU A 1173 33.17 40.52 -37.04
CA GLU A 1173 33.40 39.92 -38.35
C GLU A 1173 32.18 39.22 -38.93
N ALA A 1174 31.46 38.51 -38.07
CA ALA A 1174 30.26 37.80 -38.50
C ALA A 1174 29.08 38.76 -38.65
N TYR A 1175 29.35 40.05 -38.77
CA TYR A 1175 28.29 41.04 -38.92
C TYR A 1175 28.66 42.13 -39.95
N PHE A 1176 29.20 41.68 -41.08
CA PHE A 1176 29.58 42.58 -42.17
C PHE A 1176 29.11 42.03 -43.52
N SER A 1177 28.41 40.90 -43.49
CA SER A 1177 27.88 40.25 -44.70
C SER A 1177 26.49 39.63 -44.45
N ILE A 1178 25.83 39.16 -45.51
CA ILE A 1178 24.48 38.56 -45.42
C ILE A 1178 24.19 37.90 -44.07
N GLN A 1190 30.89 57.20 -37.31
CA GLN A 1190 30.39 56.94 -35.94
C GLN A 1190 31.27 57.59 -34.87
N SER A 1191 30.92 57.34 -33.60
CA SER A 1191 31.69 57.87 -32.48
C SER A 1191 32.63 56.75 -32.01
N PRO A 1192 33.81 57.11 -31.50
CA PRO A 1192 34.78 56.12 -31.01
C PRO A 1192 34.40 55.59 -29.62
N TRP A 1193 33.33 56.16 -29.08
CA TRP A 1193 32.84 55.79 -27.77
C TRP A 1193 31.87 54.63 -27.80
N LEU A 1194 32.17 53.60 -27.00
CA LEU A 1194 31.37 52.38 -26.93
C LEU A 1194 30.42 52.25 -25.73
N LEU A 1195 29.42 51.39 -25.88
CA LEU A 1195 28.44 51.09 -24.83
C LEU A 1195 27.99 49.64 -24.99
N ARG A 1196 28.40 48.81 -24.04
CA ARG A 1196 28.09 47.39 -24.08
C ARG A 1196 27.08 46.98 -23.02
N LEU A 1197 26.20 46.04 -23.35
CA LEU A 1197 25.19 45.56 -22.42
C LEU A 1197 25.29 44.05 -22.33
N GLU A 1198 25.29 43.52 -21.12
CA GLU A 1198 25.39 42.07 -20.91
C GLU A 1198 24.06 41.58 -20.35
N LEU A 1199 23.21 41.06 -21.22
CA LEU A 1199 21.88 40.58 -20.83
C LEU A 1199 21.94 39.19 -20.17
N ASP A 1200 20.90 38.86 -19.41
CA ASP A 1200 20.82 37.58 -18.70
C ASP A 1200 20.21 36.47 -19.53
N ARG A 1201 20.78 35.27 -19.42
CA ARG A 1201 20.30 34.09 -20.15
C ARG A 1201 18.95 33.61 -19.57
N ALA A 1202 18.97 33.19 -18.30
CA ALA A 1202 17.78 32.71 -17.63
C ALA A 1202 16.64 33.74 -17.69
N ARG A 1203 17.01 35.01 -17.80
CA ARG A 1203 16.05 36.11 -17.88
C ARG A 1203 15.43 36.25 -19.27
N MET A 1204 16.08 35.64 -20.26
CA MET A 1204 15.57 35.71 -21.62
C MET A 1204 14.63 34.53 -21.91
N LEU A 1205 14.58 33.59 -20.98
CA LEU A 1205 13.71 32.43 -21.12
C LEU A 1205 12.42 32.65 -20.32
N ASP A 1206 12.54 33.43 -19.24
CA ASP A 1206 11.38 33.74 -18.42
C ASP A 1206 10.40 34.60 -19.23
N LYS A 1207 10.67 35.90 -19.32
CA LYS A 1207 9.80 36.81 -20.07
C LYS A 1207 9.89 36.50 -21.56
N GLN A 1208 10.73 35.53 -21.88
CA GLN A 1208 10.96 35.08 -23.25
C GLN A 1208 11.28 36.26 -24.15
N LEU A 1209 12.47 36.24 -24.75
CA LEU A 1209 12.89 37.32 -25.64
C LEU A 1209 13.92 36.85 -26.67
N THR A 1210 14.21 37.71 -27.65
CA THR A 1210 15.17 37.37 -28.69
C THR A 1210 16.11 38.51 -29.00
N MET A 1211 17.38 38.20 -29.20
CA MET A 1211 18.36 39.21 -29.53
C MET A 1211 17.84 39.97 -30.74
N ASN A 1212 17.38 39.22 -31.74
CA ASN A 1212 16.84 39.83 -32.94
C ASN A 1212 15.80 40.86 -32.58
N GLN A 1213 14.83 40.46 -31.76
CA GLN A 1213 13.77 41.37 -31.32
C GLN A 1213 14.37 42.48 -30.49
N VAL A 1214 14.82 42.13 -29.29
CA VAL A 1214 15.44 43.07 -28.36
C VAL A 1214 16.07 44.23 -29.13
N ALA A 1215 17.14 43.94 -29.85
CA ALA A 1215 17.81 44.96 -30.62
C ALA A 1215 16.87 45.64 -31.59
N ASP A 1216 16.19 44.85 -32.43
CA ASP A 1216 15.26 45.39 -33.40
C ASP A 1216 14.55 46.56 -32.76
N LYS A 1217 14.02 46.32 -31.57
CA LYS A 1217 13.33 47.36 -30.86
C LYS A 1217 14.28 48.53 -30.64
N ILE A 1218 15.35 48.29 -29.87
CA ILE A 1218 16.34 49.31 -29.59
C ILE A 1218 16.62 50.20 -30.79
N SER A 1219 17.04 49.55 -31.87
CA SER A 1219 17.39 50.22 -33.11
C SER A 1219 16.33 51.19 -33.57
N GLU A 1220 15.10 50.71 -33.69
CA GLU A 1220 14.00 51.56 -34.15
C GLU A 1220 13.56 52.58 -33.12
N VAL A 1221 14.12 52.49 -31.90
CA VAL A 1221 13.79 53.44 -30.85
C VAL A 1221 14.52 54.73 -31.16
N PHE A 1222 15.83 54.63 -31.40
CA PHE A 1222 16.65 55.79 -31.71
C PHE A 1222 16.65 56.02 -33.23
N SER A 1223 16.84 54.93 -33.99
CA SER A 1223 16.83 54.95 -35.45
C SER A 1223 18.14 55.27 -36.16
N ASP A 1224 18.10 56.23 -37.09
CA ASP A 1224 19.27 56.61 -37.88
C ASP A 1224 20.41 57.36 -37.19
N ASP A 1225 20.32 57.58 -35.88
CA ASP A 1225 21.39 58.25 -35.17
C ASP A 1225 21.91 57.42 -33.99
N LEU A 1226 22.14 56.15 -34.28
CA LEU A 1226 22.65 55.16 -33.33
C LEU A 1226 22.75 53.78 -33.98
N PHE A 1227 23.96 53.42 -34.38
CA PHE A 1227 24.22 52.14 -34.99
C PHE A 1227 24.38 51.11 -33.89
N VAL A 1228 23.64 50.01 -34.00
CA VAL A 1228 23.74 48.98 -32.98
C VAL A 1228 23.94 47.59 -33.56
N MET A 1229 24.60 46.73 -32.79
CA MET A 1229 24.90 45.36 -33.19
C MET A 1229 24.58 44.39 -32.05
N TRP A 1230 24.70 43.09 -32.32
CA TRP A 1230 24.45 42.08 -31.29
C TRP A 1230 24.81 40.67 -31.70
N SER A 1231 25.07 39.83 -30.69
CA SER A 1231 25.44 38.43 -30.90
C SER A 1231 24.21 37.59 -31.20
N GLU A 1232 24.38 36.28 -31.26
CA GLU A 1232 23.25 35.40 -31.53
C GLU A 1232 22.99 34.39 -30.43
N ASP A 1233 21.69 34.25 -30.11
CA ASP A 1233 21.16 33.37 -29.06
C ASP A 1233 21.94 32.09 -28.73
N ASN A 1234 22.80 31.65 -29.63
CA ASN A 1234 23.60 30.44 -29.44
C ASN A 1234 24.76 30.64 -28.44
N ALA A 1235 25.48 31.75 -28.59
CA ALA A 1235 26.64 32.08 -27.73
C ALA A 1235 26.49 31.81 -26.24
N ASP A 1236 27.61 31.94 -25.51
CA ASP A 1236 27.62 31.72 -24.07
C ASP A 1236 27.70 33.06 -23.33
N LYS A 1237 27.54 34.14 -24.09
CA LYS A 1237 27.55 35.50 -23.57
C LYS A 1237 26.81 36.41 -24.55
N LEU A 1238 25.62 36.88 -24.14
CA LEU A 1238 24.78 37.75 -24.95
C LEU A 1238 25.28 39.19 -24.84
N ILE A 1239 25.41 39.89 -25.95
CA ILE A 1239 25.91 41.26 -25.89
C ILE A 1239 25.31 42.19 -26.95
N ILE A 1240 25.40 43.49 -26.68
CA ILE A 1240 24.90 44.51 -27.60
C ILE A 1240 25.80 45.74 -27.57
N ARG A 1241 26.52 45.96 -28.66
CA ARG A 1241 27.43 47.10 -28.79
C ARG A 1241 26.72 48.21 -29.56
N CYS A 1242 27.26 49.44 -29.53
CA CYS A 1242 26.61 50.56 -30.22
C CYS A 1242 27.34 51.89 -30.06
N ARG A 1243 27.11 52.79 -31.01
CA ARG A 1243 27.74 54.11 -30.99
C ARG A 1243 26.79 55.19 -31.51
N VAL A 1244 27.11 56.46 -31.26
CA VAL A 1244 26.25 57.57 -31.69
C VAL A 1244 26.53 57.97 -33.14
N ILE A 1245 26.06 59.15 -33.52
CA ILE A 1245 26.26 59.65 -34.87
C ILE A 1245 25.75 61.08 -35.02
N ALA A 1257 32.32 67.65 -29.08
CA ALA A 1257 31.59 68.61 -28.26
C ALA A 1257 31.24 68.03 -26.89
N GLU A 1258 31.88 66.90 -26.55
CA GLU A 1258 31.70 66.16 -25.28
C GLU A 1258 30.70 65.00 -25.36
N GLU A 1259 31.17 63.84 -25.84
CA GLU A 1259 30.31 62.66 -25.99
C GLU A 1259 30.09 61.80 -24.74
N ASP A 1260 31.05 61.81 -23.81
CA ASP A 1260 30.94 61.03 -22.57
C ASP A 1260 29.78 61.45 -21.69
N GLN A 1261 29.20 62.61 -22.03
CA GLN A 1261 28.07 63.15 -21.32
C GLN A 1261 26.80 62.68 -22.01
N MET A 1262 26.81 62.68 -23.35
CA MET A 1262 25.66 62.24 -24.11
C MET A 1262 25.49 60.73 -23.96
N LEU A 1263 26.53 59.97 -24.27
CA LEU A 1263 26.47 58.52 -24.14
C LEU A 1263 26.51 58.14 -22.67
N LYS A 1264 25.45 58.51 -21.97
CA LYS A 1264 25.30 58.22 -20.56
C LYS A 1264 23.89 58.65 -20.21
N ARG A 1265 23.39 59.65 -20.94
CA ARG A 1265 22.01 60.13 -20.78
C ARG A 1265 21.21 59.13 -21.60
N ILE A 1266 21.89 58.57 -22.60
CA ILE A 1266 21.32 57.58 -23.50
C ILE A 1266 21.53 56.22 -22.85
N GLU A 1267 22.10 56.26 -21.65
CA GLU A 1267 22.32 55.05 -20.86
C GLU A 1267 20.99 54.76 -20.19
N ALA A 1268 20.39 55.81 -19.63
CA ALA A 1268 19.09 55.72 -18.94
C ALA A 1268 17.96 55.53 -19.93
N HIS A 1269 17.85 56.48 -20.85
CA HIS A 1269 16.81 56.47 -21.87
C HIS A 1269 16.67 55.05 -22.44
N MET A 1270 17.65 54.20 -22.14
CA MET A 1270 17.65 52.82 -22.62
C MET A 1270 17.10 51.85 -21.58
N LEU A 1271 17.37 52.13 -20.31
CA LEU A 1271 16.92 51.27 -19.24
C LEU A 1271 15.62 51.65 -18.56
N ASP A 1272 15.02 52.79 -18.90
CA ASP A 1272 13.79 53.18 -18.25
C ASP A 1272 12.69 53.86 -19.08
N LEU A 1273 12.92 54.02 -20.38
CA LEU A 1273 11.93 54.65 -21.27
C LEU A 1273 11.82 53.83 -22.55
N ILE A 1274 12.09 52.54 -22.41
CA ILE A 1274 12.04 51.61 -23.52
C ILE A 1274 11.45 50.30 -23.09
N ALA A 1275 10.33 49.95 -23.73
CA ALA A 1275 9.62 48.71 -23.46
C ALA A 1275 9.92 47.68 -24.55
N LEU A 1276 9.80 46.41 -24.20
CA LEU A 1276 10.07 45.34 -25.15
C LEU A 1276 8.76 44.64 -25.51
N ARG A 1277 8.04 44.17 -24.49
CA ARG A 1277 6.75 43.51 -24.64
C ARG A 1277 5.82 43.98 -23.51
N PRO A 1280 1.09 50.25 -21.01
CA PRO A 1280 1.56 50.85 -19.76
C PRO A 1280 0.61 50.82 -18.57
N GLY A 1281 1.22 50.68 -17.38
CA GLY A 1281 0.54 50.61 -16.09
C GLY A 1281 0.09 49.18 -15.82
N ILE A 1282 0.40 48.30 -16.76
CA ILE A 1282 0.00 46.91 -16.65
C ILE A 1282 1.15 45.97 -16.39
N SER A 1283 1.64 45.89 -15.17
CA SER A 1283 2.74 44.98 -14.91
C SER A 1283 2.25 43.54 -14.81
N LYS A 1284 2.85 42.72 -13.93
CA LYS A 1284 2.46 41.31 -13.77
C LYS A 1284 1.09 40.97 -14.35
N VAL A 1285 0.98 39.84 -15.04
CA VAL A 1285 -0.29 39.42 -15.62
C VAL A 1285 -0.39 37.91 -15.52
N TYR A 1286 -1.14 37.42 -14.54
CA TYR A 1286 -1.27 35.98 -14.33
C TYR A 1286 -2.43 35.38 -15.12
N MET A 1287 -2.45 34.05 -15.16
CA MET A 1287 -3.49 33.31 -15.84
C MET A 1287 -4.23 32.42 -14.84
N VAL A 1288 -5.52 32.20 -15.09
CA VAL A 1288 -6.32 31.39 -14.19
C VAL A 1288 -7.45 30.58 -14.85
N LYS A 1289 -7.71 29.43 -14.25
CA LYS A 1289 -8.76 28.52 -14.70
C LYS A 1289 -9.94 28.69 -13.75
N HIS A 1290 -10.97 29.37 -14.25
CA HIS A 1290 -12.17 29.66 -13.48
C HIS A 1290 -13.38 28.76 -13.73
N LYS A 1291 -14.28 28.76 -12.76
CA LYS A 1291 -15.53 27.99 -12.78
C LYS A 1291 -16.60 28.79 -13.51
N VAL A 1292 -16.95 28.41 -14.74
CA VAL A 1292 -18.02 29.13 -15.41
C VAL A 1292 -19.17 28.23 -15.79
N SER A 1293 -20.27 28.35 -15.07
CA SER A 1293 -21.46 27.56 -15.34
C SER A 1293 -21.90 28.00 -16.73
N VAL A 1294 -22.51 27.10 -17.49
CA VAL A 1294 -22.99 27.45 -18.82
C VAL A 1294 -23.89 26.39 -19.48
N PRO A 1295 -24.81 26.84 -20.35
CA PRO A 1295 -25.81 26.11 -21.14
C PRO A 1295 -25.31 25.05 -22.10
N ASP A 1296 -25.42 23.78 -21.70
CA ASP A 1296 -25.00 22.67 -22.55
C ASP A 1296 -25.97 22.70 -23.73
N GLU A 1297 -25.57 22.14 -24.88
CA GLU A 1297 -26.51 22.17 -26.01
C GLU A 1297 -27.80 21.44 -25.63
N SER A 1298 -27.62 20.39 -24.84
CA SER A 1298 -28.72 19.55 -24.36
C SER A 1298 -29.58 20.19 -23.26
N GLY A 1299 -29.40 21.50 -23.05
CA GLY A 1299 -30.18 22.22 -22.06
C GLY A 1299 -29.54 22.50 -20.70
N GLU A 1300 -29.37 21.45 -19.91
CA GLU A 1300 -28.78 21.58 -18.59
C GLU A 1300 -27.52 22.44 -18.54
N TYR A 1301 -27.30 23.10 -17.41
CA TYR A 1301 -26.13 23.95 -17.19
C TYR A 1301 -24.99 23.00 -16.79
N LYS A 1302 -23.77 23.26 -17.28
CA LYS A 1302 -22.65 22.40 -16.91
C LYS A 1302 -21.29 23.10 -16.80
N ASN A 1303 -20.36 22.44 -16.10
CA ASN A 1303 -18.99 22.91 -15.87
C ASN A 1303 -18.14 23.13 -17.12
N GLU A 1304 -17.89 24.39 -17.48
CA GLU A 1304 -17.05 24.68 -18.64
C GLU A 1304 -16.01 25.75 -18.35
N GLU A 1305 -15.06 25.45 -17.45
CA GLU A 1305 -14.02 26.42 -17.10
C GLU A 1305 -13.31 27.01 -18.32
N LEU A 1306 -12.95 28.28 -18.21
CA LEU A 1306 -12.26 28.99 -19.29
C LEU A 1306 -11.14 29.87 -18.74
N TRP A 1307 -10.00 29.91 -19.44
CA TRP A 1307 -8.88 30.72 -18.98
C TRP A 1307 -9.21 32.19 -18.92
N ALA A 1308 -8.55 32.90 -18.02
CA ALA A 1308 -8.75 34.32 -17.88
C ALA A 1308 -7.49 35.01 -17.41
N LEU A 1309 -7.27 36.20 -17.92
CA LEU A 1309 -6.11 36.96 -17.56
C LEU A 1309 -6.44 38.06 -16.57
N GLU A 1310 -5.74 38.05 -15.44
CA GLU A 1310 -5.91 39.05 -14.39
C GLU A 1310 -4.67 39.91 -14.40
N THR A 1311 -4.85 41.21 -14.25
CA THR A 1311 -3.73 42.10 -14.30
C THR A 1311 -3.25 42.57 -12.93
N ASP A 1312 -2.33 43.53 -12.95
CA ASP A 1312 -1.73 44.10 -11.75
C ASP A 1312 -1.48 45.56 -12.12
N GLY A 1313 -2.53 46.25 -12.52
CA GLY A 1313 -2.43 47.64 -12.92
C GLY A 1313 -3.70 47.94 -13.67
N ILE A 1314 -3.97 49.19 -14.01
CA ILE A 1314 -5.23 49.46 -14.70
C ILE A 1314 -5.29 50.53 -15.81
N ASN A 1315 -5.53 50.05 -17.02
CA ASN A 1315 -5.74 50.92 -18.19
C ASN A 1315 -6.85 50.14 -18.89
N LEU A 1316 -7.86 50.86 -19.37
CA LEU A 1316 -8.99 50.19 -20.01
C LEU A 1316 -9.14 50.57 -21.48
N ALA A 1317 -9.47 51.85 -21.71
CA ALA A 1317 -9.70 52.40 -23.04
C ALA A 1317 -8.82 51.71 -24.07
N GLU A 1318 -7.66 51.26 -23.63
CA GLU A 1318 -6.71 50.60 -24.51
C GLU A 1318 -6.68 49.08 -24.49
N VAL A 1319 -6.55 48.47 -23.31
CA VAL A 1319 -6.49 47.01 -23.26
C VAL A 1319 -7.82 46.40 -23.62
N MET A 1320 -8.73 47.24 -24.09
CA MET A 1320 -10.05 46.78 -24.48
C MET A 1320 -10.09 46.41 -25.97
N ALA A 1321 -9.52 47.27 -26.80
CA ALA A 1321 -9.51 47.04 -28.24
C ALA A 1321 -8.37 46.13 -28.71
N VAL A 1322 -8.08 45.10 -27.92
CA VAL A 1322 -7.02 44.16 -28.26
C VAL A 1322 -7.60 42.89 -28.87
N PRO A 1323 -7.09 42.48 -30.05
CA PRO A 1323 -7.58 41.27 -30.71
C PRO A 1323 -7.43 39.99 -29.88
N GLY A 1324 -8.57 39.45 -29.44
CA GLY A 1324 -8.54 38.23 -28.63
C GLY A 1324 -9.26 38.31 -27.29
N VAL A 1325 -9.87 39.47 -27.01
CA VAL A 1325 -10.62 39.67 -25.77
C VAL A 1325 -12.07 39.90 -26.07
N ASP A 1326 -12.88 39.95 -25.01
CA ASP A 1326 -14.31 40.12 -25.14
C ASP A 1326 -14.74 41.47 -24.55
N SER A 1327 -14.49 42.58 -25.26
CA SER A 1327 -14.88 43.91 -24.75
C SER A 1327 -16.36 44.06 -24.37
N SER A 1328 -16.93 42.95 -23.90
CA SER A 1328 -18.32 42.84 -23.45
C SER A 1328 -18.32 42.17 -22.08
N ARG A 1329 -17.13 41.84 -21.59
CA ARG A 1329 -17.00 41.18 -20.29
C ARG A 1329 -15.81 41.68 -19.48
N THR A 1330 -14.90 42.40 -20.15
CA THR A 1330 -13.72 42.91 -19.47
C THR A 1330 -14.20 43.58 -18.20
N TYR A 1331 -13.35 43.64 -17.17
CA TYR A 1331 -13.75 44.27 -15.91
C TYR A 1331 -12.60 44.59 -14.93
N SER A 1332 -12.51 45.86 -14.55
CA SER A 1332 -11.50 46.34 -13.61
C SER A 1332 -12.27 46.71 -12.37
N ASN A 1333 -11.70 46.44 -11.20
CA ASN A 1333 -12.43 46.79 -10.00
C ASN A 1333 -12.42 48.30 -9.83
N SER A 1334 -11.63 48.99 -10.64
CA SER A 1334 -11.62 50.43 -10.53
C SER A 1334 -12.89 50.96 -11.15
N PHE A 1335 -13.92 51.12 -10.33
CA PHE A 1335 -15.17 51.64 -10.83
C PHE A 1335 -14.96 53.02 -11.45
N VAL A 1336 -14.09 53.83 -10.84
CA VAL A 1336 -13.81 55.16 -11.35
C VAL A 1336 -13.69 55.06 -12.86
N GLU A 1337 -12.84 54.14 -13.30
CA GLU A 1337 -12.61 53.92 -14.72
C GLU A 1337 -13.90 53.51 -15.41
N ILE A 1338 -14.35 52.28 -15.15
CA ILE A 1338 -15.57 51.77 -15.76
C ILE A 1338 -16.57 52.87 -16.11
N LEU A 1339 -16.85 53.76 -15.18
CA LEU A 1339 -17.79 54.84 -15.46
C LEU A 1339 -17.35 55.75 -16.59
N SER A 1340 -16.05 56.03 -16.64
CA SER A 1340 -15.47 56.90 -17.65
C SER A 1340 -15.49 56.26 -19.04
N VAL A 1341 -15.37 54.94 -19.07
CA VAL A 1341 -15.34 54.23 -20.33
C VAL A 1341 -16.68 53.69 -20.80
N LEU A 1342 -17.45 53.08 -19.90
CA LEU A 1342 -18.72 52.47 -20.27
C LEU A 1342 -20.03 53.22 -19.94
N GLY A 1343 -19.93 54.42 -19.41
CA GLY A 1343 -21.14 55.19 -19.10
C GLY A 1343 -21.62 54.98 -17.67
N ILE A 1344 -21.74 56.08 -16.94
CA ILE A 1344 -22.16 56.04 -15.54
C ILE A 1344 -22.94 54.80 -15.14
N GLU A 1345 -23.88 54.39 -15.97
CA GLU A 1345 -24.68 53.20 -15.69
C GLU A 1345 -23.80 52.01 -15.35
N ALA A 1346 -23.04 51.56 -16.34
CA ALA A 1346 -22.13 50.44 -16.16
C ALA A 1346 -21.28 50.73 -14.94
N THR A 1347 -21.02 52.02 -14.73
CA THR A 1347 -20.24 52.41 -13.58
C THR A 1347 -20.97 51.92 -12.35
N ARG A 1348 -22.22 52.37 -12.17
CA ARG A 1348 -23.02 51.97 -11.01
C ARG A 1348 -22.91 50.47 -10.78
N SER A 1349 -23.14 49.72 -11.84
CA SER A 1349 -23.09 48.26 -11.82
C SER A 1349 -21.83 47.76 -11.09
N SER A 1350 -20.71 48.43 -11.37
CA SER A 1350 -19.44 48.08 -10.76
C SER A 1350 -19.45 48.46 -9.28
N LEU A 1351 -19.67 49.74 -9.01
CA LEU A 1351 -19.72 50.25 -7.65
C LEU A 1351 -20.46 49.29 -6.74
N TYR A 1352 -21.64 48.86 -7.18
CA TYR A 1352 -22.43 47.90 -6.41
C TYR A 1352 -21.61 46.60 -6.27
N LYS A 1353 -21.37 45.94 -7.40
CA LYS A 1353 -20.63 44.69 -7.43
C LYS A 1353 -19.44 44.67 -6.49
N GLU A 1354 -18.72 45.77 -6.46
CA GLU A 1354 -17.52 45.90 -5.63
C GLU A 1354 -17.82 45.99 -4.13
N ILE A 1355 -18.91 46.67 -3.79
CA ILE A 1355 -19.32 46.82 -2.40
C ILE A 1355 -19.87 45.48 -1.93
N LEU A 1356 -20.70 44.88 -2.76
CA LEU A 1356 -21.29 43.58 -2.48
C LEU A 1356 -20.19 42.56 -2.17
N ASN A 1357 -19.21 42.48 -3.07
CA ASN A 1357 -18.12 41.54 -2.91
C ASN A 1357 -17.27 41.83 -1.69
N VAL A 1358 -17.52 42.97 -1.05
CA VAL A 1358 -16.77 43.32 0.14
C VAL A 1358 -17.50 42.84 1.37
N ILE A 1359 -18.82 42.74 1.27
CA ILE A 1359 -19.63 42.26 2.37
C ILE A 1359 -19.60 40.76 2.30
N ALA A 1360 -19.83 40.27 1.08
CA ALA A 1360 -19.88 38.84 0.77
C ALA A 1360 -18.55 38.10 0.96
N PHE A 1361 -17.45 38.85 1.00
CA PHE A 1361 -16.16 38.22 1.18
C PHE A 1361 -15.98 37.93 2.66
N ASP A 1362 -17.02 38.21 3.45
CA ASP A 1362 -16.98 37.98 4.88
C ASP A 1362 -18.06 37.01 5.37
N GLY A 1363 -18.77 36.37 4.44
CA GLY A 1363 -19.81 35.43 4.83
C GLY A 1363 -21.15 36.08 5.14
N SER A 1364 -21.11 37.35 5.51
CA SER A 1364 -22.32 38.09 5.85
C SER A 1364 -23.19 38.35 4.61
N TYR A 1365 -24.51 38.35 4.82
CA TYR A 1365 -25.47 38.58 3.76
C TYR A 1365 -26.34 39.80 4.02
N VAL A 1366 -26.47 40.65 3.00
CA VAL A 1366 -27.29 41.85 3.06
C VAL A 1366 -28.20 41.82 1.84
N ASN A 1367 -29.39 42.40 1.95
CA ASN A 1367 -30.32 42.38 0.83
C ASN A 1367 -30.08 43.51 -0.15
N TYR A 1368 -30.00 43.11 -1.42
CA TYR A 1368 -29.79 44.00 -2.54
C TYR A 1368 -30.19 45.45 -2.24
N ARG A 1369 -31.48 45.66 -2.12
CA ARG A 1369 -32.02 46.99 -1.86
C ARG A 1369 -31.10 47.92 -1.07
N HIS A 1370 -30.43 47.40 -0.05
CA HIS A 1370 -29.54 48.24 0.74
C HIS A 1370 -28.39 48.77 -0.06
N MET A 1371 -27.44 47.89 -0.41
CA MET A 1371 -26.30 48.32 -1.18
C MET A 1371 -26.75 49.18 -2.33
N ALA A 1372 -27.75 48.70 -3.07
CA ALA A 1372 -28.29 49.45 -4.20
C ALA A 1372 -28.55 50.91 -3.82
N LEU A 1373 -29.43 51.11 -2.83
CA LEU A 1373 -29.75 52.47 -2.41
C LEU A 1373 -28.48 53.28 -2.25
N LEU A 1374 -27.50 52.78 -1.51
CA LEU A 1374 -26.28 53.54 -1.36
C LEU A 1374 -25.70 53.81 -2.74
N VAL A 1375 -25.33 52.74 -3.43
CA VAL A 1375 -24.78 52.84 -4.78
C VAL A 1375 -25.49 53.92 -5.60
N ASP A 1376 -26.82 53.82 -5.62
CA ASP A 1376 -27.68 54.76 -6.35
C ASP A 1376 -27.51 56.21 -5.91
N VAL A 1377 -27.48 56.45 -4.60
CA VAL A 1377 -27.35 57.81 -4.08
C VAL A 1377 -26.05 58.46 -4.51
N MET A 1378 -24.98 57.68 -4.51
CA MET A 1378 -23.68 58.18 -4.91
C MET A 1378 -23.74 58.53 -6.38
N THR A 1379 -24.32 57.60 -7.13
CA THR A 1379 -24.40 57.73 -8.55
C THR A 1379 -25.32 58.80 -9.19
N SER A 1380 -26.60 58.81 -8.83
CA SER A 1380 -27.59 59.74 -9.40
C SER A 1380 -27.25 61.18 -9.80
N ARG A 1381 -26.56 61.96 -8.97
CA ARG A 1381 -26.28 63.35 -9.34
C ARG A 1381 -25.43 63.54 -10.62
N GLY A 1382 -25.18 62.45 -11.35
CA GLY A 1382 -24.42 62.58 -12.58
C GLY A 1382 -23.13 61.81 -12.65
N TYR A 1383 -22.42 61.75 -11.51
CA TYR A 1383 -21.16 61.02 -11.49
C TYR A 1383 -20.94 60.18 -10.25
N LEU A 1384 -19.74 60.29 -9.68
CA LEU A 1384 -19.41 59.54 -8.49
C LEU A 1384 -19.22 60.46 -7.28
N MET A 1385 -20.33 60.83 -6.66
CA MET A 1385 -20.30 61.69 -5.50
C MET A 1385 -19.95 60.83 -4.30
N ALA A 1386 -18.78 61.09 -3.71
CA ALA A 1386 -18.29 60.33 -2.57
C ALA A 1386 -19.06 60.62 -1.28
N ILE A 1387 -19.15 59.60 -0.43
CA ILE A 1387 -19.83 59.74 0.84
C ILE A 1387 -18.86 60.38 1.82
N THR A 1388 -18.51 61.63 1.54
CA THR A 1388 -17.56 62.35 2.36
C THR A 1388 -17.80 63.83 2.38
N ARG A 1389 -17.20 64.50 3.36
CA ARG A 1389 -17.31 65.94 3.49
C ARG A 1389 -17.27 66.59 2.09
N HIS A 1390 -16.59 65.92 1.14
CA HIS A 1390 -16.47 66.41 -0.23
C HIS A 1390 -17.44 65.70 -1.16
N GLY A 1391 -18.65 65.44 -0.67
CA GLY A 1391 -19.64 64.76 -1.48
C GLY A 1391 -21.04 65.16 -1.05
N ILE A 1392 -21.84 64.17 -0.68
CA ILE A 1392 -23.20 64.42 -0.26
C ILE A 1392 -23.31 65.66 0.60
N ASN A 1393 -22.36 65.85 1.50
CA ASN A 1393 -22.38 67.00 2.39
C ASN A 1393 -22.09 68.29 1.60
N ARG A 1394 -22.15 68.20 0.28
CA ARG A 1394 -21.90 69.35 -0.57
C ARG A 1394 -22.96 69.58 -1.64
N ALA A 1395 -24.13 68.93 -1.49
CA ALA A 1395 -25.20 69.11 -2.47
C ALA A 1395 -26.16 70.24 -2.08
N ASP A 1396 -27.28 70.32 -2.78
CA ASP A 1396 -28.27 71.37 -2.55
C ASP A 1396 -29.18 71.10 -1.36
N THR A 1397 -28.77 70.18 -0.48
CA THR A 1397 -29.55 69.82 0.69
C THR A 1397 -29.67 71.04 1.59
N ALA A 1399 -29.04 74.06 4.86
CA ALA A 1399 -27.78 74.51 5.44
C ALA A 1399 -27.61 73.94 6.84
N LEU A 1400 -28.68 73.96 7.61
CA LEU A 1400 -28.62 73.42 8.95
C LEU A 1400 -28.21 71.98 8.90
N MET A 1401 -28.67 71.29 7.87
CA MET A 1401 -28.38 69.88 7.67
C MET A 1401 -26.90 69.60 7.55
N ARG A 1402 -26.34 69.89 6.39
CA ARG A 1402 -24.92 69.68 6.12
C ARG A 1402 -24.03 70.19 7.27
N CYS A 1403 -24.55 71.18 7.98
CA CYS A 1403 -23.83 71.77 9.09
C CYS A 1403 -23.65 70.78 10.24
N SER A 1404 -24.47 69.73 10.27
CA SER A 1404 -24.41 68.72 11.32
C SER A 1404 -23.50 67.54 10.93
N PHE A 1405 -22.35 67.86 10.33
CA PHE A 1405 -21.39 66.84 9.89
C PHE A 1405 -20.14 67.48 9.27
N GLU A 1406 -19.03 67.39 10.00
CA GLU A 1406 -17.74 67.92 9.54
C GLU A 1406 -17.46 69.44 9.54
N GLU A 1407 -17.88 70.18 8.52
CA GLU A 1407 -17.57 71.61 8.46
C GLU A 1407 -18.52 72.55 9.18
N THR A 1408 -19.22 71.99 10.17
CA THR A 1408 -20.19 72.68 11.00
C THR A 1408 -20.30 74.20 10.97
N VAL A 1409 -19.26 74.91 11.40
CA VAL A 1409 -19.33 76.37 11.43
C VAL A 1409 -19.19 77.13 10.10
N GLU A 1410 -18.13 76.90 9.34
CA GLU A 1410 -17.99 77.60 8.07
C GLU A 1410 -19.25 77.36 7.27
N ILE A 1411 -19.80 76.15 7.35
CA ILE A 1411 -21.01 75.86 6.60
C ILE A 1411 -22.11 76.85 6.92
N LEU A 1412 -22.11 77.38 8.14
CA LEU A 1412 -23.12 78.37 8.54
C LEU A 1412 -22.68 79.74 8.07
N PHE A 1413 -21.41 80.06 8.30
CA PHE A 1413 -20.85 81.34 7.88
C PHE A 1413 -21.25 81.63 6.43
N GLU A 1414 -20.73 80.83 5.50
CA GLU A 1414 -21.04 81.02 4.08
C GLU A 1414 -22.46 80.67 3.74
N ALA A 1415 -23.30 80.67 4.77
CA ALA A 1415 -24.72 80.39 4.63
C ALA A 1415 -25.46 81.68 5.00
N GLY A 1416 -24.88 82.46 5.92
CA GLY A 1416 -25.48 83.73 6.30
C GLY A 1416 -24.86 84.74 5.37
N ALA A 1417 -23.75 84.33 4.77
CA ALA A 1417 -23.03 85.16 3.82
C ALA A 1417 -23.88 85.32 2.58
N ALA A 1418 -24.24 84.21 1.94
CA ALA A 1418 -25.06 84.24 0.74
C ALA A 1418 -26.57 84.22 1.05
N ALA A 1419 -26.90 84.39 2.33
CA ALA A 1419 -28.27 84.42 2.81
C ALA A 1419 -29.12 83.26 2.30
N GLU A 1420 -28.76 82.05 2.71
CA GLU A 1420 -29.46 80.84 2.31
C GLU A 1420 -30.79 80.72 3.03
N LEU A 1421 -31.72 80.05 2.36
CA LEU A 1421 -33.05 79.80 2.88
C LEU A 1421 -33.17 78.28 3.05
N ASP A 1422 -33.51 77.83 4.26
CA ASP A 1422 -33.65 76.40 4.46
C ASP A 1422 -35.10 75.97 4.59
N ASP A 1423 -35.51 75.07 3.70
CA ASP A 1423 -36.85 74.52 3.66
C ASP A 1423 -37.31 74.11 5.04
N CYS A 1424 -36.49 73.24 5.63
CA CYS A 1424 -36.76 72.63 6.91
C CYS A 1424 -37.57 71.42 6.46
N ARG A 1425 -37.04 70.78 5.42
CA ARG A 1425 -37.61 69.58 4.83
C ARG A 1425 -36.68 68.43 5.17
N GLY A 1426 -35.56 68.76 5.78
CA GLY A 1426 -34.59 67.74 6.11
C GLY A 1426 -34.85 67.18 7.49
N VAL A 1427 -34.71 65.88 7.62
CA VAL A 1427 -34.93 65.21 8.90
C VAL A 1427 -34.16 66.01 9.96
N SER A 1428 -32.91 66.30 9.67
CA SER A 1428 -32.07 67.03 10.60
C SER A 1428 -32.70 68.34 11.06
N GLU A 1429 -32.96 69.26 10.14
CA GLU A 1429 -33.56 70.56 10.49
C GLU A 1429 -34.54 70.48 11.65
N ASN A 1430 -35.54 69.63 11.46
CA ASN A 1430 -36.59 69.42 12.43
C ASN A 1430 -36.12 68.91 13.80
N VAL A 1431 -35.13 68.02 13.81
CA VAL A 1431 -34.57 67.49 15.08
C VAL A 1431 -33.95 68.67 15.81
N MET A 1432 -33.22 69.46 15.03
CA MET A 1432 -32.54 70.65 15.52
C MET A 1432 -33.55 71.67 16.02
N LEU A 1433 -34.75 71.65 15.43
CA LEU A 1433 -35.78 72.58 15.81
C LEU A 1433 -36.67 72.08 16.92
N GLY A 1434 -36.85 70.77 16.98
CA GLY A 1434 -37.70 70.20 18.03
C GLY A 1434 -39.13 70.04 17.55
N GLN A 1435 -39.29 69.85 16.25
CA GLN A 1435 -40.60 69.68 15.61
C GLN A 1435 -40.66 68.26 15.05
N LEU A 1436 -41.87 67.74 14.86
CA LEU A 1436 -41.98 66.39 14.32
C LEU A 1436 -41.50 66.39 12.87
N ALA A 1437 -40.51 65.58 12.56
CA ALA A 1437 -40.00 65.57 11.19
C ALA A 1437 -40.82 64.73 10.23
N PRO A 1438 -40.90 65.16 8.97
CA PRO A 1438 -41.65 64.44 7.94
C PRO A 1438 -41.01 63.05 7.75
N MET A 1439 -41.23 62.18 8.73
CA MET A 1439 -40.67 60.82 8.74
C MET A 1439 -41.78 59.78 8.98
N GLY A 1440 -42.11 58.99 7.95
CA GLY A 1440 -43.16 58.00 8.10
C GLY A 1440 -44.24 58.67 8.93
N THR A 1441 -44.44 58.17 10.14
CA THR A 1441 -45.44 58.73 11.07
C THR A 1441 -45.82 60.22 10.92
N GLY A 1442 -44.88 61.04 10.46
CA GLY A 1442 -45.18 62.46 10.31
C GLY A 1442 -45.24 62.93 8.87
N ALA A 1443 -45.17 61.98 7.94
CA ALA A 1443 -45.23 62.29 6.52
C ALA A 1443 -46.68 62.52 6.07
N PHE A 1444 -47.49 63.12 6.95
CA PHE A 1444 -48.88 63.42 6.64
C PHE A 1444 -49.58 64.18 7.75
N ASP A 1445 -50.84 64.51 7.51
CA ASP A 1445 -51.61 65.23 8.50
C ASP A 1445 -52.82 64.47 8.96
N VAL A 1446 -53.29 64.82 10.15
CA VAL A 1446 -54.45 64.16 10.72
C VAL A 1446 -55.51 65.18 11.09
N MET A 1447 -56.65 65.14 10.41
CA MET A 1447 -57.73 66.08 10.67
C MET A 1447 -59.10 65.47 10.95
N ILE A 1448 -59.80 66.06 11.90
CA ILE A 1448 -61.14 65.60 12.27
C ILE A 1448 -62.16 66.04 11.25
N ASP A 1449 -62.90 65.06 10.73
CA ASP A 1449 -63.92 65.37 9.76
C ASP A 1449 -65.20 65.68 10.54
N GLU A 1450 -65.58 66.96 10.58
CA GLU A 1450 -66.78 67.32 11.32
C GLU A 1450 -67.99 66.61 10.74
N LYS A 1451 -68.05 66.54 9.40
CA LYS A 1451 -69.18 65.90 8.73
C LYS A 1451 -69.46 64.53 9.32
N LEU A 1452 -68.48 63.64 9.25
CA LEU A 1452 -68.62 62.29 9.78
C LEU A 1452 -68.71 62.25 11.31
N LEU A 1453 -68.23 63.30 11.99
CA LEU A 1453 -68.30 63.34 13.45
C LEU A 1453 -69.72 63.69 13.88
N ILE B 12 24.05 22.70 37.61
CA ILE B 12 22.98 23.36 38.35
C ILE B 12 21.61 23.10 37.72
N THR B 13 20.76 22.36 38.42
CA THR B 13 19.42 22.05 37.91
C THR B 13 18.52 23.27 37.77
N THR B 14 17.27 23.05 37.40
CA THR B 14 16.30 24.14 37.24
C THR B 14 15.88 24.66 38.61
N GLU B 15 15.40 23.77 39.47
CA GLU B 15 14.94 24.15 40.80
C GLU B 15 15.98 25.00 41.55
N ASP B 16 17.19 25.07 41.01
CA ASP B 16 18.26 25.85 41.63
C ASP B 16 18.10 27.33 41.30
N CYS B 17 18.01 27.64 40.02
CA CYS B 17 17.89 29.01 39.56
C CYS B 17 16.94 29.86 40.39
N TRP B 18 16.09 29.21 41.17
CA TRP B 18 15.16 29.94 42.00
C TRP B 18 15.85 30.68 43.13
N THR B 19 16.77 29.99 43.80
CA THR B 19 17.51 30.60 44.89
C THR B 19 18.23 31.84 44.37
N VAL B 20 18.68 31.79 43.12
CA VAL B 20 19.39 32.90 42.51
C VAL B 20 18.48 34.10 42.45
N ILE B 21 17.27 33.84 41.95
CA ILE B 21 16.23 34.84 41.82
C ILE B 21 15.90 35.34 43.24
N SER B 22 15.71 34.41 44.17
CA SER B 22 15.44 34.80 45.55
C SER B 22 16.54 35.81 45.90
N ALA B 23 17.77 35.41 45.60
CA ALA B 23 18.96 36.24 45.85
C ALA B 23 18.80 37.63 45.26
N PHE B 24 18.11 37.70 44.12
CA PHE B 24 17.90 38.96 43.43
C PHE B 24 17.05 39.96 44.21
N PHE B 25 15.84 39.55 44.53
CA PHE B 25 14.93 40.42 45.26
C PHE B 25 15.36 40.66 46.71
N GLU B 26 16.11 39.74 47.28
CA GLU B 26 16.58 39.94 48.65
C GLU B 26 17.34 41.25 48.63
N GLU B 27 17.98 41.52 47.50
CA GLU B 27 18.79 42.71 47.34
C GLU B 27 18.22 43.90 46.55
N LYS B 28 17.51 43.64 45.45
CA LYS B 28 16.99 44.76 44.66
C LYS B 28 15.57 45.18 44.98
N GLY B 29 14.69 44.22 45.22
CA GLY B 29 13.31 44.55 45.54
C GLY B 29 12.55 45.04 44.33
N LEU B 30 11.27 44.67 44.28
CA LEU B 30 10.36 45.02 43.18
C LEU B 30 10.45 46.42 42.55
N VAL B 31 10.82 47.41 43.33
CA VAL B 31 10.88 48.76 42.81
C VAL B 31 12.28 49.33 42.64
N SER B 32 13.27 48.47 42.43
CA SER B 32 14.64 48.94 42.27
C SER B 32 14.63 50.22 41.43
N GLN B 33 14.38 50.07 40.13
CA GLN B 33 14.32 51.16 39.16
C GLN B 33 14.04 52.55 39.73
N GLN B 34 12.83 52.74 40.25
CA GLN B 34 12.38 54.03 40.82
C GLN B 34 13.42 54.62 41.77
N LEU B 35 13.69 53.92 42.87
CA LEU B 35 14.65 54.39 43.85
C LEU B 35 16.03 54.58 43.21
N ASP B 36 16.60 53.51 42.67
CA ASP B 36 17.92 53.58 42.04
C ASP B 36 18.07 54.86 41.22
N SER B 37 17.06 55.15 40.41
CA SER B 37 17.08 56.34 39.56
C SER B 37 16.90 57.66 40.33
N PHE B 38 16.31 57.60 41.52
CA PHE B 38 16.11 58.83 42.30
C PHE B 38 17.43 59.25 42.92
N ASP B 39 18.01 58.35 43.72
CA ASP B 39 19.29 58.62 44.37
C ASP B 39 20.26 59.22 43.38
N GLU B 40 20.23 58.72 42.15
CA GLU B 40 21.12 59.22 41.11
C GLU B 40 20.91 60.71 40.85
N PHE B 41 19.70 61.21 41.07
CA PHE B 41 19.43 62.64 40.88
C PHE B 41 19.93 63.40 42.10
N MET B 42 19.57 62.93 43.29
CA MET B 42 20.00 63.58 44.54
C MET B 42 21.53 63.51 44.57
N GLU B 43 22.05 62.38 45.03
CA GLU B 43 23.49 62.10 45.13
C GLU B 43 24.36 62.89 44.15
N THR B 44 24.31 62.52 42.88
CA THR B 44 25.13 63.16 41.86
C THR B 44 24.42 64.27 41.07
N SER B 45 23.83 63.87 39.94
CA SER B 45 23.09 64.75 39.03
C SER B 45 22.78 66.13 39.57
N ILE B 46 21.97 66.17 40.62
CA ILE B 46 21.54 67.42 41.21
C ILE B 46 22.67 68.43 41.35
N GLN B 47 23.87 67.93 41.60
CA GLN B 47 25.02 68.80 41.73
C GLN B 47 25.40 69.40 40.37
N ASP B 48 25.78 68.53 39.44
CA ASP B 48 26.18 68.93 38.08
C ASP B 48 25.24 69.97 37.47
N LEU B 49 23.98 69.92 37.86
CA LEU B 49 22.95 70.82 37.35
C LEU B 49 23.07 72.23 37.90
N VAL B 50 23.32 72.33 39.20
CA VAL B 50 23.43 73.63 39.84
C VAL B 50 24.76 74.27 39.47
N TRP B 51 25.72 73.42 39.10
CA TRP B 51 27.06 73.88 38.76
C TRP B 51 27.39 73.76 37.27
N GLU B 52 26.96 74.74 36.47
CA GLU B 52 27.26 74.73 35.04
C GLU B 52 27.23 76.14 34.43
N GLU B 53 26.05 76.72 34.24
CA GLU B 53 25.99 78.07 33.71
C GLU B 53 25.45 78.93 34.86
N PRO B 54 26.03 78.69 36.03
CA PRO B 54 25.69 79.38 37.28
C PRO B 54 26.29 80.79 37.41
N ARG B 55 27.51 80.87 37.95
CA ARG B 55 28.24 82.13 38.17
C ARG B 55 27.62 83.35 37.45
N LEU B 56 27.34 84.41 38.20
CA LEU B 56 26.75 85.62 37.61
C LEU B 56 27.51 86.94 37.76
N ILE B 57 27.61 87.63 36.64
CA ILE B 57 28.28 88.91 36.50
C ILE B 57 27.93 89.85 37.66
N ILE B 77 29.25 86.37 41.57
CA ILE B 77 28.39 85.51 42.38
C ILE B 77 28.27 84.09 41.80
N ARG B 78 28.98 83.14 42.40
CA ARG B 78 28.99 81.74 41.93
C ARG B 78 28.32 80.75 42.91
N PHE B 79 28.28 79.49 42.53
CA PHE B 79 27.68 78.43 43.36
C PHE B 79 28.64 77.26 43.56
N GLY B 80 28.54 76.62 44.73
CA GLY B 80 29.39 75.49 45.04
C GLY B 80 28.54 74.33 45.50
N LYS B 81 29.13 73.41 46.26
CA LYS B 81 28.41 72.25 46.75
C LYS B 81 27.02 72.65 47.28
N ILE B 82 26.06 71.74 47.16
CA ILE B 82 24.69 71.99 47.62
C ILE B 82 24.29 70.98 48.70
N TYR B 83 23.55 71.46 49.69
CA TYR B 83 23.11 70.64 50.80
C TYR B 83 21.67 70.17 50.65
N LEU B 84 21.46 68.89 50.95
CA LEU B 84 20.14 68.29 50.84
C LEU B 84 19.77 67.61 52.15
N SER B 85 19.08 68.35 53.00
CA SER B 85 18.66 67.83 54.31
C SER B 85 17.46 66.88 54.20
N ARG B 86 17.06 66.34 55.34
CA ARG B 86 15.93 65.41 55.41
C ARG B 86 14.62 66.20 55.60
N PRO B 87 13.48 65.51 55.54
CA PRO B 87 12.13 66.08 55.70
C PRO B 87 11.91 67.10 56.83
N THR B 88 11.26 68.21 56.48
CA THR B 88 10.99 69.27 57.45
C THR B 88 9.63 69.93 57.20
N MET B 89 9.12 70.61 58.22
CA MET B 89 7.83 71.30 58.13
C MET B 89 7.88 72.69 58.76
N THR B 90 8.16 73.69 57.92
CA THR B 90 8.27 75.08 58.36
C THR B 90 6.89 75.75 58.44
N GLU B 91 6.25 75.65 59.60
CA GLU B 91 4.93 76.26 59.79
C GLU B 91 4.95 77.39 60.83
N ALA B 92 4.22 78.46 60.54
CA ALA B 92 4.14 79.61 61.44
C ALA B 92 3.32 79.20 62.66
N ASP B 93 3.93 79.29 63.83
CA ASP B 93 3.35 78.92 65.14
C ASP B 93 4.09 77.69 65.66
N GLY B 94 5.23 77.42 65.06
CA GLY B 94 6.05 76.30 65.44
C GLY B 94 7.39 76.39 64.75
N THR B 95 8.40 75.73 65.29
CA THR B 95 9.72 75.76 64.69
C THR B 95 9.69 75.04 63.35
N THR B 96 10.52 74.02 63.21
CA THR B 96 10.58 73.23 61.99
C THR B 96 10.55 71.75 62.39
N HIS B 97 9.34 71.20 62.47
CA HIS B 97 9.13 69.81 62.85
C HIS B 97 9.70 68.80 61.85
N ALA B 98 10.57 67.92 62.34
CA ALA B 98 11.18 66.88 61.51
C ALA B 98 10.04 65.96 61.07
N MET B 99 9.62 66.09 59.82
CA MET B 99 8.48 65.33 59.25
C MET B 99 8.65 63.86 58.84
N PHE B 100 7.53 63.14 58.82
CA PHE B 100 7.48 61.73 58.46
C PHE B 100 6.37 61.39 57.46
N PRO B 101 6.56 60.33 56.66
CA PRO B 101 5.54 59.96 55.67
C PRO B 101 4.10 59.99 56.15
N GLN B 102 3.72 58.95 56.89
CA GLN B 102 2.37 58.78 57.39
C GLN B 102 1.65 60.03 57.91
N GLU B 103 2.37 61.11 58.14
CA GLU B 103 1.74 62.34 58.61
C GLU B 103 1.38 63.20 57.41
N ALA B 104 2.40 63.61 56.66
CA ALA B 104 2.19 64.41 55.47
C ALA B 104 0.97 63.85 54.75
N ARG B 105 0.86 62.52 54.81
CA ARG B 105 -0.26 61.82 54.18
C ARG B 105 -1.56 62.34 54.75
N LEU B 106 -1.76 62.14 56.04
CA LEU B 106 -2.99 62.56 56.72
C LEU B 106 -3.24 64.05 56.66
N ARG B 107 -2.21 64.84 56.82
CA ARG B 107 -2.39 66.28 56.83
C ARG B 107 -2.29 66.97 55.47
N ASN B 108 -2.10 66.18 54.41
CA ASN B 108 -2.00 66.77 53.07
C ASN B 108 -0.91 67.81 53.10
N LEU B 109 0.34 67.35 53.11
CA LEU B 109 1.45 68.28 53.13
C LEU B 109 2.39 68.06 51.94
N THR B 110 3.66 67.81 52.21
CA THR B 110 4.62 67.59 51.13
C THR B 110 5.86 66.98 51.77
N TYR B 111 6.14 65.73 51.41
CA TYR B 111 7.30 65.04 51.96
C TYR B 111 8.58 65.51 51.28
N SER B 112 8.96 66.77 51.49
CA SER B 112 10.15 67.33 50.88
C SER B 112 11.09 67.95 51.90
N SER B 113 12.36 68.07 51.55
CA SER B 113 13.33 68.66 52.45
C SER B 113 14.03 69.86 51.86
N PRO B 114 14.87 70.50 52.68
CA PRO B 114 15.57 71.70 52.26
C PRO B 114 16.75 71.55 51.32
N VAL B 115 17.06 72.67 50.65
CA VAL B 115 18.19 72.73 49.73
C VAL B 115 19.02 73.98 50.00
N TYR B 116 20.31 73.78 50.28
CA TYR B 116 21.24 74.87 50.56
C TYR B 116 22.42 74.85 49.58
N LEU B 117 22.97 76.01 49.28
CA LEU B 117 24.11 76.11 48.36
C LEU B 117 25.18 77.12 48.79
N ASP B 118 26.42 76.66 48.90
CA ASP B 118 27.56 77.51 49.30
C ASP B 118 27.80 78.59 48.25
N MET B 119 26.95 79.62 48.27
CA MET B 119 27.05 80.72 47.31
C MET B 119 28.24 81.64 47.63
N GLU B 120 28.89 82.17 46.59
CA GLU B 120 30.07 83.06 46.73
C GLU B 120 29.83 84.53 46.33
N LYS B 121 30.30 85.46 47.18
CA LYS B 121 30.16 86.90 46.96
C LYS B 121 31.41 87.53 46.35
N LYS B 155 24.70 77.04 53.08
CA LYS B 155 24.65 78.40 53.61
C LYS B 155 23.39 79.19 53.19
N VAL B 156 22.99 79.09 51.92
CA VAL B 156 21.81 79.80 51.41
C VAL B 156 20.62 78.86 51.13
N HIS B 157 19.41 79.32 51.43
CA HIS B 157 18.21 78.50 51.21
C HIS B 157 17.63 78.69 49.81
N ILE B 158 17.32 77.57 49.16
CA ILE B 158 16.76 77.57 47.82
C ILE B 158 15.83 76.37 47.59
N GLY B 159 14.54 76.57 47.85
CA GLY B 159 13.54 75.53 47.64
C GLY B 159 13.43 74.28 48.52
N LYS B 160 12.28 73.63 48.41
CA LYS B 160 11.96 72.41 49.14
C LYS B 160 11.80 71.29 48.10
N VAL B 161 12.66 70.27 48.16
CA VAL B 161 12.59 69.17 47.20
C VAL B 161 11.79 67.95 47.67
N PRO B 162 10.76 67.59 46.91
CA PRO B 162 9.93 66.43 47.26
C PRO B 162 10.71 65.11 47.16
N ILE B 163 11.00 64.53 48.31
CA ILE B 163 11.74 63.29 48.40
C ILE B 163 10.90 62.11 47.92
N MET B 164 11.54 60.98 47.63
CA MET B 164 10.86 59.77 47.16
C MET B 164 10.78 58.73 48.26
N LEU B 165 9.58 58.39 48.72
CA LEU B 165 9.45 57.40 49.79
C LEU B 165 10.32 56.17 49.56
N ARG B 166 10.82 55.62 50.67
CA ARG B 166 11.66 54.43 50.63
C ARG B 166 13.03 54.65 50.00
N SER B 167 13.34 55.91 49.67
CA SER B 167 14.61 56.27 49.05
C SER B 167 15.78 56.32 50.04
N LYS B 168 16.45 57.47 50.12
CA LYS B 168 17.58 57.67 51.03
C LYS B 168 17.34 58.75 52.08
N PHE B 169 16.78 59.87 51.66
CA PHE B 169 16.51 60.96 52.58
C PHE B 169 15.19 60.69 53.27
N CYS B 170 14.51 59.63 52.85
CA CYS B 170 13.25 59.25 53.45
C CYS B 170 13.62 58.32 54.61
N SER B 171 13.29 58.73 55.83
CA SER B 171 13.63 57.95 57.00
C SER B 171 13.34 56.46 56.88
N LEU B 172 12.32 56.10 56.11
CA LEU B 172 11.96 54.69 55.96
C LEU B 172 13.12 53.80 55.53
N ARG B 173 13.99 54.33 54.66
CA ARG B 173 15.15 53.62 54.11
C ARG B 173 15.95 52.78 55.10
N THR B 174 15.82 53.10 56.38
CA THR B 174 16.56 52.38 57.40
C THR B 174 15.70 51.54 58.33
N LEU B 175 14.76 52.18 59.02
CA LEU B 175 13.87 51.48 59.95
C LEU B 175 13.59 50.03 59.54
N ASP B 176 13.62 49.12 60.52
CA ASP B 176 13.36 47.70 60.27
C ASP B 176 11.92 47.31 60.63
N GLU B 177 11.60 46.04 60.43
CA GLU B 177 10.27 45.48 60.72
C GLU B 177 9.60 46.26 61.84
N VAL B 178 9.97 45.93 63.08
CA VAL B 178 9.43 46.57 64.26
C VAL B 178 9.52 48.10 64.17
N ASP B 179 10.65 48.60 63.69
CA ASP B 179 10.87 50.04 63.55
C ASP B 179 9.68 50.72 62.86
N LEU B 180 9.25 50.14 61.74
CA LEU B 180 8.14 50.69 60.97
C LEU B 180 6.79 50.64 61.68
N TYR B 181 6.40 49.45 62.13
CA TYR B 181 5.12 49.29 62.82
C TYR B 181 4.82 50.45 63.74
N LYS B 182 5.86 51.09 64.27
CA LYS B 182 5.70 52.23 65.15
C LYS B 182 5.43 53.53 64.41
N MET B 183 5.91 53.65 63.18
CA MET B 183 5.65 54.85 62.43
C MET B 183 4.31 54.71 61.73
N LYS B 184 3.59 53.65 62.10
CA LYS B 184 2.28 53.33 61.55
C LYS B 184 2.38 52.95 60.06
N GLU B 185 3.58 53.07 59.52
CA GLU B 185 3.85 52.76 58.12
C GLU B 185 3.94 51.25 57.87
N CYS B 186 3.06 50.75 57.01
CA CYS B 186 3.02 49.33 56.68
C CYS B 186 4.34 48.91 56.08
N PRO B 187 5.00 47.91 56.70
CA PRO B 187 6.29 47.34 56.29
C PRO B 187 6.26 46.91 54.84
N TYR B 188 5.20 46.18 54.49
CA TYR B 188 4.99 45.65 53.15
C TYR B 188 4.98 46.71 52.05
N ASP B 189 4.78 47.98 52.41
CA ASP B 189 4.79 49.04 51.43
C ASP B 189 6.21 49.21 50.92
N MET B 190 6.43 48.83 49.66
CA MET B 190 7.75 48.89 49.01
C MET B 190 8.12 50.31 48.61
N GLY B 191 7.19 51.24 48.81
CA GLY B 191 7.43 52.64 48.49
C GLY B 191 7.82 52.95 47.05
N GLY B 192 8.53 54.05 46.88
CA GLY B 192 8.96 54.47 45.56
C GLY B 192 8.14 55.61 45.01
N TYR B 193 7.18 56.09 45.79
CA TYR B 193 6.33 57.17 45.36
C TYR B 193 6.53 58.45 46.17
N PHE B 194 6.01 59.56 45.67
CA PHE B 194 6.10 60.86 46.35
C PHE B 194 4.76 61.16 47.03
N VAL B 195 4.75 62.03 48.03
CA VAL B 195 3.50 62.35 48.71
C VAL B 195 3.21 63.83 48.70
N ILE B 196 2.72 64.33 47.57
CA ILE B 196 2.41 65.75 47.44
C ILE B 196 1.01 66.05 47.95
N ASN B 197 0.87 67.19 48.61
CA ASN B 197 -0.40 67.63 49.18
C ASN B 197 -1.36 66.52 49.62
N GLY B 198 -0.79 65.46 50.21
CA GLY B 198 -1.61 64.35 50.67
C GLY B 198 -1.42 63.14 49.80
N SER B 199 -2.21 63.05 48.73
CA SER B 199 -2.19 61.91 47.79
C SER B 199 -0.84 61.40 47.28
N GLU B 200 -0.74 60.08 47.19
CA GLU B 200 0.47 59.41 46.75
C GLU B 200 0.68 59.50 45.23
N LYS B 201 1.66 60.29 44.78
CA LYS B 201 1.96 60.45 43.35
C LYS B 201 3.08 59.55 42.83
N VAL B 202 2.83 58.81 41.74
CA VAL B 202 3.82 57.88 41.12
C VAL B 202 4.31 58.36 39.76
N LEU B 203 5.60 58.68 39.65
CA LEU B 203 6.17 59.15 38.38
C LEU B 203 6.19 58.01 37.38
N ILE B 204 5.61 58.23 36.19
CA ILE B 204 5.56 57.18 35.16
C ILE B 204 6.65 57.26 34.10
N ALA B 205 7.35 56.15 33.92
CA ALA B 205 8.43 56.05 32.96
C ALA B 205 8.02 56.53 31.56
N GLN B 206 8.88 57.34 30.94
CA GLN B 206 8.60 57.86 29.60
C GLN B 206 9.61 57.34 28.60
N GLU B 207 9.15 56.44 27.74
CA GLU B 207 9.99 55.84 26.72
C GLU B 207 10.23 56.85 25.60
N SER B 209 12.84 57.57 21.64
CA SER B 209 13.91 57.12 20.77
C SER B 209 15.23 57.71 21.27
N ALA B 210 16.12 56.83 21.74
CA ALA B 210 17.42 57.26 22.25
C ALA B 210 18.08 58.30 21.35
N ALA B 211 19.13 58.94 21.86
CA ALA B 211 19.80 59.96 21.07
C ALA B 211 21.21 59.63 20.60
N ASN B 212 21.80 60.59 19.91
CA ASN B 212 23.15 60.49 19.38
C ASN B 212 23.40 59.24 18.55
N ILE B 213 22.44 58.81 17.74
CA ILE B 213 22.66 57.63 16.95
C ILE B 213 22.25 57.74 15.50
N VAL B 214 23.00 57.00 14.67
CA VAL B 214 22.85 56.95 13.23
C VAL B 214 21.73 56.03 12.76
N GLN B 215 20.83 56.60 11.96
CA GLN B 215 19.71 55.84 11.42
C GLN B 215 19.57 56.10 9.92
N VAL B 216 19.22 55.06 9.19
CA VAL B 216 19.04 55.17 7.76
C VAL B 216 17.65 54.68 7.34
N PHE B 217 16.93 55.56 6.67
CA PHE B 217 15.56 55.29 6.26
C PHE B 217 15.35 55.41 4.74
N LYS B 218 14.58 54.49 4.16
CA LYS B 218 14.24 54.54 2.73
C LYS B 218 13.01 55.41 2.65
N LYS B 219 12.97 56.34 1.69
CA LYS B 219 11.80 57.20 1.58
C LYS B 219 10.99 57.04 0.31
N ALA B 220 9.80 56.46 0.49
CA ALA B 220 8.79 56.17 -0.54
C ALA B 220 9.07 56.56 -2.01
N ALA B 221 8.57 55.73 -2.93
CA ALA B 221 8.71 55.95 -4.37
C ALA B 221 8.41 57.39 -4.78
N PRO B 222 7.37 58.01 -4.16
CA PRO B 222 7.03 59.40 -4.50
C PRO B 222 7.83 60.36 -3.63
N SER B 223 9.02 60.75 -4.10
CA SER B 223 9.85 61.67 -3.33
C SER B 223 11.17 61.95 -4.05
N PRO B 224 11.59 63.23 -4.06
CA PRO B 224 12.85 63.55 -4.75
C PRO B 224 14.04 62.86 -4.08
N ILE B 225 13.83 62.36 -2.87
CA ILE B 225 14.88 61.66 -2.11
C ILE B 225 14.74 60.15 -2.16
N SER B 226 15.89 59.48 -2.25
CA SER B 226 15.96 58.03 -2.31
C SER B 226 15.98 57.48 -0.90
N HIS B 227 17.13 57.66 -0.26
CA HIS B 227 17.34 57.22 1.10
C HIS B 227 17.85 58.44 1.85
N VAL B 228 17.91 58.33 3.18
CA VAL B 228 18.42 59.40 4.02
C VAL B 228 18.87 58.79 5.34
N ALA B 229 19.89 59.42 5.92
CA ALA B 229 20.39 58.96 7.20
C ALA B 229 20.28 60.14 8.14
N GLU B 230 19.89 59.87 9.37
CA GLU B 230 19.74 60.91 10.37
C GLU B 230 20.44 60.53 11.64
N ILE B 231 20.62 61.52 12.50
CA ILE B 231 21.23 61.31 13.79
C ILE B 231 20.79 62.44 14.69
N ARG B 232 19.99 62.09 15.69
CA ARG B 232 19.48 63.10 16.60
C ARG B 232 20.58 63.33 17.61
N SER B 233 20.96 64.60 17.78
CA SER B 233 22.03 64.97 18.70
C SER B 233 21.62 65.96 19.80
N ALA B 234 22.20 65.80 20.98
CA ALA B 234 21.94 66.66 22.14
C ALA B 234 23.00 66.45 23.23
N LEU B 235 23.48 67.54 23.83
CA LEU B 235 24.49 67.46 24.87
C LEU B 235 23.96 66.74 26.10
N GLU B 236 24.51 65.56 26.38
CA GLU B 236 24.09 64.75 27.53
C GLU B 236 24.04 65.53 28.84
N LYS B 237 24.79 66.64 28.88
CA LYS B 237 24.85 67.50 30.07
C LYS B 237 25.26 68.94 29.66
N GLY B 238 24.28 69.83 29.55
CA GLY B 238 24.54 71.22 29.18
C GLY B 238 23.60 71.79 28.12
N SER B 239 22.54 72.44 28.56
CA SER B 239 21.53 73.06 27.68
C SER B 239 20.66 72.00 27.00
N ARG B 240 21.28 71.18 26.15
CA ARG B 240 20.61 70.09 25.43
C ARG B 240 19.77 70.52 24.23
N LEU B 241 20.46 70.78 23.11
CA LEU B 241 19.82 71.21 21.85
C LEU B 241 19.11 70.04 21.19
N ILE B 242 18.00 70.33 20.50
CA ILE B 242 17.24 69.31 19.80
C ILE B 242 17.18 69.60 18.30
N SER B 243 18.35 69.53 17.66
CA SER B 243 18.50 69.77 16.23
C SER B 243 19.16 68.53 15.62
N THR B 244 18.53 67.97 14.59
CA THR B 244 19.03 66.75 13.95
C THR B 244 19.75 66.96 12.62
N MET B 245 20.61 65.99 12.30
CA MET B 245 21.38 66.00 11.09
C MET B 245 20.79 65.13 10.00
N GLN B 246 20.61 65.74 8.83
CA GLN B 246 20.06 65.03 7.69
C GLN B 246 21.08 64.90 6.56
N ILE B 247 21.47 63.66 6.28
CA ILE B 247 22.41 63.36 5.21
C ILE B 247 21.60 62.66 4.12
N LYS B 248 20.94 63.47 3.29
CA LYS B 248 20.08 62.97 2.25
C LYS B 248 20.81 62.28 1.10
N LEU B 249 20.04 61.88 0.11
CA LEU B 249 20.55 61.21 -1.09
C LEU B 249 19.52 61.36 -2.20
N TYR B 250 19.55 62.50 -2.87
CA TYR B 250 18.61 62.77 -3.96
C TYR B 250 18.69 61.72 -5.07
N GLY B 251 18.04 62.03 -6.20
CA GLY B 251 18.05 61.11 -7.32
C GLY B 251 17.53 59.73 -6.98
N ARG B 252 16.30 59.45 -7.37
CA ARG B 252 15.69 58.15 -7.10
C ARG B 252 16.56 57.08 -7.75
N GLU B 253 16.21 55.81 -7.55
CA GLU B 253 16.95 54.68 -8.09
C GLU B 253 16.95 54.60 -9.63
N ASP B 254 17.18 55.74 -10.27
CA ASP B 254 17.21 55.80 -11.72
C ASP B 254 17.87 57.05 -12.29
N LYS B 255 17.14 58.16 -12.28
CA LYS B 255 17.62 59.43 -12.81
C LYS B 255 19.13 59.64 -12.70
N GLY B 256 19.69 60.30 -13.70
CA GLY B 256 21.13 60.59 -13.75
C GLY B 256 21.40 61.95 -13.08
N ARG B 259 22.20 61.35 -9.25
CA ARG B 259 22.20 60.80 -7.89
C ARG B 259 23.26 61.47 -7.02
N THR B 260 22.90 62.65 -6.49
CA THR B 260 23.77 63.46 -5.64
C THR B 260 23.51 63.24 -4.14
N ILE B 261 24.43 63.71 -3.29
CA ILE B 261 24.27 63.57 -1.84
C ILE B 261 24.39 64.94 -1.19
N LYS B 262 23.32 65.38 -0.56
CA LYS B 262 23.31 66.69 0.10
C LYS B 262 22.87 66.48 1.56
N ALA B 263 23.31 67.36 2.45
CA ALA B 263 22.93 67.23 3.86
C ALA B 263 22.39 68.52 4.45
N THR B 264 21.57 68.40 5.48
CA THR B 264 20.96 69.57 6.12
C THR B 264 21.61 69.96 7.44
N LEU B 265 21.87 71.25 7.56
CA LEU B 265 22.49 71.81 8.74
C LEU B 265 21.55 72.78 9.46
N PRO B 266 21.71 72.90 10.79
CA PRO B 266 20.89 73.78 11.62
C PRO B 266 21.04 75.27 11.30
N TYR B 267 19.90 75.91 11.01
CA TYR B 267 19.81 77.33 10.68
C TYR B 267 20.06 77.66 9.21
N VAL B 268 20.46 76.67 8.41
CA VAL B 268 20.71 76.90 6.99
C VAL B 268 19.42 76.69 6.20
N LYS B 269 19.01 77.71 5.47
CA LYS B 269 17.79 77.67 4.67
C LYS B 269 17.68 76.41 3.79
N GLN B 270 18.58 76.31 2.81
CA GLN B 270 18.62 75.20 1.86
C GLN B 270 19.55 74.07 2.35
N ASP B 271 19.95 73.17 1.45
CA ASP B 271 20.84 72.06 1.81
C ASP B 271 22.18 72.19 1.09
N ILE B 272 23.22 71.58 1.67
CA ILE B 272 24.55 71.64 1.08
C ILE B 272 25.06 70.27 0.61
N PRO B 273 25.70 70.24 -0.57
CA PRO B 273 26.25 69.01 -1.15
C PRO B 273 27.52 68.60 -0.40
N ILE B 274 27.43 67.49 0.33
CA ILE B 274 28.53 66.96 1.14
C ILE B 274 29.97 67.37 0.82
N VAL B 275 30.34 67.43 -0.46
CA VAL B 275 31.70 67.81 -0.79
C VAL B 275 32.05 69.10 -0.06
N ILE B 276 31.28 70.16 -0.31
CA ILE B 276 31.51 71.46 0.30
C ILE B 276 31.59 71.40 1.82
N VAL B 277 30.74 70.57 2.41
CA VAL B 277 30.70 70.44 3.85
C VAL B 277 32.06 69.99 4.35
N PHE B 278 32.78 69.26 3.51
CA PHE B 278 34.11 68.75 3.84
C PHE B 278 35.20 69.82 3.71
N ARG B 279 35.23 70.48 2.55
CA ARG B 279 36.20 71.54 2.31
C ARG B 279 35.95 72.66 3.30
N ALA B 280 34.68 72.90 3.59
CA ALA B 280 34.32 73.94 4.54
C ALA B 280 34.76 73.49 5.93
N LEU B 281 35.07 72.20 6.05
CA LEU B 281 35.48 71.62 7.32
C LEU B 281 36.99 71.69 7.52
N GLY B 282 37.74 71.28 6.50
CA GLY B 282 39.19 71.31 6.61
C GLY B 282 39.85 70.29 5.69
N VAL B 283 39.07 69.72 4.79
CA VAL B 283 39.55 68.74 3.82
C VAL B 283 39.27 69.36 2.46
N VAL B 284 40.31 69.78 1.75
CA VAL B 284 40.07 70.44 0.46
C VAL B 284 40.24 69.62 -0.83
N PRO B 285 41.06 68.57 -0.81
CA PRO B 285 41.22 67.82 -2.05
C PRO B 285 40.30 66.60 -2.17
N ASP B 286 40.00 66.21 -3.39
CA ASP B 286 39.15 65.03 -3.63
C ASP B 286 39.94 63.86 -3.11
N GLY B 287 39.41 62.65 -3.27
CA GLY B 287 40.12 61.47 -2.82
C GLY B 287 40.58 61.46 -1.37
N GLU B 288 40.67 62.65 -0.78
CA GLU B 288 41.08 62.80 0.61
C GLU B 288 39.73 62.92 1.30
N ILE B 289 38.72 63.24 0.48
CA ILE B 289 37.36 63.35 0.95
C ILE B 289 36.82 61.93 0.88
N LEU B 290 37.07 61.26 -0.24
CA LEU B 290 36.63 59.88 -0.41
C LEU B 290 37.39 59.05 0.59
N GLN B 291 38.43 59.65 1.14
CA GLN B 291 39.27 59.01 2.14
C GLN B 291 38.42 58.66 3.36
N HIS B 292 37.65 59.63 3.81
CA HIS B 292 36.81 59.51 4.98
C HIS B 292 35.56 58.66 4.78
N ILE B 293 34.88 58.86 3.67
CA ILE B 293 33.66 58.12 3.40
C ILE B 293 33.94 56.62 3.24
N CYS B 294 34.65 56.26 2.19
CA CYS B 294 34.95 54.87 1.90
C CYS B 294 36.29 54.39 2.48
N TYR B 295 36.28 53.19 3.08
CA TYR B 295 37.48 52.59 3.69
C TYR B 295 37.98 51.35 2.93
N ASP B 296 38.01 51.42 1.59
CA ASP B 296 38.47 50.28 0.80
C ASP B 296 38.57 50.66 -0.67
N GLU B 297 39.70 51.21 -1.07
CA GLU B 297 39.93 51.64 -2.45
C GLU B 297 39.41 50.68 -3.53
N ASN B 298 39.21 49.42 -3.14
CA ASN B 298 38.71 48.41 -4.07
C ASN B 298 37.20 48.17 -3.85
N ASP B 299 36.41 49.23 -3.93
CA ASP B 299 34.97 49.13 -3.75
C ASP B 299 34.32 50.09 -4.74
N TRP B 300 34.85 50.06 -5.96
CA TRP B 300 34.39 50.90 -7.05
C TRP B 300 32.92 51.32 -7.06
N GLN B 301 32.02 50.42 -6.69
CA GLN B 301 30.60 50.76 -6.67
C GLN B 301 30.36 52.01 -5.86
N MET B 302 30.57 51.88 -4.56
CA MET B 302 30.39 53.00 -3.67
C MET B 302 31.04 54.25 -4.25
N LEU B 303 32.35 54.14 -4.48
CA LEU B 303 33.14 55.24 -5.04
C LEU B 303 32.43 55.86 -6.26
N GLU B 304 31.98 54.99 -7.16
CA GLU B 304 31.28 55.44 -8.34
C GLU B 304 30.22 56.42 -7.86
N MET B 305 29.30 55.93 -7.03
CA MET B 305 28.23 56.75 -6.48
C MET B 305 28.72 58.15 -6.14
N LEU B 306 29.81 58.21 -5.40
CA LEU B 306 30.39 59.49 -4.97
C LEU B 306 30.77 60.40 -6.13
N LYS B 307 31.27 59.80 -7.20
CA LYS B 307 31.70 60.56 -8.36
C LYS B 307 30.77 61.75 -8.65
N PRO B 308 29.55 61.49 -9.15
CA PRO B 308 28.63 62.60 -9.44
C PRO B 308 28.60 63.69 -8.39
N CYS B 309 28.80 63.29 -7.13
CA CYS B 309 28.79 64.22 -6.02
C CYS B 309 29.97 65.17 -6.08
N ILE B 310 31.16 64.60 -6.30
CA ILE B 310 32.37 65.39 -6.40
C ILE B 310 32.18 66.49 -7.43
N GLU B 311 31.59 66.13 -8.56
CA GLU B 311 31.32 67.09 -9.63
C GLU B 311 30.47 68.24 -9.14
N GLU B 312 29.54 67.94 -8.23
CA GLU B 312 28.68 68.97 -7.69
C GLU B 312 29.58 70.08 -7.11
N GLY B 313 30.46 69.70 -6.19
CA GLY B 313 31.34 70.68 -5.56
C GLY B 313 32.61 71.10 -6.29
N PHE B 314 32.85 70.52 -7.45
CA PHE B 314 34.04 70.84 -8.25
C PHE B 314 34.21 72.36 -8.43
N VAL B 315 33.13 73.12 -8.24
CA VAL B 315 33.16 74.58 -8.41
C VAL B 315 33.75 75.37 -7.25
N ILE B 316 33.86 74.74 -6.09
CA ILE B 316 34.44 75.40 -4.91
C ILE B 316 35.72 74.63 -4.56
N GLN B 317 36.87 75.26 -4.79
CA GLN B 317 38.16 74.64 -4.60
C GLN B 317 39.02 74.97 -3.37
N ASP B 318 38.40 75.36 -2.25
CA ASP B 318 39.19 75.66 -1.05
C ASP B 318 38.37 76.03 0.17
N LYS B 319 39.04 76.16 1.31
CA LYS B 319 38.40 76.48 2.58
C LYS B 319 37.81 77.90 2.60
N GLU B 320 38.38 78.82 1.80
CA GLU B 320 37.86 80.18 1.74
C GLU B 320 36.43 80.09 1.25
N VAL B 321 36.27 79.75 -0.02
CA VAL B 321 34.98 79.63 -0.66
C VAL B 321 34.10 78.62 0.05
N ALA B 322 34.70 77.52 0.50
CA ALA B 322 33.96 76.47 1.18
C ALA B 322 33.01 77.04 2.23
N LEU B 323 33.56 77.74 3.23
CA LEU B 323 32.76 78.34 4.29
C LEU B 323 31.90 79.48 3.75
N ASP B 324 32.21 79.95 2.55
CA ASP B 324 31.41 81.02 1.98
C ASP B 324 30.07 80.44 1.60
N PHE B 325 29.93 79.94 0.36
CA PHE B 325 28.66 79.38 -0.08
C PHE B 325 28.03 78.66 1.11
N ILE B 326 27.25 79.46 1.82
CA ILE B 326 26.55 79.10 3.04
C ILE B 326 25.96 80.48 3.37
N GLY B 327 24.89 80.85 2.66
CA GLY B 327 24.25 82.14 2.89
C GLY B 327 22.79 82.03 3.29
N GLU B 339 32.42 88.48 4.15
CA GLU B 339 33.11 88.73 5.42
C GLU B 339 32.13 88.57 6.57
N LYS B 340 30.96 89.16 6.37
CA LYS B 340 29.88 89.10 7.34
C LYS B 340 29.32 87.68 7.32
N ARG B 341 29.12 87.13 6.12
CA ARG B 341 28.58 85.79 5.96
C ARG B 341 29.55 84.67 6.30
N ILE B 342 30.80 84.81 5.85
CA ILE B 342 31.84 83.82 6.09
C ILE B 342 32.02 83.50 7.58
N GLN B 343 32.01 84.53 8.41
CA GLN B 343 32.18 84.37 9.85
C GLN B 343 31.08 83.51 10.49
N TYR B 344 29.84 83.73 10.07
CA TYR B 344 28.70 82.98 10.58
C TYR B 344 28.81 81.52 10.16
N ALA B 345 29.35 81.31 8.97
CA ALA B 345 29.54 79.96 8.48
C ALA B 345 30.22 79.13 9.57
N LYS B 346 31.37 79.61 10.03
CA LYS B 346 32.10 78.90 11.08
C LYS B 346 31.18 78.49 12.22
N ASP B 347 30.57 79.49 12.87
CA ASP B 347 29.65 79.28 13.99
C ASP B 347 28.81 78.00 13.92
N ILE B 348 27.96 77.95 12.89
CA ILE B 348 27.06 76.81 12.69
C ILE B 348 27.77 75.47 12.54
N LEU B 349 29.10 75.50 12.62
CA LEU B 349 29.89 74.29 12.51
C LEU B 349 30.55 73.90 13.83
N GLN B 350 30.80 74.90 14.67
CA GLN B 350 31.43 74.64 15.94
C GLN B 350 30.45 74.57 17.10
N LYS B 351 29.20 74.98 16.86
CA LYS B 351 28.20 74.95 17.91
C LYS B 351 26.86 74.31 17.51
N GLU B 352 26.67 74.12 16.21
CA GLU B 352 25.43 73.54 15.69
C GLU B 352 25.61 72.18 15.01
N LEU B 353 26.64 72.07 14.16
CA LEU B 353 26.97 70.86 13.41
C LEU B 353 27.38 69.68 14.28
N LEU B 354 26.58 68.62 14.26
CA LEU B 354 26.88 67.41 15.03
C LEU B 354 27.46 67.86 16.38
N PRO B 355 26.76 68.81 17.03
CA PRO B 355 27.12 69.41 18.32
C PRO B 355 27.58 68.47 19.43
N HIS B 356 27.23 67.19 19.36
CA HIS B 356 27.73 66.29 20.38
C HIS B 356 29.17 66.11 19.92
N ILE B 357 29.91 65.11 20.41
CA ILE B 357 31.32 64.96 20.01
C ILE B 357 32.07 66.05 20.78
N THR B 358 31.59 67.28 20.65
CA THR B 358 32.13 68.47 21.31
C THR B 358 31.92 69.69 20.41
N GLN B 359 31.71 70.85 21.03
CA GLN B 359 31.52 72.09 20.30
C GLN B 359 32.74 73.00 20.49
N GLU B 360 33.84 72.39 20.94
CA GLU B 360 35.09 73.10 21.19
C GLU B 360 35.57 73.88 19.97
N GLU B 361 36.69 73.44 19.38
CA GLU B 361 37.21 74.14 18.21
C GLU B 361 38.10 73.27 17.33
N GLY B 362 39.31 73.00 17.81
CA GLY B 362 40.26 72.20 17.05
C GLY B 362 39.99 70.72 16.87
N PHE B 363 38.72 70.37 16.65
CA PHE B 363 38.39 68.96 16.44
C PHE B 363 37.72 68.74 15.08
N GLU B 364 37.66 69.80 14.27
CA GLU B 364 37.07 69.73 12.94
C GLU B 364 37.25 68.34 12.34
N THR B 365 38.47 67.85 12.45
CA THR B 365 38.81 66.53 11.93
C THR B 365 37.78 65.48 12.33
N ARG B 366 37.61 65.28 13.64
CA ARG B 366 36.68 64.29 14.17
C ARG B 366 35.29 64.30 13.55
N LYS B 367 34.59 65.43 13.60
CA LYS B 367 33.26 65.53 13.03
C LYS B 367 33.28 65.04 11.59
N THR B 368 34.36 65.38 10.89
CA THR B 368 34.53 65.00 9.49
C THR B 368 34.50 63.48 9.28
N PHE B 369 35.16 62.74 10.17
CA PHE B 369 35.16 61.30 10.05
C PHE B 369 33.76 60.75 10.29
N PHE B 370 32.96 61.49 11.06
CA PHE B 370 31.60 61.07 11.36
C PHE B 370 30.77 61.27 10.10
N LEU B 371 30.68 62.52 9.67
CA LEU B 371 29.96 62.86 8.46
C LEU B 371 30.40 61.92 7.35
N GLY B 372 31.55 61.29 7.56
CA GLY B 372 32.08 60.33 6.60
C GLY B 372 31.49 58.99 6.93
N TYR B 373 31.47 58.66 8.21
CA TYR B 373 30.91 57.39 8.66
C TYR B 373 29.42 57.41 8.36
N MET B 374 28.86 58.61 8.29
CA MET B 374 27.45 58.76 7.98
C MET B 374 27.21 58.52 6.49
N VAL B 375 27.78 59.39 5.64
CA VAL B 375 27.63 59.26 4.19
C VAL B 375 27.90 57.83 3.79
N ASN B 376 28.65 57.13 4.64
CA ASN B 376 28.97 55.74 4.38
C ASN B 376 27.70 54.94 4.65
N ARG B 377 27.22 54.99 5.90
CA ARG B 377 26.02 54.27 6.31
C ARG B 377 24.88 54.45 5.32
N LEU B 378 24.80 55.63 4.74
CA LEU B 378 23.75 55.92 3.75
C LEU B 378 23.91 54.88 2.65
N LEU B 379 24.97 55.02 1.87
CA LEU B 379 25.27 54.12 0.78
C LEU B 379 25.26 52.64 1.13
N LEU B 380 25.82 52.28 2.29
CA LEU B 380 25.88 50.88 2.73
C LEU B 380 24.53 50.20 2.55
N CYS B 381 23.48 51.02 2.46
CA CYS B 381 22.12 50.52 2.26
C CYS B 381 21.66 50.71 0.81
N ALA B 382 21.83 51.91 0.26
CA ALA B 382 21.44 52.17 -1.13
C ALA B 382 22.12 51.21 -2.10
N LEU B 383 22.91 50.28 -1.55
CA LEU B 383 23.61 49.28 -2.33
C LEU B 383 23.28 47.88 -1.81
N GLU B 384 22.15 47.79 -1.11
CA GLU B 384 21.65 46.54 -0.54
C GLU B 384 22.69 45.68 0.18
N ARG B 385 23.34 46.28 1.19
CA ARG B 385 24.34 45.56 1.97
C ARG B 385 23.93 45.61 3.43
N LYS B 386 23.11 46.61 3.76
CA LYS B 386 22.59 46.81 5.11
C LYS B 386 21.15 47.29 4.98
N ASP B 387 20.24 46.67 5.73
CA ASP B 387 18.83 47.03 5.70
C ASP B 387 18.57 48.42 6.25
N GLN B 388 17.34 48.85 6.07
CA GLN B 388 16.90 50.14 6.55
C GLN B 388 16.84 49.96 8.06
N ASP B 389 17.23 50.98 8.83
CA ASP B 389 17.24 50.84 10.29
C ASP B 389 15.90 50.46 10.92
N ASP B 390 15.93 49.45 11.80
CA ASP B 390 14.74 48.95 12.51
C ASP B 390 14.27 50.01 13.51
N ARG B 391 13.23 50.75 13.14
CA ARG B 391 12.69 51.80 14.00
C ARG B 391 12.26 51.39 15.41
N ASP B 392 11.82 50.14 15.58
CA ASP B 392 11.35 49.66 16.89
C ASP B 392 12.20 48.57 17.57
N HIS B 393 13.52 48.68 17.46
CA HIS B 393 14.46 47.74 18.07
C HIS B 393 14.69 48.23 19.50
N PHE B 394 13.75 47.94 20.39
CA PHE B 394 13.81 48.39 21.79
C PHE B 394 15.17 48.80 22.38
N GLY B 395 16.24 48.12 22.00
CA GLY B 395 17.55 48.47 22.51
C GLY B 395 17.93 49.92 22.26
N LYS B 396 17.40 50.49 21.19
CA LYS B 396 17.69 51.86 20.80
C LYS B 396 16.63 52.88 21.25
N LYS B 397 15.88 52.53 22.29
CA LYS B 397 14.86 53.39 22.87
C LYS B 397 15.23 53.55 24.34
N LEU B 399 14.38 54.86 28.55
CA LEU B 399 13.27 55.08 29.47
C LEU B 399 13.63 56.08 30.57
N ASP B 400 13.16 57.31 30.37
CA ASP B 400 13.40 58.39 31.33
C ASP B 400 12.61 58.13 32.60
N LEU B 401 13.24 57.49 33.57
CA LEU B 401 12.56 57.20 34.82
C LEU B 401 12.34 58.45 35.67
N ALA B 402 11.99 58.26 36.93
CA ALA B 402 11.72 59.38 37.82
C ALA B 402 12.93 60.31 37.96
N GLY B 403 14.01 59.77 38.50
CA GLY B 403 15.22 60.56 38.71
C GLY B 403 15.51 61.52 37.58
N PRO B 404 15.60 61.04 36.33
CA PRO B 404 15.88 61.91 35.18
C PRO B 404 14.88 63.06 35.02
N LEU B 405 13.60 62.74 35.12
CA LEU B 405 12.52 63.72 34.97
C LEU B 405 12.71 64.98 35.80
N LEU B 406 13.01 64.79 37.08
CA LEU B 406 13.23 65.91 37.98
C LEU B 406 14.35 66.78 37.39
N ALA B 407 15.31 66.11 36.76
CA ALA B 407 16.46 66.78 36.15
C ALA B 407 16.00 67.86 35.16
N ASN B 408 15.63 67.43 33.96
CA ASN B 408 15.18 68.35 32.91
C ASN B 408 14.17 69.35 33.48
N LEU B 409 13.51 68.95 34.57
CA LEU B 409 12.51 69.80 35.21
C LEU B 409 13.20 70.86 36.06
N PHE B 410 14.06 70.40 36.96
CA PHE B 410 14.79 71.29 37.86
C PHE B 410 15.45 72.40 37.06
N ARG B 411 16.26 72.02 36.08
CA ARG B 411 16.96 73.00 35.24
C ARG B 411 16.00 74.11 34.81
N ILE B 412 14.91 73.73 34.15
CA ILE B 412 13.93 74.69 33.69
C ILE B 412 13.64 75.69 34.80
N LEU B 413 13.62 75.19 36.03
CA LEU B 413 13.36 76.00 37.22
C LEU B 413 14.57 76.83 37.63
N PHE B 414 15.57 76.17 38.21
CA PHE B 414 16.78 76.85 38.67
C PHE B 414 17.26 77.93 37.70
N ARG B 415 16.99 77.73 36.40
CA ARG B 415 17.39 78.69 35.37
C ARG B 415 16.56 79.96 35.39
N LYS B 416 15.33 79.88 35.90
CA LYS B 416 14.47 81.05 36.01
C LYS B 416 14.87 81.75 37.30
N LEU B 417 15.48 81.00 38.20
CA LEU B 417 15.95 81.54 39.46
C LEU B 417 17.25 82.25 39.15
N THR B 418 18.04 81.61 38.29
CA THR B 418 19.33 82.14 37.87
C THR B 418 19.13 83.55 37.33
N ARG B 419 18.38 83.69 36.24
CA ARG B 419 18.15 85.01 35.65
C ARG B 419 17.17 85.88 36.45
N GLU B 420 16.78 85.40 37.62
CA GLU B 420 15.90 86.17 38.49
C GLU B 420 16.85 86.95 39.39
N ILE B 421 17.81 86.22 39.93
CA ILE B 421 18.84 86.76 40.80
C ILE B 421 19.63 87.80 40.01
N TYR B 422 19.40 87.86 38.70
CA TYR B 422 20.09 88.80 37.81
C TYR B 422 19.44 90.18 37.86
N ARG B 423 18.16 90.22 38.19
CA ARG B 423 17.43 91.48 38.28
C ARG B 423 17.70 92.28 39.56
N TYR B 424 17.83 91.58 40.68
CA TYR B 424 18.12 92.24 41.96
C TYR B 424 19.47 92.91 41.82
N MET B 425 20.37 92.24 41.09
CA MET B 425 21.71 92.74 40.84
C MET B 425 21.70 93.86 39.81
N GLN B 426 20.57 94.03 39.10
CA GLN B 426 20.44 95.07 38.09
C GLN B 426 19.49 96.19 38.52
N ARG B 427 19.61 96.59 39.79
CA ARG B 427 18.77 97.66 40.34
C ARG B 427 19.52 98.30 41.51
N CYS B 428 20.34 97.50 42.18
CA CYS B 428 21.13 97.97 43.31
C CYS B 428 22.19 98.99 42.89
N ILE B 429 21.85 100.27 43.01
CA ILE B 429 22.77 101.34 42.67
C ILE B 429 23.69 101.55 43.86
N GLU B 430 24.08 100.44 44.47
CA GLU B 430 24.94 100.43 45.65
C GLU B 430 26.11 99.46 45.48
N LEU B 439 18.30 87.07 50.96
CA LEU B 439 18.30 88.39 50.35
C LEU B 439 18.08 88.27 48.85
N ALA B 440 16.85 88.57 48.41
CA ALA B 440 16.46 88.56 46.99
C ALA B 440 16.10 87.23 46.33
N VAL B 441 16.87 86.18 46.61
CA VAL B 441 16.63 84.85 46.02
C VAL B 441 15.32 84.26 46.52
N LYS B 442 14.26 84.35 45.73
CA LYS B 442 12.95 83.82 46.14
C LYS B 442 12.88 82.30 45.99
N SER B 443 13.40 81.59 46.98
CA SER B 443 13.42 80.14 47.00
C SER B 443 12.03 79.54 47.05
N THR B 444 11.13 80.06 46.22
CA THR B 444 9.78 79.55 46.18
C THR B 444 9.49 79.04 44.78
N THR B 445 10.32 79.47 43.82
CA THR B 445 10.15 79.05 42.44
C THR B 445 10.59 77.61 42.25
N ILE B 446 11.50 77.15 43.11
CA ILE B 446 11.98 75.78 43.05
C ILE B 446 11.15 74.86 43.95
N THR B 447 10.42 75.44 44.89
CA THR B 447 9.57 74.68 45.78
C THR B 447 8.19 74.50 45.15
N SER B 448 7.56 75.63 44.82
CA SER B 448 6.24 75.65 44.20
C SER B 448 6.25 75.12 42.77
N GLY B 449 7.35 75.37 42.05
CA GLY B 449 7.46 74.87 40.70
C GLY B 449 7.37 73.35 40.72
N LEU B 450 8.23 72.73 41.52
CA LEU B 450 8.27 71.29 41.67
C LEU B 450 6.90 70.74 42.01
N LYS B 451 6.25 71.34 42.98
CA LYS B 451 4.93 70.88 43.41
C LYS B 451 3.91 70.84 42.26
N TYR B 452 3.74 71.96 41.55
CA TYR B 452 2.78 72.01 40.44
C TYR B 452 2.82 70.74 39.58
N SER B 453 3.97 70.54 38.94
CA SER B 453 4.18 69.38 38.09
C SER B 453 3.71 68.14 38.82
N LEU B 454 4.55 67.65 39.74
CA LEU B 454 4.26 66.45 40.51
C LEU B 454 2.82 66.30 40.98
N ALA B 455 2.16 67.42 41.21
CA ALA B 455 0.78 67.38 41.66
C ALA B 455 -0.19 66.95 40.55
N THR B 456 -0.19 67.70 39.44
CA THR B 456 -1.06 67.43 38.28
C THR B 456 -0.54 66.32 37.38
N GLY B 457 0.45 66.66 36.57
CA GLY B 457 1.03 65.69 35.66
C GLY B 457 1.50 66.43 34.43
N ASN B 458 1.67 67.74 34.57
CA ASN B 458 2.11 68.60 33.49
C ASN B 458 3.54 69.00 33.76
N TRP B 459 4.50 68.31 33.15
CA TRP B 459 5.88 68.65 33.41
C TRP B 459 6.15 70.13 33.17
N GLY B 460 6.36 70.51 31.91
CA GLY B 460 6.66 71.89 31.54
C GLY B 460 6.00 73.10 32.21
N GLU B 461 6.65 73.63 33.24
CA GLU B 461 6.21 74.82 34.00
C GLU B 461 4.73 74.91 34.37
N GLN B 462 4.14 76.04 33.99
CA GLN B 462 2.74 76.37 34.20
C GLN B 462 2.46 77.36 33.09
N LYS B 463 2.48 78.62 33.50
CA LYS B 463 2.26 79.77 32.63
C LYS B 463 1.40 79.46 31.41
N LYS B 464 1.49 80.33 30.41
CA LYS B 464 0.76 80.19 29.15
C LYS B 464 1.51 79.14 28.33
N ALA B 465 1.91 78.06 29.04
CA ALA B 465 2.63 76.92 28.49
C ALA B 465 2.00 75.59 28.92
N MET B 466 0.91 75.23 28.24
CA MET B 466 0.22 73.98 28.49
C MET B 466 0.85 73.01 27.49
N SER B 467 1.71 73.58 26.62
CA SER B 467 2.41 72.80 25.59
C SER B 467 3.36 71.80 26.24
N SER B 468 2.86 71.10 27.24
CA SER B 468 3.61 70.10 27.98
C SER B 468 2.98 68.72 27.81
N ARG B 469 3.28 67.81 28.72
CA ARG B 469 2.75 66.46 28.65
C ARG B 469 2.10 66.08 29.96
N ALA B 470 0.83 65.69 29.92
CA ALA B 470 0.13 65.27 31.12
C ALA B 470 0.15 63.75 31.19
N GLY B 471 0.42 63.22 32.37
CA GLY B 471 0.49 61.79 32.52
C GLY B 471 1.61 61.51 33.50
N VAL B 472 2.75 62.16 33.27
CA VAL B 472 3.92 62.06 34.13
C VAL B 472 3.37 62.31 35.53
N SER B 473 3.64 61.39 36.47
CA SER B 473 3.12 61.55 37.83
C SER B 473 1.60 61.37 37.91
N GLN B 474 1.17 60.28 38.55
CA GLN B 474 -0.24 60.01 38.69
C GLN B 474 -0.60 59.76 40.14
N VAL B 475 -1.79 59.19 40.32
CA VAL B 475 -2.30 58.89 41.64
C VAL B 475 -2.20 57.40 41.97
N LEU B 476 -1.06 57.01 42.53
CA LEU B 476 -0.78 55.64 42.90
C LEU B 476 -2.00 54.80 43.26
N ASN B 477 -2.15 53.67 42.58
CA ASN B 477 -3.27 52.76 42.81
C ASN B 477 -3.21 52.16 44.19
N ARG B 478 -4.37 51.83 44.77
CA ARG B 478 -4.42 51.22 46.09
C ARG B 478 -5.63 50.29 46.21
N TYR B 479 -5.99 49.66 45.09
CA TYR B 479 -7.11 48.76 45.07
C TYR B 479 -6.65 47.45 45.69
N THR B 480 -5.48 46.98 45.24
CA THR B 480 -4.88 45.74 45.74
C THR B 480 -3.37 45.91 45.71
N TYR B 481 -2.67 45.01 46.41
CA TYR B 481 -1.22 45.08 46.47
C TYR B 481 -0.61 44.93 45.08
N SER B 482 -0.99 43.87 44.38
CA SER B 482 -0.49 43.59 43.02
C SER B 482 -0.87 44.72 42.08
N SER B 483 -1.77 45.59 42.54
CA SER B 483 -2.21 46.73 41.76
C SER B 483 -1.12 47.79 41.84
N THR B 484 -0.73 48.12 43.07
CA THR B 484 0.30 49.10 43.34
C THR B 484 1.65 48.73 42.71
N LEU B 485 2.09 47.49 42.90
CA LEU B 485 3.35 47.04 42.32
C LEU B 485 3.33 47.40 40.85
N SER B 486 2.34 46.82 40.17
CA SER B 486 2.14 47.05 38.75
C SER B 486 2.27 48.51 38.37
N HIS B 487 1.52 49.37 39.06
CA HIS B 487 1.53 50.79 38.76
C HIS B 487 2.94 51.40 38.73
N LEU B 488 3.77 51.04 39.71
CA LEU B 488 5.12 51.59 39.75
C LEU B 488 5.99 51.08 38.58
N ARG B 489 5.86 49.80 38.25
CA ARG B 489 6.63 49.21 37.17
C ARG B 489 6.07 49.55 35.79
N ARG B 490 5.42 50.71 35.68
CA ARG B 490 4.80 51.11 34.42
C ARG B 490 5.57 52.11 33.54
N THR B 491 5.34 51.95 32.24
CA THR B 491 5.96 52.76 31.21
C THR B 491 4.94 53.42 30.27
N ASN B 492 5.30 54.57 29.73
CA ASN B 492 4.44 55.30 28.81
C ASN B 492 5.12 55.33 27.44
N THR B 493 4.55 56.09 26.49
CA THR B 493 5.11 56.24 25.14
C THR B 493 4.25 57.18 24.31
N PRO B 494 4.68 58.45 24.15
CA PRO B 494 3.90 59.41 23.36
C PRO B 494 3.60 58.88 21.96
N ILE B 495 2.41 59.17 21.47
CA ILE B 495 1.98 58.70 20.16
C ILE B 495 2.70 59.38 18.98
N ALA B 502 0.20 51.64 13.79
CA ALA B 502 -0.07 50.20 13.89
C ALA B 502 1.16 49.32 14.21
N LYS B 503 2.38 49.85 14.10
CA LYS B 503 3.63 49.09 14.36
C LYS B 503 4.23 49.19 15.78
N PRO B 504 4.16 50.37 16.42
CA PRO B 504 4.73 50.48 17.77
C PRO B 504 4.05 49.61 18.83
N ARG B 505 2.73 49.55 18.78
CA ARG B 505 1.93 48.77 19.73
C ARG B 505 2.29 47.29 19.78
N GLN B 506 2.92 46.82 18.70
CA GLN B 506 3.34 45.44 18.56
C GLN B 506 4.25 44.97 19.67
N LEU B 507 4.30 43.65 19.85
CA LEU B 507 5.19 43.07 20.84
C LEU B 507 6.38 42.69 19.96
N HIS B 508 7.43 43.49 20.02
CA HIS B 508 8.61 43.25 19.21
C HIS B 508 9.41 42.09 19.81
N ASN B 509 10.43 41.67 19.07
CA ASN B 509 11.26 40.60 19.56
C ASN B 509 12.05 41.21 20.70
N THR B 510 12.76 42.29 20.41
CA THR B 510 13.57 43.01 21.41
C THR B 510 12.94 43.13 22.80
N HIS B 511 11.62 42.98 22.84
CA HIS B 511 10.82 43.08 24.07
C HIS B 511 10.99 41.90 25.02
N TRP B 512 11.55 40.80 24.50
CA TRP B 512 11.75 39.61 25.32
C TRP B 512 12.60 39.91 26.54
N GLY B 513 12.17 39.42 27.69
CA GLY B 513 12.91 39.62 28.91
C GLY B 513 12.70 40.95 29.62
N LEU B 514 12.78 42.06 28.89
CA LEU B 514 12.63 43.41 29.46
C LEU B 514 11.20 43.85 29.78
N VAL B 515 10.25 43.50 28.93
CA VAL B 515 8.86 43.87 29.16
C VAL B 515 7.95 42.65 29.16
N CYS B 516 6.87 42.72 29.93
CA CYS B 516 5.91 41.64 30.03
C CYS B 516 5.09 41.66 28.76
N PRO B 517 4.96 40.49 28.11
CA PRO B 517 4.19 40.37 26.87
C PRO B 517 2.68 40.50 27.02
N ALA B 518 2.14 40.07 28.16
CA ALA B 518 0.69 40.13 28.36
C ALA B 518 0.10 41.40 28.99
N GLU B 519 0.55 41.78 30.17
CA GLU B 519 0.00 42.95 30.82
C GLU B 519 0.12 44.24 30.00
N THR B 520 -1.02 44.71 29.50
CA THR B 520 -1.09 45.94 28.72
C THR B 520 -2.55 46.23 28.44
N PRO B 521 -2.99 47.45 28.73
CA PRO B 521 -4.36 47.93 28.54
C PRO B 521 -5.04 47.64 27.21
N GLU B 522 -6.34 47.31 27.27
CA GLU B 522 -7.18 47.02 26.09
C GLU B 522 -7.57 48.35 25.48
N GLY B 523 -8.16 48.30 24.29
CA GLY B 523 -8.60 49.51 23.61
C GLY B 523 -7.66 50.72 23.69
N GLN B 524 -8.20 51.89 23.35
CA GLN B 524 -7.44 53.15 23.38
C GLN B 524 -5.94 52.94 23.18
N ALA B 525 -5.18 53.31 24.21
CA ALA B 525 -3.74 53.14 24.18
C ALA B 525 -3.49 51.69 24.53
N CYS B 526 -3.06 50.91 23.56
CA CYS B 526 -2.76 49.50 23.79
C CYS B 526 -1.43 49.15 23.15
N GLY B 527 -0.39 49.06 23.97
CA GLY B 527 0.93 48.77 23.44
C GLY B 527 1.77 50.03 23.59
N LEU B 528 1.11 51.11 23.97
CA LEU B 528 1.78 52.38 24.19
C LEU B 528 2.05 52.45 25.68
N VAL B 529 1.60 51.42 26.37
CA VAL B 529 1.77 51.34 27.81
C VAL B 529 2.31 49.97 28.13
N LYS B 530 3.60 49.92 28.46
CA LYS B 530 4.26 48.66 28.78
C LYS B 530 4.69 48.55 30.24
N ASN B 531 4.65 47.31 30.73
CA ASN B 531 5.04 47.00 32.10
C ASN B 531 6.31 46.13 32.10
N LEU B 532 7.17 46.37 33.07
CA LEU B 532 8.43 45.65 33.19
C LEU B 532 8.35 44.22 33.69
N SER B 533 9.24 43.38 33.18
CA SER B 533 9.33 42.00 33.61
C SER B 533 9.81 42.07 35.04
N LEU B 534 9.94 40.91 35.69
CA LEU B 534 10.41 40.90 37.06
C LEU B 534 11.88 41.24 37.13
N LEU B 535 12.67 40.59 36.28
CA LEU B 535 14.13 40.78 36.25
C LEU B 535 14.66 42.06 35.65
N SER B 536 13.86 42.73 34.82
CA SER B 536 14.35 43.96 34.20
C SER B 536 14.69 45.07 35.19
N GLY B 537 15.60 45.93 34.75
CA GLY B 537 16.06 47.09 35.50
C GLY B 537 16.47 48.10 34.46
N ILE B 538 16.60 49.36 34.85
CA ILE B 538 17.02 50.38 33.89
C ILE B 538 18.43 50.82 34.24
N SER B 539 19.17 51.23 33.23
CA SER B 539 20.52 51.74 33.45
C SER B 539 20.33 52.99 34.30
N ILE B 540 21.42 53.62 34.72
CA ILE B 540 21.29 54.82 35.55
C ILE B 540 22.09 56.01 35.03
N GLY B 541 23.31 55.73 34.59
CA GLY B 541 24.20 56.77 34.08
C GLY B 541 25.62 56.76 34.64
N SER B 542 26.51 55.99 34.02
CA SER B 542 27.89 55.91 34.48
C SER B 542 28.71 57.01 33.81
N PRO B 543 30.03 56.97 33.99
CA PRO B 543 30.91 57.96 33.40
C PRO B 543 31.66 57.36 32.22
N SER B 544 31.88 58.16 31.16
CA SER B 544 32.60 57.73 29.95
C SER B 544 34.13 57.58 30.05
N GLU B 545 34.81 58.68 30.40
CA GLU B 545 36.27 58.71 30.51
C GLU B 545 37.00 57.54 31.16
N PRO B 546 36.54 57.09 32.35
CA PRO B 546 37.24 55.95 32.96
C PRO B 546 37.26 54.73 32.04
N ILE B 547 36.66 54.89 30.87
CA ILE B 547 36.62 53.84 29.87
C ILE B 547 37.21 54.36 28.56
N ILE B 548 37.16 55.67 28.35
CA ILE B 548 37.76 56.26 27.14
C ILE B 548 39.25 56.07 27.37
N ASN B 549 39.70 56.49 28.56
CA ASN B 549 41.09 56.37 28.97
C ASN B 549 41.47 54.90 28.89
N PHE B 550 40.82 54.10 29.74
CA PHE B 550 41.03 52.67 29.83
C PHE B 550 41.17 52.01 28.46
N LEU B 551 40.78 52.75 27.42
CA LEU B 551 40.86 52.26 26.05
C LEU B 551 42.08 52.72 25.25
N GLU B 552 42.17 54.03 24.97
CA GLU B 552 43.28 54.58 24.21
C GLU B 552 44.62 54.30 24.87
N GLU B 553 44.64 53.22 25.67
CA GLU B 553 45.81 52.77 26.38
C GLU B 553 45.75 51.24 26.46
N TRP B 554 45.07 50.64 25.49
CA TRP B 554 44.98 49.19 25.43
C TRP B 554 44.78 48.75 23.99
N GLY B 555 45.10 49.66 23.08
CA GLY B 555 44.99 49.36 21.66
C GLY B 555 44.23 50.38 20.83
N MET B 556 43.66 51.40 21.48
CA MET B 556 42.88 52.38 20.76
C MET B 556 43.64 53.57 20.18
N GLU B 557 44.08 53.42 18.94
CA GLU B 557 44.78 54.49 18.27
C GLU B 557 43.72 55.54 17.92
N PRO B 558 43.73 56.69 18.61
CA PRO B 558 42.79 57.78 18.40
C PRO B 558 42.46 58.19 16.97
N LEU B 559 41.20 58.56 16.76
CA LEU B 559 40.66 58.97 15.47
C LEU B 559 41.45 60.12 14.86
N GLU B 560 41.74 61.13 15.68
CA GLU B 560 42.50 62.31 15.26
C GLU B 560 43.40 62.02 14.06
N ASP B 561 44.30 61.06 14.24
CA ASP B 561 45.24 60.67 13.18
C ASP B 561 44.90 59.32 12.60
N TYR B 562 44.12 59.32 11.54
CA TYR B 562 43.71 58.08 10.92
C TYR B 562 44.18 57.97 9.49
N ASP B 563 44.41 56.74 9.06
CA ASP B 563 44.84 56.43 7.70
C ASP B 563 44.08 55.17 7.24
N PRO B 564 42.97 55.36 6.49
CA PRO B 564 42.12 54.28 5.97
C PRO B 564 42.77 53.09 5.25
N ALA B 565 43.87 53.33 4.53
CA ALA B 565 44.53 52.24 3.81
C ALA B 565 45.59 51.48 4.59
N GLN B 566 46.31 52.13 5.48
CA GLN B 566 47.32 51.42 6.26
C GLN B 566 46.57 50.53 7.23
N HIS B 567 45.43 51.04 7.70
CA HIS B 567 44.56 50.34 8.62
C HIS B 567 43.28 50.02 7.82
N THR B 568 43.29 48.89 7.10
CA THR B 568 42.17 48.43 6.27
C THR B 568 40.90 48.05 7.03
N LYS B 569 40.92 46.82 7.52
CA LYS B 569 39.82 46.21 8.27
C LYS B 569 39.87 46.64 9.73
N SER B 570 40.21 47.91 9.94
CA SER B 570 40.31 48.49 11.27
C SER B 570 38.94 48.53 11.92
N THR B 571 38.75 47.78 13.01
CA THR B 571 37.48 47.76 13.72
C THR B 571 37.26 49.10 14.43
N ARG B 572 36.36 49.93 13.92
CA ARG B 572 36.10 51.22 14.55
C ARG B 572 35.29 51.10 15.84
N ILE B 573 35.61 51.93 16.82
CA ILE B 573 34.92 51.89 18.10
C ILE B 573 34.17 53.17 18.45
N PHE B 574 32.98 53.02 19.00
CA PHE B 574 32.12 54.13 19.43
C PHE B 574 31.90 54.16 20.94
N VAL B 575 31.80 55.37 21.47
CA VAL B 575 31.54 55.57 22.89
C VAL B 575 30.30 56.45 23.02
N ASN B 576 29.25 55.91 23.61
CA ASN B 576 28.01 56.65 23.79
C ASN B 576 27.63 57.42 22.53
N GLY B 577 27.92 56.86 21.36
CA GLY B 577 27.57 57.54 20.13
C GLY B 577 28.61 58.49 19.55
N VAL B 578 29.84 58.41 20.04
CA VAL B 578 30.92 59.25 19.54
C VAL B 578 31.99 58.32 19.02
N TRP B 579 32.74 58.76 18.01
CA TRP B 579 33.78 57.92 17.43
C TRP B 579 35.18 58.25 17.95
N THR B 580 35.61 57.50 18.97
CA THR B 580 36.93 57.70 19.60
C THR B 580 38.07 56.86 19.02
N GLY B 581 38.21 56.84 17.70
CA GLY B 581 39.29 56.07 17.10
C GLY B 581 39.00 54.59 16.89
N ILE B 582 39.88 53.94 16.13
CA ILE B 582 39.73 52.53 15.84
C ILE B 582 40.68 51.69 16.69
N HIS B 583 40.80 50.42 16.32
CA HIS B 583 41.67 49.51 17.02
C HIS B 583 42.07 48.40 16.07
N ARG B 584 43.31 47.93 16.21
CA ARG B 584 43.85 46.85 15.39
C ARG B 584 43.18 45.59 15.96
N ASP B 585 43.86 44.45 15.99
CA ASP B 585 43.24 43.23 16.53
C ASP B 585 42.44 43.49 17.83
N PRO B 586 41.08 43.45 17.74
CA PRO B 586 40.10 43.67 18.81
C PRO B 586 39.67 42.45 19.63
N SER B 587 39.69 41.28 19.00
CA SER B 587 39.30 40.03 19.65
C SER B 587 39.66 40.07 21.14
N MET B 588 40.82 40.63 21.45
CA MET B 588 41.26 40.73 22.82
C MET B 588 40.71 41.97 23.49
N LEU B 589 40.75 43.13 22.82
CA LEU B 589 40.20 44.33 23.42
C LEU B 589 38.86 43.95 24.00
N VAL B 590 38.16 43.09 23.26
CA VAL B 590 36.86 42.63 23.69
C VAL B 590 36.97 41.81 24.97
N SER B 591 37.48 40.58 24.87
CA SER B 591 37.57 39.73 26.04
C SER B 591 38.57 40.19 27.09
N THR B 592 38.52 41.48 27.39
CA THR B 592 39.36 42.12 28.39
C THR B 592 38.40 43.06 29.10
N MET B 593 37.64 43.82 28.32
CA MET B 593 36.66 44.72 28.89
C MET B 593 35.68 43.81 29.60
N ARG B 594 35.26 42.76 28.90
CA ARG B 594 34.33 41.79 29.45
C ARG B 594 34.87 41.12 30.72
N ASP B 595 36.19 41.06 30.88
CA ASP B 595 36.77 40.47 32.07
C ASP B 595 36.86 41.56 33.11
N LEU B 596 36.87 42.80 32.63
CA LEU B 596 36.97 43.96 33.50
C LEU B 596 35.63 44.17 34.19
N ARG B 597 34.53 43.98 33.46
CA ARG B 597 33.20 44.15 34.05
C ARG B 597 32.93 43.09 35.09
N ARG B 598 33.23 41.83 34.75
CA ARG B 598 33.00 40.70 35.64
C ARG B 598 33.73 40.73 36.99
N SER B 599 34.83 41.48 37.07
CA SER B 599 35.55 41.62 38.34
C SER B 599 34.87 42.83 38.98
N GLY B 600 34.28 43.66 38.14
CA GLY B 600 33.58 44.83 38.61
C GLY B 600 34.43 46.07 38.61
N ALA B 601 35.08 46.38 37.48
CA ALA B 601 35.92 47.58 37.41
C ALA B 601 35.41 48.57 36.34
N ILE B 602 34.32 48.18 35.67
CA ILE B 602 33.63 48.98 34.66
C ILE B 602 32.16 48.60 34.89
N SER B 603 31.47 49.36 35.74
CA SER B 603 30.07 49.12 36.10
C SER B 603 29.27 48.06 35.32
N PRO B 604 28.70 47.05 36.02
CA PRO B 604 27.92 45.98 35.38
C PRO B 604 26.78 46.51 34.52
N GLU B 605 26.55 47.81 34.62
CA GLU B 605 25.49 48.52 33.93
C GLU B 605 25.84 49.00 32.53
N VAL B 606 27.12 49.05 32.22
CA VAL B 606 27.56 49.51 30.92
C VAL B 606 27.35 48.46 29.84
N SER B 607 27.18 48.90 28.60
CA SER B 607 26.97 47.95 27.50
C SER B 607 28.13 47.98 26.51
N ILE B 608 28.55 46.79 26.10
CA ILE B 608 29.65 46.61 25.16
C ILE B 608 29.24 45.58 24.12
N ILE B 609 29.08 46.02 22.88
CA ILE B 609 28.67 45.12 21.80
C ILE B 609 29.68 45.06 20.66
N ARG B 610 30.13 43.87 20.31
CA ARG B 610 31.07 43.75 19.21
C ARG B 610 30.35 43.18 17.99
N ASP B 611 30.28 43.96 16.93
CA ASP B 611 29.62 43.54 15.70
C ASP B 611 30.67 43.21 14.65
N ILE B 612 31.23 42.01 14.76
CA ILE B 612 32.27 41.55 13.84
C ILE B 612 31.78 41.72 12.40
N ARG B 613 30.57 41.26 12.17
CA ARG B 613 29.91 41.31 10.87
C ARG B 613 29.84 42.70 10.26
N GLU B 614 30.55 43.65 10.85
CA GLU B 614 30.54 45.02 10.37
C GLU B 614 31.79 45.74 10.86
N ARG B 615 32.48 45.11 11.80
CA ARG B 615 33.70 45.68 12.34
C ARG B 615 33.44 46.99 13.09
N GLU B 616 32.88 46.88 14.28
CA GLU B 616 32.59 48.05 15.11
C GLU B 616 32.53 47.65 16.57
N PHE B 617 32.68 48.64 17.45
CA PHE B 617 32.62 48.38 18.88
C PHE B 617 31.74 49.39 19.61
N LYS B 618 30.62 48.90 20.10
CA LYS B 618 29.63 49.72 20.80
C LYS B 618 29.89 49.88 22.31
N ILE B 619 29.91 51.13 22.75
CA ILE B 619 30.13 51.47 24.16
C ILE B 619 28.97 52.29 24.68
N PHE B 620 28.27 51.78 25.70
CA PHE B 620 27.12 52.48 26.26
C PHE B 620 27.13 52.61 27.78
N THR B 621 27.05 53.86 28.22
CA THR B 621 27.01 54.21 29.64
C THR B 621 25.58 54.66 29.94
N ASP B 622 24.99 55.31 28.93
CA ASP B 622 23.62 55.85 28.92
C ASP B 622 22.70 55.58 30.11
N VAL B 623 21.71 56.44 30.28
CA VAL B 623 20.74 56.30 31.36
C VAL B 623 19.33 56.08 30.78
N GLY B 624 18.85 54.84 30.86
CA GLY B 624 17.54 54.51 30.35
C GLY B 624 17.52 53.25 29.49
N ARG B 625 18.55 52.43 29.62
CA ARG B 625 18.64 51.21 28.86
C ARG B 625 18.14 50.06 29.72
N VAL B 626 17.07 49.43 29.26
CA VAL B 626 16.51 48.31 30.01
C VAL B 626 17.43 47.11 29.85
N TYR B 627 17.71 46.41 30.95
CA TYR B 627 18.58 45.24 30.91
C TYR B 627 18.08 44.15 31.84
N ARG B 628 18.44 42.92 31.52
CA ARG B 628 18.04 41.78 32.34
C ARG B 628 19.31 41.04 32.73
N PRO B 629 19.21 40.08 33.67
CA PRO B 629 20.37 39.33 34.11
C PRO B 629 20.41 37.89 33.59
N LEU B 630 21.60 37.38 33.30
CA LEU B 630 21.75 36.02 32.81
C LEU B 630 22.95 35.29 33.39
N PHE B 631 22.89 33.95 33.36
CA PHE B 631 23.99 33.14 33.82
C PHE B 631 25.00 33.14 32.69
N ILE B 632 26.29 33.12 33.01
CA ILE B 632 27.32 33.11 31.97
C ILE B 632 27.71 31.65 31.72
N VAL B 633 27.89 31.28 30.46
CA VAL B 633 28.21 29.90 30.11
C VAL B 633 29.69 29.57 30.00
N GLU B 634 30.42 30.34 29.19
CA GLU B 634 31.86 30.12 28.98
C GLU B 634 32.29 28.64 28.99
N ASP B 635 32.76 28.14 27.85
CA ASP B 635 33.18 26.74 27.77
C ASP B 635 34.38 26.50 28.67
N ASP B 636 34.40 27.18 29.82
CA ASP B 636 35.48 27.07 30.79
C ASP B 636 35.57 25.74 31.56
N GLU B 637 35.46 24.62 30.87
CA GLU B 637 35.57 23.35 31.57
C GLU B 637 36.68 22.46 31.08
N SER B 638 37.81 22.54 31.78
CA SER B 638 38.98 21.75 31.49
C SER B 638 38.68 20.35 32.02
N LYS B 639 37.39 20.07 32.23
CA LYS B 639 36.92 18.78 32.71
C LYS B 639 35.70 18.34 31.88
N ASP B 640 35.55 18.90 30.69
CA ASP B 640 34.43 18.52 29.86
C ASP B 640 34.10 19.40 28.67
N ASN B 641 32.99 20.12 28.77
CA ASN B 641 32.50 20.99 27.70
C ASN B 641 32.19 22.43 28.17
N GLU B 644 29.99 25.20 30.12
CA GLU B 644 29.28 25.04 31.40
C GLU B 644 29.09 26.31 32.26
N LEU B 645 27.88 26.46 32.82
CA LEU B 645 27.56 27.60 33.68
C LEU B 645 28.65 27.82 34.70
N ARG B 646 29.23 29.01 34.71
CA ARG B 646 30.29 29.31 35.66
C ARG B 646 29.78 29.01 37.07
N ILE B 647 28.50 29.27 37.29
CA ILE B 647 27.89 29.03 38.59
C ILE B 647 27.78 27.53 38.85
N THR B 648 27.96 27.13 40.10
CA THR B 648 27.89 25.72 40.48
C THR B 648 27.03 25.50 41.71
N LYS B 649 26.69 24.24 41.99
CA LYS B 649 25.85 23.89 43.13
C LYS B 649 26.51 24.19 44.48
N GLU B 650 27.72 24.74 44.40
CA GLU B 650 28.45 25.11 45.60
C GLU B 650 28.21 26.58 45.88
N HIS B 651 27.98 27.33 44.81
CA HIS B 651 27.69 28.74 44.93
C HIS B 651 26.29 28.83 45.48
N ILE B 652 25.41 28.01 44.92
CA ILE B 652 24.01 27.94 45.33
C ILE B 652 23.83 27.71 46.81
N ARG B 653 24.16 26.51 47.27
CA ARG B 653 24.02 26.17 48.68
C ARG B 653 24.78 27.15 49.57
N LYS B 654 25.66 27.95 48.96
CA LYS B 654 26.44 28.95 49.69
C LYS B 654 25.52 30.17 49.92
N ILE B 655 24.45 30.22 49.14
CA ILE B 655 23.43 31.28 49.22
C ILE B 655 22.29 30.84 50.13
N VAL B 675 26.46 36.54 53.97
CA VAL B 675 27.44 37.45 53.39
C VAL B 675 27.68 37.14 51.91
N TYR B 676 26.70 36.49 51.28
CA TYR B 676 26.78 36.11 49.87
C TYR B 676 25.53 36.59 49.12
N GLY B 677 25.47 37.89 48.82
CA GLY B 677 24.33 38.48 48.14
C GLY B 677 24.25 38.20 46.64
N TRP B 678 23.67 39.17 45.96
CA TRP B 678 23.54 39.15 44.51
C TRP B 678 24.73 39.98 44.03
N SER B 679 25.21 40.86 44.91
CA SER B 679 26.36 41.70 44.58
C SER B 679 27.59 40.82 44.38
N SER B 680 27.63 39.67 45.05
CA SER B 680 28.76 38.78 44.88
C SER B 680 28.56 37.88 43.64
N LEU B 681 27.31 37.51 43.35
CA LEU B 681 27.01 36.68 42.19
C LEU B 681 27.43 37.38 40.92
N VAL B 682 27.66 38.68 41.04
CA VAL B 682 28.07 39.54 39.93
C VAL B 682 29.55 39.92 40.01
N THR B 683 30.07 40.03 41.23
CA THR B 683 31.47 40.39 41.42
C THR B 683 32.38 39.20 41.17
N SER B 684 31.79 38.08 40.75
CA SER B 684 32.56 36.87 40.47
C SER B 684 32.38 36.42 39.02
N GLY B 685 31.71 37.24 38.22
CA GLY B 685 31.49 36.92 36.82
C GLY B 685 30.65 35.66 36.60
N VAL B 686 29.62 35.47 37.42
CA VAL B 686 28.73 34.31 37.31
C VAL B 686 27.41 34.70 36.67
N ILE B 687 27.16 36.01 36.61
CA ILE B 687 25.95 36.57 36.04
C ILE B 687 26.29 37.91 35.43
N GLU B 688 25.59 38.24 34.34
CA GLU B 688 25.83 39.51 33.64
C GLU B 688 24.54 40.31 33.36
N TYR B 689 24.67 41.63 33.29
CA TYR B 689 23.54 42.50 32.99
C TYR B 689 23.54 42.80 31.49
N VAL B 690 22.68 42.13 30.74
CA VAL B 690 22.59 42.28 29.28
C VAL B 690 21.52 43.23 28.77
N ASP B 691 21.91 44.41 28.27
CA ASP B 691 20.88 45.30 27.76
C ASP B 691 20.42 44.76 26.40
N GLY B 692 19.39 45.37 25.83
CA GLY B 692 18.81 44.91 24.57
C GLY B 692 19.76 44.92 23.38
N GLU B 693 20.68 45.88 23.39
CA GLU B 693 21.66 46.04 22.31
C GLU B 693 22.70 44.92 22.30
N GLU B 694 23.33 44.74 23.46
CA GLU B 694 24.37 43.71 23.66
C GLU B 694 23.77 42.35 23.40
N GLU B 695 22.48 42.23 23.74
CA GLU B 695 21.74 41.00 23.55
C GLU B 695 21.98 40.50 22.12
N GLU B 696 21.81 41.40 21.17
CA GLU B 696 21.99 41.08 19.76
C GLU B 696 23.13 40.11 19.42
N THR B 697 24.28 40.25 20.10
CA THR B 697 25.46 39.42 19.83
C THR B 697 25.82 38.29 20.80
N ILE B 698 24.80 37.76 21.49
CA ILE B 698 25.00 36.65 22.43
C ILE B 698 24.07 35.51 22.05
N MET B 699 24.28 34.37 22.68
CA MET B 699 23.41 33.22 22.42
C MET B 699 22.92 32.75 23.78
N ILE B 700 21.62 32.86 24.01
CA ILE B 700 21.04 32.47 25.29
C ILE B 700 20.38 31.09 25.30
N ALA B 701 20.75 30.29 26.29
CA ALA B 701 20.20 28.95 26.45
C ALA B 701 19.03 29.05 27.42
N MET B 702 17.92 28.38 27.09
CA MET B 702 16.72 28.40 27.93
C MET B 702 16.94 27.68 29.24
N THR B 703 16.53 26.42 29.26
CA THR B 703 16.70 25.57 30.43
C THR B 703 18.20 25.32 30.60
N PRO B 704 18.75 25.60 31.79
CA PRO B 704 20.19 25.40 32.09
C PRO B 704 20.59 23.95 31.94
N GLU B 705 19.80 23.10 32.59
CA GLU B 705 19.99 21.67 32.55
C GLU B 705 20.00 21.22 31.09
N ASP B 706 18.90 20.60 30.67
CA ASP B 706 18.69 20.07 29.31
C ASP B 706 19.55 20.62 28.16
N LEU B 707 19.61 21.95 28.01
CA LEU B 707 20.39 22.54 26.94
C LEU B 707 21.91 22.46 27.20
N ASP B 721 8.72 11.15 27.95
CA ASP B 721 7.37 11.15 28.53
C ASP B 721 6.34 11.59 27.49
N THR B 722 5.24 10.82 27.34
CA THR B 722 4.20 11.17 26.36
C THR B 722 3.20 12.22 26.83
N ALA B 723 3.60 13.04 27.82
CA ALA B 723 2.71 14.05 28.37
C ALA B 723 3.18 15.49 28.23
N LYS B 724 4.36 15.79 28.74
CA LYS B 724 4.92 17.14 28.69
C LYS B 724 4.85 17.70 27.29
N ARG B 725 5.15 18.99 27.18
CA ARG B 725 5.14 19.69 25.91
C ARG B 725 6.38 19.25 25.13
N ILE B 726 6.24 19.02 23.83
CA ILE B 726 7.39 18.61 23.02
C ILE B 726 8.43 19.73 22.93
N LYS B 727 9.66 19.45 23.36
CA LYS B 727 10.74 20.43 23.33
C LYS B 727 11.71 20.18 22.20
N PRO B 728 12.16 21.24 21.54
CA PRO B 728 13.10 21.12 20.44
C PRO B 728 14.46 20.73 21.02
N THR B 737 27.78 26.99 21.16
CA THR B 737 28.20 28.38 21.09
C THR B 737 27.72 29.23 22.26
N PHE B 738 26.69 28.77 22.98
CA PHE B 738 26.10 29.49 24.11
C PHE B 738 27.04 30.38 24.93
N THR B 739 26.55 31.56 25.27
CA THR B 739 27.30 32.53 26.06
C THR B 739 26.63 32.79 27.41
N HIS B 740 25.30 32.67 27.42
CA HIS B 740 24.52 32.86 28.64
C HIS B 740 23.28 31.95 28.71
N CYS B 741 22.82 31.73 29.93
CA CYS B 741 21.64 30.91 30.14
C CYS B 741 20.57 31.77 30.82
N GLU B 742 19.31 31.36 30.71
CA GLU B 742 18.19 32.09 31.29
C GLU B 742 17.93 31.77 32.76
N ILE B 743 18.03 32.79 33.62
CA ILE B 743 17.80 32.61 35.05
C ILE B 743 16.57 31.71 35.19
N HIS B 744 15.52 32.08 34.44
CA HIS B 744 14.28 31.33 34.35
C HIS B 744 13.29 32.04 33.43
N PRO B 745 12.81 31.32 32.40
CA PRO B 745 11.87 31.82 31.40
C PRO B 745 10.65 32.46 32.01
N SER B 746 10.21 31.92 33.14
CA SER B 746 9.06 32.46 33.79
C SER B 746 9.41 33.82 34.42
N MET B 747 10.48 34.42 33.93
CA MET B 747 10.88 35.72 34.42
C MET B 747 10.66 36.78 33.37
N ILE B 748 10.19 36.35 32.19
CA ILE B 748 9.93 37.29 31.12
C ILE B 748 8.58 37.95 31.41
N LEU B 749 7.95 37.49 32.49
CA LEU B 749 6.66 38.02 32.92
C LEU B 749 6.84 39.16 33.96
N GLY B 750 5.85 40.04 34.04
CA GLY B 750 5.90 41.14 34.99
C GLY B 750 4.89 40.86 36.08
N VAL B 751 4.79 41.75 37.04
CA VAL B 751 3.87 41.59 38.16
C VAL B 751 2.54 40.90 37.84
N ALA B 752 1.82 41.42 36.85
CA ALA B 752 0.50 40.91 36.42
C ALA B 752 0.35 39.42 36.19
N ALA B 753 1.02 38.94 35.15
CA ALA B 753 0.93 37.55 34.79
C ALA B 753 1.48 36.61 35.86
N SER B 754 2.43 37.11 36.63
CA SER B 754 3.07 36.33 37.67
C SER B 754 2.11 35.64 38.62
N ILE B 755 0.88 36.14 38.70
CA ILE B 755 -0.15 35.57 39.58
C ILE B 755 -1.08 34.61 38.82
N ILE B 756 -0.94 34.59 37.49
CA ILE B 756 -1.76 33.73 36.63
C ILE B 756 -1.23 32.31 36.56
N PRO B 757 -2.07 31.33 36.95
CA PRO B 757 -1.72 29.91 36.94
C PRO B 757 -1.73 29.29 35.55
N PHE B 758 -0.59 28.75 35.15
CA PHE B 758 -0.44 28.08 33.86
C PHE B 758 -0.70 29.00 32.66
N PRO B 759 -0.21 30.24 32.74
CA PRO B 759 -0.39 31.21 31.65
C PRO B 759 0.09 30.62 30.34
N ASP B 760 0.79 29.50 30.46
CA ASP B 760 1.33 28.79 29.32
C ASP B 760 0.32 27.74 28.86
N HIS B 761 -0.96 27.95 29.18
CA HIS B 761 -1.99 26.98 28.79
C HIS B 761 -3.26 27.66 28.31
N ASN B 762 -3.26 28.99 28.32
CA ASN B 762 -4.42 29.75 27.90
C ASN B 762 -4.14 30.47 26.61
N GLN B 763 -5.21 30.91 25.97
CA GLN B 763 -5.10 31.67 24.73
C GLN B 763 -4.44 32.98 25.19
N SER B 764 -3.30 33.32 24.59
CA SER B 764 -2.60 34.52 25.01
C SER B 764 -3.49 35.76 25.20
N PRO B 765 -4.34 36.05 24.21
CA PRO B 765 -5.17 37.24 24.45
C PRO B 765 -5.96 37.23 25.76
N ARG B 766 -6.23 36.06 26.34
CA ARG B 766 -6.96 36.04 27.60
C ARG B 766 -6.04 36.46 28.75
N ASN B 767 -4.86 35.86 28.81
CA ASN B 767 -3.90 36.21 29.85
C ASN B 767 -3.81 37.71 29.93
N THR B 768 -3.79 38.35 28.75
CA THR B 768 -3.70 39.80 28.64
C THR B 768 -4.84 40.52 29.33
N TYR B 769 -6.00 39.86 29.41
CA TYR B 769 -7.17 40.43 30.08
C TYR B 769 -6.98 40.31 31.58
N GLN B 770 -6.85 39.09 32.08
CA GLN B 770 -6.63 38.88 33.51
C GLN B 770 -5.53 39.84 33.96
N SER B 771 -4.61 40.13 33.04
CA SER B 771 -3.50 41.01 33.31
C SER B 771 -4.04 42.36 33.73
N ALA B 772 -5.28 42.62 33.38
CA ALA B 772 -5.90 43.88 33.73
C ALA B 772 -6.87 43.75 34.92
N MET B 773 -7.71 42.73 34.92
CA MET B 773 -8.68 42.57 36.00
C MET B 773 -8.07 42.43 37.38
N GLY B 774 -6.85 41.91 37.43
CA GLY B 774 -6.18 41.75 38.71
C GLY B 774 -6.09 43.09 39.43
N LYS B 775 -5.74 44.14 38.69
CA LYS B 775 -5.63 45.48 39.26
C LYS B 775 -7.01 45.99 39.69
N GLN B 776 -8.00 45.10 39.72
CA GLN B 776 -9.36 45.45 40.09
C GLN B 776 -10.06 44.44 41.01
N ALA B 777 -9.29 43.60 41.68
CA ALA B 777 -9.89 42.64 42.58
C ALA B 777 -9.77 43.22 43.98
N MET B 778 -10.28 42.50 44.96
CA MET B 778 -10.22 42.99 46.32
C MET B 778 -9.22 42.22 47.16
N GLY B 779 -8.81 42.83 48.27
CA GLY B 779 -7.87 42.19 49.17
C GLY B 779 -7.38 43.05 50.32
N VAL B 780 -6.08 43.30 50.32
CA VAL B 780 -5.45 44.11 51.34
C VAL B 780 -4.33 44.81 50.62
N PHE B 781 -4.36 46.14 50.63
CA PHE B 781 -3.32 46.87 49.92
C PHE B 781 -2.15 47.30 50.80
N LEU B 782 -2.34 47.14 52.10
CA LEU B 782 -1.34 47.48 53.11
C LEU B 782 -1.98 46.99 54.40
N THR B 783 -1.24 46.99 55.49
CA THR B 783 -1.79 46.52 56.75
C THR B 783 -2.12 47.71 57.63
N ASN B 784 -1.44 48.82 57.37
CA ASN B 784 -1.65 50.03 58.14
C ASN B 784 -3.00 50.63 57.80
N TYR B 785 -3.63 50.08 56.79
CA TYR B 785 -4.91 50.60 56.31
C TYR B 785 -5.82 51.12 57.39
N ASN B 786 -5.77 50.52 58.57
CA ASN B 786 -6.63 50.97 59.65
C ASN B 786 -6.26 52.36 60.19
N VAL B 787 -5.15 52.92 59.71
CA VAL B 787 -4.69 54.25 60.12
C VAL B 787 -4.51 55.13 58.89
N ARG B 788 -5.29 54.85 57.86
CA ARG B 788 -5.20 55.60 56.62
C ARG B 788 -6.47 56.39 56.30
N MET B 789 -6.31 57.66 55.99
CA MET B 789 -7.45 58.50 55.67
C MET B 789 -7.60 58.82 54.17
N ASP B 790 -7.66 57.76 53.36
CA ASP B 790 -7.79 57.84 51.90
C ASP B 790 -9.26 57.64 51.43
N THR B 791 -9.67 58.39 50.41
CA THR B 791 -11.04 58.23 49.88
C THR B 791 -11.08 56.90 49.16
N MET B 792 -12.08 56.09 49.49
CA MET B 792 -12.24 54.77 48.89
C MET B 792 -11.06 53.85 49.15
N ALA B 793 -11.39 52.63 49.55
CA ALA B 793 -10.42 51.58 49.85
C ALA B 793 -11.30 50.39 50.22
N ASN B 794 -10.93 49.22 49.74
CA ASN B 794 -11.73 48.03 50.04
C ASN B 794 -10.88 46.90 50.60
N ILE B 795 -11.41 46.23 51.62
CA ILE B 795 -10.73 45.08 52.20
C ILE B 795 -11.68 43.89 52.20
N LEU B 796 -11.22 42.79 51.62
CA LEU B 796 -12.00 41.57 51.56
C LEU B 796 -12.05 41.03 52.99
N TYR B 797 -13.25 40.88 53.52
CA TYR B 797 -13.40 40.38 54.89
C TYR B 797 -12.34 39.31 55.19
N TYR B 798 -12.43 38.18 54.53
CA TYR B 798 -11.46 37.12 54.79
C TYR B 798 -10.70 36.75 53.52
N PRO B 799 -9.39 37.05 53.49
CA PRO B 799 -8.58 36.72 52.32
C PRO B 799 -8.31 35.22 52.24
N GLN B 800 -7.42 34.83 51.34
CA GLN B 800 -7.07 33.43 51.19
C GLN B 800 -6.02 33.30 50.13
N LYS B 801 -4.84 32.80 50.50
CA LYS B 801 -3.78 32.61 49.54
C LYS B 801 -4.31 31.44 48.68
N PRO B 802 -4.09 31.48 47.37
CA PRO B 802 -4.57 30.43 46.46
C PRO B 802 -4.10 28.99 46.68
N LEU B 803 -4.95 28.05 46.27
CA LEU B 803 -4.63 26.63 46.39
C LEU B 803 -3.55 26.28 45.38
N ALA B 804 -3.35 27.15 44.39
CA ALA B 804 -2.32 26.92 43.40
C ALA B 804 -1.54 28.22 43.24
N LYS B 805 -0.21 28.18 43.16
CA LYS B 805 0.52 29.43 43.05
C LYS B 805 1.75 29.45 42.15
N THR B 806 2.25 30.65 41.88
CA THR B 806 3.44 30.82 41.07
C THR B 806 4.59 30.95 42.04
N GLN B 807 5.72 30.39 41.66
CA GLN B 807 6.91 30.47 42.48
C GLN B 807 7.20 31.96 42.59
N ALA B 808 6.83 32.71 41.58
CA ALA B 808 7.07 34.15 41.53
C ALA B 808 6.26 34.90 42.57
N MET B 809 5.07 34.39 42.89
CA MET B 809 4.23 35.06 43.87
C MET B 809 5.01 35.39 45.12
N GLU B 810 5.97 34.52 45.43
CA GLU B 810 6.81 34.64 46.61
C GLU B 810 7.48 35.99 46.77
N TYR B 811 7.61 36.73 45.67
CA TYR B 811 8.26 38.06 45.71
C TYR B 811 7.22 39.14 45.53
N LEU B 812 5.99 38.72 45.30
CA LEU B 812 4.86 39.61 45.10
C LEU B 812 4.02 39.62 46.38
N LYS B 813 4.65 39.12 47.45
CA LYS B 813 4.08 39.01 48.80
C LYS B 813 2.61 38.58 48.70
N PHE B 814 2.27 38.01 47.57
CA PHE B 814 0.90 37.61 47.32
C PHE B 814 0.31 36.68 48.35
N ARG B 815 1.07 35.69 48.80
CA ARG B 815 0.53 34.75 49.77
C ARG B 815 0.06 35.45 51.06
N GLU B 816 0.67 36.60 51.37
CA GLU B 816 0.32 37.36 52.58
C GLU B 816 -0.65 38.50 52.29
N LEU B 817 -0.91 38.74 51.01
CA LEU B 817 -1.84 39.78 50.62
C LEU B 817 -2.67 39.36 49.41
N PRO B 818 -3.39 38.20 49.54
CA PRO B 818 -4.23 37.67 48.45
C PRO B 818 -5.24 38.65 47.84
N ALA B 819 -5.65 38.36 46.61
CA ALA B 819 -6.59 39.19 45.86
C ALA B 819 -7.91 38.47 45.75
N GLY B 820 -8.05 37.38 46.49
CA GLY B 820 -9.29 36.64 46.44
C GLY B 820 -9.40 35.49 47.41
N GLN B 821 -10.32 34.57 47.08
CA GLN B 821 -10.62 33.39 47.88
C GLN B 821 -10.75 32.15 46.99
N ASN B 822 -10.61 30.99 47.61
CA ASN B 822 -10.72 29.73 46.90
C ASN B 822 -12.15 29.22 47.00
N ALA B 823 -12.90 29.47 45.93
CA ALA B 823 -14.32 29.10 45.83
C ALA B 823 -14.51 27.70 45.31
N ILE B 824 -15.50 27.02 45.86
CA ILE B 824 -15.78 25.68 45.41
C ILE B 824 -16.63 25.72 44.14
N VAL B 825 -15.93 25.93 43.02
CA VAL B 825 -16.50 26.03 41.68
C VAL B 825 -17.28 24.78 41.22
N ALA B 826 -18.09 24.93 40.19
CA ALA B 826 -18.85 23.83 39.65
C ALA B 826 -19.34 24.30 38.30
N ILE B 827 -18.60 23.91 37.27
CA ILE B 827 -18.89 24.25 35.89
C ILE B 827 -20.01 23.41 35.30
N ALA B 828 -21.24 23.89 35.39
CA ALA B 828 -22.37 23.17 34.84
C ALA B 828 -23.56 24.08 34.56
N CYS B 829 -24.55 23.51 33.87
CA CYS B 829 -25.78 24.21 33.53
C CYS B 829 -26.73 23.85 34.65
N TYR B 830 -27.66 24.74 34.98
CA TYR B 830 -28.58 24.43 36.06
C TYR B 830 -29.91 25.13 35.83
N SER B 831 -30.11 26.24 36.52
CA SER B 831 -31.35 26.95 36.35
C SER B 831 -31.36 27.68 35.02
N GLY B 832 -30.16 27.87 34.47
CA GLY B 832 -30.07 28.61 33.23
C GLY B 832 -29.90 30.07 33.62
N TYR B 833 -29.34 30.29 34.81
CA TYR B 833 -29.08 31.63 35.33
C TYR B 833 -27.58 31.87 35.34
N ASN B 834 -26.82 30.87 34.90
CA ASN B 834 -25.37 30.98 34.84
C ASN B 834 -25.04 31.16 33.38
N GLN B 835 -26.07 31.48 32.61
CA GLN B 835 -25.99 31.69 31.18
C GLN B 835 -25.31 33.02 30.80
N GLU B 836 -24.71 33.06 29.62
CA GLU B 836 -24.03 34.24 29.07
C GLU B 836 -23.10 35.04 30.01
N ASP B 837 -22.19 34.32 30.65
CA ASP B 837 -21.20 34.87 31.56
C ASP B 837 -21.73 35.39 32.89
N SER B 838 -22.95 35.01 33.23
CA SER B 838 -23.53 35.37 34.51
C SER B 838 -23.38 34.07 35.32
N MET B 839 -22.99 34.18 36.58
CA MET B 839 -22.77 32.99 37.41
C MET B 839 -23.71 32.89 38.60
N ILE B 840 -23.93 31.65 39.08
CA ILE B 840 -24.82 31.41 40.24
C ILE B 840 -23.94 31.30 41.47
N MET B 841 -24.26 32.05 42.53
CA MET B 841 -23.48 32.00 43.76
C MET B 841 -24.35 31.54 44.96
N ASN B 842 -23.87 30.48 45.61
CA ASN B 842 -24.51 29.84 46.76
C ASN B 842 -24.73 30.79 47.94
N GLN B 843 -25.93 31.33 48.00
CA GLN B 843 -26.34 32.24 49.06
C GLN B 843 -25.87 31.80 50.43
N SER B 844 -26.23 30.57 50.80
CA SER B 844 -25.87 30.02 52.10
C SER B 844 -24.47 30.38 52.55
N SER B 845 -23.48 30.15 51.70
CA SER B 845 -22.10 30.48 52.05
C SER B 845 -21.80 31.96 51.87
N ILE B 846 -22.70 32.67 51.21
CA ILE B 846 -22.52 34.09 51.03
C ILE B 846 -22.80 34.70 52.40
N ASP B 847 -23.65 33.99 53.15
CA ASP B 847 -24.05 34.37 54.49
C ASP B 847 -22.95 34.06 55.48
N ARG B 848 -22.33 32.88 55.34
CA ARG B 848 -21.22 32.49 56.21
C ARG B 848 -20.02 33.45 55.96
N GLY B 849 -20.33 34.59 55.34
CA GLY B 849 -19.34 35.61 55.06
C GLY B 849 -18.50 35.49 53.81
N LEU B 850 -18.85 34.61 52.87
CA LEU B 850 -18.03 34.47 51.67
C LEU B 850 -18.03 35.70 50.74
N PHE B 851 -16.85 36.23 50.48
CA PHE B 851 -16.71 37.37 49.60
C PHE B 851 -17.35 38.65 50.08
N ARG B 852 -17.34 38.86 51.39
CA ARG B 852 -17.88 40.07 51.94
C ARG B 852 -16.67 40.99 52.02
N SER B 853 -16.89 42.30 51.95
CA SER B 853 -15.79 43.26 51.98
C SER B 853 -16.15 44.59 52.62
N LEU B 854 -15.21 45.16 53.36
CA LEU B 854 -15.45 46.47 53.97
C LEU B 854 -15.19 47.53 52.92
N PHE B 855 -15.87 48.66 53.07
CA PHE B 855 -15.71 49.78 52.14
C PHE B 855 -15.48 51.05 52.93
N PHE B 856 -14.41 51.76 52.64
CA PHE B 856 -14.16 53.00 53.35
C PHE B 856 -14.33 54.20 52.45
N ARG B 857 -14.43 55.38 53.06
CA ARG B 857 -14.55 56.63 52.32
C ARG B 857 -14.15 57.76 53.24
N SER B 858 -13.65 58.85 52.65
CA SER B 858 -13.20 59.97 53.45
C SER B 858 -13.53 61.33 52.88
N TYR B 859 -14.60 61.96 53.36
CA TYR B 859 -14.95 63.28 52.89
C TYR B 859 -14.04 64.18 53.72
N MET B 860 -13.48 65.23 53.12
CA MET B 860 -12.59 66.13 53.87
C MET B 860 -12.81 67.63 53.60
N ASP B 861 -12.57 68.45 54.62
CA ASP B 861 -12.77 69.90 54.48
C ASP B 861 -11.76 70.75 55.27
N GLN B 862 -11.73 72.04 54.97
CA GLN B 862 -10.84 73.01 55.60
C GLN B 862 -11.64 74.23 56.00
N GLU B 863 -10.97 75.13 56.73
CA GLU B 863 -11.58 76.38 57.15
C GLU B 863 -10.76 77.50 56.48
N LYS B 864 -11.18 77.90 55.28
CA LYS B 864 -10.50 78.96 54.51
C LYS B 864 -10.50 80.30 55.23
N ARG B 865 -9.45 81.10 55.00
CA ARG B 865 -9.35 82.43 55.60
C ARG B 865 -8.97 83.42 54.49
N PHE B 866 -8.54 84.61 54.89
CA PHE B 866 -8.11 85.66 53.95
C PHE B 866 -7.04 86.49 54.67
N GLY B 867 -6.05 87.00 53.95
CA GLY B 867 -5.04 87.82 54.60
C GLY B 867 -5.75 88.88 55.43
N ILE B 868 -7.00 89.13 55.02
CA ILE B 868 -7.91 90.10 55.65
C ILE B 868 -8.78 89.34 56.65
N SER B 869 -8.24 89.12 57.84
CA SER B 869 -8.90 88.38 58.93
C SER B 869 -10.42 88.20 58.84
N ILE B 870 -10.83 87.22 58.04
CA ILE B 870 -12.24 86.85 57.83
C ILE B 870 -12.17 85.32 57.73
N VAL B 871 -12.50 84.62 58.82
CA VAL B 871 -12.42 83.16 58.86
C VAL B 871 -13.77 82.41 58.79
N GLU B 872 -13.71 81.14 58.40
CA GLU B 872 -14.90 80.30 58.29
C GLU B 872 -15.13 79.64 59.64
N GLU B 873 -16.15 78.78 59.72
CA GLU B 873 -16.48 78.10 60.97
C GLU B 873 -16.95 76.64 60.84
N PHE B 874 -16.75 75.90 61.93
CA PHE B 874 -17.13 74.50 62.03
C PHE B 874 -18.10 74.44 63.19
N GLU B 875 -19.39 74.58 62.91
CA GLU B 875 -20.38 74.54 63.98
C GLU B 875 -21.61 73.74 63.59
N LYS B 876 -22.70 73.93 64.33
CA LYS B 876 -23.96 73.24 64.05
C LYS B 876 -25.03 74.29 63.76
N PRO B 877 -24.85 75.07 62.67
CA PRO B 877 -25.73 76.14 62.20
C PRO B 877 -27.18 75.81 61.92
N THR B 878 -28.04 76.82 62.11
CA THR B 878 -29.49 76.75 61.89
C THR B 878 -29.94 78.20 61.65
N ARG B 879 -31.17 78.40 61.18
CA ARG B 879 -31.68 79.75 60.90
C ARG B 879 -30.56 80.78 60.76
N ALA B 880 -30.74 81.90 61.43
CA ALA B 880 -29.76 82.96 61.45
C ALA B 880 -29.61 83.74 60.12
N THR B 881 -30.58 84.61 59.83
CA THR B 881 -30.65 85.50 58.67
C THR B 881 -30.35 85.06 57.23
N THR B 882 -29.57 83.99 57.04
CA THR B 882 -29.16 83.51 55.70
C THR B 882 -30.05 82.49 54.92
N LEU B 883 -30.29 81.34 55.54
CA LEU B 883 -31.10 80.25 54.95
C LEU B 883 -30.18 79.25 54.22
N ARG B 884 -29.15 79.75 53.52
CA ARG B 884 -28.21 78.90 52.79
C ARG B 884 -27.92 77.62 53.54
N LEU B 885 -28.79 76.62 53.41
CA LEU B 885 -28.59 75.34 54.10
C LEU B 885 -28.97 74.16 53.23
N LYS B 886 -28.76 72.96 53.77
CA LYS B 886 -29.07 71.73 53.04
C LYS B 886 -30.46 71.20 53.37
N HIS B 887 -30.79 70.08 52.74
CA HIS B 887 -32.09 69.43 52.92
C HIS B 887 -32.04 68.43 54.11
N GLY B 888 -31.04 67.56 54.11
CA GLY B 888 -30.88 66.55 55.16
C GLY B 888 -30.89 67.03 56.61
N THR B 889 -30.41 66.19 57.51
CA THR B 889 -30.38 66.54 58.95
C THR B 889 -29.00 66.88 59.44
N TYR B 890 -28.96 67.74 60.44
CA TYR B 890 -27.68 68.15 61.02
C TYR B 890 -27.56 67.61 62.44
N GLU B 891 -28.68 67.06 62.94
CA GLU B 891 -28.76 66.52 64.30
C GLU B 891 -27.69 65.51 64.75
N LYS B 892 -27.08 64.80 63.79
CA LYS B 892 -26.04 63.83 64.13
C LYS B 892 -24.73 64.56 64.21
N LEU B 893 -24.82 65.87 64.40
CA LEU B 893 -23.66 66.72 64.51
C LEU B 893 -23.48 67.28 65.91
N ASP B 894 -22.45 66.82 66.59
CA ASP B 894 -22.14 67.32 67.92
C ASP B 894 -21.82 68.79 67.65
N GLU B 895 -21.70 69.59 68.70
CA GLU B 895 -21.44 71.02 68.55
C GLU B 895 -20.10 71.39 67.91
N ASP B 896 -19.20 70.42 67.77
CA ASP B 896 -17.89 70.70 67.17
C ASP B 896 -17.98 70.70 65.65
N GLY B 897 -19.21 70.54 65.14
CA GLY B 897 -19.44 70.52 63.71
C GLY B 897 -19.06 69.18 63.12
N LEU B 898 -18.93 68.18 63.99
CA LEU B 898 -18.55 66.84 63.56
C LEU B 898 -19.48 65.78 64.10
N ILE B 899 -19.32 64.58 63.56
CA ILE B 899 -20.11 63.45 63.99
C ILE B 899 -19.16 62.70 64.93
N ALA B 900 -19.67 61.65 65.55
CA ALA B 900 -18.85 60.84 66.42
C ALA B 900 -18.58 59.57 65.61
N PRO B 901 -17.54 58.81 65.96
CA PRO B 901 -17.31 57.61 65.16
C PRO B 901 -18.35 56.49 65.33
N GLY B 902 -19.30 56.65 66.24
CA GLY B 902 -20.30 55.61 66.44
C GLY B 902 -21.53 55.75 65.55
N VAL B 903 -21.89 57.01 65.31
CA VAL B 903 -23.03 57.40 64.50
C VAL B 903 -23.31 56.63 63.22
N ARG B 904 -24.57 56.25 63.04
CA ARG B 904 -24.98 55.54 61.85
C ARG B 904 -25.62 56.55 60.91
N VAL B 905 -24.84 57.08 59.95
CA VAL B 905 -25.31 58.06 58.98
C VAL B 905 -25.90 57.39 57.74
N SER B 906 -26.70 58.12 56.98
CA SER B 906 -27.32 57.55 55.78
C SER B 906 -27.72 58.58 54.70
N GLY B 907 -28.87 58.33 54.06
CA GLY B 907 -29.41 59.20 53.01
C GLY B 907 -28.59 60.39 52.51
N ASP B 908 -28.56 61.47 53.29
CA ASP B 908 -27.80 62.65 52.89
C ASP B 908 -27.20 63.32 54.12
N ASP B 909 -27.70 62.89 55.28
CA ASP B 909 -27.27 63.38 56.59
C ASP B 909 -25.97 64.18 56.54
N ILE B 910 -26.04 65.44 56.97
CA ILE B 910 -24.87 66.30 56.99
C ILE B 910 -23.74 65.69 57.81
N ILE B 911 -22.63 65.37 57.15
CA ILE B 911 -21.48 64.77 57.81
C ILE B 911 -20.60 65.80 58.51
N ILE B 912 -20.58 67.01 57.98
CA ILE B 912 -19.79 68.07 58.56
C ILE B 912 -20.56 69.36 58.53
N GLY B 913 -20.22 70.27 59.45
CA GLY B 913 -20.88 71.56 59.52
C GLY B 913 -19.90 72.71 59.47
N LYS B 914 -20.03 73.51 58.43
CA LYS B 914 -19.17 74.66 58.21
C LYS B 914 -20.03 75.83 57.79
N THR B 915 -19.54 77.04 58.03
CA THR B 915 -20.28 78.24 57.68
C THR B 915 -19.39 79.36 57.15
N THR B 916 -20.02 80.33 56.51
CA THR B 916 -19.32 81.46 55.94
C THR B 916 -19.96 82.80 56.31
N PRO B 917 -19.30 83.56 57.19
CA PRO B 917 -19.85 84.85 57.59
C PRO B 917 -19.50 85.89 56.51
N LYS B 934 -25.31 83.66 57.87
CA LYS B 934 -24.80 82.27 57.89
C LYS B 934 -25.09 81.42 56.64
N ARG B 935 -24.15 81.40 55.68
CA ARG B 935 -24.31 80.57 54.49
C ARG B 935 -23.58 79.24 54.74
N ASP B 936 -24.24 78.12 54.44
CA ASP B 936 -23.68 76.77 54.68
C ASP B 936 -22.62 76.26 53.72
N ALA B 937 -21.66 75.52 54.28
CA ALA B 937 -20.57 74.92 53.52
C ALA B 937 -20.37 73.51 54.11
N SER B 938 -21.42 73.01 54.75
CA SER B 938 -21.42 71.69 55.38
C SER B 938 -21.44 70.55 54.34
N THR B 939 -20.76 69.44 54.64
CA THR B 939 -20.67 68.32 53.71
C THR B 939 -21.70 67.19 53.91
N PRO B 940 -22.39 66.79 52.83
CA PRO B 940 -23.41 65.73 52.87
C PRO B 940 -22.94 64.38 52.32
N LEU B 941 -23.29 63.32 53.02
CA LEU B 941 -22.94 61.97 52.60
C LEU B 941 -23.51 61.78 51.21
N ARG B 942 -22.70 61.35 50.27
CA ARG B 942 -23.17 61.13 48.91
C ARG B 942 -24.53 60.44 48.87
N SER B 943 -25.46 61.04 48.15
CA SER B 943 -26.81 60.51 48.04
C SER B 943 -27.02 58.99 47.83
N THR B 944 -26.14 58.32 47.10
CA THR B 944 -26.31 56.87 46.87
C THR B 944 -25.84 56.02 48.03
N GLU B 945 -24.96 56.60 48.84
CA GLU B 945 -24.33 55.93 49.97
C GLU B 945 -25.02 55.88 51.32
N ASN B 946 -24.20 55.48 52.30
CA ASN B 946 -24.57 55.36 53.70
C ASN B 946 -23.71 54.29 54.38
N GLY B 947 -23.72 54.31 55.72
CA GLY B 947 -22.94 53.37 56.50
C GLY B 947 -22.86 53.81 57.96
N ILE B 948 -21.63 53.94 58.46
CA ILE B 948 -21.35 54.35 59.83
C ILE B 948 -20.05 55.17 59.83
N VAL B 949 -19.96 56.14 60.74
CA VAL B 949 -18.75 56.95 60.81
C VAL B 949 -17.72 56.00 61.39
N ASP B 950 -16.47 56.11 60.96
CA ASP B 950 -15.44 55.21 61.43
C ASP B 950 -14.23 55.88 62.06
N GLN B 951 -14.09 57.20 61.88
CA GLN B 951 -12.95 57.91 62.45
C GLN B 951 -12.90 59.33 61.98
N VAL B 952 -12.95 60.25 62.93
CA VAL B 952 -12.93 61.69 62.68
C VAL B 952 -11.61 62.24 63.22
N LEU B 953 -11.08 63.30 62.62
CA LEU B 953 -9.83 63.84 63.14
C LEU B 953 -9.61 65.30 62.77
N LEU B 954 -9.25 66.09 63.78
CA LEU B 954 -9.00 67.53 63.61
C LEU B 954 -7.51 67.77 63.45
N THR B 955 -7.12 68.81 62.71
CA THR B 955 -5.70 69.08 62.53
C THR B 955 -5.36 70.44 61.98
N THR B 956 -4.10 70.81 62.18
CA THR B 956 -3.55 72.09 61.72
C THR B 956 -3.26 71.98 60.21
N ASN B 957 -3.02 73.14 59.61
CA ASN B 957 -2.67 73.26 58.20
C ASN B 957 -1.40 74.13 58.26
N GLN B 958 -0.60 74.19 57.19
CA GLN B 958 0.60 75.03 57.26
C GLN B 958 0.18 76.44 57.67
N GLU B 959 -0.98 76.85 57.15
CA GLU B 959 -1.58 78.17 57.41
C GLU B 959 -2.41 78.21 58.72
N GLY B 960 -2.06 77.36 59.67
CA GLY B 960 -2.76 77.30 60.95
C GLY B 960 -4.28 77.22 60.85
N LEU B 961 -4.78 76.68 59.74
CA LEU B 961 -6.22 76.54 59.52
C LEU B 961 -6.69 75.21 60.10
N LYS B 962 -8.01 75.09 60.33
CA LYS B 962 -8.59 73.85 60.87
C LYS B 962 -8.87 72.80 59.80
N PHE B 963 -8.04 71.76 59.82
CA PHE B 963 -8.13 70.64 58.88
C PHE B 963 -8.88 69.50 59.56
N VAL B 964 -9.87 68.96 58.86
CA VAL B 964 -10.68 67.87 59.38
C VAL B 964 -11.12 66.91 58.29
N LYS B 965 -10.77 65.64 58.45
CA LYS B 965 -11.14 64.58 57.52
C LYS B 965 -12.06 63.61 58.27
N VAL B 966 -13.03 63.04 57.58
CA VAL B 966 -13.96 62.08 58.17
C VAL B 966 -13.93 60.79 57.39
N ARG B 967 -13.98 59.65 58.07
CA ARG B 967 -13.98 58.38 57.38
C ARG B 967 -15.22 57.57 57.74
N MET B 968 -15.90 57.04 56.73
CA MET B 968 -17.11 56.23 56.93
C MET B 968 -16.87 54.79 56.48
N ARG B 969 -17.38 53.84 57.24
CA ARG B 969 -17.19 52.43 56.90
C ARG B 969 -18.53 51.84 56.49
N THR B 970 -18.49 50.68 55.84
CA THR B 970 -19.70 49.96 55.40
C THR B 970 -19.28 48.56 55.05
N THR B 971 -20.11 47.58 55.37
CA THR B 971 -19.74 46.24 54.95
C THR B 971 -20.55 46.05 53.70
N LYS B 972 -19.92 45.58 52.63
CA LYS B 972 -20.59 45.37 51.36
C LYS B 972 -20.76 43.88 51.11
N VAL B 973 -22.01 43.46 50.97
CA VAL B 973 -22.28 42.07 50.74
C VAL B 973 -22.45 41.72 49.26
N PRO B 974 -21.95 40.55 48.83
CA PRO B 974 -22.10 40.17 47.43
C PRO B 974 -23.60 40.15 47.11
N GLN B 975 -23.98 40.66 45.95
CA GLN B 975 -25.39 40.75 45.57
C GLN B 975 -25.64 40.24 44.14
N ILE B 976 -26.89 39.85 43.86
CA ILE B 976 -27.28 39.32 42.55
C ILE B 976 -27.00 40.28 41.38
N GLY B 977 -25.73 40.61 41.16
CA GLY B 977 -25.36 41.50 40.07
C GLY B 977 -23.88 41.85 40.09
N ASP B 978 -23.31 41.82 41.29
CA ASP B 978 -21.89 42.13 41.45
C ASP B 978 -21.00 41.25 40.57
N LYS B 979 -19.91 41.85 40.09
CA LYS B 979 -18.98 41.19 39.20
C LYS B 979 -17.86 40.46 39.93
N PHE B 980 -17.44 39.35 39.34
CA PHE B 980 -16.36 38.50 39.83
C PHE B 980 -15.58 37.98 38.65
N ALA B 981 -14.54 37.17 38.92
CA ALA B 981 -13.71 36.59 37.87
C ALA B 981 -12.55 35.81 38.44
N SER B 982 -12.05 34.87 37.66
CA SER B 982 -10.91 34.08 38.09
C SER B 982 -9.67 34.82 37.59
N ARG B 983 -8.58 34.08 37.36
CA ARG B 983 -7.35 34.69 36.90
C ARG B 983 -7.15 34.34 35.43
N HIS B 984 -8.24 34.09 34.72
CA HIS B 984 -8.19 33.70 33.32
C HIS B 984 -9.11 34.47 32.37
N GLY B 985 -9.33 35.76 32.64
CA GLY B 985 -10.22 36.52 31.77
C GLY B 985 -11.63 35.90 31.76
N GLN B 986 -11.87 35.08 32.77
CA GLN B 986 -13.12 34.38 32.94
C GLN B 986 -13.99 35.24 33.87
N LYS B 987 -14.28 36.46 33.43
CA LYS B 987 -15.09 37.43 34.16
C LYS B 987 -16.58 37.14 34.00
N GLY B 988 -17.35 37.40 35.03
CA GLY B 988 -18.78 37.16 34.95
C GLY B 988 -19.50 37.80 36.14
N THR B 989 -20.80 38.10 35.99
CA THR B 989 -21.53 38.71 37.11
C THR B 989 -22.58 37.73 37.65
N ILE B 990 -23.11 38.05 38.82
CA ILE B 990 -24.12 37.23 39.44
C ILE B 990 -25.48 37.38 38.76
N GLY B 991 -26.14 36.24 38.50
CA GLY B 991 -27.43 36.25 37.86
C GLY B 991 -28.54 35.98 38.88
N VAL B 992 -28.22 35.17 39.89
CA VAL B 992 -29.16 34.80 40.94
C VAL B 992 -28.33 34.21 42.06
N THR B 993 -28.98 33.82 43.16
CA THR B 993 -28.30 33.18 44.28
C THR B 993 -29.26 32.16 44.89
N TYR B 994 -28.82 30.90 44.89
CA TYR B 994 -29.60 29.81 45.45
C TYR B 994 -28.98 29.44 46.80
N ARG B 995 -29.60 28.55 47.56
CA ARG B 995 -29.03 28.12 48.84
C ARG B 995 -28.54 26.67 48.78
N HIS B 996 -28.27 26.07 49.92
CA HIS B 996 -27.77 24.70 49.94
C HIS B 996 -28.76 23.68 49.38
N GLU B 997 -29.99 23.71 49.85
CA GLU B 997 -30.99 22.77 49.34
C GLU B 997 -31.08 22.89 47.82
N ASP B 998 -31.54 24.05 47.36
CA ASP B 998 -31.68 24.35 45.94
C ASP B 998 -30.43 23.98 45.12
N MET B 999 -29.27 24.07 45.76
CA MET B 999 -28.02 23.80 45.10
C MET B 999 -27.85 22.33 44.69
N PRO B 1000 -27.11 22.08 43.60
CA PRO B 1000 -26.88 20.70 43.15
C PRO B 1000 -25.77 20.21 44.07
N PHE B 1001 -25.65 18.89 44.28
CA PHE B 1001 -24.62 18.41 45.18
C PHE B 1001 -24.05 17.05 44.86
N SER B 1002 -23.00 16.71 45.61
CA SER B 1002 -22.28 15.44 45.48
C SER B 1002 -22.40 14.64 46.76
N ALA B 1003 -22.54 13.33 46.62
CA ALA B 1003 -22.66 12.41 47.74
C ALA B 1003 -21.95 12.85 49.01
N GLU B 1004 -20.68 13.24 48.87
CA GLU B 1004 -19.87 13.68 50.01
C GLU B 1004 -20.61 14.72 50.85
N GLY B 1005 -21.38 15.53 50.17
CA GLY B 1005 -22.11 16.60 50.82
C GLY B 1005 -21.66 17.82 50.06
N ILE B 1006 -20.33 17.99 49.98
CA ILE B 1006 -19.72 19.12 49.29
C ILE B 1006 -20.66 19.68 48.23
N VAL B 1007 -20.84 21.00 48.25
CA VAL B 1007 -21.72 21.71 47.34
C VAL B 1007 -20.96 22.93 46.79
N PRO B 1008 -21.29 23.40 45.58
CA PRO B 1008 -20.57 24.55 45.03
C PRO B 1008 -20.89 25.88 45.65
N ASP B 1009 -19.92 26.78 45.58
CA ASP B 1009 -20.13 28.12 46.08
C ASP B 1009 -20.47 28.90 44.83
N LEU B 1010 -19.93 28.41 43.72
CA LEU B 1010 -20.14 29.07 42.45
C LEU B 1010 -20.45 28.07 41.36
N ILE B 1011 -21.30 28.48 40.43
CA ILE B 1011 -21.69 27.65 39.30
C ILE B 1011 -21.56 28.51 38.04
N ILE B 1012 -20.47 28.30 37.30
CA ILE B 1012 -20.25 29.05 36.07
C ILE B 1012 -20.63 28.14 34.92
N ASN B 1013 -20.97 28.72 33.78
CA ASN B 1013 -21.43 27.91 32.65
C ASN B 1013 -20.37 27.23 31.80
N PRO B 1014 -20.59 25.93 31.48
CA PRO B 1014 -19.64 25.17 30.64
C PRO B 1014 -19.35 25.88 29.32
N HIS B 1015 -20.27 26.76 28.92
CA HIS B 1015 -20.15 27.53 27.69
C HIS B 1015 -19.04 28.60 27.68
N ALA B 1016 -18.58 29.01 28.86
CA ALA B 1016 -17.52 30.02 28.93
C ALA B 1016 -16.15 29.39 28.77
N ILE B 1017 -16.11 28.15 28.31
CA ILE B 1017 -14.85 27.43 28.14
C ILE B 1017 -14.38 27.17 26.70
N PRO B 1018 -15.24 26.59 25.84
CA PRO B 1018 -14.94 26.27 24.44
C PRO B 1018 -14.27 27.32 23.54
N SER B 1019 -14.76 28.55 23.56
CA SER B 1019 -14.21 29.61 22.72
C SER B 1019 -13.23 30.54 23.43
N ARG B 1020 -13.29 30.55 24.76
CA ARG B 1020 -12.39 31.38 25.58
C ARG B 1020 -11.03 30.70 25.50
N MET B 1021 -11.08 29.37 25.38
CA MET B 1021 -9.92 28.52 25.29
C MET B 1021 -9.07 28.47 26.54
N THR B 1022 -9.27 29.42 27.45
CA THR B 1022 -8.51 29.41 28.69
C THR B 1022 -8.67 28.04 29.36
N VAL B 1023 -7.69 27.15 29.14
CA VAL B 1023 -7.72 25.81 29.72
C VAL B 1023 -7.06 25.72 31.08
N ALA B 1024 -5.97 26.45 31.23
CA ALA B 1024 -5.25 26.46 32.50
C ALA B 1024 -6.28 26.61 33.61
N HIS B 1025 -7.35 27.33 33.30
CA HIS B 1025 -8.44 27.54 34.24
C HIS B 1025 -8.82 26.14 34.70
N LEU B 1026 -9.18 25.29 33.73
CA LEU B 1026 -9.58 23.91 33.98
C LEU B 1026 -8.53 23.15 34.81
N ILE B 1027 -7.26 23.46 34.55
CA ILE B 1027 -6.17 22.81 35.24
C ILE B 1027 -6.00 23.28 36.68
N GLU B 1028 -6.04 24.59 36.90
CA GLU B 1028 -5.91 25.15 38.25
C GLU B 1028 -6.92 24.47 39.16
N CYS B 1029 -8.09 24.18 38.63
CA CYS B 1029 -9.13 23.54 39.39
C CYS B 1029 -8.68 22.17 39.84
N LEU B 1030 -8.31 21.33 38.87
CA LEU B 1030 -7.85 19.98 39.15
C LEU B 1030 -6.74 20.05 40.18
N LEU B 1031 -5.60 20.61 39.79
CA LEU B 1031 -4.48 20.77 40.71
C LEU B 1031 -4.97 21.20 42.12
N SER B 1032 -5.69 22.32 42.17
CA SER B 1032 -6.20 22.84 43.43
C SER B 1032 -7.16 21.91 44.15
N LYS B 1033 -7.73 20.93 43.46
CA LYS B 1033 -8.64 19.99 44.12
C LYS B 1033 -7.80 18.93 44.83
N VAL B 1034 -6.55 18.83 44.38
CA VAL B 1034 -5.60 17.91 44.99
C VAL B 1034 -4.97 18.64 46.17
N GLY B 1035 -4.38 19.81 45.90
CA GLY B 1035 -3.74 20.63 46.95
C GLY B 1035 -4.74 20.86 48.09
N SER B 1036 -6.01 20.72 47.77
CA SER B 1036 -7.05 20.87 48.76
C SER B 1036 -6.94 19.69 49.68
N ILE B 1037 -7.03 18.50 49.10
CA ILE B 1037 -6.97 17.24 49.81
C ILE B 1037 -5.60 16.90 50.42
N ARG B 1038 -4.52 17.27 49.73
CA ARG B 1038 -3.17 16.97 50.17
C ARG B 1038 -2.50 17.94 51.11
N GLY B 1039 -3.05 19.13 51.27
CA GLY B 1039 -2.44 20.08 52.18
C GLY B 1039 -1.15 20.69 51.63
N TYR B 1040 -0.61 20.08 50.58
CA TYR B 1040 0.61 20.58 49.97
C TYR B 1040 0.24 21.69 49.00
N GLU B 1041 1.09 22.72 48.92
CA GLU B 1041 0.79 23.81 48.01
C GLU B 1041 0.91 23.31 46.57
N GLY B 1042 -0.09 23.65 45.75
CA GLY B 1042 -0.08 23.23 44.36
C GLY B 1042 0.57 24.28 43.49
N ASP B 1043 1.64 23.90 42.82
CA ASP B 1043 2.35 24.83 41.96
C ASP B 1043 1.69 24.88 40.60
N ALA B 1044 1.45 26.09 40.12
CA ALA B 1044 0.86 26.25 38.83
C ALA B 1044 1.88 26.97 37.98
N THR B 1045 2.91 27.51 38.63
CA THR B 1045 3.99 28.24 37.95
C THR B 1045 4.25 27.82 36.49
N PRO B 1046 4.42 28.81 35.58
CA PRO B 1046 4.67 28.68 34.14
C PRO B 1046 5.23 27.40 33.57
N PHE B 1047 6.40 27.51 32.96
CA PHE B 1047 7.01 26.37 32.32
C PHE B 1047 7.78 25.44 33.24
N THR B 1048 7.05 24.54 33.87
CA THR B 1048 7.66 23.59 34.77
C THR B 1048 7.42 22.19 34.26
N ASP B 1049 7.66 21.23 35.15
CA ASP B 1049 7.50 19.82 34.82
C ASP B 1049 6.31 19.22 35.53
N LEU B 1050 5.13 19.78 35.32
CA LEU B 1050 3.90 19.25 35.93
C LEU B 1050 2.89 19.05 34.83
N THR B 1051 2.23 17.90 34.82
CA THR B 1051 1.27 17.66 33.75
C THR B 1051 -0.11 17.25 34.19
N VAL B 1052 -1.03 17.35 33.24
CA VAL B 1052 -2.42 17.02 33.45
C VAL B 1052 -2.54 15.52 33.73
N ASP B 1053 -1.66 14.74 33.09
CA ASP B 1053 -1.65 13.29 33.28
C ASP B 1053 -1.17 12.97 34.68
N ALA B 1054 -0.23 13.77 35.17
CA ALA B 1054 0.31 13.57 36.50
C ALA B 1054 -0.69 13.88 37.59
N VAL B 1055 -1.20 15.11 37.59
CA VAL B 1055 -2.16 15.53 38.61
C VAL B 1055 -3.32 14.55 38.69
N SER B 1056 -3.83 14.15 37.52
CA SER B 1056 -4.94 13.21 37.47
C SER B 1056 -4.64 11.93 38.23
N ASN B 1057 -3.38 11.50 38.24
CA ASN B 1057 -3.02 10.29 38.96
C ASN B 1057 -3.03 10.56 40.45
N LEU B 1058 -2.60 11.77 40.83
CA LEU B 1058 -2.57 12.17 42.23
C LEU B 1058 -3.98 12.26 42.79
N LEU B 1059 -4.94 12.64 41.94
CA LEU B 1059 -6.33 12.78 42.37
C LEU B 1059 -7.02 11.42 42.50
N ARG B 1060 -6.46 10.40 41.84
CA ARG B 1060 -7.04 9.07 41.91
C ARG B 1060 -6.57 8.36 43.16
N ASP B 1061 -5.46 8.84 43.72
CA ASP B 1061 -4.92 8.26 44.94
C ASP B 1061 -5.77 8.72 46.11
N ASN B 1062 -6.38 9.89 45.96
CA ASN B 1062 -7.21 10.42 47.04
C ASN B 1062 -8.65 9.88 47.04
N GLY B 1063 -9.16 9.46 45.88
CA GLY B 1063 -10.50 8.91 45.87
C GLY B 1063 -11.46 9.31 44.76
N TYR B 1064 -11.32 10.52 44.24
CA TYR B 1064 -12.25 10.98 43.20
C TYR B 1064 -11.79 10.75 41.76
N GLN B 1065 -12.75 10.74 40.84
CA GLN B 1065 -12.49 10.57 39.42
C GLN B 1065 -11.16 11.18 39.03
N SER B 1066 -10.43 10.52 38.16
CA SER B 1066 -9.11 11.01 37.72
C SER B 1066 -9.16 12.29 36.89
N ARG B 1067 -10.36 12.75 36.56
CA ARG B 1067 -10.51 13.97 35.75
C ARG B 1067 -11.26 15.12 36.43
N GLY B 1068 -11.67 14.87 37.66
CA GLY B 1068 -12.40 15.90 38.40
C GLY B 1068 -13.87 15.55 38.55
N PHE B 1069 -14.55 15.41 37.41
CA PHE B 1069 -15.98 15.08 37.33
C PHE B 1069 -16.48 14.32 38.56
N GLU B 1070 -17.70 14.63 39.00
CA GLU B 1070 -18.28 13.93 40.14
C GLU B 1070 -19.76 13.75 39.88
N VAL B 1071 -20.36 12.81 40.58
CA VAL B 1071 -21.77 12.57 40.43
C VAL B 1071 -22.48 13.62 41.23
N MET B 1072 -23.62 14.06 40.75
CA MET B 1072 -24.37 15.05 41.48
C MET B 1072 -25.88 14.81 41.41
N TYR B 1073 -26.55 15.15 42.51
CA TYR B 1073 -27.97 14.95 42.62
C TYR B 1073 -28.65 16.30 42.66
N ASN B 1074 -29.56 16.51 41.71
CA ASN B 1074 -30.31 17.75 41.55
C ASN B 1074 -31.04 18.22 42.80
N GLY B 1075 -30.50 19.27 43.41
CA GLY B 1075 -31.04 19.84 44.64
C GLY B 1075 -32.56 19.98 44.83
N HIS B 1076 -33.32 19.90 43.75
CA HIS B 1076 -34.76 20.04 43.87
C HIS B 1076 -35.44 18.69 44.05
N THR B 1077 -34.99 17.69 43.30
CA THR B 1077 -35.61 16.36 43.36
C THR B 1077 -34.80 15.26 44.03
N GLY B 1078 -33.50 15.45 44.13
CA GLY B 1078 -32.68 14.43 44.75
C GLY B 1078 -32.25 13.35 43.78
N LYS B 1079 -32.91 13.27 42.63
CA LYS B 1079 -32.56 12.28 41.60
C LYS B 1079 -31.18 12.66 41.06
N LYS B 1080 -30.36 11.66 40.75
CA LYS B 1080 -29.03 11.94 40.22
C LYS B 1080 -29.10 12.75 38.93
N LEU B 1081 -27.98 13.34 38.59
CA LEU B 1081 -27.92 14.08 37.35
C LEU B 1081 -27.46 13.13 36.28
N MET B 1082 -28.21 13.06 35.20
CA MET B 1082 -27.84 12.18 34.10
C MET B 1082 -26.39 12.38 33.70
N ALA B 1083 -25.83 13.56 34.02
CA ALA B 1083 -24.44 13.86 33.68
C ALA B 1083 -23.56 13.98 34.93
N GLN B 1084 -22.27 14.23 34.68
CA GLN B 1084 -21.30 14.40 35.74
C GLN B 1084 -20.80 15.83 35.58
N VAL B 1085 -20.20 16.38 36.63
CA VAL B 1085 -19.73 17.77 36.58
C VAL B 1085 -18.27 18.03 36.96
N PHE B 1086 -17.69 19.08 36.37
CA PHE B 1086 -16.33 19.45 36.66
C PHE B 1086 -16.33 20.26 37.95
N PHE B 1087 -16.53 19.57 39.06
CA PHE B 1087 -16.60 20.16 40.39
C PHE B 1087 -15.21 20.25 41.04
N GLY B 1088 -14.73 21.47 41.27
CA GLY B 1088 -13.41 21.64 41.89
C GLY B 1088 -13.00 23.06 42.31
N PRO B 1089 -12.40 23.21 43.49
CA PRO B 1089 -11.96 24.50 44.03
C PRO B 1089 -11.07 25.34 43.11
N THR B 1090 -11.54 26.55 42.80
CA THR B 1090 -10.80 27.46 41.96
C THR B 1090 -10.77 28.82 42.59
N TYR B 1091 -9.67 29.53 42.41
CA TYR B 1091 -9.51 30.86 42.97
C TYR B 1091 -10.38 31.85 42.18
N TYR B 1092 -11.02 32.76 42.90
CA TYR B 1092 -11.88 33.77 42.31
C TYR B 1092 -11.67 35.10 43.00
N GLN B 1093 -11.35 36.11 42.20
CA GLN B 1093 -11.12 37.47 42.67
C GLN B 1093 -12.45 38.22 42.62
N ARG B 1094 -12.74 38.97 43.66
CA ARG B 1094 -13.99 39.72 43.65
C ARG B 1094 -13.69 41.12 43.16
N LEU B 1095 -13.73 41.29 41.84
CA LEU B 1095 -13.45 42.56 41.20
C LEU B 1095 -14.36 43.56 41.81
N ARG B 1096 -13.93 44.83 41.82
CA ARG B 1096 -14.75 45.93 42.34
C ARG B 1096 -15.81 46.06 41.25
N HIS B 1097 -16.71 47.04 41.35
CA HIS B 1097 -17.80 47.18 40.38
C HIS B 1097 -19.04 46.45 40.88
N MET B 1098 -19.60 46.86 42.01
CA MET B 1098 -20.82 46.19 42.47
C MET B 1098 -22.01 47.00 41.97
N VAL B 1099 -23.08 46.29 41.63
CA VAL B 1099 -24.25 46.94 41.10
C VAL B 1099 -24.61 48.25 41.76
N ASP B 1100 -25.04 48.20 43.03
CA ASP B 1100 -25.45 49.39 43.78
C ASP B 1100 -24.59 50.63 43.73
N ASP B 1101 -23.54 50.61 42.93
CA ASP B 1101 -22.69 51.79 42.77
C ASP B 1101 -22.93 52.35 41.36
N LYS B 1102 -23.76 51.64 40.60
CA LYS B 1102 -24.08 52.00 39.22
C LYS B 1102 -25.54 52.28 38.98
N ILE B 1103 -26.41 51.46 39.57
CA ILE B 1103 -27.86 51.61 39.41
C ILE B 1103 -28.30 53.07 39.52
N HIS B 1104 -28.84 53.62 38.43
CA HIS B 1104 -29.24 55.01 38.39
C HIS B 1104 -30.49 55.24 37.57
N ALA B 1105 -31.42 56.05 38.11
CA ALA B 1105 -32.67 56.35 37.40
C ALA B 1105 -33.08 57.79 37.69
N ARG B 1106 -33.47 58.51 36.63
CA ARG B 1106 -33.88 59.91 36.77
C ARG B 1106 -35.11 60.30 35.97
N ALA B 1107 -35.84 61.25 36.52
CA ALA B 1107 -37.04 61.79 35.90
C ALA B 1107 -37.07 63.24 36.38
N ARG B 1108 -36.80 64.17 35.46
CA ARG B 1108 -36.76 65.61 35.73
C ARG B 1108 -35.95 65.93 36.99
N GLY B 1109 -34.65 66.09 36.82
CA GLY B 1109 -33.81 66.39 37.96
C GLY B 1109 -33.10 67.68 37.72
N PRO B 1110 -31.96 67.92 38.39
CA PRO B 1110 -31.17 69.14 38.24
C PRO B 1110 -30.90 69.45 36.78
N VAL B 1111 -31.33 70.64 36.37
CA VAL B 1111 -31.14 71.08 35.00
C VAL B 1111 -29.90 71.94 34.90
N GLN B 1112 -29.22 71.84 33.76
CA GLN B 1112 -28.00 72.61 33.51
C GLN B 1112 -28.34 74.09 33.40
N VAL B 1113 -27.32 74.94 33.42
CA VAL B 1113 -27.57 76.37 33.35
C VAL B 1113 -27.54 76.98 31.97
N LEU B 1114 -26.42 76.83 31.30
CA LEU B 1114 -26.27 77.39 29.95
C LEU B 1114 -27.29 76.81 28.98
N THR B 1115 -27.32 75.48 28.92
CA THR B 1115 -28.22 74.76 28.05
C THR B 1115 -29.64 74.72 28.53
N ARG B 1116 -29.79 74.26 29.77
CA ARG B 1116 -31.10 74.09 30.38
C ARG B 1116 -31.53 72.64 30.15
N GLN B 1117 -30.61 71.84 29.65
CA GLN B 1117 -30.84 70.43 29.42
C GLN B 1117 -30.54 69.76 30.76
N PRO B 1118 -30.66 68.43 30.86
CA PRO B 1118 -30.36 67.83 32.16
C PRO B 1118 -28.89 68.06 32.43
N VAL B 1119 -28.41 67.49 33.52
CA VAL B 1119 -27.00 67.61 33.87
C VAL B 1119 -26.35 66.24 33.66
N GLU B 1120 -25.02 66.20 33.54
CA GLU B 1120 -24.29 64.94 33.32
C GLU B 1120 -24.05 64.15 34.60
N GLY B 1121 -23.70 62.88 34.43
CA GLY B 1121 -23.37 61.98 35.54
C GLY B 1121 -24.38 61.57 36.60
N ARG B 1122 -24.36 60.29 36.96
CA ARG B 1122 -25.29 59.77 37.95
C ARG B 1122 -25.07 60.35 39.35
N SER B 1123 -23.84 60.78 39.63
CA SER B 1123 -23.47 61.34 40.92
C SER B 1123 -24.16 62.66 41.22
N ARG B 1124 -24.34 63.47 40.18
CA ARG B 1124 -24.98 64.76 40.31
C ARG B 1124 -26.42 64.65 39.88
N ASP B 1125 -26.94 63.43 39.95
CA ASP B 1125 -28.33 63.10 39.60
C ASP B 1125 -28.67 63.22 38.13
N GLY B 1126 -27.64 63.34 37.30
CA GLY B 1126 -27.82 63.49 35.87
C GLY B 1126 -28.84 62.62 35.16
N GLY B 1127 -28.80 62.70 33.84
CA GLY B 1127 -29.70 61.93 33.03
C GLY B 1127 -28.95 61.34 31.87
N LEU B 1128 -29.30 60.12 31.50
CA LEU B 1128 -28.64 59.46 30.39
C LEU B 1128 -28.90 60.23 29.11
N ARG B 1129 -27.86 60.34 28.28
CA ARG B 1129 -27.92 61.04 27.00
C ARG B 1129 -28.64 60.20 25.95
N PHE B 1130 -29.29 60.87 25.00
CA PHE B 1130 -30.01 60.18 23.94
C PHE B 1130 -29.25 60.49 22.64
N GLY B 1131 -27.93 60.61 22.75
CA GLY B 1131 -27.08 60.88 21.59
C GLY B 1131 -27.50 60.48 20.19
N GLU B 1132 -26.76 61.00 19.22
CA GLU B 1132 -27.03 60.75 17.82
C GLU B 1132 -27.51 59.36 17.46
N MET B 1133 -26.65 58.35 17.63
CA MET B 1133 -26.98 56.97 17.29
C MET B 1133 -28.37 56.52 17.77
N GLU B 1134 -28.76 56.98 18.95
CA GLU B 1134 -30.07 56.64 19.49
C GLU B 1134 -31.11 57.37 18.64
N ARG B 1135 -30.75 58.56 18.19
CA ARG B 1135 -31.65 59.33 17.35
C ARG B 1135 -31.90 58.42 16.16
N ASP B 1136 -30.86 58.27 15.35
CA ASP B 1136 -30.91 57.44 14.15
C ASP B 1136 -31.95 56.32 14.28
N CYS B 1137 -31.67 55.31 15.09
CA CYS B 1137 -32.62 54.21 15.28
C CYS B 1137 -34.08 54.61 15.26
N MET B 1138 -34.48 55.46 16.21
CA MET B 1138 -35.86 55.89 16.27
C MET B 1138 -36.30 56.34 14.90
N ILE B 1139 -35.43 57.07 14.20
CA ILE B 1139 -35.79 57.54 12.87
C ILE B 1139 -35.98 56.37 11.91
N ALA B 1140 -35.22 55.29 12.12
CA ALA B 1140 -35.31 54.07 11.30
C ALA B 1140 -36.67 53.42 11.53
N HIS B 1141 -37.10 53.44 12.79
CA HIS B 1141 -38.38 52.89 13.22
C HIS B 1141 -39.55 53.70 12.73
N GLY B 1142 -39.25 54.89 12.23
CA GLY B 1142 -40.28 55.78 11.78
C GLY B 1142 -41.05 56.23 13.01
N ALA B 1143 -40.38 56.20 14.15
CA ALA B 1143 -40.95 56.57 15.45
C ALA B 1143 -41.00 58.07 15.67
N ALA B 1144 -41.50 58.75 14.65
CA ALA B 1144 -41.65 60.20 14.62
C ALA B 1144 -41.91 60.89 15.93
N GLY B 1145 -43.11 60.69 16.46
CA GLY B 1145 -43.51 61.35 17.69
C GLY B 1145 -42.59 61.08 18.89
N PHE B 1146 -42.38 59.81 19.23
CA PHE B 1146 -41.53 59.45 20.36
C PHE B 1146 -40.19 60.20 20.33
N LEU B 1147 -39.55 60.24 19.17
CA LEU B 1147 -38.28 60.97 19.04
C LEU B 1147 -38.53 62.45 19.37
N LYS B 1148 -39.58 63.01 18.79
CA LYS B 1148 -39.90 64.40 19.04
C LYS B 1148 -40.04 64.58 20.54
N GLU B 1149 -40.51 63.52 21.21
CA GLU B 1149 -40.72 63.57 22.64
C GLU B 1149 -39.45 63.46 23.50
N LEU B 1151 -35.93 64.44 22.35
CA LEU B 1151 -35.36 65.78 22.20
C LEU B 1151 -36.13 66.97 22.75
N MET B 1152 -37.42 66.84 22.93
CA MET B 1152 -38.14 67.97 23.47
C MET B 1152 -38.66 67.73 24.89
N GLU B 1153 -39.73 66.96 25.02
CA GLU B 1153 -40.33 66.70 26.33
C GLU B 1153 -39.35 66.20 27.38
N ALA B 1154 -38.47 65.28 27.01
CA ALA B 1154 -37.51 64.71 27.96
C ALA B 1154 -36.13 65.37 27.99
N SER B 1155 -36.10 66.69 27.90
CA SER B 1155 -34.82 67.34 27.88
C SER B 1155 -35.07 68.83 27.73
N ASP B 1156 -34.51 69.42 26.67
CA ASP B 1156 -34.62 70.85 26.41
C ASP B 1156 -36.02 71.45 26.46
N ALA B 1157 -36.57 71.78 25.28
CA ALA B 1157 -37.88 72.40 25.21
C ALA B 1157 -37.71 73.79 25.78
N PHE B 1158 -38.54 74.72 25.37
CA PHE B 1158 -38.43 76.08 25.86
C PHE B 1158 -39.28 76.97 25.00
N ARG B 1159 -39.88 78.00 25.61
CA ARG B 1159 -40.72 78.88 24.84
C ARG B 1159 -40.04 80.18 24.54
N VAL B 1160 -39.73 80.38 23.27
CA VAL B 1160 -39.07 81.61 22.84
C VAL B 1160 -40.08 82.43 22.07
N HIS B 1161 -39.87 83.74 22.04
CA HIS B 1161 -40.75 84.62 21.30
C HIS B 1161 -40.05 85.26 20.12
N VAL B 1162 -40.49 84.88 18.94
CA VAL B 1162 -39.93 85.36 17.69
C VAL B 1162 -40.64 86.61 17.23
N CYS B 1163 -40.09 87.26 16.21
CA CYS B 1163 -40.66 88.46 15.60
C CYS B 1163 -41.24 88.00 14.25
N GLY B 1164 -42.42 88.50 13.92
CA GLY B 1164 -43.01 88.12 12.66
C GLY B 1164 -42.24 88.72 11.50
N ILE B 1165 -41.45 89.76 11.76
CA ILE B 1165 -40.67 90.42 10.73
C ILE B 1165 -39.20 90.00 10.74
N CYS B 1166 -38.37 90.58 11.61
CA CYS B 1166 -36.99 90.11 11.63
C CYS B 1166 -37.06 88.85 12.48
N GLY B 1167 -37.08 87.70 11.80
CA GLY B 1167 -37.23 86.42 12.50
C GLY B 1167 -36.23 86.16 13.62
N LEU B 1168 -36.31 86.96 14.69
CA LEU B 1168 -35.38 86.79 15.80
C LEU B 1168 -36.01 86.60 17.15
N MET B 1169 -35.16 86.31 18.13
CA MET B 1169 -35.58 86.08 19.50
C MET B 1169 -35.40 87.37 20.27
N SER B 1170 -35.82 88.46 19.66
CA SER B 1170 -35.69 89.78 20.25
C SER B 1170 -36.78 90.11 21.23
N VAL B 1171 -38.00 90.05 20.71
CA VAL B 1171 -39.23 90.32 21.45
C VAL B 1171 -39.13 90.47 22.97
N ILE B 1172 -39.56 91.63 23.43
CA ILE B 1172 -39.56 91.93 24.85
C ILE B 1172 -40.93 91.53 25.34
N ALA B 1173 -41.10 90.26 25.65
CA ALA B 1173 -42.39 89.76 26.10
C ALA B 1173 -42.64 89.80 27.61
N ASN B 1174 -43.20 90.92 28.09
CA ASN B 1174 -43.52 91.04 29.51
C ASN B 1174 -44.83 90.27 29.75
N LEU B 1175 -44.71 88.96 29.93
CA LEU B 1175 -45.83 88.03 30.11
C LEU B 1175 -46.84 88.25 31.23
N LYS B 1176 -47.69 89.25 31.04
CA LYS B 1176 -48.73 89.59 31.99
C LYS B 1176 -49.53 90.64 31.29
N LYS B 1177 -49.01 91.85 31.34
CA LYS B 1177 -49.66 92.98 30.72
C LYS B 1177 -49.60 92.80 29.20
N ASN B 1178 -49.37 91.54 28.80
CA ASN B 1178 -49.30 91.14 27.40
C ASN B 1178 -48.26 91.85 26.55
N GLN B 1179 -47.97 93.11 26.88
CA GLN B 1179 -47.00 93.90 26.13
C GLN B 1179 -45.95 93.01 25.50
N PHE B 1180 -45.85 93.05 24.18
CA PHE B 1180 -44.89 92.22 23.50
C PHE B 1180 -43.74 92.98 22.86
N GLU B 1181 -44.02 93.89 21.94
CA GLU B 1181 -42.96 94.68 21.32
C GLU B 1181 -41.75 93.97 20.71
N CYS B 1182 -40.82 94.82 20.30
CA CYS B 1182 -39.53 94.49 19.69
C CYS B 1182 -39.13 95.75 18.94
N ARG B 1183 -38.86 96.82 19.69
CA ARG B 1183 -38.44 98.06 19.10
C ARG B 1183 -37.27 97.71 18.15
N SER B 1184 -36.85 98.66 17.32
CA SER B 1184 -35.77 98.37 16.40
C SER B 1184 -36.44 97.80 15.17
N CYS B 1185 -37.57 97.15 15.41
CA CYS B 1185 -38.38 96.56 14.38
C CYS B 1185 -39.75 97.12 14.72
N LYS B 1186 -39.78 97.88 15.82
CA LYS B 1186 -40.99 98.52 16.34
C LYS B 1186 -42.27 97.75 15.99
N ASN B 1187 -42.56 96.76 16.81
CA ASN B 1187 -43.72 95.92 16.62
C ASN B 1187 -44.31 95.64 17.98
N LYS B 1188 -45.58 95.26 18.02
CA LYS B 1188 -46.28 94.94 19.26
C LYS B 1188 -47.49 94.16 18.82
N THR B 1189 -47.64 94.08 17.50
CA THR B 1189 -48.77 93.42 16.87
C THR B 1189 -48.53 92.03 16.24
N ASN B 1190 -47.52 91.90 15.38
CA ASN B 1190 -47.25 90.59 14.76
C ASN B 1190 -46.13 89.82 15.49
N ILE B 1191 -46.54 88.91 16.37
CA ILE B 1191 -45.60 88.15 17.16
C ILE B 1191 -46.03 86.71 17.33
N TYR B 1192 -45.06 85.80 17.30
CA TYR B 1192 -45.31 84.38 17.43
C TYR B 1192 -44.52 83.78 18.56
N GLN B 1193 -45.03 82.68 19.07
CA GLN B 1193 -44.41 81.94 20.16
C GLN B 1193 -44.00 80.58 19.61
N LEU B 1194 -42.82 80.07 19.95
CA LEU B 1194 -42.48 78.76 19.43
C LEU B 1194 -41.85 77.84 20.47
N HIS B 1195 -41.87 76.56 20.16
CA HIS B 1195 -41.30 75.56 21.06
C HIS B 1195 -40.08 74.86 20.45
N ILE B 1196 -38.88 75.27 20.89
CA ILE B 1196 -37.63 74.67 20.40
C ILE B 1196 -36.68 74.27 21.55
N PRO B 1197 -35.74 73.35 21.26
CA PRO B 1197 -34.80 72.90 22.29
C PRO B 1197 -33.88 74.06 22.68
N TYR B 1198 -33.87 74.43 23.95
CA TYR B 1198 -33.02 75.53 24.41
C TYR B 1198 -31.60 75.46 23.85
N ALA B 1199 -31.05 74.26 23.72
CA ALA B 1199 -29.71 74.10 23.13
C ALA B 1199 -29.70 74.87 21.83
N ALA B 1200 -30.80 74.74 21.08
CA ALA B 1200 -31.00 75.41 19.80
C ALA B 1200 -31.22 76.93 20.00
N LYS B 1201 -32.09 77.34 20.92
CA LYS B 1201 -32.29 78.76 21.16
C LYS B 1201 -30.88 79.30 21.26
N LEU B 1202 -30.06 78.62 22.05
CA LEU B 1202 -28.66 78.99 22.26
C LEU B 1202 -27.88 78.97 20.95
N LEU B 1203 -28.06 77.93 20.13
CA LEU B 1203 -27.35 77.84 18.86
C LEU B 1203 -27.43 79.19 18.16
N PHE B 1204 -28.63 79.74 18.19
CA PHE B 1204 -28.93 81.01 17.56
C PHE B 1204 -28.33 82.22 18.25
N GLN B 1205 -28.59 82.39 19.54
CA GLN B 1205 -27.99 83.54 20.22
C GLN B 1205 -26.52 83.52 19.86
N GLU B 1206 -25.92 82.33 19.90
CA GLU B 1206 -24.51 82.19 19.57
C GLU B 1206 -24.20 82.71 18.17
N LEU B 1207 -24.87 82.17 17.18
CA LEU B 1207 -24.63 82.60 15.82
C LEU B 1207 -24.71 84.12 15.66
N MET B 1208 -25.68 84.72 16.33
CA MET B 1208 -25.85 86.16 16.25
C MET B 1208 -24.62 86.87 16.75
N ALA B 1209 -24.18 86.57 17.98
CA ALA B 1209 -22.99 87.23 18.54
C ALA B 1209 -21.73 87.02 17.69
N MET B 1210 -21.87 86.23 16.62
CA MET B 1210 -20.81 85.97 15.68
C MET B 1210 -21.25 86.65 14.40
N ASN B 1211 -22.31 87.43 14.53
CA ASN B 1211 -22.89 88.22 13.47
C ASN B 1211 -23.67 87.54 12.37
N ILE B 1212 -23.91 86.25 12.49
CA ILE B 1212 -24.70 85.59 11.47
C ILE B 1212 -26.16 85.68 11.97
N ALA B 1213 -27.11 85.83 11.06
CA ALA B 1213 -28.51 85.97 11.50
C ALA B 1213 -29.46 84.83 11.13
N PRO B 1214 -29.77 83.98 12.11
CA PRO B 1214 -30.68 82.84 11.90
C PRO B 1214 -32.11 83.33 12.04
N ARG B 1215 -32.72 83.70 10.93
CA ARG B 1215 -34.10 84.18 10.99
C ARG B 1215 -35.03 83.00 11.10
N LEU B 1216 -36.00 83.11 11.99
CA LEU B 1216 -36.97 82.06 12.18
C LEU B 1216 -38.31 82.56 11.63
N TYR B 1217 -38.81 81.88 10.60
CA TYR B 1217 -40.06 82.26 9.99
C TYR B 1217 -41.08 81.17 10.15
N THR B 1218 -42.29 81.59 10.49
CA THR B 1218 -43.39 80.67 10.71
C THR B 1218 -44.24 80.27 9.49
N GLU B 1219 -43.90 80.76 8.32
CA GLU B 1219 -44.67 80.46 7.11
C GLU B 1219 -43.75 80.34 5.91
N ARG B 1220 -43.96 79.32 5.09
CA ARG B 1220 -43.12 79.19 3.91
C ARG B 1220 -43.59 80.20 2.89
N SER B 1221 -42.64 80.86 2.25
CA SER B 1221 -42.97 81.86 1.25
C SER B 1221 -42.39 81.41 -0.08
N GLY B 1222 -41.30 80.65 0.00
CA GLY B 1222 -40.62 80.18 -1.20
C GLY B 1222 -41.36 79.07 -1.98
N VAL B 1223 -42.31 78.41 -1.33
CA VAL B 1223 -43.11 77.35 -1.97
C VAL B 1223 -42.29 76.27 -2.70
N SER B 1224 -43.00 75.22 -3.12
CA SER B 1224 -42.42 74.07 -3.82
C SER B 1224 -43.15 72.85 -3.28
N SER C 2 -40.95 -2.02 62.19
CA SER C 2 -42.36 -1.84 62.64
C SER C 2 -43.41 -1.65 61.52
N LYS C 3 -43.35 -0.55 60.76
CA LYS C 3 -44.35 -0.30 59.69
C LYS C 3 -43.83 0.00 58.27
N GLU C 4 -44.11 1.22 57.79
CA GLU C 4 -43.71 1.63 56.44
C GLU C 4 -42.20 1.74 56.18
N PRO C 5 -41.67 2.94 55.92
CA PRO C 5 -40.24 3.14 55.65
C PRO C 5 -39.39 2.61 56.82
N LYS C 6 -38.17 2.18 56.55
CA LYS C 6 -37.33 1.66 57.64
C LYS C 6 -35.86 2.05 57.66
N VAL C 7 -35.38 2.28 58.87
CA VAL C 7 -33.99 2.67 59.10
C VAL C 7 -33.14 1.47 59.49
N ASN C 8 -31.83 1.62 59.32
CA ASN C 8 -30.86 0.57 59.65
C ASN C 8 -29.50 1.21 59.94
N ILE C 9 -29.47 2.07 60.96
CA ILE C 9 -28.26 2.77 61.37
C ILE C 9 -26.99 1.97 61.22
N ILE C 10 -25.95 2.64 60.73
CA ILE C 10 -24.62 2.05 60.59
C ILE C 10 -23.83 2.84 61.63
N ASN C 11 -22.53 2.61 61.72
CA ASN C 11 -21.70 3.34 62.69
C ASN C 11 -22.20 4.78 62.96
N ALA C 12 -22.63 5.06 64.18
CA ALA C 12 -23.14 6.38 64.56
C ALA C 12 -22.44 6.95 65.80
N GLN C 13 -22.21 8.26 65.80
CA GLN C 13 -21.53 8.92 66.92
C GLN C 13 -22.31 10.14 67.45
N ASP C 14 -21.57 11.14 67.93
CA ASP C 14 -22.15 12.36 68.49
C ASP C 14 -22.25 13.49 67.45
N ASP C 15 -21.38 13.41 66.44
CA ASP C 15 -21.33 14.41 65.38
C ASP C 15 -21.55 13.78 64.02
N GLU C 16 -22.42 12.79 63.97
CA GLU C 16 -22.71 12.10 62.73
C GLU C 16 -23.72 11.03 63.02
N VAL C 17 -24.37 10.53 61.97
CA VAL C 17 -25.36 9.49 62.11
C VAL C 17 -25.57 8.81 60.76
N GLU C 18 -24.68 7.90 60.42
CA GLU C 18 -24.80 7.18 59.17
C GLU C 18 -25.97 6.24 59.38
N LEU C 19 -26.69 5.92 58.31
CA LEU C 19 -27.83 5.00 58.41
C LEU C 19 -28.43 4.77 57.04
N MET C 20 -29.14 3.66 56.88
CA MET C 20 -29.76 3.39 55.60
C MET C 20 -31.27 3.52 55.72
N LEU C 21 -31.83 4.35 54.85
CA LEU C 21 -33.25 4.59 54.83
C LEU C 21 -33.87 3.85 53.64
N SER C 22 -34.61 2.78 53.91
CA SER C 22 -35.22 2.01 52.83
C SER C 22 -36.72 2.05 52.83
N ASP C 23 -37.30 1.63 51.71
CA ASP C 23 -38.74 1.63 51.54
C ASP C 23 -39.34 3.03 51.67
N VAL C 24 -38.90 3.92 50.78
CA VAL C 24 -39.35 5.30 50.70
C VAL C 24 -39.08 5.74 49.26
N ASN C 25 -39.84 6.73 48.80
CA ASN C 25 -39.63 7.26 47.45
C ASN C 25 -38.51 8.28 47.56
N LEU C 26 -37.60 8.28 46.59
CA LEU C 26 -36.50 9.24 46.62
C LEU C 26 -37.12 10.60 46.89
N SER C 27 -38.11 10.94 46.08
CA SER C 27 -38.82 12.20 46.23
C SER C 27 -38.91 12.59 47.71
N LEU C 28 -39.41 11.66 48.53
CA LEU C 28 -39.59 11.88 49.96
C LEU C 28 -38.29 11.87 50.78
N ALA C 29 -37.30 11.11 50.34
CA ALA C 29 -36.03 11.09 51.04
C ALA C 29 -35.50 12.51 50.93
N ASN C 30 -35.31 12.93 49.69
CA ASN C 30 -34.80 14.27 49.35
C ASN C 30 -35.48 15.39 50.11
N SER C 31 -36.81 15.35 50.14
CA SER C 31 -37.58 16.35 50.85
C SER C 31 -37.02 16.48 52.27
N LEU C 32 -36.92 15.34 52.97
CA LEU C 32 -36.40 15.33 54.33
C LEU C 32 -34.98 15.85 54.30
N ARG C 33 -34.26 15.45 53.26
CA ARG C 33 -32.88 15.89 53.08
C ARG C 33 -32.81 17.37 53.39
N ARG C 34 -33.31 18.16 52.47
CA ARG C 34 -33.28 19.62 52.58
C ARG C 34 -33.90 20.22 53.83
N THR C 35 -34.97 19.62 54.34
CA THR C 35 -35.64 20.12 55.54
C THR C 35 -34.67 20.28 56.71
N MET C 36 -33.72 19.35 56.82
CA MET C 36 -32.73 19.39 57.88
C MET C 36 -31.79 20.53 57.57
N LEU C 37 -31.31 20.52 56.34
CA LEU C 37 -30.41 21.53 55.86
C LEU C 37 -30.93 22.95 56.11
N ALA C 38 -32.24 23.16 55.93
CA ALA C 38 -32.78 24.52 56.07
C ALA C 38 -33.87 24.94 57.07
N GLU C 39 -34.81 24.08 57.43
CA GLU C 39 -35.87 24.57 58.29
C GLU C 39 -36.07 24.08 59.73
N VAL C 40 -34.99 23.76 60.43
CA VAL C 40 -35.16 23.34 61.83
C VAL C 40 -34.88 24.55 62.72
N PRO C 41 -35.81 24.87 63.63
CA PRO C 41 -35.63 26.00 64.53
C PRO C 41 -34.33 25.84 65.34
N THR C 42 -33.57 26.91 65.53
CA THR C 42 -32.31 26.87 66.27
C THR C 42 -32.26 28.07 67.20
N LEU C 43 -31.05 28.56 67.47
CA LEU C 43 -30.86 29.75 68.29
C LEU C 43 -29.47 30.34 68.03
N ALA C 44 -29.46 31.56 67.52
CA ALA C 44 -28.23 32.28 67.21
C ALA C 44 -28.35 33.70 67.66
N ILE C 45 -27.21 34.34 67.87
CA ILE C 45 -27.17 35.74 68.26
C ILE C 45 -27.72 36.49 67.04
N ASP C 46 -28.50 37.54 67.26
CA ASP C 46 -29.13 38.26 66.15
C ASP C 46 -28.95 39.76 66.25
N LEU C 47 -28.90 40.25 67.48
CA LEU C 47 -28.74 41.67 67.73
C LEU C 47 -27.50 41.87 68.61
N VAL C 48 -26.61 42.77 68.18
CA VAL C 48 -25.41 43.03 68.95
C VAL C 48 -25.25 44.51 69.27
N GLU C 49 -25.24 44.83 70.56
CA GLU C 49 -25.13 46.22 71.01
C GLU C 49 -23.75 46.63 71.54
N ILE C 50 -22.80 46.79 70.62
CA ILE C 50 -21.43 47.17 70.98
C ILE C 50 -21.35 48.49 71.74
N LYS C 51 -20.59 48.48 72.83
CA LYS C 51 -20.40 49.69 73.65
C LYS C 51 -19.02 50.29 73.45
N MET C 52 -18.00 49.44 73.53
CA MET C 52 -16.63 49.88 73.32
C MET C 52 -15.94 48.79 72.54
N ASN C 53 -15.00 49.16 71.68
CA ASN C 53 -14.31 48.20 70.84
C ASN C 53 -13.01 48.75 70.20
N THR C 54 -11.88 48.41 70.79
CA THR C 54 -10.60 48.86 70.27
C THR C 54 -9.93 47.75 69.44
N SER C 55 -10.66 46.68 69.13
CA SER C 55 -10.08 45.60 68.36
C SER C 55 -9.79 46.07 66.95
N VAL C 56 -8.87 45.38 66.28
CA VAL C 56 -8.53 45.76 64.92
C VAL C 56 -9.66 45.38 63.98
N LEU C 57 -10.57 44.51 64.45
CA LEU C 57 -11.72 44.12 63.63
C LEU C 57 -12.79 45.19 63.78
N ALA C 58 -13.61 45.38 62.75
CA ALA C 58 -14.66 46.39 62.84
C ALA C 58 -15.86 45.84 63.59
N ASP C 59 -16.78 46.72 63.93
CA ASP C 59 -18.01 46.37 64.63
C ASP C 59 -18.73 45.18 63.98
N GLU C 60 -19.34 45.43 62.82
CA GLU C 60 -20.12 44.43 62.09
C GLU C 60 -19.37 43.20 61.63
N PHE C 61 -18.05 43.22 61.77
CA PHE C 61 -17.22 42.10 61.37
C PHE C 61 -17.33 41.10 62.52
N ILE C 62 -17.24 41.61 63.73
CA ILE C 62 -17.36 40.81 64.93
C ILE C 62 -18.81 40.36 65.00
N SER C 63 -19.72 41.31 64.77
CA SER C 63 -21.16 41.08 64.79
C SER C 63 -21.48 39.83 63.98
N HIS C 64 -20.87 39.73 62.81
CA HIS C 64 -21.04 38.60 61.92
C HIS C 64 -20.62 37.37 62.68
N ARG C 65 -19.36 37.39 63.09
CA ARG C 65 -18.74 36.31 63.83
C ARG C 65 -19.71 35.72 64.84
N LEU C 66 -20.19 36.52 65.77
CA LEU C 66 -21.10 36.02 66.79
C LEU C 66 -22.40 35.44 66.22
N GLY C 67 -22.81 35.92 65.06
CA GLY C 67 -24.03 35.41 64.48
C GLY C 67 -23.83 33.94 64.22
N LEU C 68 -22.58 33.60 63.87
CA LEU C 68 -22.23 32.22 63.57
C LEU C 68 -21.92 31.36 64.77
N ILE C 69 -21.44 31.95 65.85
CA ILE C 69 -21.13 31.15 67.04
C ILE C 69 -22.36 30.33 67.39
N PRO C 70 -22.19 29.00 67.47
CA PRO C 70 -23.23 28.02 67.79
C PRO C 70 -23.68 28.07 69.25
N LEU C 71 -24.98 28.28 69.44
CA LEU C 71 -25.54 28.37 70.79
C LEU C 71 -26.35 27.12 71.07
N VAL C 72 -26.71 26.90 72.32
CA VAL C 72 -27.49 25.72 72.63
C VAL C 72 -28.86 25.87 72.01
N SER C 73 -29.49 24.75 71.69
CA SER C 73 -30.81 24.80 71.09
C SER C 73 -31.56 23.51 71.41
N GLU C 74 -31.40 23.03 72.64
CA GLU C 74 -32.08 21.81 73.04
C GLU C 74 -33.58 22.05 73.15
N ASP C 75 -33.95 22.83 74.14
CA ASP C 75 -35.35 23.12 74.35
C ASP C 75 -35.69 24.37 73.57
N VAL C 76 -35.11 24.47 72.38
CA VAL C 76 -35.34 25.62 71.52
C VAL C 76 -36.82 25.70 71.17
N GLU C 77 -37.49 24.54 71.13
CA GLU C 77 -38.90 24.47 70.80
C GLU C 77 -39.85 25.07 71.83
N GLU C 78 -39.41 25.21 73.08
CA GLU C 78 -40.28 25.80 74.09
C GLU C 78 -40.00 27.29 74.31
N MET C 79 -39.58 27.94 73.22
CA MET C 79 -39.29 29.37 73.18
C MET C 79 -40.12 29.92 72.01
N LYS C 80 -40.37 31.23 71.98
CA LYS C 80 -41.14 31.77 70.88
C LYS C 80 -40.39 32.73 69.99
N TYR C 81 -40.84 32.81 68.74
CA TYR C 81 -40.24 33.71 67.78
C TYR C 81 -40.57 35.15 68.21
N SER C 82 -39.55 35.99 68.34
CA SER C 82 -39.75 37.38 68.73
C SER C 82 -40.94 37.99 68.00
N ARG C 83 -41.22 37.49 66.80
CA ARG C 83 -42.33 38.01 66.01
C ARG C 83 -43.70 37.68 66.59
N ASP C 84 -43.80 36.59 67.34
CA ASP C 84 -45.09 36.22 67.91
C ASP C 84 -45.27 36.66 69.34
N CYS C 85 -44.15 36.86 70.04
CA CYS C 85 -44.19 37.28 71.44
C CYS C 85 -44.77 38.69 71.59
N THR C 86 -45.74 38.85 72.50
CA THR C 86 -46.38 40.14 72.69
C THR C 86 -45.56 41.20 73.41
N CYS C 87 -44.24 41.09 73.34
CA CYS C 87 -43.40 42.08 74.01
C CYS C 87 -42.73 43.01 73.02
N GLU C 88 -42.82 44.30 73.28
CA GLU C 88 -42.19 45.27 72.41
C GLU C 88 -40.69 44.95 72.41
N ASP C 89 -40.15 44.54 71.27
CA ASP C 89 -38.71 44.20 71.09
C ASP C 89 -38.25 42.79 71.50
N TYR C 90 -38.04 42.53 72.80
CA TYR C 90 -37.60 41.18 73.25
C TYR C 90 -37.80 40.93 74.74
N CYS C 91 -37.52 39.71 75.17
CA CYS C 91 -37.65 39.36 76.59
C CYS C 91 -37.21 37.92 76.88
N ASP C 92 -37.21 37.55 78.16
CA ASP C 92 -36.81 36.22 78.61
C ASP C 92 -37.65 35.14 77.93
N GLU C 93 -38.93 35.44 77.72
CA GLU C 93 -39.84 34.49 77.10
C GLU C 93 -39.59 34.23 75.62
N CYS C 94 -38.65 34.94 75.01
CA CYS C 94 -38.36 34.70 73.60
C CYS C 94 -36.91 34.98 73.18
N SER C 95 -36.07 35.39 74.13
CA SER C 95 -34.66 35.67 73.82
C SER C 95 -33.67 35.33 74.93
N VAL C 96 -32.40 35.28 74.54
CA VAL C 96 -31.30 34.98 75.44
C VAL C 96 -30.29 36.12 75.27
N VAL C 97 -30.04 36.84 76.36
CA VAL C 97 -29.10 37.94 76.32
C VAL C 97 -27.74 37.46 76.79
N LEU C 98 -26.68 38.01 76.21
CA LEU C 98 -25.32 37.63 76.58
C LEU C 98 -24.39 38.84 76.76
N GLU C 99 -23.34 38.64 77.56
CA GLU C 99 -22.36 39.68 77.84
C GLU C 99 -21.00 39.26 77.32
N LEU C 100 -20.12 40.23 77.10
CA LEU C 100 -18.78 39.93 76.66
C LEU C 100 -17.91 41.12 76.94
N SER C 101 -16.90 40.91 77.78
CA SER C 101 -15.98 41.96 78.16
C SER C 101 -14.58 41.41 77.93
N ALA C 102 -13.73 42.19 77.27
CA ALA C 102 -12.38 41.73 76.98
C ALA C 102 -11.37 42.87 77.05
N ARG C 103 -10.62 42.91 78.14
CA ARG C 103 -9.60 43.93 78.35
C ARG C 103 -8.25 43.32 78.07
N HIS C 104 -7.43 44.02 77.30
CA HIS C 104 -6.11 43.51 77.02
C HIS C 104 -5.27 43.79 78.25
N GLU C 105 -4.84 42.74 78.94
CA GLU C 105 -4.02 42.91 80.14
C GLU C 105 -2.73 42.16 79.96
N GLY C 106 -2.85 40.86 79.70
CA GLY C 106 -1.68 40.01 79.47
C GLY C 106 -0.87 40.59 78.33
N GLU C 107 0.11 41.41 78.66
CA GLU C 107 0.97 42.07 77.71
C GLU C 107 1.49 41.14 76.60
N THR C 110 -0.93 39.42 73.28
CA THR C 110 -2.07 38.76 72.64
C THR C 110 -3.05 38.03 73.58
N THR C 111 -4.16 38.69 73.89
CA THR C 111 -5.19 38.11 74.74
C THR C 111 -6.30 37.72 73.77
N ASP C 112 -6.82 36.50 73.88
CA ASP C 112 -7.86 36.00 72.97
C ASP C 112 -9.29 36.03 73.51
N VAL C 113 -10.24 36.16 72.59
CA VAL C 113 -11.66 36.22 72.92
C VAL C 113 -12.40 34.99 72.39
N TYR C 114 -12.54 33.94 73.22
CA TYR C 114 -13.24 32.72 72.80
C TYR C 114 -14.71 32.76 73.14
N SER C 115 -15.52 32.05 72.36
CA SER C 115 -16.96 32.04 72.61
C SER C 115 -17.27 31.62 74.04
N SER C 116 -16.29 31.03 74.73
CA SER C 116 -16.50 30.59 76.11
C SER C 116 -16.75 31.81 77.00
N SER C 117 -16.15 32.94 76.63
CA SER C 117 -16.24 34.19 77.39
C SER C 117 -17.57 34.92 77.41
N LEU C 118 -18.63 34.21 77.03
CA LEU C 118 -19.98 34.76 77.01
C LEU C 118 -20.81 34.45 78.25
N ILE C 119 -21.41 35.51 78.80
CA ILE C 119 -22.29 35.39 79.95
C ILE C 119 -23.74 35.23 79.45
N LYS C 120 -24.63 34.85 80.34
CA LYS C 120 -26.02 34.64 79.95
C LYS C 120 -26.94 35.45 80.86
N VAL C 121 -26.75 36.76 80.81
CA VAL C 121 -27.47 37.74 81.62
C VAL C 121 -28.99 37.62 81.79
N SER C 122 -29.70 37.05 80.82
CA SER C 122 -31.15 36.93 80.99
C SER C 122 -31.51 35.61 81.65
N GLY C 123 -32.76 35.50 82.09
CA GLY C 123 -33.23 34.32 82.79
C GLY C 123 -33.52 33.14 81.87
N PRO C 124 -32.69 32.10 81.95
CA PRO C 124 -32.87 30.93 81.10
C PRO C 124 -34.19 30.20 81.38
N GLY C 125 -34.84 30.56 82.48
CA GLY C 125 -36.11 29.94 82.87
C GLY C 125 -35.98 28.42 83.04
N ASN C 126 -34.75 27.98 83.31
CA ASN C 126 -34.46 26.58 83.50
C ASN C 126 -34.74 25.70 82.30
N LEU C 127 -34.07 25.98 81.18
CA LEU C 127 -34.24 25.18 79.96
C LEU C 127 -32.96 25.20 79.13
N ASN C 128 -32.55 24.01 78.68
CA ASN C 128 -31.32 23.87 77.90
C ASN C 128 -31.37 24.78 76.69
N VAL C 129 -30.54 25.81 76.72
CA VAL C 129 -30.48 26.77 75.63
C VAL C 129 -29.54 27.92 75.94
N GLY C 130 -29.09 28.61 74.90
CA GLY C 130 -28.21 29.74 75.07
C GLY C 130 -26.80 29.49 75.56
N GLU C 131 -26.26 28.30 75.29
CA GLU C 131 -24.91 28.04 75.76
C GLU C 131 -23.94 27.89 74.62
N PRO C 132 -22.81 28.62 74.72
CA PRO C 132 -21.71 28.64 73.76
C PRO C 132 -21.16 27.26 73.40
N VAL C 133 -21.93 26.45 72.68
CA VAL C 133 -21.47 25.10 72.30
C VAL C 133 -19.96 25.00 72.04
N ARG C 134 -19.27 24.37 72.99
CA ARG C 134 -17.83 24.16 72.95
C ARG C 134 -17.52 22.66 72.77
N ARG C 135 -16.73 22.34 71.75
CA ARG C 135 -16.31 20.97 71.45
C ARG C 135 -14.80 20.94 71.35
N ASP C 136 -14.23 22.12 71.53
CA ASP C 136 -12.79 22.35 71.51
C ASP C 136 -12.12 21.47 72.58
N ASP C 137 -10.92 20.96 72.30
CA ASP C 137 -10.21 20.11 73.25
C ASP C 137 -9.94 20.77 74.61
N TYR C 138 -9.40 21.99 74.59
CA TYR C 138 -9.08 22.72 75.82
C TYR C 138 -10.30 23.18 76.60
N ASP C 139 -11.18 23.94 75.95
CA ASP C 139 -12.38 24.41 76.61
C ASP C 139 -12.74 25.85 76.33
N GLN C 140 -12.58 26.26 75.07
CA GLN C 140 -12.88 27.63 74.66
C GLN C 140 -13.23 27.71 73.17
N GLY C 141 -13.92 26.69 72.66
CA GLY C 141 -14.29 26.63 71.24
C GLY C 141 -14.61 27.93 70.53
N ILE C 142 -14.13 28.05 69.30
CA ILE C 142 -14.37 29.23 68.47
C ILE C 142 -13.69 30.50 68.96
N LEU C 143 -12.50 30.77 68.42
CA LEU C 143 -11.76 31.99 68.77
C LEU C 143 -12.47 33.15 68.11
N LEU C 144 -13.15 33.99 68.90
CA LEU C 144 -13.84 35.13 68.31
C LEU C 144 -12.79 36.03 67.73
N CYS C 145 -11.89 36.53 68.56
CA CYS C 145 -10.83 37.38 68.05
C CYS C 145 -9.76 37.71 69.08
N LYS C 146 -8.63 38.22 68.57
CA LYS C 146 -7.48 38.58 69.38
C LYS C 146 -7.35 40.08 69.56
N LEU C 147 -6.63 40.49 70.60
CA LEU C 147 -6.42 41.91 70.85
C LEU C 147 -5.13 42.14 71.62
N ARG C 148 -4.50 43.30 71.41
CA ARG C 148 -3.22 43.62 72.04
C ARG C 148 -3.16 44.13 73.48
N ASN C 149 -2.37 45.20 73.67
CA ASN C 149 -2.12 45.81 74.96
C ASN C 149 -3.34 46.31 75.73
N HIS C 150 -3.78 47.54 75.44
CA HIS C 150 -4.90 48.13 76.15
C HIS C 150 -6.20 48.23 75.39
N GLN C 151 -6.36 47.41 74.36
CA GLN C 151 -7.56 47.42 73.56
C GLN C 151 -8.71 46.73 74.31
N GLU C 152 -9.83 47.44 74.49
CA GLU C 152 -10.97 46.88 75.19
C GLU C 152 -12.01 46.35 74.20
N LEU C 153 -13.16 45.92 74.70
CA LEU C 153 -14.26 45.44 73.85
C LEU C 153 -15.43 44.96 74.71
N ASN C 154 -16.53 45.71 74.67
CA ASN C 154 -17.76 45.41 75.42
C ASN C 154 -18.97 45.22 74.47
N ILE C 155 -19.63 44.08 74.57
CA ILE C 155 -20.78 43.81 73.71
C ILE C 155 -22.02 43.62 74.51
N ARG C 156 -22.92 42.84 73.94
CA ARG C 156 -24.19 42.50 74.54
C ARG C 156 -24.99 41.88 73.42
N CYS C 157 -25.11 40.56 73.46
CA CYS C 157 -25.83 39.85 72.42
C CYS C 157 -27.24 39.45 72.80
N ILE C 158 -28.08 39.30 71.78
CA ILE C 158 -29.47 38.88 71.96
C ILE C 158 -29.70 37.77 70.93
N ALA C 159 -30.03 36.58 71.40
CA ALA C 159 -30.21 35.46 70.47
C ALA C 159 -31.70 35.28 70.24
N LYS C 160 -32.06 34.65 69.12
CA LYS C 160 -33.47 34.44 68.79
C LYS C 160 -33.65 33.13 68.05
N LYS C 161 -34.91 32.71 67.88
CA LYS C 161 -35.19 31.46 67.20
C LYS C 161 -34.69 31.42 65.76
N GLY C 162 -35.59 31.49 64.78
CA GLY C 162 -35.18 31.50 63.38
C GLY C 162 -34.66 30.21 62.72
N ILE C 163 -34.59 30.22 61.38
CA ILE C 163 -34.13 29.05 60.64
C ILE C 163 -33.15 29.34 59.50
N ALA C 164 -32.64 28.28 58.89
CA ALA C 164 -31.68 28.40 57.80
C ALA C 164 -32.22 29.18 56.60
N LYS C 165 -33.53 29.19 56.43
CA LYS C 165 -34.06 29.97 55.32
C LYS C 165 -33.67 31.41 55.62
N GLU C 166 -34.16 31.94 56.75
CA GLU C 166 -33.88 33.30 57.20
C GLU C 166 -32.39 33.58 57.16
N HIS C 167 -31.59 32.61 57.55
CA HIS C 167 -30.14 32.77 57.53
C HIS C 167 -29.43 31.46 57.79
N ALA C 168 -28.26 31.35 57.19
CA ALA C 168 -27.43 30.18 57.34
C ALA C 168 -26.99 30.08 58.80
N LYS C 169 -26.84 31.22 59.47
CA LYS C 169 -26.41 31.16 60.87
C LYS C 169 -27.35 30.32 61.71
N TRP C 170 -28.41 29.76 61.10
CA TRP C 170 -29.36 28.93 61.85
C TRP C 170 -29.25 27.43 61.61
N SER C 171 -29.62 26.96 60.41
CA SER C 171 -29.53 25.53 60.12
C SER C 171 -28.43 24.82 60.90
N PRO C 172 -28.78 23.76 61.66
CA PRO C 172 -27.84 22.98 62.48
C PRO C 172 -27.20 21.84 61.71
N CYS C 173 -27.62 21.67 60.46
CA CYS C 173 -27.13 20.61 59.59
C CYS C 173 -25.64 20.68 59.29
N SER C 174 -25.27 21.42 58.26
CA SER C 174 -23.86 21.58 57.86
C SER C 174 -23.27 20.32 57.19
N ALA C 175 -23.57 20.15 55.90
CA ALA C 175 -23.11 19.02 55.08
C ALA C 175 -23.93 17.78 55.34
N ILE C 176 -24.38 17.11 54.28
CA ILE C 176 -25.15 15.89 54.46
C ILE C 176 -24.95 14.97 53.28
N ALA C 177 -24.49 13.75 53.56
CA ALA C 177 -24.24 12.75 52.52
C ALA C 177 -25.52 12.11 52.03
N PHE C 178 -25.55 11.79 50.73
CA PHE C 178 -26.74 11.22 50.12
C PHE C 178 -26.29 10.45 48.87
N GLU C 179 -26.67 9.18 48.77
CA GLU C 179 -26.34 8.36 47.59
C GLU C 179 -27.38 7.26 47.47
N TYR C 180 -27.45 6.64 46.29
CA TYR C 180 -28.42 5.57 46.10
C TYR C 180 -28.17 4.79 44.83
N ASP C 181 -28.23 3.46 44.93
CA ASP C 181 -28.00 2.60 43.79
C ASP C 181 -26.59 2.79 43.23
N PRO C 182 -25.56 2.66 44.09
CA PRO C 182 -24.14 2.83 43.70
C PRO C 182 -23.77 2.17 42.37
N HIS C 183 -24.39 1.03 42.10
CA HIS C 183 -24.19 0.31 40.85
C HIS C 183 -25.29 0.90 39.99
N ASN C 184 -24.92 1.71 39.00
CA ASN C 184 -25.95 2.33 38.18
C ASN C 184 -26.85 1.29 37.49
N LYS C 185 -27.90 0.85 38.21
CA LYS C 185 -28.84 -0.13 37.67
C LYS C 185 -30.06 0.55 37.11
N LEU C 186 -30.43 1.65 37.79
CA LEU C 186 -31.59 2.46 37.42
C LEU C 186 -31.25 3.35 36.23
N LYS C 187 -29.95 3.43 35.94
CA LYS C 187 -29.42 4.23 34.84
C LYS C 187 -29.85 5.68 34.88
N HIS C 188 -29.78 6.25 36.08
CA HIS C 188 -30.10 7.64 36.32
C HIS C 188 -28.82 8.44 36.02
N THR C 189 -27.91 7.85 35.25
CA THR C 189 -26.67 8.53 34.90
C THR C 189 -26.04 7.89 33.70
N ASP C 190 -25.23 8.68 33.01
CA ASP C 190 -24.51 8.20 31.84
C ASP C 190 -23.06 8.56 32.12
N PHE C 191 -22.30 7.55 32.56
CA PHE C 191 -20.91 7.77 32.89
C PHE C 191 -20.05 8.29 31.75
N TRP C 192 -19.19 9.26 32.09
CA TRP C 192 -18.27 9.86 31.15
C TRP C 192 -17.11 8.88 31.18
N PHE C 193 -16.31 8.82 30.12
CA PHE C 193 -15.17 7.89 30.10
C PHE C 193 -14.32 8.08 28.84
N GLU C 194 -13.11 7.56 28.85
CA GLU C 194 -12.26 7.64 27.66
C GLU C 194 -12.26 6.28 26.96
N VAL C 195 -12.25 5.20 27.76
CA VAL C 195 -12.29 3.82 27.27
C VAL C 195 -13.21 2.94 28.15
N ASP C 196 -12.91 2.88 29.45
CA ASP C 196 -13.73 2.07 30.35
C ASP C 196 -14.30 2.91 31.49
N ALA C 197 -15.63 2.99 31.54
CA ALA C 197 -16.27 3.76 32.58
C ALA C 197 -15.90 3.15 33.92
N LYS C 198 -16.29 1.89 34.10
CA LYS C 198 -16.07 1.09 35.31
C LYS C 198 -14.69 1.19 35.97
N LYS C 199 -13.62 1.14 35.18
CA LYS C 199 -12.27 1.23 35.73
C LYS C 199 -11.85 2.65 36.09
N GLU C 200 -12.28 3.61 35.27
CA GLU C 200 -11.95 5.03 35.45
C GLU C 200 -12.77 5.76 36.51
N TRP C 201 -13.93 5.20 36.85
CA TRP C 201 -14.85 5.79 37.84
C TRP C 201 -14.85 5.07 39.20
N PRO C 202 -14.35 5.74 40.26
CA PRO C 202 -14.30 5.15 41.60
C PRO C 202 -15.58 4.43 42.04
N ASP C 203 -15.40 3.22 42.55
CA ASP C 203 -16.47 2.37 43.07
C ASP C 203 -16.77 2.96 44.46
N SER C 204 -18.04 3.09 44.85
CA SER C 204 -18.33 3.67 46.16
C SER C 204 -18.35 2.68 47.32
N LYS C 205 -17.94 3.15 48.51
CA LYS C 205 -17.92 2.29 49.69
C LYS C 205 -19.33 1.76 49.95
N TYR C 206 -20.33 2.36 49.29
CA TYR C 206 -21.70 1.94 49.47
C TYR C 206 -22.12 0.74 48.63
N ALA C 207 -21.28 0.30 47.70
CA ALA C 207 -21.62 -0.83 46.82
C ALA C 207 -21.73 -2.20 47.52
N THR C 208 -21.31 -2.28 48.77
CA THR C 208 -21.31 -3.54 49.50
C THR C 208 -22.59 -3.93 50.25
N TRP C 209 -23.59 -3.05 50.27
CA TRP C 209 -24.85 -3.38 50.96
C TRP C 209 -25.97 -3.59 49.96
N GLU C 210 -25.57 -3.81 48.71
CA GLU C 210 -26.51 -4.01 47.62
C GLU C 210 -25.78 -5.01 46.73
N GLU C 211 -26.51 -5.82 45.99
CA GLU C 211 -25.87 -6.82 45.13
C GLU C 211 -25.31 -6.28 43.82
N PRO C 212 -24.19 -6.84 43.34
CA PRO C 212 -23.57 -6.40 42.09
C PRO C 212 -24.54 -6.50 40.90
N PRO C 213 -24.13 -5.99 39.73
CA PRO C 213 -24.94 -6.02 38.51
C PRO C 213 -25.35 -7.39 37.94
N LYS C 214 -24.36 -8.18 37.54
CA LYS C 214 -24.58 -9.50 36.94
C LYS C 214 -24.95 -9.35 35.47
N PRO C 215 -23.94 -9.55 34.62
CA PRO C 215 -24.06 -9.42 33.16
C PRO C 215 -25.25 -10.08 32.45
N GLY C 216 -25.41 -11.39 32.63
CA GLY C 216 -26.49 -12.13 31.98
C GLY C 216 -27.90 -11.55 32.03
N GLU C 217 -28.14 -10.66 33.00
CA GLU C 217 -29.45 -10.02 33.17
C GLU C 217 -29.68 -8.86 32.22
N VAL C 218 -30.88 -8.80 31.61
CA VAL C 218 -31.20 -7.70 30.70
C VAL C 218 -31.44 -6.47 31.56
N PHE C 219 -31.71 -5.32 30.95
CA PHE C 219 -31.96 -4.11 31.74
C PHE C 219 -33.32 -4.13 32.44
N ASP C 220 -33.32 -4.10 33.77
CA ASP C 220 -34.56 -4.07 34.53
C ASP C 220 -35.12 -2.66 34.38
N TYR C 221 -36.40 -2.55 34.09
CA TYR C 221 -36.99 -1.24 33.93
C TYR C 221 -37.97 -0.88 35.04
N LYS C 222 -38.89 -1.78 35.33
CA LYS C 222 -39.90 -1.56 36.35
C LYS C 222 -39.39 -1.24 37.75
N ALA C 223 -38.06 -1.26 37.93
CA ALA C 223 -37.45 -0.99 39.23
C ALA C 223 -37.37 0.51 39.56
N LYS C 224 -37.63 0.86 40.83
CA LYS C 224 -37.58 2.26 41.25
C LYS C 224 -36.56 2.55 42.35
N PRO C 225 -36.22 3.83 42.52
CA PRO C 225 -35.24 4.28 43.51
C PRO C 225 -35.68 4.01 44.95
N ASN C 226 -35.19 2.90 45.48
CA ASN C 226 -35.50 2.46 46.83
C ASN C 226 -34.20 2.37 47.62
N ARG C 227 -34.21 2.80 48.88
CA ARG C 227 -33.01 2.73 49.73
C ARG C 227 -31.99 3.84 49.50
N PHE C 228 -31.62 4.56 50.56
CA PHE C 228 -30.66 5.66 50.42
C PHE C 228 -29.63 5.73 51.57
N TYR C 229 -28.36 5.66 51.20
CA TYR C 229 -27.27 5.70 52.17
C TYR C 229 -26.89 7.14 52.44
N MET C 230 -27.15 7.56 53.68
CA MET C 230 -26.87 8.91 54.10
C MET C 230 -25.86 9.07 55.22
N THR C 231 -25.85 10.26 55.81
CA THR C 231 -24.95 10.58 56.89
C THR C 231 -25.28 12.01 57.29
N VAL C 232 -25.72 12.17 58.53
CA VAL C 232 -26.14 13.46 59.06
C VAL C 232 -25.17 14.06 60.08
N GLU C 233 -24.28 14.95 59.61
CA GLU C 233 -23.31 15.64 60.44
C GLU C 233 -24.00 16.75 61.22
N THR C 234 -23.50 17.09 62.40
CA THR C 234 -24.09 18.19 63.15
C THR C 234 -23.00 19.16 63.60
N THR C 235 -23.39 20.40 63.83
CA THR C 235 -22.46 21.43 64.25
C THR C 235 -22.52 21.65 65.76
N GLY C 236 -23.54 21.07 66.38
CA GLY C 236 -23.69 21.20 67.82
C GLY C 236 -25.14 21.46 68.16
N SER C 237 -25.45 22.72 68.48
CA SER C 237 -26.79 23.18 68.87
C SER C 237 -27.77 22.04 69.15
N LEU C 238 -28.02 21.23 68.13
CA LEU C 238 -28.91 20.10 68.30
C LEU C 238 -28.16 18.78 68.07
N LYS C 239 -28.42 17.77 68.91
CA LYS C 239 -27.82 16.42 68.85
C LYS C 239 -28.06 15.76 67.51
N ALA C 240 -26.99 15.29 66.86
CA ALA C 240 -27.10 14.64 65.56
C ALA C 240 -28.40 13.83 65.39
N ASN C 241 -28.86 13.18 66.46
CA ASN C 241 -30.07 12.38 66.40
C ASN C 241 -31.30 13.23 66.16
N GLN C 242 -31.42 14.31 66.92
CA GLN C 242 -32.54 15.23 66.81
C GLN C 242 -32.56 15.96 65.45
N VAL C 243 -31.39 16.36 64.98
CA VAL C 243 -31.27 17.05 63.71
C VAL C 243 -31.83 16.17 62.60
N PHE C 244 -32.32 15.00 62.99
CA PHE C 244 -32.91 14.06 62.05
C PHE C 244 -34.36 13.90 62.43
N SER C 245 -34.60 13.75 63.73
CA SER C 245 -35.94 13.58 64.23
C SER C 245 -36.73 14.83 63.90
N ARG C 246 -36.33 15.92 64.54
CA ARG C 246 -36.96 17.21 64.36
C ARG C 246 -37.19 17.51 62.89
N GLY C 247 -36.20 17.16 62.06
CA GLY C 247 -36.36 17.37 60.64
C GLY C 247 -37.59 16.58 60.22
N ILE C 248 -37.52 15.26 60.37
CA ILE C 248 -38.62 14.36 60.04
C ILE C 248 -39.95 14.93 60.50
N LYS C 249 -39.93 15.63 61.64
CA LYS C 249 -41.15 16.21 62.20
C LYS C 249 -41.59 17.54 61.59
N THR C 250 -40.67 18.50 61.44
CA THR C 250 -41.09 19.78 60.88
C THR C 250 -41.73 19.58 59.51
N LEU C 251 -41.10 18.76 58.67
CA LEU C 251 -41.64 18.45 57.34
C LEU C 251 -43.10 18.01 57.52
N GLN C 252 -43.32 17.24 58.58
CA GLN C 252 -44.63 16.73 58.89
C GLN C 252 -45.59 17.87 59.27
N GLU C 253 -45.15 18.76 60.18
CA GLU C 253 -45.97 19.89 60.62
C GLU C 253 -46.45 20.71 59.44
N LYS C 254 -45.58 20.85 58.45
CA LYS C 254 -45.92 21.58 57.23
C LYS C 254 -46.99 20.80 56.48
N LEU C 255 -46.72 19.54 56.20
CA LEU C 255 -47.69 18.70 55.52
C LEU C 255 -49.05 18.79 56.23
N ALA C 256 -48.99 19.14 57.51
CA ALA C 256 -50.17 19.27 58.36
C ALA C 256 -51.04 20.44 57.99
N ASN C 257 -50.46 21.64 58.08
CA ASN C 257 -51.17 22.88 57.78
C ASN C 257 -51.70 22.87 56.36
N VAL C 258 -51.00 22.20 55.45
CA VAL C 258 -51.47 22.13 54.08
C VAL C 258 -52.83 21.43 54.14
N LEU C 259 -53.01 20.60 55.16
CA LEU C 259 -54.26 19.88 55.33
C LEU C 259 -55.14 20.71 56.24
N PHE C 260 -54.49 21.43 57.16
CA PHE C 260 -55.22 22.31 58.09
C PHE C 260 -55.76 23.50 57.31
N GLU C 261 -54.84 24.29 56.75
CA GLU C 261 -55.24 25.45 55.96
C GLU C 261 -56.41 25.02 55.08
N LEU C 262 -56.33 23.78 54.60
CA LEU C 262 -57.38 23.23 53.76
C LEU C 262 -58.73 23.37 54.48
N GLU C 263 -58.84 22.75 55.65
CA GLU C 263 -60.07 22.77 56.44
C GLU C 263 -60.68 24.18 56.66
N ASN C 264 -59.83 25.15 56.97
CA ASN C 264 -60.24 26.52 57.25
C ASN C 264 -60.93 27.14 56.03
N SER C 265 -60.95 26.40 54.94
CA SER C 265 -61.52 26.89 53.70
C SER C 265 -62.76 26.12 53.22
N ARG C 266 -63.27 25.22 54.04
CA ARG C 266 -64.45 24.46 53.67
C ARG C 266 -65.75 25.03 54.24
N PRO C 267 -65.68 25.54 55.46
CA PRO C 267 -66.83 26.14 56.17
C PRO C 267 -67.57 27.19 55.34
N ALA C 268 -66.79 28.13 54.84
CA ALA C 268 -67.25 29.25 54.05
C ALA C 268 -67.67 28.81 52.64
N SER D 4 -55.87 85.46 15.54
CA SER D 4 -55.70 86.62 14.61
C SER D 4 -56.83 86.66 13.58
N THR D 5 -56.48 86.35 12.33
CA THR D 5 -57.38 86.31 11.17
C THR D 5 -56.69 87.02 9.99
N SER D 6 -56.08 86.25 9.09
CA SER D 6 -55.38 86.82 7.93
C SER D 6 -56.20 86.74 6.64
N THR D 7 -55.97 87.71 5.75
CA THR D 7 -56.71 87.79 4.48
C THR D 7 -56.16 86.89 3.39
N VAL D 8 -56.80 86.97 2.23
CA VAL D 8 -56.41 86.16 1.07
C VAL D 8 -55.24 86.72 0.28
N GLY D 9 -54.34 87.44 0.95
CA GLY D 9 -53.15 88.03 0.31
C GLY D 9 -51.87 87.64 1.04
N ALA D 10 -51.49 86.37 0.96
CA ALA D 10 -50.29 85.83 1.63
C ALA D 10 -48.97 86.10 0.91
N ARG D 11 -48.39 87.27 1.19
CA ARG D 11 -47.11 87.62 0.60
C ARG D 11 -46.04 87.12 1.57
N ARG D 12 -44.83 86.91 1.06
CA ARG D 12 -43.72 86.43 1.87
C ARG D 12 -42.78 87.56 2.35
N ARG D 13 -43.13 88.21 3.47
CA ARG D 13 -42.35 89.31 4.05
C ARG D 13 -40.95 88.84 4.47
N ARG D 14 -40.06 88.64 3.48
CA ARG D 14 -38.70 88.18 3.72
C ARG D 14 -37.75 89.26 4.27
N ALA D 15 -37.61 89.28 5.59
CA ALA D 15 -36.73 90.21 6.32
C ALA D 15 -36.95 91.71 6.11
N VAL D 19 -40.28 97.09 5.67
CA VAL D 19 -40.31 98.52 5.96
C VAL D 19 -40.65 99.34 4.72
N ASP D 20 -41.80 99.07 4.12
CA ASP D 20 -42.23 99.79 2.92
C ASP D 20 -43.76 99.99 2.81
N ASP D 21 -44.34 100.63 3.83
CA ASP D 21 -45.78 100.90 3.88
C ASP D 21 -46.03 102.42 3.92
N GLU D 22 -45.99 103.05 2.74
CA GLU D 22 -46.21 104.50 2.60
C GLU D 22 -47.46 104.96 3.36
N GLU D 23 -47.65 106.26 3.48
CA GLU D 23 -48.81 106.80 4.20
C GLU D 23 -50.12 106.44 3.51
N ASN D 24 -51.22 106.54 4.26
CA ASN D 24 -52.55 106.25 3.74
C ASN D 24 -53.23 107.58 3.44
N ALA D 25 -53.63 107.81 2.20
CA ALA D 25 -54.29 109.07 1.83
C ALA D 25 -55.43 108.86 0.85
N THR D 26 -56.29 109.86 0.74
CA THR D 26 -57.39 109.81 -0.20
C THR D 26 -56.80 110.10 -1.57
N LEU D 27 -55.56 109.66 -1.73
CA LEU D 27 -54.79 109.77 -2.97
C LEU D 27 -55.07 108.42 -3.61
N LEU D 28 -56.08 107.74 -3.08
CA LEU D 28 -56.49 106.42 -3.53
C LEU D 28 -55.38 105.38 -3.24
N ARG D 29 -54.60 105.64 -2.19
CA ARG D 29 -53.54 104.74 -1.80
C ARG D 29 -53.93 104.07 -0.50
N LEU D 30 -54.92 103.19 -0.59
CA LEU D 30 -55.40 102.47 0.58
C LEU D 30 -54.39 101.40 0.95
N GLY D 31 -54.47 100.90 2.19
CA GLY D 31 -53.55 99.86 2.64
C GLY D 31 -53.34 98.79 1.60
N PRO D 32 -52.24 98.05 1.67
CA PRO D 32 -51.98 97.01 0.68
C PRO D 32 -53.05 95.94 0.77
N GLU D 33 -53.81 95.95 1.86
CA GLU D 33 -54.86 94.96 2.09
C GLU D 33 -56.16 95.34 1.35
N PHE D 34 -56.16 96.51 0.73
CA PHE D 34 -57.33 97.00 -0.02
C PHE D 34 -56.95 97.59 -1.37
N ALA D 35 -56.24 96.81 -2.17
CA ALA D 35 -55.83 97.27 -3.50
C ALA D 35 -57.00 97.02 -4.44
N LEU D 36 -57.11 97.85 -5.46
CA LEU D 36 -58.19 97.72 -6.43
C LEU D 36 -58.33 96.27 -6.89
N LYS D 37 -57.28 95.48 -6.65
CA LYS D 37 -57.26 94.07 -7.00
C LYS D 37 -57.02 93.18 -5.78
N GLN D 38 -58.09 92.71 -5.13
CA GLN D 38 -57.92 91.82 -3.99
C GLN D 38 -58.25 90.42 -4.51
N TYR D 39 -57.94 89.37 -3.73
CA TYR D 39 -58.20 88.00 -4.20
C TYR D 39 -59.33 87.20 -3.51
N ASP D 40 -60.24 86.72 -4.36
CA ASP D 40 -61.43 85.94 -3.97
C ASP D 40 -61.11 84.62 -3.26
N HIS D 41 -62.01 84.21 -2.36
CA HIS D 41 -61.86 82.98 -1.58
C HIS D 41 -61.69 81.70 -2.40
N ASP D 42 -62.31 81.69 -3.60
CA ASP D 42 -62.23 80.53 -4.49
C ASP D 42 -60.94 80.54 -5.31
N GLY D 43 -60.09 81.53 -5.10
CA GLY D 43 -58.87 81.62 -5.87
C GLY D 43 -59.18 82.24 -7.21
N ASN D 44 -59.74 83.45 -7.17
CA ASN D 44 -60.09 84.20 -8.38
C ASN D 44 -59.71 85.65 -8.12
N GLU D 45 -59.74 86.46 -9.17
CA GLU D 45 -59.43 87.88 -9.01
C GLU D 45 -60.76 88.61 -8.93
N HIS D 46 -60.85 89.54 -7.99
CA HIS D 46 -62.10 90.28 -7.83
C HIS D 46 -61.86 91.74 -7.39
N ASP D 47 -62.62 92.64 -8.00
CA ASP D 47 -62.53 94.08 -7.72
C ASP D 47 -62.89 94.32 -6.25
N LEU D 48 -62.25 95.30 -5.64
CA LEU D 48 -62.49 95.63 -4.24
C LEU D 48 -63.99 95.68 -4.00
N ILE D 49 -64.39 95.94 -2.77
CA ILE D 49 -65.81 96.03 -2.50
C ILE D 49 -66.22 97.29 -1.74
N ALA D 50 -66.55 98.30 -2.54
CA ALA D 50 -66.99 99.59 -2.06
C ALA D 50 -68.36 99.42 -1.42
N LEU D 51 -68.53 100.01 -0.24
CA LEU D 51 -69.80 99.88 0.44
C LEU D 51 -70.25 101.19 1.07
N SER D 52 -70.89 102.04 0.27
CA SER D 52 -71.37 103.32 0.81
C SER D 52 -72.40 103.03 1.88
N LEU D 53 -72.62 103.99 2.77
CA LEU D 53 -73.59 103.83 3.86
C LEU D 53 -74.91 103.34 3.27
N SER D 54 -75.92 103.15 4.11
CA SER D 54 -77.22 102.67 3.65
C SER D 54 -77.09 101.37 2.86
N GLU D 55 -76.27 101.37 1.82
CA GLU D 55 -76.05 100.15 1.03
C GLU D 55 -75.42 99.17 2.02
N SER D 56 -74.68 99.73 2.96
CA SER D 56 -74.04 98.94 4.00
C SER D 56 -75.15 98.47 4.93
N ARG D 57 -76.01 99.42 5.30
CA ARG D 57 -77.15 99.18 6.18
C ARG D 57 -78.00 97.99 5.72
N LEU D 58 -77.93 97.66 4.43
CA LEU D 58 -78.72 96.54 3.92
C LEU D 58 -78.00 95.22 4.03
N LEU D 59 -76.77 95.15 3.54
CA LEU D 59 -75.98 93.93 3.60
C LEU D 59 -76.08 93.42 5.03
N ILE D 60 -75.95 94.35 5.98
CA ILE D 60 -76.04 94.04 7.40
C ILE D 60 -77.43 93.49 7.75
N ARG D 61 -78.46 94.32 7.61
CA ARG D 61 -79.81 93.88 7.92
C ARG D 61 -80.16 92.53 7.31
N GLU D 62 -79.66 92.26 6.10
CA GLU D 62 -79.94 91.01 5.39
C GLU D 62 -79.32 89.78 6.04
N ALA D 63 -78.05 89.87 6.44
CA ALA D 63 -77.34 88.77 7.06
C ALA D 63 -77.85 88.51 8.48
N LEU D 64 -78.12 89.57 9.24
CA LEU D 64 -78.62 89.43 10.58
C LEU D 64 -79.98 88.73 10.51
N LYS D 65 -80.59 88.76 9.34
CA LYS D 65 -81.89 88.12 9.15
C LYS D 65 -81.83 86.68 8.67
N ALA D 66 -81.17 86.39 7.55
CA ALA D 66 -81.11 84.99 7.11
C ALA D 66 -80.34 84.23 8.17
N ARG D 67 -79.88 84.97 9.19
CA ARG D 67 -79.16 84.40 10.31
C ARG D 67 -80.18 84.03 11.37
N SER D 68 -81.00 84.99 11.78
CA SER D 68 -82.03 84.70 12.76
C SER D 68 -83.07 83.78 12.13
N ARG D 69 -82.74 83.24 10.95
CA ARG D 69 -83.63 82.33 10.23
C ARG D 69 -83.20 80.88 10.47
N ALA D 70 -81.94 80.58 10.17
CA ALA D 70 -81.41 79.23 10.36
C ALA D 70 -81.11 79.06 11.84
N ARG D 71 -81.19 80.15 12.59
CA ARG D 71 -80.95 80.10 14.02
C ARG D 71 -82.20 79.53 14.67
N ASN D 72 -83.23 79.35 13.85
CA ASN D 72 -84.48 78.78 14.30
C ASN D 72 -84.87 77.67 13.34
N GLY D 73 -83.86 76.87 13.00
CA GLY D 73 -83.95 75.69 12.15
C GLY D 73 -83.27 74.60 12.97
N SER D 80 -86.85 106.51 13.02
CA SER D 80 -86.95 106.04 14.41
C SER D 80 -87.72 104.73 14.61
N ASN D 81 -88.53 104.35 13.62
CA ASN D 81 -89.33 103.12 13.70
C ASN D 81 -88.45 101.91 13.45
N GLY D 82 -87.39 102.10 12.68
CA GLY D 82 -86.46 101.02 12.39
C GLY D 82 -85.43 100.95 13.50
N GLU D 83 -85.27 102.06 14.22
CA GLU D 83 -84.33 102.13 15.34
C GLU D 83 -84.68 101.00 16.30
N ILE D 84 -85.95 100.62 16.33
CA ILE D 84 -86.42 99.56 17.20
C ILE D 84 -86.38 98.22 16.47
N ASP D 85 -86.96 98.19 15.26
CA ASP D 85 -87.01 96.97 14.46
C ASP D 85 -85.63 96.46 14.04
N ASP D 86 -84.59 97.05 14.62
CA ASP D 86 -83.22 96.63 14.36
C ASP D 86 -82.52 96.41 15.70
N ASP D 87 -83.01 97.05 16.75
CA ASP D 87 -82.42 96.86 18.07
C ASP D 87 -82.81 95.47 18.56
N GLU D 88 -83.95 94.98 18.08
CA GLU D 88 -84.45 93.67 18.44
C GLU D 88 -83.70 92.54 17.71
N LEU D 89 -83.71 92.57 16.38
CA LEU D 89 -83.02 91.56 15.60
C LEU D 89 -81.57 91.41 16.08
N ALA D 90 -81.12 92.37 16.87
CA ALA D 90 -79.78 92.33 17.40
C ALA D 90 -79.67 91.42 18.61
N LYS D 91 -80.24 91.84 19.74
CA LYS D 91 -80.19 91.04 20.96
C LYS D 91 -80.79 89.65 20.80
N VAL D 92 -80.33 88.93 19.76
CA VAL D 92 -80.77 87.57 19.45
C VAL D 92 -79.70 86.91 18.59
N THR D 93 -79.29 87.60 17.53
CA THR D 93 -78.29 87.11 16.60
C THR D 93 -76.91 87.76 16.74
N SER D 94 -76.80 88.70 17.68
CA SER D 94 -75.55 89.42 17.91
C SER D 94 -74.88 88.93 19.17
N GLY D 95 -73.54 88.97 19.20
CA GLY D 95 -72.80 88.53 20.36
C GLY D 95 -73.38 89.09 21.66
N ALA D 96 -74.29 90.06 21.54
CA ALA D 96 -74.91 90.66 22.71
C ALA D 96 -74.06 91.76 23.32
N ASN D 99 -71.44 92.90 21.47
CA ASN D 99 -70.91 93.47 20.25
C ASN D 99 -71.45 94.88 20.06
N GLY D 100 -71.35 95.69 21.11
CA GLY D 100 -71.85 97.07 21.07
C GLY D 100 -71.51 97.74 19.74
N VAL D 101 -70.31 97.49 19.23
CA VAL D 101 -69.86 98.08 17.98
C VAL D 101 -70.92 98.05 16.87
N VAL D 102 -71.64 96.94 16.74
CA VAL D 102 -72.65 96.88 15.70
C VAL D 102 -73.78 97.85 15.94
N LYS D 103 -74.38 97.80 17.13
CA LYS D 103 -75.48 98.70 17.47
C LYS D 103 -75.15 100.09 16.95
N LYS D 104 -73.95 100.55 17.28
CA LYS D 104 -73.48 101.86 16.86
C LYS D 104 -73.39 101.92 15.34
N THR D 105 -72.77 100.91 14.74
CA THR D 105 -72.62 100.89 13.29
C THR D 105 -73.98 100.71 12.62
N LEU D 106 -75.02 100.38 13.39
CA LEU D 106 -76.35 100.22 12.82
C LEU D 106 -77.17 101.49 13.01
N ASP D 107 -77.08 102.08 14.19
CA ASP D 107 -77.80 103.32 14.43
C ASP D 107 -77.20 104.27 13.43
N TYR D 108 -75.94 104.60 13.60
CA TYR D 108 -75.26 105.50 12.69
C TYR D 108 -75.57 105.17 11.23
N LEU D 109 -75.43 103.91 10.86
CA LEU D 109 -75.68 103.52 9.48
C LEU D 109 -77.15 103.59 9.13
N ASN D 110 -77.97 103.94 10.12
CA ASN D 110 -79.39 104.04 9.85
C ASN D 110 -79.89 105.46 10.07
N THR D 111 -79.06 106.30 10.70
CA THR D 111 -79.43 107.69 10.93
C THR D 111 -78.72 108.53 9.87
N PHE D 112 -78.00 107.87 8.99
CA PHE D 112 -77.27 108.56 7.93
C PHE D 112 -77.46 107.88 6.59
N ALA D 113 -78.04 106.69 6.62
CA ALA D 113 -78.29 105.97 5.38
C ALA D 113 -79.08 106.91 4.49
N ARG D 114 -78.73 106.96 3.21
CA ARG D 114 -79.40 107.88 2.30
C ARG D 114 -80.52 107.26 1.47
N PHE D 115 -80.97 106.05 1.84
CA PHE D 115 -82.02 105.38 1.07
C PHE D 115 -82.94 104.46 1.91
N LYS D 116 -83.71 103.58 1.24
CA LYS D 116 -84.61 102.63 1.91
C LYS D 116 -84.90 101.34 1.13
N ASP D 117 -85.16 101.44 -0.16
CA ASP D 117 -85.47 100.24 -0.95
C ASP D 117 -84.27 99.60 -1.64
N GLU D 118 -84.22 98.27 -1.59
CA GLU D 118 -83.14 97.51 -2.21
C GLU D 118 -83.03 97.88 -3.69
N GLU D 119 -84.03 98.58 -4.22
CA GLU D 119 -84.02 98.99 -5.62
C GLU D 119 -83.43 100.38 -5.70
N THR D 120 -83.95 101.26 -4.87
CA THR D 120 -83.47 102.63 -4.82
C THR D 120 -81.94 102.57 -4.62
N CYS D 121 -81.48 101.49 -3.97
CA CYS D 121 -80.04 101.26 -3.72
C CYS D 121 -79.43 100.58 -4.94
N THR D 122 -80.21 99.71 -5.57
CA THR D 122 -79.72 99.05 -6.76
C THR D 122 -79.47 100.14 -7.77
N ALA D 123 -80.46 101.01 -7.94
CA ALA D 123 -80.40 102.13 -8.88
C ALA D 123 -79.12 102.93 -8.76
N VAL D 124 -78.83 103.42 -7.57
CA VAL D 124 -77.62 104.21 -7.35
C VAL D 124 -76.40 103.48 -7.91
N ASP D 125 -76.31 102.18 -7.64
CA ASP D 125 -75.20 101.38 -8.10
C ASP D 125 -75.25 101.06 -9.59
N GLN D 126 -76.43 100.71 -10.10
CA GLN D 126 -76.60 100.39 -11.52
C GLN D 126 -76.16 101.60 -12.35
N LEU D 127 -76.07 102.74 -11.65
CA LEU D 127 -75.70 104.02 -12.22
C LEU D 127 -74.21 104.34 -12.05
N LEU D 128 -73.89 104.87 -10.88
CA LEU D 128 -72.54 105.27 -10.52
C LEU D 128 -71.44 104.39 -11.11
N HIS D 129 -71.60 103.07 -11.03
CA HIS D 129 -70.58 102.15 -11.54
C HIS D 129 -70.24 102.24 -13.03
N LEU D 137 -64.71 104.68 -12.12
CA LEU D 137 -64.15 105.23 -10.90
C LEU D 137 -63.69 104.10 -10.00
N HIS D 138 -62.69 104.37 -9.16
CA HIS D 138 -62.11 103.36 -8.25
C HIS D 138 -62.93 103.20 -6.96
N PRO D 139 -63.62 102.05 -6.81
CA PRO D 139 -64.49 101.61 -5.72
C PRO D 139 -64.75 102.55 -4.55
N PHE D 140 -63.69 103.11 -3.99
CA PHE D 140 -63.83 104.04 -2.87
C PHE D 140 -64.73 105.20 -3.25
N GLU D 141 -64.48 105.76 -4.44
CA GLU D 141 -65.26 106.89 -4.94
C GLU D 141 -66.72 106.50 -5.16
N ILE D 142 -66.94 105.56 -6.08
CA ILE D 142 -68.29 105.09 -6.38
C ILE D 142 -69.13 104.94 -5.13
N ALA D 143 -68.47 104.86 -3.97
CA ALA D 143 -69.14 104.72 -2.70
C ALA D 143 -69.28 106.06 -2.02
N GLN D 144 -68.16 106.76 -1.86
CA GLN D 144 -68.21 108.05 -1.21
C GLN D 144 -69.27 108.94 -1.87
N LEU D 145 -69.30 108.94 -3.19
CA LEU D 145 -70.29 109.75 -3.89
C LEU D 145 -71.69 109.37 -3.47
N SER D 146 -71.88 108.08 -3.19
CA SER D 146 -73.20 107.60 -2.79
C SER D 146 -73.60 107.86 -1.36
N SER D 147 -72.66 107.76 -0.42
CA SER D 147 -72.97 107.98 0.99
C SER D 147 -72.81 109.43 1.49
N LEU D 148 -72.28 110.30 0.64
CA LEU D 148 -72.08 111.69 0.99
C LEU D 148 -72.95 112.65 0.18
N GLY D 149 -73.73 113.47 0.88
CA GLY D 149 -74.59 114.44 0.22
C GLY D 149 -73.66 115.32 -0.62
N CYS D 150 -74.15 115.79 -1.77
CA CYS D 150 -73.32 116.63 -2.63
C CYS D 150 -74.13 117.37 -3.67
N GLU D 151 -73.77 118.62 -3.92
CA GLU D 151 -74.49 119.44 -4.88
C GLU D 151 -73.61 119.90 -6.03
N ASP D 152 -72.55 120.65 -5.70
CA ASP D 152 -71.64 121.17 -6.70
C ASP D 152 -70.56 120.14 -7.00
N VAL D 153 -69.88 120.32 -8.12
CA VAL D 153 -68.78 119.45 -8.47
C VAL D 153 -67.61 120.00 -7.63
N ASP D 154 -67.53 121.33 -7.56
CA ASP D 154 -66.50 122.05 -6.78
C ASP D 154 -66.50 121.39 -5.38
N GLU D 155 -67.68 120.91 -4.97
CA GLU D 155 -67.88 120.27 -3.68
C GLU D 155 -67.46 118.81 -3.64
N ALA D 156 -68.00 118.01 -4.56
CA ALA D 156 -67.67 116.60 -4.61
C ALA D 156 -66.19 116.44 -4.85
N ILE D 157 -65.68 117.11 -5.88
CA ILE D 157 -64.26 117.08 -6.24
C ILE D 157 -63.36 117.52 -5.06
N THR D 158 -63.99 118.13 -4.06
CA THR D 158 -63.29 118.63 -2.87
C THR D 158 -63.33 117.64 -1.71
N LEU D 159 -64.48 117.04 -1.46
CA LEU D 159 -64.62 116.06 -0.38
C LEU D 159 -64.21 114.66 -0.89
N ILE D 160 -63.87 114.59 -2.18
CA ILE D 160 -63.46 113.36 -2.82
C ILE D 160 -62.33 113.81 -3.75
N PRO D 161 -61.27 114.38 -3.17
CA PRO D 161 -60.08 114.89 -3.85
C PRO D 161 -59.34 113.96 -4.77
N SER D 162 -59.84 112.74 -4.96
CA SER D 162 -59.16 111.81 -5.84
C SER D 162 -59.69 111.97 -7.26
N LEU D 163 -60.90 112.54 -7.38
CA LEU D 163 -61.54 112.76 -8.67
C LEU D 163 -60.73 113.85 -9.35
N ALA D 164 -61.23 115.08 -9.27
CA ALA D 164 -60.58 116.25 -9.86
C ALA D 164 -60.42 116.25 -11.40
N ALA D 165 -59.74 115.25 -11.94
CA ALA D 165 -59.53 115.17 -13.40
C ALA D 165 -60.13 113.93 -14.02
N LYS D 166 -60.83 113.14 -13.21
CA LYS D 166 -61.44 111.89 -13.67
C LYS D 166 -62.91 112.00 -14.06
N LYS D 167 -63.34 113.17 -14.56
CA LYS D 167 -64.72 113.38 -14.98
C LYS D 167 -65.06 114.85 -14.94
N GLU D 168 -65.33 115.41 -16.12
CA GLU D 168 -65.68 116.83 -16.25
C GLU D 168 -66.76 117.21 -15.25
N VAL D 169 -66.67 118.46 -14.77
CA VAL D 169 -67.61 118.97 -13.79
C VAL D 169 -69.07 118.84 -14.20
N LEU D 171 -70.05 114.88 -13.86
CA LEU D 171 -70.21 114.48 -12.47
C LEU D 171 -71.41 115.22 -11.89
N GLN D 172 -71.61 116.45 -12.37
CA GLN D 172 -72.72 117.29 -11.91
C GLN D 172 -74.07 116.65 -12.15
N ARG D 173 -74.27 116.12 -13.35
CA ARG D 173 -75.52 115.45 -13.70
C ARG D 173 -75.79 114.43 -12.62
N ILE D 174 -74.90 113.43 -12.60
CA ILE D 174 -74.97 112.34 -11.66
C ILE D 174 -75.31 112.83 -10.26
N LEU D 175 -74.58 113.83 -9.78
CA LEU D 175 -74.83 114.35 -8.44
C LEU D 175 -76.31 114.72 -8.23
N ASP D 176 -76.96 115.19 -9.29
CA ASP D 176 -78.37 115.57 -9.24
C ASP D 176 -79.18 114.29 -9.17
N GLU D 177 -79.00 113.45 -10.19
CA GLU D 177 -79.68 112.18 -10.29
C GLU D 177 -79.72 111.41 -8.97
N LEU D 178 -78.89 111.81 -8.02
CA LEU D 178 -78.89 111.16 -6.73
C LEU D 178 -79.99 111.78 -5.87
N ASN D 179 -79.88 113.08 -5.59
CA ASN D 179 -80.91 113.74 -4.79
C ASN D 179 -82.29 113.51 -5.40
N ARG D 180 -82.32 113.16 -6.69
CA ARG D 180 -83.58 112.89 -7.40
C ARG D 180 -84.12 111.52 -7.05
N LEU D 181 -83.24 110.63 -6.58
CA LEU D 181 -83.63 109.29 -6.18
C LEU D 181 -83.34 109.18 -4.70
N GLU D 182 -83.18 110.35 -4.08
CA GLU D 182 -82.88 110.44 -2.66
C GLU D 182 -84.08 110.15 -1.78
N ASP D 183 -84.42 108.86 -1.69
CA ASP D 183 -85.55 108.39 -0.88
C ASP D 183 -85.92 109.38 0.21
N PRO D 184 -87.22 109.62 0.36
CA PRO D 184 -87.69 110.55 1.37
C PRO D 184 -87.53 109.95 2.76
N TYR D 185 -87.62 110.79 3.79
CA TYR D 185 -87.46 110.36 5.16
C TYR D 185 -88.61 110.86 6.02
N MET E 1 3.71 41.10 -44.19
CA MET E 1 2.50 41.50 -43.42
C MET E 1 2.82 42.63 -42.44
N GLU E 2 4.04 42.61 -41.89
CA GLU E 2 4.49 43.63 -40.94
C GLU E 2 3.40 43.92 -39.88
N ASP E 3 3.52 45.08 -39.23
CA ASP E 3 2.56 45.47 -38.19
C ASP E 3 1.63 46.60 -38.65
N ASN E 4 1.18 46.50 -39.89
CA ASN E 4 0.27 47.46 -40.48
C ASN E 4 -0.98 46.69 -40.86
N ASN E 5 -0.84 45.38 -40.85
CA ASN E 5 -1.94 44.47 -41.16
C ASN E 5 -3.04 44.68 -40.13
N ARG E 6 -2.65 45.11 -38.93
CA ARG E 6 -3.58 45.35 -37.83
C ARG E 6 -4.19 46.74 -37.82
N ILE E 7 -3.48 47.73 -38.36
CA ILE E 7 -3.99 49.09 -38.39
C ILE E 7 -5.16 49.22 -39.36
N ILE E 8 -5.54 48.08 -39.94
CA ILE E 8 -6.64 48.02 -40.87
C ILE E 8 -7.78 47.34 -40.13
N SER E 9 -7.47 46.17 -39.57
CA SER E 9 -8.40 45.36 -38.79
C SER E 9 -9.15 46.22 -37.79
N ARG E 10 -8.48 47.24 -37.30
CA ARG E 10 -9.10 48.15 -36.35
C ARG E 10 -9.94 49.20 -37.04
N LEU E 11 -9.36 49.90 -38.02
CA LEU E 11 -10.12 50.94 -38.73
C LEU E 11 -11.46 50.38 -39.19
N TRP E 12 -11.53 49.07 -39.31
CA TRP E 12 -12.74 48.39 -39.74
C TRP E 12 -13.77 48.24 -38.62
N ARG E 13 -13.32 47.80 -37.45
CA ARG E 13 -14.21 47.62 -36.32
C ARG E 13 -14.71 48.99 -35.91
N SER E 14 -13.82 49.97 -35.98
CA SER E 14 -14.15 51.33 -35.63
C SER E 14 -15.27 51.78 -36.55
N PHE E 15 -15.22 51.28 -37.79
CA PHE E 15 -16.22 51.62 -38.79
C PHE E 15 -17.60 51.11 -38.35
N ARG E 16 -17.78 49.79 -38.44
CA ARG E 16 -19.02 49.14 -38.06
C ARG E 16 -19.66 49.79 -36.84
N THR E 17 -18.85 50.15 -35.86
CA THR E 17 -19.32 50.80 -34.65
C THR E 17 -20.07 52.08 -35.03
N VAL E 18 -19.40 52.93 -35.81
CA VAL E 18 -19.99 54.18 -36.27
C VAL E 18 -21.39 53.90 -36.77
N LYS E 19 -21.47 52.96 -37.71
CA LYS E 19 -22.74 52.58 -38.30
C LYS E 19 -23.80 52.32 -37.23
N GLU E 20 -23.53 51.33 -36.39
CA GLU E 20 -24.43 50.94 -35.31
C GLU E 20 -24.92 52.17 -34.56
N MET E 21 -23.98 53.04 -34.19
CA MET E 21 -24.34 54.27 -33.48
C MET E 21 -25.28 55.10 -34.33
N ALA E 22 -25.03 55.12 -35.63
CA ALA E 22 -25.86 55.90 -36.53
C ALA E 22 -27.28 55.34 -36.64
N ALA E 23 -27.42 54.02 -36.55
CA ALA E 23 -28.76 53.45 -36.65
C ALA E 23 -29.46 53.55 -35.31
N ASP E 24 -28.67 53.44 -34.24
CA ASP E 24 -29.23 53.54 -32.91
C ASP E 24 -29.62 55.00 -32.67
N ARG E 25 -28.85 55.92 -33.23
CA ARG E 25 -29.16 57.34 -33.06
C ARG E 25 -30.57 57.56 -33.56
N GLY E 26 -30.89 56.85 -34.63
CA GLY E 26 -32.21 56.95 -35.23
C GLY E 26 -32.13 57.19 -36.73
N TYR E 27 -31.38 56.35 -37.44
CA TYR E 27 -31.21 56.46 -38.89
C TYR E 27 -31.37 55.13 -39.62
N PHE E 28 -31.23 55.16 -40.94
CA PHE E 28 -31.37 53.96 -41.77
C PHE E 28 -30.00 53.28 -41.86
N ILE E 29 -30.02 51.96 -41.93
CA ILE E 29 -28.82 51.14 -42.03
C ILE E 29 -29.19 49.67 -41.96
N SER E 30 -28.66 48.89 -42.91
CA SER E 30 -28.93 47.46 -42.96
C SER E 30 -27.96 46.70 -42.07
N GLN E 31 -28.45 45.65 -41.44
CA GLN E 31 -27.61 44.82 -40.58
C GLN E 31 -26.37 44.38 -41.37
N GLU E 32 -26.53 44.21 -42.67
CA GLU E 32 -25.42 43.81 -43.53
C GLU E 32 -24.39 44.93 -43.60
N GLU E 33 -24.87 46.14 -43.89
CA GLU E 33 -24.00 47.32 -43.99
C GLU E 33 -23.09 47.43 -42.76
N MET E 34 -23.45 46.68 -41.73
CA MET E 34 -22.71 46.63 -40.48
C MET E 34 -21.84 45.38 -40.51
N ASP E 35 -22.37 44.32 -41.12
CA ASP E 35 -21.67 43.05 -41.22
C ASP E 35 -20.80 42.89 -42.46
N GLN E 36 -20.07 43.92 -42.85
CA GLN E 36 -19.18 43.85 -44.00
C GLN E 36 -17.88 43.19 -43.53
N SER E 37 -17.75 41.86 -43.73
CA SER E 37 -16.53 41.16 -43.30
C SER E 37 -15.25 41.91 -43.64
N LEU E 38 -14.18 41.58 -42.92
CA LEU E 38 -12.89 42.22 -43.14
C LEU E 38 -12.42 42.01 -44.57
N GLU E 39 -12.72 40.82 -45.09
CA GLU E 39 -12.36 40.43 -46.45
C GLU E 39 -12.93 41.40 -47.47
N GLU E 40 -14.25 41.29 -47.71
CA GLU E 40 -14.97 42.13 -48.67
C GLU E 40 -14.92 43.63 -48.35
N PHE E 41 -14.07 44.00 -47.41
CA PHE E 41 -13.90 45.39 -47.02
C PHE E 41 -12.61 45.91 -47.61
N ARG E 42 -11.54 45.14 -47.42
CA ARG E 42 -10.23 45.51 -47.96
C ARG E 42 -10.42 46.09 -49.35
N SER E 43 -10.75 45.21 -50.29
CA SER E 43 -10.97 45.60 -51.67
C SER E 43 -12.26 46.42 -51.82
N LYS E 44 -12.18 47.68 -51.42
CA LYS E 44 -13.31 48.60 -51.53
C LYS E 44 -12.86 50.01 -51.14
N ILE E 45 -11.92 50.10 -50.20
CA ILE E 45 -11.41 51.39 -49.76
C ILE E 45 -9.88 51.39 -49.69
N CYS E 46 -9.26 50.53 -50.48
CA CYS E 46 -7.80 50.41 -50.54
C CYS E 46 -7.28 50.88 -51.92
N ASP E 47 -6.01 51.28 -51.98
CA ASP E 47 -5.42 51.75 -53.23
C ASP E 47 -4.65 50.67 -53.99
N SER E 48 -3.34 50.64 -53.80
CA SER E 48 -2.48 49.67 -54.46
C SER E 48 -1.98 48.57 -53.52
N MET E 49 -0.76 48.73 -53.01
CA MET E 49 -0.12 47.76 -52.11
C MET E 49 -1.11 47.10 -51.14
N GLY E 50 -1.78 47.91 -50.33
CA GLY E 50 -2.73 47.37 -49.38
C GLY E 50 -3.14 48.37 -48.31
N ASN E 51 -2.99 49.66 -48.60
CA ASN E 51 -3.34 50.73 -47.66
C ASN E 51 -4.74 51.28 -47.92
N PRO E 52 -5.49 51.54 -46.83
CA PRO E 52 -6.85 52.07 -46.90
C PRO E 52 -6.90 53.58 -47.04
N GLN E 53 -7.70 54.07 -47.99
CA GLN E 53 -7.82 55.50 -48.20
C GLN E 53 -9.19 55.92 -47.65
N ARG E 54 -9.16 56.64 -46.55
CA ARG E 54 -10.36 57.09 -45.85
C ARG E 54 -11.18 58.17 -46.55
N LYS E 55 -10.50 59.09 -47.24
CA LYS E 55 -11.21 60.17 -47.94
C LYS E 55 -12.38 59.63 -48.74
N LEU E 56 -12.40 58.31 -48.95
CA LEU E 56 -13.44 57.64 -49.72
C LEU E 56 -14.43 56.83 -48.87
N MET E 57 -14.25 56.84 -47.55
CA MET E 57 -15.13 56.10 -46.63
C MET E 57 -16.34 56.89 -46.18
N SER E 58 -16.12 58.16 -45.85
CA SER E 58 -17.19 59.04 -45.39
C SER E 58 -18.48 58.81 -46.14
N PHE E 59 -19.61 59.07 -45.49
CA PHE E 59 -20.90 58.91 -46.12
C PHE E 59 -22.03 59.65 -45.40
N LEU E 60 -23.24 59.47 -45.91
CA LEU E 60 -24.43 60.10 -45.35
C LEU E 60 -25.41 59.01 -44.94
N ALA E 61 -26.54 59.40 -44.37
CA ALA E 61 -27.58 58.46 -43.94
C ALA E 61 -28.76 59.30 -43.54
N ASN E 62 -29.93 58.67 -43.39
CA ASN E 62 -31.10 59.46 -43.06
C ASN E 62 -32.13 58.85 -42.14
N PRO E 63 -33.03 59.69 -41.60
CA PRO E 63 -34.13 59.36 -40.70
C PRO E 63 -35.06 58.24 -41.20
N THR E 64 -35.07 57.11 -40.50
CA THR E 64 -35.91 55.99 -40.90
C THR E 64 -37.38 56.36 -40.98
N PRO E 65 -38.13 55.48 -41.65
CA PRO E 65 -39.57 55.63 -41.85
C PRO E 65 -40.22 55.92 -40.50
N GLU E 66 -39.64 55.32 -39.47
CA GLU E 66 -40.12 55.42 -38.11
C GLU E 66 -39.67 56.69 -37.38
N ALA E 67 -38.36 56.91 -37.40
CA ALA E 67 -37.77 58.07 -36.74
C ALA E 67 -38.54 59.37 -36.94
N LEU E 68 -39.17 59.51 -38.10
CA LEU E 68 -39.91 60.73 -38.39
C LEU E 68 -41.22 60.80 -37.60
N GLU E 69 -41.64 59.66 -37.07
CA GLU E 69 -42.88 59.57 -36.31
C GLU E 69 -42.83 60.14 -34.88
N LYS E 70 -41.75 59.86 -34.14
CA LYS E 70 -41.60 60.39 -32.77
C LYS E 70 -40.92 61.75 -32.84
N TYR E 71 -39.81 61.80 -33.59
CA TYR E 71 -39.03 63.01 -33.80
C TYR E 71 -39.33 63.59 -35.18
N SER E 72 -40.04 64.72 -35.25
CA SER E 72 -40.30 65.24 -36.58
C SER E 72 -39.01 65.71 -37.23
N ASP E 73 -38.68 66.96 -36.96
CA ASP E 73 -37.52 67.65 -37.52
C ASP E 73 -36.13 67.06 -37.33
N LEU E 74 -36.02 65.78 -36.97
CA LEU E 74 -34.68 65.23 -36.83
C LEU E 74 -34.06 65.23 -38.21
N GLY E 75 -33.09 66.11 -38.43
CA GLY E 75 -32.45 66.22 -39.74
C GLY E 75 -31.61 65.04 -40.20
N THR E 76 -30.79 65.27 -41.22
CA THR E 76 -29.92 64.21 -41.76
C THR E 76 -28.50 64.31 -41.20
N LEU E 77 -27.89 63.15 -40.99
CA LEU E 77 -26.54 63.05 -40.43
C LEU E 77 -25.47 62.82 -41.48
N TRP E 78 -24.22 63.14 -41.12
CA TRP E 78 -23.08 62.95 -42.00
C TRP E 78 -21.84 62.57 -41.21
N VAL E 79 -21.30 61.38 -41.50
CA VAL E 79 -20.10 60.87 -40.83
C VAL E 79 -18.92 61.03 -41.77
N GLU E 80 -17.80 61.53 -41.26
CA GLU E 80 -16.60 61.72 -42.08
C GLU E 80 -15.32 61.20 -41.42
N PHE E 81 -14.41 60.72 -42.27
CA PHE E 81 -13.14 60.19 -41.83
C PHE E 81 -12.08 61.00 -42.56
N CYS E 82 -10.82 60.87 -42.16
CA CYS E 82 -9.75 61.62 -42.82
C CYS E 82 -8.40 60.90 -42.74
N ASP E 83 -7.64 60.98 -43.84
CA ASP E 83 -6.33 60.31 -43.89
C ASP E 83 -5.21 61.10 -43.23
N GLU E 84 -5.48 62.34 -42.84
CA GLU E 84 -4.49 63.21 -42.17
C GLU E 84 -4.34 62.89 -40.69
N PRO E 85 -3.39 62.01 -40.31
CA PRO E 85 -3.17 61.64 -38.91
C PRO E 85 -2.85 62.80 -37.96
N SER E 86 -3.46 63.96 -38.19
CA SER E 86 -3.23 65.13 -37.34
C SER E 86 -4.04 66.33 -37.83
N VAL E 87 -5.11 66.06 -38.59
CA VAL E 87 -5.97 67.10 -39.15
C VAL E 87 -5.98 68.41 -38.36
N GLY E 88 -6.02 69.52 -39.09
CA GLY E 88 -6.00 70.82 -38.42
C GLY E 88 -7.05 71.84 -38.84
N ILE E 89 -6.93 73.05 -38.30
CA ILE E 89 -7.88 74.14 -38.55
C ILE E 89 -8.16 74.48 -40.02
N LYS E 90 -7.30 74.05 -40.92
CA LYS E 90 -7.49 74.36 -42.34
C LYS E 90 -8.41 73.34 -43.02
N THR E 91 -8.01 72.06 -43.01
CA THR E 91 -8.79 71.00 -43.63
C THR E 91 -10.16 70.94 -42.93
N MET E 92 -10.37 71.90 -42.03
CA MET E 92 -11.60 72.02 -41.25
C MET E 92 -12.71 72.70 -42.01
N ARG E 93 -12.44 73.89 -42.55
CA ARG E 93 -13.43 74.66 -43.28
C ARG E 93 -14.12 73.79 -44.33
N ASN E 94 -13.44 72.73 -44.77
CA ASN E 94 -13.97 71.80 -45.78
C ASN E 94 -15.17 71.03 -45.23
N PHE E 95 -15.19 70.88 -43.91
CA PHE E 95 -16.24 70.17 -43.18
C PHE E 95 -17.27 71.18 -42.70
N CYS E 96 -16.79 72.21 -42.02
CA CYS E 96 -17.64 73.27 -41.48
C CYS E 96 -18.56 73.85 -42.55
N LEU E 97 -18.06 73.91 -43.78
CA LEU E 97 -18.83 74.45 -44.89
C LEU E 97 -19.69 73.42 -45.61
N ARG E 98 -19.10 72.26 -45.93
CA ARG E 98 -19.80 71.20 -46.64
C ARG E 98 -21.24 70.94 -46.18
N ILE E 99 -21.53 71.25 -44.91
CA ILE E 99 -22.87 71.01 -44.39
C ILE E 99 -23.70 72.27 -44.18
N GLN E 100 -23.03 73.36 -43.83
CA GLN E 100 -23.72 74.62 -43.60
C GLN E 100 -24.50 75.04 -44.85
N GLU E 101 -24.19 74.38 -45.96
CA GLU E 101 -24.85 74.66 -47.23
C GLU E 101 -25.79 73.53 -47.66
N LYS E 102 -25.28 72.30 -47.66
CA LYS E 102 -26.10 71.16 -48.03
C LYS E 102 -27.33 71.19 -47.11
N ASN E 103 -27.11 71.71 -45.90
CA ASN E 103 -28.13 71.85 -44.87
C ASN E 103 -28.58 70.49 -44.34
N PHE E 104 -27.82 69.95 -43.39
CA PHE E 104 -28.11 68.66 -42.77
C PHE E 104 -28.66 68.83 -41.35
N SER E 105 -27.74 69.11 -40.41
CA SER E 105 -28.03 69.34 -38.99
C SER E 105 -27.16 68.47 -38.05
N THR E 106 -26.47 67.48 -38.60
CA THR E 106 -25.61 66.60 -37.79
C THR E 106 -24.23 66.30 -38.37
N GLY E 107 -23.20 66.91 -37.78
CA GLY E 107 -21.84 66.70 -38.25
C GLY E 107 -21.11 65.69 -37.39
N ILE E 108 -20.30 64.85 -38.01
CA ILE E 108 -19.58 63.83 -37.26
C ILE E 108 -18.21 63.51 -37.84
N PHE E 109 -17.21 64.29 -37.43
CA PHE E 109 -15.85 64.08 -37.90
C PHE E 109 -15.13 63.03 -37.04
N ILE E 110 -14.36 62.17 -37.69
CA ILE E 110 -13.63 61.13 -36.97
C ILE E 110 -12.12 61.36 -37.00
N TYR E 111 -11.65 62.28 -36.16
CA TYR E 111 -10.21 62.58 -36.09
C TYR E 111 -9.37 61.38 -35.65
N GLN E 112 -8.35 61.05 -36.44
CA GLN E 112 -7.47 59.92 -36.17
C GLN E 112 -6.66 60.04 -34.87
N ASN E 113 -5.78 61.03 -34.80
CA ASN E 113 -4.98 61.24 -33.60
C ASN E 113 -5.43 62.46 -32.81
N ASN E 114 -5.70 63.57 -33.50
CA ASN E 114 -6.14 64.76 -32.81
C ASN E 114 -6.33 65.97 -33.71
N ILE E 115 -7.33 66.77 -33.37
CA ILE E 115 -7.63 67.99 -34.12
C ILE E 115 -6.96 69.16 -33.41
N THR E 116 -6.74 70.23 -34.17
CA THR E 116 -6.08 71.42 -33.65
C THR E 116 -6.97 72.32 -32.80
N PRO E 117 -6.38 72.93 -31.75
CA PRO E 117 -7.10 73.83 -30.85
C PRO E 117 -7.67 75.03 -31.61
N SER E 118 -7.07 75.32 -32.77
CA SER E 118 -7.48 76.43 -33.63
C SER E 118 -8.72 75.97 -34.38
N ALA E 119 -8.70 74.68 -34.74
CA ALA E 119 -9.75 74.04 -35.49
C ALA E 119 -11.10 73.98 -34.78
N ASN E 120 -11.30 72.92 -33.99
CA ASN E 120 -12.55 72.70 -33.26
C ASN E 120 -13.18 73.94 -32.65
N LYS E 121 -12.40 75.02 -32.50
CA LYS E 121 -12.91 76.28 -31.95
C LYS E 121 -13.77 76.97 -33.01
N MET E 122 -14.44 76.15 -33.81
CA MET E 122 -15.30 76.61 -34.90
C MET E 122 -16.52 75.70 -35.04
N ILE E 123 -16.81 74.95 -33.99
CA ILE E 123 -17.94 74.01 -33.99
C ILE E 123 -19.29 74.69 -33.76
N PRO E 124 -19.48 75.25 -32.57
CA PRO E 124 -20.75 75.91 -32.25
C PRO E 124 -20.96 77.20 -33.02
N THR E 125 -20.31 77.30 -34.18
CA THR E 125 -20.40 78.49 -35.01
C THR E 125 -21.37 78.37 -36.19
N VAL E 126 -22.21 77.34 -36.18
CA VAL E 126 -23.16 77.17 -37.29
C VAL E 126 -24.51 76.60 -36.88
N SER E 127 -25.25 77.31 -35.99
CA SER E 127 -26.57 76.84 -35.55
C SER E 127 -27.64 77.18 -36.60
N PRO E 128 -28.80 76.52 -36.52
CA PRO E 128 -29.20 75.49 -35.56
C PRO E 128 -28.30 74.25 -35.54
N ALA E 129 -27.95 73.77 -36.73
CA ALA E 129 -27.10 72.59 -36.88
C ALA E 129 -26.07 72.45 -35.75
N ILE E 130 -25.70 71.21 -35.44
CA ILE E 130 -24.72 70.93 -34.38
C ILE E 130 -23.70 69.88 -34.86
N ILE E 131 -22.46 69.98 -34.36
CA ILE E 131 -21.39 69.08 -34.75
C ILE E 131 -20.67 68.34 -33.60
N GLU E 132 -20.31 67.09 -33.84
CA GLU E 132 -19.62 66.26 -32.83
C GLU E 132 -18.25 65.80 -33.29
N THR E 133 -17.39 65.47 -32.32
CA THR E 133 -16.04 65.02 -32.62
C THR E 133 -15.76 63.70 -31.91
N PHE E 134 -15.31 62.70 -32.65
CA PHE E 134 -15.01 61.41 -32.06
C PHE E 134 -13.63 60.92 -32.45
N GLN E 135 -12.82 60.61 -31.43
CA GLN E 135 -11.49 60.10 -31.65
C GLN E 135 -11.61 58.71 -32.24
N GLU E 136 -10.64 58.30 -33.05
CA GLU E 136 -10.70 56.98 -33.64
C GLU E 136 -10.55 55.88 -32.60
N SER E 137 -9.38 55.84 -31.96
CA SER E 137 -9.06 54.82 -30.95
C SER E 137 -10.09 54.66 -29.84
N ASP E 138 -11.16 55.46 -29.89
CA ASP E 138 -12.22 55.40 -28.89
C ASP E 138 -13.54 54.85 -29.44
N LEU E 139 -13.53 54.40 -30.69
CA LEU E 139 -14.72 53.84 -31.31
C LEU E 139 -14.43 52.48 -31.88
N VAL E 140 -13.29 51.90 -31.48
CA VAL E 140 -12.89 50.58 -31.96
C VAL E 140 -13.85 49.53 -31.45
N VAL E 141 -14.30 49.72 -30.23
CA VAL E 141 -15.25 48.79 -29.62
C VAL E 141 -16.47 49.60 -29.22
N ASN E 142 -17.64 49.15 -29.70
CA ASN E 142 -18.87 49.84 -29.36
C ASN E 142 -19.02 49.57 -27.88
N ILE E 143 -19.08 50.66 -27.12
CA ILE E 143 -19.19 50.62 -25.66
C ILE E 143 -20.56 50.12 -25.19
N THR E 144 -21.62 50.46 -25.92
CA THR E 144 -22.94 49.99 -25.55
C THR E 144 -22.94 48.48 -25.43
N HIS E 145 -22.19 47.84 -26.30
CA HIS E 145 -22.07 46.39 -26.32
C HIS E 145 -21.68 45.75 -25.01
N HIS E 146 -21.08 46.53 -24.11
CA HIS E 146 -20.64 45.96 -22.86
C HIS E 146 -21.72 45.37 -21.95
N GLU E 147 -21.30 44.36 -21.19
CA GLU E 147 -22.11 43.62 -20.25
C GLU E 147 -22.84 44.54 -19.31
N LEU E 148 -22.06 45.38 -18.63
CA LEU E 148 -22.61 46.33 -17.66
C LEU E 148 -23.45 47.43 -18.27
N VAL E 149 -23.22 47.74 -19.55
CA VAL E 149 -23.98 48.83 -20.14
C VAL E 149 -25.40 48.41 -20.46
N PRO E 150 -26.37 49.02 -19.75
CA PRO E 150 -27.80 48.76 -19.91
C PRO E 150 -28.28 49.58 -21.09
N LYS E 151 -29.43 49.22 -21.64
CA LYS E 151 -29.97 49.95 -22.79
C LYS E 151 -30.55 51.32 -22.41
N HIS E 152 -30.16 52.35 -23.14
CA HIS E 152 -30.71 53.68 -22.89
C HIS E 152 -31.71 53.98 -23.99
N ILE E 153 -32.32 55.15 -23.96
CA ILE E 153 -33.29 55.54 -24.98
C ILE E 153 -33.65 57.02 -24.87
N ARG E 154 -33.78 57.69 -26.02
CA ARG E 154 -34.12 59.11 -26.04
C ARG E 154 -35.59 59.32 -25.77
N LEU E 155 -35.99 60.58 -25.72
CA LEU E 155 -37.39 60.88 -25.43
C LEU E 155 -37.85 62.19 -26.05
N SER E 156 -38.86 62.08 -26.90
CA SER E 156 -39.41 63.26 -27.53
C SER E 156 -39.77 64.25 -26.44
N ASP E 157 -39.75 65.54 -26.77
CA ASP E 157 -40.12 66.54 -25.79
C ASP E 157 -41.59 66.30 -25.38
N GLY E 158 -42.14 65.18 -25.86
CA GLY E 158 -43.52 64.76 -25.57
C GLY E 158 -43.46 63.67 -24.51
N GLU E 159 -42.64 62.65 -24.78
CA GLU E 159 -42.47 61.53 -23.86
C GLU E 159 -41.87 62.06 -22.56
N LYS E 160 -41.16 63.18 -22.66
CA LYS E 160 -40.51 63.84 -21.51
C LYS E 160 -41.51 64.66 -20.70
N SER E 161 -42.14 65.60 -21.37
CA SER E 161 -43.14 66.45 -20.73
C SER E 161 -44.27 65.58 -20.16
N GLN E 162 -44.12 64.26 -20.32
CA GLN E 162 -45.08 63.28 -19.81
C GLN E 162 -44.50 62.73 -18.51
N LEU E 163 -43.32 62.11 -18.59
CA LEU E 163 -42.64 61.57 -17.41
C LEU E 163 -42.83 62.57 -16.26
N LEU E 164 -42.50 63.84 -16.52
CA LEU E 164 -42.62 64.92 -15.54
C LEU E 164 -44.00 65.08 -14.92
N GLN E 165 -45.03 65.03 -15.75
CA GLN E 165 -46.37 65.19 -15.22
C GLN E 165 -46.72 63.92 -14.44
N ARG E 166 -46.42 62.78 -15.03
CA ARG E 166 -46.71 61.47 -14.43
C ARG E 166 -46.07 61.17 -13.08
N TYR E 167 -44.95 61.84 -12.79
CA TYR E 167 -44.27 61.62 -11.53
C TYR E 167 -44.25 62.86 -10.66
N LYS E 168 -44.77 63.98 -11.18
CA LYS E 168 -44.77 65.24 -10.44
C LYS E 168 -43.34 65.67 -10.15
N LEU E 169 -42.53 65.75 -11.21
CA LEU E 169 -41.12 66.11 -11.07
C LEU E 169 -40.81 67.53 -11.55
N LYS E 170 -39.82 68.14 -10.91
CA LYS E 170 -39.41 69.50 -11.23
C LYS E 170 -38.11 69.48 -12.03
N GLU E 171 -37.99 68.51 -12.92
CA GLU E 171 -36.83 68.36 -13.80
C GLU E 171 -35.49 68.10 -13.08
N SER E 172 -35.14 68.99 -12.16
CA SER E 172 -33.91 68.86 -11.40
C SER E 172 -33.97 67.64 -10.49
N GLN E 173 -35.17 67.31 -10.04
CA GLN E 173 -35.36 66.17 -9.15
C GLN E 173 -35.17 64.85 -9.88
N LEU E 174 -34.75 64.91 -11.14
CA LEU E 174 -34.57 63.68 -11.88
C LEU E 174 -33.11 63.32 -12.01
N PRO E 175 -32.78 62.03 -11.79
CA PRO E 175 -31.41 61.54 -11.88
C PRO E 175 -30.81 62.06 -13.17
N ARG E 176 -29.57 62.53 -13.11
CA ARG E 176 -28.94 63.11 -14.29
C ARG E 176 -27.94 62.20 -15.02
N ILE E 177 -27.37 62.72 -16.11
CA ILE E 177 -26.36 62.01 -16.88
C ILE E 177 -25.47 63.09 -17.50
N GLN E 178 -24.16 62.86 -17.48
CA GLN E 178 -23.20 63.83 -18.00
C GLN E 178 -23.17 64.02 -19.52
N ARG E 179 -22.99 65.26 -19.98
CA ARG E 179 -22.94 65.56 -21.40
C ARG E 179 -21.78 64.81 -22.05
N GLU E 180 -20.65 64.76 -21.34
CA GLU E 180 -19.47 64.07 -21.83
C GLU E 180 -19.47 62.59 -21.38
N ASP E 181 -20.67 62.06 -21.13
CA ASP E 181 -20.84 60.68 -20.69
C ASP E 181 -20.68 59.82 -21.95
N PRO E 182 -19.90 58.72 -21.86
CA PRO E 182 -19.65 57.80 -22.97
C PRO E 182 -20.89 57.40 -23.75
N VAL E 183 -21.96 57.09 -23.04
CA VAL E 183 -23.22 56.68 -23.67
C VAL E 183 -23.98 57.91 -24.19
N ALA E 184 -23.93 58.98 -23.40
CA ALA E 184 -24.60 60.25 -23.74
C ALA E 184 -24.13 60.74 -25.09
N ARG E 185 -22.83 60.60 -25.32
CA ARG E 185 -22.24 61.01 -26.58
C ARG E 185 -22.72 60.04 -27.65
N TYR E 186 -22.50 58.75 -27.40
CA TYR E 186 -22.91 57.72 -28.35
C TYR E 186 -24.30 57.97 -28.96
N LEU E 187 -25.28 58.28 -28.13
CA LEU E 187 -26.62 58.56 -28.66
C LEU E 187 -26.78 60.05 -28.95
N GLY E 188 -25.69 60.79 -28.81
CA GLY E 188 -25.69 62.21 -29.06
C GLY E 188 -26.75 63.06 -28.37
N LEU E 189 -26.71 63.08 -27.04
CA LEU E 189 -27.67 63.85 -26.26
C LEU E 189 -27.39 65.33 -26.32
N LYS E 190 -28.20 66.09 -25.59
CA LYS E 190 -28.05 67.54 -25.51
C LYS E 190 -28.62 67.97 -24.15
N ARG E 191 -28.12 69.08 -23.64
CA ARG E 191 -28.54 69.65 -22.36
C ARG E 191 -30.04 69.94 -22.32
N GLY E 192 -30.81 69.02 -21.73
CA GLY E 192 -32.25 69.20 -21.63
C GLY E 192 -33.04 67.96 -22.04
N GLN E 193 -32.34 67.03 -22.69
CA GLN E 193 -32.95 65.78 -23.15
C GLN E 193 -32.95 64.70 -22.06
N VAL E 194 -33.95 63.83 -22.11
CA VAL E 194 -34.09 62.76 -21.12
C VAL E 194 -33.73 61.40 -21.69
N VAL E 195 -33.42 60.45 -20.82
CA VAL E 195 -33.08 59.12 -21.29
C VAL E 195 -33.61 58.05 -20.38
N LYS E 196 -34.37 57.12 -20.96
CA LYS E 196 -34.93 56.01 -20.18
C LYS E 196 -33.94 54.86 -20.25
N ILE E 197 -33.57 54.37 -19.07
CA ILE E 197 -32.64 53.26 -18.97
C ILE E 197 -33.47 52.06 -18.56
N ILE E 198 -33.23 50.94 -19.22
CA ILE E 198 -33.96 49.71 -18.93
C ILE E 198 -32.99 48.55 -18.73
N ARG E 199 -32.75 48.17 -17.47
CA ARG E 199 -31.83 47.07 -17.20
C ARG E 199 -32.42 45.91 -16.42
N ARG E 200 -31.71 44.79 -16.43
CA ARG E 200 -32.13 43.59 -15.73
C ARG E 200 -31.98 43.85 -14.23
N SER E 201 -32.86 43.26 -13.43
CA SER E 201 -32.86 43.42 -11.97
C SER E 201 -33.16 42.13 -11.19
N GLU E 202 -32.21 41.69 -10.37
CA GLU E 202 -32.36 40.47 -9.57
C GLU E 202 -33.45 40.61 -8.52
N THR E 203 -34.30 41.61 -8.66
CA THR E 203 -35.35 41.80 -7.69
C THR E 203 -36.74 41.80 -8.31
N SER E 204 -36.85 42.34 -9.52
CA SER E 204 -38.13 42.42 -10.23
C SER E 204 -38.04 41.89 -11.65
N GLY E 205 -36.83 41.81 -12.17
CA GLY E 205 -36.63 41.34 -13.52
C GLY E 205 -36.15 42.48 -14.40
N ARG E 206 -36.89 43.58 -14.40
CA ARG E 206 -36.53 44.75 -15.19
C ARG E 206 -36.98 45.99 -14.45
N TYR E 207 -36.10 46.98 -14.33
CA TYR E 207 -36.43 48.22 -13.66
C TYR E 207 -36.32 49.28 -14.74
N ALA E 208 -37.06 50.38 -14.58
CA ALA E 208 -37.03 51.45 -15.56
C ALA E 208 -36.57 52.78 -14.96
N SER E 209 -35.31 53.14 -15.16
CA SER E 209 -34.80 54.40 -14.60
C SER E 209 -34.70 55.47 -15.67
N TYR E 210 -34.61 56.74 -15.26
CA TYR E 210 -34.47 57.83 -16.23
C TYR E 210 -33.41 58.82 -15.79
N ARG E 211 -32.63 59.32 -16.76
CA ARG E 211 -31.57 60.30 -16.51
C ARG E 211 -31.71 61.46 -17.47
N ILE E 212 -31.77 62.69 -16.96
CA ILE E 212 -31.85 63.87 -17.82
C ILE E 212 -30.40 64.24 -18.03
N CYS E 213 -30.10 64.90 -19.15
CA CYS E 213 -28.72 65.24 -19.44
C CYS E 213 -28.32 66.68 -19.13
N LEU E 214 -27.55 66.86 -18.08
CA LEU E 214 -27.08 68.20 -17.71
C LEU E 214 -25.77 68.47 -18.43
N LEU F 72 -54.65 74.01 -3.48
CA LEU F 72 -54.43 72.61 -3.94
C LEU F 72 -55.69 71.76 -3.74
N ALA F 73 -55.52 70.43 -3.82
CA ALA F 73 -56.61 69.46 -3.62
C ALA F 73 -56.29 68.01 -4.10
N ILE F 74 -57.26 67.43 -4.80
CA ILE F 74 -57.24 66.07 -5.37
C ILE F 74 -58.60 65.41 -5.09
N LEU F 75 -59.42 65.21 -6.13
CA LEU F 75 -60.74 64.59 -5.94
C LEU F 75 -60.71 63.27 -5.18
N LYS F 76 -61.88 62.85 -4.66
CA LYS F 76 -62.02 61.57 -3.96
C LYS F 76 -61.72 60.58 -5.08
N GLU F 77 -61.83 61.09 -6.31
CA GLU F 77 -61.57 60.33 -7.52
C GLU F 77 -60.11 60.49 -7.86
N GLU F 78 -59.65 59.68 -8.79
CA GLU F 78 -58.28 59.73 -9.25
C GLU F 78 -57.30 59.57 -8.10
N ARG F 79 -57.79 59.06 -6.96
CA ARG F 79 -56.92 58.85 -5.83
C ARG F 79 -56.00 57.66 -6.11
N THR F 80 -54.68 57.85 -5.97
CA THR F 80 -53.70 56.81 -6.28
C THR F 80 -53.03 55.98 -5.15
N THR F 81 -52.77 56.59 -4.00
CA THR F 81 -52.14 55.91 -2.89
C THR F 81 -52.75 54.58 -2.50
N THR F 82 -52.10 53.86 -1.59
CA THR F 82 -52.58 52.55 -1.14
C THR F 82 -53.97 52.61 -0.48
N PRO F 83 -54.80 51.59 -0.72
CA PRO F 83 -56.13 51.59 -0.12
C PRO F 83 -55.98 50.93 1.25
N TYR F 84 -54.74 50.55 1.56
CA TYR F 84 -54.39 49.90 2.83
C TYR F 84 -53.74 50.90 3.78
N LEU F 85 -53.82 50.64 5.07
CA LEU F 85 -53.26 51.55 6.07
C LEU F 85 -51.83 51.22 6.50
N THR F 86 -50.91 52.15 6.23
CA THR F 86 -49.50 51.96 6.57
C THR F 86 -49.33 51.74 8.06
N LYS F 87 -48.41 50.86 8.43
CA LYS F 87 -48.21 50.59 9.83
C LYS F 87 -48.10 51.88 10.64
N TYR F 88 -47.45 52.88 10.06
CA TYR F 88 -47.28 54.19 10.72
C TYR F 88 -48.61 54.92 10.89
N GLU F 89 -49.49 54.78 9.91
CA GLU F 89 -50.76 55.44 10.00
C GLU F 89 -51.50 54.87 11.20
N ARG F 90 -51.75 53.56 11.16
CA ARG F 90 -52.44 52.87 12.24
C ARG F 90 -51.82 53.18 13.59
N ALA F 91 -50.52 52.96 13.68
CA ALA F 91 -49.80 53.21 14.94
C ALA F 91 -50.12 54.60 15.49
N ARG F 92 -50.05 55.60 14.63
CA ARG F 92 -50.31 56.95 15.07
C ARG F 92 -51.79 57.23 15.27
N ILE F 93 -52.64 56.67 14.43
CA ILE F 93 -54.07 56.88 14.60
C ILE F 93 -54.40 56.42 15.99
N LEU F 94 -54.18 55.12 16.25
CA LEU F 94 -54.43 54.55 17.57
C LEU F 94 -53.75 55.45 18.59
N GLY F 95 -52.56 55.95 18.23
CA GLY F 95 -51.85 56.83 19.12
C GLY F 95 -52.78 57.97 19.51
N THR F 96 -52.98 58.88 18.57
CA THR F 96 -53.83 60.06 18.76
C THR F 96 -55.12 59.79 19.49
N ARG F 97 -55.96 59.00 18.84
CA ARG F 97 -57.25 58.67 19.36
C ARG F 97 -57.16 58.17 20.80
N ALA F 98 -56.06 57.48 21.11
CA ALA F 98 -55.84 56.97 22.46
C ALA F 98 -55.72 58.13 23.48
N LEU F 99 -54.78 59.05 23.28
CA LEU F 99 -54.62 60.17 24.21
C LEU F 99 -55.88 61.05 24.17
N GLN F 100 -56.48 61.15 22.99
CA GLN F 100 -57.71 61.92 22.83
C GLN F 100 -58.69 61.46 23.90
N ILE F 101 -58.88 60.14 23.97
CA ILE F 101 -59.79 59.53 24.93
C ILE F 101 -59.35 59.81 26.35
N SER F 102 -58.04 59.77 26.59
CA SER F 102 -57.49 60.02 27.91
C SER F 102 -57.53 61.48 28.28
N MET F 103 -58.00 62.30 27.34
CA MET F 103 -58.14 63.73 27.54
C MET F 103 -59.61 63.99 27.84
N ASN F 104 -60.28 62.96 28.36
CA ASN F 104 -61.69 63.02 28.73
C ASN F 104 -62.58 63.26 27.49
N ALA F 105 -62.06 62.91 26.32
CA ALA F 105 -62.77 63.06 25.04
C ALA F 105 -64.02 62.20 25.01
N PRO F 106 -64.72 62.14 23.87
CA PRO F 106 -65.93 61.31 23.83
C PRO F 106 -65.71 60.07 23.00
N VAL F 107 -66.15 58.90 23.49
CA VAL F 107 -65.99 57.63 22.77
C VAL F 107 -67.23 57.16 21.99
N LEU F 108 -66.98 56.49 20.86
CA LEU F 108 -68.06 56.04 19.98
C LEU F 108 -68.22 54.54 19.87
N VAL F 109 -68.14 53.86 21.00
CA VAL F 109 -68.30 52.42 21.01
C VAL F 109 -68.89 52.06 22.36
N ASP F 110 -68.75 50.80 22.74
CA ASP F 110 -69.23 50.33 24.02
C ASP F 110 -68.01 49.92 24.83
N ILE F 111 -67.60 50.78 25.77
CA ILE F 111 -66.46 50.42 26.60
C ILE F 111 -67.06 49.19 27.28
N GLU F 112 -66.85 48.04 26.67
CA GLU F 112 -67.38 46.81 27.22
C GLU F 112 -66.59 46.48 28.45
N GLY F 113 -66.45 47.46 29.33
CA GLY F 113 -65.71 47.28 30.57
C GLY F 113 -64.27 47.72 30.45
N GLU F 114 -63.88 48.24 29.28
CA GLU F 114 -62.51 48.67 29.05
C GLU F 114 -62.24 49.98 29.78
N THR F 115 -60.96 50.27 30.04
CA THR F 115 -60.60 51.49 30.78
C THR F 115 -59.28 52.15 30.36
N ASP F 116 -58.43 51.40 29.68
CA ASP F 116 -57.16 51.91 29.19
C ASP F 116 -57.41 52.45 27.78
N PRO F 117 -57.28 53.77 27.59
CA PRO F 117 -57.51 54.41 26.30
C PRO F 117 -57.06 53.68 25.02
N LEU F 118 -55.81 53.22 24.97
CA LEU F 118 -55.31 52.52 23.78
C LEU F 118 -56.13 51.29 23.41
N GLN F 119 -56.81 50.73 24.41
CA GLN F 119 -57.67 49.56 24.23
C GLN F 119 -58.94 50.07 23.57
N ILE F 120 -59.53 51.06 24.23
CA ILE F 120 -60.73 51.74 23.80
C ILE F 120 -60.57 52.15 22.33
N ALA F 121 -59.42 52.72 22.04
CA ALA F 121 -59.11 53.14 20.69
C ALA F 121 -58.94 51.92 19.80
N MET F 122 -58.32 50.85 20.30
CA MET F 122 -58.14 49.65 19.47
C MET F 122 -59.49 49.10 19.04
N LYS F 123 -60.48 49.28 19.91
CA LYS F 123 -61.84 48.83 19.63
C LYS F 123 -62.39 49.80 18.61
N GLU F 124 -62.36 51.09 18.95
CA GLU F 124 -62.83 52.14 18.06
C GLU F 124 -62.32 51.90 16.65
N LEU F 125 -61.25 51.15 16.52
CA LEU F 125 -60.67 50.85 15.21
C LEU F 125 -61.41 49.69 14.56
N SER F 126 -61.48 48.55 15.25
CA SER F 126 -62.15 47.37 14.71
C SER F 126 -63.59 47.58 14.28
N GLN F 127 -64.23 48.64 14.80
CA GLN F 127 -65.60 48.94 14.44
C GLN F 127 -65.61 50.17 13.54
N ARG F 128 -64.43 50.51 13.05
CA ARG F 128 -64.18 51.66 12.17
C ARG F 128 -64.95 52.95 12.49
N LYS F 129 -65.16 53.21 13.78
CA LYS F 129 -65.85 54.42 14.20
C LYS F 129 -64.89 55.41 14.86
N ILE F 130 -63.82 55.78 14.15
CA ILE F 130 -62.88 56.76 14.70
C ILE F 130 -62.89 57.91 13.69
N PRO F 131 -63.61 59.01 14.01
CA PRO F 131 -63.69 60.15 13.09
C PRO F 131 -62.33 60.79 12.91
N LEU F 132 -61.65 60.39 11.85
CA LEU F 132 -60.33 60.93 11.56
C LEU F 132 -59.98 60.77 10.09
N VAL F 133 -59.14 61.67 9.61
CA VAL F 133 -58.74 61.66 8.23
C VAL F 133 -57.25 61.80 8.08
N ILE F 134 -56.69 60.98 7.21
CA ILE F 134 -55.27 61.00 6.94
C ILE F 134 -55.04 61.78 5.66
N ARG F 135 -54.35 62.90 5.77
CA ARG F 135 -54.06 63.71 4.62
C ARG F 135 -52.66 63.32 4.19
N ARG F 136 -52.57 62.44 3.20
CA ARG F 136 -51.29 61.96 2.68
C ARG F 136 -50.63 62.94 1.71
N TYR F 137 -49.40 63.36 2.02
CA TYR F 137 -48.67 64.32 1.19
C TYR F 137 -47.79 63.66 0.14
N LEU F 138 -47.74 64.29 -1.02
CA LEU F 138 -46.88 63.81 -2.10
C LEU F 138 -45.67 64.74 -2.16
N PRO F 139 -44.48 64.19 -2.48
CA PRO F 139 -43.26 64.99 -2.56
C PRO F 139 -43.42 66.38 -3.19
N ASP F 140 -44.34 66.50 -4.13
CA ASP F 140 -44.55 67.77 -4.80
C ASP F 140 -45.30 68.74 -3.88
N GLY F 141 -46.15 68.22 -3.00
CA GLY F 141 -46.88 69.09 -2.09
C GLY F 141 -48.38 68.87 -2.01
N SER F 142 -48.93 68.15 -2.98
CA SER F 142 -50.36 67.87 -2.98
C SER F 142 -50.68 66.70 -2.05
N TYR F 143 -51.96 66.45 -1.82
CA TYR F 143 -52.37 65.37 -0.91
C TYR F 143 -53.57 64.53 -1.34
N GLU F 144 -53.85 63.51 -0.53
CA GLU F 144 -54.96 62.59 -0.73
C GLU F 144 -55.56 62.28 0.65
N ASP F 145 -56.81 62.67 0.85
CA ASP F 145 -57.50 62.44 2.11
C ASP F 145 -58.16 61.06 2.06
N TRP F 146 -58.13 60.34 3.19
CA TRP F 146 -58.78 59.04 3.32
C TRP F 146 -59.28 58.93 4.76
N GLY F 147 -60.46 58.34 4.97
CA GLY F 147 -60.99 58.20 6.32
C GLY F 147 -60.49 56.90 6.93
N CYS F 148 -60.51 56.80 8.26
CA CYS F 148 -60.05 55.57 8.90
C CYS F 148 -61.06 54.47 8.57
N ASP F 149 -62.27 54.90 8.22
CA ASP F 149 -63.33 53.98 7.86
C ASP F 149 -62.99 53.36 6.52
N GLU F 150 -62.55 54.19 5.58
CA GLU F 150 -62.17 53.70 4.27
C GLU F 150 -61.03 52.73 4.39
N LEU F 151 -59.85 53.30 4.54
CA LEU F 151 -58.62 52.55 4.65
C LEU F 151 -58.74 51.15 5.22
N ILE F 152 -58.53 50.19 4.33
CA ILE F 152 -58.57 48.78 4.70
C ILE F 152 -57.48 48.65 5.75
N VAL F 153 -57.75 47.87 6.78
CA VAL F 153 -56.78 47.71 7.85
C VAL F 153 -56.30 46.27 7.92
N ASP F 154 -55.52 45.85 6.93
CA ASP F 154 -55.03 44.48 6.93
C ASP F 154 -54.15 44.25 8.14
N ASN F 155 -52.86 44.53 7.95
CA ASN F 155 -51.82 44.39 8.98
C ASN F 155 -52.12 43.32 10.03
N MET G 1 -66.21 103.62 2.06
CA MET G 1 -65.34 103.32 3.25
C MET G 1 -65.67 101.96 3.89
N PHE G 2 -66.93 101.55 3.91
CA PHE G 2 -67.20 100.24 4.49
C PHE G 2 -66.76 99.27 3.40
N PHE G 3 -66.20 98.14 3.81
CA PHE G 3 -65.76 97.16 2.84
C PHE G 3 -66.28 95.76 3.15
N LEU G 4 -66.02 94.84 2.24
CA LEU G 4 -66.39 93.43 2.41
C LEU G 4 -65.16 92.58 2.03
N LYS G 5 -64.26 92.40 3.00
CA LYS G 5 -63.02 91.66 2.79
C LYS G 5 -63.15 90.17 3.12
N ASP G 6 -62.55 89.32 2.26
CA ASP G 6 -62.57 87.85 2.40
C ASP G 6 -61.44 87.33 3.30
N LEU G 7 -61.72 87.26 4.61
CA LEU G 7 -60.76 86.80 5.59
C LEU G 7 -60.88 85.32 5.91
N SER G 8 -60.18 84.91 6.97
CA SER G 8 -60.18 83.53 7.46
C SER G 8 -59.66 83.54 8.91
N LEU G 9 -59.93 82.45 9.62
CA LEU G 9 -59.48 82.33 11.01
C LEU G 9 -59.19 80.89 11.38
N ILE G 10 -58.31 80.73 12.36
CA ILE G 10 -57.93 79.43 12.86
C ILE G 10 -58.43 79.30 14.29
N LEU G 11 -59.07 78.17 14.58
CA LEU G 11 -59.53 77.92 15.92
C LEU G 11 -59.14 76.52 16.28
N THR G 12 -58.59 76.34 17.47
CA THR G 12 -58.21 75.02 17.91
C THR G 12 -59.46 74.60 18.66
N LEU G 13 -59.78 73.30 18.64
CA LEU G 13 -60.99 72.82 19.29
C LEU G 13 -60.69 71.60 20.14
N HIS G 14 -61.04 71.68 21.42
CA HIS G 14 -60.83 70.58 22.35
C HIS G 14 -61.69 69.39 21.86
N PRO G 15 -61.23 68.13 22.06
CA PRO G 15 -62.00 66.95 21.63
C PRO G 15 -63.41 66.83 22.20
N SER G 16 -63.60 67.37 23.40
CA SER G 16 -64.90 67.32 24.04
C SER G 16 -66.00 67.64 23.03
N TYR G 17 -65.88 68.81 22.42
CA TYR G 17 -66.87 69.30 21.45
C TYR G 17 -66.91 68.56 20.10
N PHE G 18 -66.59 67.27 20.12
CA PHE G 18 -66.58 66.45 18.90
C PHE G 18 -67.88 65.72 18.65
N GLY G 19 -68.97 66.44 18.91
CA GLY G 19 -70.31 65.91 18.73
C GLY G 19 -70.79 65.84 17.30
N PRO G 20 -72.12 65.64 17.10
CA PRO G 20 -72.77 65.55 15.79
C PRO G 20 -72.99 66.95 15.21
N GLN G 21 -73.25 67.93 16.08
CA GLN G 21 -73.41 69.29 15.61
C GLN G 21 -72.22 70.06 16.13
N MET G 22 -71.13 69.89 15.41
CA MET G 22 -69.87 70.52 15.71
C MET G 22 -69.74 71.77 14.86
N ASN G 23 -69.98 71.58 13.56
CA ASN G 23 -69.92 72.67 12.56
C ASN G 23 -70.48 73.88 13.27
N GLN G 24 -71.59 73.62 13.96
CA GLN G 24 -72.32 74.61 14.72
C GLN G 24 -71.46 75.31 15.77
N TYR G 25 -70.81 74.53 16.64
CA TYR G 25 -70.01 75.18 17.67
C TYR G 25 -68.84 76.00 17.13
N LEU G 26 -68.16 75.50 16.09
CA LEU G 26 -67.06 76.26 15.53
C LEU G 26 -67.64 77.59 15.13
N ARG G 27 -68.63 77.53 14.25
CA ARG G 27 -69.31 78.72 13.76
C ARG G 27 -69.60 79.70 14.88
N GLU G 28 -70.39 79.29 15.86
CA GLU G 28 -70.69 80.20 16.95
C GLU G 28 -69.47 80.71 17.68
N LYS G 29 -68.39 79.92 17.72
CA LYS G 29 -67.19 80.39 18.40
C LYS G 29 -66.47 81.38 17.48
N LEU G 30 -66.58 81.13 16.18
CA LEU G 30 -65.99 82.00 15.18
C LEU G 30 -66.46 83.40 15.54
N LEU G 31 -67.77 83.57 15.49
CA LEU G 31 -68.44 84.82 15.81
C LEU G 31 -67.95 85.49 17.09
N THR G 32 -67.71 84.68 18.11
CA THR G 32 -67.27 85.22 19.38
C THR G 32 -65.84 85.76 19.29
N ASP G 33 -65.11 85.34 18.28
CA ASP G 33 -63.75 85.82 18.14
C ASP G 33 -63.53 86.82 17.03
N VAL G 34 -64.49 86.95 16.11
CA VAL G 34 -64.36 87.91 15.01
C VAL G 34 -65.29 89.14 15.12
N GLU G 35 -66.60 88.95 14.97
CA GLU G 35 -67.55 90.08 15.06
C GLU G 35 -67.31 90.90 16.30
N GLY G 36 -66.63 92.04 16.12
CA GLY G 36 -66.34 92.92 17.23
C GLY G 36 -64.86 93.14 17.48
N THR G 37 -64.02 92.52 16.66
CA THR G 37 -62.57 92.67 16.82
C THR G 37 -62.18 93.96 16.12
N CYS G 38 -60.88 94.27 16.13
CA CYS G 38 -60.40 95.48 15.48
C CYS G 38 -58.89 95.49 15.34
N THR G 39 -58.42 95.49 14.10
CA THR G 39 -56.98 95.54 13.83
C THR G 39 -56.69 96.63 12.83
N GLY G 40 -55.63 97.40 13.05
CA GLY G 40 -55.29 98.44 12.10
C GLY G 40 -55.00 97.79 10.78
N GLN G 41 -54.69 96.50 10.85
CA GLN G 41 -54.38 95.74 9.66
C GLN G 41 -55.67 95.53 8.87
N PHE G 42 -56.71 95.02 9.52
CA PHE G 42 -57.96 94.76 8.80
C PHE G 42 -59.14 95.66 9.13
N GLY G 43 -58.97 96.52 10.12
CA GLY G 43 -60.01 97.45 10.49
C GLY G 43 -60.97 96.95 11.54
N TYR G 44 -62.22 97.38 11.42
CA TYR G 44 -63.24 96.98 12.35
C TYR G 44 -64.05 95.85 11.79
N ILE G 45 -63.91 94.68 12.40
CA ILE G 45 -64.69 93.52 11.99
C ILE G 45 -66.02 93.77 12.70
N VAL G 46 -67.08 93.93 11.92
CA VAL G 46 -68.39 94.22 12.50
C VAL G 46 -69.44 93.15 12.25
N THR G 47 -69.45 92.60 11.04
CA THR G 47 -70.45 91.59 10.70
C THR G 47 -70.02 90.54 9.68
N VAL G 48 -70.41 89.28 9.94
CA VAL G 48 -70.08 88.19 9.05
C VAL G 48 -71.26 87.95 8.12
N LEU G 49 -71.04 88.09 6.82
CA LEU G 49 -72.12 87.86 5.87
C LEU G 49 -72.39 86.38 5.72
N ASP G 50 -73.32 86.07 4.82
CA ASP G 50 -73.72 84.70 4.49
C ASP G 50 -73.28 83.66 5.53
N GLY G 51 -73.92 83.66 6.70
CA GLY G 51 -73.54 82.69 7.72
C GLY G 51 -73.69 81.29 7.15
N MET G 52 -74.94 80.82 7.09
CA MET G 52 -75.31 79.50 6.59
C MET G 52 -74.21 78.67 5.91
N ASN G 53 -73.73 79.12 4.76
CA ASN G 53 -72.69 78.40 4.03
C ASN G 53 -71.26 78.75 4.44
N ILE G 54 -70.99 78.85 5.74
CA ILE G 54 -69.63 79.16 6.19
C ILE G 54 -68.79 77.99 5.76
N ASP G 55 -67.51 78.24 5.50
CA ASP G 55 -66.62 77.17 5.07
C ASP G 55 -65.73 76.71 6.21
N VAL G 56 -65.75 75.41 6.50
CA VAL G 56 -64.92 74.86 7.56
C VAL G 56 -63.73 74.07 7.02
N GLY G 57 -63.97 73.30 5.96
CA GLY G 57 -62.91 72.47 5.39
C GLY G 57 -62.57 71.44 6.46
N LYS G 58 -61.85 70.38 6.09
CA LYS G 58 -61.48 69.40 7.08
C LYS G 58 -60.42 70.04 7.97
N GLY G 59 -60.46 69.71 9.26
CA GLY G 59 -59.48 70.26 10.18
C GLY G 59 -58.49 69.15 10.53
N ARG G 60 -57.26 69.51 10.88
CA ARG G 60 -56.26 68.49 11.23
C ARG G 60 -56.10 68.39 12.75
N ILE G 61 -55.71 67.20 13.19
CA ILE G 61 -55.54 66.92 14.60
C ILE G 61 -54.12 67.15 15.10
N ILE G 62 -53.95 68.17 15.95
CA ILE G 62 -52.64 68.46 16.53
C ILE G 62 -52.10 67.19 17.19
N PRO G 63 -50.83 66.85 16.93
CA PRO G 63 -50.24 65.63 17.52
C PRO G 63 -50.13 65.48 19.05
N GLY G 64 -49.55 66.43 19.77
CA GLY G 64 -49.39 66.32 21.23
C GLY G 64 -50.66 65.93 22.01
N SER G 65 -51.63 66.83 22.02
CA SER G 65 -52.92 66.63 22.70
C SER G 65 -53.87 65.95 21.73
N GLY G 66 -55.10 66.46 21.64
CA GLY G 66 -56.06 65.86 20.73
C GLY G 66 -56.82 66.82 19.83
N SER G 67 -56.85 68.11 20.21
CA SER G 67 -57.56 69.14 19.47
C SER G 67 -57.42 69.08 17.95
N ALA G 68 -58.37 69.68 17.25
CA ALA G 68 -58.35 69.74 15.79
C ALA G 68 -58.18 71.19 15.35
N GLU G 69 -57.40 71.41 14.29
CA GLU G 69 -57.15 72.75 13.81
C GLU G 69 -57.93 73.01 12.56
N PHE G 70 -58.80 74.01 12.64
CA PHE G 70 -59.64 74.41 11.50
C PHE G 70 -59.32 75.78 10.92
N GLU G 71 -59.22 75.85 9.60
CA GLU G 71 -58.97 77.11 8.94
C GLU G 71 -60.29 77.54 8.32
N VAL G 72 -61.11 78.23 9.10
CA VAL G 72 -62.42 78.70 8.64
C VAL G 72 -62.26 79.87 7.67
N LYS G 73 -62.77 79.72 6.46
CA LYS G 73 -62.65 80.77 5.45
C LYS G 73 -64.02 81.43 5.19
N TYR G 74 -64.21 82.66 5.67
CA TYR G 74 -65.48 83.39 5.47
C TYR G 74 -65.30 84.68 4.68
N ARG G 75 -66.23 85.60 4.94
CA ARG G 75 -66.27 86.93 4.31
C ARG G 75 -67.08 87.83 5.26
N ALA G 76 -66.64 89.07 5.46
CA ALA G 76 -67.37 89.96 6.36
C ALA G 76 -67.33 91.44 6.02
N VAL G 77 -68.15 92.20 6.73
CA VAL G 77 -68.28 93.63 6.54
C VAL G 77 -67.43 94.39 7.53
N VAL G 78 -66.43 95.10 7.02
CA VAL G 78 -65.53 95.89 7.87
C VAL G 78 -65.45 97.38 7.50
N TRP G 79 -64.81 98.15 8.38
CA TRP G 79 -64.71 99.60 8.19
C TRP G 79 -63.47 100.17 8.86
N LYS G 80 -62.52 100.70 8.08
CA LYS G 80 -61.33 101.29 8.68
C LYS G 80 -60.94 102.61 8.05
N PRO G 81 -61.11 103.69 8.82
CA PRO G 81 -60.81 105.04 8.39
C PRO G 81 -59.44 105.24 7.78
N PHE G 82 -59.39 106.06 6.74
CA PHE G 82 -58.14 106.38 6.10
C PHE G 82 -57.96 107.86 6.30
N LYS G 83 -56.73 108.34 6.11
CA LYS G 83 -56.42 109.74 6.25
C LYS G 83 -57.00 110.46 5.05
N GLY G 84 -57.28 111.75 5.19
CA GLY G 84 -57.85 112.47 4.08
C GLY G 84 -59.27 112.04 3.77
N GLU G 85 -59.72 110.93 4.34
CA GLU G 85 -61.08 110.46 4.09
C GLU G 85 -62.11 111.40 4.73
N VAL G 86 -63.23 111.60 4.05
CA VAL G 86 -64.25 112.49 4.57
C VAL G 86 -65.59 111.84 4.85
N VAL G 87 -66.04 111.97 6.09
CA VAL G 87 -67.33 111.42 6.50
C VAL G 87 -67.88 112.30 7.60
N ASP G 88 -69.08 111.95 8.05
CA ASP G 88 -69.76 112.72 9.07
C ASP G 88 -70.51 111.85 10.08
N ALA G 89 -70.42 112.21 11.36
CA ALA G 89 -71.10 111.47 12.40
C ALA G 89 -71.73 112.39 13.44
N ILE G 90 -72.42 111.82 14.42
CA ILE G 90 -73.04 112.61 15.45
C ILE G 90 -72.00 113.03 16.53
N VAL G 91 -71.99 114.30 16.90
CA VAL G 91 -71.06 114.78 17.91
C VAL G 91 -71.37 114.01 19.19
N SER G 92 -70.33 113.44 19.81
CA SER G 92 -70.55 112.66 21.02
C SER G 92 -70.24 113.38 22.35
N ASN G 93 -69.09 114.03 22.42
CA ASN G 93 -68.70 114.78 23.61
C ASN G 93 -68.17 116.14 23.15
N VAL G 94 -67.77 116.99 24.10
CA VAL G 94 -67.27 118.33 23.74
C VAL G 94 -66.66 119.13 24.88
N SER G 95 -65.35 119.38 24.80
CA SER G 95 -64.63 120.13 25.82
C SER G 95 -64.01 121.39 25.26
N PRO G 96 -63.19 122.01 26.09
CA PRO G 96 -62.46 123.24 25.77
C PRO G 96 -61.41 123.04 24.69
N ILE G 97 -60.96 121.80 24.53
CA ILE G 97 -59.94 121.46 23.54
C ILE G 97 -60.53 121.01 22.21
N GLY G 98 -61.85 120.92 22.17
CA GLY G 98 -62.50 120.51 20.94
C GLY G 98 -63.72 119.66 21.22
N PHE G 99 -64.13 118.87 20.22
CA PHE G 99 -65.28 118.00 20.38
C PHE G 99 -65.03 116.69 19.64
N PHE G 100 -65.60 115.62 20.15
CA PHE G 100 -65.44 114.32 19.55
C PHE G 100 -66.71 113.97 18.78
N ALA G 101 -66.54 113.32 17.63
CA ALA G 101 -67.66 112.94 16.77
C ALA G 101 -67.69 111.44 16.61
N ASP G 102 -68.84 110.89 16.27
CA ASP G 102 -68.95 109.45 16.09
C ASP G 102 -69.46 108.95 14.74
N VAL G 103 -68.52 108.49 13.92
CA VAL G 103 -68.84 107.94 12.62
C VAL G 103 -68.80 106.42 12.76
N GLY G 104 -69.99 105.83 12.80
CA GLY G 104 -70.13 104.40 12.95
C GLY G 104 -69.49 103.91 14.23
N PRO G 105 -68.67 102.87 14.15
CA PRO G 105 -67.99 102.28 15.30
C PRO G 105 -66.79 103.12 15.69
N LEU G 106 -66.73 104.33 15.14
CA LEU G 106 -65.58 105.17 15.39
C LEU G 106 -65.83 106.47 16.13
N ASN G 107 -64.73 107.05 16.61
CA ASN G 107 -64.74 108.33 17.32
C ASN G 107 -63.52 109.18 16.92
N VAL G 108 -63.79 110.18 16.08
CA VAL G 108 -62.76 111.09 15.61
C VAL G 108 -62.91 112.39 16.40
N PHE G 109 -61.80 112.96 16.84
CA PHE G 109 -61.79 114.20 17.64
C PHE G 109 -61.27 115.42 16.89
N VAL G 110 -61.96 116.55 17.05
CA VAL G 110 -61.57 117.80 16.40
C VAL G 110 -61.05 118.82 17.39
N SER G 111 -59.84 119.33 17.14
CA SER G 111 -59.19 120.32 18.00
C SER G 111 -59.68 121.74 17.77
N THR G 112 -59.74 122.51 18.88
CA THR G 112 -60.15 123.90 18.84
C THR G 112 -59.18 124.61 17.90
N ARG G 113 -58.10 123.90 17.57
CA ARG G 113 -57.09 124.43 16.67
C ARG G 113 -57.30 123.94 15.25
N LEU G 114 -58.30 123.08 15.08
CA LEU G 114 -58.60 122.55 13.77
C LEU G 114 -60.02 122.89 13.37
N ILE G 115 -60.45 124.07 13.78
CA ILE G 115 -61.78 124.57 13.45
C ILE G 115 -61.59 125.98 12.92
N PRO G 116 -62.68 126.61 12.46
CA PRO G 116 -62.51 127.98 11.96
C PRO G 116 -62.50 128.90 13.18
N ASP G 117 -61.44 129.69 13.30
CA ASP G 117 -61.23 130.63 14.40
C ASP G 117 -62.49 131.26 15.02
N ASN G 118 -63.29 131.94 14.19
CA ASN G 118 -64.52 132.61 14.65
C ASN G 118 -65.54 131.69 15.34
N LEU G 119 -65.10 130.51 15.76
CA LEU G 119 -65.96 129.58 16.45
C LEU G 119 -65.27 129.24 17.76
N VAL G 120 -65.65 129.94 18.82
CA VAL G 120 -65.03 129.74 20.12
C VAL G 120 -65.81 128.79 21.05
N TYR G 121 -65.08 128.15 21.95
CA TYR G 121 -65.64 127.21 22.93
C TYR G 121 -66.50 127.93 23.96
N ASN G 122 -67.76 127.51 24.09
CA ASN G 122 -68.69 128.12 25.04
C ASN G 122 -68.38 127.77 26.49
N PRO G 123 -68.39 128.78 27.35
CA PRO G 123 -68.12 128.59 28.78
C PRO G 123 -69.25 127.81 29.44
N SER G 124 -69.95 128.44 30.39
CA SER G 124 -71.03 127.78 31.08
C SER G 124 -72.33 127.65 30.29
N ASN G 125 -72.41 126.61 29.47
CA ASN G 125 -73.61 126.35 28.66
C ASN G 125 -73.97 124.88 28.78
N SER G 126 -75.26 124.57 28.76
CA SER G 126 -75.71 123.20 28.89
C SER G 126 -76.64 122.69 27.80
N PRO G 127 -76.20 121.67 27.05
CA PRO G 127 -74.86 121.06 27.23
C PRO G 127 -73.71 121.83 26.55
N PRO G 128 -72.54 121.97 27.21
CA PRO G 128 -71.38 122.68 26.66
C PRO G 128 -71.30 122.68 25.12
N ALA G 129 -71.24 123.87 24.54
CA ALA G 129 -71.21 124.04 23.08
C ALA G 129 -70.16 124.98 22.49
N TYR G 130 -70.28 125.20 21.18
CA TYR G 130 -69.40 126.08 20.42
C TYR G 130 -70.23 127.08 19.62
N MET G 131 -69.88 128.36 19.68
CA MET G 131 -70.60 129.40 18.96
C MET G 131 -69.85 130.01 17.77
N SER G 132 -70.56 130.19 16.67
CA SER G 132 -70.02 130.76 15.46
C SER G 132 -70.77 132.06 15.23
N ASN G 133 -70.33 132.85 14.24
CA ASN G 133 -71.01 134.10 13.94
C ASN G 133 -72.47 133.80 13.62
N ASP G 134 -72.75 132.51 13.38
CA ASP G 134 -74.09 132.07 13.02
C ASP G 134 -74.39 130.64 13.50
N GLU G 135 -73.37 129.79 13.54
CA GLU G 135 -73.52 128.40 13.97
C GLU G 135 -73.38 128.13 15.48
N LEU G 136 -73.92 126.99 15.92
CA LEU G 136 -73.85 126.58 17.31
C LEU G 136 -73.79 125.04 17.35
N ILE G 137 -72.72 124.49 17.91
CA ILE G 137 -72.54 123.03 17.99
C ILE G 137 -72.56 122.45 19.39
N THR G 138 -73.24 121.32 19.56
CA THR G 138 -73.38 120.62 20.83
C THR G 138 -73.41 119.13 20.57
N LYS G 139 -73.68 118.37 21.61
CA LYS G 139 -73.78 116.93 21.52
C LYS G 139 -74.53 116.58 20.23
N GLY G 140 -75.85 116.57 20.34
CA GLY G 140 -76.75 116.23 19.24
C GLY G 140 -76.36 116.59 17.80
N SER G 141 -76.07 117.87 17.52
CA SER G 141 -75.74 118.33 16.16
C SER G 141 -74.84 117.42 15.30
N LYS G 142 -75.21 117.31 14.02
CA LYS G 142 -74.50 116.50 13.04
C LYS G 142 -73.38 117.25 12.33
N VAL G 143 -72.19 116.66 12.29
CA VAL G 143 -71.04 117.28 11.66
C VAL G 143 -70.36 116.43 10.60
N ARG G 144 -69.91 117.07 9.54
CA ARG G 144 -69.20 116.38 8.46
C ARG G 144 -67.74 116.78 8.55
N LEU G 145 -66.90 115.84 8.99
CA LEU G 145 -65.47 116.12 9.15
C LEU G 145 -64.53 115.37 8.20
N LYS G 146 -63.28 115.80 8.17
CA LYS G 146 -62.22 115.24 7.34
C LYS G 146 -61.16 114.62 8.27
N VAL G 147 -60.86 113.33 8.11
CA VAL G 147 -59.89 112.64 8.96
C VAL G 147 -58.43 112.86 8.61
N VAL G 148 -57.79 113.81 9.30
CA VAL G 148 -56.38 114.17 9.10
C VAL G 148 -55.45 113.00 9.38
N GLY G 149 -55.42 112.54 10.63
CA GLY G 149 -54.56 111.42 10.98
C GLY G 149 -55.26 110.27 11.70
N THR G 150 -54.66 109.09 11.67
CA THR G 150 -55.28 107.94 12.31
C THR G 150 -54.33 107.17 13.24
N ARG G 151 -54.78 106.94 14.47
CA ARG G 151 -53.97 106.20 15.45
C ARG G 151 -54.63 104.84 15.72
N THR G 152 -53.90 103.75 15.46
CA THR G 152 -54.40 102.39 15.68
C THR G 152 -54.22 102.02 17.14
N ASP G 153 -55.26 101.49 17.78
CA ASP G 153 -55.13 101.15 19.19
C ASP G 153 -55.59 99.74 19.58
N VAL G 154 -55.76 99.51 20.89
CA VAL G 154 -56.18 98.24 21.47
C VAL G 154 -57.12 97.48 20.54
N ASN G 155 -58.40 97.53 20.87
CA ASN G 155 -59.43 96.89 20.09
C ASN G 155 -60.32 98.01 19.57
N GLU G 156 -59.71 99.16 19.29
CA GLU G 156 -60.40 100.35 18.78
C GLU G 156 -59.44 101.29 18.05
N ILE G 157 -59.87 101.78 16.89
CA ILE G 157 -59.07 102.70 16.08
C ILE G 157 -59.65 104.10 16.12
N TYR G 158 -58.96 105.02 16.78
CA TYR G 158 -59.46 106.38 16.85
C TYR G 158 -58.65 107.20 15.87
N ALA G 159 -59.05 108.44 15.66
CA ALA G 159 -58.33 109.30 14.74
C ALA G 159 -58.60 110.76 15.05
N ILE G 160 -58.10 111.64 14.20
CA ILE G 160 -58.29 113.07 14.41
C ILE G 160 -58.66 113.71 13.09
N GLY G 161 -59.10 114.96 13.13
CA GLY G 161 -59.49 115.65 11.91
C GLY G 161 -59.96 117.08 12.08
N SER G 162 -60.18 117.76 10.97
CA SER G 162 -60.61 119.15 11.02
C SER G 162 -61.75 119.50 10.08
N ILE G 163 -62.34 120.66 10.36
CA ILE G 163 -63.44 121.22 9.59
C ILE G 163 -63.02 122.64 9.27
N LYS G 164 -61.74 122.81 8.97
CA LYS G 164 -61.20 124.12 8.64
C LYS G 164 -61.28 124.34 7.13
N GLU G 165 -61.40 123.26 6.37
CA GLU G 165 -61.50 123.36 4.91
C GLU G 165 -62.88 123.94 4.58
N ASP G 166 -63.40 123.60 3.41
CA ASP G 166 -64.71 124.10 3.03
C ASP G 166 -65.69 122.95 3.11
N PHE G 167 -66.96 123.23 2.78
CA PHE G 167 -68.01 122.23 2.78
C PHE G 167 -68.04 121.27 3.98
N LEU G 168 -67.40 121.65 5.09
CA LEU G 168 -67.36 120.82 6.31
C LEU G 168 -68.07 121.53 7.47
N GLY G 169 -68.47 120.77 8.48
CA GLY G 169 -69.16 121.37 9.62
C GLY G 169 -70.60 120.89 9.76
N ALA G 170 -71.47 121.76 10.28
CA ALA G 170 -72.87 121.42 10.46
C ALA G 170 -73.52 121.22 9.10
N ILE G 171 -74.77 120.74 9.09
CA ILE G 171 -75.51 120.50 7.84
C ILE G 171 -77.04 120.75 7.91
N SER H 2 -62.32 -0.16 14.30
CA SER H 2 -61.80 -0.95 15.46
C SER H 2 -61.22 -2.32 15.09
N SER H 3 -60.61 -2.42 13.90
CA SER H 3 -60.02 -3.67 13.42
C SER H 3 -58.51 -3.62 13.29
N ALA H 4 -57.92 -4.77 12.95
CA ALA H 4 -56.49 -4.89 12.76
C ALA H 4 -56.18 -4.50 11.31
N LEU H 5 -54.94 -4.07 11.05
CA LEU H 5 -54.56 -3.66 9.70
C LEU H 5 -53.32 -4.35 9.16
N PHE H 6 -52.71 -5.21 9.95
CA PHE H 6 -51.55 -5.97 9.49
C PHE H 6 -51.13 -7.08 10.44
N ASP H 7 -50.66 -8.18 9.86
CA ASP H 7 -50.23 -9.36 10.61
C ASP H 7 -49.25 -10.13 9.73
N ASP H 8 -48.02 -10.31 10.21
CA ASP H 8 -47.02 -11.08 9.47
C ASP H 8 -45.74 -11.25 10.27
N ILE H 9 -45.15 -12.45 10.16
CA ILE H 9 -43.92 -12.74 10.89
C ILE H 9 -42.72 -12.55 9.98
N PHE H 10 -41.71 -11.83 10.46
CA PHE H 10 -40.50 -11.57 9.69
C PHE H 10 -39.33 -12.24 10.39
N THR H 11 -38.13 -12.06 9.82
CA THR H 11 -36.91 -12.62 10.40
C THR H 11 -35.79 -11.58 10.31
N VAL H 12 -35.27 -11.20 11.48
CA VAL H 12 -34.22 -10.21 11.59
C VAL H 12 -33.04 -10.45 10.66
N GLN H 13 -32.94 -9.65 9.60
CA GLN H 13 -31.81 -9.81 8.70
C GLN H 13 -30.59 -9.22 9.42
N THR H 14 -30.81 -8.19 10.24
CA THR H 14 -29.72 -7.57 10.98
C THR H 14 -30.16 -6.44 11.95
N VAL H 15 -29.29 -6.16 12.93
CA VAL H 15 -29.53 -5.15 13.97
C VAL H 15 -28.41 -4.08 13.98
N ASP H 16 -28.76 -2.81 13.76
CA ASP H 16 -27.79 -1.72 13.72
C ASP H 16 -27.88 -0.68 14.87
N ASN H 17 -26.73 -0.36 15.50
CA ASN H 17 -26.63 0.60 16.60
C ASN H 17 -25.68 1.77 16.30
N GLY H 18 -25.86 2.43 15.15
CA GLY H 18 -24.99 3.53 14.78
C GLY H 18 -24.86 4.67 15.78
N ARG H 19 -24.10 4.46 16.86
CA ARG H 19 -23.88 5.47 17.88
C ARG H 19 -25.07 5.71 18.81
N TYR H 20 -25.82 4.66 19.10
CA TYR H 20 -26.99 4.75 19.99
C TYR H 20 -26.92 3.74 21.12
N ASN H 21 -26.63 4.21 22.32
CA ASN H 21 -26.52 3.34 23.49
C ASN H 21 -27.83 2.66 23.90
N LYS H 22 -28.98 3.14 23.41
CA LYS H 22 -30.23 2.53 23.84
C LYS H 22 -31.26 2.27 22.74
N VAL H 23 -30.86 2.39 21.48
CA VAL H 23 -31.78 2.17 20.36
C VAL H 23 -31.10 1.55 19.15
N SER H 24 -31.80 0.65 18.45
CA SER H 24 -31.26 0.01 17.26
C SER H 24 -32.28 -0.06 16.14
N ARG H 25 -31.85 0.28 14.92
CA ARG H 25 -32.72 0.23 13.76
C ARG H 25 -32.49 -1.13 13.11
N ILE H 26 -33.52 -1.96 13.13
CA ILE H 26 -33.40 -3.29 12.56
C ILE H 26 -34.19 -3.46 11.27
N ILE H 27 -33.79 -4.45 10.48
CA ILE H 27 -34.44 -4.76 9.22
C ILE H 27 -34.64 -6.27 9.10
N GLY H 28 -35.69 -6.67 8.41
CA GLY H 28 -36.01 -8.08 8.25
C GLY H 28 -37.05 -8.29 7.16
N ILE H 29 -36.91 -9.37 6.40
CA ILE H 29 -37.86 -9.68 5.33
C ILE H 29 -39.02 -10.53 5.87
N SER H 30 -40.10 -10.61 5.09
CA SER H 30 -41.29 -11.37 5.46
C SER H 30 -41.16 -12.86 5.14
N THR H 31 -41.90 -13.70 5.87
CA THR H 31 -41.86 -15.15 5.64
C THR H 31 -42.88 -15.61 4.59
N THR H 32 -43.88 -14.77 4.31
CA THR H 32 -44.90 -15.09 3.31
C THR H 32 -44.43 -14.63 1.92
N ASN H 33 -44.66 -13.36 1.58
CA ASN H 33 -44.23 -12.83 0.29
C ASN H 33 -42.75 -12.52 0.29
N SER H 34 -42.17 -12.42 -0.91
CA SER H 34 -40.76 -12.09 -1.07
C SER H 34 -40.70 -10.70 -1.67
N ALA H 35 -41.63 -9.86 -1.24
CA ALA H 35 -41.73 -8.47 -1.68
C ALA H 35 -41.73 -7.54 -0.47
N ILE H 36 -42.18 -8.07 0.68
CA ILE H 36 -42.28 -7.31 1.92
C ILE H 36 -41.02 -7.25 2.79
N LYS H 37 -40.47 -6.05 2.89
CA LYS H 37 -39.28 -5.81 3.71
C LYS H 37 -39.75 -4.97 4.89
N LEU H 38 -38.93 -4.86 5.92
CA LEU H 38 -39.28 -4.04 7.07
C LEU H 38 -38.07 -3.34 7.66
N THR H 39 -38.24 -2.05 7.90
CA THR H 39 -37.19 -1.23 8.49
C THR H 39 -37.84 -0.64 9.73
N LEU H 40 -37.21 -0.83 10.89
CA LEU H 40 -37.76 -0.31 12.13
C LEU H 40 -36.74 0.00 13.23
N ASP H 41 -36.89 1.18 13.81
CA ASP H 41 -36.04 1.63 14.90
C ASP H 41 -36.66 1.00 16.15
N ILE H 42 -35.85 0.72 17.16
CA ILE H 42 -36.38 0.10 18.37
C ILE H 42 -35.54 0.27 19.62
N ASN H 43 -36.22 0.21 20.76
CA ASN H 43 -35.59 0.36 22.05
C ASN H 43 -34.90 -0.92 22.49
N ASN H 44 -33.63 -1.07 22.13
CA ASN H 44 -32.85 -2.27 22.48
C ASN H 44 -32.81 -2.49 23.99
N GLU H 45 -33.10 -1.43 24.75
CA GLU H 45 -33.06 -1.55 26.19
C GLU H 45 -34.30 -2.23 26.73
N MET H 46 -35.47 -1.82 26.26
CA MET H 46 -36.73 -2.40 26.71
C MET H 46 -37.02 -3.76 26.11
N PHE H 47 -36.64 -3.93 24.85
CA PHE H 47 -36.88 -5.17 24.11
C PHE H 47 -35.66 -5.57 23.28
N PRO H 48 -34.73 -6.36 23.87
CA PRO H 48 -33.52 -6.79 23.14
C PRO H 48 -33.86 -7.62 21.92
N VAL H 49 -32.99 -7.56 20.91
CA VAL H 49 -33.17 -8.30 19.68
C VAL H 49 -31.84 -8.44 18.94
N SER H 50 -31.53 -9.66 18.53
CA SER H 50 -30.29 -9.96 17.80
C SER H 50 -30.66 -10.48 16.42
N GLN H 51 -29.67 -10.63 15.54
CA GLN H 51 -29.92 -11.11 14.18
C GLN H 51 -30.53 -12.52 14.18
N ASP H 52 -31.49 -12.73 13.29
CA ASP H 52 -32.19 -14.02 13.16
C ASP H 52 -33.18 -14.27 14.30
N ASP H 53 -34.27 -13.51 14.32
CA ASP H 53 -35.29 -13.67 15.33
C ASP H 53 -36.65 -13.77 14.63
N SER H 54 -37.59 -14.48 15.25
CA SER H 54 -38.93 -14.66 14.70
C SER H 54 -39.94 -13.74 15.38
N LEU H 55 -40.16 -12.57 14.79
CA LEU H 55 -41.09 -11.60 15.36
C LEU H 55 -42.36 -11.46 14.55
N THR H 56 -43.45 -11.17 15.25
CA THR H 56 -44.74 -11.01 14.60
C THR H 56 -45.10 -9.55 14.67
N VAL H 57 -45.19 -8.89 13.50
CA VAL H 57 -45.52 -7.47 13.47
C VAL H 57 -46.98 -7.21 13.15
N THR H 58 -47.56 -6.26 13.87
CA THR H 58 -48.97 -5.90 13.68
C THR H 58 -49.11 -4.37 13.62
N LEU H 59 -50.30 -3.91 13.25
CA LEU H 59 -50.60 -2.49 13.17
C LEU H 59 -52.09 -2.39 13.44
N ALA H 60 -52.67 -1.22 13.21
CA ALA H 60 -54.10 -0.92 13.40
C ALA H 60 -54.36 0.14 14.45
N ASN H 61 -55.59 0.61 14.48
CA ASN H 61 -55.98 1.65 15.42
C ASN H 61 -57.06 1.20 16.38
N SER H 62 -56.69 1.03 17.64
CA SER H 62 -57.63 0.63 18.70
C SER H 62 -56.90 0.13 19.93
N LEU H 63 -57.69 -0.49 20.81
CA LEU H 63 -57.23 -1.07 22.08
C LEU H 63 -55.83 -1.71 21.98
N SER H 77 -56.84 12.72 26.59
CA SER H 77 -55.60 12.47 27.32
C SER H 77 -55.39 10.96 27.45
N TRP H 78 -54.24 10.57 27.99
CA TRP H 78 -53.88 9.17 28.14
C TRP H 78 -53.92 8.64 29.57
N ARG H 79 -54.93 7.84 29.89
CA ARG H 79 -55.08 7.28 31.23
C ARG H 79 -53.89 6.43 31.70
N PRO H 80 -53.53 6.52 32.99
CA PRO H 80 -52.42 5.78 33.58
C PRO H 80 -52.73 4.27 33.52
N PRO H 81 -52.36 3.48 34.55
CA PRO H 81 -52.71 2.06 34.43
C PRO H 81 -54.20 1.85 34.66
N LYS H 82 -54.56 1.35 35.85
CA LYS H 82 -55.95 1.09 36.23
C LYS H 82 -56.70 0.14 35.28
N PRO H 83 -56.28 0.14 34.02
CA PRO H 83 -56.88 -0.73 33.00
C PRO H 83 -56.50 -2.19 33.25
N THR H 84 -56.03 -2.49 34.47
CA THR H 84 -55.66 -3.85 34.83
C THR H 84 -56.92 -4.65 34.62
N ASP H 85 -58.05 -3.99 34.91
CA ASP H 85 -59.38 -4.55 34.75
C ASP H 85 -60.06 -3.80 33.60
N LYS H 86 -59.47 -3.93 32.42
CA LYS H 86 -59.94 -3.30 31.19
C LYS H 86 -59.38 -4.08 30.00
N SER H 87 -59.64 -3.57 28.78
CA SER H 87 -59.13 -4.23 27.58
C SER H 87 -57.61 -4.24 27.66
N LEU H 88 -56.96 -5.05 26.82
CA LEU H 88 -55.51 -5.15 26.82
C LEU H 88 -55.04 -5.67 25.47
N ALA H 89 -55.35 -4.97 24.39
CA ALA H 89 -54.92 -5.44 23.08
C ALA H 89 -53.40 -5.45 23.04
N ASP H 90 -52.81 -5.79 24.19
CA ASP H 90 -51.36 -5.86 24.39
C ASP H 90 -50.83 -7.29 24.43
N ASP H 91 -51.47 -8.22 23.74
CA ASP H 91 -50.99 -9.60 23.76
C ASP H 91 -49.64 -9.73 23.06
N TYR H 92 -48.73 -8.80 23.38
CA TYR H 92 -47.40 -8.79 22.79
C TYR H 92 -46.34 -8.40 23.83
N ASP H 93 -45.16 -7.98 23.35
CA ASP H 93 -44.07 -7.59 24.23
C ASP H 93 -43.36 -6.31 23.73
N TYR H 94 -44.11 -5.45 23.04
CA TYR H 94 -43.60 -4.18 22.51
C TYR H 94 -44.78 -3.56 21.79
N VAL H 95 -45.19 -2.37 22.23
CA VAL H 95 -46.34 -1.66 21.64
C VAL H 95 -46.13 -0.15 21.53
N MET H 96 -45.64 0.31 20.38
CA MET H 96 -45.42 1.74 20.21
C MET H 96 -46.58 2.41 19.50
N PHE H 97 -46.69 3.72 19.69
CA PHE H 97 -47.72 4.50 19.02
C PHE H 97 -46.91 5.54 18.26
N GLY H 98 -47.40 5.91 17.09
CA GLY H 98 -46.73 6.90 16.28
C GLY H 98 -47.62 7.31 15.14
N THR H 99 -47.03 7.95 14.14
CA THR H 99 -47.76 8.39 12.97
C THR H 99 -46.97 7.99 11.75
N VAL H 100 -47.64 7.91 10.61
CA VAL H 100 -46.95 7.56 9.40
C VAL H 100 -46.97 8.84 8.58
N TYR H 101 -45.91 9.12 7.86
CA TYR H 101 -45.90 10.31 7.04
C TYR H 101 -46.06 10.04 5.55
N LYS H 102 -44.98 9.74 4.83
CA LYS H 102 -45.12 9.52 3.39
C LYS H 102 -45.58 8.16 2.89
N PHE H 103 -46.30 8.23 1.76
CA PHE H 103 -46.84 7.09 1.01
C PHE H 103 -46.13 7.07 -0.34
N GLU H 104 -45.06 6.27 -0.41
CA GLU H 104 -44.21 6.15 -1.60
C GLU H 104 -44.51 4.92 -2.46
N GLU H 105 -44.18 5.00 -3.74
CA GLU H 105 -44.38 3.88 -4.67
C GLU H 105 -43.05 3.49 -5.26
N GLY H 106 -42.55 2.32 -4.87
CA GLY H 106 -41.26 1.84 -5.37
C GLY H 106 -41.49 0.99 -6.63
N ASP H 107 -41.43 1.64 -7.79
CA ASP H 107 -41.63 0.98 -9.09
C ASP H 107 -42.82 0.01 -9.09
N GLU H 108 -43.05 -0.67 -10.21
CA GLU H 108 -44.16 -1.61 -10.34
C GLU H 108 -45.36 -1.02 -9.60
N ASP H 109 -46.19 -1.87 -9.00
CA ASP H 109 -47.31 -1.36 -8.24
C ASP H 109 -47.06 -1.71 -6.78
N LYS H 110 -45.78 -1.72 -6.41
CA LYS H 110 -45.31 -2.01 -5.06
C LYS H 110 -45.30 -0.71 -4.24
N ILE H 111 -45.99 -0.72 -3.11
CA ILE H 111 -46.10 0.45 -2.23
C ILE H 111 -45.23 0.31 -0.98
N LYS H 112 -45.07 1.42 -0.26
CA LYS H 112 -44.27 1.46 0.97
C LYS H 112 -44.59 2.70 1.82
N VAL H 113 -45.23 2.49 2.97
CA VAL H 113 -45.59 3.58 3.85
C VAL H 113 -44.53 3.83 4.91
N TYR H 114 -44.31 5.10 5.25
CA TYR H 114 -43.32 5.48 6.25
C TYR H 114 -43.95 5.87 7.59
N VAL H 115 -43.58 5.14 8.65
CA VAL H 115 -44.09 5.37 10.00
C VAL H 115 -43.08 5.90 11.00
N SER H 116 -43.38 7.04 11.62
CA SER H 116 -42.52 7.62 12.64
C SER H 116 -43.28 7.60 13.96
N PHE H 117 -42.60 7.15 15.01
CA PHE H 117 -43.23 7.07 16.30
C PHE H 117 -42.59 8.12 17.18
N GLY H 118 -43.20 9.30 17.17
CA GLY H 118 -42.70 10.41 17.96
C GLY H 118 -41.19 10.53 17.98
N GLY H 119 -40.51 10.00 16.96
CA GLY H 119 -39.07 10.08 16.91
C GLY H 119 -38.44 8.83 16.38
N LEU H 120 -39.21 7.75 16.31
CA LEU H 120 -38.71 6.48 15.80
C LEU H 120 -39.27 6.20 14.40
N LEU H 121 -38.39 6.20 13.41
CA LEU H 121 -38.80 6.00 12.03
C LEU H 121 -39.08 4.53 11.72
N MET H 122 -39.75 4.30 10.59
CA MET H 122 -40.12 2.95 10.10
C MET H 122 -40.57 2.94 8.64
N CYS H 123 -40.29 1.83 7.95
CA CYS H 123 -40.69 1.67 6.55
C CYS H 123 -41.23 0.26 6.29
N LEU H 124 -42.33 0.19 5.54
CA LEU H 124 -42.93 -1.10 5.20
C LEU H 124 -43.02 -1.20 3.67
N GLU H 125 -42.93 -2.42 3.13
CA GLU H 125 -42.97 -2.60 1.68
C GLU H 125 -43.71 -3.88 1.23
N GLY H 126 -44.31 -3.85 0.03
CA GLY H 126 -45.04 -4.99 -0.49
C GLY H 126 -46.09 -4.48 -1.47
N GLY H 127 -47.38 -4.73 -1.17
CA GLY H 127 -48.49 -4.24 -2.01
C GLY H 127 -49.91 -4.81 -1.75
N TYR H 128 -50.12 -5.54 -0.65
CA TYR H 128 -51.45 -6.10 -0.43
C TYR H 128 -52.37 -5.52 0.65
N LYS H 129 -52.11 -4.29 1.08
CA LYS H 129 -52.99 -3.63 2.05
C LYS H 129 -53.56 -2.42 1.35
N SER H 130 -53.96 -2.67 0.09
CA SER H 130 -54.54 -1.67 -0.81
C SER H 130 -55.91 -1.21 -0.30
N LEU H 131 -56.36 -1.85 0.77
CA LEU H 131 -57.65 -1.52 1.38
C LEU H 131 -57.57 -1.73 2.89
N ALA H 132 -56.36 -1.91 3.40
CA ALA H 132 -56.15 -2.14 4.83
C ALA H 132 -55.36 -1.02 5.51
N SER H 133 -54.16 -0.75 5.02
CA SER H 133 -53.33 0.29 5.60
C SER H 133 -53.80 1.67 5.19
N LEU H 134 -54.36 2.42 6.14
CA LEU H 134 -54.86 3.77 5.89
C LEU H 134 -53.75 4.84 5.94
N LYS H 135 -54.12 6.06 5.63
CA LYS H 135 -53.19 7.19 5.59
C LYS H 135 -53.31 8.11 6.81
N GLN H 136 -53.91 7.59 7.87
CA GLN H 136 -54.11 8.35 9.08
C GLN H 136 -52.90 8.33 10.00
N ASP H 137 -53.00 9.12 11.06
CA ASP H 137 -51.95 9.23 12.07
C ASP H 137 -52.01 8.01 12.95
N ASN H 138 -53.23 7.59 13.24
CA ASN H 138 -53.45 6.40 14.07
C ASN H 138 -52.44 5.35 13.63
N LEU H 139 -52.04 4.50 14.55
CA LEU H 139 -51.08 3.45 14.26
C LEU H 139 -50.45 2.94 15.55
N TYR H 140 -50.68 1.66 15.83
CA TYR H 140 -50.12 1.03 17.01
C TYR H 140 -49.27 -0.13 16.49
N ILE H 141 -48.00 -0.18 16.85
CA ILE H 141 -47.16 -1.28 16.41
C ILE H 141 -47.20 -2.30 17.53
N LEU H 142 -47.13 -3.58 17.17
CA LEU H 142 -47.16 -4.66 18.16
C LEU H 142 -46.13 -5.72 17.75
N ILE H 143 -45.59 -6.44 18.73
CA ILE H 143 -44.58 -7.47 18.46
C ILE H 143 -44.53 -8.53 19.56
N ARG H 144 -44.17 -9.77 19.21
CA ARG H 144 -44.10 -10.85 20.21
C ARG H 144 -43.07 -11.96 19.96
N ALA I 2 36.55 48.66 -12.51
CA ALA I 2 36.99 50.04 -12.80
C ALA I 2 38.28 50.40 -12.08
N SER I 3 38.20 50.52 -10.75
CA SER I 3 39.34 50.89 -9.92
C SER I 3 39.99 52.12 -10.58
N PHE I 4 39.34 53.29 -10.49
CA PHE I 4 39.87 54.52 -11.10
C PHE I 4 41.03 55.17 -10.33
N ARG I 5 41.55 56.27 -10.87
CA ARG I 5 42.72 56.94 -10.29
C ARG I 5 42.58 58.43 -10.01
N PHE I 6 43.49 58.93 -9.16
CA PHE I 6 43.53 60.34 -8.79
C PHE I 6 44.69 60.98 -9.55
N CYS I 7 45.61 61.62 -8.83
CA CYS I 7 46.75 62.26 -9.48
C CYS I 7 47.75 62.81 -8.47
N LEU I 8 49.04 62.73 -8.78
CA LEU I 8 50.06 63.28 -7.88
C LEU I 8 49.79 64.78 -7.88
N GLU I 9 50.70 65.53 -7.30
CA GLU I 9 50.57 66.98 -7.27
C GLU I 9 49.40 67.49 -6.39
N CYS I 10 48.18 67.48 -6.93
CA CYS I 10 47.01 67.96 -6.16
C CYS I 10 45.87 66.97 -5.90
N ASN I 11 46.23 65.72 -5.61
CA ASN I 11 45.28 64.63 -5.31
C ASN I 11 43.81 64.95 -5.61
N ASN I 12 43.37 64.72 -6.85
CA ASN I 12 41.98 64.99 -7.23
C ASN I 12 41.34 63.91 -8.09
N MET I 13 40.14 64.22 -8.57
CA MET I 13 39.39 63.30 -9.41
C MET I 13 39.95 63.35 -10.83
N LEU I 14 39.81 62.24 -11.55
CA LEU I 14 40.30 62.13 -12.91
C LEU I 14 39.20 62.02 -13.96
N TYR I 15 39.21 63.01 -14.86
CA TYR I 15 38.24 63.13 -15.96
C TYR I 15 38.92 62.68 -17.24
N PRO I 16 38.21 61.94 -18.10
CA PRO I 16 38.83 61.49 -19.34
C PRO I 16 38.61 62.40 -20.58
N LYS I 17 39.61 62.41 -21.48
CA LYS I 17 39.57 63.16 -22.74
C LYS I 17 40.20 62.33 -23.84
N GLU I 18 39.85 62.62 -25.08
CA GLU I 18 40.33 61.85 -26.21
C GLU I 18 41.57 62.35 -26.94
N ASP I 19 42.45 61.40 -27.29
CA ASP I 19 43.67 61.70 -28.04
C ASP I 19 43.24 61.69 -29.51
N LYS I 20 42.59 62.77 -29.92
CA LYS I 20 42.10 62.91 -31.28
C LYS I 20 43.07 62.35 -32.30
N GLU I 21 44.02 63.21 -32.70
CA GLU I 21 45.03 62.90 -33.69
C GLU I 21 45.72 61.53 -33.59
N ASN I 22 45.83 60.96 -32.39
CA ASN I 22 46.49 59.67 -32.25
C ASN I 22 45.60 58.47 -31.94
N GLN I 23 44.33 58.74 -31.66
CA GLN I 23 43.35 57.69 -31.36
C GLN I 23 43.71 56.79 -30.16
N ARG I 24 43.46 57.28 -28.95
CA ARG I 24 43.71 56.55 -27.72
C ARG I 24 43.16 57.34 -26.54
N LEU I 25 42.99 56.68 -25.39
CA LEU I 25 42.39 57.34 -24.23
C LEU I 25 43.29 57.98 -23.17
N LEU I 26 42.88 59.17 -22.74
CA LEU I 26 43.59 59.93 -21.72
C LEU I 26 42.70 60.19 -20.52
N TYR I 27 43.33 60.45 -19.38
CA TYR I 27 42.65 60.77 -18.13
C TYR I 27 43.32 62.09 -17.73
N SER I 28 42.67 62.93 -16.91
CA SER I 28 43.28 64.21 -16.56
C SER I 28 42.85 64.82 -15.24
N CYS I 29 42.97 66.13 -15.17
CA CYS I 29 42.62 66.91 -13.99
C CYS I 29 42.21 68.28 -14.46
N ARG I 30 41.24 68.87 -13.75
CA ARG I 30 40.74 70.20 -14.08
C ARG I 30 41.01 71.20 -12.97
N ASN I 31 42.10 70.98 -12.25
CA ASN I 31 42.55 71.84 -11.14
C ASN I 31 43.97 72.32 -11.49
N CYS I 32 44.72 71.45 -12.16
CA CYS I 32 46.08 71.73 -12.56
C CYS I 32 46.28 71.49 -14.07
N ASP I 33 46.94 70.38 -14.42
CA ASP I 33 47.19 70.06 -15.81
C ASP I 33 47.55 68.59 -16.02
N TYR I 34 48.02 67.93 -14.95
CA TYR I 34 48.40 66.52 -15.01
C TYR I 34 47.55 65.73 -16.01
N THR I 35 48.17 64.74 -16.65
CA THR I 35 47.47 63.91 -17.62
C THR I 35 48.17 62.56 -17.82
N GLU I 36 47.41 61.48 -17.71
CA GLU I 36 47.97 60.15 -17.87
C GLU I 36 47.14 59.32 -18.85
N LEU I 37 47.80 58.43 -19.58
CA LEU I 37 47.14 57.57 -20.57
C LEU I 37 46.12 56.68 -19.86
N ALA I 38 45.34 55.95 -20.65
CA ALA I 38 44.33 55.06 -20.11
C ALA I 38 44.92 53.78 -19.54
N GLU I 39 44.46 53.40 -18.34
CA GLU I 39 44.93 52.17 -17.73
C GLU I 39 44.27 50.98 -18.39
N ASP I 40 42.98 51.13 -18.70
CA ASP I 40 42.19 50.09 -19.37
C ASP I 40 41.16 50.75 -20.27
N PRO I 41 40.69 50.03 -21.29
CA PRO I 41 39.69 50.58 -22.20
C PRO I 41 38.32 50.68 -21.53
N LYS I 42 38.20 50.07 -20.34
CA LYS I 42 36.95 50.09 -19.55
C LYS I 42 36.83 51.43 -18.86
N VAL I 43 35.67 52.06 -18.95
CA VAL I 43 35.49 53.36 -18.31
C VAL I 43 34.44 53.39 -17.22
N TYR I 44 33.27 52.83 -17.52
CA TYR I 44 32.16 52.84 -16.58
C TYR I 44 31.36 51.55 -16.61
N ARG I 45 30.88 51.15 -15.44
CA ARG I 45 30.08 49.95 -15.35
C ARG I 45 28.90 50.25 -14.46
N HIS I 46 27.78 49.57 -14.73
CA HIS I 46 26.55 49.76 -13.98
C HIS I 46 26.25 48.58 -13.05
N GLU I 47 26.23 47.38 -13.63
CA GLU I 47 25.97 46.14 -12.91
C GLU I 47 24.63 46.14 -12.17
N LEU I 48 23.64 45.49 -12.78
CA LEU I 48 22.29 45.42 -12.23
C LEU I 48 22.01 44.15 -11.43
N ASN I 51 26.16 41.03 -7.46
CA ASN I 51 26.68 39.73 -7.03
C ASN I 51 27.94 39.94 -6.18
N ILE I 52 28.28 41.22 -5.97
CA ILE I 52 29.45 41.61 -5.17
C ILE I 52 29.03 42.19 -3.82
N GLY I 53 29.44 41.51 -2.75
CA GLY I 53 29.11 41.93 -1.40
C GLY I 53 28.44 40.81 -0.62
N GLU I 54 28.44 39.60 -1.17
CA GLU I 54 27.84 38.43 -0.53
C GLU I 54 28.80 37.89 0.52
N THR I 55 30.09 38.09 0.25
CA THR I 55 31.16 37.63 1.13
C THR I 55 31.36 38.55 2.32
N ALA I 56 30.63 39.67 2.30
CA ALA I 56 30.68 40.71 3.35
C ALA I 56 31.70 40.49 4.46
N GLY I 57 32.57 41.49 4.65
CA GLY I 57 33.61 41.46 5.66
C GLY I 57 33.65 40.21 6.51
N ILE I 58 34.60 39.33 6.22
CA ILE I 58 34.73 38.08 6.97
C ILE I 58 36.07 37.99 7.69
N VAL I 59 36.24 38.81 8.73
CA VAL I 59 37.49 38.79 9.48
C VAL I 59 37.63 37.38 10.04
N ASP I 60 38.86 36.94 10.25
CA ASP I 60 39.12 35.60 10.79
C ASP I 60 38.27 35.39 12.04
N ASP I 61 38.00 36.50 12.73
CA ASP I 61 37.21 36.48 13.95
C ASP I 61 35.77 36.03 13.71
N ILE I 62 35.41 35.79 12.45
CA ILE I 62 34.06 35.36 12.11
C ILE I 62 33.77 33.97 12.65
N GLY I 63 34.69 33.45 13.45
CA GLY I 63 34.53 32.14 14.04
C GLY I 63 34.35 32.34 15.53
N GLN I 64 34.21 33.62 15.90
CA GLN I 64 34.02 34.02 17.29
C GLN I 64 32.65 34.69 17.52
N ASP I 65 31.87 34.81 16.44
CA ASP I 65 30.51 35.39 16.51
C ASP I 65 29.60 34.20 16.78
N PRO I 66 29.40 33.87 18.06
CA PRO I 66 28.60 32.77 18.60
C PRO I 66 27.18 32.63 18.06
N THR I 67 26.66 33.72 17.51
CA THR I 67 25.31 33.77 16.97
C THR I 67 25.20 33.12 15.59
N LEU I 68 26.29 32.48 15.15
CA LEU I 68 26.31 31.84 13.85
C LEU I 68 26.24 30.32 13.98
N PRO I 69 25.57 29.67 13.02
CA PRO I 69 25.36 28.22 12.95
C PRO I 69 26.60 27.36 12.69
N ARG I 70 26.52 26.09 13.08
CA ARG I 70 27.63 25.15 12.90
C ARG I 70 27.27 23.97 12.01
N SER I 71 28.04 23.77 10.94
CA SER I 71 27.83 22.65 10.03
C SER I 71 29.10 21.81 10.01
N ASP I 72 28.93 20.48 9.99
CA ASP I 72 30.07 19.56 10.01
C ASP I 72 30.41 18.97 8.65
N LYS I 73 30.71 19.82 7.66
CA LYS I 73 31.08 19.35 6.33
C LYS I 73 32.59 19.23 6.26
N GLU I 74 33.15 19.66 5.13
CA GLU I 74 34.60 19.65 4.93
C GLU I 74 34.98 20.41 3.67
N CYS I 75 35.57 21.57 3.88
CA CYS I 75 36.01 22.45 2.80
C CYS I 75 36.58 21.69 1.62
N PRO I 76 36.62 22.35 0.45
CA PRO I 76 37.16 21.74 -0.78
C PRO I 76 38.70 21.69 -0.80
N GLU I 77 39.33 22.04 0.32
CA GLU I 77 40.80 22.05 0.37
C GLU I 77 41.45 21.44 1.62
N CYS I 78 41.22 22.02 2.79
CA CYS I 78 41.83 21.51 4.02
C CYS I 78 41.14 20.30 4.64
N HIS I 79 39.94 19.99 4.16
CA HIS I 79 39.18 18.85 4.68
C HIS I 79 39.04 18.89 6.20
N SER I 80 38.38 19.93 6.72
CA SER I 80 38.14 20.09 8.16
C SER I 80 36.68 19.73 8.42
N ARG I 81 36.17 20.05 9.61
CA ARG I 81 34.77 19.74 9.94
C ARG I 81 34.15 20.74 10.90
N ASP I 82 34.60 21.99 10.82
CA ASP I 82 34.10 23.05 11.67
C ASP I 82 33.89 24.29 10.82
N CYS I 83 32.68 24.41 10.28
CA CYS I 83 32.33 25.53 9.42
C CYS I 83 31.13 26.32 9.93
N VAL I 84 31.10 27.60 9.57
CA VAL I 84 30.02 28.50 9.95
C VAL I 84 29.42 29.03 8.64
N PHE I 85 28.18 29.51 8.67
CA PHE I 85 27.56 29.97 7.43
C PHE I 85 26.50 31.04 7.54
N PHE I 86 25.84 31.31 6.42
CA PHE I 86 24.79 32.32 6.32
C PHE I 86 24.25 32.44 4.89
N GLN I 87 23.56 33.55 4.61
CA GLN I 87 23.02 33.78 3.27
C GLN I 87 23.64 35.09 2.80
N SER I 88 23.44 35.43 1.54
CA SER I 88 24.00 36.67 1.03
C SER I 88 23.60 37.82 1.96
N GLN I 89 24.49 38.80 2.09
CA GLN I 89 24.24 39.98 2.93
C GLN I 89 23.62 41.03 2.04
N GLN I 90 23.46 40.70 0.76
CA GLN I 90 22.84 41.60 -0.21
C GLN I 90 21.36 41.60 0.14
N ARG I 91 20.92 42.61 0.92
CA ARG I 91 19.52 42.72 1.33
C ARG I 91 18.58 43.02 0.16
N ARG I 92 18.33 42.00 -0.67
CA ARG I 92 17.46 42.13 -1.83
C ARG I 92 16.35 41.09 -1.76
N LYS I 93 15.10 41.57 -1.65
CA LYS I 93 13.93 40.71 -1.57
C LYS I 93 13.88 39.64 -2.66
N ASP I 94 14.72 39.78 -3.68
CA ASP I 94 14.77 38.86 -4.81
C ASP I 94 16.02 37.98 -4.86
N THR I 95 16.87 38.10 -3.85
CA THR I 95 18.09 37.31 -3.77
C THR I 95 17.76 35.82 -3.69
N ASN I 96 18.78 34.99 -3.50
CA ASN I 96 18.58 33.54 -3.38
C ASN I 96 19.08 33.07 -2.02
N MET I 97 18.92 31.79 -1.71
CA MET I 97 19.33 31.27 -0.41
C MET I 97 20.34 30.14 -0.42
N THR I 98 21.57 30.46 -0.82
CA THR I 98 22.65 29.48 -0.85
C THR I 98 23.56 29.75 0.35
N LEU I 99 24.19 28.72 0.88
CA LEU I 99 25.05 28.93 2.04
C LEU I 99 26.54 29.08 1.74
N PHE I 100 27.13 30.11 2.33
CA PHE I 100 28.55 30.39 2.19
C PHE I 100 29.18 29.87 3.48
N TYR I 101 30.27 29.11 3.37
CA TYR I 101 30.93 28.57 4.55
C TYR I 101 32.35 29.07 4.77
N VAL I 102 32.70 29.27 6.04
CA VAL I 102 34.03 29.69 6.43
C VAL I 102 34.52 28.53 7.31
N CYS I 103 35.81 28.24 7.27
CA CYS I 103 36.37 27.14 8.06
C CYS I 103 37.32 27.61 9.16
N LEU I 104 37.13 27.09 10.37
CA LEU I 104 37.99 27.45 11.51
C LEU I 104 39.44 27.03 11.24
N ASN I 105 39.67 26.40 10.09
CA ASN I 105 41.00 25.94 9.70
C ASN I 105 41.46 26.39 8.30
N CYS I 106 41.27 27.67 7.99
CA CYS I 106 41.72 28.22 6.71
C CYS I 106 41.20 29.63 6.42
N LYS I 107 39.89 29.78 6.26
CA LYS I 107 39.22 31.05 5.94
C LYS I 107 38.85 31.06 4.47
N LYS I 108 38.34 29.93 4.00
CA LYS I 108 37.92 29.73 2.61
C LYS I 108 36.49 30.29 2.45
N THR I 109 35.91 30.11 1.27
CA THR I 109 34.57 30.61 0.99
C THR I 109 33.77 29.61 0.13
N PHE I 110 33.59 28.38 0.60
CA PHE I 110 32.86 27.39 -0.19
C PHE I 110 31.35 27.41 0.01
N ARG I 111 30.63 27.27 -1.10
CA ARG I 111 29.17 27.28 -1.12
C ARG I 111 28.51 25.91 -1.02
N ASP I 112 27.19 25.90 -1.24
CA ASP I 112 26.39 24.69 -1.19
C ASP I 112 25.66 24.60 -2.53
N GLU I 113 25.80 25.66 -3.32
CA GLU I 113 25.20 25.79 -4.64
C GLU I 113 25.46 24.57 -5.54
N SER I 114 24.70 24.48 -6.63
CA SER I 114 24.85 23.36 -7.59
C SER I 114 24.24 23.62 -8.96
N GLU I 115 24.33 24.85 -9.44
CA GLU I 115 23.86 25.25 -10.76
C GLU I 115 24.86 26.26 -11.33
N MET J 1 -6.22 38.03 59.10
CA MET J 1 -7.55 38.69 59.26
C MET J 1 -8.49 37.73 59.99
N ILE J 2 -7.97 37.09 61.04
CA ILE J 2 -8.71 36.13 61.87
C ILE J 2 -9.19 34.88 61.16
N ILE J 3 -9.58 33.89 61.95
CA ILE J 3 -10.08 32.62 61.42
C ILE J 3 -11.59 32.67 61.19
N PRO J 4 -12.03 32.06 60.11
CA PRO J 4 -13.45 32.01 59.73
C PRO J 4 -14.26 30.95 60.47
N VAL J 5 -15.18 31.39 61.33
CA VAL J 5 -16.07 30.50 62.06
C VAL J 5 -16.91 29.76 61.03
N ARG J 6 -16.98 28.44 61.15
CA ARG J 6 -17.74 27.63 60.22
C ARG J 6 -17.27 27.82 58.75
N CYS J 7 -17.21 26.71 58.03
CA CYS J 7 -16.78 26.70 56.65
C CYS J 7 -17.88 27.25 55.72
N PHE J 8 -17.50 28.11 54.78
CA PHE J 8 -18.48 28.69 53.86
C PHE J 8 -19.30 27.58 53.24
N SER J 9 -18.61 26.78 52.42
CA SER J 9 -19.16 25.66 51.67
C SER J 9 -20.21 24.75 52.32
N CYS J 10 -19.81 24.01 53.38
CA CYS J 10 -20.73 23.08 54.04
C CYS J 10 -21.32 23.59 55.36
N GLY J 11 -20.56 24.35 56.13
CA GLY J 11 -21.10 24.86 57.37
C GLY J 11 -20.43 24.46 58.66
N LYS J 12 -19.73 23.33 58.66
CA LYS J 12 -19.05 22.85 59.87
C LYS J 12 -18.19 23.91 60.55
N VAL J 13 -18.33 24.03 61.87
CA VAL J 13 -17.58 25.00 62.68
C VAL J 13 -16.09 24.86 62.40
N VAL J 14 -15.28 25.90 62.66
CA VAL J 14 -13.86 25.75 62.41
C VAL J 14 -13.07 26.84 63.11
N GLY J 15 -13.70 27.51 64.07
CA GLY J 15 -13.03 28.60 64.76
C GLY J 15 -11.97 28.17 65.74
N ASP J 16 -12.35 27.15 66.50
CA ASP J 16 -11.52 26.52 67.51
C ASP J 16 -10.31 25.84 66.89
N LYS J 17 -10.58 25.09 65.84
CA LYS J 17 -9.54 24.38 65.15
C LYS J 17 -8.34 25.23 64.74
N TRP J 18 -8.39 26.57 64.82
CA TRP J 18 -7.20 27.27 64.36
C TRP J 18 -5.98 26.97 65.19
N ASP J 19 -6.02 27.32 66.47
CA ASP J 19 -4.86 27.08 67.31
C ASP J 19 -4.40 25.60 67.30
N ALA J 20 -5.33 24.67 67.31
CA ALA J 20 -4.98 23.25 67.28
C ALA J 20 -4.05 22.97 66.11
N TYR J 21 -4.44 23.44 64.93
CA TYR J 21 -3.68 23.29 63.70
C TYR J 21 -2.31 23.97 63.77
N LEU J 22 -2.31 25.30 63.85
CA LEU J 22 -1.07 26.07 63.91
C LEU J 22 -0.10 25.53 64.97
N ARG J 23 -0.61 24.63 65.81
CA ARG J 23 0.16 24.00 66.88
C ARG J 23 0.73 22.65 66.40
N LEU J 24 -0.15 21.75 65.93
CA LEU J 24 0.27 20.44 65.43
C LEU J 24 1.35 20.58 64.38
N LEU J 25 1.72 21.82 64.07
CA LEU J 25 2.76 22.09 63.10
C LEU J 25 4.02 22.41 63.85
N GLU J 26 4.05 23.60 64.43
CA GLU J 26 5.20 24.06 65.19
C GLU J 26 5.87 22.94 66.00
N GLU J 27 5.08 22.26 66.83
CA GLU J 27 5.60 21.17 67.69
C GLU J 27 5.58 19.73 67.16
N GLY J 28 4.42 19.07 67.22
CA GLY J 28 4.28 17.69 66.77
C GLY J 28 4.87 17.45 65.39
N LYS J 29 5.32 18.54 64.77
CA LYS J 29 5.92 18.52 63.45
C LYS J 29 5.24 17.56 62.51
N GLN J 30 4.02 17.93 62.09
CA GLN J 30 3.24 17.13 61.16
C GLN J 30 2.91 18.05 59.98
N ASP J 33 -2.04 16.15 56.77
CA ASP J 33 -2.25 15.28 57.93
C ASP J 33 -2.85 16.00 59.12
N ALA J 34 -2.29 17.15 59.48
CA ALA J 34 -2.80 17.91 60.61
C ALA J 34 -4.32 17.99 60.49
N LEU J 35 -4.78 18.56 59.39
CA LEU J 35 -6.19 18.73 59.10
C LEU J 35 -6.95 17.43 59.35
N ASP J 36 -6.54 16.37 58.66
CA ASP J 36 -7.20 15.07 58.81
C ASP J 36 -7.51 14.67 60.26
N GLU J 37 -6.55 14.89 61.17
CA GLU J 37 -6.79 14.52 62.56
C GLU J 37 -7.68 15.55 63.24
N LEU J 38 -7.56 16.82 62.81
CA LEU J 38 -8.38 17.91 63.35
C LEU J 38 -9.84 17.65 62.96
N LYS J 39 -10.05 16.62 62.14
CA LYS J 39 -11.38 16.24 61.69
C LYS J 39 -11.91 17.00 60.49
N LEU J 40 -11.01 17.53 59.65
CA LEU J 40 -11.43 18.28 58.46
C LEU J 40 -11.36 17.41 57.22
N LYS J 41 -12.43 16.65 56.98
CA LYS J 41 -12.53 15.70 55.86
C LYS J 41 -12.56 16.31 54.45
N ARG J 42 -13.75 16.46 53.87
CA ARG J 42 -13.92 17.00 52.52
C ARG J 42 -13.33 18.41 52.29
N TYR J 43 -12.60 18.54 51.19
CA TYR J 43 -11.93 19.77 50.82
C TYR J 43 -12.62 21.11 51.06
N CYS J 44 -13.95 21.13 51.09
CA CYS J 44 -14.66 22.38 51.29
C CYS J 44 -14.21 23.05 52.57
N CYS J 45 -14.22 22.31 53.66
CA CYS J 45 -13.76 22.85 54.92
C CYS J 45 -12.24 22.80 54.93
N ARG J 46 -11.68 21.77 54.30
CA ARG J 46 -10.22 21.63 54.22
C ARG J 46 -9.58 22.94 53.77
N ARG J 47 -9.94 23.38 52.57
CA ARG J 47 -9.43 24.61 51.99
C ARG J 47 -9.58 25.78 52.94
N MET J 48 -10.62 25.73 53.76
CA MET J 48 -10.90 26.80 54.70
C MET J 48 -9.66 27.11 55.54
N VAL J 49 -9.21 26.11 56.30
CA VAL J 49 -8.04 26.23 57.18
C VAL J 49 -6.70 26.33 56.47
N LEU J 50 -6.46 25.36 55.60
CA LEU J 50 -5.23 25.27 54.82
C LEU J 50 -4.94 26.50 53.98
N THR J 51 -5.90 27.43 53.87
CA THR J 51 -5.70 28.63 53.06
C THR J 51 -5.79 29.93 53.82
N HIS J 52 -6.14 29.88 55.10
CA HIS J 52 -6.23 31.11 55.87
C HIS J 52 -4.87 31.76 56.08
N VAL J 53 -4.81 33.06 55.84
CA VAL J 53 -3.60 33.85 56.07
C VAL J 53 -4.01 34.86 57.14
N ASP J 54 -3.66 34.50 58.37
CA ASP J 54 -3.95 35.26 59.58
C ASP J 54 -3.24 36.61 59.66
N LEU J 55 -3.87 37.63 59.08
CA LEU J 55 -3.35 39.01 59.04
C LEU J 55 -3.45 39.64 60.42
N ILE J 56 -4.56 39.37 61.09
CA ILE J 56 -4.80 39.94 62.41
C ILE J 56 -3.53 40.05 63.21
N GLU J 57 -2.64 39.08 63.03
CA GLU J 57 -1.38 39.09 63.74
C GLU J 57 -0.62 40.36 63.44
N LYS J 58 -0.45 40.66 62.16
CA LYS J 58 0.29 41.85 61.78
C LYS J 58 -0.45 43.11 62.17
N PHE J 59 -1.78 43.10 62.04
CA PHE J 59 -2.60 44.26 62.42
C PHE J 59 -2.33 44.60 63.89
N LEU J 60 -2.28 43.53 64.69
CA LEU J 60 -2.03 43.58 66.14
C LEU J 60 -0.70 44.16 66.49
N ARG J 61 0.19 44.18 65.51
CA ARG J 61 1.51 44.70 65.77
C ARG J 61 1.48 46.23 65.78
N TYR J 62 0.32 46.81 65.50
CA TYR J 62 0.17 48.27 65.50
C TYR J 62 -0.09 48.80 66.91
N ASN J 63 0.27 50.06 67.18
CA ASN J 63 0.17 50.63 68.53
C ASN J 63 -1.18 50.88 69.26
N PRO J 64 -1.76 52.11 69.18
CA PRO J 64 -3.03 52.33 69.91
C PRO J 64 -4.28 51.70 69.28
N MET K 1 -30.02 46.44 48.95
CA MET K 1 -30.59 47.59 48.20
C MET K 1 -31.99 47.38 47.59
N ASN K 2 -32.12 46.31 46.81
CA ASN K 2 -33.40 46.00 46.16
C ASN K 2 -33.94 44.61 46.52
N ALA K 3 -33.13 43.84 47.22
CA ALA K 3 -33.49 42.49 47.65
C ALA K 3 -34.44 42.54 48.83
N PRO K 4 -35.43 41.65 48.84
CA PRO K 4 -36.43 41.58 49.90
C PRO K 4 -35.84 41.25 51.26
N ASP K 5 -36.69 41.21 52.27
CA ASP K 5 -36.24 40.85 53.60
C ASP K 5 -36.32 39.36 53.59
N ARG K 6 -35.25 38.73 54.04
CA ARG K 6 -35.18 37.27 54.08
C ARG K 6 -36.48 36.57 54.49
N PHE K 7 -37.08 37.00 55.59
CA PHE K 7 -38.30 36.37 56.09
C PHE K 7 -39.51 36.33 55.16
N GLU K 8 -39.28 36.54 53.88
CA GLU K 8 -40.38 36.51 52.94
C GLU K 8 -40.44 35.17 52.25
N LEU K 9 -39.57 34.26 52.69
CA LEU K 9 -39.51 32.94 52.08
C LEU K 9 -40.39 31.93 52.79
N PHE K 10 -41.01 32.33 53.90
CA PHE K 10 -41.87 31.45 54.68
C PHE K 10 -43.11 32.08 55.34
N ILE K 11 -43.04 33.37 55.66
CA ILE K 11 -44.14 34.10 56.29
C ILE K 11 -45.16 34.62 55.28
N LEU K 12 -46.44 34.33 55.52
CA LEU K 12 -47.45 34.83 54.61
C LEU K 12 -47.58 36.30 54.91
N PRO K 13 -47.72 37.09 53.85
CA PRO K 13 -47.86 38.53 54.00
C PRO K 13 -49.30 38.96 54.02
N ASP K 14 -49.55 40.11 54.64
CA ASP K 14 -50.88 40.71 54.75
C ASP K 14 -51.98 40.02 53.94
N ASP K 15 -52.89 39.35 54.65
CA ASP K 15 -53.99 38.66 53.98
C ASP K 15 -53.52 37.87 52.77
N VAL K 16 -53.20 36.60 53.01
CA VAL K 16 -52.75 35.67 51.97
C VAL K 16 -52.87 34.26 52.48
N PRO K 17 -53.58 33.41 51.73
CA PRO K 17 -53.74 32.02 52.16
C PRO K 17 -52.66 31.13 51.59
N LYS K 18 -52.22 30.17 52.39
CA LYS K 18 -51.22 29.22 51.95
C LYS K 18 -51.74 28.73 50.64
N LEU K 19 -53.01 28.33 50.67
CA LEU K 19 -53.67 27.79 49.50
C LEU K 19 -54.72 28.66 48.86
N LYS K 20 -54.73 28.59 47.53
CA LYS K 20 -55.70 29.30 46.73
C LYS K 20 -55.94 28.22 45.69
N ILE K 21 -57.18 27.80 45.55
CA ILE K 21 -57.53 26.78 44.59
C ILE K 21 -58.39 27.36 43.49
N THR K 22 -57.98 27.11 42.26
CA THR K 22 -58.71 27.60 41.10
C THR K 22 -59.07 26.45 40.15
N PRO K 23 -60.30 26.48 39.62
CA PRO K 23 -60.75 25.43 38.71
C PRO K 23 -60.06 25.62 37.37
N ASP K 24 -59.77 24.53 36.66
CA ASP K 24 -59.13 24.66 35.35
C ASP K 24 -60.16 24.40 34.25
N SER K 25 -60.24 25.33 33.31
CA SER K 25 -61.18 25.27 32.19
C SER K 25 -60.64 24.44 31.01
N ARG K 26 -59.32 24.42 30.87
CA ARG K 26 -58.62 23.69 29.80
C ARG K 26 -59.17 22.28 29.60
N VAL K 27 -59.36 21.56 30.70
CA VAL K 27 -59.87 20.19 30.67
C VAL K 27 -60.80 19.98 31.87
N PRO K 28 -61.74 19.01 31.76
CA PRO K 28 -62.70 18.70 32.84
C PRO K 28 -62.11 18.07 34.12
N ASN K 29 -62.75 18.39 35.24
CA ASN K 29 -62.33 17.88 36.54
C ASN K 29 -60.83 18.11 36.69
N CYS K 30 -60.46 19.37 36.90
CA CYS K 30 -59.06 19.75 37.06
C CYS K 30 -58.97 21.00 37.90
N ILE K 31 -57.85 21.16 38.59
CA ILE K 31 -57.64 22.33 39.43
C ILE K 31 -56.17 22.73 39.55
N ILE K 32 -55.94 23.99 39.86
CA ILE K 32 -54.60 24.54 40.03
C ILE K 32 -54.50 25.18 41.40
N ILE K 33 -53.65 24.61 42.25
CA ILE K 33 -53.48 25.10 43.61
C ILE K 33 -52.21 25.92 43.84
N LYS K 34 -52.41 27.18 44.20
CA LYS K 34 -51.32 28.10 44.46
C LYS K 34 -50.87 27.93 45.91
N PHE K 35 -49.65 27.46 46.12
CA PHE K 35 -49.12 27.32 47.47
C PHE K 35 -48.24 28.55 47.71
N GLU K 36 -48.50 29.29 48.79
CA GLU K 36 -47.69 30.46 49.12
C GLU K 36 -46.61 30.17 50.16
N ARG K 37 -45.46 30.82 50.00
CA ARG K 37 -44.33 30.60 50.90
C ARG K 37 -44.09 29.11 51.05
N GLU K 38 -43.55 28.52 49.98
CA GLU K 38 -43.21 27.10 49.92
C GLU K 38 -42.23 26.83 48.78
N ASP K 39 -41.80 25.57 48.65
CA ASP K 39 -40.87 25.20 47.59
C ASP K 39 -40.94 23.73 47.26
N HIS K 40 -39.90 23.24 46.57
CA HIS K 40 -39.78 21.84 46.17
C HIS K 40 -39.84 20.92 47.39
N THR K 41 -39.19 21.36 48.46
CA THR K 41 -39.18 20.64 49.71
C THR K 41 -40.61 20.09 49.87
N LEU K 42 -41.61 20.96 49.84
CA LEU K 42 -43.00 20.50 50.00
C LEU K 42 -43.74 20.20 48.69
N ALA K 43 -43.45 20.98 47.65
CA ALA K 43 -44.12 20.74 46.39
C ALA K 43 -43.93 19.30 45.97
N ASN K 44 -42.83 19.04 45.25
CA ASN K 44 -42.47 17.70 44.75
C ASN K 44 -42.91 16.54 45.63
N LEU K 45 -42.97 16.74 46.95
CA LEU K 45 -43.40 15.69 47.89
C LEU K 45 -44.90 15.41 47.71
N LEU K 46 -45.68 16.47 47.56
CA LEU K 46 -47.12 16.37 47.32
C LEU K 46 -47.35 15.84 45.90
N ARG K 47 -46.61 16.38 44.93
CA ARG K 47 -46.72 15.95 43.54
C ARG K 47 -46.55 14.45 43.53
N GLU K 48 -45.45 13.98 44.09
CA GLU K 48 -45.14 12.57 44.16
C GLU K 48 -46.30 11.69 44.65
N GLU K 49 -46.64 11.79 45.93
CA GLU K 49 -47.68 10.95 46.52
C GLU K 49 -49.04 10.95 45.85
N LEU K 50 -49.16 11.66 44.73
CA LEU K 50 -50.43 11.72 44.00
C LEU K 50 -50.44 10.76 42.82
N ALA K 51 -49.25 10.46 42.30
CA ALA K 51 -49.13 9.51 41.19
C ALA K 51 -49.17 8.14 41.86
N LEU K 52 -49.51 8.18 43.15
CA LEU K 52 -49.64 6.99 43.98
C LEU K 52 -51.10 6.59 44.06
N TYR K 53 -51.99 7.58 44.12
CA TYR K 53 -53.42 7.31 44.14
C TYR K 53 -53.73 7.09 42.66
N PRO K 54 -53.66 5.84 42.20
CA PRO K 54 -53.92 5.55 40.79
C PRO K 54 -55.30 6.04 40.40
N ASP K 55 -55.91 6.84 41.28
CA ASP K 55 -57.23 7.44 41.07
C ASP K 55 -57.04 8.88 40.59
N VAL K 56 -55.78 9.33 40.59
CA VAL K 56 -55.43 10.67 40.15
C VAL K 56 -54.99 10.55 38.70
N THR K 57 -55.66 11.29 37.83
CA THR K 57 -55.39 11.27 36.39
C THR K 57 -54.26 12.18 35.95
N PHE K 58 -53.86 13.10 36.81
CA PHE K 58 -52.78 13.99 36.46
C PHE K 58 -52.23 14.73 37.66
N VAL K 59 -50.93 15.01 37.63
CA VAL K 59 -50.32 15.72 38.74
C VAL K 59 -48.90 16.19 38.48
N ALA K 60 -48.77 17.49 38.25
CA ALA K 60 -47.46 18.09 38.03
C ALA K 60 -47.47 19.35 38.88
N TYR K 61 -46.31 19.91 39.13
CA TYR K 61 -46.25 21.14 39.92
C TYR K 61 -45.07 22.00 39.42
N LYS K 62 -45.02 23.27 39.79
CA LYS K 62 -43.94 24.10 39.29
C LYS K 62 -43.69 25.38 40.08
N VAL K 63 -42.47 25.92 39.96
CA VAL K 63 -42.10 27.18 40.59
C VAL K 63 -42.02 28.22 39.48
N GLU K 64 -43.06 29.04 39.40
CA GLU K 64 -43.18 30.11 38.41
C GLU K 64 -41.83 30.81 38.13
N HIS K 65 -41.21 31.30 39.20
CA HIS K 65 -39.93 32.00 39.15
C HIS K 65 -39.24 31.95 40.53
N PRO K 66 -37.93 31.68 40.56
CA PRO K 66 -37.16 31.58 41.82
C PRO K 66 -37.13 32.74 42.82
N LEU K 67 -37.36 33.98 42.37
CA LEU K 67 -37.35 35.14 43.29
C LEU K 67 -38.46 35.02 44.32
N PHE K 68 -39.57 34.46 43.86
CA PHE K 68 -40.74 34.30 44.72
C PHE K 68 -40.93 32.86 45.21
N ALA K 69 -41.01 32.70 46.53
CA ALA K 69 -41.23 31.37 47.07
C ALA K 69 -42.72 31.01 47.05
N ASN K 70 -43.17 30.45 45.94
CA ASN K 70 -44.57 30.05 45.78
C ASN K 70 -44.47 28.88 44.86
N PHE K 71 -45.60 28.36 44.41
CA PHE K 71 -45.58 27.27 43.46
C PHE K 71 -46.97 26.82 43.13
N VAL K 72 -47.17 26.38 41.90
CA VAL K 72 -48.47 25.94 41.46
C VAL K 72 -48.51 24.44 41.32
N MET K 73 -49.62 23.87 41.77
CA MET K 73 -49.89 22.44 41.70
C MET K 73 -51.20 22.18 40.96
N ARG K 74 -51.12 21.44 39.85
CA ARG K 74 -52.29 21.11 39.03
C ARG K 74 -52.68 19.63 39.17
N LEU K 75 -53.94 19.39 39.53
CA LEU K 75 -54.45 18.04 39.71
C LEU K 75 -55.76 17.75 38.98
N GLN K 76 -55.86 16.53 38.45
CA GLN K 76 -57.05 16.08 37.74
C GLN K 76 -57.29 14.61 38.07
N THR K 77 -58.53 14.28 38.45
CA THR K 77 -58.87 12.91 38.83
C THR K 77 -59.99 12.26 38.01
N GLU K 78 -60.26 11.00 38.33
CA GLU K 78 -61.27 10.19 37.67
C GLU K 78 -62.64 10.85 37.78
N GLU K 79 -63.68 10.18 37.28
CA GLU K 79 -65.03 10.73 37.34
C GLU K 79 -65.45 10.96 38.80
N GLY K 80 -66.49 11.78 38.99
CA GLY K 80 -67.03 12.08 40.30
C GLY K 80 -66.20 11.87 41.56
N THR K 81 -64.91 12.16 41.49
CA THR K 81 -63.99 12.02 42.61
C THR K 81 -63.32 13.38 42.67
N ARG K 82 -63.48 14.11 43.76
CA ARG K 82 -62.87 15.43 43.85
C ARG K 82 -61.39 15.35 44.16
N PRO K 83 -60.56 16.02 43.36
CA PRO K 83 -59.11 16.03 43.56
C PRO K 83 -58.69 16.55 44.93
N LYS K 84 -59.34 17.62 45.40
CA LYS K 84 -59.03 18.20 46.69
C LYS K 84 -58.90 17.07 47.70
N GLN K 85 -59.83 16.12 47.65
CA GLN K 85 -59.81 14.96 48.54
C GLN K 85 -58.50 14.20 48.29
N ALA K 86 -58.29 13.79 47.04
CA ALA K 86 -57.07 13.07 46.68
C ALA K 86 -55.84 13.83 47.20
N LEU K 87 -55.98 15.14 47.35
CA LEU K 87 -54.89 15.95 47.87
C LEU K 87 -54.78 15.68 49.36
N GLU K 88 -55.95 15.60 50.02
CA GLU K 88 -56.00 15.31 51.44
C GLU K 88 -55.33 13.95 51.66
N ARG K 89 -55.94 12.91 51.08
CA ARG K 89 -55.44 11.55 51.20
C ARG K 89 -53.95 11.48 50.93
N ALA K 90 -53.58 11.69 49.68
CA ALA K 90 -52.17 11.65 49.32
C ALA K 90 -51.32 12.49 50.29
N CYS K 91 -51.94 13.48 50.92
CA CYS K 91 -51.24 14.34 51.87
C CYS K 91 -51.08 13.63 53.22
N ALA K 92 -52.13 12.90 53.62
CA ALA K 92 -52.17 12.13 54.87
C ALA K 92 -51.21 10.94 54.81
N SER K 93 -51.25 10.22 53.68
CA SER K 93 -50.39 9.07 53.40
C SER K 93 -48.95 9.49 53.67
N ILE K 94 -48.68 10.77 53.38
CA ILE K 94 -47.37 11.38 53.57
C ILE K 94 -46.98 11.44 55.03
N ILE K 95 -47.87 11.98 55.86
CA ILE K 95 -47.58 12.09 57.28
C ILE K 95 -47.35 10.74 57.90
N ASN K 96 -48.21 9.77 57.58
CA ASN K 96 -48.07 8.44 58.14
C ASN K 96 -46.72 7.86 57.81
N LYS K 97 -46.38 7.90 56.52
CA LYS K 97 -45.10 7.40 56.07
C LYS K 97 -44.00 7.97 56.96
N LEU K 98 -44.11 9.26 57.27
CA LEU K 98 -43.13 9.95 58.11
C LEU K 98 -43.32 9.64 59.60
N LYS K 99 -44.56 9.41 60.00
CA LYS K 99 -44.85 9.10 61.38
C LYS K 99 -44.13 7.81 61.69
N THR K 100 -44.29 6.86 60.78
CA THR K 100 -43.64 5.58 60.93
C THR K 100 -42.13 5.84 61.01
N LEU K 101 -41.61 6.57 60.02
CA LEU K 101 -40.18 6.89 59.95
C LEU K 101 -39.64 7.41 61.28
N ASP K 102 -40.23 8.49 61.78
CA ASP K 102 -39.78 9.07 63.05
C ASP K 102 -39.58 7.94 64.06
N HIS K 103 -40.64 7.18 64.29
CA HIS K 103 -40.63 6.07 65.23
C HIS K 103 -39.51 5.05 64.95
N LYS K 104 -39.51 4.49 63.74
CA LYS K 104 -38.50 3.50 63.38
C LYS K 104 -37.08 4.02 63.54
N PHE K 105 -36.92 5.34 63.59
CA PHE K 105 -35.58 5.92 63.76
C PHE K 105 -35.24 6.14 65.23
N ASN K 106 -36.26 6.15 66.10
CA ASN K 106 -36.02 6.37 67.52
C ASN K 106 -35.69 5.10 68.30
N GLU K 107 -36.45 4.03 68.09
CA GLU K 107 -36.15 2.78 68.77
C GLU K 107 -34.77 2.40 68.27
N GLU K 108 -34.59 2.44 66.95
CA GLU K 108 -33.32 2.13 66.31
C GLU K 108 -32.14 2.83 66.98
N TRP K 109 -32.29 4.13 67.18
CA TRP K 109 -31.23 4.92 67.79
C TRP K 109 -30.85 4.41 69.16
N ASN K 110 -31.78 4.45 70.12
CA ASN K 110 -31.49 4.00 71.47
C ASN K 110 -30.54 2.81 71.55
N ILE K 111 -30.66 1.88 70.60
CA ILE K 111 -29.81 0.70 70.59
C ILE K 111 -28.36 1.01 70.18
N LYS K 112 -27.93 2.25 70.38
CA LYS K 112 -26.57 2.64 70.02
C LYS K 112 -25.69 2.99 71.22
N ASN K 113 -24.42 2.61 71.10
CA ASN K 113 -23.42 2.85 72.14
C ASN K 113 -22.14 3.44 71.51
N TYR L 27 -15.50 59.28 83.34
CA TYR L 27 -16.68 59.91 82.69
C TYR L 27 -16.26 61.07 81.76
N GLY L 28 -16.72 61.01 80.52
CA GLY L 28 -16.44 62.04 79.49
C GLY L 28 -15.05 62.02 78.83
N VAL L 29 -15.04 62.30 77.53
CA VAL L 29 -13.84 62.37 76.68
C VAL L 29 -14.17 63.14 75.39
N LYS L 30 -13.23 63.93 74.86
CA LYS L 30 -13.48 64.70 73.64
C LYS L 30 -12.61 64.23 72.46
N TYR L 31 -11.33 64.57 72.46
CA TYR L 31 -10.44 64.17 71.37
C TYR L 31 -9.31 63.30 71.93
N THR L 32 -8.68 62.49 71.07
CA THR L 32 -7.57 61.62 71.47
C THR L 32 -6.36 61.95 70.58
N CYS L 33 -5.18 61.43 70.91
CA CYS L 33 -3.97 61.67 70.12
C CYS L 33 -3.57 60.44 69.30
N GLY L 34 -3.07 60.66 68.08
CA GLY L 34 -2.69 59.54 67.20
C GLY L 34 -1.70 58.53 67.78
N ALA L 35 -0.96 58.91 68.81
CA ALA L 35 0.02 58.02 69.41
C ALA L 35 -0.20 57.77 70.90
N CYS L 36 0.08 58.79 71.70
CA CYS L 36 -0.10 58.73 73.15
C CYS L 36 -1.57 58.95 73.41
N ALA L 37 -2.35 57.92 73.12
CA ALA L 37 -3.80 57.96 73.29
C ALA L 37 -4.26 58.45 74.67
N HIS L 38 -4.17 59.76 74.88
CA HIS L 38 -4.58 60.37 76.14
C HIS L 38 -5.75 61.32 75.94
N ASN L 39 -6.89 60.96 76.52
CA ASN L 39 -8.10 61.78 76.42
C ASN L 39 -7.77 63.25 76.65
N PHE L 40 -8.12 64.09 75.69
CA PHE L 40 -7.85 65.51 75.79
C PHE L 40 -9.12 66.29 76.13
N SER L 41 -9.55 67.15 75.20
CA SER L 41 -10.75 68.00 75.30
C SER L 41 -10.42 69.48 75.11
N LEU L 42 -11.02 70.11 74.12
CA LEU L 42 -10.76 71.53 73.86
C LEU L 42 -11.94 72.23 73.24
N ASN L 43 -11.63 73.33 72.58
CA ASN L 43 -12.61 74.16 71.89
C ASN L 43 -11.79 75.25 71.21
N LYS L 44 -12.43 75.96 70.29
CA LYS L 44 -11.81 77.05 69.52
C LYS L 44 -10.62 77.76 70.19
N SER L 45 -9.66 78.13 69.35
CA SER L 45 -8.44 78.86 69.75
C SER L 45 -7.52 78.22 70.80
N ASP L 46 -8.00 77.22 71.53
CA ASP L 46 -7.18 76.56 72.56
C ASP L 46 -6.03 75.72 71.99
N PRO L 47 -5.64 76.03 70.76
CA PRO L 47 -4.57 75.32 70.06
C PRO L 47 -5.05 73.96 69.60
N VAL L 48 -4.29 73.33 68.73
CA VAL L 48 -4.66 72.01 68.24
C VAL L 48 -3.46 71.08 68.36
N ARG L 49 -2.97 70.92 69.59
CA ARG L 49 -1.84 70.03 69.88
C ARG L 49 -2.23 69.05 70.97
N CYS L 50 -1.27 68.58 71.75
CA CYS L 50 -1.58 67.63 72.82
C CYS L 50 -0.79 67.92 74.11
N LYS L 51 -1.25 67.35 75.23
CA LYS L 51 -0.61 67.55 76.54
C LYS L 51 0.80 66.95 76.55
N GLU L 52 1.59 67.29 75.54
CA GLU L 52 2.96 66.83 75.37
C GLU L 52 3.29 66.76 73.88
N CYS L 53 3.30 65.55 73.33
CA CYS L 53 3.60 65.34 71.91
C CYS L 53 3.08 66.47 71.05
N GLY L 54 3.98 67.15 70.34
CA GLY L 54 3.57 68.23 69.48
C GLY L 54 2.62 67.72 68.40
N HIS L 55 2.93 66.53 67.85
CA HIS L 55 2.14 65.89 66.80
C HIS L 55 0.66 66.26 66.86
N ARG L 56 0.30 67.25 66.06
CA ARG L 56 -1.05 67.83 66.00
C ARG L 56 -2.15 67.04 65.26
N VAL L 57 -2.29 65.75 65.55
CA VAL L 57 -3.33 64.96 64.90
C VAL L 57 -4.64 65.02 65.69
N ILE L 58 -5.00 63.92 66.36
CA ILE L 58 -6.21 63.82 67.19
C ILE L 58 -7.52 63.33 66.59
N TYR L 59 -7.99 62.22 67.12
CA TYR L 59 -9.25 61.61 66.70
C TYR L 59 -10.35 62.08 67.65
N LYS L 60 -11.61 61.94 67.23
CA LYS L 60 -12.71 62.42 68.05
C LYS L 60 -13.51 61.33 68.75
N ALA L 61 -12.82 60.51 69.55
CA ALA L 61 -13.40 59.39 70.32
C ALA L 61 -14.90 59.05 70.17
N ARG L 62 -15.18 57.75 70.15
CA ARG L 62 -16.51 57.16 69.99
C ARG L 62 -17.71 57.93 70.53
N THR L 63 -18.89 57.37 70.30
CA THR L 63 -20.12 58.00 70.75
C THR L 63 -20.62 57.39 72.03
N LYS L 64 -21.54 58.11 72.66
CA LYS L 64 -22.14 57.67 73.89
C LYS L 64 -23.35 56.80 73.49
N ARG L 65 -24.15 57.27 72.53
CA ARG L 65 -25.33 56.52 72.08
C ARG L 65 -24.96 55.19 71.42
N MET L 66 -25.25 54.09 72.10
CA MET L 66 -24.93 52.76 71.59
C MET L 66 -25.39 52.52 70.15
N SER L 67 -24.58 51.74 69.43
CA SER L 67 -24.85 51.35 68.05
C SER L 67 -25.36 49.92 68.07
N LYS L 68 -26.44 49.67 67.35
CA LYS L 68 -27.03 48.34 67.32
C LYS L 68 -26.78 47.62 65.99
N PHE L 69 -26.31 46.36 66.08
CA PHE L 69 -26.03 45.55 64.89
C PHE L 69 -26.86 44.29 64.70
N LEU L 70 -26.84 43.80 63.46
CA LEU L 70 -27.55 42.60 63.03
C LEU L 70 -26.52 41.49 62.80
N THR L 71 -26.89 40.26 63.11
CA THR L 71 -25.95 39.15 63.00
C THR L 71 -25.83 38.44 61.66
N THR L 72 -26.10 39.13 60.55
CA THR L 72 -25.99 38.50 59.22
C THR L 72 -24.93 39.18 58.38
N TYR M 6 30.95 -41.32 -57.73
CA TYR M 6 30.94 -39.87 -57.57
C TYR M 6 29.77 -39.17 -58.23
N SER M 7 29.21 -38.17 -57.55
CA SER M 7 28.09 -37.39 -58.08
C SER M 7 28.51 -35.94 -58.25
N SER M 8 28.43 -35.42 -59.47
CA SER M 8 28.84 -34.04 -59.72
C SER M 8 28.14 -33.01 -58.83
N ALA M 9 26.92 -33.31 -58.41
CA ALA M 9 26.14 -32.41 -57.58
C ALA M 9 26.84 -32.05 -56.27
N PRO M 10 26.82 -30.76 -55.89
CA PRO M 10 27.46 -30.27 -54.67
C PRO M 10 26.96 -30.98 -53.43
N LEU M 11 27.85 -31.24 -52.47
CA LEU M 11 27.48 -31.91 -51.23
C LEU M 11 27.14 -30.93 -50.12
N ARG M 12 26.01 -31.12 -49.46
CA ARG M 12 25.59 -30.24 -48.36
C ARG M 12 24.93 -31.00 -47.24
N SER M 13 24.75 -30.31 -46.12
CA SER M 13 24.13 -30.92 -44.95
C SER M 13 22.84 -30.18 -44.67
N VAL M 14 21.82 -30.89 -44.21
CA VAL M 14 20.55 -30.27 -43.92
C VAL M 14 20.69 -29.32 -42.75
N LYS M 15 20.32 -28.06 -42.97
CA LYS M 15 20.40 -27.04 -41.93
C LYS M 15 18.99 -26.64 -41.49
N GLU M 16 17.98 -27.23 -42.12
CA GLU M 16 16.59 -26.89 -41.81
C GLU M 16 15.61 -27.90 -42.40
N VAL M 17 14.52 -28.15 -41.68
CA VAL M 17 13.50 -29.07 -42.15
C VAL M 17 12.13 -28.39 -42.16
N GLN M 18 11.48 -28.41 -43.32
CA GLN M 18 10.16 -27.78 -43.47
C GLN M 18 9.03 -28.80 -43.64
N PHE M 19 8.07 -28.77 -42.71
CA PHE M 19 6.94 -29.68 -42.78
C PHE M 19 5.70 -29.06 -43.44
N GLY M 20 4.88 -29.90 -44.04
CA GLY M 20 3.67 -29.47 -44.71
C GLY M 20 2.86 -30.66 -45.23
N LEU M 21 1.85 -30.39 -46.05
CA LEU M 21 1.03 -31.45 -46.60
C LEU M 21 1.01 -31.37 -48.11
N LEU M 22 1.05 -32.53 -48.73
CA LEU M 22 1.03 -32.63 -50.18
C LEU M 22 -0.23 -32.03 -50.79
N SER M 23 -0.03 -31.11 -51.71
CA SER M 23 -1.13 -30.48 -52.43
C SER M 23 -1.35 -31.49 -53.54
N PRO M 24 -2.58 -31.95 -53.72
CA PRO M 24 -2.82 -32.93 -54.78
C PRO M 24 -2.11 -32.65 -56.08
N GLU M 25 -2.15 -31.41 -56.55
CA GLU M 25 -1.49 -31.07 -57.82
C GLU M 25 -0.01 -31.45 -57.84
N GLU M 26 0.64 -31.38 -56.67
CA GLU M 26 2.06 -31.71 -56.56
C GLU M 26 2.33 -33.20 -56.69
N ILE M 27 1.57 -34.00 -55.95
CA ILE M 27 1.71 -35.45 -56.02
C ILE M 27 1.59 -35.86 -57.47
N ARG M 28 0.61 -35.29 -58.16
CA ARG M 28 0.41 -35.57 -59.56
C ARG M 28 1.75 -35.23 -60.24
N ALA M 29 2.17 -33.97 -60.15
CA ALA M 29 3.44 -33.52 -60.75
C ALA M 29 4.56 -34.55 -60.64
N ILE M 30 4.90 -34.85 -59.39
CA ILE M 30 5.97 -35.78 -59.05
C ILE M 30 5.87 -37.22 -59.57
N SER M 31 4.64 -37.75 -59.62
CA SER M 31 4.43 -39.12 -60.07
C SER M 31 4.98 -39.48 -61.43
N VAL M 32 5.55 -40.69 -61.47
CA VAL M 32 6.15 -41.25 -62.68
C VAL M 32 5.35 -42.48 -63.12
N VAL M 33 4.26 -42.73 -62.40
CA VAL M 33 3.40 -43.86 -62.69
C VAL M 33 1.95 -43.44 -62.60
N LYS M 34 1.16 -43.82 -63.60
CA LYS M 34 -0.25 -43.49 -63.62
C LYS M 34 -0.95 -44.44 -62.66
N ILE M 35 -0.34 -45.59 -62.39
CA ILE M 35 -0.86 -46.63 -61.49
C ILE M 35 -2.38 -46.85 -61.50
N GLU M 36 -2.83 -47.61 -62.49
CA GLU M 36 -4.25 -47.92 -62.69
C GLU M 36 -4.60 -49.35 -62.30
N TYR M 37 -3.73 -50.29 -62.69
CA TYR M 37 -3.93 -51.69 -62.38
C TYR M 37 -3.60 -52.06 -60.94
N PRO M 38 -4.33 -53.05 -60.36
CA PRO M 38 -4.06 -53.46 -58.97
C PRO M 38 -3.13 -54.67 -58.77
N GLU M 39 -2.73 -55.33 -59.86
CA GLU M 39 -1.84 -56.48 -59.73
C GLU M 39 -0.40 -56.04 -59.64
N ILE M 40 0.49 -57.01 -59.72
CA ILE M 40 1.90 -56.73 -59.64
C ILE M 40 2.54 -56.65 -61.03
N MET M 41 2.73 -57.81 -61.65
CA MET M 41 3.38 -57.89 -62.95
C MET M 41 2.81 -58.89 -63.95
N ASP M 42 3.24 -60.13 -63.82
CA ASP M 42 2.82 -61.21 -64.71
C ASP M 42 2.03 -60.74 -65.94
N GLU M 43 2.74 -60.63 -67.05
CA GLU M 43 2.17 -60.24 -68.33
C GLU M 43 1.39 -61.50 -68.78
N SER M 44 0.48 -61.93 -67.90
CA SER M 44 -0.34 -63.14 -68.05
C SER M 44 0.56 -64.34 -67.70
N ARG M 45 1.10 -64.29 -66.48
CA ARG M 45 2.00 -65.33 -65.93
C ARG M 45 3.48 -64.99 -66.23
N GLN M 46 3.70 -64.35 -67.37
CA GLN M 46 5.05 -63.95 -67.77
C GLN M 46 5.57 -62.96 -66.74
N ARG M 47 6.73 -63.23 -66.15
CA ARG M 47 7.29 -62.33 -65.15
C ARG M 47 7.91 -61.08 -65.76
N PRO M 48 7.57 -59.94 -65.20
CA PRO M 48 8.06 -58.63 -65.63
C PRO M 48 7.48 -57.71 -64.58
N ARG M 49 6.73 -56.69 -65.00
CA ARG M 49 6.08 -55.74 -64.09
C ARG M 49 5.05 -54.94 -64.87
N GLU M 50 3.78 -55.38 -64.90
CA GLU M 50 2.78 -54.65 -65.70
C GLU M 50 2.87 -53.14 -65.50
N GLY M 51 2.69 -52.40 -66.59
CA GLY M 51 2.72 -50.96 -66.51
C GLY M 51 1.67 -50.50 -65.51
N GLY M 52 0.95 -51.44 -64.89
CA GLY M 52 -0.08 -51.12 -63.91
C GLY M 52 0.35 -50.74 -62.50
N LEU M 53 0.82 -51.70 -61.68
CA LEU M 53 1.30 -51.42 -60.31
C LEU M 53 2.81 -51.57 -60.23
N ASN M 54 3.36 -51.21 -59.08
CA ASN M 54 4.82 -51.18 -58.91
C ASN M 54 5.70 -51.48 -60.14
N ASP M 55 6.38 -50.39 -60.48
CA ASP M 55 7.27 -50.16 -61.59
C ASP M 55 6.59 -49.80 -62.86
N PRO M 56 5.44 -49.13 -62.77
CA PRO M 56 4.89 -48.80 -64.09
C PRO M 56 5.83 -47.66 -64.57
N LYS M 57 7.03 -47.70 -63.95
CA LYS M 57 8.18 -46.81 -64.10
C LYS M 57 8.87 -46.55 -62.72
N LEU M 58 8.27 -46.99 -61.60
CA LEU M 58 8.86 -46.75 -60.26
C LEU M 58 10.17 -47.47 -60.14
N GLY M 59 10.63 -47.65 -58.91
CA GLY M 59 11.89 -48.35 -58.69
C GLY M 59 11.83 -49.77 -59.27
N SER M 60 12.77 -50.65 -58.91
CA SER M 60 12.72 -52.03 -59.43
C SER M 60 13.34 -53.15 -58.57
N ILE M 61 13.13 -54.37 -59.04
CA ILE M 61 13.59 -55.60 -58.39
C ILE M 61 14.64 -56.31 -59.28
N ASP M 62 14.81 -57.61 -59.06
CA ASP M 62 15.69 -58.50 -59.84
C ASP M 62 17.12 -58.10 -60.28
N ARG M 63 17.74 -57.12 -59.65
CA ARG M 63 19.09 -56.74 -60.10
C ARG M 63 19.04 -56.29 -61.56
N ASN M 64 18.14 -55.35 -61.87
CA ASN M 64 18.02 -54.81 -63.22
C ASN M 64 18.08 -53.30 -63.28
N PHE M 65 19.25 -52.78 -63.67
CA PHE M 65 19.49 -51.34 -63.79
C PHE M 65 18.16 -50.65 -64.12
N LYS M 66 17.41 -51.25 -65.04
CA LYS M 66 16.11 -50.73 -65.48
C LYS M 66 15.42 -49.99 -64.33
N CYS M 67 14.89 -48.82 -64.63
CA CYS M 67 14.25 -47.99 -63.63
C CYS M 67 14.05 -46.62 -64.27
N GLN M 68 13.64 -46.61 -65.54
CA GLN M 68 13.47 -45.37 -66.27
C GLN M 68 14.86 -44.89 -66.67
N THR M 69 15.71 -45.83 -67.10
CA THR M 69 17.11 -45.59 -67.51
C THR M 69 17.98 -44.88 -66.44
N CYS M 70 17.34 -44.30 -65.43
CA CYS M 70 18.08 -43.65 -64.36
C CYS M 70 18.75 -44.79 -63.62
N GLY M 71 19.10 -45.80 -64.41
CA GLY M 71 19.80 -47.01 -64.02
C GLY M 71 20.02 -47.19 -62.51
N GLU M 72 21.29 -47.30 -62.14
CA GLU M 72 21.67 -47.44 -60.76
C GLU M 72 21.35 -48.79 -60.12
N GLY M 73 20.34 -49.47 -60.63
CA GLY M 73 20.01 -50.78 -60.08
C GLY M 73 20.03 -50.95 -58.57
N MET M 74 18.85 -51.23 -58.03
CA MET M 74 18.64 -51.45 -56.60
C MET M 74 19.41 -50.51 -55.69
N ALA M 75 20.71 -50.71 -55.56
CA ALA M 75 21.48 -49.83 -54.68
C ALA M 75 22.12 -48.63 -55.33
N GLU M 76 21.55 -47.47 -55.03
CA GLU M 76 21.94 -46.13 -55.50
C GLU M 76 20.68 -45.40 -55.91
N CYS M 77 19.67 -46.18 -56.28
CA CYS M 77 18.40 -45.63 -56.69
C CYS M 77 17.41 -45.55 -55.55
N PRO M 78 17.23 -44.37 -54.96
CA PRO M 78 16.26 -44.31 -53.88
C PRO M 78 14.93 -44.59 -54.57
N GLY M 79 13.85 -44.75 -53.82
CA GLY M 79 12.59 -45.06 -54.50
C GLY M 79 12.04 -43.97 -55.40
N HIS M 80 11.04 -44.34 -56.20
CA HIS M 80 10.38 -43.40 -57.09
C HIS M 80 8.88 -43.42 -56.91
N PHE M 81 8.33 -42.30 -56.45
CA PHE M 81 6.91 -42.20 -56.19
C PHE M 81 5.98 -42.20 -57.39
N GLY M 82 4.81 -42.81 -57.18
CA GLY M 82 3.76 -42.87 -58.19
C GLY M 82 2.51 -42.36 -57.48
N HIS M 83 1.40 -42.27 -58.17
CA HIS M 83 0.20 -41.77 -57.52
C HIS M 83 -1.03 -42.61 -57.87
N MET M 84 -2.20 -42.03 -57.62
CA MET M 84 -3.46 -42.72 -57.89
C MET M 84 -4.65 -41.77 -57.63
N GLU M 85 -5.32 -41.39 -58.70
CA GLU M 85 -6.46 -40.48 -58.59
C GLU M 85 -7.66 -41.18 -57.92
N LEU M 86 -7.96 -40.81 -56.67
CA LEU M 86 -9.08 -41.40 -55.96
C LEU M 86 -10.33 -40.96 -56.68
N ALA M 87 -11.40 -41.76 -56.57
CA ALA M 87 -12.65 -41.43 -57.25
C ALA M 87 -13.36 -40.28 -56.54
N LYS M 88 -13.22 -40.23 -55.23
CA LYS M 88 -13.87 -39.18 -54.46
C LYS M 88 -13.02 -38.84 -53.24
N PRO M 89 -12.98 -37.56 -52.86
CA PRO M 89 -12.22 -37.04 -51.71
C PRO M 89 -12.33 -37.84 -50.41
N VAL M 90 -11.21 -38.02 -49.71
CA VAL M 90 -11.19 -38.80 -48.48
C VAL M 90 -10.54 -38.06 -47.33
N PHE M 91 -10.82 -38.51 -46.11
CA PHE M 91 -10.26 -37.90 -44.89
C PHE M 91 -8.91 -38.51 -44.50
N HIS M 92 -7.93 -37.64 -44.26
CA HIS M 92 -6.63 -38.15 -43.86
C HIS M 92 -6.74 -38.60 -42.42
N ILE M 93 -6.94 -39.91 -42.28
CA ILE M 93 -7.11 -40.59 -41.00
C ILE M 93 -6.66 -39.89 -39.73
N GLY M 94 -5.46 -39.30 -39.73
CA GLY M 94 -4.97 -38.66 -38.51
C GLY M 94 -5.34 -37.20 -38.29
N PHE M 95 -5.85 -36.57 -39.35
CA PHE M 95 -6.27 -35.17 -39.32
C PHE M 95 -7.77 -35.01 -39.12
N ILE M 96 -8.48 -36.13 -39.20
CA ILE M 96 -9.93 -36.14 -39.04
C ILE M 96 -10.36 -35.37 -37.81
N PRO M 97 -9.46 -35.28 -36.83
CA PRO M 97 -9.73 -34.53 -35.60
C PRO M 97 -9.81 -33.04 -35.92
N LYS M 98 -8.74 -32.54 -36.55
CA LYS M 98 -8.63 -31.13 -36.92
C LYS M 98 -9.66 -30.82 -37.98
N ILE M 99 -9.71 -31.61 -39.04
CA ILE M 99 -10.69 -31.36 -40.08
C ILE M 99 -12.00 -31.01 -39.40
N LYS M 100 -12.30 -31.71 -38.31
CA LYS M 100 -13.54 -31.48 -37.59
C LYS M 100 -13.52 -30.19 -36.76
N LYS M 101 -12.43 -29.98 -36.00
CA LYS M 101 -12.34 -28.77 -35.19
C LYS M 101 -12.31 -27.53 -36.06
N VAL M 102 -11.91 -27.70 -37.32
CA VAL M 102 -11.88 -26.57 -38.26
C VAL M 102 -13.30 -26.15 -38.56
N CYS M 103 -14.13 -27.10 -38.98
CA CYS M 103 -15.52 -26.81 -39.28
C CYS M 103 -16.21 -26.23 -38.07
N GLU M 104 -15.88 -26.75 -36.91
CA GLU M 104 -16.47 -26.24 -35.69
C GLU M 104 -16.19 -24.74 -35.59
N CYS M 105 -15.14 -24.28 -36.28
CA CYS M 105 -14.73 -22.88 -36.25
C CYS M 105 -15.09 -22.04 -37.48
N ILE M 106 -15.52 -22.69 -38.55
CA ILE M 106 -15.88 -21.99 -39.78
C ILE M 106 -17.31 -22.27 -40.22
N CYS M 107 -17.91 -21.31 -40.92
CA CYS M 107 -19.26 -21.46 -41.41
C CYS M 107 -19.31 -22.11 -42.77
N MET M 108 -20.38 -22.84 -43.03
CA MET M 108 -20.55 -23.55 -44.29
C MET M 108 -21.34 -22.71 -45.30
N ASN M 109 -21.57 -23.26 -46.48
CA ASN M 109 -22.32 -22.59 -47.55
C ASN M 109 -21.67 -21.25 -47.93
N CYS M 110 -20.69 -20.84 -47.12
CA CYS M 110 -19.94 -19.59 -47.30
C CYS M 110 -18.43 -19.83 -47.11
N GLY M 111 -18.04 -20.18 -45.89
CA GLY M 111 -16.65 -20.48 -45.61
C GLY M 111 -15.76 -19.43 -44.97
N LYS M 112 -16.25 -18.72 -43.96
CA LYS M 112 -15.39 -17.72 -43.32
C LYS M 112 -15.49 -17.85 -41.81
N LEU M 113 -14.56 -17.23 -41.11
CA LEU M 113 -14.53 -17.28 -39.65
C LEU M 113 -15.87 -16.97 -39.00
N LEU M 114 -15.99 -17.31 -37.73
CA LEU M 114 -17.23 -17.09 -37.00
C LEU M 114 -17.03 -16.06 -35.90
N LEU M 115 -15.94 -15.32 -35.99
CA LEU M 115 -15.63 -14.28 -35.02
C LEU M 115 -14.58 -13.36 -35.61
N ASP M 116 -14.98 -12.11 -35.85
CA ASP M 116 -14.06 -11.14 -36.43
C ASP M 116 -13.45 -10.25 -35.38
N GLU M 117 -12.52 -9.40 -35.81
CA GLU M 117 -11.85 -8.45 -34.94
C GLU M 117 -12.93 -7.78 -34.10
N THR M 118 -14.13 -7.73 -34.68
CA THR M 118 -15.30 -7.12 -34.04
C THR M 118 -15.53 -7.69 -32.63
N ASN M 119 -15.47 -9.02 -32.50
CA ASN M 119 -15.67 -9.60 -31.17
C ASN M 119 -14.37 -9.43 -30.37
N PRO M 120 -14.49 -8.79 -29.21
CA PRO M 120 -13.34 -8.52 -28.37
C PRO M 120 -12.54 -9.75 -27.97
N THR M 121 -13.15 -10.68 -27.25
CA THR M 121 -12.42 -11.87 -26.82
C THR M 121 -11.67 -12.50 -27.99
N MET M 122 -12.09 -12.18 -29.20
CA MET M 122 -11.47 -12.70 -30.41
C MET M 122 -10.18 -11.94 -30.73
N ALA M 123 -10.21 -10.61 -30.60
CA ALA M 123 -9.01 -9.82 -30.88
C ALA M 123 -7.87 -10.53 -30.17
N GLN M 124 -8.02 -10.68 -28.85
CA GLN M 124 -7.03 -11.34 -27.99
C GLN M 124 -6.52 -12.62 -28.60
N ALA M 125 -7.42 -13.57 -28.81
CA ALA M 125 -7.06 -14.84 -29.40
C ALA M 125 -6.24 -14.57 -30.67
N ILE M 126 -6.73 -13.64 -31.49
CA ILE M 126 -6.09 -13.27 -32.74
C ILE M 126 -4.68 -12.68 -32.60
N ARG M 127 -4.31 -12.28 -31.38
CA ARG M 127 -3.00 -11.71 -31.18
C ARG M 127 -2.05 -12.74 -30.59
N ILE M 128 -2.59 -13.82 -30.04
CA ILE M 128 -1.77 -14.87 -29.46
C ILE M 128 -0.84 -15.42 -30.53
N ARG M 129 0.44 -15.03 -30.45
CA ARG M 129 1.44 -15.49 -31.41
C ARG M 129 1.93 -16.86 -31.01
N ASP M 130 1.37 -17.88 -31.66
CA ASP M 130 1.73 -19.26 -31.41
C ASP M 130 0.83 -20.10 -32.28
N PRO M 131 1.31 -20.39 -33.48
CA PRO M 131 0.59 -21.18 -34.46
C PRO M 131 -0.35 -22.23 -33.85
N LYS M 132 -0.02 -22.70 -32.66
CA LYS M 132 -0.84 -23.73 -32.02
C LYS M 132 -1.82 -23.22 -30.99
N LYS M 133 -1.36 -22.43 -30.04
CA LYS M 133 -2.26 -21.92 -29.00
C LYS M 133 -3.27 -20.90 -29.53
N ARG M 134 -3.01 -20.41 -30.73
CA ARG M 134 -3.92 -19.47 -31.40
C ARG M 134 -5.09 -20.34 -31.81
N PHE M 135 -4.82 -21.29 -32.71
CA PHE M 135 -5.83 -22.22 -33.20
C PHE M 135 -6.48 -22.95 -32.03
N ASN M 136 -5.86 -22.85 -30.86
CA ASN M 136 -6.38 -23.48 -29.66
C ASN M 136 -7.43 -22.55 -29.09
N ALA M 137 -6.98 -21.37 -28.67
CA ALA M 137 -7.89 -20.37 -28.11
C ALA M 137 -9.04 -20.11 -29.08
N VAL M 138 -8.75 -19.96 -30.37
CA VAL M 138 -9.80 -19.70 -31.35
C VAL M 138 -10.94 -20.69 -31.21
N TRP M 139 -10.68 -21.95 -31.50
CA TRP M 139 -11.70 -23.00 -31.43
C TRP M 139 -12.46 -23.02 -30.11
N GLN M 140 -11.79 -22.63 -29.03
CA GLN M 140 -12.45 -22.61 -27.73
C GLN M 140 -13.56 -21.55 -27.74
N LEU M 141 -13.51 -20.64 -28.73
CA LEU M 141 -14.51 -19.60 -28.86
C LEU M 141 -15.61 -19.98 -29.86
N CYS M 142 -15.22 -20.07 -31.13
CA CYS M 142 -16.10 -20.39 -32.25
C CYS M 142 -16.87 -21.72 -32.23
N LYS M 143 -16.57 -22.59 -31.27
CA LYS M 143 -17.27 -23.87 -31.19
C LYS M 143 -18.65 -23.67 -30.58
N THR M 144 -18.91 -22.48 -30.06
CA THR M 144 -20.18 -22.15 -29.44
C THR M 144 -21.14 -21.48 -30.41
N LYS M 145 -20.80 -20.29 -30.87
CA LYS M 145 -21.67 -19.58 -31.81
C LYS M 145 -21.91 -20.43 -33.05
N MET M 146 -23.17 -20.51 -33.46
CA MET M 146 -23.57 -21.31 -34.62
C MET M 146 -24.54 -20.54 -35.53
N VAL M 147 -24.30 -19.24 -35.63
CA VAL M 147 -25.10 -18.34 -36.45
C VAL M 147 -24.13 -17.46 -37.24
N CYS M 148 -23.99 -17.74 -38.53
CA CYS M 148 -23.07 -16.95 -39.38
C CYS M 148 -23.57 -15.53 -39.48
N GLU M 149 -23.48 -14.81 -38.37
CA GLU M 149 -23.94 -13.43 -38.28
C GLU M 149 -23.45 -12.46 -39.35
N ALA M 150 -24.41 -11.75 -39.96
CA ALA M 150 -24.14 -10.78 -41.01
C ALA M 150 -24.07 -9.37 -40.44
N ARG M 165 -20.94 -7.34 -42.04
CA ARG M 165 -19.71 -7.94 -42.53
C ARG M 165 -20.17 -9.06 -43.46
N GLY M 166 -19.41 -10.15 -43.53
CA GLY M 166 -19.81 -11.27 -44.38
C GLY M 166 -21.27 -11.59 -44.12
N GLY M 167 -21.90 -12.34 -45.03
CA GLY M 167 -23.31 -12.65 -44.84
C GLY M 167 -23.75 -14.11 -44.79
N CYS M 168 -25.06 -14.31 -44.98
CA CYS M 168 -25.73 -15.61 -44.97
C CYS M 168 -25.62 -16.32 -43.63
N GLY M 169 -26.45 -15.90 -42.68
CA GLY M 169 -26.44 -16.46 -41.36
C GLY M 169 -26.90 -17.90 -41.21
N ASN M 170 -26.95 -18.65 -42.30
CA ASN M 170 -27.36 -20.06 -42.21
C ASN M 170 -26.81 -20.65 -40.91
N THR M 171 -27.68 -21.24 -40.10
CA THR M 171 -27.25 -21.82 -38.82
C THR M 171 -26.19 -22.89 -39.06
N GLN M 172 -25.14 -22.85 -38.25
CA GLN M 172 -24.08 -23.83 -38.38
C GLN M 172 -24.41 -25.01 -37.50
N PRO M 173 -24.30 -26.22 -38.05
CA PRO M 173 -24.58 -27.48 -37.36
C PRO M 173 -23.59 -27.86 -36.27
N VAL M 174 -24.02 -28.71 -35.34
CA VAL M 174 -23.15 -29.19 -34.28
C VAL M 174 -22.60 -30.51 -34.79
N VAL M 175 -21.29 -30.60 -34.99
CA VAL M 175 -20.71 -31.83 -35.53
C VAL M 175 -20.21 -32.80 -34.47
N ARG M 176 -20.31 -34.08 -34.80
CA ARG M 176 -19.87 -35.17 -33.93
C ARG M 176 -19.16 -36.26 -34.73
N LYS M 177 -18.31 -37.02 -34.02
CA LYS M 177 -17.53 -38.09 -34.63
C LYS M 177 -18.15 -39.49 -34.50
N ASP M 178 -18.42 -40.11 -35.64
CA ASP M 178 -18.97 -41.47 -35.68
C ASP M 178 -18.14 -42.23 -36.69
N GLY M 179 -17.18 -43.01 -36.19
CA GLY M 179 -16.32 -43.76 -37.07
C GLY M 179 -15.51 -42.81 -37.93
N MET M 180 -15.59 -42.97 -39.25
CA MET M 180 -14.85 -42.14 -40.18
C MET M 180 -15.71 -41.08 -40.86
N LYS M 181 -16.78 -40.65 -40.20
CA LYS M 181 -17.67 -39.65 -40.80
C LYS M 181 -18.13 -38.58 -39.81
N LEU M 182 -18.14 -37.34 -40.29
CA LEU M 182 -18.55 -36.22 -39.46
C LEU M 182 -19.98 -35.85 -39.76
N TRP M 183 -20.82 -35.90 -38.74
CA TRP M 183 -22.22 -35.54 -38.93
C TRP M 183 -22.68 -34.54 -37.88
N GLY M 184 -23.70 -33.77 -38.24
CA GLY M 184 -24.22 -32.77 -37.33
C GLY M 184 -25.70 -32.50 -37.47
N THR M 185 -26.24 -31.78 -36.49
CA THR M 185 -27.66 -31.44 -36.46
C THR M 185 -27.91 -29.92 -36.51
N TRP M 186 -28.95 -29.53 -37.23
CA TRP M 186 -29.34 -28.12 -37.37
C TRP M 186 -30.73 -27.98 -36.72
N LYS M 187 -30.89 -27.02 -35.81
CA LYS M 187 -32.19 -26.83 -35.14
C LYS M 187 -32.71 -25.39 -35.21
N ASP M 195 -39.38 -27.40 -33.71
CA ASP M 195 -38.58 -28.07 -32.68
C ASP M 195 -37.99 -29.39 -33.19
N ALA M 196 -37.08 -29.97 -32.41
CA ALA M 196 -36.38 -31.22 -32.77
C ALA M 196 -35.42 -30.99 -33.95
N GLN M 197 -34.19 -31.53 -33.86
CA GLN M 197 -33.17 -31.37 -34.91
C GLN M 197 -33.52 -31.82 -36.35
N PRO M 198 -32.48 -31.90 -37.17
CA PRO M 198 -32.54 -32.33 -38.56
C PRO M 198 -31.13 -32.85 -38.86
N GLU M 199 -30.98 -34.17 -38.93
CA GLU M 199 -29.67 -34.79 -39.15
C GLU M 199 -29.24 -35.06 -40.59
N ARG M 200 -28.00 -34.70 -40.90
CA ARG M 200 -27.40 -34.93 -42.22
C ARG M 200 -25.92 -35.28 -42.07
N LYS M 201 -25.45 -36.17 -42.94
CA LYS M 201 -24.07 -36.62 -42.93
C LYS M 201 -23.17 -35.80 -43.87
N LEU M 202 -22.45 -34.83 -43.31
CA LEU M 202 -21.55 -33.98 -44.09
C LEU M 202 -20.63 -34.75 -45.01
N LEU M 203 -20.77 -34.57 -46.32
CA LEU M 203 -19.93 -35.29 -47.27
C LEU M 203 -18.52 -34.73 -47.25
N GLU M 207 -18.26 -31.95 -49.96
CA GLU M 207 -18.90 -30.76 -49.40
C GLU M 207 -17.93 -29.96 -48.53
N ILE M 208 -17.30 -30.66 -47.59
CA ILE M 208 -16.34 -30.08 -46.65
C ILE M 208 -15.20 -29.40 -47.39
N LEU M 209 -14.49 -30.19 -48.20
CA LEU M 209 -13.38 -29.69 -48.99
C LEU M 209 -13.76 -28.37 -49.69
N ASN M 210 -14.89 -28.37 -50.39
CA ASN M 210 -15.31 -27.17 -51.07
C ASN M 210 -15.28 -26.00 -50.09
N VAL M 211 -15.95 -26.15 -48.95
CA VAL M 211 -15.98 -25.10 -47.95
C VAL M 211 -14.59 -24.64 -47.55
N PHE M 212 -13.70 -25.61 -47.33
CA PHE M 212 -12.35 -25.27 -46.94
C PHE M 212 -11.70 -24.42 -48.03
N LYS M 213 -11.70 -24.92 -49.26
CA LYS M 213 -11.10 -24.18 -50.37
C LYS M 213 -11.47 -22.70 -50.33
N HIS M 214 -12.73 -22.44 -50.00
CA HIS M 214 -13.24 -21.09 -49.93
C HIS M 214 -12.70 -20.32 -48.73
N ILE M 215 -12.42 -21.00 -47.63
CA ILE M 215 -11.88 -20.34 -46.45
C ILE M 215 -10.80 -19.34 -46.89
N SER M 216 -10.90 -18.11 -46.38
CA SER M 216 -9.99 -17.01 -46.73
C SER M 216 -8.52 -17.23 -46.32
N PRO M 217 -7.60 -16.70 -47.12
CA PRO M 217 -6.17 -16.85 -46.86
C PRO M 217 -5.68 -16.29 -45.53
N GLU M 218 -6.17 -15.12 -45.16
CA GLU M 218 -5.75 -14.52 -43.90
C GLU M 218 -6.40 -15.31 -42.78
N ASP M 219 -7.34 -16.16 -43.17
CA ASP M 219 -8.05 -17.03 -42.24
C ASP M 219 -7.30 -18.35 -42.03
N CYS M 220 -6.73 -18.91 -43.12
CA CYS M 220 -5.95 -20.14 -43.00
C CYS M 220 -5.11 -19.83 -41.78
N PHE M 221 -4.35 -18.76 -41.97
CA PHE M 221 -3.41 -18.20 -41.02
C PHE M 221 -4.00 -17.84 -39.66
N ARG M 222 -5.27 -17.48 -39.64
CA ARG M 222 -5.89 -17.17 -38.38
C ARG M 222 -5.84 -18.47 -37.57
N LEU M 223 -6.17 -19.58 -38.23
CA LEU M 223 -6.11 -20.89 -37.59
C LEU M 223 -4.67 -21.34 -37.79
N GLY M 224 -4.29 -22.46 -37.18
CA GLY M 224 -2.91 -22.91 -37.28
C GLY M 224 -2.33 -23.36 -38.62
N PHE M 225 -2.55 -22.60 -39.70
CA PHE M 225 -2.05 -23.01 -41.01
C PHE M 225 -1.00 -22.15 -41.69
N ASN M 226 -0.62 -22.58 -42.89
CA ASN M 226 0.39 -21.89 -43.67
C ASN M 226 0.11 -22.02 -45.17
N GLU M 227 -0.32 -20.92 -45.76
CA GLU M 227 -0.68 -20.80 -47.17
C GLU M 227 0.28 -21.41 -48.18
N ASP M 228 1.54 -21.54 -47.83
CA ASP M 228 2.51 -22.09 -48.75
C ASP M 228 2.73 -23.58 -48.61
N TYR M 229 3.09 -23.98 -47.38
CA TYR M 229 3.42 -25.37 -47.05
C TYR M 229 2.29 -26.30 -46.66
N ALA M 230 1.23 -25.76 -46.06
CA ALA M 230 0.08 -26.57 -45.66
C ALA M 230 -1.23 -25.80 -45.46
N ARG M 231 -2.07 -25.86 -46.48
CA ARG M 231 -3.39 -25.21 -46.47
C ARG M 231 -4.45 -26.18 -45.96
N PRO M 232 -5.27 -25.73 -45.01
CA PRO M 232 -6.35 -26.51 -44.39
C PRO M 232 -6.97 -27.59 -45.26
N GLU M 233 -7.26 -27.25 -46.50
CA GLU M 233 -7.88 -28.17 -47.43
C GLU M 233 -7.12 -29.47 -47.65
N TRP M 234 -5.80 -29.39 -47.85
CA TRP M 234 -5.01 -30.58 -48.10
C TRP M 234 -5.07 -31.64 -47.01
N MET M 235 -5.88 -31.40 -45.98
CA MET M 235 -6.02 -32.39 -44.92
C MET M 235 -6.94 -33.48 -45.44
N ILE M 236 -7.47 -33.25 -46.64
CA ILE M 236 -8.34 -34.20 -47.33
C ILE M 236 -7.57 -34.58 -48.57
N ILE M 237 -7.47 -35.87 -48.87
CA ILE M 237 -6.70 -36.30 -50.02
C ILE M 237 -7.54 -36.51 -51.28
N THR M 238 -7.03 -36.01 -52.39
CA THR M 238 -7.71 -36.12 -53.69
C THR M 238 -6.98 -37.20 -54.49
N VAL M 239 -5.69 -36.95 -54.71
CA VAL M 239 -4.80 -37.87 -55.44
C VAL M 239 -3.80 -38.48 -54.43
N LEU M 240 -3.85 -39.80 -54.27
CA LEU M 240 -2.99 -40.51 -53.32
C LEU M 240 -1.55 -40.86 -53.71
N PRO M 241 -0.59 -40.36 -52.93
CA PRO M 241 0.85 -40.60 -53.18
C PRO M 241 1.24 -42.07 -52.91
N VAL M 242 1.56 -42.79 -53.98
CA VAL M 242 1.98 -44.19 -53.86
C VAL M 242 3.49 -44.35 -53.74
N PRO M 243 3.97 -44.80 -52.55
CA PRO M 243 5.38 -45.02 -52.25
C PRO M 243 5.90 -46.25 -52.99
N PRO M 244 7.18 -46.20 -53.43
CA PRO M 244 7.92 -47.22 -54.18
C PRO M 244 8.57 -48.35 -53.39
N PRO M 245 8.90 -49.44 -54.11
CA PRO M 245 9.52 -50.69 -53.66
C PRO M 245 10.41 -50.70 -52.41
N GLN M 246 11.50 -49.88 -52.36
CA GLN M 246 12.38 -49.86 -51.20
C GLN M 246 11.59 -49.62 -49.92
N VAL M 247 10.38 -49.09 -50.11
CA VAL M 247 9.45 -48.78 -49.03
C VAL M 247 8.67 -50.04 -48.61
N ARG M 248 8.10 -50.72 -49.61
CA ARG M 248 7.31 -51.94 -49.41
C ARG M 248 7.91 -53.08 -50.24
N PRO M 249 9.21 -53.40 -50.01
CA PRO M 249 9.88 -54.46 -50.76
C PRO M 249 9.11 -55.76 -50.80
N SER M 250 9.41 -56.56 -51.82
CA SER M 250 8.78 -57.85 -51.99
C SER M 250 9.85 -58.84 -51.56
N ILE M 251 9.44 -59.99 -51.06
CA ILE M 251 10.39 -61.02 -50.64
C ILE M 251 9.99 -62.34 -51.33
N ALA M 252 10.56 -62.61 -52.50
CA ALA M 252 10.27 -63.85 -53.25
C ALA M 252 10.97 -65.08 -52.66
N MET M 253 10.34 -66.25 -52.77
CA MET M 253 10.92 -67.47 -52.23
C MET M 253 11.72 -68.22 -53.32
N ASP M 254 12.74 -67.55 -53.86
CA ASP M 254 13.65 -68.05 -54.91
C ASP M 254 13.37 -67.48 -56.32
N GLU M 255 12.23 -67.83 -56.90
CA GLU M 255 11.84 -67.34 -58.22
C GLU M 255 10.35 -67.54 -58.52
N THR M 256 9.93 -68.80 -58.63
CA THR M 256 8.56 -69.18 -58.94
C THR M 256 7.57 -69.18 -57.76
N THR M 257 7.72 -68.22 -56.84
CA THR M 257 6.86 -68.11 -55.66
C THR M 257 6.61 -66.62 -55.33
N GLN M 258 5.36 -66.29 -55.00
CA GLN M 258 4.95 -64.90 -54.70
C GLN M 258 5.82 -64.06 -53.75
N GLY M 259 5.25 -63.67 -52.62
CA GLY M 259 5.96 -62.87 -51.63
C GLY M 259 5.82 -61.37 -51.80
N GLN M 260 4.77 -60.79 -51.21
CA GLN M 260 4.54 -59.34 -51.33
C GLN M 260 4.34 -58.68 -49.98
N ASP M 261 4.85 -57.46 -49.85
CA ASP M 261 4.75 -56.74 -48.59
C ASP M 261 3.34 -56.42 -48.16
N ASP M 262 3.21 -56.04 -46.89
CA ASP M 262 1.95 -55.70 -46.29
C ASP M 262 1.31 -54.50 -46.97
N LEU M 263 2.08 -53.43 -47.09
CA LEU M 263 1.55 -52.24 -47.73
C LEU M 263 1.24 -52.45 -49.19
N THR M 264 2.04 -53.24 -49.87
CA THR M 264 1.81 -53.52 -51.27
C THR M 264 0.48 -54.26 -51.43
N HIS M 265 -0.35 -54.23 -50.40
CA HIS M 265 -1.65 -54.89 -50.43
C HIS M 265 -2.73 -53.85 -50.20
N LYS M 266 -2.70 -53.18 -49.04
CA LYS M 266 -3.71 -52.16 -48.72
C LYS M 266 -3.59 -51.00 -49.66
N LEU M 267 -2.72 -51.18 -50.65
CA LEU M 267 -2.57 -50.18 -51.68
C LEU M 267 -3.53 -50.81 -52.67
N SER M 268 -3.34 -52.08 -52.95
CA SER M 268 -4.22 -52.78 -53.88
C SER M 268 -5.67 -52.89 -53.35
N ASP M 269 -5.83 -53.02 -52.05
CA ASP M 269 -7.18 -53.11 -51.49
C ASP M 269 -7.88 -51.80 -51.79
N ILE M 270 -7.12 -50.71 -51.66
CA ILE M 270 -7.60 -49.35 -51.91
C ILE M 270 -7.86 -49.19 -53.40
N LEU M 271 -6.86 -49.55 -54.19
CA LEU M 271 -6.95 -49.46 -55.62
C LEU M 271 -8.27 -50.11 -56.05
N LYS M 272 -8.51 -51.36 -55.63
CA LYS M 272 -9.76 -52.05 -55.98
C LYS M 272 -11.02 -51.32 -55.48
N ALA M 273 -10.98 -50.78 -54.26
CA ALA M 273 -12.13 -50.06 -53.71
C ALA M 273 -12.37 -48.75 -54.46
N ASN M 274 -11.42 -48.39 -55.33
CA ASN M 274 -11.48 -47.17 -56.14
C ASN M 274 -12.13 -47.55 -57.46
N ILE M 275 -11.59 -48.58 -58.08
CA ILE M 275 -12.11 -49.07 -59.36
C ILE M 275 -13.62 -49.24 -59.31
N ASN M 276 -14.10 -50.15 -58.48
CA ASN M 276 -15.54 -50.40 -58.38
C ASN M 276 -16.34 -49.10 -58.18
N VAL M 277 -15.86 -48.20 -57.32
CA VAL M 277 -16.57 -46.95 -57.08
C VAL M 277 -16.88 -46.29 -58.41
N GLN M 278 -15.83 -45.90 -59.14
CA GLN M 278 -16.01 -45.25 -60.42
C GLN M 278 -16.94 -46.02 -61.37
N LYS M 279 -16.82 -47.34 -61.42
CA LYS M 279 -17.65 -48.17 -62.29
C LYS M 279 -19.10 -48.27 -61.77
N LEU M 280 -19.47 -47.33 -60.92
CA LEU M 280 -20.82 -47.26 -60.37
C LEU M 280 -21.27 -45.83 -60.62
N GLU M 281 -20.34 -45.00 -61.07
CA GLU M 281 -20.62 -43.61 -61.32
C GLU M 281 -20.52 -43.29 -62.80
N MET M 282 -20.67 -44.31 -63.63
CA MET M 282 -20.62 -44.12 -65.06
C MET M 282 -21.46 -45.21 -65.68
N ASP M 283 -22.29 -45.79 -64.82
CA ASP M 283 -23.22 -46.84 -65.20
C ASP M 283 -24.41 -46.65 -64.29
N GLY M 284 -25.41 -47.52 -64.42
CA GLY M 284 -26.61 -47.44 -63.60
C GLY M 284 -26.24 -47.16 -62.16
N SER M 285 -25.99 -45.89 -61.87
CA SER M 285 -25.59 -45.42 -60.56
C SER M 285 -26.74 -45.28 -59.57
N PRO M 286 -26.99 -46.32 -58.75
CA PRO M 286 -28.09 -46.19 -57.78
C PRO M 286 -27.62 -45.27 -56.63
N GLN M 287 -27.54 -43.98 -56.95
CA GLN M 287 -27.11 -42.87 -56.07
C GLN M 287 -27.05 -43.00 -54.54
N HIS M 288 -27.82 -43.91 -53.95
CA HIS M 288 -27.78 -44.09 -52.50
C HIS M 288 -27.21 -45.47 -52.14
N ILE M 289 -26.63 -46.13 -53.13
CA ILE M 289 -26.00 -47.44 -52.96
C ILE M 289 -24.53 -47.33 -53.35
N ILE M 290 -24.12 -46.10 -53.66
CA ILE M 290 -22.75 -45.78 -54.03
C ILE M 290 -22.04 -45.40 -52.75
N ASN M 291 -22.67 -44.51 -52.00
CA ASN M 291 -22.15 -44.04 -50.72
C ASN M 291 -21.78 -45.25 -49.87
N GLU M 292 -22.58 -46.31 -50.00
CA GLU M 292 -22.36 -47.55 -49.26
C GLU M 292 -21.03 -48.17 -49.70
N VAL M 293 -20.56 -47.73 -50.86
CA VAL M 293 -19.30 -48.20 -51.44
C VAL M 293 -18.19 -47.15 -51.34
N GLU M 294 -18.57 -45.93 -50.98
CA GLU M 294 -17.60 -44.85 -50.83
C GLU M 294 -16.97 -45.03 -49.46
N GLN M 295 -17.82 -45.23 -48.45
CA GLN M 295 -17.35 -45.44 -47.07
C GLN M 295 -16.25 -46.49 -47.02
N LEU M 296 -16.27 -47.43 -47.98
CA LEU M 296 -15.26 -48.47 -48.02
C LEU M 296 -13.89 -47.89 -48.36
N LEU M 297 -13.80 -47.10 -49.43
CA LEU M 297 -12.54 -46.50 -49.81
C LEU M 297 -12.01 -45.61 -48.69
N GLN M 298 -12.89 -44.82 -48.09
CA GLN M 298 -12.53 -43.93 -46.98
C GLN M 298 -11.81 -44.73 -45.92
N PHE M 299 -12.29 -45.96 -45.74
CA PHE M 299 -11.76 -46.91 -44.76
C PHE M 299 -10.40 -47.49 -45.14
N HIS M 300 -10.34 -48.14 -46.28
CA HIS M 300 -9.08 -48.72 -46.73
C HIS M 300 -7.96 -47.68 -46.74
N VAL M 301 -8.32 -46.41 -46.90
CA VAL M 301 -7.32 -45.35 -46.92
C VAL M 301 -7.03 -44.93 -45.46
N ALA M 302 -7.97 -45.21 -44.57
CA ALA M 302 -7.76 -44.92 -43.16
C ALA M 302 -6.77 -46.00 -42.78
N THR M 303 -7.14 -47.24 -43.09
CA THR M 303 -6.31 -48.43 -42.87
C THR M 303 -4.86 -48.11 -43.24
N TYR M 304 -4.56 -48.26 -44.54
CA TYR M 304 -3.24 -47.99 -45.13
C TYR M 304 -2.29 -47.12 -44.28
N MET M 305 -2.80 -46.00 -43.76
CA MET M 305 -1.97 -45.09 -42.97
C MET M 305 -2.05 -45.40 -41.48
N ASP M 306 -3.26 -45.71 -41.01
CA ASP M 306 -3.47 -46.06 -39.61
C ASP M 306 -4.44 -47.22 -39.42
N ASN M 307 -4.04 -48.22 -38.65
CA ASN M 307 -4.91 -49.36 -38.44
C ASN M 307 -4.98 -49.75 -36.98
N ASP M 308 -5.15 -48.74 -36.14
CA ASP M 308 -5.25 -48.89 -34.68
C ASP M 308 -6.13 -47.73 -34.21
N ILE M 309 -7.44 -47.82 -34.45
CA ILE M 309 -8.35 -46.72 -34.11
C ILE M 309 -9.43 -46.98 -33.04
N ALA M 310 -10.36 -46.04 -32.93
CA ALA M 310 -11.48 -46.10 -31.98
C ALA M 310 -12.56 -47.10 -32.42
N GLY M 311 -13.25 -46.78 -33.52
CA GLY M 311 -14.29 -47.64 -34.08
C GLY M 311 -13.70 -48.96 -34.52
N GLN M 312 -13.36 -49.75 -33.51
CA GLN M 312 -12.73 -51.07 -33.63
C GLN M 312 -12.37 -51.62 -35.01
N PRO M 313 -13.27 -52.39 -35.63
CA PRO M 313 -12.99 -52.97 -36.96
C PRO M 313 -11.50 -53.02 -37.29
N GLN M 314 -10.74 -53.82 -36.54
CA GLN M 314 -9.31 -53.93 -36.73
C GLN M 314 -8.85 -54.02 -38.18
N ALA M 315 -9.70 -54.52 -39.07
CA ALA M 315 -9.30 -54.62 -40.48
C ALA M 315 -8.13 -55.58 -40.59
N LEU M 316 -8.42 -56.87 -40.44
CA LEU M 316 -7.38 -57.89 -40.49
C LEU M 316 -7.18 -58.47 -41.88
N GLN M 317 -5.95 -58.87 -42.17
CA GLN M 317 -5.59 -59.47 -43.45
C GLN M 317 -5.93 -60.95 -43.45
N LYS M 318 -6.41 -61.47 -44.58
CA LYS M 318 -6.77 -62.87 -44.69
C LYS M 318 -5.81 -63.74 -43.89
N SER M 319 -6.27 -64.22 -42.73
CA SER M 319 -5.49 -65.07 -41.82
C SER M 319 -5.66 -64.58 -40.40
N GLY M 320 -6.02 -63.32 -40.23
CA GLY M 320 -6.20 -62.75 -38.91
C GLY M 320 -5.16 -61.67 -38.69
N ARG M 321 -4.06 -61.79 -39.41
CA ARG M 321 -2.98 -60.83 -39.35
C ARG M 321 -3.56 -59.40 -39.37
N PRO M 322 -3.19 -58.56 -38.38
CA PRO M 322 -3.64 -57.17 -38.22
C PRO M 322 -3.37 -56.22 -39.40
N VAL M 323 -2.22 -56.38 -40.05
CA VAL M 323 -1.82 -55.53 -41.17
C VAL M 323 -1.23 -54.26 -40.64
N LYS M 324 0.10 -54.18 -40.64
CA LYS M 324 0.80 -53.00 -40.13
C LYS M 324 0.47 -51.76 -40.96
N ALA M 325 -0.06 -50.73 -40.30
CA ALA M 325 -0.39 -49.47 -40.96
C ALA M 325 0.89 -48.65 -41.01
N ILE M 326 1.03 -47.74 -41.97
CA ILE M 326 2.28 -46.97 -42.03
C ILE M 326 2.71 -46.43 -40.66
N ARG M 327 1.75 -45.83 -39.93
CA ARG M 327 2.05 -45.27 -38.63
C ARG M 327 2.51 -46.31 -37.62
N ALA M 328 2.27 -47.58 -37.90
CA ALA M 328 2.70 -48.63 -37.00
C ALA M 328 4.21 -48.80 -37.13
N ARG M 329 4.73 -48.58 -38.33
CA ARG M 329 6.15 -48.69 -38.60
C ARG M 329 6.96 -47.60 -37.88
N LEU M 330 6.26 -46.61 -37.33
CA LEU M 330 6.96 -45.52 -36.68
C LEU M 330 6.87 -45.45 -35.16
N LYS M 331 5.76 -45.94 -34.59
CA LYS M 331 5.58 -45.90 -33.14
C LYS M 331 6.88 -46.18 -32.38
N GLY M 332 7.25 -45.23 -31.53
CA GLY M 332 8.47 -45.30 -30.73
C GLY M 332 8.90 -46.67 -30.22
N LYS M 333 10.22 -46.92 -30.23
CA LYS M 333 10.79 -48.19 -29.79
C LYS M 333 10.42 -49.21 -30.85
N GLU M 334 11.42 -49.73 -31.55
CA GLU M 334 11.16 -50.71 -32.58
C GLU M 334 10.80 -50.01 -33.87
N GLY M 335 10.04 -48.92 -33.75
CA GLY M 335 9.62 -48.22 -34.94
C GLY M 335 10.44 -47.06 -35.47
N ARG M 336 11.15 -47.31 -36.57
CA ARG M 336 11.96 -46.31 -37.27
C ARG M 336 12.62 -45.24 -36.40
N LEU M 337 11.82 -44.29 -35.93
CA LEU M 337 12.33 -43.21 -35.09
C LEU M 337 13.16 -43.75 -33.96
N ARG M 338 12.52 -44.30 -32.94
CA ARG M 338 13.29 -44.82 -31.82
C ARG M 338 13.97 -46.16 -32.07
N GLY M 339 13.55 -46.89 -33.09
CA GLY M 339 14.14 -48.19 -33.36
C GLY M 339 15.31 -48.30 -34.33
N ASN M 340 15.28 -47.48 -35.37
CA ASN M 340 16.30 -47.46 -36.43
C ASN M 340 17.19 -46.20 -36.48
N LEU M 341 16.71 -45.10 -35.91
CA LEU M 341 17.46 -43.85 -35.93
C LEU M 341 18.13 -43.47 -34.63
N MET M 342 17.39 -43.38 -33.54
CA MET M 342 18.03 -43.03 -32.26
C MET M 342 18.96 -44.16 -31.78
N GLY M 343 18.97 -45.26 -32.53
CA GLY M 343 19.81 -46.40 -32.18
C GLY M 343 19.73 -47.51 -33.19
N LYS M 344 20.88 -47.88 -33.75
CA LYS M 344 20.96 -48.93 -34.75
C LYS M 344 22.07 -49.93 -34.47
N ARG M 345 21.99 -51.10 -35.10
CA ARG M 345 23.00 -52.13 -34.95
C ARG M 345 24.15 -51.59 -35.79
N VAL M 346 25.37 -51.71 -35.32
CA VAL M 346 26.48 -51.15 -36.07
C VAL M 346 27.54 -52.17 -36.39
N PHE M 348 32.65 -53.24 -38.72
CA PHE M 348 33.87 -53.11 -37.91
C PHE M 348 33.52 -53.21 -36.43
N SER M 349 33.01 -54.36 -36.04
CA SER M 349 32.62 -54.60 -34.68
C SER M 349 32.69 -56.09 -34.40
N ALA M 350 32.87 -56.44 -33.13
CA ALA M 350 32.97 -57.82 -32.72
C ALA M 350 32.59 -57.94 -31.25
N ARG M 351 32.26 -59.16 -30.83
CA ARG M 351 31.82 -59.43 -29.46
C ARG M 351 32.01 -60.90 -29.05
N THR M 352 32.52 -61.17 -27.84
CA THR M 352 32.70 -62.55 -27.35
C THR M 352 32.67 -62.55 -25.83
N VAL M 353 33.24 -63.58 -25.23
CA VAL M 353 33.24 -63.69 -23.78
C VAL M 353 34.48 -63.18 -23.09
N ILE M 354 34.26 -62.39 -22.04
CA ILE M 354 35.33 -61.79 -21.26
C ILE M 354 35.75 -62.65 -20.09
N SER M 355 37.03 -62.52 -19.77
CA SER M 355 37.67 -63.18 -18.64
C SER M 355 38.86 -62.23 -18.42
N GLY M 356 39.05 -61.80 -17.17
CA GLY M 356 40.13 -60.86 -16.88
C GLY M 356 41.50 -61.48 -16.87
N ASP M 357 42.50 -60.66 -17.20
CA ASP M 357 43.88 -61.10 -17.24
C ASP M 357 44.74 -60.17 -16.37
N PRO M 358 45.34 -60.72 -15.31
CA PRO M 358 46.18 -59.93 -14.39
C PRO M 358 47.57 -59.51 -14.89
N ASN M 359 47.84 -59.68 -16.18
CA ASN M 359 49.12 -59.29 -16.75
C ASN M 359 48.93 -58.39 -17.93
N LEU M 360 47.85 -57.60 -17.91
CA LEU M 360 47.58 -56.66 -19.00
C LEU M 360 47.47 -55.24 -18.46
N GLU M 361 48.29 -54.34 -18.99
CA GLU M 361 48.27 -52.95 -18.56
C GLU M 361 46.80 -52.58 -18.39
N LEU M 362 46.51 -51.68 -17.45
CA LEU M 362 45.14 -51.28 -17.20
C LEU M 362 44.34 -51.07 -18.50
N ASP M 363 44.88 -50.24 -19.40
CA ASP M 363 44.21 -49.90 -20.65
C ASP M 363 44.27 -50.84 -21.83
N GLN M 364 44.88 -52.01 -21.70
CA GLN M 364 44.91 -52.90 -22.85
C GLN M 364 43.59 -53.64 -22.95
N VAL M 365 43.52 -54.60 -23.89
CA VAL M 365 42.34 -55.45 -24.11
C VAL M 365 42.73 -56.53 -25.11
N GLY M 366 43.00 -57.72 -24.57
CA GLY M 366 43.42 -58.83 -25.41
C GLY M 366 42.41 -59.27 -26.43
N VAL M 367 42.79 -59.24 -27.69
CA VAL M 367 41.85 -59.63 -28.70
C VAL M 367 42.29 -60.92 -29.36
N PRO M 368 41.37 -61.90 -29.43
CA PRO M 368 41.66 -63.20 -30.05
C PRO M 368 42.17 -63.04 -31.47
N ILE M 369 43.32 -63.65 -31.74
CA ILE M 369 43.94 -63.56 -33.07
C ILE M 369 42.83 -63.58 -34.12
N SER M 370 42.01 -64.64 -34.07
CA SER M 370 40.88 -64.79 -34.97
C SER M 370 40.23 -63.47 -35.32
N ILE M 371 39.88 -62.69 -34.29
CA ILE M 371 39.22 -61.42 -34.51
C ILE M 371 40.08 -60.38 -35.22
N ALA M 372 41.32 -60.23 -34.77
CA ALA M 372 42.23 -59.27 -35.41
C ALA M 372 42.38 -59.60 -36.90
N LYS M 373 42.32 -60.88 -37.24
CA LYS M 373 42.47 -61.32 -38.62
C LYS M 373 41.21 -61.11 -39.43
N THR M 374 40.20 -60.55 -38.76
CA THR M 374 38.89 -60.28 -39.37
C THR M 374 38.59 -58.77 -39.54
N LEU M 375 38.87 -58.01 -38.48
CA LEU M 375 38.66 -56.57 -38.47
C LEU M 375 39.86 -55.88 -39.12
N SER M 376 39.61 -54.96 -40.05
CA SER M 376 40.72 -54.29 -40.75
C SER M 376 40.77 -52.81 -40.39
N TYR M 377 41.74 -52.12 -40.99
CA TYR M 377 41.91 -50.68 -40.81
C TYR M 377 42.56 -49.96 -42.00
N PRO M 378 41.77 -49.20 -42.76
CA PRO M 378 42.21 -48.43 -43.94
C PRO M 378 43.30 -47.41 -43.67
N GLU M 379 44.53 -47.83 -43.95
CA GLU M 379 45.70 -46.98 -43.75
C GLU M 379 46.24 -46.61 -45.11
N THR M 380 46.19 -45.32 -45.43
CA THR M 380 46.68 -44.83 -46.72
C THR M 380 48.18 -45.04 -46.86
N VAL M 381 48.61 -45.36 -48.08
CA VAL M 381 50.01 -45.60 -48.34
C VAL M 381 50.81 -44.31 -48.22
N THR M 382 51.87 -44.35 -47.45
CA THR M 382 52.69 -43.20 -47.23
C THR M 382 54.12 -43.64 -47.12
N GLN M 383 55.03 -42.86 -47.72
CA GLN M 383 56.46 -43.16 -47.71
C GLN M 383 57.10 -43.41 -46.33
N TYR M 384 56.28 -43.56 -45.30
CA TYR M 384 56.79 -43.83 -43.96
C TYR M 384 56.43 -45.27 -43.65
N ASN M 385 55.29 -45.70 -44.19
CA ASN M 385 54.77 -47.04 -43.95
C ASN M 385 54.64 -47.95 -45.19
N ILE M 386 55.06 -47.45 -46.35
CA ILE M 386 55.00 -48.23 -47.57
C ILE M 386 55.71 -49.57 -47.31
N HIS M 387 56.96 -49.47 -46.88
CA HIS M 387 57.76 -50.64 -46.61
C HIS M 387 57.03 -51.68 -45.77
N ARG M 388 56.49 -51.27 -44.64
CA ARG M 388 55.79 -52.21 -43.76
C ARG M 388 54.50 -52.74 -44.39
N LEU M 389 53.76 -51.85 -45.05
CA LEU M 389 52.51 -52.23 -45.70
C LEU M 389 52.71 -53.26 -46.82
N THR M 390 53.75 -53.06 -47.63
CA THR M 390 54.00 -53.97 -48.73
C THR M 390 54.34 -55.32 -48.19
N GLU M 391 54.75 -55.35 -46.92
CA GLU M 391 55.08 -56.62 -46.28
C GLU M 391 53.75 -57.22 -45.78
N TYR M 392 53.03 -56.45 -44.97
CA TYR M 392 51.73 -56.87 -44.45
C TYR M 392 50.85 -57.41 -45.57
N VAL M 393 50.94 -56.80 -46.75
CA VAL M 393 50.13 -57.21 -47.90
C VAL M 393 50.59 -58.55 -48.44
N ARG M 394 51.89 -58.71 -48.62
CA ARG M 394 52.36 -59.98 -49.12
C ARG M 394 51.88 -61.02 -48.13
N ASN M 395 52.05 -60.72 -46.85
CA ASN M 395 51.63 -61.65 -45.81
C ASN M 395 50.26 -62.27 -45.98
N GLY M 396 49.40 -61.65 -46.78
CA GLY M 396 48.07 -62.21 -46.98
C GLY M 396 47.16 -62.17 -45.76
N PRO M 397 45.85 -62.36 -45.96
CA PRO M 397 44.82 -62.34 -44.93
C PRO M 397 44.81 -63.51 -43.96
N ASN M 398 45.75 -64.43 -44.09
CA ASN M 398 45.76 -65.58 -43.19
C ASN M 398 46.91 -65.65 -42.18
N GLU M 399 47.94 -64.83 -42.38
CA GLU M 399 49.08 -64.74 -41.44
C GLU M 399 48.65 -63.63 -40.49
N HIS M 400 48.89 -63.73 -39.17
CA HIS M 400 48.40 -62.62 -38.34
C HIS M 400 48.88 -61.24 -38.68
N PRO M 401 50.17 -60.92 -38.43
CA PRO M 401 50.49 -59.54 -38.80
C PRO M 401 50.38 -59.30 -40.32
N GLY M 402 49.20 -59.55 -40.90
CA GLY M 402 48.97 -59.36 -42.32
C GLY M 402 47.85 -58.38 -42.65
N ALA M 403 47.38 -58.40 -43.90
CA ALA M 403 46.30 -57.50 -44.30
C ALA M 403 45.32 -58.25 -45.23
N LYS M 404 44.18 -57.64 -45.57
CA LYS M 404 43.23 -58.33 -46.44
C LYS M 404 42.54 -57.61 -47.64
N TYR M 405 42.95 -56.39 -47.97
CA TYR M 405 42.34 -55.63 -49.09
C TYR M 405 43.18 -54.41 -49.48
N VAL M 406 43.41 -54.22 -50.78
CA VAL M 406 44.19 -53.07 -51.28
C VAL M 406 43.30 -52.27 -52.22
N ILE M 407 43.15 -50.97 -51.98
CA ILE M 407 42.31 -50.17 -52.87
C ILE M 407 43.01 -49.01 -53.57
N ARG M 408 43.15 -49.18 -54.88
CA ARG M 408 43.80 -48.24 -55.78
C ARG M 408 42.96 -47.01 -55.92
N ASP M 409 43.62 -45.93 -56.32
CA ASP M 409 42.99 -44.65 -56.56
C ASP M 409 41.68 -44.84 -57.32
N ASN M 410 41.69 -45.75 -58.30
CA ASN M 410 40.53 -46.03 -59.14
C ASN M 410 39.42 -46.75 -58.39
N GLY M 411 38.77 -46.03 -57.47
CA GLY M 411 37.68 -46.55 -56.66
C GLY M 411 37.23 -47.96 -56.98
N ASP M 412 38.15 -48.92 -56.77
CA ASP M 412 37.91 -50.34 -57.02
C ASP M 412 38.71 -51.15 -55.98
N ARG M 413 38.25 -52.36 -55.62
CA ARG M 413 38.98 -53.14 -54.61
C ARG M 413 39.57 -54.51 -54.96
N ILE M 414 40.83 -54.71 -54.57
CA ILE M 414 41.51 -55.97 -54.82
C ILE M 414 41.38 -56.83 -53.58
N ASP M 415 40.94 -58.06 -53.76
CA ASP M 415 40.75 -58.99 -52.65
C ASP M 415 42.01 -59.84 -52.43
N LEU M 416 42.80 -59.45 -51.45
CA LEU M 416 44.04 -60.14 -51.18
C LEU M 416 44.02 -61.65 -51.02
N ARG M 417 42.87 -62.28 -51.11
CA ARG M 417 42.84 -63.73 -50.95
C ARG M 417 42.50 -64.48 -52.23
N TYR M 418 42.18 -63.74 -53.28
CA TYR M 418 41.83 -64.35 -54.56
C TYR M 418 42.69 -63.82 -55.69
N HIS M 419 42.50 -62.55 -56.01
CA HIS M 419 43.23 -61.91 -57.09
C HIS M 419 44.47 -62.64 -57.52
N LYS M 420 44.50 -63.04 -58.79
CA LYS M 420 45.65 -63.76 -59.31
C LYS M 420 46.97 -63.04 -59.02
N ARG M 421 46.95 -61.74 -58.76
CA ARG M 421 48.17 -60.99 -58.47
C ARG M 421 48.34 -60.75 -56.97
N ALA M 422 47.78 -61.68 -56.20
CA ALA M 422 47.81 -61.65 -54.74
C ALA M 422 49.12 -61.22 -54.09
N GLY M 423 50.17 -62.01 -54.32
CA GLY M 423 51.47 -61.72 -53.71
C GLY M 423 52.30 -60.75 -54.54
N ASP M 424 51.77 -60.41 -55.71
CA ASP M 424 52.41 -59.50 -56.65
C ASP M 424 52.40 -58.08 -56.09
N ILE M 425 51.34 -57.34 -56.41
CA ILE M 425 51.12 -55.96 -55.99
C ILE M 425 52.22 -55.16 -55.32
N VAL M 426 52.58 -54.06 -55.97
CA VAL M 426 53.58 -53.13 -55.45
C VAL M 426 52.69 -51.91 -55.34
N LEU M 427 52.56 -51.38 -54.14
CA LEU M 427 51.69 -50.23 -53.89
C LEU M 427 52.05 -48.92 -54.59
N GLN M 428 51.17 -47.92 -54.44
CA GLN M 428 51.35 -46.59 -55.03
C GLN M 428 50.93 -45.59 -53.95
N TYR M 429 51.82 -44.68 -53.57
CA TYR M 429 51.45 -43.71 -52.54
C TYR M 429 50.06 -43.22 -52.87
N GLY M 430 49.19 -43.13 -51.87
CA GLY M 430 47.85 -42.65 -52.14
C GLY M 430 46.83 -43.76 -52.17
N TRP M 431 47.29 -44.98 -52.38
CA TRP M 431 46.39 -46.12 -52.37
C TRP M 431 46.14 -46.34 -50.89
N LYS M 432 45.08 -47.07 -50.57
CA LYS M 432 44.83 -47.35 -49.17
C LYS M 432 44.86 -48.86 -49.05
N VAL M 433 45.32 -49.34 -47.90
CA VAL M 433 45.39 -50.78 -47.62
C VAL M 433 44.64 -51.12 -46.35
N GLU M 434 43.88 -52.21 -46.38
CA GLU M 434 43.15 -52.59 -45.20
C GLU M 434 43.93 -53.66 -44.45
N ARG M 435 44.57 -53.26 -43.36
CA ARG M 435 45.36 -54.21 -42.62
C ARG M 435 44.65 -54.77 -41.39
N HIS M 436 45.18 -55.89 -40.90
CA HIS M 436 44.66 -56.55 -39.70
C HIS M 436 44.94 -55.60 -38.52
N LEU M 437 44.02 -55.56 -37.56
CA LEU M 437 44.20 -54.73 -36.39
C LEU M 437 45.49 -55.24 -35.78
N MET M 438 46.30 -54.34 -35.21
CA MET M 438 47.56 -54.74 -34.58
C MET M 438 47.69 -54.20 -33.15
N ASP M 439 48.75 -54.62 -32.46
CA ASP M 439 48.94 -54.14 -31.10
C ASP M 439 49.00 -52.62 -31.06
N ASP M 440 48.31 -52.06 -30.09
CA ASP M 440 48.26 -50.63 -29.90
C ASP M 440 47.43 -49.85 -30.92
N ASP M 441 46.28 -50.40 -31.23
CA ASP M 441 45.35 -49.76 -32.12
C ASP M 441 44.24 -49.37 -31.17
N PRO M 442 43.92 -48.08 -31.11
CA PRO M 442 42.86 -47.67 -30.21
C PRO M 442 41.52 -48.24 -30.67
N VAL M 443 40.75 -48.84 -29.75
CA VAL M 443 39.43 -49.37 -30.09
C VAL M 443 38.44 -49.19 -28.95
N LEU M 444 37.18 -49.00 -29.32
CA LEU M 444 36.11 -48.79 -28.36
C LEU M 444 35.58 -50.12 -27.81
N PHE M 445 35.81 -50.32 -26.52
CA PHE M 445 35.40 -51.54 -25.85
C PHE M 445 34.24 -51.19 -24.98
N ASN M 446 33.18 -51.99 -24.97
CA ASN M 446 32.05 -51.66 -24.11
C ASN M 446 31.25 -52.82 -23.66
N ARG M 447 30.49 -52.60 -22.60
CA ARG M 447 29.59 -53.59 -22.04
C ARG M 447 28.27 -52.90 -21.74
N GLN M 448 27.19 -53.36 -22.36
CA GLN M 448 25.90 -52.73 -22.10
C GLN M 448 25.21 -53.62 -21.10
N PRO M 449 24.20 -53.11 -20.38
CA PRO M 449 23.63 -51.76 -20.47
C PRO M 449 24.68 -50.65 -20.36
N SER M 450 24.64 -49.75 -21.34
CA SER M 450 25.59 -48.63 -21.43
C SER M 450 24.98 -47.39 -20.79
N LEU M 451 25.11 -47.24 -19.48
CA LEU M 451 24.54 -46.09 -18.77
C LEU M 451 25.59 -45.16 -18.19
N HIS M 452 26.81 -45.30 -18.68
CA HIS M 452 27.91 -44.51 -18.18
C HIS M 452 28.69 -43.91 -19.31
N LYS M 453 29.49 -42.90 -18.99
CA LYS M 453 30.36 -42.31 -19.99
C LYS M 453 31.41 -43.43 -20.13
N MET M 454 31.63 -44.14 -19.01
CA MET M 454 32.57 -45.25 -18.90
C MET M 454 32.09 -46.63 -19.36
N SER M 455 30.88 -46.73 -19.90
CA SER M 455 30.40 -48.03 -20.38
C SER M 455 31.07 -48.32 -21.72
N MET M 456 31.83 -47.33 -22.17
CA MET M 456 32.57 -47.41 -23.42
C MET M 456 33.92 -46.71 -23.22
N MET M 457 35.02 -47.43 -23.44
CA MET M 457 36.33 -46.84 -23.29
C MET M 457 37.30 -47.37 -24.34
N ALA M 458 38.23 -46.51 -24.72
CA ALA M 458 39.21 -46.86 -25.73
C ALA M 458 40.34 -47.62 -25.06
N HIS M 459 40.73 -48.77 -25.64
CA HIS M 459 41.82 -49.62 -25.11
C HIS M 459 42.94 -49.83 -26.13
N ARG M 460 44.12 -50.19 -25.62
CA ARG M 460 45.26 -50.51 -26.47
C ARG M 460 44.97 -51.96 -26.86
N VAL M 461 45.13 -52.27 -28.15
CA VAL M 461 44.88 -53.63 -28.65
C VAL M 461 46.06 -54.54 -28.40
N LYS M 462 45.75 -55.75 -28.00
CA LYS M 462 46.79 -56.74 -27.78
C LYS M 462 46.22 -58.00 -28.35
N VAL M 463 46.78 -58.44 -29.47
CA VAL M 463 46.29 -59.65 -30.08
C VAL M 463 46.86 -60.76 -29.23
N MET M 464 45.99 -61.69 -28.86
CA MET M 464 46.38 -62.84 -28.03
C MET M 464 45.68 -64.08 -28.55
N PRO M 465 46.09 -65.25 -28.05
CA PRO M 465 45.42 -66.46 -28.52
C PRO M 465 44.10 -66.66 -27.79
N TYR M 466 43.51 -67.83 -28.00
CA TYR M 466 42.26 -68.19 -27.34
C TYR M 466 41.14 -67.19 -27.58
N SER M 467 39.99 -67.77 -27.88
CA SER M 467 38.75 -67.09 -28.20
C SER M 467 38.09 -66.12 -27.21
N THR M 468 38.83 -65.17 -26.61
CA THR M 468 38.19 -64.25 -25.66
C THR M 468 38.85 -62.91 -25.41
N PHE M 469 38.01 -61.90 -25.22
CA PHE M 469 38.46 -60.56 -24.90
C PHE M 469 39.01 -60.59 -23.47
N ARG M 470 40.31 -60.31 -23.35
CA ARG M 470 41.00 -60.31 -22.06
C ARG M 470 41.23 -58.89 -21.55
N LEU M 471 40.39 -58.49 -20.59
CA LEU M 471 40.47 -57.17 -19.98
C LEU M 471 41.02 -57.18 -18.57
N ASN M 472 41.60 -56.06 -18.17
CA ASN M 472 42.20 -55.87 -16.86
C ASN M 472 41.15 -55.84 -15.75
N LEU M 473 41.53 -56.27 -14.54
CA LEU M 473 40.58 -56.30 -13.43
C LEU M 473 40.14 -54.93 -12.95
N SER M 474 41.09 -54.07 -12.66
CA SER M 474 40.75 -52.75 -12.17
C SER M 474 39.78 -51.96 -13.07
N VAL M 475 39.69 -52.33 -14.35
CA VAL M 475 38.77 -51.68 -15.26
C VAL M 475 37.50 -52.52 -15.33
N THR M 476 37.21 -53.18 -14.23
CA THR M 476 36.05 -54.05 -14.15
C THR M 476 34.75 -53.30 -13.82
N SER M 477 34.72 -52.64 -12.64
CA SER M 477 33.53 -51.93 -12.20
C SER M 477 32.97 -50.85 -13.14
N PRO M 478 33.81 -50.23 -13.99
CA PRO M 478 33.22 -49.21 -14.88
C PRO M 478 32.15 -49.83 -15.80
N TYR M 479 32.50 -50.93 -16.48
CA TYR M 479 31.57 -51.60 -17.38
C TYR M 479 30.61 -52.39 -16.51
N ASN M 480 31.12 -52.78 -15.36
CA ASN M 480 30.38 -53.55 -14.36
C ASN M 480 30.27 -54.97 -14.85
N ALA M 481 31.38 -55.57 -15.23
CA ALA M 481 31.31 -56.93 -15.69
C ALA M 481 31.95 -57.91 -14.74
N ASP M 482 31.68 -59.18 -14.99
CA ASP M 482 32.20 -60.30 -14.22
C ASP M 482 32.47 -61.33 -15.29
N PHE M 483 33.02 -62.48 -14.91
CA PHE M 483 33.34 -63.46 -15.92
C PHE M 483 32.48 -64.70 -15.96
N ASP M 484 31.29 -64.63 -15.39
CA ASP M 484 30.41 -65.79 -15.40
C ASP M 484 29.72 -65.99 -16.74
N GLY M 485 30.33 -65.51 -17.82
CA GLY M 485 29.72 -65.68 -19.14
C GLY M 485 29.47 -64.39 -19.88
N ASP M 486 29.56 -63.29 -19.15
CA ASP M 486 29.37 -61.93 -19.67
C ASP M 486 30.10 -61.77 -21.01
N GLU M 487 29.47 -61.04 -21.93
CA GLU M 487 30.06 -60.76 -23.27
C GLU M 487 30.36 -59.25 -23.46
N MET M 488 31.27 -58.92 -24.37
CA MET M 488 31.63 -57.52 -24.60
C MET M 488 31.66 -57.11 -26.07
N ASN M 489 31.17 -55.92 -26.38
CA ASN M 489 31.20 -55.44 -27.77
C ASN M 489 32.46 -54.61 -28.00
N LEU M 490 33.06 -54.76 -29.17
CA LEU M 490 34.25 -53.99 -29.52
C LEU M 490 34.05 -53.28 -30.87
N HIS M 491 34.41 -52.00 -30.95
CA HIS M 491 34.27 -51.25 -32.19
C HIS M 491 35.64 -50.77 -32.64
N VAL M 492 35.86 -50.68 -33.95
CA VAL M 492 37.16 -50.26 -34.45
C VAL M 492 37.13 -48.97 -35.23
N PRO M 493 37.81 -47.91 -34.71
CA PRO M 493 37.87 -46.59 -35.34
C PRO M 493 38.28 -46.78 -36.79
N GLN M 494 38.15 -45.76 -37.63
CA GLN M 494 38.51 -45.99 -39.03
C GLN M 494 39.29 -44.84 -39.71
N SER M 495 39.15 -43.64 -39.18
CA SER M 495 39.84 -42.47 -39.73
C SER M 495 41.06 -42.23 -38.87
N GLU M 496 41.96 -41.36 -39.30
CA GLU M 496 43.15 -41.06 -38.51
C GLU M 496 42.74 -40.25 -37.28
N GLU M 497 41.67 -39.47 -37.43
CA GLU M 497 41.18 -38.63 -36.35
C GLU M 497 40.24 -39.42 -35.49
N THR M 498 39.40 -40.20 -36.13
CA THR M 498 38.48 -41.04 -35.39
C THR M 498 39.28 -41.69 -34.27
N ARG M 499 40.41 -42.29 -34.63
CA ARG M 499 41.31 -42.96 -33.68
C ARG M 499 41.71 -41.99 -32.57
N ALA M 500 42.31 -40.87 -32.99
CA ALA M 500 42.78 -39.82 -32.08
C ALA M 500 41.70 -39.43 -31.09
N GLU M 501 40.50 -39.18 -31.62
CA GLU M 501 39.36 -38.78 -30.81
C GLU M 501 39.09 -39.87 -29.75
N LEU M 502 39.42 -41.11 -30.11
CA LEU M 502 39.24 -42.25 -29.24
C LEU M 502 40.33 -42.34 -28.18
N SER M 503 41.52 -41.90 -28.52
CA SER M 503 42.64 -42.00 -27.60
C SER M 503 42.87 -40.77 -26.75
N GLN M 504 42.44 -39.62 -27.24
CA GLN M 504 42.64 -38.36 -26.50
C GLN M 504 41.55 -37.98 -25.50
N LEU M 505 40.38 -38.64 -25.60
CA LEU M 505 39.23 -38.39 -24.71
C LEU M 505 38.61 -39.66 -24.11
N CYS M 506 38.77 -40.80 -24.77
CA CYS M 506 38.15 -42.03 -24.28
C CYS M 506 39.15 -43.04 -23.75
N ALA M 507 40.41 -42.66 -23.73
CA ALA M 507 41.41 -43.60 -23.25
C ALA M 507 41.02 -43.95 -21.81
N VAL M 508 41.17 -45.22 -21.42
CA VAL M 508 40.86 -45.65 -20.06
C VAL M 508 41.52 -44.77 -18.98
N PRO M 509 42.81 -44.38 -19.18
CA PRO M 509 43.52 -43.57 -18.21
C PRO M 509 42.86 -42.21 -17.93
N LEU M 510 42.29 -41.60 -18.97
CA LEU M 510 41.63 -40.31 -18.79
C LEU M 510 40.39 -40.47 -17.92
N GLN M 511 39.78 -41.64 -18.01
CA GLN M 511 38.56 -41.93 -17.27
C GLN M 511 38.66 -42.21 -15.77
N ILE M 512 39.87 -42.42 -15.26
CA ILE M 512 40.03 -42.77 -13.84
C ILE M 512 39.31 -41.92 -12.79
N VAL M 513 39.11 -40.65 -13.06
CA VAL M 513 38.40 -39.83 -12.09
C VAL M 513 37.01 -39.50 -12.67
N SER M 514 35.97 -40.13 -12.12
CA SER M 514 34.60 -39.96 -12.60
C SER M 514 33.91 -38.67 -12.21
N PRO M 515 33.50 -37.87 -13.22
CA PRO M 515 32.83 -36.60 -12.96
C PRO M 515 31.50 -36.73 -12.23
N GLN M 516 30.85 -37.88 -12.31
CA GLN M 516 29.57 -37.97 -11.63
C GLN M 516 29.70 -37.88 -10.12
N SER M 517 30.76 -38.45 -9.56
CA SER M 517 30.96 -38.40 -8.10
C SER M 517 32.32 -37.87 -7.69
N ASN M 518 32.87 -37.01 -8.55
CA ASN M 518 34.18 -36.37 -8.36
C ASN M 518 35.19 -37.18 -7.59
N LYS M 519 35.19 -38.50 -7.84
CA LYS M 519 36.14 -39.40 -7.20
C LYS M 519 36.49 -40.44 -8.27
N PRO M 520 37.60 -41.16 -8.09
CA PRO M 520 37.93 -42.16 -9.11
C PRO M 520 36.75 -43.13 -9.27
N VAL M 521 36.89 -44.13 -10.14
CA VAL M 521 35.83 -45.11 -10.34
C VAL M 521 36.37 -46.48 -10.73
N MET M 522 37.63 -46.70 -10.38
CA MET M 522 38.32 -47.96 -10.65
C MET M 522 39.37 -48.10 -9.54
N GLY M 523 39.31 -49.20 -8.79
CA GLY M 523 40.28 -49.40 -7.73
C GLY M 523 40.87 -50.76 -7.86
N ILE M 524 41.41 -51.28 -6.77
CA ILE M 524 42.00 -52.61 -6.77
C ILE M 524 40.98 -53.60 -6.22
N VAL M 525 40.53 -54.54 -7.05
CA VAL M 525 39.55 -55.51 -6.58
C VAL M 525 40.14 -56.84 -6.08
N GLN M 526 39.24 -57.74 -5.70
CA GLN M 526 39.56 -59.08 -5.20
C GLN M 526 41.00 -59.42 -4.76
N ASP M 527 41.56 -60.49 -5.35
CA ASP M 527 42.90 -60.96 -5.02
C ASP M 527 43.91 -59.88 -4.73
N THR M 528 44.08 -58.95 -5.66
CA THR M 528 45.05 -57.89 -5.48
C THR M 528 44.74 -57.10 -4.21
N LEU M 529 43.48 -56.77 -3.98
CA LEU M 529 43.13 -56.04 -2.77
C LEU M 529 43.39 -56.91 -1.56
N CYS M 530 42.62 -57.98 -1.47
CA CYS M 530 42.75 -58.90 -0.35
C CYS M 530 44.20 -59.14 0.05
N GLY M 531 45.03 -59.50 -0.91
CA GLY M 531 46.43 -59.74 -0.61
C GLY M 531 47.24 -58.52 -0.24
N VAL M 532 47.03 -57.40 -0.94
CA VAL M 532 47.78 -56.20 -0.61
C VAL M 532 47.69 -55.93 0.90
N ARG M 533 46.56 -56.34 1.50
CA ARG M 533 46.35 -56.16 2.94
C ARG M 533 47.31 -57.01 3.74
N LYS M 534 47.29 -58.30 3.48
CA LYS M 534 48.17 -59.22 4.17
C LYS M 534 49.58 -58.67 4.08
N MET M 535 50.13 -58.62 2.87
CA MET M 535 51.47 -58.12 2.62
C MET M 535 51.91 -56.89 3.43
N THR M 536 50.95 -56.10 3.90
CA THR M 536 51.24 -54.88 4.64
C THR M 536 51.51 -55.01 6.15
N LEU M 537 50.78 -55.90 6.83
CA LEU M 537 50.92 -56.14 8.28
C LEU M 537 52.37 -56.16 8.78
N ARG M 538 52.59 -55.67 10.00
CA ARG M 538 53.95 -55.67 10.55
C ARG M 538 54.55 -57.07 10.53
N ASP M 539 53.68 -58.08 10.66
CA ASP M 539 54.09 -59.50 10.69
C ASP M 539 54.56 -60.09 9.35
N THR M 540 54.29 -59.38 8.27
CA THR M 540 54.66 -59.84 6.94
C THR M 540 56.09 -59.49 6.57
N PHE M 541 56.94 -60.53 6.49
CA PHE M 541 58.33 -60.33 6.12
C PHE M 541 58.74 -61.23 4.95
N ILE M 542 59.64 -60.69 4.13
CA ILE M 542 60.14 -61.37 2.95
C ILE M 542 61.65 -61.33 2.90
N GLU M 543 62.26 -62.44 2.49
CA GLU M 543 63.71 -62.52 2.40
C GLU M 543 64.22 -62.25 1.01
N TYR M 544 65.50 -61.90 0.94
CA TYR M 544 66.22 -61.59 -0.28
C TYR M 544 65.79 -62.29 -1.56
N GLU M 545 65.83 -63.62 -1.53
CA GLU M 545 65.46 -64.44 -2.68
C GLU M 545 64.18 -63.96 -3.35
N GLN M 546 63.19 -63.64 -2.53
CA GLN M 546 61.91 -63.21 -3.03
C GLN M 546 61.85 -61.68 -3.17
N VAL M 547 62.44 -60.96 -2.23
CA VAL M 547 62.42 -59.51 -2.34
C VAL M 547 63.03 -59.11 -3.68
N MET M 548 63.76 -60.04 -4.29
CA MET M 548 64.39 -59.77 -5.58
C MET M 548 63.41 -60.06 -6.71
N ASN M 549 62.85 -61.27 -6.72
CA ASN M 549 61.90 -61.64 -7.76
C ASN M 549 60.70 -60.74 -7.69
N MET M 550 60.58 -60.00 -6.59
CA MET M 550 59.46 -59.09 -6.47
C MET M 550 59.81 -57.76 -7.11
N LEU M 551 61.02 -57.30 -6.87
CA LEU M 551 61.44 -56.04 -7.46
C LEU M 551 61.50 -56.19 -8.97
N PHE M 552 61.84 -57.39 -9.43
CA PHE M 552 61.95 -57.62 -10.86
C PHE M 552 60.62 -57.41 -11.55
N TRP M 553 59.53 -57.85 -10.91
CA TRP M 553 58.22 -57.70 -11.50
C TRP M 553 57.73 -56.29 -11.65
N VAL M 554 58.36 -55.35 -10.95
CA VAL M 554 57.97 -53.97 -11.14
C VAL M 554 58.81 -53.51 -12.31
N PRO M 555 58.18 -53.28 -13.47
CA PRO M 555 58.85 -52.84 -14.71
C PRO M 555 59.67 -51.55 -14.63
N SER M 556 59.18 -50.58 -13.88
CA SER M 556 59.86 -49.29 -13.74
C SER M 556 61.00 -49.34 -12.76
N TRP M 557 61.15 -50.47 -12.09
CA TRP M 557 62.21 -50.59 -11.10
C TRP M 557 63.52 -49.97 -11.54
N ASP M 558 63.97 -49.04 -10.71
CA ASP M 558 65.20 -48.27 -10.88
C ASP M 558 66.43 -49.15 -10.94
N GLY M 559 66.28 -50.42 -10.56
CA GLY M 559 67.40 -51.34 -10.58
C GLY M 559 68.22 -51.18 -9.33
N VAL M 560 67.54 -50.85 -8.24
CA VAL M 560 68.19 -50.65 -6.96
C VAL M 560 67.40 -51.23 -5.78
N VAL M 561 68.00 -52.22 -5.15
CA VAL M 561 67.45 -52.93 -4.00
C VAL M 561 67.60 -52.03 -2.76
N PRO M 562 66.47 -51.68 -2.14
CA PRO M 562 66.40 -50.82 -0.95
C PRO M 562 66.94 -51.52 0.29
N GLN M 563 67.69 -50.75 1.09
CA GLN M 563 68.28 -51.26 2.32
C GLN M 563 67.25 -51.96 3.22
N PRO M 564 67.51 -53.24 3.52
CA PRO M 564 66.69 -54.15 4.35
C PRO M 564 66.15 -53.51 5.60
N ALA M 565 64.89 -53.81 5.91
CA ALA M 565 64.26 -53.26 7.09
C ALA M 565 64.82 -53.96 8.32
N ILE M 566 65.70 -54.91 8.07
CA ILE M 566 66.34 -55.67 9.13
C ILE M 566 67.67 -56.18 8.61
N LEU M 567 68.70 -56.09 9.44
CA LEU M 567 70.02 -56.57 9.06
C LEU M 567 70.57 -57.51 10.12
N LYS M 568 70.34 -57.16 11.40
CA LYS M 568 70.78 -57.94 12.57
C LYS M 568 70.99 -59.42 12.23
N PRO M 569 70.09 -60.34 12.67
CA PRO M 569 70.49 -61.68 12.24
C PRO M 569 70.23 -61.97 10.75
N LYS M 570 68.96 -61.97 10.35
CA LYS M 570 68.60 -62.23 8.96
C LYS M 570 68.18 -60.93 8.30
N PRO M 571 68.69 -60.66 7.09
CA PRO M 571 68.34 -59.43 6.39
C PRO M 571 66.96 -59.57 5.72
N LEU M 572 65.91 -59.05 6.36
CA LEU M 572 64.56 -59.15 5.79
C LEU M 572 63.97 -57.80 5.38
N TRP M 573 62.83 -57.88 4.69
CA TRP M 573 62.08 -56.71 4.23
C TRP M 573 60.65 -56.95 4.62
N THR M 574 59.83 -55.90 4.53
CA THR M 574 58.41 -56.02 4.86
C THR M 574 57.62 -55.54 3.66
N GLY M 575 56.42 -56.09 3.51
CA GLY M 575 55.58 -55.70 2.40
C GLY M 575 55.56 -54.19 2.33
N LYS M 576 55.12 -53.55 3.41
CA LYS M 576 55.06 -52.09 3.46
C LYS M 576 56.23 -51.51 2.70
N GLN M 577 57.42 -52.10 2.85
CA GLN M 577 58.59 -51.61 2.14
C GLN M 577 58.45 -51.83 0.66
N LEU M 578 58.59 -53.09 0.23
CA LEU M 578 58.49 -53.39 -1.19
C LEU M 578 57.20 -52.88 -1.87
N LEU M 579 56.03 -53.11 -1.28
CA LEU M 579 54.81 -52.61 -1.90
C LEU M 579 55.01 -51.15 -2.29
N SER M 580 55.83 -50.46 -1.51
CA SER M 580 56.10 -49.04 -1.74
C SER M 580 56.91 -48.70 -2.99
N ILE M 581 57.70 -49.66 -3.45
CA ILE M 581 58.52 -49.46 -4.65
C ILE M 581 57.62 -49.17 -5.85
N ALA M 582 56.32 -49.39 -5.67
CA ALA M 582 55.33 -49.15 -6.72
C ALA M 582 54.83 -47.72 -6.69
N ILE M 583 54.95 -47.08 -5.53
CA ILE M 583 54.50 -45.70 -5.35
C ILE M 583 55.55 -44.66 -5.74
N PRO M 584 55.24 -43.85 -6.78
CA PRO M 584 56.07 -42.79 -7.33
C PRO M 584 56.47 -41.74 -6.31
N SER M 585 57.60 -41.09 -6.55
CA SER M 585 58.12 -40.08 -5.63
C SER M 585 57.26 -38.82 -5.62
N GLY M 586 57.09 -38.23 -4.43
CA GLY M 586 56.28 -37.04 -4.31
C GLY M 586 54.85 -37.32 -3.86
N ILE M 587 54.50 -38.60 -3.77
CA ILE M 587 53.17 -38.99 -3.34
C ILE M 587 53.06 -38.89 -1.80
N HIS M 588 52.33 -37.89 -1.31
CA HIS M 588 52.17 -37.69 0.13
C HIS M 588 50.74 -38.05 0.54
N LEU M 589 50.58 -39.04 1.41
CA LEU M 589 49.25 -39.41 1.86
C LEU M 589 49.17 -39.51 3.38
N GLN M 590 48.10 -38.93 3.94
CA GLN M 590 47.83 -38.92 5.39
C GLN M 590 46.41 -39.42 5.67
N ARG M 591 46.24 -40.20 6.74
CA ARG M 591 44.93 -40.75 7.06
C ARG M 591 44.28 -40.43 8.42
N THR M 592 44.34 -41.41 9.34
CA THR M 592 43.76 -41.33 10.70
C THR M 592 42.37 -41.96 10.81
N ASP M 593 42.33 -43.19 11.32
CA ASP M 593 41.09 -43.93 11.50
C ASP M 593 40.53 -43.70 12.92
N GLY M 594 40.50 -44.74 13.74
CA GLY M 594 40.02 -44.61 15.11
C GLY M 594 41.17 -44.20 16.00
N GLY M 595 41.65 -45.16 16.80
CA GLY M 595 42.78 -44.88 17.67
C GLY M 595 44.02 -44.78 16.80
N ASN M 596 44.08 -43.73 15.99
CA ASN M 596 45.20 -43.51 15.08
C ASN M 596 46.00 -42.27 15.43
N SER M 597 47.30 -42.45 15.66
CA SER M 597 48.17 -41.33 15.99
C SER M 597 49.62 -41.68 15.75
N LEU M 598 50.28 -40.83 14.97
CA LEU M 598 51.69 -40.92 14.61
C LEU M 598 52.49 -42.03 15.31
N LEU M 599 51.96 -43.24 15.27
CA LEU M 599 52.56 -44.41 15.90
C LEU M 599 51.37 -45.33 16.09
N SER M 600 50.52 -45.31 15.05
CA SER M 600 49.30 -46.10 15.03
C SER M 600 49.53 -47.41 15.72
N PRO M 601 48.96 -47.57 16.91
CA PRO M 601 49.10 -48.80 17.67
C PRO M 601 48.53 -49.97 16.87
N LYS M 602 47.20 -50.01 16.72
CA LYS M 602 46.59 -51.10 15.97
C LYS M 602 47.02 -51.10 14.50
N ASP M 603 47.98 -50.24 14.18
CA ASP M 603 48.53 -50.09 12.82
C ASP M 603 47.45 -49.55 11.88
N ASN M 604 46.68 -48.58 12.38
CA ASN M 604 45.61 -47.99 11.61
C ASN M 604 46.13 -46.86 10.77
N GLY M 605 45.19 -46.05 10.27
CA GLY M 605 45.53 -44.91 9.46
C GLY M 605 46.42 -45.27 8.30
N MET M 606 47.00 -44.25 7.69
CA MET M 606 47.86 -44.44 6.54
C MET M 606 48.68 -43.21 6.36
N LEU M 607 49.98 -43.38 6.22
CA LEU M 607 50.84 -42.25 6.00
C LEU M 607 51.90 -42.63 5.01
N ILE M 608 51.91 -41.92 3.89
CA ILE M 608 52.91 -42.18 2.88
C ILE M 608 53.55 -40.85 2.57
N VAL M 609 54.87 -40.79 2.75
CA VAL M 609 55.59 -39.58 2.44
C VAL M 609 56.60 -39.92 1.35
N ASP M 610 56.97 -38.91 0.55
CA ASP M 610 57.93 -39.09 -0.54
C ASP M 610 57.65 -40.28 -1.44
N GLY M 611 56.50 -40.92 -1.24
CA GLY M 611 56.18 -42.07 -2.07
C GLY M 611 56.69 -43.36 -1.48
N LYS M 612 56.66 -43.43 -0.15
CA LYS M 612 57.08 -44.62 0.62
C LYS M 612 56.09 -44.78 1.77
N VAL M 613 55.51 -45.96 1.90
CA VAL M 613 54.54 -46.20 2.96
C VAL M 613 55.26 -46.12 4.29
N MET M 614 54.82 -45.20 5.14
CA MET M 614 55.44 -45.03 6.45
C MET M 614 54.77 -45.89 7.49
N PHE M 615 53.45 -45.78 7.57
CA PHE M 615 52.72 -46.58 8.54
C PHE M 615 51.25 -46.79 8.22
N GLY M 616 50.72 -47.90 8.74
CA GLY M 616 49.31 -48.22 8.55
C GLY M 616 49.18 -49.38 7.58
N VAL M 617 48.03 -50.04 7.56
CA VAL M 617 47.84 -51.15 6.65
C VAL M 617 47.11 -50.65 5.40
N VAL M 618 47.34 -51.33 4.29
CA VAL M 618 46.71 -50.92 3.04
C VAL M 618 45.57 -51.82 2.59
N ASP M 619 44.39 -51.22 2.42
CA ASP M 619 43.21 -51.94 1.95
C ASP M 619 42.22 -51.00 1.25
N LYS M 620 41.00 -51.50 1.02
CA LYS M 620 39.97 -50.72 0.30
C LYS M 620 40.02 -49.21 0.54
N LYS M 621 40.21 -48.82 1.78
CA LYS M 621 40.26 -47.41 2.16
C LYS M 621 41.43 -46.66 1.53
N THR M 622 42.58 -47.31 1.43
CA THR M 622 43.77 -46.65 0.90
C THR M 622 44.05 -46.86 -0.58
N VAL M 623 43.40 -47.84 -1.18
CA VAL M 623 43.63 -48.14 -2.59
C VAL M 623 42.35 -48.47 -3.36
N GLY M 624 41.21 -48.05 -2.83
CA GLY M 624 39.95 -48.32 -3.49
C GLY M 624 39.53 -47.15 -4.35
N SER M 625 38.39 -47.28 -5.01
CA SER M 625 37.83 -46.24 -5.88
C SER M 625 37.22 -45.13 -5.02
N GLY M 626 37.91 -44.86 -3.92
CA GLY M 626 37.51 -43.88 -2.91
C GLY M 626 38.12 -42.49 -3.07
N GLY M 627 37.62 -41.55 -2.26
CA GLY M 627 38.05 -40.16 -2.26
C GLY M 627 39.52 -39.92 -1.97
N GLY M 628 39.93 -40.14 -0.72
CA GLY M 628 41.34 -39.93 -0.39
C GLY M 628 42.23 -40.80 -1.26
N GLY M 629 41.63 -41.89 -1.76
CA GLY M 629 42.28 -42.88 -2.62
C GLY M 629 43.67 -42.58 -3.11
N LEU M 630 44.63 -43.44 -2.76
CA LEU M 630 46.01 -43.22 -3.21
C LEU M 630 45.95 -43.07 -4.73
N ILE M 631 44.95 -43.70 -5.33
CA ILE M 631 44.76 -43.63 -6.78
C ILE M 631 44.30 -42.22 -7.08
N HIS M 632 43.18 -41.82 -6.48
CA HIS M 632 42.65 -40.48 -6.69
C HIS M 632 43.78 -39.44 -6.61
N THR M 633 44.71 -39.66 -5.69
CA THR M 633 45.83 -38.74 -5.50
C THR M 633 46.91 -38.84 -6.57
N VAL M 634 47.28 -40.06 -6.93
CA VAL M 634 48.33 -40.27 -7.93
C VAL M 634 47.85 -39.75 -9.29
N MET M 635 46.53 -39.84 -9.53
CA MET M 635 45.98 -39.34 -10.78
C MET M 635 46.18 -37.86 -10.79
N ARG M 636 45.64 -37.21 -9.76
CA ARG M 636 45.74 -35.76 -9.62
C ARG M 636 47.16 -35.21 -9.59
N GLU M 637 48.06 -35.90 -8.89
CA GLU M 637 49.42 -35.43 -8.78
C GLU M 637 50.35 -35.79 -9.94
N LYS M 638 50.19 -36.99 -10.50
CA LYS M 638 51.07 -37.39 -11.59
C LYS M 638 50.48 -37.35 -13.00
N GLY M 639 49.19 -37.66 -13.12
CA GLY M 639 48.58 -37.64 -14.44
C GLY M 639 47.85 -38.91 -14.81
N PRO M 640 47.11 -38.91 -15.92
CA PRO M 640 46.39 -40.12 -16.31
C PRO M 640 47.35 -41.28 -16.44
N LYS M 641 48.36 -41.06 -17.28
CA LYS M 641 49.37 -42.07 -17.58
C LYS M 641 50.05 -42.74 -16.38
N ILE M 642 50.82 -41.96 -15.63
CA ILE M 642 51.55 -42.47 -14.46
C ILE M 642 50.66 -43.33 -13.57
N CYS M 643 49.49 -42.80 -13.21
CA CYS M 643 48.57 -43.52 -12.35
C CYS M 643 48.05 -44.80 -13.00
N ALA M 644 47.77 -44.74 -14.30
CA ALA M 644 47.25 -45.90 -15.01
C ALA M 644 48.25 -47.04 -14.94
N GLU M 645 49.53 -46.69 -14.95
CA GLU M 645 50.57 -47.68 -14.86
C GLU M 645 50.58 -48.21 -13.42
N LEU M 646 50.44 -47.29 -12.45
CA LEU M 646 50.41 -47.63 -11.04
C LEU M 646 49.60 -48.87 -10.73
N PHE M 647 48.46 -49.03 -11.38
CA PHE M 647 47.65 -50.22 -11.13
C PHE M 647 48.51 -51.45 -11.37
N GLY M 648 48.79 -51.72 -12.64
CA GLY M 648 49.58 -52.88 -13.04
C GLY M 648 50.71 -53.26 -12.11
N ASN M 649 51.42 -52.26 -11.63
CA ASN M 649 52.52 -52.50 -10.72
C ASN M 649 51.98 -53.04 -9.39
N ILE M 650 51.30 -52.18 -8.63
CA ILE M 650 50.74 -52.58 -7.34
C ILE M 650 50.15 -53.95 -7.52
N GLN M 651 49.63 -54.18 -8.72
CA GLN M 651 49.07 -55.46 -9.04
C GLN M 651 50.21 -56.47 -9.13
N LYS M 652 50.88 -56.50 -10.27
CA LYS M 652 51.98 -57.43 -10.51
C LYS M 652 52.74 -57.87 -9.24
N VAL M 653 53.13 -56.92 -8.38
CA VAL M 653 53.85 -57.27 -7.14
C VAL M 653 52.96 -58.13 -6.27
N VAL M 654 51.84 -57.55 -5.84
CA VAL M 654 50.89 -58.25 -5.00
C VAL M 654 50.38 -59.60 -5.56
N ASN M 655 49.75 -59.60 -6.73
CA ASN M 655 49.21 -60.85 -7.32
C ASN M 655 50.25 -61.97 -7.27
N TYR M 656 51.49 -61.60 -7.60
CA TYR M 656 52.62 -62.54 -7.60
C TYR M 656 52.82 -63.10 -6.20
N TRP M 657 52.97 -62.17 -5.26
CA TRP M 657 53.16 -62.49 -3.85
C TRP M 657 52.06 -63.44 -3.39
N LEU M 658 50.81 -63.06 -3.61
CA LEU M 658 49.70 -63.91 -3.22
C LEU M 658 49.86 -65.28 -3.87
N LEU M 659 50.24 -65.31 -5.14
CA LEU M 659 50.42 -66.60 -5.82
C LEU M 659 51.22 -67.57 -4.96
N HIS M 660 52.16 -67.03 -4.19
CA HIS M 660 53.01 -67.83 -3.31
C HIS M 660 52.54 -67.96 -1.88
N ASN M 661 51.96 -66.91 -1.32
CA ASN M 661 51.47 -66.99 0.06
C ASN M 661 50.16 -67.80 0.13
N GLY M 662 49.47 -67.92 -1.00
CA GLY M 662 48.21 -68.65 -1.01
C GLY M 662 47.14 -67.99 -0.18
N PHE M 663 45.89 -68.46 -0.34
CA PHE M 663 44.73 -67.97 0.41
C PHE M 663 43.49 -68.79 0.02
N SER M 664 42.59 -69.03 0.97
CA SER M 664 41.40 -69.84 0.70
C SER M 664 40.26 -69.57 1.69
N ILE M 665 39.25 -70.43 1.67
CA ILE M 665 38.10 -70.33 2.56
C ILE M 665 37.42 -71.67 2.57
N GLY M 666 36.89 -72.06 3.73
CA GLY M 666 36.19 -73.34 3.84
C GLY M 666 35.27 -73.37 5.04
N ILE M 667 34.29 -74.26 5.05
CA ILE M 667 33.33 -74.35 6.16
C ILE M 667 33.96 -73.93 7.48
N GLY M 668 35.21 -74.31 7.69
CA GLY M 668 35.90 -73.95 8.92
C GLY M 668 35.88 -72.46 9.24
N ASP M 669 35.82 -71.62 8.21
CA ASP M 669 35.80 -70.18 8.42
C ASP M 669 34.43 -69.74 8.90
N ALA M 670 33.44 -70.61 8.76
CA ALA M 670 32.08 -70.27 9.19
C ALA M 670 31.59 -70.91 10.48
N ILE M 671 32.47 -71.59 11.22
CA ILE M 671 32.01 -72.20 12.47
C ILE M 671 32.38 -71.39 13.69
N ALA M 672 31.43 -71.30 14.61
CA ALA M 672 31.61 -70.54 15.83
C ALA M 672 32.13 -71.38 17.00
N ASP M 673 32.91 -70.73 17.86
CA ASP M 673 33.50 -71.32 19.06
C ASP M 673 32.54 -72.33 19.70
N ALA M 674 33.08 -73.33 20.40
CA ALA M 674 32.21 -74.30 21.05
C ALA M 674 31.14 -73.67 21.94
N SER M 675 31.51 -72.78 22.89
CA SER M 675 30.55 -72.12 23.79
C SER M 675 29.78 -70.95 23.19
N THR M 676 30.36 -70.27 22.20
CA THR M 676 29.68 -69.14 21.60
C THR M 676 28.40 -69.58 20.91
N MET M 677 28.44 -70.74 20.25
CA MET M 677 27.26 -71.26 19.57
C MET M 677 26.14 -71.51 20.58
N LYS M 678 26.51 -71.57 21.86
CA LYS M 678 25.53 -71.77 22.94
C LYS M 678 25.06 -70.41 23.41
N GLU M 679 26.02 -69.56 23.77
CA GLU M 679 25.74 -68.22 24.26
C GLU M 679 24.73 -67.50 23.37
N ILE M 680 24.68 -67.91 22.10
CA ILE M 680 23.76 -67.32 21.15
C ILE M 680 22.39 -67.94 21.28
N THR M 681 22.34 -69.26 21.22
CA THR M 681 21.09 -70.01 21.35
C THR M 681 20.20 -69.35 22.38
N HIS M 682 20.76 -69.13 23.56
CA HIS M 682 20.04 -68.53 24.69
C HIS M 682 19.87 -67.02 24.61
N ALA M 683 20.22 -66.45 23.46
CA ALA M 683 20.05 -65.02 23.26
C ALA M 683 18.86 -64.91 22.34
N ILE M 684 18.38 -66.08 21.93
CA ILE M 684 17.22 -66.22 21.06
C ILE M 684 16.09 -66.76 21.93
N SER M 685 16.45 -67.58 22.91
CA SER M 685 15.47 -68.14 23.84
C SER M 685 14.93 -66.97 24.64
N SER M 686 15.85 -66.25 25.30
CA SER M 686 15.49 -65.09 26.11
C SER M 686 14.75 -64.07 25.25
N ALA M 687 15.20 -63.92 24.00
CA ALA M 687 14.60 -62.99 23.07
C ALA M 687 13.23 -63.56 22.71
N LYS M 688 13.09 -64.87 22.77
CA LYS M 688 11.81 -65.48 22.46
C LYS M 688 10.82 -65.12 23.56
N GLU M 689 11.26 -65.18 24.81
CA GLU M 689 10.37 -64.85 25.91
C GLU M 689 10.09 -63.37 26.02
N GLN M 690 11.03 -62.52 25.63
CA GLN M 690 10.75 -61.08 25.70
C GLN M 690 9.66 -60.78 24.68
N VAL M 691 9.24 -61.82 23.95
CA VAL M 691 8.19 -61.73 22.95
C VAL M 691 6.93 -62.39 23.54
N GLN M 692 7.08 -63.61 24.06
CA GLN M 692 5.99 -64.33 24.69
C GLN M 692 5.40 -63.40 25.76
N GLU M 693 6.30 -62.66 26.41
CA GLU M 693 5.98 -61.72 27.48
C GLU M 693 5.10 -60.57 27.04
N ILE M 694 5.49 -59.91 25.95
CA ILE M 694 4.73 -58.78 25.43
C ILE M 694 3.49 -59.25 24.68
N ILE M 695 3.38 -60.56 24.50
CA ILE M 695 2.25 -61.14 23.80
C ILE M 695 1.19 -61.42 24.87
N TYR M 696 1.65 -61.83 26.06
CA TYR M 696 0.77 -62.10 27.20
C TYR M 696 0.18 -60.74 27.58
N LYS M 697 1.08 -59.77 27.72
CA LYS M 697 0.75 -58.39 28.09
C LYS M 697 -0.03 -57.64 26.99
N ALA M 698 -0.37 -58.33 25.92
CA ALA M 698 -1.15 -57.72 24.85
C ALA M 698 -2.49 -58.45 24.85
N GLN M 699 -2.42 -59.74 25.17
CA GLN M 699 -3.60 -60.59 25.25
C GLN M 699 -4.12 -60.40 26.67
N HIS M 700 -4.35 -59.14 27.01
CA HIS M 700 -4.86 -58.76 28.32
C HIS M 700 -5.19 -57.27 28.25
N ASN M 701 -4.85 -56.65 27.13
CA ASN M 701 -5.11 -55.24 26.91
C ASN M 701 -4.33 -54.38 27.91
N GLU M 702 -3.23 -54.94 28.41
CA GLU M 702 -2.37 -54.26 29.39
C GLU M 702 -1.21 -53.48 28.72
N LEU M 703 -1.54 -52.59 27.79
CA LEU M 703 -0.57 -51.76 27.07
C LEU M 703 -1.33 -50.63 26.39
N GLU M 704 -0.73 -49.43 26.35
CA GLU M 704 -1.39 -48.28 25.73
C GLU M 704 -0.89 -48.01 24.30
N LEU M 705 -1.78 -47.44 23.49
CA LEU M 705 -1.51 -47.13 22.08
C LEU M 705 -0.64 -45.89 21.84
N LYS M 706 0.59 -46.13 21.39
CA LYS M 706 1.53 -45.05 21.10
C LYS M 706 0.89 -44.15 20.03
N PRO M 707 0.49 -42.94 20.42
CA PRO M 707 -0.19 -42.00 19.51
C PRO M 707 0.15 -42.14 18.03
N GLY M 708 -0.89 -42.33 17.21
CA GLY M 708 -0.73 -42.45 15.78
C GLY M 708 -0.65 -43.87 15.24
N MET M 709 -0.53 -44.84 16.15
CA MET M 709 -0.42 -46.25 15.78
C MET M 709 -1.59 -47.08 16.34
N THR M 710 -1.91 -48.17 15.65
CA THR M 710 -2.99 -49.05 16.08
C THR M 710 -2.48 -49.95 17.19
N LEU M 711 -3.36 -50.33 18.10
CA LEU M 711 -2.99 -51.20 19.20
C LEU M 711 -2.27 -52.43 18.69
N ARG M 712 -2.72 -52.91 17.54
CA ARG M 712 -2.14 -54.09 16.91
C ARG M 712 -0.76 -53.75 16.34
N GLU M 713 -0.73 -52.73 15.49
CA GLU M 713 0.50 -52.27 14.84
C GLU M 713 1.60 -52.07 15.85
N SER M 714 1.25 -51.46 16.97
CA SER M 714 2.19 -51.20 18.03
C SER M 714 2.67 -52.51 18.65
N PHE M 715 1.90 -53.56 18.48
CA PHE M 715 2.34 -54.85 19.01
C PHE M 715 3.51 -55.31 18.16
N GLU M 716 3.33 -55.30 16.84
CA GLU M 716 4.37 -55.69 15.88
C GLU M 716 5.62 -54.88 16.13
N GLY M 717 5.47 -53.57 15.98
CA GLY M 717 6.53 -52.61 16.17
C GLY M 717 7.52 -52.98 17.27
N GLU M 718 7.06 -53.75 18.26
CA GLU M 718 7.95 -54.18 19.34
C GLU M 718 8.57 -55.53 19.04
N VAL M 719 7.73 -56.47 18.59
CA VAL M 719 8.17 -57.83 18.26
C VAL M 719 9.32 -57.71 17.28
N SER M 720 9.12 -56.86 16.27
CA SER M 720 10.10 -56.60 15.23
C SER M 720 11.38 -56.04 15.86
N ARG M 721 11.24 -54.98 16.65
CA ARG M 721 12.37 -54.35 17.31
C ARG M 721 13.03 -55.25 18.35
N THR M 722 12.37 -56.36 18.69
CA THR M 722 12.91 -57.29 19.68
C THR M 722 13.79 -58.31 18.99
N LEU M 723 13.24 -58.94 17.95
CA LEU M 723 13.94 -59.95 17.18
C LEU M 723 15.16 -59.36 16.47
N ASN M 724 14.99 -58.14 15.96
CA ASN M 724 16.07 -57.47 15.27
C ASN M 724 17.26 -57.25 16.20
N ASP M 725 17.03 -56.69 17.38
CA ASP M 725 18.12 -56.45 18.33
C ASP M 725 18.71 -57.76 18.82
N ALA M 726 17.88 -58.80 18.84
CA ALA M 726 18.34 -60.11 19.26
C ALA M 726 19.35 -60.55 18.21
N ARG M 727 18.84 -60.71 16.99
CA ARG M 727 19.63 -61.11 15.83
C ARG M 727 20.93 -60.30 15.72
N ASP M 728 20.83 -58.99 15.92
CA ASP M 728 21.97 -58.08 15.83
C ASP M 728 23.18 -58.47 16.67
N SER M 729 22.95 -58.91 17.91
CA SER M 729 24.09 -59.32 18.72
C SER M 729 24.39 -60.80 18.50
N ALA M 730 23.37 -61.57 18.13
CA ALA M 730 23.56 -62.98 17.87
C ALA M 730 24.78 -63.08 16.97
N GLY M 731 24.78 -62.27 15.92
CA GLY M 731 25.89 -62.27 15.00
C GLY M 731 27.11 -61.65 15.63
N ARG M 732 26.93 -60.50 16.26
CA ARG M 732 28.05 -59.81 16.89
C ARG M 732 28.86 -60.68 17.87
N SER M 733 28.27 -61.74 18.40
CA SER M 733 29.02 -62.60 19.32
C SER M 733 30.08 -63.38 18.56
N ALA M 734 29.70 -63.82 17.35
CA ALA M 734 30.58 -64.57 16.48
C ALA M 734 31.62 -63.65 15.83
N GLU M 735 31.17 -62.46 15.42
CA GLU M 735 32.05 -61.49 14.78
C GLU M 735 33.36 -61.35 15.54
N MET M 736 33.25 -61.11 16.85
CA MET M 736 34.43 -60.95 17.70
C MET M 736 34.98 -62.31 18.09
N ASN M 737 34.30 -63.38 17.65
CA ASN M 737 34.72 -64.73 17.96
C ASN M 737 35.57 -65.34 16.84
N LEU M 738 35.74 -64.56 15.77
CA LEU M 738 36.55 -64.99 14.64
C LEU M 738 37.88 -64.27 14.62
N LYS M 739 38.90 -65.02 15.00
CA LYS M 739 40.28 -64.55 15.10
C LYS M 739 40.81 -63.83 13.85
N ASP M 740 41.98 -63.22 14.00
CA ASP M 740 42.65 -62.50 12.94
C ASP M 740 43.23 -63.48 11.92
N LEU M 741 42.69 -64.69 11.89
CA LEU M 741 43.16 -65.69 10.96
C LEU M 741 41.97 -66.21 10.17
N ASN M 742 40.77 -65.95 10.68
CA ASN M 742 39.59 -66.40 9.95
C ASN M 742 39.65 -65.79 8.57
N ASN M 743 39.64 -66.65 7.58
CA ASN M 743 39.72 -66.19 6.21
C ASN M 743 38.55 -65.29 5.84
N VAL M 744 37.32 -65.71 6.13
CA VAL M 744 36.18 -64.87 5.82
C VAL M 744 36.35 -63.48 6.43
N LYS M 745 36.82 -63.41 7.66
CA LYS M 745 37.00 -62.11 8.27
C LYS M 745 37.96 -61.34 7.37
N GLN M 746 39.13 -61.94 7.13
CA GLN M 746 40.15 -61.33 6.29
C GLN M 746 39.60 -60.73 4.99
N MET M 747 38.77 -61.50 4.29
CA MET M 747 38.15 -61.05 3.04
C MET M 747 37.15 -59.93 3.26
N VAL M 748 36.90 -59.60 4.51
CA VAL M 748 35.96 -58.55 4.82
C VAL M 748 36.69 -57.28 5.22
N SER M 749 37.82 -57.45 5.89
CA SER M 749 38.61 -56.31 6.34
C SER M 749 39.30 -55.74 5.13
N ALA M 750 39.88 -56.61 4.32
CA ALA M 750 40.56 -56.17 3.12
C ALA M 750 39.56 -55.27 2.37
N GLY M 751 38.29 -55.64 2.48
CA GLY M 751 37.22 -54.90 1.82
C GLY M 751 37.01 -55.43 0.41
N SER M 752 37.38 -56.68 0.19
CA SER M 752 37.26 -57.30 -1.12
C SER M 752 36.05 -58.18 -1.29
N LYS M 753 35.23 -58.34 -0.25
CA LYS M 753 34.01 -59.14 -0.34
C LYS M 753 33.26 -59.35 0.97
N GLY M 754 31.94 -59.29 0.89
CA GLY M 754 31.07 -59.51 2.04
C GLY M 754 31.27 -58.63 3.25
N SER M 755 30.32 -58.72 4.19
CA SER M 755 30.33 -57.93 5.42
C SER M 755 29.72 -58.68 6.61
N PHE M 756 29.79 -58.05 7.78
CA PHE M 756 29.24 -58.59 9.01
C PHE M 756 28.02 -59.45 8.70
N ILE M 757 26.96 -58.78 8.24
CA ILE M 757 25.70 -59.44 7.89
C ILE M 757 25.93 -60.86 7.38
N ASN M 758 26.77 -60.97 6.37
CA ASN M 758 27.10 -62.26 5.77
C ASN M 758 27.53 -63.30 6.79
N ILE M 759 28.57 -62.98 7.57
CA ILE M 759 29.07 -63.91 8.57
C ILE M 759 27.90 -64.35 9.41
N ALA M 760 27.18 -63.36 9.92
CA ALA M 760 26.02 -63.58 10.76
C ALA M 760 25.11 -64.68 10.23
N GLN M 761 24.53 -64.44 9.07
CA GLN M 761 23.63 -65.40 8.45
C GLN M 761 24.27 -66.74 8.13
N MET M 762 25.58 -66.88 8.30
CA MET M 762 26.21 -68.16 8.01
C MET M 762 26.72 -68.91 9.22
N SER M 763 26.99 -68.19 10.30
CA SER M 763 27.53 -68.81 11.50
C SER M 763 26.61 -68.68 12.70
N ALA M 764 25.70 -67.71 12.66
CA ALA M 764 24.78 -67.47 13.78
C ALA M 764 23.29 -67.66 13.48
N CYS M 765 22.63 -66.55 13.17
CA CYS M 765 21.22 -66.58 12.85
C CYS M 765 20.96 -65.97 11.49
N VAL M 766 20.22 -66.70 10.66
CA VAL M 766 19.86 -66.26 9.31
C VAL M 766 19.09 -64.94 9.32
N GLY M 767 18.12 -64.85 10.22
CA GLY M 767 17.31 -63.66 10.34
C GLY M 767 15.81 -63.87 10.20
N GLN M 768 15.10 -62.75 10.18
CA GLN M 768 13.65 -62.70 10.03
C GLN M 768 13.35 -62.56 8.55
N GLN M 769 12.35 -63.30 8.07
CA GLN M 769 11.98 -63.23 6.67
C GLN M 769 10.89 -62.19 6.51
N MET M 770 10.73 -61.63 5.31
CA MET M 770 9.69 -60.65 5.11
C MET M 770 9.31 -60.31 3.69
N VAL M 771 8.05 -59.96 3.53
CA VAL M 771 7.50 -59.56 2.25
C VAL M 771 6.70 -58.31 2.55
N GLU M 772 6.52 -57.45 1.55
CA GLU M 772 5.75 -56.25 1.73
C GLU M 772 5.93 -55.57 3.10
N GLY M 773 7.11 -55.78 3.71
CA GLY M 773 7.41 -55.16 5.00
C GLY M 773 6.96 -55.85 6.28
N LYS M 774 6.06 -56.81 6.19
CA LYS M 774 5.58 -57.48 7.39
C LYS M 774 5.90 -58.96 7.37
N ARG M 775 6.30 -59.47 8.53
CA ARG M 775 6.65 -60.86 8.69
C ARG M 775 5.59 -61.78 8.10
N ILE M 776 6.04 -62.83 7.41
CA ILE M 776 5.18 -63.81 6.73
C ILE M 776 3.71 -63.81 7.14
N ALA M 777 2.88 -63.41 6.18
CA ALA M 777 1.44 -63.30 6.40
C ALA M 777 0.68 -64.57 6.79
N PHE M 778 -0.64 -64.43 6.80
CA PHE M 778 -1.58 -65.50 7.13
C PHE M 778 -2.37 -65.80 5.84
N GLY M 779 -1.72 -66.48 4.88
CA GLY M 779 -2.37 -66.81 3.61
C GLY M 779 -3.47 -67.80 3.86
N PHE M 780 -3.20 -68.68 4.83
CA PHE M 780 -4.13 -69.69 5.28
C PHE M 780 -4.88 -68.95 6.39
N ALA M 781 -6.20 -69.01 6.37
CA ALA M 781 -6.94 -68.34 7.41
C ALA M 781 -6.29 -68.56 8.78
N ASP M 782 -5.88 -67.44 9.37
CA ASP M 782 -5.25 -67.36 10.68
C ASP M 782 -4.04 -68.24 10.98
N ARG M 783 -3.23 -68.47 9.97
CA ARG M 783 -2.02 -69.25 10.16
C ARG M 783 -1.03 -69.15 9.00
N SER M 784 0.23 -69.43 9.31
CA SER M 784 1.33 -69.35 8.36
C SER M 784 1.37 -70.53 7.39
N LEU M 785 1.32 -71.73 7.96
CA LEU M 785 1.37 -72.95 7.18
C LEU M 785 0.30 -73.83 7.81
N PRO M 786 -0.14 -74.88 7.11
CA PRO M 786 -1.16 -75.74 7.71
C PRO M 786 -0.59 -76.50 8.91
N HIS M 787 0.73 -76.46 9.05
CA HIS M 787 1.46 -77.11 10.13
C HIS M 787 1.43 -76.27 11.40
N PHE M 788 0.57 -75.25 11.42
CA PHE M 788 0.48 -74.36 12.57
C PHE M 788 -0.93 -74.18 13.16
N THR M 789 -0.94 -73.90 14.47
CA THR M 789 -2.17 -73.67 15.22
C THR M 789 -2.63 -72.26 14.84
N LYS M 790 -3.92 -72.08 14.67
CA LYS M 790 -4.45 -70.77 14.30
C LYS M 790 -3.95 -69.67 15.24
N ASP M 791 -4.09 -68.44 14.77
CA ASP M 791 -3.71 -67.25 15.53
C ASP M 791 -2.32 -67.22 16.18
N ASP M 792 -1.38 -67.99 15.64
CA ASP M 792 -0.02 -68.02 16.19
C ASP M 792 0.75 -66.81 15.68
N PHE M 793 0.86 -65.81 16.54
CA PHE M 793 1.56 -64.57 16.22
C PHE M 793 3.05 -64.63 16.57
N SER M 794 3.51 -65.74 17.15
CA SER M 794 4.92 -65.90 17.53
C SER M 794 5.91 -65.68 16.38
N PRO M 795 7.22 -65.77 16.66
CA PRO M 795 8.20 -65.55 15.59
C PRO M 795 8.47 -66.80 14.74
N GLU M 796 8.34 -67.97 15.37
CA GLU M 796 8.57 -69.26 14.71
C GLU M 796 7.49 -69.51 13.66
N SER M 797 6.48 -68.65 13.68
CA SER M 797 5.38 -68.77 12.73
C SER M 797 5.41 -67.63 11.71
N LYS M 798 5.72 -66.42 12.17
CA LYS M 798 5.77 -65.23 11.31
C LYS M 798 7.03 -65.12 10.44
N GLY M 799 7.86 -66.15 10.46
CA GLY M 799 9.04 -66.12 9.62
C GLY M 799 10.40 -65.77 10.19
N PHE M 800 10.68 -66.15 11.43
CA PHE M 800 11.98 -65.85 11.98
C PHE M 800 12.89 -67.07 11.94
N VAL M 801 13.86 -67.06 11.04
CA VAL M 801 14.78 -68.19 10.94
C VAL M 801 15.84 -68.05 12.03
N GLU M 802 15.68 -68.82 13.11
CA GLU M 802 16.61 -68.78 14.23
C GLU M 802 17.92 -69.51 13.95
N ASN M 803 17.90 -70.36 12.93
CA ASN M 803 19.08 -71.13 12.56
C ASN M 803 20.11 -70.41 11.71
N SER M 804 21.32 -70.97 11.69
CA SER M 804 22.42 -70.46 10.90
C SER M 804 22.60 -71.37 9.69
N TYR M 805 23.13 -70.84 8.59
CA TYR M 805 23.34 -71.63 7.40
C TYR M 805 24.20 -72.84 7.70
N LEU M 806 25.19 -72.67 8.60
CA LEU M 806 26.07 -73.77 8.98
C LEU M 806 25.28 -74.92 9.56
N ARG M 807 24.15 -74.59 10.17
CA ARG M 807 23.29 -75.59 10.78
C ARG M 807 22.17 -76.09 9.86
N LEU M 809 18.11 -74.52 8.69
CA LEU M 809 16.69 -74.19 8.88
C LEU M 809 15.75 -75.37 8.99
N THR M 810 14.70 -75.19 9.79
CA THR M 810 13.69 -76.22 9.96
C THR M 810 12.71 -75.93 8.86
N PRO M 811 11.96 -76.95 8.42
CA PRO M 811 10.99 -76.73 7.34
C PRO M 811 10.38 -75.33 7.41
N GLN M 812 9.64 -75.06 8.48
CA GLN M 812 9.01 -73.76 8.67
C GLN M 812 10.02 -72.65 8.39
N GLU M 813 11.09 -72.61 9.16
CA GLU M 813 12.10 -71.59 8.95
C GLU M 813 12.49 -71.60 7.49
N PHE M 814 12.87 -72.77 6.98
CA PHE M 814 13.28 -72.87 5.58
C PHE M 814 12.30 -72.28 4.58
N PHE M 815 11.00 -72.48 4.84
CA PHE M 815 9.97 -71.96 3.95
C PHE M 815 9.88 -70.45 4.03
N PHE M 816 9.46 -69.93 5.19
CA PHE M 816 9.35 -68.49 5.36
C PHE M 816 10.50 -67.84 4.62
N HIS M 817 11.72 -68.25 4.99
CA HIS M 817 12.96 -67.76 4.38
C HIS M 817 12.81 -67.66 2.86
N ALA M 818 12.24 -68.70 2.26
CA ALA M 818 12.03 -68.69 0.82
C ALA M 818 11.05 -67.57 0.44
N MET M 819 9.91 -67.52 1.11
CA MET M 819 8.92 -66.48 0.83
C MET M 819 9.55 -65.10 0.94
N ALA M 820 10.56 -64.99 1.79
CA ALA M 820 11.23 -63.72 2.00
C ALA M 820 12.12 -63.40 0.83
N GLY M 821 12.96 -64.36 0.48
CA GLY M 821 13.87 -64.17 -0.64
C GLY M 821 13.06 -63.95 -1.91
N ARG M 822 11.98 -64.72 -2.06
CA ARG M 822 11.11 -64.61 -3.23
C ARG M 822 10.73 -63.16 -3.50
N GLU M 823 10.45 -62.40 -2.44
CA GLU M 823 10.10 -60.99 -2.63
C GLU M 823 11.31 -60.30 -3.22
N GLY M 824 12.49 -60.62 -2.65
CA GLY M 824 13.72 -60.04 -3.14
C GLY M 824 13.85 -60.25 -4.64
N LEU M 825 14.00 -61.50 -5.06
CA LEU M 825 14.13 -61.80 -6.47
C LEU M 825 13.14 -61.02 -7.31
N ILE M 826 11.93 -60.84 -6.78
CA ILE M 826 10.90 -60.12 -7.52
C ILE M 826 11.33 -58.79 -8.13
N ASP M 827 11.61 -57.81 -7.28
CA ASP M 827 12.01 -56.52 -7.85
C ASP M 827 13.33 -56.54 -8.61
N THR M 828 14.26 -57.44 -8.24
CA THR M 828 15.51 -57.49 -8.98
C THR M 828 15.16 -57.89 -10.41
N ALA M 829 13.89 -58.25 -10.59
CA ALA M 829 13.36 -58.65 -11.88
C ALA M 829 12.20 -57.76 -12.31
N VAL M 830 12.14 -56.55 -11.77
CA VAL M 830 11.08 -55.59 -12.08
C VAL M 830 11.70 -54.21 -12.13
N LYS M 831 12.33 -53.83 -11.02
CA LYS M 831 13.00 -52.54 -10.92
C LYS M 831 14.11 -52.49 -11.98
N THR M 832 14.41 -53.66 -12.54
CA THR M 832 15.45 -53.80 -13.54
C THR M 832 15.23 -53.01 -14.83
N ALA M 833 13.99 -52.94 -15.32
CA ALA M 833 13.72 -52.21 -16.55
C ALA M 833 12.88 -50.95 -16.35
N GLU M 834 12.20 -50.86 -15.22
CA GLU M 834 11.40 -49.67 -14.96
C GLU M 834 12.39 -48.58 -14.56
N THR M 835 13.50 -49.02 -13.97
CA THR M 835 14.56 -48.12 -13.54
C THR M 835 15.20 -47.59 -14.82
N GLY M 836 15.29 -48.47 -15.81
CA GLY M 836 15.87 -48.12 -17.10
C GLY M 836 15.03 -47.10 -17.85
N TYR M 837 13.72 -47.14 -17.65
CA TYR M 837 12.85 -46.18 -18.31
C TYR M 837 13.17 -44.82 -17.72
N ILE M 838 12.98 -44.71 -16.41
CA ILE M 838 13.23 -43.48 -15.67
C ILE M 838 14.58 -42.91 -16.05
N GLN M 839 15.50 -43.80 -16.38
CA GLN M 839 16.84 -43.40 -16.79
C GLN M 839 16.67 -42.74 -18.14
N ARG M 840 16.22 -43.53 -19.11
CA ARG M 840 15.98 -43.08 -20.49
C ARG M 840 15.35 -41.67 -20.59
N ARG M 841 14.32 -41.43 -19.79
CA ARG M 841 13.64 -40.14 -19.78
C ARG M 841 14.64 -39.02 -19.48
N LEU M 842 15.26 -39.08 -18.31
CA LEU M 842 16.25 -38.08 -17.90
C LEU M 842 17.18 -37.72 -19.05
N VAL M 843 17.50 -38.71 -19.88
CA VAL M 843 18.38 -38.54 -21.02
C VAL M 843 17.77 -37.73 -22.15
N LYS M 844 16.66 -38.24 -22.65
CA LYS M 844 15.98 -37.58 -23.73
C LYS M 844 15.49 -36.23 -23.24
N ALA M 845 15.84 -35.88 -22.01
CA ALA M 845 15.42 -34.62 -21.43
C ALA M 845 16.56 -33.61 -21.21
N LEU M 846 17.80 -34.02 -21.42
CA LEU M 846 18.93 -33.12 -21.22
C LEU M 846 19.96 -33.23 -22.35
N GLU M 847 19.73 -34.18 -23.27
CA GLU M 847 20.62 -34.41 -24.41
C GLU M 847 21.38 -33.14 -24.78
N ASP M 848 20.64 -32.26 -25.47
CA ASP M 848 21.12 -30.97 -25.99
C ASP M 848 21.61 -29.89 -25.00
N ILE M 849 22.02 -30.30 -23.81
CA ILE M 849 22.53 -29.35 -22.84
C ILE M 849 24.04 -29.50 -22.79
N MET M 850 24.75 -28.41 -23.08
CA MET M 850 26.22 -28.40 -23.10
C MET M 850 26.81 -27.01 -22.83
N VAL M 851 27.82 -26.97 -21.98
CA VAL M 851 28.50 -25.72 -21.65
C VAL M 851 28.84 -25.01 -22.94
N HIS M 852 28.71 -23.69 -22.94
CA HIS M 852 29.03 -22.90 -24.12
C HIS M 852 30.21 -21.99 -23.91
N TYR M 853 30.91 -21.69 -25.01
CA TYR M 853 32.11 -20.86 -25.01
C TYR M 853 32.11 -19.58 -24.17
N ASP M 854 30.94 -19.19 -23.65
CA ASP M 854 30.82 -18.01 -22.81
C ASP M 854 30.65 -18.46 -21.36
N GLY M 855 30.38 -19.76 -21.19
CA GLY M 855 30.18 -20.40 -19.89
C GLY M 855 28.73 -20.47 -19.44
N THR M 856 27.85 -20.46 -20.43
CA THR M 856 26.43 -20.54 -20.19
C THR M 856 26.04 -22.00 -20.43
N THR M 857 25.11 -22.52 -19.64
CA THR M 857 24.66 -23.87 -19.90
C THR M 857 23.33 -23.67 -20.59
N ARG M 858 23.27 -24.01 -21.88
CA ARG M 858 22.04 -23.86 -22.66
C ARG M 858 21.68 -25.12 -23.45
N ASN M 859 20.68 -25.00 -24.32
CA ASN M 859 20.26 -26.15 -25.11
C ASN M 859 20.11 -25.81 -26.58
N SER M 860 19.42 -26.68 -27.32
CA SER M 860 19.21 -26.49 -28.75
C SER M 860 18.35 -25.28 -29.11
N LEU M 861 18.16 -24.41 -28.12
CA LEU M 861 17.38 -23.20 -28.31
C LEU M 861 18.12 -21.98 -27.78
N GLY M 862 19.28 -22.21 -27.15
CA GLY M 862 20.04 -21.11 -26.61
C GLY M 862 19.44 -20.69 -25.29
N ASP M 863 18.28 -21.25 -24.98
CA ASP M 863 17.61 -20.95 -23.72
C ASP M 863 18.60 -21.27 -22.60
N ILE M 864 18.93 -20.26 -21.81
CA ILE M 864 19.87 -20.41 -20.71
C ILE M 864 19.25 -21.20 -19.56
N ILE M 865 19.83 -22.36 -19.27
CA ILE M 865 19.35 -23.21 -18.20
C ILE M 865 20.14 -22.91 -16.94
N GLN M 866 21.36 -22.46 -17.14
CA GLN M 866 22.24 -22.11 -16.04
C GLN M 866 23.24 -21.14 -16.65
N PHE M 867 23.49 -20.04 -15.96
CA PHE M 867 24.42 -19.04 -16.48
C PHE M 867 25.89 -19.42 -16.34
N LEU M 868 26.17 -20.27 -15.35
CA LEU M 868 27.52 -20.76 -15.07
C LEU M 868 27.34 -22.20 -14.55
N TYR M 869 27.62 -23.18 -15.40
CA TYR M 869 27.46 -24.59 -15.04
C TYR M 869 27.75 -24.89 -13.59
N GLY M 870 26.76 -25.44 -12.89
CA GLY M 870 26.95 -25.77 -11.49
C GLY M 870 27.04 -24.58 -10.53
N GLU M 871 26.81 -23.38 -11.05
CA GLU M 871 26.88 -22.15 -10.25
C GLU M 871 28.31 -21.81 -9.84
N ASP M 872 29.27 -22.22 -10.66
CA ASP M 872 30.69 -21.97 -10.42
C ASP M 872 31.55 -22.23 -11.64
N GLY M 873 31.02 -22.99 -12.61
CA GLY M 873 31.75 -23.29 -13.84
C GLY M 873 32.95 -24.20 -13.63
N LEU M 874 32.81 -25.16 -12.72
CA LEU M 874 33.87 -26.08 -12.39
C LEU M 874 33.56 -27.51 -12.84
N ASP M 875 34.57 -28.26 -13.26
CA ASP M 875 34.35 -29.64 -13.68
C ASP M 875 34.49 -30.58 -12.48
N GLY M 876 33.37 -31.19 -12.10
CA GLY M 876 33.33 -32.09 -10.97
C GLY M 876 34.54 -32.98 -10.78
N THR M 877 35.18 -33.41 -11.86
CA THR M 877 36.34 -34.30 -11.74
C THR M 877 37.45 -33.70 -10.87
N GLN M 878 37.71 -32.40 -11.06
CA GLN M 878 38.75 -31.69 -10.32
C GLN M 878 38.31 -31.14 -8.97
N VAL M 879 37.39 -31.82 -8.29
CA VAL M 879 36.93 -31.29 -7.01
C VAL M 879 36.99 -32.29 -5.87
N GLU M 880 37.35 -31.80 -4.67
CA GLU M 880 37.48 -32.64 -3.49
C GLU M 880 36.92 -32.03 -2.21
N ARG M 881 36.57 -32.89 -1.27
CA ARG M 881 35.97 -32.49 0.01
C ARG M 881 36.95 -31.75 0.89
N GLN M 882 36.79 -30.44 0.95
CA GLN M 882 37.64 -29.59 1.77
C GLN M 882 36.86 -29.14 3.01
N THR M 883 37.55 -28.62 4.02
CA THR M 883 36.87 -28.18 5.23
C THR M 883 37.08 -26.69 5.48
N ILE M 884 36.03 -25.92 5.25
CA ILE M 884 36.09 -24.47 5.46
C ILE M 884 36.28 -24.19 6.95
N ASP M 885 37.53 -24.02 7.36
CA ASP M 885 37.89 -23.77 8.77
C ASP M 885 37.00 -22.76 9.44
N THR M 886 37.18 -21.51 9.04
CA THR M 886 36.45 -20.37 9.55
C THR M 886 35.11 -20.69 10.21
N ILE M 887 34.24 -21.40 9.49
CA ILE M 887 32.91 -21.74 10.00
C ILE M 887 32.78 -22.42 11.36
N PRO M 888 33.50 -23.52 11.58
CA PRO M 888 33.39 -24.22 12.86
C PRO M 888 34.25 -23.76 14.02
N GLY M 889 33.85 -24.11 15.24
CA GLY M 889 34.62 -23.72 16.41
C GLY M 889 34.09 -22.51 17.16
N SER M 890 34.63 -22.29 18.35
CA SER M 890 34.25 -21.18 19.22
C SER M 890 34.88 -19.86 18.80
N ASP M 891 34.20 -18.75 19.10
CA ASP M 891 34.70 -17.42 18.78
C ASP M 891 36.05 -17.23 19.45
N LYS M 892 36.23 -17.93 20.57
CA LYS M 892 37.47 -17.87 21.32
C LYS M 892 38.62 -18.49 20.53
N ALA M 893 38.48 -19.78 20.22
CA ALA M 893 39.49 -20.51 19.49
C ALA M 893 39.71 -19.94 18.10
N PHE M 894 38.69 -19.31 17.51
CA PHE M 894 38.83 -18.71 16.19
C PHE M 894 39.91 -17.64 16.25
N HIS M 895 39.65 -16.62 17.07
CA HIS M 895 40.56 -15.50 17.25
C HIS M 895 42.00 -15.90 17.51
N LYS M 896 42.18 -16.86 18.42
CA LYS M 896 43.53 -17.33 18.76
C LYS M 896 44.21 -17.99 17.57
N ARG M 897 43.55 -18.00 16.42
CA ARG M 897 44.16 -18.64 15.27
C ARG M 897 44.53 -17.67 14.18
N TYR M 898 43.58 -16.83 13.77
CA TYR M 898 43.80 -15.88 12.68
C TYR M 898 44.07 -14.45 13.16
N TYR M 899 43.83 -14.19 14.43
CA TYR M 899 44.06 -12.86 14.95
C TYR M 899 45.54 -12.55 15.16
N VAL M 900 45.96 -11.39 14.64
CA VAL M 900 47.32 -10.93 14.80
C VAL M 900 47.17 -9.47 15.22
N ASP M 901 47.93 -9.07 16.25
CA ASP M 901 47.89 -7.71 16.79
C ASP M 901 49.30 -7.16 17.05
N LEU M 902 49.85 -6.46 16.06
CA LEU M 902 51.19 -5.88 16.18
C LEU M 902 51.28 -4.82 17.27
N MET M 903 50.13 -4.41 17.79
CA MET M 903 50.10 -3.40 18.82
C MET M 903 49.81 -4.11 20.14
N ASP M 904 50.53 -5.20 20.43
CA ASP M 904 50.27 -5.93 21.67
C ASP M 904 51.31 -6.98 22.04
N GLU M 905 51.81 -6.88 23.25
CA GLU M 905 52.83 -7.79 23.84
C GLU M 905 52.52 -9.27 23.75
N LYS M 906 51.23 -9.63 23.85
CA LYS M 906 50.82 -11.02 23.85
C LYS M 906 50.19 -11.52 22.54
N ASN M 907 49.59 -10.61 21.79
CA ASN M 907 48.95 -10.99 20.55
C ASN M 907 49.68 -10.48 19.31
N SER M 908 50.99 -10.72 19.25
CA SER M 908 51.78 -10.32 18.08
C SER M 908 52.62 -11.51 17.68
N ILE M 909 53.05 -11.52 16.43
CA ILE M 909 53.86 -12.61 15.95
C ILE M 909 55.19 -12.56 16.66
N LYS M 910 55.50 -13.60 17.41
CA LYS M 910 56.76 -13.67 18.14
C LYS M 910 57.87 -13.54 17.08
N PRO M 911 58.95 -12.78 17.36
CA PRO M 911 59.98 -12.68 16.33
C PRO M 911 60.78 -13.98 16.07
N ASP M 912 60.19 -15.12 16.46
CA ASP M 912 60.81 -16.42 16.25
C ASP M 912 60.12 -17.09 15.06
N VAL M 913 59.13 -16.39 14.50
CA VAL M 913 58.34 -16.86 13.36
C VAL M 913 58.71 -16.03 12.14
N ILE M 914 58.62 -14.72 12.28
CA ILE M 914 58.95 -13.83 11.20
C ILE M 914 60.42 -13.45 11.34
N GLU M 915 60.96 -12.79 10.31
CA GLU M 915 62.37 -12.37 10.30
C GLU M 915 62.47 -10.88 10.66
N TYR M 916 61.33 -10.28 10.92
CA TYR M 916 61.26 -8.87 11.29
C TYR M 916 60.26 -8.74 12.44
N ALA M 917 60.21 -9.78 13.27
CA ALA M 917 59.29 -9.81 14.40
C ALA M 917 59.39 -8.67 15.39
N ALA M 918 60.61 -8.23 15.68
CA ALA M 918 60.83 -7.14 16.62
C ALA M 918 60.77 -5.79 15.89
N ASP M 919 61.27 -5.75 14.66
CA ASP M 919 61.26 -4.50 13.90
C ASP M 919 59.86 -4.22 13.35
N ILE M 920 58.93 -5.11 13.65
CA ILE M 920 57.56 -4.96 13.17
C ILE M 920 56.56 -4.66 14.27
N LEU M 921 56.90 -5.05 15.49
CA LEU M 921 56.04 -4.85 16.65
C LEU M 921 55.66 -3.39 16.86
N GLY M 922 54.38 -3.07 16.71
CA GLY M 922 53.92 -1.72 16.92
C GLY M 922 53.59 -0.90 15.68
N ASP M 923 53.98 -1.36 14.50
CA ASP M 923 53.73 -0.60 13.26
C ASP M 923 52.24 -0.35 13.03
N VAL M 924 51.85 0.93 13.00
CA VAL M 924 50.45 1.30 12.80
C VAL M 924 49.92 1.06 11.38
N GLU M 925 50.75 1.33 10.39
CA GLU M 925 50.40 1.16 8.99
C GLU M 925 50.22 -0.32 8.61
N LEU M 926 50.99 -1.17 9.29
CA LEU M 926 50.92 -2.61 9.04
C LEU M 926 49.70 -3.19 9.76
N GLN M 927 49.51 -2.79 11.02
CA GLN M 927 48.38 -3.28 11.79
C GLN M 927 47.07 -2.94 11.11
N LYS M 928 47.12 -2.09 10.08
CA LYS M 928 45.90 -1.74 9.37
C LYS M 928 45.64 -2.73 8.24
N GLU M 929 46.69 -3.16 7.55
CA GLU M 929 46.52 -4.14 6.49
C GLU M 929 46.14 -5.42 7.20
N LEU M 930 46.56 -5.51 8.44
CA LEU M 930 46.28 -6.67 9.27
C LEU M 930 44.85 -6.63 9.78
N ASN M 931 44.23 -5.45 9.72
CA ASN M 931 42.84 -5.30 10.16
C ASN M 931 41.97 -5.67 8.95
N SER M 932 42.23 -5.03 7.81
CA SER M 932 41.52 -5.32 6.57
C SER M 932 41.31 -6.82 6.56
N GLU M 933 42.42 -7.53 6.78
CA GLU M 933 42.44 -8.99 6.80
C GLU M 933 41.58 -9.57 7.91
N TYR M 934 41.93 -9.37 9.17
CA TYR M 934 41.12 -9.96 10.22
C TYR M 934 39.65 -9.54 10.13
N GLU M 935 39.38 -8.33 9.65
CA GLU M 935 37.99 -7.86 9.53
C GLU M 935 37.26 -8.64 8.44
N GLN M 936 38.04 -9.10 7.45
CA GLN M 936 37.53 -9.88 6.33
C GLN M 936 37.07 -11.22 6.85
N LEU M 937 38.03 -12.01 7.29
CA LEU M 937 37.78 -13.32 7.82
C LEU M 937 36.50 -13.40 8.64
N VAL M 938 36.20 -12.32 9.37
CA VAL M 938 34.99 -12.31 10.18
C VAL M 938 33.76 -12.17 9.32
N SER M 939 33.89 -11.42 8.22
CA SER M 939 32.79 -11.23 7.29
C SER M 939 32.42 -12.62 6.75
N ASP M 940 33.47 -13.40 6.49
CA ASP M 940 33.35 -14.76 5.98
C ASP M 940 32.60 -15.61 6.99
N ARG M 941 33.24 -15.84 8.13
CA ARG M 941 32.66 -16.64 9.20
C ARG M 941 31.15 -16.48 9.31
N LYS M 942 30.69 -15.24 9.25
CA LYS M 942 29.27 -14.94 9.38
C LYS M 942 28.50 -15.18 8.08
N PHE M 943 29.21 -15.08 6.96
CA PHE M 943 28.61 -15.31 5.65
C PHE M 943 28.43 -16.80 5.37
N LEU M 944 29.28 -17.62 5.97
CA LEU M 944 29.17 -19.06 5.75
C LEU M 944 28.09 -19.67 6.63
N ARG M 945 27.75 -19.01 7.75
CA ARG M 945 26.70 -19.53 8.64
C ARG M 945 25.39 -19.02 8.09
N VAL M 948 24.94 -19.49 4.63
CA VAL M 948 24.79 -20.36 3.45
C VAL M 948 24.58 -21.79 3.92
N PHE M 949 25.37 -22.17 4.91
CA PHE M 949 25.31 -23.50 5.49
C PHE M 949 24.83 -23.31 6.94
N VAL M 950 23.52 -23.20 7.13
CA VAL M 950 23.00 -23.00 8.47
C VAL M 950 23.26 -24.23 9.36
N ASN M 951 23.73 -25.31 8.74
CA ASN M 951 24.02 -26.57 9.42
C ASN M 951 25.31 -26.50 10.23
N GLY M 952 26.27 -25.73 9.73
CA GLY M 952 27.55 -25.62 10.41
C GLY M 952 28.55 -26.58 9.80
N ASP M 953 28.04 -27.57 9.07
CA ASP M 953 28.89 -28.56 8.41
C ASP M 953 29.87 -27.81 7.54
N HIS M 954 31.15 -27.93 7.89
CA HIS M 954 32.19 -27.22 7.16
C HIS M 954 32.88 -28.03 6.06
N ASN M 955 32.36 -29.21 5.72
CA ASN M 955 32.98 -30.03 4.68
C ASN M 955 32.24 -29.95 3.37
N TRP M 956 32.93 -29.47 2.35
CA TRP M 956 32.33 -29.33 1.04
C TRP M 956 33.26 -29.56 -0.15
N PRO M 957 32.68 -29.93 -1.29
CA PRO M 957 33.44 -30.19 -2.52
C PRO M 957 33.95 -28.85 -3.07
N LEU M 958 35.27 -28.70 -3.18
CA LEU M 958 35.83 -27.45 -3.69
C LEU M 958 37.08 -27.63 -4.53
N PRO M 959 37.11 -27.07 -5.77
CA PRO M 959 38.28 -27.19 -6.65
C PRO M 959 39.59 -26.78 -5.97
N VAL M 960 40.71 -27.28 -6.51
CA VAL M 960 42.03 -26.98 -5.96
C VAL M 960 42.18 -27.45 -4.51
N ASN M 961 42.84 -28.59 -4.32
CA ASN M 961 43.04 -29.11 -2.97
C ASN M 961 44.23 -28.38 -2.34
N LEU M 962 43.93 -27.39 -1.49
CA LEU M 962 44.95 -26.59 -0.82
C LEU M 962 45.67 -27.29 0.31
N ARG M 963 45.00 -28.22 0.97
CA ARG M 963 45.65 -28.95 2.05
C ARG M 963 46.90 -29.64 1.54
N ARG M 964 46.81 -30.30 0.38
CA ARG M 964 47.96 -31.01 -0.21
C ARG M 964 48.94 -30.04 -0.84
N ILE M 965 48.41 -29.16 -1.68
CA ILE M 965 49.23 -28.18 -2.41
C ILE M 965 50.28 -27.56 -1.48
N ILE M 966 49.94 -27.38 -0.22
CA ILE M 966 50.88 -26.82 0.75
C ILE M 966 51.81 -27.91 1.26
N GLN M 967 51.28 -29.11 1.44
CA GLN M 967 52.07 -30.24 1.90
C GLN M 967 53.18 -30.57 0.92
N ASN M 968 53.02 -30.09 -0.32
CA ASN M 968 54.02 -30.31 -1.36
C ASN M 968 55.15 -29.33 -1.13
N ALA M 969 54.80 -28.09 -0.76
CA ALA M 969 55.82 -27.11 -0.48
C ALA M 969 56.62 -27.68 0.69
N GLN M 970 55.87 -28.14 1.70
CA GLN M 970 56.42 -28.75 2.92
C GLN M 970 57.76 -29.42 2.75
N GLN M 971 57.85 -30.35 1.82
CA GLN M 971 59.09 -31.05 1.63
C GLN M 971 59.85 -30.71 0.35
N ILE M 972 59.30 -29.84 -0.50
CA ILE M 972 60.00 -29.49 -1.71
C ILE M 972 61.18 -28.58 -1.37
N PHE M 973 61.03 -27.82 -0.29
CA PHE M 973 62.06 -26.89 0.16
C PHE M 973 62.58 -27.22 1.57
N HIS M 974 62.04 -28.27 2.15
CA HIS M 974 62.44 -28.72 3.49
C HIS M 974 62.47 -27.56 4.49
N LEU M 975 61.36 -27.41 5.19
CA LEU M 975 61.20 -26.34 6.15
C LEU M 975 61.27 -26.83 7.59
N ASP M 976 62.07 -26.12 8.40
CA ASP M 976 62.27 -26.46 9.81
C ASP M 976 61.31 -25.73 10.75
N ARG M 977 60.77 -26.47 11.72
CA ARG M 977 59.84 -25.88 12.68
C ARG M 977 60.66 -25.05 13.69
N ALA M 978 61.74 -24.44 13.23
CA ALA M 978 62.60 -23.65 14.12
C ALA M 978 62.97 -22.23 13.65
N LYS M 979 63.90 -22.14 12.69
CA LYS M 979 64.35 -20.85 12.17
C LYS M 979 63.28 -20.16 11.32
N ALA M 980 63.01 -18.87 11.61
CA ALA M 980 62.04 -17.95 11.00
C ALA M 980 61.94 -17.79 9.49
N SER M 981 60.76 -17.36 9.05
CA SER M 981 60.46 -17.12 7.65
C SER M 981 61.14 -15.86 7.16
N ASP M 982 60.57 -15.26 6.12
CA ASP M 982 61.09 -14.02 5.54
C ASP M 982 60.05 -13.38 4.62
N LEU M 983 58.95 -12.98 5.22
CA LEU M 983 57.90 -12.35 4.45
C LEU M 983 57.48 -11.04 5.11
N THR M 984 57.22 -10.02 4.32
CA THR M 984 56.76 -8.74 4.88
C THR M 984 55.33 -9.11 5.22
N ILE M 985 54.71 -8.40 6.14
CA ILE M 985 53.34 -8.71 6.42
C ILE M 985 52.59 -8.37 5.13
N PRO M 986 53.17 -7.45 4.35
CA PRO M 986 52.59 -7.06 3.07
C PRO M 986 52.78 -8.23 2.12
N GLU M 987 53.93 -8.90 2.24
CA GLU M 987 54.25 -10.05 1.42
C GLU M 987 53.04 -10.98 1.41
N ILE M 988 52.73 -11.53 2.59
CA ILE M 988 51.60 -12.43 2.74
C ILE M 988 50.27 -11.80 2.34
N ILE M 989 49.70 -10.99 3.23
CA ILE M 989 48.42 -10.34 2.97
C ILE M 989 48.24 -9.86 1.53
N HIS M 990 49.13 -8.95 1.10
CA HIS M 990 49.06 -8.39 -0.24
C HIS M 990 49.10 -9.49 -1.32
N GLY M 991 49.95 -10.49 -1.11
CA GLY M 991 50.09 -11.59 -2.06
C GLY M 991 48.85 -12.43 -2.29
N VAL M 992 48.06 -12.66 -1.24
CA VAL M 992 46.86 -13.47 -1.37
C VAL M 992 45.75 -12.68 -2.09
N ARG M 993 45.89 -11.36 -2.13
CA ARG M 993 44.90 -10.52 -2.79
C ARG M 993 45.19 -10.59 -4.29
N ASP M 994 46.48 -10.53 -4.63
CA ASP M 994 46.89 -10.60 -6.03
C ASP M 994 46.48 -11.93 -6.63
N LEU M 995 46.41 -12.95 -5.78
CA LEU M 995 46.02 -14.26 -6.27
C LEU M 995 44.55 -14.19 -6.70
N CYS M 996 43.67 -13.91 -5.74
CA CYS M 996 42.24 -13.82 -6.01
C CYS M 996 41.98 -13.20 -7.37
N LYS M 997 42.81 -12.23 -7.74
CA LYS M 997 42.65 -11.55 -9.02
C LYS M 997 42.81 -12.41 -10.26
N LYS M 998 43.60 -13.47 -10.17
CA LYS M 998 43.84 -14.34 -11.32
C LYS M 998 43.00 -15.62 -11.37
N LEU M 999 42.20 -15.89 -10.35
CA LEU M 999 41.34 -17.09 -10.32
C LEU M 999 40.09 -16.82 -11.15
N PHE M 1000 40.32 -16.53 -12.42
CA PHE M 1000 39.26 -16.19 -13.36
C PHE M 1000 38.49 -17.35 -13.96
N VAL M 1001 37.16 -17.26 -13.89
CA VAL M 1001 36.30 -18.26 -14.46
C VAL M 1001 35.68 -17.68 -15.73
N LEU M 1002 34.86 -16.65 -15.58
CA LEU M 1002 34.26 -15.99 -16.74
C LEU M 1002 35.27 -14.92 -17.17
N ARG M 1003 35.25 -14.48 -18.43
CA ARG M 1003 36.24 -13.47 -18.81
C ARG M 1003 35.78 -12.09 -19.28
N GLY M 1004 34.54 -11.99 -19.74
CA GLY M 1004 34.00 -10.72 -20.21
C GLY M 1004 34.62 -9.37 -19.78
N GLU M 1005 34.59 -8.41 -20.71
CA GLU M 1005 35.14 -7.07 -20.52
C GLU M 1005 34.31 -6.18 -19.58
N ASN M 1006 32.99 -6.16 -19.80
CA ASN M 1006 32.04 -5.33 -19.02
C ASN M 1006 31.91 -5.65 -17.52
N GLU M 1007 30.84 -5.12 -16.91
CA GLU M 1007 30.57 -5.31 -15.48
C GLU M 1007 29.67 -6.51 -15.14
N LEU M 1008 28.46 -6.58 -15.66
CA LEU M 1008 27.57 -7.71 -15.34
C LEU M 1008 28.39 -8.99 -15.29
N ILE M 1009 29.31 -9.12 -16.23
CA ILE M 1009 30.18 -10.28 -16.31
C ILE M 1009 31.12 -10.22 -15.12
N LYS M 1010 31.90 -9.15 -15.05
CA LYS M 1010 32.87 -8.96 -13.96
C LYS M 1010 32.23 -9.19 -12.60
N GLU M 1011 30.92 -9.03 -12.52
CA GLU M 1011 30.20 -9.26 -11.27
C GLU M 1011 30.11 -10.77 -11.13
N ALA M 1012 29.60 -11.43 -12.17
CA ALA M 1012 29.46 -12.89 -12.18
C ALA M 1012 30.77 -13.48 -11.71
N GLN M 1013 31.87 -12.89 -12.17
CA GLN M 1013 33.18 -13.34 -11.80
C GLN M 1013 33.21 -13.49 -10.29
N GLN M 1014 33.23 -12.36 -9.60
CA GLN M 1014 33.26 -12.35 -8.13
C GLN M 1014 32.22 -13.31 -7.56
N ASN M 1015 30.99 -13.19 -8.05
CA ASN M 1015 29.90 -14.06 -7.60
C ASN M 1015 30.38 -15.50 -7.61
N ALA M 1016 30.25 -16.13 -8.76
CA ALA M 1016 30.66 -17.51 -8.90
C ALA M 1016 32.15 -17.73 -8.65
N THR M 1017 32.57 -17.53 -7.40
CA THR M 1017 33.96 -17.74 -7.00
C THR M 1017 34.01 -17.72 -5.48
N SER M 1018 33.59 -16.59 -4.93
CA SER M 1018 33.51 -16.34 -3.49
C SER M 1018 33.87 -17.49 -2.58
N LEU M 1019 32.95 -18.44 -2.50
CA LEU M 1019 33.12 -19.60 -1.65
C LEU M 1019 34.57 -20.06 -1.68
N PHE M 1020 35.15 -20.13 -2.87
CA PHE M 1020 36.53 -20.56 -2.93
C PHE M 1020 37.41 -19.61 -2.15
N GLN M 1021 37.41 -18.34 -2.56
CA GLN M 1021 38.22 -17.33 -1.92
C GLN M 1021 38.26 -17.45 -0.41
N CYS M 1022 37.13 -17.78 0.20
CA CYS M 1022 37.06 -17.91 1.67
C CYS M 1022 37.91 -19.07 2.15
N LEU M 1023 37.83 -20.17 1.40
CA LEU M 1023 38.63 -21.33 1.71
C LEU M 1023 40.07 -20.87 1.59
N VAL M 1024 40.33 -20.10 0.54
CA VAL M 1024 41.66 -19.55 0.26
C VAL M 1024 42.21 -18.72 1.41
N ARG M 1025 41.43 -17.75 1.88
CA ARG M 1025 41.86 -16.92 2.99
C ARG M 1025 42.11 -17.79 4.21
N ALA M 1026 41.14 -18.63 4.53
CA ALA M 1026 41.23 -19.53 5.66
C ALA M 1026 42.61 -20.23 5.82
N ARG M 1027 43.27 -20.58 4.72
CA ARG M 1027 44.57 -21.25 4.79
C ARG M 1027 45.72 -20.32 4.45
N LEU M 1028 45.43 -19.05 4.21
CA LEU M 1028 46.49 -18.10 3.87
C LEU M 1028 46.44 -16.82 4.72
N ALA M 1029 46.00 -17.01 5.95
CA ALA M 1029 45.93 -15.95 6.94
C ALA M 1029 47.35 -15.88 7.41
N THR M 1030 47.83 -14.68 7.65
CA THR M 1030 49.19 -14.54 8.10
C THR M 1030 49.52 -15.49 9.24
N ARG M 1031 48.73 -15.47 10.30
CA ARG M 1031 48.99 -16.33 11.46
C ARG M 1031 49.30 -17.80 11.16
N ARG M 1032 48.46 -18.43 10.32
CA ARG M 1032 48.63 -19.83 9.96
C ARG M 1032 49.84 -20.01 9.06
N ILE M 1033 49.90 -19.21 8.01
CA ILE M 1033 50.98 -19.28 7.03
C ILE M 1033 52.38 -19.17 7.64
N LEU M 1034 52.48 -18.62 8.85
CA LEU M 1034 53.78 -18.46 9.50
C LEU M 1034 53.99 -19.32 10.73
N GLU M 1035 52.94 -19.39 11.56
CA GLU M 1035 53.03 -20.16 12.79
C GLU M 1035 52.72 -21.63 12.60
N GLU M 1036 51.81 -21.93 11.68
CA GLU M 1036 51.44 -23.32 11.41
C GLU M 1036 52.37 -23.96 10.38
N PHE M 1037 52.33 -23.49 9.13
CA PHE M 1037 53.22 -24.04 8.12
C PHE M 1037 54.29 -23.06 7.69
N ARG M 1038 55.30 -22.92 8.54
CA ARG M 1038 56.40 -22.01 8.30
C ARG M 1038 56.79 -21.92 6.83
N LEU M 1039 56.08 -21.13 6.03
CA LEU M 1039 56.43 -21.02 4.62
C LEU M 1039 57.50 -19.97 4.42
N ASN M 1040 58.51 -20.28 3.62
CA ASN M 1040 59.56 -19.30 3.37
C ASN M 1040 58.96 -18.33 2.36
N ARG M 1041 59.73 -17.34 1.96
CA ARG M 1041 59.25 -16.38 0.97
C ARG M 1041 59.06 -17.15 -0.31
N ASP M 1042 60.02 -18.02 -0.57
CA ASP M 1042 60.03 -18.88 -1.75
C ASP M 1042 58.77 -19.73 -1.80
N ALA M 1043 58.62 -20.60 -0.80
CA ALA M 1043 57.45 -21.49 -0.72
C ALA M 1043 56.17 -20.76 -1.11
N PHE M 1044 55.85 -19.73 -0.35
CA PHE M 1044 54.65 -18.93 -0.61
C PHE M 1044 54.43 -18.58 -2.07
N GLU M 1045 55.45 -18.04 -2.74
CA GLU M 1045 55.33 -17.66 -4.14
C GLU M 1045 55.03 -18.85 -5.04
N TRP M 1046 55.31 -20.04 -4.53
CA TRP M 1046 55.09 -21.29 -5.24
C TRP M 1046 53.66 -21.77 -4.98
N VAL M 1047 53.29 -21.92 -3.71
CA VAL M 1047 51.95 -22.35 -3.35
C VAL M 1047 50.97 -21.48 -4.12
N LEU M 1048 51.14 -20.16 -3.98
CA LEU M 1048 50.30 -19.21 -4.67
C LEU M 1048 50.19 -19.57 -6.14
N GLY M 1049 51.32 -19.47 -6.84
CA GLY M 1049 51.40 -19.75 -8.28
C GLY M 1049 50.69 -21.04 -8.69
N THR M 1050 50.74 -22.04 -7.83
CA THR M 1050 50.10 -23.32 -8.08
C THR M 1050 48.59 -23.26 -7.88
N ILE M 1051 48.16 -22.72 -6.73
CA ILE M 1051 46.74 -22.59 -6.50
C ILE M 1051 46.16 -22.00 -7.79
N GLU M 1052 46.75 -20.92 -8.25
CA GLU M 1052 46.32 -20.26 -9.48
C GLU M 1052 46.25 -21.21 -10.68
N ALA M 1053 47.38 -21.85 -10.97
CA ALA M 1053 47.45 -22.77 -12.10
C ALA M 1053 46.42 -23.90 -11.99
N GLN M 1054 46.50 -24.63 -10.89
CA GLN M 1054 45.60 -25.74 -10.61
C GLN M 1054 44.19 -25.32 -10.95
N PHE M 1055 43.71 -24.29 -10.25
CA PHE M 1055 42.38 -23.74 -10.45
C PHE M 1055 41.98 -23.67 -11.94
N GLN M 1056 42.75 -22.91 -12.71
CA GLN M 1056 42.49 -22.74 -14.13
C GLN M 1056 42.24 -24.05 -14.92
N ARG M 1057 42.79 -25.17 -14.42
CA ARG M 1057 42.61 -26.48 -15.06
C ARG M 1057 41.31 -27.08 -14.57
N SER M 1058 40.96 -26.73 -13.32
CA SER M 1058 39.76 -27.22 -12.66
C SER M 1058 38.47 -26.60 -13.20
N LEU M 1059 38.58 -25.68 -14.14
CA LEU M 1059 37.39 -25.05 -14.73
C LEU M 1059 36.78 -25.97 -15.78
N VAL M 1060 35.46 -25.86 -15.98
CA VAL M 1060 34.76 -26.68 -16.98
C VAL M 1060 35.18 -26.25 -18.40
N HIS M 1061 35.17 -27.20 -19.34
CA HIS M 1061 35.55 -26.97 -20.74
C HIS M 1061 34.34 -26.72 -21.65
N PRO M 1062 34.32 -25.62 -22.45
CA PRO M 1062 33.13 -25.46 -23.28
C PRO M 1062 33.20 -26.59 -24.27
N GLY M 1063 32.09 -27.32 -24.35
CA GLY M 1063 31.98 -28.49 -25.21
C GLY M 1063 31.31 -29.55 -24.36
N GLU M 1064 31.82 -29.71 -23.14
CA GLU M 1064 31.31 -30.67 -22.17
C GLU M 1064 29.83 -30.88 -22.33
N MET M 1065 29.46 -32.04 -22.85
CA MET M 1065 28.05 -32.39 -23.02
C MET M 1065 27.46 -32.66 -21.64
N VAL M 1066 27.28 -31.58 -20.91
CA VAL M 1066 26.77 -31.60 -19.56
C VAL M 1066 25.46 -32.31 -19.23
N GLY M 1067 24.42 -32.11 -20.03
CA GLY M 1067 23.12 -32.72 -19.77
C GLY M 1067 23.07 -34.25 -19.70
N VAL M 1068 23.55 -34.89 -20.75
CA VAL M 1068 23.59 -36.34 -20.84
C VAL M 1068 24.37 -36.84 -19.62
N ILE M 1069 25.36 -36.04 -19.21
CA ILE M 1069 26.20 -36.36 -18.08
C ILE M 1069 25.37 -36.40 -16.81
N ALA M 1070 24.89 -35.24 -16.39
CA ALA M 1070 24.07 -35.19 -15.19
C ALA M 1070 22.88 -36.16 -15.29
N ALA M 1071 22.33 -36.31 -16.49
CA ALA M 1071 21.19 -37.22 -16.74
C ALA M 1071 21.52 -38.62 -16.23
N GLN M 1072 22.66 -39.13 -16.67
CA GLN M 1072 23.11 -40.45 -16.27
C GLN M 1072 23.55 -40.37 -14.82
N SER M 1073 24.48 -39.48 -14.53
CA SER M 1073 24.99 -39.33 -13.18
C SER M 1073 23.87 -39.49 -12.15
N ILE M 1074 22.65 -39.11 -12.54
CA ILE M 1074 21.51 -39.22 -11.64
C ILE M 1074 20.81 -40.58 -11.75
N GLY M 1075 20.47 -40.99 -12.97
CA GLY M 1075 19.79 -42.25 -13.18
C GLY M 1075 20.58 -43.50 -12.81
N GLU M 1076 21.90 -43.42 -12.96
CA GLU M 1076 22.81 -44.53 -12.64
C GLU M 1076 22.63 -45.00 -11.19
N PRO M 1077 22.87 -44.09 -10.22
CA PRO M 1077 22.72 -44.44 -8.80
C PRO M 1077 21.27 -44.72 -8.45
N ALA M 1078 20.47 -45.03 -9.46
CA ALA M 1078 19.06 -45.34 -9.27
C ALA M 1078 18.84 -46.78 -9.67
N THR M 1079 19.63 -47.22 -10.64
CA THR M 1079 19.53 -48.58 -11.11
C THR M 1079 20.00 -49.44 -9.96
N GLN M 1080 20.72 -48.82 -9.03
CA GLN M 1080 21.22 -49.54 -7.89
C GLN M 1080 20.35 -49.47 -6.64
N MET M 1081 19.07 -49.18 -6.82
CA MET M 1081 18.15 -49.11 -5.69
C MET M 1081 17.08 -50.20 -5.80
N THR M 1082 16.29 -50.36 -4.74
CA THR M 1082 15.21 -51.38 -4.73
C THR M 1082 13.84 -50.75 -4.99
N LEU M 1083 12.96 -51.46 -5.71
CA LEU M 1083 11.62 -50.93 -5.97
C LEU M 1083 10.88 -50.76 -4.65
N ASN M 1084 11.30 -51.52 -3.64
CA ASN M 1084 10.68 -51.47 -2.31
C ASN M 1084 10.76 -50.09 -1.65
N THR M 1085 9.74 -49.77 -0.85
CA THR M 1085 9.68 -48.51 -0.10
C THR M 1085 9.66 -48.89 1.38
N PHE M 1086 10.20 -50.07 1.69
CA PHE M 1086 10.25 -50.57 3.07
C PHE M 1086 11.61 -50.25 3.69
N HIS M 1087 11.88 -50.88 4.82
CA HIS M 1087 13.13 -50.72 5.54
C HIS M 1087 13.73 -49.32 5.45
N VAL M 1096 7.80 -42.98 4.94
CA VAL M 1096 7.40 -42.12 3.82
C VAL M 1096 7.88 -42.68 2.45
N THR M 1097 7.02 -42.57 1.43
CA THR M 1097 7.33 -43.06 0.09
C THR M 1097 8.67 -42.52 -0.37
N LEU M 1098 9.67 -43.40 -0.49
CA LEU M 1098 11.01 -42.99 -0.93
C LEU M 1098 11.59 -43.87 -2.04
N GLY M 1099 12.91 -43.80 -2.21
CA GLY M 1099 13.59 -44.60 -3.23
C GLY M 1099 12.98 -44.59 -4.61
N VAL M 1100 13.24 -45.67 -5.35
CA VAL M 1100 12.77 -45.85 -6.72
C VAL M 1100 11.41 -45.26 -7.10
N PRO M 1101 10.32 -45.74 -6.47
CA PRO M 1101 8.99 -45.21 -6.79
C PRO M 1101 8.84 -43.71 -6.54
N ARG M 1102 9.58 -43.20 -5.56
CA ARG M 1102 9.53 -41.79 -5.22
C ARG M 1102 10.07 -40.94 -6.36
N LEU M 1103 11.29 -41.26 -6.80
CA LEU M 1103 11.93 -40.55 -7.88
C LEU M 1103 10.94 -40.48 -9.01
N LYS M 1104 10.32 -41.63 -9.26
CA LYS M 1104 9.30 -41.79 -10.29
C LYS M 1104 8.29 -40.69 -9.99
N GLU M 1105 7.61 -40.86 -8.85
CA GLU M 1105 6.62 -39.91 -8.38
C GLU M 1105 7.00 -38.48 -8.76
N ILE M 1106 8.22 -38.09 -8.40
CA ILE M 1106 8.75 -36.75 -8.67
C ILE M 1106 8.89 -36.40 -10.15
N LEU M 1107 9.66 -37.17 -10.88
CA LEU M 1107 9.88 -36.89 -12.29
C LEU M 1107 8.56 -36.73 -13.03
N ASN M 1108 7.50 -37.33 -12.48
CA ASN M 1108 6.19 -37.24 -13.09
C ASN M 1108 5.49 -35.94 -12.67
N VAL M 1109 5.99 -35.29 -11.63
CA VAL M 1109 5.36 -34.07 -11.09
C VAL M 1109 3.93 -34.51 -10.80
N ALA M 1110 3.83 -35.46 -9.88
CA ALA M 1110 2.57 -36.06 -9.47
C ALA M 1110 1.68 -35.11 -8.69
N LYS M 1111 0.39 -35.12 -8.96
CA LYS M 1111 -0.52 -34.24 -8.25
C LYS M 1111 -1.07 -34.87 -6.96
N ASN M 1112 -0.81 -36.15 -6.76
CA ASN M 1112 -1.29 -36.80 -5.53
C ASN M 1112 -0.33 -37.88 -5.06
N ILE M 1113 0.77 -37.47 -4.43
CA ILE M 1113 1.74 -38.43 -3.95
C ILE M 1113 1.12 -39.32 -2.90
N LYS M 1114 1.70 -40.51 -2.72
CA LYS M 1114 1.17 -41.43 -1.72
C LYS M 1114 1.29 -40.80 -0.33
N THR M 1115 2.50 -40.38 0.03
CA THR M 1115 2.69 -39.75 1.33
C THR M 1115 2.82 -38.26 1.17
N PRO M 1116 1.75 -37.52 1.41
CA PRO M 1116 1.98 -36.08 1.22
C PRO M 1116 2.74 -35.54 2.45
N ALA M 1117 2.16 -35.62 3.64
CA ALA M 1117 2.83 -35.14 4.88
C ALA M 1117 3.49 -33.75 4.83
N LEU M 1118 3.70 -33.13 5.98
CA LEU M 1118 4.31 -31.80 6.00
C LEU M 1118 4.86 -31.40 7.36
N THR M 1119 6.14 -31.02 7.39
CA THR M 1119 6.83 -30.63 8.62
C THR M 1119 6.81 -29.13 8.93
N VAL M 1120 6.34 -28.78 10.14
CA VAL M 1120 6.28 -27.39 10.60
C VAL M 1120 7.06 -27.25 11.90
N TYR M 1121 7.89 -26.22 11.96
CA TYR M 1121 8.70 -25.95 13.14
C TYR M 1121 8.03 -24.86 13.97
N LEU M 1122 8.23 -24.93 15.28
CA LEU M 1122 7.66 -23.98 16.23
C LEU M 1122 8.09 -22.57 15.83
N ASP M 1123 7.75 -21.58 16.65
CA ASP M 1123 8.15 -20.20 16.34
C ASP M 1123 9.48 -19.95 17.08
N ARG M 1124 10.28 -18.95 16.63
CA ARG M 1124 11.56 -18.67 17.28
C ARG M 1124 11.67 -19.12 18.74
N GLU M 1125 11.07 -18.39 19.67
CA GLU M 1125 11.15 -18.74 21.07
C GLU M 1125 10.89 -20.20 21.43
N ILE M 1126 9.76 -20.45 22.06
CA ILE M 1126 9.33 -21.78 22.49
C ILE M 1126 9.92 -22.87 21.60
N ALA M 1127 10.97 -23.55 22.07
CA ALA M 1127 11.60 -24.59 21.27
C ALA M 1127 11.45 -25.97 21.90
N LEU M 1128 12.03 -26.16 23.08
CA LEU M 1128 11.96 -27.44 23.78
C LEU M 1128 10.77 -27.44 24.75
N ASP M 1129 9.73 -26.71 24.36
CA ASP M 1129 8.51 -26.56 25.13
C ASP M 1129 7.55 -27.73 24.84
N ILE M 1130 7.76 -28.87 25.53
CA ILE M 1130 6.94 -30.08 25.35
C ILE M 1130 5.45 -29.83 25.17
N GLU M 1131 4.85 -29.17 26.17
CA GLU M 1131 3.43 -28.86 26.17
C GLU M 1131 3.05 -27.86 25.08
N LYS M 1132 4.01 -27.05 24.64
CA LYS M 1132 3.77 -26.06 23.58
C LYS M 1132 3.55 -26.83 22.28
N ALA M 1133 4.22 -27.97 22.16
CA ALA M 1133 4.11 -28.83 20.99
C ALA M 1133 2.64 -29.25 20.88
N LYS M 1134 2.16 -29.94 21.91
CA LYS M 1134 0.78 -30.39 21.94
C LYS M 1134 -0.16 -29.22 21.63
N VAL M 1135 0.01 -28.12 22.36
CA VAL M 1135 -0.82 -26.91 22.21
C VAL M 1135 -1.03 -26.46 20.77
N ILE M 1136 -0.17 -26.94 19.87
CA ILE M 1136 -0.28 -26.59 18.46
C ILE M 1136 -0.88 -27.76 17.72
N GLN M 1137 -0.45 -28.96 18.09
CA GLN M 1137 -0.94 -30.20 17.50
C GLN M 1137 -2.46 -30.14 17.38
N SER M 1138 -3.11 -30.04 18.53
CA SER M 1138 -4.56 -29.99 18.62
C SER M 1138 -5.19 -28.72 18.04
N SER M 1139 -4.37 -27.85 17.49
CA SER M 1139 -4.88 -26.62 16.88
C SER M 1139 -4.76 -26.79 15.38
N ILE M 1140 -4.21 -27.93 14.95
CA ILE M 1140 -3.99 -28.24 13.53
C ILE M 1140 -4.63 -29.57 13.08
N TYR M 1142 -5.75 -33.92 14.27
CA TYR M 1142 -7.16 -33.87 13.85
C TYR M 1142 -8.09 -34.93 14.48
N THR M 1143 -8.91 -34.48 15.43
CA THR M 1143 -9.86 -35.31 16.15
C THR M 1143 -11.30 -34.93 15.75
N THR M 1144 -12.09 -35.92 15.35
CA THR M 1144 -13.48 -35.69 14.93
C THR M 1144 -14.47 -36.42 15.81
N LEU M 1145 -15.66 -35.83 15.91
CA LEU M 1145 -16.73 -36.39 16.70
C LEU M 1145 -16.89 -37.88 16.41
N LYS M 1146 -16.64 -38.24 15.15
CA LYS M 1146 -16.76 -39.61 14.71
C LYS M 1146 -15.84 -40.57 15.46
N ASN M 1147 -14.73 -40.06 15.97
CA ASN M 1147 -13.76 -40.91 16.66
C ASN M 1147 -13.95 -41.08 18.16
N VAL M 1148 -15.00 -40.50 18.71
CA VAL M 1148 -15.29 -40.61 20.14
C VAL M 1148 -16.71 -41.14 20.43
N THR M 1149 -17.50 -41.31 19.36
CA THR M 1149 -18.89 -41.77 19.46
C THR M 1149 -19.05 -43.28 19.35
N SER M 1150 -19.49 -43.93 20.43
CA SER M 1150 -19.68 -45.39 20.43
C SER M 1150 -20.93 -45.80 19.66
N ALA M 1151 -21.95 -44.93 19.68
CA ALA M 1151 -23.21 -45.17 18.99
C ALA M 1151 -24.09 -43.93 18.98
N THR M 1152 -25.04 -43.91 18.06
CA THR M 1152 -25.98 -42.80 17.95
C THR M 1152 -27.35 -43.38 17.64
N GLU M 1153 -28.38 -42.85 18.30
CA GLU M 1153 -29.76 -43.31 18.10
C GLU M 1153 -30.69 -42.12 18.00
N ILE M 1154 -31.81 -42.32 17.32
CA ILE M 1154 -32.81 -41.26 17.18
C ILE M 1154 -34.16 -41.76 17.65
N TYR M 1155 -34.47 -41.40 18.90
CA TYR M 1155 -35.70 -41.78 19.58
C TYR M 1155 -36.82 -40.77 19.32
N TYR M 1156 -38.03 -41.17 19.72
CA TYR M 1156 -39.19 -40.30 19.59
C TYR M 1156 -39.56 -39.75 20.96
N ASP M 1157 -39.17 -38.51 21.24
CA ASP M 1157 -39.52 -37.90 22.52
C ASP M 1157 -40.12 -36.55 22.23
N PRO M 1158 -41.46 -36.44 22.33
CA PRO M 1158 -42.23 -35.22 22.07
C PRO M 1158 -42.35 -34.23 23.22
N ASP M 1159 -41.88 -34.61 24.40
CA ASP M 1159 -41.97 -33.72 25.55
C ASP M 1159 -40.64 -33.08 25.97
N PRO M 1160 -40.43 -31.81 25.55
CA PRO M 1160 -39.21 -31.08 25.87
C PRO M 1160 -39.05 -30.69 27.34
N THR M 1161 -39.40 -31.60 28.25
CA THR M 1161 -39.27 -31.35 29.69
C THR M 1161 -39.19 -32.66 30.49
N SER M 1162 -38.88 -33.76 29.81
CA SER M 1162 -38.71 -35.10 30.39
C SER M 1162 -38.49 -36.10 29.26
N THR M 1163 -37.89 -37.25 29.57
CA THR M 1163 -37.60 -38.26 28.55
C THR M 1163 -38.34 -39.58 28.70
N VAL M 1164 -38.30 -40.38 27.64
CA VAL M 1164 -38.92 -41.70 27.62
C VAL M 1164 -37.77 -42.64 28.02
N ILE M 1165 -36.63 -42.02 28.36
CA ILE M 1165 -35.42 -42.76 28.75
C ILE M 1165 -35.09 -42.59 30.23
N GLU M 1166 -34.68 -43.68 30.90
CA GLU M 1166 -34.33 -43.65 32.33
C GLU M 1166 -33.04 -42.88 32.61
N GLU M 1167 -31.92 -43.50 32.24
CA GLU M 1167 -30.56 -42.95 32.44
C GLU M 1167 -30.37 -41.55 31.84
N ASP M 1168 -31.45 -40.80 31.68
CA ASP M 1168 -31.36 -39.48 31.11
C ASP M 1168 -32.08 -38.46 31.98
N PHE M 1169 -33.13 -38.92 32.65
CA PHE M 1169 -33.92 -38.06 33.53
C PHE M 1169 -33.11 -36.93 34.15
N ASP M 1170 -32.27 -37.29 35.12
CA ASP M 1170 -31.42 -36.33 35.81
C ASP M 1170 -30.88 -35.26 34.89
N THR M 1171 -30.26 -35.71 33.80
CA THR M 1171 -29.64 -34.84 32.82
C THR M 1171 -30.56 -33.76 32.22
N VAL M 1172 -31.84 -33.80 32.53
CA VAL M 1172 -32.75 -32.78 32.02
C VAL M 1172 -32.95 -31.74 33.10
N GLU M 1173 -33.47 -32.20 34.24
CA GLU M 1173 -33.75 -31.36 35.39
C GLU M 1173 -32.55 -30.53 35.84
N ALA M 1174 -31.38 -31.15 35.82
CA ALA M 1174 -30.17 -30.45 36.23
C ALA M 1174 -29.65 -29.55 35.11
N TYR M 1175 -30.52 -29.20 34.16
CA TYR M 1175 -30.13 -28.34 33.05
C TYR M 1175 -31.21 -27.32 32.70
N PHE M 1176 -31.78 -26.71 33.75
CA PHE M 1176 -32.82 -25.68 33.58
C PHE M 1176 -32.54 -24.47 34.49
N SER M 1177 -31.42 -24.51 35.20
CA SER M 1177 -31.00 -23.43 36.10
C SER M 1177 -29.47 -23.21 36.07
N ILE M 1178 -28.99 -22.14 36.72
CA ILE M 1178 -27.55 -21.80 36.75
C ILE M 1178 -26.63 -23.01 36.62
N GLN M 1190 -39.38 -26.35 19.61
CA GLN M 1190 -38.46 -27.38 19.06
C GLN M 1190 -39.20 -28.51 18.34
N SER M 1191 -38.45 -29.50 17.88
CA SER M 1191 -39.04 -30.66 17.20
C SER M 1191 -39.17 -31.78 18.23
N PRO M 1192 -40.19 -32.64 18.08
CA PRO M 1192 -40.41 -33.75 19.01
C PRO M 1192 -39.47 -34.92 18.74
N TRP M 1193 -38.68 -34.75 17.68
CA TRP M 1193 -37.73 -35.77 17.26
C TRP M 1193 -36.38 -35.65 17.93
N LEU M 1194 -35.95 -36.74 18.55
CA LEU M 1194 -34.69 -36.80 19.29
C LEU M 1194 -33.50 -37.45 18.58
N LEU M 1195 -32.30 -37.13 19.04
CA LEU M 1195 -31.04 -37.69 18.52
C LEU M 1195 -30.04 -37.76 19.66
N ARG M 1196 -29.73 -38.98 20.09
CA ARG M 1196 -28.82 -39.20 21.19
C ARG M 1196 -27.49 -39.80 20.75
N LEU M 1197 -26.40 -39.40 21.40
CA LEU M 1197 -25.07 -39.88 21.07
C LEU M 1197 -24.43 -40.42 22.33
N GLU M 1198 -23.85 -41.61 22.26
CA GLU M 1198 -23.20 -42.22 23.41
C GLU M 1198 -21.71 -42.28 23.16
N LEU M 1199 -20.98 -41.29 23.69
CA LEU M 1199 -19.54 -41.19 23.51
C LEU M 1199 -18.77 -42.18 24.40
N ASP M 1200 -17.52 -42.46 24.02
CA ASP M 1200 -16.67 -43.40 24.75
C ASP M 1200 -15.86 -42.72 25.85
N ARG M 1201 -15.75 -43.40 27.00
CA ARG M 1201 -15.00 -42.89 28.15
C ARG M 1201 -13.49 -42.95 27.87
N ALA M 1202 -12.96 -44.16 27.68
CA ALA M 1202 -11.54 -44.35 27.40
C ALA M 1202 -11.08 -43.51 26.20
N ARG M 1203 -12.01 -43.22 25.30
CA ARG M 1203 -11.73 -42.44 24.10
C ARG M 1203 -11.67 -40.95 24.39
N MET M 1204 -12.20 -40.55 25.54
CA MET M 1204 -12.18 -39.14 25.92
C MET M 1204 -10.92 -38.80 26.72
N LEU M 1205 -10.18 -39.85 27.11
CA LEU M 1205 -8.95 -39.67 27.85
C LEU M 1205 -7.76 -39.73 26.90
N ASP M 1206 -7.91 -40.49 25.82
CA ASP M 1206 -6.86 -40.62 24.83
C ASP M 1206 -6.65 -39.26 24.14
N LYS M 1207 -7.52 -38.92 23.17
CA LYS M 1207 -7.41 -37.65 22.45
C LYS M 1207 -7.76 -36.50 23.39
N GLN M 1208 -8.10 -36.86 24.63
CA GLN M 1208 -8.46 -35.92 25.67
C GLN M 1208 -9.53 -34.95 25.17
N LEU M 1209 -10.68 -34.96 25.83
CA LEU M 1209 -11.79 -34.07 25.44
C LEU M 1209 -12.71 -33.78 26.62
N THR M 1210 -13.62 -32.82 26.42
CA THR M 1210 -14.56 -32.44 27.46
C THR M 1210 -15.96 -32.26 26.94
N MET M 1211 -16.94 -32.73 27.71
CA MET M 1211 -18.33 -32.59 27.31
C MET M 1211 -18.58 -31.12 27.04
N ASN M 1212 -18.11 -30.27 27.95
CA ASN M 1212 -18.28 -28.84 27.79
C ASN M 1212 -17.78 -28.41 26.42
N GLN M 1213 -16.55 -28.80 26.09
CA GLN M 1213 -15.96 -28.46 24.81
C GLN M 1213 -16.76 -29.13 23.69
N VAL M 1214 -16.64 -30.45 23.61
CA VAL M 1214 -17.34 -31.25 22.61
C VAL M 1214 -18.62 -30.54 22.17
N ALA M 1215 -19.59 -30.48 23.08
CA ALA M 1215 -20.84 -29.82 22.76
C ALA M 1215 -20.64 -28.39 22.32
N ASP M 1216 -19.92 -27.60 23.13
CA ASP M 1216 -19.66 -26.21 22.80
C ASP M 1216 -19.43 -26.12 21.32
N LYS M 1217 -18.55 -26.98 20.82
CA LYS M 1217 -18.24 -27.00 19.42
C LYS M 1217 -19.54 -27.27 18.64
N ILE M 1218 -20.11 -28.46 18.86
CA ILE M 1218 -21.34 -28.87 18.19
C ILE M 1218 -22.31 -27.70 18.06
N SER M 1219 -22.67 -27.15 19.21
CA SER M 1219 -23.62 -26.05 19.29
C SER M 1219 -23.29 -24.91 18.34
N GLU M 1220 -22.07 -24.42 18.40
CA GLU M 1220 -21.67 -23.31 17.54
C GLU M 1220 -21.49 -23.73 16.08
N VAL M 1221 -21.58 -25.01 15.82
CA VAL M 1221 -21.46 -25.51 14.44
C VAL M 1221 -22.76 -25.22 13.73
N PHE M 1222 -23.88 -25.61 14.35
CA PHE M 1222 -25.20 -25.37 13.77
C PHE M 1222 -25.72 -24.01 14.24
N SER M 1223 -25.59 -23.74 15.54
CA SER M 1223 -25.98 -22.48 16.16
C SER M 1223 -27.44 -22.35 16.62
N ASP M 1224 -28.09 -21.27 16.21
CA ASP M 1224 -29.47 -20.99 16.61
C ASP M 1224 -30.60 -21.87 16.05
N ASP M 1225 -30.25 -22.88 15.26
CA ASP M 1225 -31.28 -23.78 14.73
C ASP M 1225 -31.00 -25.24 15.08
N LEU M 1226 -30.69 -25.45 16.36
CA LEU M 1226 -30.40 -26.76 16.94
C LEU M 1226 -30.02 -26.63 18.40
N PHE M 1227 -30.99 -26.91 19.27
CA PHE M 1227 -30.78 -26.85 20.71
C PHE M 1227 -30.12 -28.16 21.15
N VAL M 1228 -29.03 -28.05 21.88
CA VAL M 1228 -28.35 -29.25 22.32
C VAL M 1228 -28.02 -29.23 23.81
N MET M 1229 -27.97 -30.41 24.41
CA MET M 1229 -27.69 -30.58 25.84
C MET M 1229 -26.67 -31.69 26.05
N TRP M 1230 -26.24 -31.87 27.30
CA TRP M 1230 -25.27 -32.92 27.62
C TRP M 1230 -25.04 -33.13 29.11
N SER M 1231 -24.59 -34.33 29.45
CA SER M 1231 -24.31 -34.71 30.84
C SER M 1231 -22.97 -34.15 31.27
N GLU M 1232 -22.51 -34.53 32.46
CA GLU M 1232 -21.23 -34.05 32.96
C GLU M 1232 -20.23 -35.16 33.25
N ASP M 1233 -18.99 -34.93 32.81
CA ASP M 1233 -17.85 -35.83 32.92
C ASP M 1233 -17.82 -36.82 34.09
N ASN M 1234 -18.59 -36.54 35.14
CA ASN M 1234 -18.65 -37.38 36.33
C ASN M 1234 -19.44 -38.68 36.09
N ALA M 1235 -20.61 -38.56 35.46
CA ALA M 1235 -21.50 -39.69 35.18
C ALA M 1235 -20.83 -40.99 34.72
N ASP M 1236 -21.63 -42.06 34.64
CA ASP M 1236 -21.14 -43.37 34.20
C ASP M 1236 -21.63 -43.66 32.78
N LYS M 1237 -22.21 -42.64 32.17
CA LYS M 1237 -22.70 -42.72 30.79
C LYS M 1237 -22.78 -41.29 30.21
N LEU M 1238 -21.88 -41.01 29.26
CA LEU M 1238 -21.80 -39.70 28.61
C LEU M 1238 -22.85 -39.63 27.51
N ILE M 1239 -23.60 -38.53 27.45
CA ILE M 1239 -24.63 -38.41 26.42
C ILE M 1239 -24.85 -36.99 25.92
N ILE M 1240 -25.46 -36.90 24.74
CA ILE M 1240 -25.76 -35.62 24.11
C ILE M 1240 -27.09 -35.68 23.35
N ARG M 1241 -28.10 -34.99 23.88
CA ARG M 1241 -29.43 -34.97 23.27
C ARG M 1241 -29.56 -33.68 22.44
N CYS M 1242 -30.57 -33.60 21.57
CA CYS M 1242 -30.73 -32.42 20.73
C CYS M 1242 -31.92 -32.50 19.78
N ARG M 1243 -32.41 -31.34 19.35
CA ARG M 1243 -33.55 -31.26 18.44
C ARG M 1243 -33.39 -30.10 17.45
N VAL M 1244 -34.18 -30.11 16.38
CA VAL M 1244 -34.09 -29.05 15.36
C VAL M 1244 -34.92 -27.83 15.74
N ILE M 1245 -35.17 -26.97 14.76
CA ILE M 1245 -35.95 -25.75 15.00
C ILE M 1245 -36.22 -25.01 13.69
N ALA M 1257 -43.17 -31.13 7.69
CA ALA M 1257 -42.78 -31.25 6.28
C ALA M 1257 -41.83 -32.43 6.07
N GLU M 1258 -41.75 -33.31 7.08
CA GLU M 1258 -40.92 -34.53 7.09
C GLU M 1258 -39.55 -34.35 7.78
N GLU M 1259 -39.53 -34.46 9.11
CA GLU M 1259 -38.31 -34.29 9.90
C GLU M 1259 -37.38 -35.51 10.00
N ASP M 1260 -37.93 -36.71 9.90
CA ASP M 1260 -37.14 -37.95 9.98
C ASP M 1260 -36.12 -38.08 8.86
N GLN M 1261 -36.27 -37.21 7.86
CA GLN M 1261 -35.36 -37.19 6.72
C GLN M 1261 -34.26 -36.17 7.01
N MET M 1262 -34.64 -35.03 7.61
CA MET M 1262 -33.68 -34.00 7.94
C MET M 1262 -32.78 -34.48 9.08
N LEU M 1263 -33.41 -34.88 10.19
CA LEU M 1263 -32.64 -35.36 11.34
C LEU M 1263 -32.10 -36.74 11.03
N LYS M 1264 -31.18 -36.78 10.07
CA LYS M 1264 -30.54 -38.00 9.65
C LYS M 1264 -29.45 -37.57 8.68
N ARG M 1265 -29.69 -36.44 8.00
CA ARG M 1265 -28.72 -35.86 7.09
C ARG M 1265 -27.80 -35.08 8.02
N ILE M 1266 -28.38 -34.68 9.15
CA ILE M 1266 -27.70 -33.94 10.19
C ILE M 1266 -27.06 -34.97 11.12
N GLU M 1267 -27.23 -36.24 10.75
CA GLU M 1267 -26.64 -37.34 11.48
C GLU M 1267 -25.19 -37.41 11.01
N ALA M 1268 -25.02 -37.35 9.69
CA ALA M 1268 -23.70 -37.39 9.06
C ALA M 1268 -22.93 -36.12 9.27
N HIS M 1269 -23.54 -35.02 8.84
CA HIS M 1269 -22.93 -33.69 8.97
C HIS M 1269 -22.32 -33.53 10.36
N MET M 1270 -22.67 -34.45 11.26
CA MET M 1270 -22.15 -34.42 12.63
C MET M 1270 -20.95 -35.35 12.81
N LEU M 1271 -20.97 -36.47 12.11
CA LEU M 1271 -19.89 -37.44 12.22
C LEU M 1271 -18.77 -37.35 11.19
N ASP M 1272 -18.91 -36.49 10.19
CA ASP M 1272 -17.87 -36.39 9.17
C ASP M 1272 -17.48 -35.01 8.62
N LEU M 1273 -18.12 -33.95 9.12
CA LEU M 1273 -17.82 -32.60 8.66
C LEU M 1273 -17.69 -31.67 9.87
N ILE M 1274 -17.28 -32.27 10.98
CA ILE M 1274 -17.13 -31.56 12.23
C ILE M 1274 -15.89 -32.03 12.96
N ALA M 1275 -14.97 -31.09 13.17
CA ALA M 1275 -13.72 -31.36 13.87
C ALA M 1275 -13.79 -30.85 15.30
N LEU M 1276 -13.01 -31.45 16.18
CA LEU M 1276 -12.99 -31.05 17.59
C LEU M 1276 -11.66 -30.36 17.91
N ARG M 1277 -10.57 -31.06 17.61
CA ARG M 1277 -9.21 -30.55 17.83
C ARG M 1277 -8.33 -31.00 16.65
N PRO M 1280 -8.45 -28.91 7.45
CA PRO M 1280 -8.74 -30.05 6.59
C PRO M 1280 -7.61 -30.60 5.73
N GLY M 1281 -7.63 -31.93 5.57
CA GLY M 1281 -6.65 -32.71 4.81
C GLY M 1281 -5.47 -33.04 5.71
N ILE M 1282 -5.56 -32.60 6.96
CA ILE M 1282 -4.49 -32.81 7.90
C ILE M 1282 -4.83 -33.81 8.99
N SER M 1283 -4.79 -35.10 8.70
CA SER M 1283 -5.11 -36.06 9.75
C SER M 1283 -3.93 -36.24 10.70
N LYS M 1284 -3.72 -37.46 11.21
CA LYS M 1284 -2.63 -37.73 12.17
C LYS M 1284 -1.55 -36.65 12.20
N VAL M 1285 -1.09 -36.27 13.38
CA VAL M 1285 -0.04 -35.26 13.52
C VAL M 1285 0.85 -35.64 14.70
N TYR M 1286 2.00 -36.22 14.39
CA TYR M 1286 2.93 -36.66 15.44
C TYR M 1286 3.91 -35.58 15.84
N MET M 1287 4.61 -35.84 16.95
CA MET M 1287 5.60 -34.93 17.49
C MET M 1287 6.96 -35.61 17.51
N VAL M 1288 8.02 -34.83 17.33
CA VAL M 1288 9.37 -35.39 17.31
C VAL M 1288 10.47 -34.48 17.85
N LYS M 1289 11.47 -35.12 18.45
CA LYS M 1289 12.64 -34.44 19.01
C LYS M 1289 13.78 -34.62 18.03
N HIS M 1290 14.08 -33.56 17.30
CA HIS M 1290 15.13 -33.55 16.29
C HIS M 1290 16.48 -32.96 16.71
N LYS M 1291 17.50 -33.35 15.95
CA LYS M 1291 18.88 -32.89 16.13
C LYS M 1291 19.10 -31.57 15.40
N VAL M 1292 19.18 -30.45 16.12
CA VAL M 1292 19.46 -29.21 15.43
C VAL M 1292 20.72 -28.53 15.91
N SER M 1293 21.75 -28.59 15.09
CA SER M 1293 23.03 -27.96 15.42
C SER M 1293 22.70 -26.47 15.50
N VAL M 1294 23.43 -25.74 16.36
CA VAL M 1294 23.21 -24.31 16.47
C VAL M 1294 24.25 -23.56 17.30
N PRO M 1295 24.48 -22.27 16.97
CA PRO M 1295 25.41 -21.29 17.54
C PRO M 1295 25.25 -20.97 19.02
N ASP M 1296 26.12 -21.55 19.85
CA ASP M 1296 26.10 -21.28 21.29
C ASP M 1296 26.48 -19.80 21.42
N GLU M 1297 26.09 -19.15 22.54
CA GLU M 1297 26.47 -17.74 22.65
C GLU M 1297 27.99 -17.61 22.61
N SER M 1298 28.65 -18.60 23.20
CA SER M 1298 30.10 -18.67 23.29
C SER M 1298 30.80 -19.03 21.96
N GLY M 1299 30.04 -18.99 20.87
CA GLY M 1299 30.61 -19.29 19.55
C GLY M 1299 30.38 -20.68 18.97
N GLU M 1300 31.03 -21.67 19.55
CA GLU M 1300 30.91 -23.05 19.09
C GLU M 1300 29.48 -23.49 18.82
N TYR M 1301 29.32 -24.42 17.87
CA TYR M 1301 28.02 -24.96 17.51
C TYR M 1301 27.73 -26.06 18.52
N LYS M 1302 26.48 -26.19 18.97
CA LYS M 1302 26.16 -27.24 19.92
C LYS M 1302 24.74 -27.83 19.80
N ASN M 1303 24.57 -29.03 20.38
CA ASN M 1303 23.30 -29.78 20.38
C ASN M 1303 22.12 -29.09 21.06
N GLU M 1304 21.16 -28.60 20.27
CA GLU M 1304 19.97 -27.97 20.85
C GLU M 1304 18.68 -28.47 20.21
N GLU M 1305 18.36 -29.77 20.42
CA GLU M 1305 17.14 -30.35 19.86
C GLU M 1305 15.89 -29.52 20.15
N LEU M 1306 14.97 -29.50 19.20
CA LEU M 1306 13.72 -28.75 19.33
C LEU M 1306 12.56 -29.57 18.78
N TRP M 1307 11.40 -29.52 19.45
CA TRP M 1307 10.23 -30.26 19.01
C TRP M 1307 9.77 -29.81 17.64
N ALA M 1308 9.15 -30.74 16.91
CA ALA M 1308 8.61 -30.42 15.61
C ALA M 1308 7.41 -31.29 15.31
N LEU M 1309 6.45 -30.69 14.61
CA LEU M 1309 5.24 -31.36 14.25
C LEU M 1309 5.24 -31.80 12.80
N GLU M 1310 5.06 -33.09 12.58
CA GLU M 1310 5.01 -33.66 11.24
C GLU M 1310 3.57 -34.05 11.00
N THR M 1311 3.08 -33.79 9.78
CA THR M 1311 1.71 -34.10 9.48
C THR M 1311 1.53 -35.38 8.68
N ASP M 1312 0.29 -35.59 8.24
CA ASP M 1312 -0.11 -36.76 7.47
C ASP M 1312 -1.18 -36.25 6.51
N GLY M 1313 -0.83 -35.23 5.73
CA GLY M 1313 -1.75 -34.63 4.79
C GLY M 1313 -1.13 -33.30 4.41
N ILE M 1314 -1.68 -32.60 3.43
CA ILE M 1314 -1.04 -31.34 3.04
C ILE M 1314 -1.88 -30.14 2.62
N ASN M 1315 -1.84 -29.10 3.45
CA ASN M 1315 -2.48 -27.82 3.17
C ASN M 1315 -1.42 -26.87 3.71
N LEU M 1316 -1.14 -25.81 2.96
CA LEU M 1316 -0.10 -24.87 3.38
C LEU M 1316 -0.64 -23.47 3.64
N ALA M 1317 -1.10 -22.82 2.56
CA ALA M 1317 -1.64 -21.46 2.61
C ALA M 1317 -2.30 -21.18 3.93
N GLU M 1318 -2.85 -22.22 4.54
CA GLU M 1318 -3.55 -22.08 5.82
C GLU M 1318 -2.77 -22.47 7.07
N VAL M 1319 -2.19 -23.66 7.11
CA VAL M 1319 -1.45 -24.08 8.31
C VAL M 1319 -0.20 -23.27 8.49
N MET M 1320 -0.06 -22.24 7.67
CA MET M 1320 1.11 -21.36 7.72
C MET M 1320 0.86 -20.18 8.66
N ALA M 1321 -0.30 -19.55 8.53
CA ALA M 1321 -0.66 -18.39 9.34
C ALA M 1321 -1.22 -18.77 10.71
N VAL M 1322 -0.67 -19.80 11.32
CA VAL M 1322 -1.14 -20.24 12.62
C VAL M 1322 -0.21 -19.75 13.73
N PRO M 1323 -0.78 -19.09 14.76
CA PRO M 1323 0.03 -18.57 15.88
C PRO M 1323 0.85 -19.64 16.61
N GLY M 1324 2.16 -19.59 16.46
CA GLY M 1324 3.02 -20.56 17.13
C GLY M 1324 3.98 -21.32 16.21
N VAL M 1325 3.95 -21.00 14.92
CA VAL M 1325 4.83 -21.64 13.94
C VAL M 1325 5.79 -20.63 13.35
N ASP M 1326 6.73 -21.12 12.56
CA ASP M 1326 7.73 -20.27 11.94
C ASP M 1326 7.56 -20.25 10.43
N SER M 1327 6.57 -19.52 9.90
CA SER M 1327 6.34 -19.46 8.45
C SER M 1327 7.56 -19.03 7.62
N SER M 1328 8.74 -19.40 8.11
CA SER M 1328 10.04 -19.14 7.51
C SER M 1328 10.82 -20.44 7.48
N ARG M 1329 10.21 -21.52 7.96
CA ARG M 1329 10.86 -22.82 7.99
C ARG M 1329 9.90 -23.96 7.66
N THR M 1330 8.60 -23.67 7.68
CA THR M 1330 7.61 -24.69 7.40
C THR M 1330 8.04 -25.39 6.12
N TYR M 1331 7.66 -26.66 5.94
CA TYR M 1331 8.05 -27.39 4.74
C TYR M 1331 7.28 -28.69 4.46
N SER M 1332 6.66 -28.76 3.28
CA SER M 1332 5.91 -29.94 2.84
C SER M 1332 6.73 -30.54 1.73
N ASN M 1333 6.78 -31.85 1.64
CA ASN M 1333 7.56 -32.44 0.57
C ASN M 1333 6.82 -32.25 -0.74
N SER M 1334 5.58 -31.78 -0.67
CA SER M 1334 4.86 -31.55 -1.90
C SER M 1334 5.40 -30.29 -2.52
N PHE M 1335 6.39 -30.45 -3.39
CA PHE M 1335 6.96 -29.30 -4.06
C PHE M 1335 5.88 -28.56 -4.85
N VAL M 1336 4.96 -29.31 -5.46
CA VAL M 1336 3.88 -28.70 -6.23
C VAL M 1336 3.37 -27.52 -5.46
N GLU M 1337 3.03 -27.77 -4.20
CA GLU M 1337 2.52 -26.73 -3.31
C GLU M 1337 3.54 -25.61 -3.14
N ILE M 1338 4.61 -25.90 -2.41
CA ILE M 1338 5.65 -24.91 -2.17
C ILE M 1338 5.75 -23.87 -3.30
N LEU M 1339 5.81 -24.32 -4.54
CA LEU M 1339 5.92 -23.39 -5.65
C LEU M 1339 4.74 -22.44 -5.74
N SER M 1340 3.55 -22.96 -5.48
CA SER M 1340 2.32 -22.18 -5.54
C SER M 1340 2.23 -21.16 -4.42
N VAL M 1341 2.81 -21.49 -3.28
CA VAL M 1341 2.74 -20.60 -2.14
C VAL M 1341 3.96 -19.67 -1.98
N LEU M 1342 5.17 -20.21 -2.14
CA LEU M 1342 6.38 -19.42 -1.95
C LEU M 1342 7.13 -18.90 -3.18
N GLY M 1343 6.58 -19.10 -4.37
CA GLY M 1343 7.25 -18.62 -5.58
C GLY M 1343 8.20 -19.63 -6.22
N ILE M 1344 7.95 -19.95 -7.48
CA ILE M 1344 8.74 -20.92 -8.20
C ILE M 1344 10.13 -21.17 -7.64
N GLU M 1345 10.83 -20.11 -7.28
CA GLU M 1345 12.18 -20.23 -6.72
C GLU M 1345 12.19 -21.22 -5.57
N ALA M 1346 11.51 -20.85 -4.49
CA ALA M 1346 11.43 -21.71 -3.30
C ALA M 1346 10.98 -23.08 -3.77
N THR M 1347 10.18 -23.08 -4.82
CA THR M 1347 9.72 -24.34 -5.36
C THR M 1347 10.95 -25.14 -5.75
N ARG M 1348 11.76 -24.58 -6.65
CA ARG M 1348 12.97 -25.26 -7.12
C ARG M 1348 13.73 -25.85 -5.95
N SER M 1349 13.97 -25.01 -4.95
CA SER M 1349 14.69 -25.41 -3.74
C SER M 1349 14.18 -26.74 -3.19
N SER M 1350 12.86 -26.89 -3.20
CA SER M 1350 12.21 -28.11 -2.72
C SER M 1350 12.50 -29.26 -3.67
N LEU M 1351 12.09 -29.08 -4.93
CA LEU M 1351 12.29 -30.10 -5.96
C LEU M 1351 13.68 -30.73 -5.82
N TYR M 1352 14.69 -29.88 -5.72
CA TYR M 1352 16.05 -30.37 -5.54
C TYR M 1352 16.12 -31.19 -4.24
N LYS M 1353 15.92 -30.50 -3.12
CA LYS M 1353 15.97 -31.12 -1.80
C LYS M 1353 15.34 -32.48 -1.75
N GLU M 1354 14.19 -32.61 -2.41
CA GLU M 1354 13.45 -33.86 -2.45
C GLU M 1354 14.12 -34.97 -3.29
N ILE M 1355 14.72 -34.57 -4.39
CA ILE M 1355 15.41 -35.51 -5.26
C ILE M 1355 16.69 -35.95 -4.57
N LEU M 1356 17.40 -34.98 -4.01
CA LEU M 1356 18.64 -35.23 -3.28
C LEU M 1356 18.39 -36.25 -2.16
N ASN M 1357 17.37 -36.00 -1.36
CA ASN M 1357 17.03 -36.87 -0.25
C ASN M 1357 16.60 -38.24 -0.70
N VAL M 1358 16.40 -38.39 -2.00
CA VAL M 1358 16.00 -39.69 -2.54
C VAL M 1358 17.22 -40.49 -2.95
N ILE M 1359 18.29 -39.78 -3.31
CA ILE M 1359 19.52 -40.44 -3.69
C ILE M 1359 20.26 -40.73 -2.40
N ALA M 1360 20.30 -39.70 -1.55
CA ALA M 1360 21.00 -39.75 -0.27
C ALA M 1360 20.38 -40.72 0.73
N PHE M 1361 19.13 -41.10 0.51
CA PHE M 1361 18.49 -42.04 1.43
C PHE M 1361 18.96 -43.44 1.08
N ASP M 1362 19.90 -43.53 0.14
CA ASP M 1362 20.44 -44.81 -0.29
C ASP M 1362 21.95 -44.92 -0.08
N GLY M 1363 22.55 -43.95 0.59
CA GLY M 1363 23.99 -43.98 0.82
C GLY M 1363 24.82 -43.46 -0.35
N SER M 1364 24.25 -43.49 -1.55
CA SER M 1364 24.92 -43.02 -2.75
C SER M 1364 25.09 -41.49 -2.74
N TYR M 1365 26.21 -41.03 -3.31
CA TYR M 1365 26.52 -39.60 -3.39
C TYR M 1365 26.66 -39.13 -4.83
N VAL M 1366 26.00 -38.02 -5.13
CA VAL M 1366 26.06 -37.40 -6.44
C VAL M 1366 26.41 -35.93 -6.23
N ASN M 1367 27.08 -35.32 -7.19
CA ASN M 1367 27.46 -33.92 -7.02
C ASN M 1367 26.39 -32.96 -7.44
N TYR M 1368 26.14 -32.02 -6.54
CA TYR M 1368 25.15 -30.96 -6.71
C TYR M 1368 24.81 -30.69 -8.16
N ARG M 1369 25.76 -30.12 -8.88
CA ARG M 1369 25.59 -29.77 -10.28
C ARG M 1369 24.63 -30.66 -11.05
N HIS M 1370 24.68 -31.98 -10.81
CA HIS M 1370 23.79 -32.88 -11.53
C HIS M 1370 22.35 -32.65 -11.18
N MET M 1371 21.94 -33.02 -9.97
CA MET M 1371 20.57 -32.81 -9.57
C MET M 1371 20.11 -31.42 -9.95
N ALA M 1372 20.93 -30.43 -9.60
CA ALA M 1372 20.61 -29.03 -9.92
C ALA M 1372 20.19 -28.90 -11.39
N LEU M 1373 21.09 -29.25 -12.31
CA LEU M 1373 20.77 -29.15 -13.73
C LEU M 1373 19.39 -29.71 -14.01
N LEU M 1374 19.10 -30.93 -13.55
CA LEU M 1374 17.77 -31.48 -13.79
C LEU M 1374 16.76 -30.53 -13.21
N VAL M 1375 16.79 -30.37 -11.88
CA VAL M 1375 15.88 -29.47 -11.18
C VAL M 1375 15.62 -28.19 -11.98
N ASP M 1376 16.73 -27.54 -12.37
CA ASP M 1376 16.69 -26.31 -13.14
C ASP M 1376 15.94 -26.42 -14.47
N VAL M 1377 16.21 -27.48 -15.22
CA VAL M 1377 15.56 -27.68 -16.51
C VAL M 1377 14.06 -27.80 -16.40
N MET M 1378 13.61 -28.49 -15.35
CA MET M 1378 12.19 -28.67 -15.13
C MET M 1378 11.60 -27.33 -14.79
N THR M 1379 12.30 -26.62 -13.92
CA THR M 1379 11.84 -25.35 -13.44
C THR M 1379 11.83 -24.13 -14.39
N SER M 1380 12.96 -23.81 -15.02
CA SER M 1380 13.07 -22.62 -15.89
C SER M 1380 11.93 -22.12 -16.78
N ARG M 1381 11.24 -22.99 -17.53
CA ARG M 1381 10.18 -22.48 -18.41
C ARG M 1381 9.01 -21.77 -17.70
N GLY M 1382 9.14 -21.52 -16.40
CA GLY M 1382 8.08 -20.83 -15.70
C GLY M 1382 7.43 -21.58 -14.55
N TYR M 1383 7.26 -22.88 -14.74
CA TYR M 1383 6.65 -23.69 -13.69
C TYR M 1383 7.30 -25.04 -13.45
N LEU M 1384 6.47 -26.06 -13.35
CA LEU M 1384 6.96 -27.41 -13.13
C LEU M 1384 6.72 -28.31 -14.35
N MET M 1385 7.61 -28.20 -15.33
CA MET M 1385 7.51 -29.00 -16.52
C MET M 1385 8.05 -30.39 -16.21
N ALA M 1386 7.17 -31.38 -16.25
CA ALA M 1386 7.54 -32.77 -15.94
C ALA M 1386 8.40 -33.42 -17.01
N ILE M 1387 9.26 -34.33 -16.57
CA ILE M 1387 10.15 -35.04 -17.49
C ILE M 1387 9.35 -36.18 -18.10
N THR M 1388 8.33 -35.83 -18.87
CA THR M 1388 7.47 -36.83 -19.48
C THR M 1388 6.90 -36.38 -20.79
N ARG M 1389 6.38 -37.34 -21.54
CA ARG M 1389 5.75 -37.07 -22.83
C ARG M 1389 4.94 -35.75 -22.73
N HIS M 1390 4.46 -35.44 -21.54
CA HIS M 1390 3.67 -34.23 -21.29
C HIS M 1390 4.52 -33.13 -20.65
N GLY M 1391 5.76 -33.02 -21.11
CA GLY M 1391 6.66 -32.02 -20.56
C GLY M 1391 7.69 -31.61 -21.58
N ILE M 1392 8.95 -31.76 -21.22
CA ILE M 1392 10.05 -31.39 -22.10
C ILE M 1392 9.76 -31.78 -23.54
N ASN M 1393 9.19 -32.97 -23.74
CA ASN M 1393 8.89 -33.43 -25.08
C ASN M 1393 7.74 -32.63 -25.70
N ARG M 1394 7.41 -31.50 -25.07
CA ARG M 1394 6.36 -30.64 -25.56
C ARG M 1394 6.75 -29.17 -25.67
N ALA M 1395 8.05 -28.88 -25.62
CA ALA M 1395 8.51 -27.50 -25.74
C ALA M 1395 8.80 -27.10 -27.19
N ASP M 1396 9.43 -25.94 -27.37
CA ASP M 1396 9.75 -25.42 -28.70
C ASP M 1396 11.00 -26.05 -29.32
N THR M 1397 11.42 -27.19 -28.78
CA THR M 1397 12.59 -27.89 -29.29
C THR M 1397 12.34 -28.31 -30.73
N ALA M 1399 10.62 -30.35 -34.01
CA ALA M 1399 9.55 -31.34 -34.18
C ALA M 1399 10.12 -32.73 -34.25
N LEU M 1400 11.21 -32.88 -34.98
CA LEU M 1400 11.85 -34.18 -35.10
C LEU M 1400 12.24 -34.68 -33.74
N MET M 1401 12.65 -33.74 -32.89
CA MET M 1401 13.09 -34.06 -31.54
C MET M 1401 11.99 -34.72 -30.72
N ARG M 1402 11.04 -33.92 -30.26
CA ARG M 1402 9.93 -34.42 -29.45
C ARG M 1402 9.31 -35.68 -30.05
N CYS M 1403 9.42 -35.82 -31.35
CA CYS M 1403 8.88 -36.95 -32.07
C CYS M 1403 9.59 -38.25 -31.68
N SER M 1404 10.79 -38.14 -31.13
CA SER M 1404 11.59 -39.30 -30.72
C SER M 1404 11.34 -39.68 -29.26
N PHE M 1405 10.07 -39.63 -28.83
CA PHE M 1405 9.69 -39.95 -27.46
C PHE M 1405 8.17 -39.87 -27.26
N GLU M 1406 7.54 -41.03 -27.10
CA GLU M 1406 6.09 -41.12 -26.87
C GLU M 1406 5.08 -40.89 -28.02
N GLU M 1407 4.74 -39.64 -28.34
CA GLU M 1407 3.73 -39.39 -29.38
C GLU M 1407 4.24 -39.33 -30.82
N THR M 1408 5.38 -39.98 -31.03
CA THR M 1408 6.06 -40.07 -32.32
C THR M 1408 5.36 -39.62 -33.60
N VAL M 1409 4.29 -40.31 -33.99
CA VAL M 1409 3.61 -39.96 -35.23
C VAL M 1409 2.71 -38.70 -35.23
N GLU M 1410 1.74 -38.61 -34.32
CA GLU M 1410 0.89 -37.43 -34.30
C GLU M 1410 1.78 -36.22 -34.21
N ILE M 1411 2.87 -36.31 -33.45
CA ILE M 1411 3.77 -35.18 -33.32
C ILE M 1411 4.24 -34.69 -34.68
N LEU M 1412 4.34 -35.61 -35.65
CA LEU M 1412 4.76 -35.23 -37.00
C LEU M 1412 3.56 -34.71 -37.77
N PHE M 1413 2.44 -35.42 -37.66
CA PHE M 1413 1.22 -35.02 -38.34
C PHE M 1413 0.95 -33.54 -38.10
N GLU M 1414 0.66 -33.17 -36.84
CA GLU M 1414 0.39 -31.78 -36.50
C GLU M 1414 1.61 -30.91 -36.58
N ALA M 1415 2.59 -31.40 -37.33
CA ALA M 1415 3.84 -30.68 -37.56
C ALA M 1415 3.87 -30.34 -39.05
N GLY M 1416 3.29 -31.20 -39.89
CA GLY M 1416 3.24 -30.94 -41.30
C GLY M 1416 1.94 -30.19 -41.51
N ALA M 1417 1.07 -30.30 -40.52
CA ALA M 1417 -0.21 -29.64 -40.52
C ALA M 1417 0.01 -28.14 -40.43
N ALA M 1418 0.69 -27.71 -39.37
CA ALA M 1418 0.97 -26.28 -39.16
C ALA M 1418 2.28 -25.85 -39.83
N ALA M 1419 2.84 -26.73 -40.64
CA ALA M 1419 4.09 -26.49 -41.38
C ALA M 1419 5.20 -25.93 -40.49
N GLU M 1420 5.66 -26.75 -39.55
CA GLU M 1420 6.72 -26.37 -38.64
C GLU M 1420 8.08 -26.37 -39.33
N LEU M 1421 8.96 -25.53 -38.83
CA LEU M 1421 10.31 -25.42 -39.33
C LEU M 1421 11.23 -25.86 -38.21
N ASP M 1422 12.10 -26.83 -38.48
CA ASP M 1422 13.01 -27.28 -37.44
C ASP M 1422 14.44 -26.82 -37.67
N ASP M 1423 14.95 -26.08 -36.67
CA ASP M 1423 16.31 -25.55 -36.70
C ASP M 1423 17.30 -26.61 -37.13
N CYS M 1424 17.27 -27.70 -36.38
CA CYS M 1424 18.18 -28.81 -36.52
C CYS M 1424 19.31 -28.33 -35.62
N ARG M 1425 18.90 -27.86 -34.45
CA ARG M 1425 19.81 -27.38 -33.42
C ARG M 1425 19.74 -28.37 -32.27
N GLY M 1426 18.86 -29.34 -32.40
CA GLY M 1426 18.71 -30.32 -31.36
C GLY M 1426 19.60 -31.50 -31.59
N VAL M 1427 20.21 -32.00 -30.51
CA VAL M 1427 21.10 -33.14 -30.61
C VAL M 1427 20.41 -34.20 -31.45
N SER M 1428 19.16 -34.49 -31.10
CA SER M 1428 18.39 -35.48 -31.81
C SER M 1428 18.36 -35.28 -33.31
N GLU M 1429 17.82 -34.14 -33.76
CA GLU M 1429 17.74 -33.85 -35.21
C GLU M 1429 18.93 -34.39 -36.00
N ASN M 1430 20.11 -33.97 -35.57
CA ASN M 1430 21.36 -34.35 -36.21
C ASN M 1430 21.64 -35.85 -36.21
N VAL M 1431 21.30 -36.54 -35.11
CA VAL M 1431 21.52 -38.00 -35.04
C VAL M 1431 20.62 -38.64 -36.10
N MET M 1432 19.40 -38.12 -36.16
CA MET M 1432 18.39 -38.58 -37.09
C MET M 1432 18.83 -38.28 -38.52
N LEU M 1433 19.62 -37.23 -38.68
CA LEU M 1433 20.10 -36.84 -39.99
C LEU M 1433 21.40 -37.49 -40.38
N GLY M 1434 22.24 -37.77 -39.39
CA GLY M 1434 23.53 -38.38 -39.69
C GLY M 1434 24.61 -37.35 -39.87
N GLN M 1435 24.45 -36.21 -39.20
CA GLN M 1435 25.40 -35.09 -39.25
C GLN M 1435 26.01 -34.94 -37.87
N LEU M 1436 27.18 -34.32 -37.79
CA LEU M 1436 27.80 -34.14 -36.49
C LEU M 1436 26.99 -33.14 -35.69
N ALA M 1437 26.50 -33.53 -34.53
CA ALA M 1437 25.69 -32.61 -33.73
C ALA M 1437 26.50 -31.61 -32.93
N PRO M 1438 25.96 -30.40 -32.76
CA PRO M 1438 26.62 -29.34 -31.99
C PRO M 1438 26.77 -29.81 -30.53
N MET M 1439 27.68 -30.76 -30.32
CA MET M 1439 27.93 -31.35 -28.99
C MET M 1439 29.43 -31.29 -28.64
N GLY M 1440 29.79 -30.44 -27.67
CA GLY M 1440 31.19 -30.33 -27.31
C GLY M 1440 31.95 -30.36 -28.60
N THR M 1441 32.75 -31.41 -28.80
CA THR M 1441 33.53 -31.60 -30.02
C THR M 1441 33.03 -30.93 -31.33
N GLY M 1442 31.72 -30.79 -31.46
CA GLY M 1442 31.18 -30.18 -32.67
C GLY M 1442 30.57 -28.81 -32.45
N ALA M 1443 30.73 -28.28 -31.25
CA ALA M 1443 30.18 -26.98 -30.91
C ALA M 1443 31.09 -25.85 -31.43
N PHE M 1444 31.69 -26.08 -32.59
CA PHE M 1444 32.56 -25.08 -33.22
C PHE M 1444 33.08 -25.51 -34.58
N ASP M 1445 33.84 -24.65 -35.21
CA ASP M 1445 34.39 -24.94 -36.51
C ASP M 1445 35.89 -24.95 -36.53
N VAL M 1446 36.45 -25.65 -37.50
CA VAL M 1446 37.89 -25.76 -37.62
C VAL M 1446 38.33 -25.33 -39.01
N MET M 1447 39.07 -24.22 -39.09
CA MET M 1447 39.54 -23.71 -40.38
C MET M 1447 41.03 -23.45 -40.48
N ILE M 1448 41.58 -23.79 -41.64
CA ILE M 1448 42.99 -23.58 -41.91
C ILE M 1448 43.30 -22.13 -42.20
N ASP M 1449 44.23 -21.57 -41.44
CA ASP M 1449 44.61 -20.19 -41.65
C ASP M 1449 45.70 -20.17 -42.70
N GLU M 1450 45.37 -19.72 -43.91
CA GLU M 1450 46.37 -19.70 -44.96
C GLU M 1450 47.53 -18.81 -44.56
N LYS M 1451 47.22 -17.67 -43.95
CA LYS M 1451 48.24 -16.72 -43.54
C LYS M 1451 49.36 -17.42 -42.76
N LEU M 1452 49.01 -18.04 -41.65
CA LEU M 1452 49.97 -18.74 -40.82
C LEU M 1452 50.52 -20.01 -41.49
N LEU M 1453 49.80 -20.55 -42.46
CA LEU M 1453 50.27 -21.75 -43.16
C LEU M 1453 51.37 -21.36 -44.16
N ILE N 12 6.34 -95.42 13.22
CA ILE N 12 7.08 -95.38 11.95
C ILE N 12 8.12 -94.25 11.92
N THR N 13 9.39 -94.61 11.91
CA THR N 13 10.45 -93.61 11.88
C THR N 13 10.48 -92.78 10.59
N THR N 14 11.48 -91.92 10.45
CA THR N 14 11.63 -91.08 9.28
C THR N 14 12.10 -91.92 8.09
N GLU N 15 13.22 -92.61 8.28
CA GLU N 15 13.78 -93.45 7.22
C GLU N 15 12.74 -94.39 6.59
N ASP N 16 11.58 -94.48 7.22
CA ASP N 16 10.51 -95.34 6.71
C ASP N 16 9.76 -94.65 5.59
N CYS N 17 9.28 -93.44 5.86
CA CYS N 17 8.50 -92.69 4.88
C CYS N 17 9.07 -92.74 3.47
N TRP N 18 10.32 -93.15 3.35
CA TRP N 18 10.92 -93.23 2.03
C TRP N 18 10.33 -94.35 1.20
N THR N 19 10.18 -95.52 1.82
CA THR N 19 9.59 -96.65 1.13
C THR N 19 8.21 -96.28 0.61
N VAL N 20 7.49 -95.45 1.37
CA VAL N 20 6.16 -95.01 0.98
C VAL N 20 6.23 -94.24 -0.32
N ILE N 21 7.18 -93.31 -0.34
CA ILE N 21 7.44 -92.48 -1.50
C ILE N 21 7.87 -93.40 -2.64
N SER N 22 8.79 -94.32 -2.36
CA SER N 22 9.22 -95.27 -3.38
C SER N 22 7.92 -95.86 -3.93
N ALA N 23 7.06 -96.28 -3.02
CA ALA N 23 5.78 -96.87 -3.35
C ALA N 23 4.98 -95.98 -4.29
N PHE N 24 5.14 -94.67 -4.12
CA PHE N 24 4.43 -93.69 -4.93
C PHE N 24 4.82 -93.72 -6.40
N PHE N 25 6.10 -93.51 -6.67
CA PHE N 25 6.59 -93.49 -8.05
C PHE N 25 6.55 -94.86 -8.70
N GLU N 26 6.62 -95.93 -7.92
CA GLU N 26 6.56 -97.27 -8.50
C GLU N 26 5.25 -97.31 -9.28
N GLU N 27 4.26 -96.59 -8.76
CA GLU N 27 2.94 -96.58 -9.36
C GLU N 27 2.53 -95.36 -10.20
N LYS N 28 2.89 -94.15 -9.79
CA LYS N 28 2.47 -92.98 -10.55
C LYS N 28 3.47 -92.47 -11.58
N GLY N 29 4.75 -92.47 -11.23
CA GLY N 29 5.77 -92.01 -12.15
C GLY N 29 5.76 -90.50 -12.32
N LEU N 30 6.95 -89.94 -12.48
CA LEU N 30 7.14 -88.49 -12.62
C LEU N 30 6.14 -87.68 -13.46
N VAL N 31 5.56 -88.29 -14.48
CA VAL N 31 4.64 -87.57 -15.34
C VAL N 31 3.19 -87.97 -15.20
N SER N 32 2.79 -88.45 -14.03
CA SER N 32 1.40 -88.86 -13.83
C SER N 32 0.47 -87.86 -14.52
N GLN N 33 0.36 -86.68 -13.92
CA GLN N 33 -0.46 -85.56 -14.42
C GLN N 33 -0.80 -85.60 -15.91
N GLN N 34 0.22 -85.41 -16.75
CA GLN N 34 0.06 -85.40 -18.21
C GLN N 34 -0.77 -86.57 -18.72
N LEU N 35 -0.28 -87.78 -18.52
CA LEU N 35 -1.01 -88.96 -18.97
C LEU N 35 -2.39 -89.04 -18.32
N ASP N 36 -2.44 -89.10 -16.99
CA ASP N 36 -3.72 -89.19 -16.29
C ASP N 36 -4.75 -88.27 -16.92
N SER N 37 -4.35 -87.02 -17.19
CA SER N 37 -5.26 -86.04 -17.79
C SER N 37 -5.57 -86.30 -19.26
N PHE N 38 -4.71 -87.04 -19.96
CA PHE N 38 -4.96 -87.33 -21.38
C PHE N 38 -6.04 -88.41 -21.50
N ASP N 39 -5.79 -89.55 -20.88
CA ASP N 39 -6.73 -90.66 -20.90
C ASP N 39 -8.14 -90.14 -20.59
N GLU N 40 -8.22 -89.19 -19.67
CA GLU N 40 -9.51 -88.63 -19.29
C GLU N 40 -10.21 -87.98 -20.47
N PHE N 41 -9.44 -87.46 -21.43
CA PHE N 41 -10.04 -86.84 -22.62
C PHE N 41 -10.48 -87.96 -23.59
N MET N 42 -9.57 -88.90 -23.86
CA MET N 42 -9.88 -90.01 -24.77
C MET N 42 -11.05 -90.78 -24.16
N GLU N 43 -10.72 -91.68 -23.23
CA GLU N 43 -11.68 -92.51 -22.51
C GLU N 43 -13.09 -91.92 -22.39
N THR N 44 -13.24 -90.91 -21.56
CA THR N 44 -14.54 -90.28 -21.33
C THR N 44 -14.79 -89.02 -22.16
N SER N 45 -14.46 -87.88 -21.57
CA SER N 45 -14.63 -86.55 -22.18
C SER N 45 -14.93 -86.53 -23.65
N ILE N 46 -14.00 -87.03 -24.45
CA ILE N 46 -14.13 -87.05 -25.89
C ILE N 46 -15.52 -87.46 -26.34
N GLN N 47 -16.13 -88.36 -25.60
CA GLN N 47 -17.47 -88.83 -25.94
C GLN N 47 -18.50 -87.72 -25.69
N ASP N 48 -18.62 -87.32 -24.42
CA ASP N 48 -19.57 -86.28 -24.01
C ASP N 48 -19.56 -85.06 -24.95
N LEU N 49 -18.40 -84.81 -25.57
CA LEU N 49 -18.22 -83.67 -26.47
C LEU N 49 -18.89 -83.86 -27.82
N VAL N 50 -18.75 -85.06 -28.36
CA VAL N 50 -19.33 -85.36 -29.66
C VAL N 50 -20.83 -85.55 -29.53
N TRP N 51 -21.26 -85.88 -28.32
CA TRP N 51 -22.67 -86.13 -28.04
C TRP N 51 -23.32 -85.05 -27.16
N GLU N 52 -23.73 -83.94 -27.78
CA GLU N 52 -24.41 -82.87 -27.05
C GLU N 52 -25.31 -82.02 -27.94
N GLU N 53 -24.74 -81.16 -28.77
CA GLU N 53 -25.56 -80.37 -29.67
C GLU N 53 -25.25 -80.89 -31.09
N PRO N 54 -25.22 -82.22 -31.17
CA PRO N 54 -24.94 -82.96 -32.40
C PRO N 54 -26.12 -83.03 -33.39
N ARG N 55 -26.95 -84.06 -33.23
CA ARG N 55 -28.13 -84.30 -34.09
C ARG N 55 -28.50 -83.11 -35.00
N LEU N 56 -28.62 -83.38 -36.30
CA LEU N 56 -28.96 -82.32 -37.27
C LEU N 56 -30.21 -82.52 -38.12
N ILE N 57 -31.00 -81.44 -38.15
CA ILE N 57 -32.25 -81.36 -38.89
C ILE N 57 -32.11 -81.96 -40.30
N ILE N 77 -30.13 -86.71 -38.65
CA ILE N 77 -28.75 -87.17 -38.62
C ILE N 77 -28.09 -86.94 -37.25
N ARG N 78 -27.96 -88.02 -36.46
CA ARG N 78 -27.37 -87.94 -35.11
C ARG N 78 -26.02 -88.68 -34.98
N PHE N 79 -25.43 -88.62 -33.79
CA PHE N 79 -24.16 -89.29 -33.51
C PHE N 79 -24.24 -90.18 -32.28
N GLY N 80 -23.47 -91.27 -32.30
CA GLY N 80 -23.44 -92.21 -31.19
C GLY N 80 -22.02 -92.45 -30.76
N LYS N 81 -21.77 -93.58 -30.11
CA LYS N 81 -20.43 -93.92 -29.65
C LYS N 81 -19.39 -93.61 -30.73
N ILE N 82 -18.18 -93.27 -30.30
CA ILE N 82 -17.09 -92.94 -31.22
C ILE N 82 -15.91 -93.90 -31.01
N TYR N 83 -15.27 -94.27 -32.12
CA TYR N 83 -14.15 -95.19 -32.09
C TYR N 83 -12.81 -94.48 -32.19
N LEU N 84 -11.87 -94.92 -31.35
CA LEU N 84 -10.54 -94.34 -31.30
C LEU N 84 -9.50 -95.42 -31.46
N SER N 85 -9.07 -95.66 -32.69
CA SER N 85 -8.06 -96.68 -32.99
C SER N 85 -6.66 -96.23 -32.61
N ARG N 86 -5.70 -97.13 -32.82
CA ARG N 86 -4.30 -96.86 -32.52
C ARG N 86 -3.61 -96.23 -33.74
N PRO N 87 -2.36 -95.78 -33.58
CA PRO N 87 -1.54 -95.14 -34.62
C PRO N 87 -1.58 -95.75 -36.03
N THR N 88 -1.74 -94.90 -37.03
CA THR N 88 -1.78 -95.35 -38.43
C THR N 88 -1.13 -94.34 -39.36
N MET N 89 -0.78 -94.79 -40.56
CA MET N 89 -0.14 -93.95 -41.57
C MET N 89 -0.72 -94.18 -42.97
N THR N 90 -1.72 -93.39 -43.31
CA THR N 90 -2.42 -93.48 -44.59
C THR N 90 -1.65 -92.74 -45.69
N GLU N 91 -0.73 -93.44 -46.37
CA GLU N 91 0.05 -92.84 -47.44
C GLU N 91 -0.24 -93.46 -48.81
N ALA N 92 -0.33 -92.63 -49.84
CA ALA N 92 -0.59 -93.09 -51.20
C ALA N 92 0.65 -93.81 -51.70
N ASP N 93 0.47 -95.09 -52.05
CA ASP N 93 1.53 -95.99 -52.53
C ASP N 93 1.76 -97.07 -51.48
N GLY N 94 0.80 -97.17 -50.56
CA GLY N 94 0.88 -98.15 -49.50
C GLY N 94 -0.46 -98.18 -48.77
N THR N 95 -0.76 -99.28 -48.09
CA THR N 95 -2.00 -99.39 -47.35
C THR N 95 -2.00 -98.40 -46.20
N THR N 96 -2.16 -98.92 -44.98
CA THR N 96 -2.15 -98.09 -43.79
C THR N 96 -1.24 -98.76 -42.76
N HIS N 97 0.03 -98.38 -42.80
CA HIS N 97 1.06 -98.91 -41.91
C HIS N 97 0.83 -98.56 -40.43
N ALA N 98 0.75 -99.60 -39.59
CA ALA N 98 0.56 -99.42 -38.16
C ALA N 98 1.82 -98.72 -37.63
N MET N 99 1.70 -97.42 -37.37
CA MET N 99 2.83 -96.58 -36.93
C MET N 99 3.35 -96.64 -35.48
N PHE N 100 4.61 -96.26 -35.31
CA PHE N 100 5.28 -96.25 -34.01
C PHE N 100 6.03 -94.95 -33.73
N PRO N 101 6.20 -94.60 -32.44
CA PRO N 101 6.89 -93.36 -32.09
C PRO N 101 8.17 -93.08 -32.85
N GLN N 102 9.24 -93.75 -32.47
CA GLN N 102 10.57 -93.57 -33.08
C GLN N 102 10.64 -93.38 -34.58
N GLU N 103 9.56 -93.68 -35.30
CA GLU N 103 9.56 -93.49 -36.74
C GLU N 103 9.02 -92.10 -37.07
N ALA N 104 7.77 -91.86 -36.69
CA ALA N 104 7.15 -90.57 -36.91
C ALA N 104 8.19 -89.51 -36.60
N ARG N 105 8.99 -89.80 -35.57
CA ARG N 105 10.06 -88.90 -35.15
C ARG N 105 11.00 -88.63 -36.31
N LEU N 106 11.65 -89.68 -36.78
CA LEU N 106 12.61 -89.57 -37.88
C LEU N 106 12.02 -89.06 -39.18
N ARG N 107 10.82 -89.51 -39.51
CA ARG N 107 10.21 -89.09 -40.75
C ARG N 107 9.36 -87.83 -40.68
N ASN N 108 9.29 -87.21 -39.52
CA ASN N 108 8.50 -85.99 -39.39
C ASN N 108 7.08 -86.30 -39.83
N LEU N 109 6.35 -87.01 -38.99
CA LEU N 109 4.99 -87.36 -39.33
C LEU N 109 3.99 -86.84 -38.30
N THR N 110 3.19 -87.73 -37.72
CA THR N 110 2.22 -87.33 -36.71
C THR N 110 1.74 -88.59 -36.02
N TYR N 111 2.08 -88.72 -34.74
CA TYR N 111 1.69 -89.89 -33.97
C TYR N 111 0.22 -89.82 -33.57
N SER N 112 -0.66 -89.89 -34.56
CA SER N 112 -2.10 -89.82 -34.30
C SER N 112 -2.86 -91.00 -34.90
N SER N 113 -4.05 -91.27 -34.36
CA SER N 113 -4.84 -92.37 -34.88
C SER N 113 -6.21 -91.92 -35.35
N PRO N 114 -6.96 -92.88 -35.90
CA PRO N 114 -8.28 -92.57 -36.43
C PRO N 114 -9.42 -92.37 -35.46
N VAL N 115 -10.46 -91.71 -35.97
CA VAL N 115 -11.68 -91.44 -35.19
C VAL N 115 -12.92 -91.78 -36.02
N TYR N 116 -13.74 -92.68 -35.49
CA TYR N 116 -14.97 -93.11 -36.15
C TYR N 116 -16.19 -92.86 -35.26
N LEU N 117 -17.34 -92.60 -35.88
CA LEU N 117 -18.57 -92.34 -35.13
C LEU N 117 -19.83 -92.99 -35.74
N ASP N 118 -20.54 -93.79 -34.94
CA ASP N 118 -21.76 -94.47 -35.38
C ASP N 118 -22.84 -93.45 -35.73
N MET N 119 -22.70 -92.82 -36.88
CA MET N 119 -23.65 -91.81 -37.35
C MET N 119 -24.98 -92.44 -37.78
N GLU N 120 -26.10 -91.75 -37.52
CA GLU N 120 -27.46 -92.22 -37.86
C GLU N 120 -28.17 -91.43 -38.98
N LYS N 121 -28.77 -92.17 -39.92
CA LYS N 121 -29.49 -91.59 -41.07
C LYS N 121 -31.00 -91.53 -40.85
N LYS N 155 -18.08 -96.42 -37.72
CA LYS N 155 -18.61 -96.54 -39.07
C LYS N 155 -18.15 -95.40 -40.02
N VAL N 156 -18.17 -94.15 -39.54
CA VAL N 156 -17.76 -92.99 -40.34
C VAL N 156 -16.41 -92.40 -39.90
N HIS N 157 -15.59 -91.97 -40.86
CA HIS N 157 -14.29 -91.40 -40.55
C HIS N 157 -14.35 -89.90 -40.32
N ILE N 158 -13.71 -89.45 -39.23
CA ILE N 158 -13.68 -88.04 -38.86
C ILE N 158 -12.38 -87.68 -38.14
N GLY N 159 -11.38 -87.23 -38.89
CA GLY N 159 -10.10 -86.81 -38.33
C GLY N 159 -9.10 -87.79 -37.74
N LYS N 160 -7.87 -87.29 -37.59
CA LYS N 160 -6.75 -88.04 -37.02
C LYS N 160 -6.35 -87.34 -35.72
N VAL N 161 -6.47 -88.04 -34.58
CA VAL N 161 -6.13 -87.44 -33.30
C VAL N 161 -4.72 -87.74 -32.81
N PRO N 162 -3.94 -86.68 -32.55
CA PRO N 162 -2.57 -86.85 -32.08
C PRO N 162 -2.51 -87.44 -30.66
N ILE N 163 -2.09 -88.69 -30.59
CA ILE N 163 -1.99 -89.40 -29.33
C ILE N 163 -0.85 -88.85 -28.46
N MET N 164 -0.86 -89.18 -27.17
CA MET N 164 0.18 -88.73 -26.24
C MET N 164 1.13 -89.88 -25.89
N LEU N 165 2.40 -89.75 -26.28
CA LEU N 165 3.35 -90.83 -25.97
C LEU N 165 3.25 -91.34 -24.54
N ARG N 166 3.47 -92.63 -24.37
CA ARG N 166 3.43 -93.28 -23.07
C ARG N 166 2.03 -93.35 -22.46
N SER N 167 1.02 -92.93 -23.23
CA SER N 167 -0.38 -92.93 -22.77
C SER N 167 -1.01 -94.31 -22.81
N LYS N 168 -2.13 -94.45 -23.53
CA LYS N 168 -2.85 -95.71 -23.66
C LYS N 168 -2.93 -96.24 -25.09
N PHE N 169 -3.20 -95.35 -26.03
CA PHE N 169 -3.27 -95.76 -27.42
C PHE N 169 -1.87 -95.77 -28.00
N CYS N 170 -0.91 -95.34 -27.21
CA CYS N 170 0.48 -95.33 -27.63
C CYS N 170 1.03 -96.71 -27.23
N SER N 171 1.44 -97.48 -28.23
CA SER N 171 1.94 -98.82 -27.96
C SER N 171 2.92 -98.91 -26.81
N LEU N 172 3.69 -97.86 -26.57
CA LEU N 172 4.67 -97.88 -25.48
C LEU N 172 4.09 -98.28 -24.13
N ARG N 173 2.86 -97.83 -23.85
CA ARG N 173 2.14 -98.08 -22.60
C ARG N 173 2.25 -99.49 -22.04
N THR N 174 2.58 -100.44 -22.90
CA THR N 174 2.69 -101.82 -22.47
C THR N 174 4.10 -102.40 -22.52
N LEU N 175 4.72 -102.39 -23.69
CA LEU N 175 6.07 -102.92 -23.86
C LEU N 175 6.93 -102.77 -22.61
N ASP N 176 7.69 -103.82 -22.27
CA ASP N 176 8.57 -103.80 -21.09
C ASP N 176 10.02 -103.51 -21.48
N GLU N 177 10.89 -103.47 -20.46
CA GLU N 177 12.32 -103.21 -20.64
C GLU N 177 12.79 -103.67 -22.03
N VAL N 178 13.05 -104.97 -22.15
CA VAL N 178 13.50 -105.56 -23.39
C VAL N 178 12.59 -105.19 -24.57
N ASP N 179 11.29 -105.20 -24.34
CA ASP N 179 10.31 -104.86 -25.38
C ASP N 179 10.68 -103.55 -26.08
N LEU N 180 10.98 -102.52 -25.28
CA LEU N 180 11.33 -101.21 -25.82
C LEU N 180 12.65 -101.19 -26.60
N TYR N 181 13.73 -101.65 -25.97
CA TYR N 181 15.04 -101.66 -26.61
C TYR N 181 14.94 -102.03 -28.08
N LYS N 182 13.94 -102.83 -28.42
CA LYS N 182 13.74 -103.25 -29.81
C LYS N 182 13.04 -102.19 -30.66
N MET N 183 12.24 -101.35 -30.04
CA MET N 183 11.56 -100.31 -30.79
C MET N 183 12.49 -99.11 -30.88
N LYS N 184 13.74 -99.32 -30.43
CA LYS N 184 14.78 -98.29 -30.43
C LYS N 184 14.44 -97.18 -29.45
N GLU N 185 13.26 -97.26 -28.85
CA GLU N 185 12.79 -96.28 -27.89
C GLU N 185 13.43 -96.45 -26.51
N CYS N 186 14.13 -95.42 -26.07
CA CYS N 186 14.82 -95.44 -24.78
C CYS N 186 13.80 -95.66 -23.67
N PRO N 187 14.00 -96.72 -22.88
CA PRO N 187 13.15 -97.12 -21.75
C PRO N 187 12.95 -95.98 -20.77
N TYR N 188 14.07 -95.35 -20.43
CA TYR N 188 14.12 -94.24 -19.50
C TYR N 188 13.22 -93.05 -19.88
N ASP N 189 12.83 -92.98 -21.15
CA ASP N 189 11.96 -91.90 -21.60
C ASP N 189 10.59 -92.10 -20.97
N MET N 190 10.23 -91.23 -20.03
CA MET N 190 8.96 -91.30 -19.31
C MET N 190 7.79 -90.82 -20.16
N GLY N 191 8.10 -90.33 -21.36
CA GLY N 191 7.06 -89.85 -22.26
C GLY N 191 6.17 -88.75 -21.75
N GLY N 192 4.95 -88.69 -22.31
CA GLY N 192 4.00 -87.67 -21.91
C GLY N 192 3.86 -86.56 -22.92
N TYR N 193 4.63 -86.66 -24.01
CA TYR N 193 4.60 -85.63 -25.03
C TYR N 193 4.01 -86.13 -26.35
N PHE N 194 3.69 -85.19 -27.25
CA PHE N 194 3.14 -85.52 -28.58
C PHE N 194 4.25 -85.38 -29.62
N VAL N 195 4.10 -86.03 -30.77
CA VAL N 195 5.13 -85.93 -31.80
C VAL N 195 4.58 -85.45 -33.12
N ILE N 196 4.37 -84.14 -33.22
CA ILE N 196 3.82 -83.56 -34.44
C ILE N 196 4.92 -83.26 -35.44
N ASN N 197 4.64 -83.49 -36.71
CA ASN N 197 5.58 -83.25 -37.79
C ASN N 197 7.07 -83.43 -37.43
N GLY N 198 7.36 -84.44 -36.62
CA GLY N 198 8.73 -84.69 -36.22
C GLY N 198 8.96 -84.32 -34.77
N SER N 199 9.30 -83.05 -34.52
CA SER N 199 9.61 -82.53 -33.18
C SER N 199 8.64 -82.87 -32.04
N GLU N 200 9.22 -83.13 -30.88
CA GLU N 200 8.49 -83.49 -29.68
C GLU N 200 7.81 -82.29 -29.03
N LYS N 201 6.48 -82.20 -29.10
CA LYS N 201 5.73 -81.08 -28.50
C LYS N 201 5.15 -81.39 -27.11
N VAL N 202 5.41 -80.52 -26.13
CA VAL N 202 4.92 -80.68 -24.73
C VAL N 202 3.86 -79.65 -24.35
N LEU N 203 2.63 -80.10 -24.07
CA LEU N 203 1.56 -79.19 -23.69
C LEU N 203 1.84 -78.61 -22.32
N ILE N 204 1.80 -77.27 -22.20
CA ILE N 204 2.09 -76.61 -20.92
C ILE N 204 0.87 -76.21 -20.12
N ALA N 205 0.84 -76.65 -18.86
CA ALA N 205 -0.26 -76.37 -17.95
C ALA N 205 -0.61 -74.89 -17.89
N GLN N 206 -1.91 -74.58 -17.97
CA GLN N 206 -2.37 -73.20 -17.91
C GLN N 206 -3.21 -72.96 -16.66
N GLU N 207 -2.63 -72.21 -15.73
CA GLU N 207 -3.28 -71.88 -14.48
C GLU N 207 -4.35 -70.82 -14.74
N SER N 209 -8.13 -68.97 -12.18
CA SER N 209 -9.06 -68.80 -11.07
C SER N 209 -10.30 -69.63 -11.36
N ALA N 210 -10.53 -70.67 -10.56
CA ALA N 210 -11.68 -71.55 -10.71
C ALA N 210 -12.97 -70.78 -10.98
N ALA N 211 -14.01 -71.49 -11.41
CA ALA N 211 -15.26 -70.83 -11.70
C ALA N 211 -16.42 -71.11 -10.77
N ASN N 212 -17.56 -70.51 -11.09
CA ASN N 212 -18.79 -70.67 -10.34
C ASN N 212 -18.65 -70.42 -8.84
N ILE N 213 -17.86 -69.43 -8.45
CA ILE N 213 -17.72 -69.18 -7.02
C ILE N 213 -17.82 -67.72 -6.62
N VAL N 214 -18.34 -67.54 -5.40
CA VAL N 214 -18.58 -66.26 -4.78
C VAL N 214 -17.35 -65.62 -4.16
N GLN N 215 -17.07 -64.39 -4.58
CA GLN N 215 -15.93 -63.66 -4.07
C GLN N 215 -16.35 -62.24 -3.68
N VAL N 216 -15.77 -61.74 -2.60
CA VAL N 216 -16.06 -60.41 -2.12
C VAL N 216 -14.78 -59.59 -1.98
N PHE N 217 -14.76 -58.46 -2.66
CA PHE N 217 -13.60 -57.59 -2.70
C PHE N 217 -13.90 -56.16 -2.20
N LYS N 218 -12.98 -55.58 -1.42
CA LYS N 218 -13.12 -54.20 -0.95
C LYS N 218 -12.51 -53.35 -2.05
N LYS N 219 -13.15 -52.25 -2.42
CA LYS N 219 -12.60 -51.41 -3.47
C LYS N 219 -12.20 -50.01 -3.04
N ALA N 220 -10.88 -49.82 -3.02
CA ALA N 220 -10.18 -48.57 -2.65
C ALA N 220 -11.00 -47.32 -2.25
N ALA N 221 -10.45 -46.55 -1.31
CA ALA N 221 -11.06 -45.32 -0.82
C ALA N 221 -11.59 -44.44 -1.96
N PRO N 222 -10.84 -44.34 -3.08
CA PRO N 222 -11.28 -43.52 -4.20
C PRO N 222 -12.16 -44.34 -5.14
N SER N 223 -13.47 -44.35 -4.89
CA SER N 223 -14.39 -45.13 -5.72
C SER N 223 -15.82 -45.00 -5.23
N PRO N 224 -16.79 -44.81 -6.16
CA PRO N 224 -18.17 -44.68 -5.73
C PRO N 224 -18.68 -45.96 -5.04
N ILE N 225 -17.94 -47.05 -5.22
CA ILE N 225 -18.29 -48.34 -4.63
C ILE N 225 -17.48 -48.65 -3.37
N SER N 226 -18.16 -49.26 -2.41
CA SER N 226 -17.56 -49.65 -1.14
C SER N 226 -16.94 -51.03 -1.29
N HIS N 227 -17.82 -52.02 -1.34
CA HIS N 227 -17.41 -53.40 -1.49
C HIS N 227 -18.20 -53.93 -2.69
N VAL N 228 -17.84 -55.12 -3.14
CA VAL N 228 -18.54 -55.76 -4.25
C VAL N 228 -18.27 -57.25 -4.17
N ALA N 229 -19.25 -58.03 -4.63
CA ALA N 229 -19.11 -59.47 -4.64
C ALA N 229 -19.31 -59.89 -6.08
N GLU N 230 -18.51 -60.86 -6.51
CA GLU N 230 -18.59 -61.34 -7.87
C GLU N 230 -18.66 -62.86 -7.87
N ILE N 231 -19.03 -63.40 -9.02
CA ILE N 231 -19.10 -64.83 -9.22
C ILE N 231 -18.99 -65.08 -10.69
N ARG N 232 -17.89 -65.69 -11.10
CA ARG N 232 -17.68 -65.98 -12.50
C ARG N 232 -18.44 -67.26 -12.79
N SER N 233 -19.29 -67.22 -13.81
CA SER N 233 -20.12 -68.37 -14.18
C SER N 233 -19.93 -68.84 -15.61
N ALA N 234 -20.01 -70.16 -15.80
CA ALA N 234 -19.88 -70.80 -17.12
C ALA N 234 -20.38 -72.25 -17.07
N LEU N 235 -21.13 -72.66 -18.10
CA LEU N 235 -21.65 -74.03 -18.16
C LEU N 235 -20.53 -75.05 -18.26
N GLU N 236 -20.37 -75.86 -17.22
CA GLU N 236 -19.32 -76.88 -17.16
C GLU N 236 -19.29 -77.77 -18.40
N LYS N 237 -20.41 -77.83 -19.12
CA LYS N 237 -20.55 -78.62 -20.34
C LYS N 237 -21.66 -78.05 -21.24
N GLY N 238 -21.29 -77.29 -22.26
CA GLY N 238 -22.25 -76.70 -23.18
C GLY N 238 -22.02 -75.23 -23.49
N SER N 239 -21.30 -74.96 -24.58
CA SER N 239 -20.98 -73.60 -25.04
C SER N 239 -19.94 -72.93 -24.13
N ARG N 240 -20.31 -72.70 -22.88
CA ARG N 240 -19.44 -72.10 -21.86
C ARG N 240 -19.27 -70.58 -21.98
N LEU N 241 -20.28 -69.84 -21.49
CA LEU N 241 -20.28 -68.37 -21.50
C LEU N 241 -19.32 -67.81 -20.45
N ILE N 242 -18.73 -66.67 -20.75
CA ILE N 242 -17.79 -66.02 -19.84
C ILE N 242 -18.29 -64.63 -19.45
N SER N 243 -19.42 -64.61 -18.74
CA SER N 243 -20.05 -63.38 -18.26
C SER N 243 -20.19 -63.49 -16.74
N THR N 244 -19.68 -62.48 -16.02
CA THR N 244 -19.73 -62.49 -14.56
C THR N 244 -20.80 -61.61 -13.92
N MET N 245 -21.15 -61.99 -12.70
CA MET N 245 -22.15 -61.27 -11.93
C MET N 245 -21.54 -60.32 -10.93
N GLN N 246 -21.98 -59.07 -10.98
CA GLN N 246 -21.51 -58.05 -10.07
C GLN N 246 -22.62 -57.56 -9.14
N ILE N 247 -22.45 -57.83 -7.84
CA ILE N 247 -23.40 -57.41 -6.82
C ILE N 247 -22.69 -56.32 -6.03
N LYS N 248 -22.75 -55.10 -6.55
CA LYS N 248 -22.06 -53.97 -5.95
C LYS N 248 -22.69 -53.50 -4.64
N LEU N 249 -22.13 -52.42 -4.11
CA LEU N 249 -22.57 -51.81 -2.87
C LEU N 249 -22.07 -50.37 -2.84
N TYR N 250 -22.82 -49.48 -3.50
CA TYR N 250 -22.46 -48.07 -3.56
C TYR N 250 -22.34 -47.44 -2.17
N GLY N 251 -22.24 -46.11 -2.13
CA GLY N 251 -22.14 -45.41 -0.88
C GLY N 251 -20.96 -45.86 -0.04
N ARG N 252 -19.90 -45.06 -0.02
CA ARG N 252 -18.72 -45.39 0.76
C ARG N 252 -19.14 -45.51 2.23
N GLU N 253 -18.18 -45.89 3.08
CA GLU N 253 -18.43 -46.06 4.52
C GLU N 253 -18.82 -44.76 5.25
N ASP N 254 -19.71 -44.00 4.63
CA ASP N 254 -20.17 -42.75 5.23
C ASP N 254 -21.46 -42.20 4.65
N LYS N 255 -21.36 -41.58 3.46
CA LYS N 255 -22.51 -40.98 2.79
C LYS N 255 -23.83 -41.68 3.05
N GLY N 256 -24.89 -40.87 3.11
CA GLY N 256 -26.25 -41.37 3.34
C GLY N 256 -26.93 -41.68 2.01
N ARG N 259 -26.27 -45.49 1.09
CA ARG N 259 -25.64 -46.81 0.98
C ARG N 259 -26.61 -47.83 0.36
N THR N 260 -26.71 -47.79 -0.96
CA THR N 260 -27.59 -48.67 -1.75
C THR N 260 -26.85 -49.90 -2.29
N ILE N 261 -27.60 -50.90 -2.76
CA ILE N 261 -26.99 -52.11 -3.33
C ILE N 261 -27.56 -52.35 -4.72
N LYS N 262 -26.70 -52.29 -5.72
CA LYS N 262 -27.10 -52.50 -7.11
C LYS N 262 -26.24 -53.62 -7.70
N ALA N 263 -26.77 -54.33 -8.70
CA ALA N 263 -26.00 -55.41 -9.31
C ALA N 263 -26.00 -55.31 -10.84
N THR N 264 -24.96 -55.88 -11.45
CA THR N 264 -24.82 -55.84 -12.89
C THR N 264 -25.18 -57.15 -13.60
N LEU N 265 -25.96 -56.99 -14.65
CA LEU N 265 -26.42 -58.12 -15.45
C LEU N 265 -25.88 -58.06 -16.86
N PRO N 266 -25.71 -59.24 -17.50
CA PRO N 266 -25.19 -59.35 -18.86
C PRO N 266 -26.10 -58.72 -19.93
N TYR N 267 -25.52 -57.80 -20.70
CA TYR N 267 -26.21 -57.09 -21.78
C TYR N 267 -26.97 -55.84 -21.34
N VAL N 268 -27.06 -55.62 -20.03
CA VAL N 268 -27.77 -54.43 -19.53
C VAL N 268 -26.80 -53.26 -19.42
N LYS N 269 -27.14 -52.17 -20.10
CA LYS N 269 -26.30 -50.97 -20.11
C LYS N 269 -25.87 -50.51 -18.70
N GLN N 270 -26.85 -50.09 -17.90
CA GLN N 270 -26.63 -49.61 -16.54
C GLN N 270 -26.75 -50.75 -15.50
N ASP N 271 -26.92 -50.39 -14.22
CA ASP N 271 -27.06 -51.40 -13.16
C ASP N 271 -28.44 -51.33 -12.52
N ILE N 272 -28.87 -52.43 -11.93
CA ILE N 272 -30.18 -52.49 -11.29
C ILE N 272 -30.11 -52.70 -9.79
N PRO N 273 -30.95 -51.97 -9.03
CA PRO N 273 -31.01 -52.05 -7.57
C PRO N 273 -31.68 -53.36 -7.13
N ILE N 274 -30.89 -54.25 -6.54
CA ILE N 274 -31.35 -55.57 -6.11
C ILE N 274 -32.84 -55.81 -5.84
N VAL N 275 -33.52 -54.86 -5.23
CA VAL N 275 -34.93 -55.06 -4.97
C VAL N 275 -35.63 -55.48 -6.26
N ILE N 276 -35.55 -54.63 -7.28
CA ILE N 276 -36.17 -54.90 -8.57
C ILE N 276 -35.79 -56.25 -9.15
N VAL N 277 -34.53 -56.61 -8.99
CA VAL N 277 -34.05 -57.88 -9.52
C VAL N 277 -34.84 -59.02 -8.91
N PHE N 278 -35.34 -58.81 -7.69
CA PHE N 278 -36.13 -59.81 -7.00
C PHE N 278 -37.58 -59.87 -7.49
N ARG N 279 -38.22 -58.71 -7.53
CA ARG N 279 -39.60 -58.63 -7.99
C ARG N 279 -39.64 -59.06 -9.45
N ALA N 280 -38.61 -58.68 -10.19
CA ALA N 280 -38.53 -59.06 -11.59
C ALA N 280 -38.31 -60.57 -11.67
N LEU N 281 -37.93 -61.16 -10.54
CA LEU N 281 -37.65 -62.58 -10.47
C LEU N 281 -38.90 -63.40 -10.14
N GLY N 282 -39.63 -62.97 -9.11
CA GLY N 282 -40.83 -63.68 -8.71
C GLY N 282 -41.17 -63.46 -7.25
N VAL N 283 -40.50 -62.50 -6.63
CA VAL N 283 -40.70 -62.15 -5.22
C VAL N 283 -41.13 -60.70 -5.25
N VAL N 284 -42.40 -60.42 -4.96
CA VAL N 284 -42.86 -59.04 -5.02
C VAL N 284 -42.98 -58.22 -3.72
N PRO N 285 -43.18 -58.89 -2.59
CA PRO N 285 -43.30 -58.10 -1.35
C PRO N 285 -41.99 -57.95 -0.58
N ASP N 286 -41.89 -56.88 0.19
CA ASP N 286 -40.70 -56.62 1.01
C ASP N 286 -40.68 -57.74 2.03
N GLY N 287 -39.72 -57.71 2.93
CA GLY N 287 -39.64 -58.73 3.96
C GLY N 287 -39.63 -60.17 3.49
N GLU N 288 -40.10 -60.39 2.26
CA GLU N 288 -40.12 -61.72 1.66
C GLU N 288 -38.85 -61.69 0.83
N ILE N 289 -38.38 -60.46 0.59
CA ILE N 289 -37.15 -60.24 -0.14
C ILE N 289 -36.04 -60.34 0.90
N LEU N 290 -36.26 -59.69 2.04
CA LEU N 290 -35.30 -59.72 3.13
C LEU N 290 -35.27 -61.14 3.63
N GLN N 291 -36.28 -61.90 3.22
CA GLN N 291 -36.42 -63.29 3.60
C GLN N 291 -35.20 -64.07 3.10
N HIS N 292 -34.89 -63.86 1.83
CA HIS N 292 -33.79 -64.53 1.15
C HIS N 292 -32.40 -64.05 1.55
N ILE N 293 -32.23 -62.74 1.65
CA ILE N 293 -30.94 -62.20 2.00
C ILE N 293 -30.51 -62.59 3.41
N CYS N 294 -31.23 -62.10 4.40
CA CYS N 294 -30.93 -62.37 5.80
C CYS N 294 -31.67 -63.59 6.38
N TYR N 295 -30.94 -64.43 7.11
CA TYR N 295 -31.50 -65.64 7.74
C TYR N 295 -31.55 -65.55 9.28
N ASP N 296 -31.99 -64.40 9.81
CA ASP N 296 -32.06 -64.24 11.26
C ASP N 296 -32.72 -62.91 11.62
N GLU N 297 -34.05 -62.89 11.69
CA GLU N 297 -34.81 -61.69 11.99
C GLU N 297 -34.23 -60.83 13.12
N ASN N 298 -33.36 -61.41 13.94
CA ASN N 298 -32.72 -60.68 15.03
C ASN N 298 -31.29 -60.28 14.66
N ASP N 299 -31.14 -59.58 13.55
CA ASP N 299 -29.82 -59.13 13.08
C ASP N 299 -30.00 -57.74 12.51
N TRP N 300 -30.77 -56.93 13.23
CA TRP N 300 -31.07 -55.56 12.84
C TRP N 300 -30.04 -54.80 12.03
N GLN N 301 -28.76 -54.98 12.34
CA GLN N 301 -27.71 -54.28 11.59
C GLN N 301 -27.86 -54.52 10.11
N MET N 302 -27.62 -55.77 9.71
CA MET N 302 -27.75 -56.14 8.32
C MET N 302 -29.04 -55.58 7.75
N LEU N 303 -30.16 -55.97 8.35
CA LEU N 303 -31.49 -55.53 7.92
C LEU N 303 -31.51 -54.02 7.70
N GLU N 304 -30.97 -53.28 8.67
CA GLU N 304 -30.91 -51.84 8.58
C GLU N 304 -30.34 -51.53 7.21
N MET N 305 -29.12 -51.97 6.98
CA MET N 305 -28.44 -51.75 5.70
C MET N 305 -29.42 -51.86 4.54
N LEU N 306 -30.16 -52.97 4.51
CA LEU N 306 -31.11 -53.22 3.44
C LEU N 306 -32.18 -52.14 3.30
N LYS N 307 -32.62 -51.61 4.42
CA LYS N 307 -33.65 -50.58 4.42
C LYS N 307 -33.50 -49.60 3.27
N PRO N 308 -32.49 -48.72 3.29
CA PRO N 308 -32.32 -47.76 2.19
C PRO N 308 -32.51 -48.35 0.80
N CYS N 309 -32.14 -49.62 0.67
CA CYS N 309 -32.26 -50.31 -0.60
C CYS N 309 -33.72 -50.51 -0.99
N ILE N 310 -34.50 -50.99 -0.04
CA ILE N 310 -35.93 -51.22 -0.26
C ILE N 310 -36.56 -49.94 -0.82
N GLU N 311 -36.20 -48.82 -0.20
CA GLU N 311 -36.71 -47.52 -0.63
C GLU N 311 -36.40 -47.25 -2.08
N GLU N 312 -35.23 -47.71 -2.53
CA GLU N 312 -34.83 -47.51 -3.91
C GLU N 312 -35.94 -48.09 -4.80
N GLY N 313 -36.26 -49.37 -4.60
CA GLY N 313 -37.28 -50.02 -5.41
C GLY N 313 -38.75 -49.82 -5.04
N PHE N 314 -39.00 -49.10 -3.97
CA PHE N 314 -40.36 -48.83 -3.52
C PHE N 314 -41.26 -48.33 -4.65
N VAL N 315 -40.66 -47.81 -5.72
CA VAL N 315 -41.41 -47.27 -6.86
C VAL N 315 -41.95 -48.31 -7.85
N ILE N 316 -41.43 -49.53 -7.79
CA ILE N 316 -41.90 -50.61 -8.66
C ILE N 316 -42.52 -51.67 -7.75
N GLN N 317 -43.85 -51.79 -7.83
CA GLN N 317 -44.60 -52.70 -6.96
C GLN N 317 -45.13 -54.03 -7.51
N ASP N 318 -44.50 -54.61 -8.52
CA ASP N 318 -44.97 -55.91 -9.04
C ASP N 318 -44.11 -56.49 -10.15
N LYS N 319 -44.41 -57.73 -10.53
CA LYS N 319 -43.68 -58.44 -11.57
C LYS N 319 -43.84 -57.81 -12.95
N GLU N 320 -44.96 -57.12 -13.20
CA GLU N 320 -45.17 -56.46 -14.49
C GLU N 320 -44.06 -55.43 -14.66
N VAL N 321 -44.12 -54.38 -13.85
CA VAL N 321 -43.15 -53.30 -13.90
C VAL N 321 -41.75 -53.81 -13.64
N ALA N 322 -41.62 -54.76 -12.72
CA ALA N 322 -40.32 -55.33 -12.37
C ALA N 322 -39.49 -55.65 -13.62
N LEU N 323 -40.01 -56.55 -14.46
CA LEU N 323 -39.33 -56.94 -15.69
C LEU N 323 -39.28 -55.80 -16.68
N ASP N 324 -40.09 -54.77 -16.45
CA ASP N 324 -40.07 -53.64 -17.36
C ASP N 324 -38.77 -52.89 -17.13
N PHE N 325 -38.77 -51.91 -16.22
CA PHE N 325 -37.55 -51.13 -15.98
C PHE N 325 -36.37 -52.07 -16.09
N ILE N 326 -35.89 -52.13 -17.32
CA ILE N 326 -34.80 -52.97 -17.78
C ILE N 326 -34.84 -52.62 -19.28
N GLY N 327 -34.32 -51.44 -19.62
CA GLY N 327 -34.31 -51.00 -21.00
C GLY N 327 -32.92 -50.74 -21.56
N GLU N 339 -43.80 -53.86 -24.26
CA GLU N 339 -44.14 -55.18 -24.79
C GLU N 339 -42.92 -55.79 -25.49
N LYS N 340 -42.26 -54.94 -26.27
CA LYS N 340 -41.06 -55.32 -26.99
C LYS N 340 -39.92 -55.45 -25.96
N ARG N 341 -39.85 -54.49 -25.05
CA ARG N 341 -38.80 -54.49 -24.02
C ARG N 341 -39.01 -55.53 -22.91
N ILE N 342 -40.25 -55.63 -22.44
CA ILE N 342 -40.60 -56.57 -21.37
C ILE N 342 -40.20 -58.01 -21.70
N GLN N 343 -40.44 -58.43 -22.94
CA GLN N 343 -40.11 -59.79 -23.37
C GLN N 343 -38.62 -60.09 -23.27
N TYR N 344 -37.79 -59.13 -23.67
CA TYR N 344 -36.33 -59.28 -23.63
C TYR N 344 -35.87 -59.38 -22.19
N ALA N 345 -36.55 -58.66 -21.32
CA ALA N 345 -36.21 -58.69 -19.90
C ALA N 345 -36.10 -60.14 -19.47
N LYS N 346 -37.16 -60.91 -19.71
CA LYS N 346 -37.17 -62.33 -19.33
C LYS N 346 -35.88 -63.02 -19.77
N ASP N 347 -35.65 -63.03 -21.09
CA ASP N 347 -34.48 -63.65 -21.70
C ASP N 347 -33.21 -63.58 -20.87
N ILE N 348 -32.74 -62.35 -20.64
CA ILE N 348 -31.50 -62.10 -19.89
C ILE N 348 -31.53 -62.66 -18.48
N LEU N 349 -32.63 -63.29 -18.10
CA LEU N 349 -32.76 -63.87 -16.78
C LEU N 349 -32.78 -65.40 -16.82
N GLN N 350 -33.22 -65.95 -17.94
CA GLN N 350 -33.28 -67.39 -18.07
C GLN N 350 -32.10 -67.97 -18.83
N LYS N 351 -31.31 -67.11 -19.48
CA LYS N 351 -30.16 -67.59 -20.24
C LYS N 351 -28.85 -66.84 -19.94
N GLU N 352 -28.95 -65.69 -19.29
CA GLU N 352 -27.79 -64.87 -18.97
C GLU N 352 -27.49 -64.75 -17.47
N LEU N 353 -28.55 -64.49 -16.68
CA LEU N 353 -28.47 -64.33 -15.23
C LEU N 353 -28.03 -65.58 -14.48
N LEU N 354 -26.87 -65.52 -13.83
CA LEU N 354 -26.35 -66.64 -13.06
C LEU N 354 -26.67 -67.91 -13.85
N PRO N 355 -26.35 -67.91 -15.15
CA PRO N 355 -26.57 -69.01 -16.10
C PRO N 355 -26.22 -70.42 -15.63
N HIS N 356 -25.34 -70.55 -14.65
CA HIS N 356 -25.07 -71.90 -14.18
C HIS N 356 -26.33 -72.18 -13.36
N ILE N 357 -26.34 -73.20 -12.50
CA ILE N 357 -27.57 -73.50 -11.74
C ILE N 357 -28.50 -74.20 -12.75
N THR N 358 -28.70 -73.53 -13.89
CA THR N 358 -29.53 -74.00 -15.00
C THR N 358 -30.17 -72.80 -15.70
N GLN N 359 -30.36 -72.92 -17.01
CA GLN N 359 -30.98 -71.87 -17.80
C GLN N 359 -32.37 -72.31 -18.25
N GLU N 360 -32.89 -73.34 -17.58
CA GLU N 360 -34.20 -73.90 -17.89
C GLU N 360 -35.31 -72.84 -17.86
N GLU N 361 -36.20 -72.94 -16.88
CA GLU N 361 -37.29 -71.97 -16.79
C GLU N 361 -37.88 -71.85 -15.38
N GLY N 362 -38.64 -72.86 -14.97
CA GLY N 362 -39.28 -72.85 -13.67
C GLY N 362 -38.41 -72.98 -12.44
N PHE N 363 -37.24 -72.33 -12.44
CA PHE N 363 -36.36 -72.40 -11.29
C PHE N 363 -36.06 -71.02 -10.72
N GLU N 364 -36.74 -70.01 -11.27
CA GLU N 364 -36.57 -68.62 -10.82
C GLU N 364 -36.24 -68.57 -9.34
N THR N 365 -37.02 -69.33 -8.58
CA THR N 365 -36.83 -69.40 -7.14
C THR N 365 -35.37 -69.59 -6.75
N ARG N 366 -34.78 -70.70 -7.22
CA ARG N 366 -33.38 -71.02 -6.91
C ARG N 366 -32.38 -69.89 -7.10
N LYS N 367 -32.32 -69.31 -8.30
CA LYS N 367 -31.38 -68.21 -8.55
C LYS N 367 -31.57 -67.12 -7.52
N THR N 368 -32.83 -66.90 -7.14
CA THR N 368 -33.19 -65.88 -6.16
C THR N 368 -32.52 -66.11 -4.81
N PHE N 369 -32.47 -67.36 -4.35
CA PHE N 369 -31.84 -67.66 -3.09
C PHE N 369 -30.34 -67.41 -3.18
N PHE N 370 -29.81 -67.52 -4.40
CA PHE N 370 -28.37 -67.31 -4.62
C PHE N 370 -28.13 -65.81 -4.50
N LEU N 371 -28.75 -65.05 -5.40
CA LEU N 371 -28.62 -63.60 -5.39
C LEU N 371 -28.87 -63.11 -3.97
N GLY N 372 -29.48 -63.96 -3.16
CA GLY N 372 -29.75 -63.63 -1.78
C GLY N 372 -28.55 -64.03 -0.97
N TYR N 373 -28.02 -65.22 -1.26
CA TYR N 373 -26.83 -65.71 -0.58
C TYR N 373 -25.67 -64.80 -0.93
N MET N 374 -25.78 -64.17 -2.09
CA MET N 374 -24.74 -63.26 -2.54
C MET N 374 -24.85 -61.93 -1.77
N VAL N 375 -25.95 -61.21 -1.94
CA VAL N 375 -26.16 -59.93 -1.25
C VAL N 375 -25.85 -60.11 0.22
N ASN N 376 -25.92 -61.36 0.67
CA ASN N 376 -25.61 -61.67 2.05
C ASN N 376 -24.10 -61.58 2.20
N ARG N 377 -23.38 -62.42 1.46
CA ARG N 377 -21.92 -62.44 1.50
C ARG N 377 -21.31 -61.05 1.43
N LEU N 378 -21.95 -60.18 0.65
CA LEU N 378 -21.48 -58.81 0.50
C LEU N 378 -21.43 -58.23 1.91
N LEU N 379 -22.60 -57.98 2.47
CA LEU N 379 -22.74 -57.41 3.80
C LEU N 379 -21.94 -58.14 4.89
N LEU N 380 -21.93 -59.47 4.85
CA LEU N 380 -21.20 -60.26 5.85
C LEU N 380 -19.80 -59.70 6.08
N CYS N 381 -19.33 -58.94 5.10
CA CYS N 381 -18.01 -58.33 5.17
C CYS N 381 -18.11 -56.83 5.50
N ALA N 382 -18.96 -56.10 4.78
CA ALA N 382 -19.13 -54.67 5.03
C ALA N 382 -19.52 -54.40 6.48
N LEU N 383 -19.61 -55.47 7.28
CA LEU N 383 -19.95 -55.38 8.70
C LEU N 383 -18.87 -56.07 9.53
N GLU N 384 -17.69 -56.22 8.93
CA GLU N 384 -16.53 -56.83 9.58
C GLU N 384 -16.81 -58.14 10.32
N ARG N 385 -17.35 -59.11 9.60
CA ARG N 385 -17.64 -60.42 10.18
C ARG N 385 -16.92 -61.48 9.37
N LYS N 386 -16.61 -61.13 8.12
CA LYS N 386 -15.88 -62.01 7.20
C LYS N 386 -14.93 -61.13 6.39
N ASP N 387 -13.67 -61.56 6.29
CA ASP N 387 -12.67 -60.82 5.54
C ASP N 387 -12.95 -60.79 4.06
N GLN N 388 -12.16 -59.98 3.37
CA GLN N 388 -12.26 -59.84 1.93
C GLN N 388 -11.70 -61.18 1.42
N ASP N 389 -12.29 -61.72 0.35
CA ASP N 389 -11.84 -63.00 -0.17
C ASP N 389 -10.35 -63.07 -0.56
N ASP N 390 -9.67 -64.12 -0.08
CA ASP N 390 -8.25 -64.34 -0.35
C ASP N 390 -8.06 -64.69 -1.82
N ARG N 391 -7.64 -63.73 -2.62
CA ARG N 391 -7.44 -63.94 -4.06
C ARG N 391 -6.49 -65.08 -4.46
N ASP N 392 -5.49 -65.38 -3.62
CA ASP N 392 -4.51 -66.43 -3.94
C ASP N 392 -4.53 -67.69 -3.05
N HIS N 393 -5.73 -68.14 -2.68
CA HIS N 393 -5.92 -69.33 -1.85
C HIS N 393 -5.94 -70.52 -2.80
N PHE N 394 -4.77 -70.96 -3.25
CA PHE N 394 -4.65 -72.06 -4.22
C PHE N 394 -5.81 -73.04 -4.39
N GLY N 395 -6.50 -73.36 -3.29
CA GLY N 395 -7.63 -74.27 -3.40
C GLY N 395 -8.69 -73.82 -4.38
N LYS N 396 -8.80 -72.51 -4.56
CA LYS N 396 -9.79 -71.93 -5.46
C LYS N 396 -9.26 -71.57 -6.85
N LYS N 397 -8.17 -72.24 -7.25
CA LYS N 397 -7.55 -72.05 -8.56
C LYS N 397 -7.53 -73.42 -9.22
N LEU N 399 -5.70 -75.76 -12.81
CA LEU N 399 -4.66 -75.95 -13.82
C LEU N 399 -5.13 -76.82 -14.98
N ASP N 400 -5.47 -76.16 -16.08
CA ASP N 400 -5.93 -76.84 -17.28
C ASP N 400 -4.77 -77.60 -17.92
N LEU N 401 -4.65 -78.87 -17.58
CA LEU N 401 -3.58 -79.68 -18.14
C LEU N 401 -3.80 -79.99 -19.61
N ALA N 402 -3.03 -80.94 -20.14
CA ALA N 402 -3.15 -81.31 -21.54
C ALA N 402 -4.54 -81.79 -21.91
N GLY N 403 -4.96 -82.90 -21.29
CA GLY N 403 -6.26 -83.46 -21.57
C GLY N 403 -7.35 -82.43 -21.77
N PRO N 404 -7.55 -81.52 -20.80
CA PRO N 404 -8.57 -80.49 -20.90
C PRO N 404 -8.44 -79.62 -22.15
N LEU N 405 -7.22 -79.15 -22.42
CA LEU N 405 -6.93 -78.29 -23.56
C LEU N 405 -7.50 -78.80 -24.88
N LEU N 406 -7.24 -80.07 -25.17
CA LEU N 406 -7.74 -80.68 -26.39
C LEU N 406 -9.25 -80.51 -26.42
N ALA N 407 -9.87 -80.60 -25.24
CA ALA N 407 -11.31 -80.46 -25.09
C ALA N 407 -11.82 -79.17 -25.71
N ASN N 408 -11.66 -78.06 -24.99
CA ASN N 408 -12.10 -76.75 -25.45
C ASN N 408 -11.66 -76.53 -26.90
N LEU N 409 -10.60 -77.21 -27.29
CA LEU N 409 -10.06 -77.09 -28.63
C LEU N 409 -10.90 -77.89 -29.61
N PHE N 410 -11.07 -79.18 -29.31
CA PHE N 410 -11.85 -80.09 -30.15
C PHE N 410 -13.20 -79.48 -30.46
N ARG N 411 -13.94 -79.11 -29.42
CA ARG N 411 -15.26 -78.51 -29.60
C ARG N 411 -15.21 -77.44 -30.68
N ILE N 412 -14.35 -76.44 -30.48
CA ILE N 412 -14.23 -75.37 -31.45
C ILE N 412 -14.19 -75.94 -32.85
N LEU N 413 -13.52 -77.09 -32.99
CA LEU N 413 -13.39 -77.78 -34.27
C LEU N 413 -14.66 -78.53 -34.68
N PHE N 414 -14.93 -79.64 -34.01
CA PHE N 414 -16.10 -80.45 -34.30
C PHE N 414 -17.35 -79.61 -34.57
N ARG N 415 -17.42 -78.43 -33.96
CA ARG N 415 -18.56 -77.53 -34.13
C ARG N 415 -18.57 -76.86 -35.51
N LYS N 416 -17.40 -76.72 -36.13
CA LYS N 416 -17.30 -76.14 -37.46
C LYS N 416 -17.60 -77.26 -38.44
N LEU N 417 -17.41 -78.49 -37.98
CA LEU N 417 -17.69 -79.66 -38.80
C LEU N 417 -19.19 -79.85 -38.75
N THR N 418 -19.73 -79.66 -37.55
CA THR N 418 -21.16 -79.78 -37.33
C THR N 418 -21.92 -78.91 -38.31
N ARG N 419 -21.73 -77.59 -38.24
CA ARG N 419 -22.41 -76.69 -39.15
C ARG N 419 -21.86 -76.70 -40.58
N GLU N 420 -20.93 -77.61 -40.84
CA GLU N 420 -20.37 -77.75 -42.19
C GLU N 420 -21.26 -78.78 -42.85
N ILE N 421 -21.48 -79.87 -42.12
CA ILE N 421 -22.31 -80.98 -42.56
C ILE N 421 -23.73 -80.45 -42.77
N TYR N 422 -23.98 -79.22 -42.34
CA TYR N 422 -25.29 -78.58 -42.46
C TYR N 422 -25.49 -78.00 -43.86
N ARG N 423 -24.39 -77.66 -44.51
CA ARG N 423 -24.46 -77.08 -45.86
C ARG N 423 -24.70 -78.12 -46.96
N TYR N 424 -24.08 -79.30 -46.83
CA TYR N 424 -24.27 -80.37 -47.82
C TYR N 424 -25.75 -80.74 -47.79
N MET N 425 -26.32 -80.71 -46.59
CA MET N 425 -27.73 -81.03 -46.39
C MET N 425 -28.63 -79.89 -46.85
N GLN N 426 -28.03 -78.72 -47.11
CA GLN N 426 -28.79 -77.56 -47.57
C GLN N 426 -28.48 -77.20 -49.04
N ARG N 427 -28.41 -78.23 -49.88
CA ARG N 427 -28.14 -78.07 -51.30
C ARG N 427 -28.72 -79.26 -52.06
N CYS N 428 -28.75 -80.41 -51.37
CA CYS N 428 -29.28 -81.65 -51.96
C CYS N 428 -30.78 -81.55 -52.21
N ILE N 429 -31.14 -81.20 -53.44
CA ILE N 429 -32.55 -81.10 -53.82
C ILE N 429 -33.04 -82.51 -54.15
N GLU N 430 -32.56 -83.47 -53.36
CA GLU N 430 -32.89 -84.89 -53.54
C GLU N 430 -33.35 -85.52 -52.23
N LEU N 439 -18.95 -89.27 -47.41
CA LEU N 439 -19.84 -88.46 -48.23
C LEU N 439 -20.05 -87.10 -47.58
N ALA N 440 -19.37 -86.07 -48.09
CA ALA N 440 -19.49 -84.68 -47.61
C ALA N 440 -18.70 -84.25 -46.36
N VAL N 441 -18.67 -85.10 -45.34
CA VAL N 441 -17.96 -84.79 -44.09
C VAL N 441 -16.45 -84.72 -44.32
N LYS N 442 -15.90 -83.52 -44.46
CA LYS N 442 -14.47 -83.37 -44.68
C LYS N 442 -13.65 -83.56 -43.40
N SER N 443 -13.39 -84.81 -43.06
CA SER N 443 -12.64 -85.16 -41.87
C SER N 443 -11.20 -84.67 -41.93
N THR N 444 -11.01 -83.42 -42.33
CA THR N 444 -9.68 -82.86 -42.40
C THR N 444 -9.62 -81.64 -41.48
N THR N 445 -10.79 -81.13 -41.11
CA THR N 445 -10.86 -79.97 -40.24
C THR N 445 -10.50 -80.36 -38.81
N ILE N 446 -10.71 -81.63 -38.47
CA ILE N 446 -10.41 -82.12 -37.14
C ILE N 446 -8.98 -82.69 -37.07
N THR N 447 -8.42 -83.00 -38.24
CA THR N 447 -7.07 -83.54 -38.32
C THR N 447 -6.07 -82.38 -38.43
N SER N 448 -6.28 -81.54 -39.45
CA SER N 448 -5.42 -80.38 -39.70
C SER N 448 -5.60 -79.29 -38.63
N GLY N 449 -6.81 -79.16 -38.11
CA GLY N 449 -7.05 -78.17 -37.08
C GLY N 449 -6.17 -78.50 -35.88
N LEU N 450 -6.28 -79.73 -35.40
CA LEU N 450 -5.51 -80.20 -34.26
C LEU N 450 -4.03 -79.97 -34.47
N LYS N 451 -3.54 -80.34 -35.64
CA LYS N 451 -2.12 -80.17 -35.95
C LYS N 451 -1.64 -78.72 -35.79
N TYR N 452 -2.31 -77.78 -36.46
CA TYR N 452 -1.91 -76.38 -36.39
C TYR N 452 -1.54 -75.95 -34.96
N SER N 453 -2.53 -76.00 -34.08
CA SER N 453 -2.34 -75.64 -32.69
C SER N 453 -1.10 -76.33 -32.16
N LEU N 454 -1.24 -77.62 -31.85
CA LEU N 454 -0.14 -78.41 -31.30
C LEU N 454 1.23 -78.15 -31.93
N ALA N 455 1.24 -77.77 -33.20
CA ALA N 455 2.49 -77.50 -33.89
C ALA N 455 3.14 -76.20 -33.42
N THR N 456 2.40 -75.09 -33.55
CA THR N 456 2.89 -73.76 -33.15
C THR N 456 2.79 -73.48 -31.65
N GLY N 457 1.57 -73.20 -31.21
CA GLY N 457 1.35 -72.93 -29.80
C GLY N 457 0.22 -71.94 -29.70
N ASN N 458 -0.57 -71.84 -30.77
CA ASN N 458 -1.71 -70.93 -30.83
C ASN N 458 -2.97 -71.76 -30.74
N TRP N 459 -3.56 -71.86 -29.55
CA TRP N 459 -4.75 -72.66 -29.42
C TRP N 459 -5.81 -72.25 -30.43
N GLY N 460 -6.56 -71.20 -30.11
CA GLY N 460 -7.64 -70.71 -30.97
C GLY N 460 -7.55 -70.68 -32.50
N GLU N 461 -8.04 -71.74 -33.13
CA GLU N 461 -8.08 -71.90 -34.60
C GLU N 461 -6.83 -71.49 -35.39
N GLN N 462 -7.08 -70.62 -36.37
CA GLN N 462 -6.08 -70.05 -37.26
C GLN N 462 -6.72 -68.76 -37.70
N LYS N 463 -7.28 -68.82 -38.91
CA LYS N 463 -7.97 -67.72 -39.55
C LYS N 463 -7.49 -66.35 -39.09
N LYS N 464 -8.33 -65.35 -39.34
CA LYS N 464 -8.06 -63.96 -38.95
C LYS N 464 -8.36 -63.87 -37.45
N ALA N 465 -7.88 -64.89 -36.73
CA ALA N 465 -8.04 -65.04 -35.28
C ALA N 465 -6.69 -65.41 -34.62
N MET N 466 -5.85 -64.40 -34.44
CA MET N 466 -4.57 -64.56 -33.79
C MET N 466 -4.88 -64.24 -32.32
N SER N 467 -6.10 -63.78 -32.08
CA SER N 467 -6.56 -63.43 -30.74
C SER N 467 -6.60 -64.65 -29.84
N SER N 468 -5.52 -65.42 -29.89
CA SER N 468 -5.37 -66.64 -29.11
C SER N 468 -4.20 -66.51 -28.14
N ARG N 469 -3.67 -67.64 -27.68
CA ARG N 469 -2.56 -67.62 -26.75
C ARG N 469 -1.44 -68.51 -27.24
N ALA N 470 -0.25 -67.95 -27.38
CA ALA N 470 0.90 -68.74 -27.83
C ALA N 470 1.70 -69.16 -26.61
N GLY N 471 2.13 -70.40 -26.58
CA GLY N 471 2.87 -70.90 -25.45
C GLY N 471 2.43 -72.33 -25.22
N VAL N 472 1.12 -72.52 -25.23
CA VAL N 472 0.50 -73.85 -25.08
C VAL N 472 1.23 -74.72 -26.10
N SER N 473 1.80 -75.83 -25.66
CA SER N 473 2.53 -76.72 -26.57
C SER N 473 3.86 -76.10 -27.03
N GLN N 474 4.97 -76.67 -26.58
CA GLN N 474 6.28 -76.18 -26.95
C GLN N 474 7.14 -77.30 -27.51
N VAL N 475 8.43 -77.02 -27.56
CA VAL N 475 9.40 -77.95 -28.09
C VAL N 475 10.21 -78.63 -26.97
N LEU N 476 9.67 -79.73 -26.47
CA LEU N 476 10.29 -80.50 -25.40
C LEU N 476 11.80 -80.42 -25.33
N ASN N 477 12.32 -80.01 -24.17
CA ASN N 477 13.76 -79.88 -23.94
C ASN N 477 14.45 -81.23 -24.03
N ARG N 478 15.72 -81.23 -24.44
CA ARG N 478 16.48 -82.47 -24.53
C ARG N 478 17.96 -82.20 -24.28
N TYR N 479 18.24 -81.22 -23.43
CA TYR N 479 19.61 -80.89 -23.10
C TYR N 479 20.11 -81.93 -22.12
N THR N 480 19.30 -82.21 -21.10
CA THR N 480 19.62 -83.20 -20.08
C THR N 480 18.33 -83.87 -19.63
N TYR N 481 18.47 -85.00 -18.93
CA TYR N 481 17.31 -85.73 -18.47
C TYR N 481 16.48 -84.88 -17.52
N SER N 482 17.11 -84.34 -16.49
CA SER N 482 16.45 -83.49 -15.48
C SER N 482 15.87 -82.25 -16.15
N SER N 483 16.27 -82.02 -17.39
CA SER N 483 15.78 -80.87 -18.15
C SER N 483 14.39 -81.23 -18.64
N THR N 484 14.29 -82.38 -19.30
CA THR N 484 13.02 -82.89 -19.84
C THR N 484 11.95 -83.07 -18.75
N LEU N 485 12.32 -83.73 -17.65
CA LEU N 485 11.37 -83.96 -16.55
C LEU N 485 10.76 -82.62 -16.22
N SER N 486 11.64 -81.69 -15.83
CA SER N 486 11.24 -80.33 -15.47
C SER N 486 10.25 -79.75 -16.46
N HIS N 487 10.61 -79.78 -17.74
CA HIS N 487 9.76 -79.21 -18.77
C HIS N 487 8.32 -79.71 -18.72
N LEU N 488 8.13 -81.01 -18.53
CA LEU N 488 6.78 -81.56 -18.49
C LEU N 488 6.01 -81.11 -17.25
N ARG N 489 6.69 -81.06 -16.11
CA ARG N 489 6.06 -80.65 -14.86
C ARG N 489 5.90 -79.14 -14.75
N ARG N 490 5.78 -78.47 -15.89
CA ARG N 490 5.66 -77.02 -15.91
C ARG N 490 4.27 -76.41 -16.06
N THR N 491 4.14 -75.23 -15.46
CA THR N 491 2.90 -74.46 -15.43
C THR N 491 3.07 -73.03 -15.95
N ASN N 492 2.01 -72.48 -16.53
CA ASN N 492 2.04 -71.12 -17.05
C ASN N 492 1.06 -70.28 -16.22
N THR N 493 0.82 -69.04 -16.64
CA THR N 493 -0.11 -68.11 -15.96
C THR N 493 -0.18 -66.79 -16.71
N PRO N 494 -1.24 -66.57 -17.51
CA PRO N 494 -1.36 -65.31 -18.25
C PRO N 494 -1.29 -64.09 -17.32
N ILE N 495 -0.64 -63.03 -17.79
CA ILE N 495 -0.45 -61.84 -16.99
C ILE N 495 -1.73 -61.01 -16.77
N ALA N 502 2.75 -57.19 -9.14
CA ALA N 502 3.74 -57.48 -8.10
C ALA N 502 3.34 -58.54 -7.06
N LYS N 503 2.05 -58.91 -7.00
CA LYS N 503 1.54 -59.91 -6.02
C LYS N 503 1.45 -61.37 -6.48
N PRO N 504 1.07 -61.62 -7.75
CA PRO N 504 0.97 -63.00 -8.21
C PRO N 504 2.29 -63.78 -8.20
N ARG N 505 3.37 -63.11 -8.64
CA ARG N 505 4.70 -63.72 -8.72
C ARG N 505 5.20 -64.27 -7.37
N GLN N 506 4.61 -63.76 -6.29
CA GLN N 506 4.98 -64.16 -4.95
C GLN N 506 4.84 -65.65 -4.70
N LEU N 507 5.55 -66.13 -3.69
CA LEU N 507 5.44 -67.51 -3.29
C LEU N 507 4.45 -67.42 -2.16
N HIS N 508 3.20 -67.81 -2.44
CA HIS N 508 2.16 -67.75 -1.45
C HIS N 508 2.31 -68.89 -0.45
N ASN N 509 1.49 -68.86 0.59
CA ASN N 509 1.56 -69.91 1.57
C ASN N 509 0.96 -71.11 0.88
N THR N 510 -0.28 -70.96 0.38
CA THR N 510 -0.98 -72.03 -0.32
C THR N 510 -0.13 -72.87 -1.28
N HIS N 511 1.02 -72.31 -1.67
CA HIS N 511 1.96 -72.95 -2.59
C HIS N 511 2.74 -74.10 -1.96
N TRP N 512 2.73 -74.18 -0.63
CA TRP N 512 3.44 -75.24 0.07
C TRP N 512 2.97 -76.63 -0.38
N GLY N 513 3.94 -77.50 -0.64
CA GLY N 513 3.61 -78.85 -1.06
C GLY N 513 3.30 -79.05 -2.54
N LEU N 514 2.42 -78.21 -3.10
CA LEU N 514 2.00 -78.30 -4.50
C LEU N 514 3.00 -77.80 -5.54
N VAL N 515 3.69 -76.69 -5.25
CA VAL N 515 4.67 -76.14 -6.17
C VAL N 515 6.02 -75.99 -5.51
N CYS N 516 7.07 -76.12 -6.31
CA CYS N 516 8.44 -75.98 -5.84
C CYS N 516 8.71 -74.52 -5.61
N PRO N 517 9.22 -74.16 -4.42
CA PRO N 517 9.52 -72.78 -4.08
C PRO N 517 10.68 -72.15 -4.82
N ALA N 518 11.69 -72.95 -5.16
CA ALA N 518 12.87 -72.42 -5.85
C ALA N 518 12.86 -72.37 -7.38
N GLU N 519 12.66 -73.51 -8.04
CA GLU N 519 12.67 -73.53 -9.50
C GLU N 519 11.65 -72.60 -10.13
N THR N 520 12.15 -71.52 -10.74
CA THR N 520 11.33 -70.54 -11.43
C THR N 520 12.25 -69.54 -12.10
N PRO N 521 12.03 -69.29 -13.39
CA PRO N 521 12.81 -68.37 -14.21
C PRO N 521 13.10 -66.98 -13.65
N GLU N 522 14.33 -66.49 -13.89
CA GLU N 522 14.79 -65.16 -13.48
C GLU N 522 14.21 -64.14 -14.45
N GLY N 523 14.33 -62.87 -14.10
CA GLY N 523 13.83 -61.81 -14.98
C GLY N 523 12.49 -62.05 -15.64
N GLN N 524 12.19 -61.24 -16.66
CA GLN N 524 10.94 -61.33 -17.41
C GLN N 524 9.79 -61.94 -16.59
N ALA N 525 9.31 -63.07 -17.05
CA ALA N 525 8.25 -63.78 -16.37
C ALA N 525 8.92 -64.53 -15.22
N CYS N 526 8.69 -64.08 -14.00
CA CYS N 526 9.27 -64.75 -12.84
C CYS N 526 8.20 -64.92 -11.77
N GLY N 527 7.67 -66.14 -11.66
CA GLY N 527 6.63 -66.38 -10.69
C GLY N 527 5.35 -66.63 -11.48
N LEU N 528 5.41 -66.39 -12.78
CA LEU N 528 4.27 -66.60 -13.66
C LEU N 528 4.48 -67.98 -14.26
N VAL N 529 5.59 -68.59 -13.88
CA VAL N 529 5.93 -69.90 -14.38
C VAL N 529 6.32 -70.76 -13.19
N LYS N 530 5.42 -71.66 -12.80
CA LYS N 530 5.67 -72.53 -11.67
C LYS N 530 5.84 -74.01 -12.04
N ASN N 531 6.67 -74.68 -11.26
CA ASN N 531 6.94 -76.10 -11.46
C ASN N 531 6.38 -76.90 -10.26
N LEU N 532 5.88 -78.09 -10.56
CA LEU N 532 5.29 -78.95 -9.54
C LEU N 532 6.26 -79.67 -8.62
N SER N 533 5.84 -79.85 -7.38
CA SER N 533 6.64 -80.57 -6.39
C SER N 533 6.65 -82.00 -6.90
N LEU N 534 7.35 -82.88 -6.18
CA LEU N 534 7.41 -84.27 -6.59
C LEU N 534 6.08 -84.96 -6.34
N LEU N 535 5.54 -84.77 -5.14
CA LEU N 535 4.28 -85.40 -4.74
C LEU N 535 2.99 -84.83 -5.32
N SER N 536 3.02 -83.61 -5.81
CA SER N 536 1.80 -83.03 -6.36
C SER N 536 1.25 -83.77 -7.57
N GLY N 537 -0.06 -83.65 -7.74
CA GLY N 537 -0.81 -84.24 -8.85
C GLY N 537 -2.00 -83.31 -9.06
N ILE N 538 -2.63 -83.41 -10.21
CA ILE N 538 -3.79 -82.58 -10.47
C ILE N 538 -5.04 -83.44 -10.46
N SER N 539 -6.16 -82.85 -10.07
CA SER N 539 -7.43 -83.56 -10.08
C SER N 539 -7.68 -83.91 -11.54
N ILE N 540 -8.75 -84.64 -11.84
CA ILE N 540 -9.02 -85.01 -13.22
C ILE N 540 -10.43 -84.68 -13.66
N GLY N 541 -11.40 -84.95 -12.79
CA GLY N 541 -12.81 -84.71 -13.08
C GLY N 541 -13.75 -85.87 -12.77
N SER N 542 -14.25 -85.94 -11.54
CA SER N 542 -15.16 -87.00 -11.15
C SER N 542 -16.59 -86.58 -11.47
N PRO N 543 -17.55 -87.37 -11.00
CA PRO N 543 -18.97 -87.06 -11.23
C PRO N 543 -19.61 -86.56 -9.93
N SER N 544 -20.52 -85.59 -10.05
CA SER N 544 -21.23 -85.00 -8.91
C SER N 544 -22.34 -85.85 -8.25
N GLU N 545 -23.35 -86.23 -9.04
CA GLU N 545 -24.49 -87.01 -8.57
C GLU N 545 -24.25 -88.18 -7.61
N PRO N 546 -23.28 -89.06 -7.93
CA PRO N 546 -23.05 -90.18 -7.00
C PRO N 546 -22.71 -89.69 -5.60
N ILE N 547 -22.68 -88.37 -5.44
CA ILE N 547 -22.39 -87.75 -4.17
C ILE N 547 -23.54 -86.80 -3.81
N ILE N 548 -24.25 -86.29 -4.81
CA ILE N 548 -25.41 -85.44 -4.54
C ILE N 548 -26.43 -86.38 -3.91
N ASN N 549 -26.64 -87.50 -4.60
CA ASN N 549 -27.55 -88.54 -4.16
C ASN N 549 -27.09 -88.99 -2.79
N PHE N 550 -25.91 -89.59 -2.75
CA PHE N 550 -25.28 -90.09 -1.53
C PHE N 550 -25.47 -89.15 -0.35
N LEU N 551 -25.87 -87.91 -0.64
CA LEU N 551 -26.09 -86.90 0.38
C LEU N 551 -27.55 -86.70 0.81
N GLU N 552 -28.38 -86.21 -0.11
CA GLU N 552 -29.80 -85.96 0.18
C GLU N 552 -30.50 -87.23 0.64
N GLU N 553 -29.71 -88.15 1.17
CA GLU N 553 -30.18 -89.43 1.68
C GLU N 553 -29.31 -89.82 2.87
N TRP N 554 -28.75 -88.81 3.54
CA TRP N 554 -27.92 -89.04 4.71
C TRP N 554 -27.98 -87.83 5.62
N GLY N 555 -28.99 -87.00 5.39
CA GLY N 555 -29.17 -85.81 6.20
C GLY N 555 -29.35 -84.51 5.45
N MET N 556 -29.25 -84.56 4.12
CA MET N 556 -29.37 -83.35 3.34
C MET N 556 -30.77 -82.94 2.90
N GLU N 557 -31.42 -82.14 3.72
CA GLU N 557 -32.75 -81.67 3.40
C GLU N 557 -32.57 -80.63 2.31
N PRO N 558 -32.97 -80.95 1.06
CA PRO N 558 -32.86 -80.08 -0.11
C PRO N 558 -33.26 -78.60 0.07
N LEU N 559 -32.51 -77.74 -0.63
CA LEU N 559 -32.70 -76.29 -0.60
C LEU N 559 -34.11 -75.89 -0.98
N GLU N 560 -34.63 -76.51 -2.05
CA GLU N 560 -35.97 -76.24 -2.55
C GLU N 560 -36.91 -75.71 -1.46
N ASP N 561 -37.07 -76.51 -0.40
CA ASP N 561 -37.93 -76.16 0.72
C ASP N 561 -37.11 -75.82 1.96
N TYR N 562 -36.82 -74.54 2.12
CA TYR N 562 -36.04 -74.11 3.25
C TYR N 562 -36.79 -73.13 4.14
N ASP N 563 -36.45 -73.16 5.42
CA ASP N 563 -37.05 -72.28 6.42
C ASP N 563 -35.92 -71.82 7.37
N PRO N 564 -35.37 -70.62 7.12
CA PRO N 564 -34.28 -70.01 7.91
C PRO N 564 -34.40 -69.99 9.44
N ALA N 565 -35.60 -69.85 9.97
CA ALA N 565 -35.77 -69.80 11.42
C ALA N 565 -35.98 -71.14 12.11
N GLN N 566 -36.62 -72.10 11.45
CA GLN N 566 -36.82 -73.40 12.08
C GLN N 566 -35.44 -74.07 12.11
N HIS N 567 -34.68 -73.81 11.05
CA HIS N 567 -33.33 -74.32 10.90
C HIS N 567 -32.39 -73.12 11.03
N THR N 568 -32.02 -72.76 12.27
CA THR N 568 -31.14 -71.63 12.58
C THR N 568 -29.71 -71.75 12.08
N LYS N 569 -28.92 -72.46 12.89
CA LYS N 569 -27.51 -72.70 12.65
C LYS N 569 -27.33 -73.87 11.68
N SER N 570 -28.20 -73.92 10.68
CA SER N 570 -28.17 -74.96 9.67
C SER N 570 -26.91 -74.85 8.83
N THR N 571 -26.04 -75.86 8.90
CA THR N 571 -24.79 -75.86 8.13
C THR N 571 -25.11 -76.05 6.64
N ARG N 572 -24.99 -75.00 5.84
CA ARG N 572 -25.28 -75.11 4.41
C ARG N 572 -24.17 -75.83 3.65
N ILE N 573 -24.57 -76.64 2.67
CA ILE N 573 -23.61 -77.40 1.89
C ILE N 573 -23.59 -77.04 0.40
N PHE N 574 -22.39 -76.99 -0.16
CA PHE N 574 -22.17 -76.68 -1.57
C PHE N 574 -21.55 -77.84 -2.34
N VAL N 575 -21.94 -77.97 -3.60
CA VAL N 575 -21.41 -79.01 -4.48
C VAL N 575 -20.85 -78.32 -5.72
N ASN N 576 -19.55 -78.45 -5.93
CA ASN N 576 -18.90 -77.83 -7.09
C ASN N 576 -19.40 -76.41 -7.31
N GLY N 577 -19.68 -75.68 -6.23
CA GLY N 577 -20.14 -74.32 -6.39
C GLY N 577 -21.65 -74.10 -6.53
N VAL N 578 -22.43 -75.12 -6.21
CA VAL N 578 -23.88 -75.02 -6.27
C VAL N 578 -24.40 -75.31 -4.88
N TRP N 579 -25.53 -74.70 -4.52
CA TRP N 579 -26.08 -74.91 -3.19
C TRP N 579 -27.21 -75.93 -3.16
N THR N 580 -26.85 -77.18 -2.82
CA THR N 580 -27.80 -78.31 -2.76
C THR N 580 -28.45 -78.55 -1.39
N GLY N 581 -28.95 -77.50 -0.75
CA GLY N 581 -29.58 -77.69 0.54
C GLY N 581 -28.64 -77.70 1.74
N ILE N 582 -29.23 -77.63 2.93
CA ILE N 582 -28.45 -77.64 4.16
C ILE N 582 -28.49 -79.00 4.83
N HIS N 583 -28.04 -79.04 6.08
CA HIS N 583 -28.03 -80.26 6.85
C HIS N 583 -28.06 -79.90 8.32
N ARG N 584 -28.75 -80.72 9.11
CA ARG N 584 -28.86 -80.53 10.55
C ARG N 584 -27.49 -80.97 11.09
N ASP N 585 -27.42 -81.59 12.26
CA ASP N 585 -26.12 -82.03 12.79
C ASP N 585 -25.23 -82.69 11.72
N PRO N 586 -24.15 -81.97 11.27
CA PRO N 586 -23.16 -82.37 10.26
C PRO N 586 -21.93 -83.13 10.74
N SER N 587 -21.52 -82.87 11.99
CA SER N 587 -20.35 -83.53 12.57
C SER N 587 -20.21 -84.95 12.04
N MET N 588 -21.34 -85.63 11.89
CA MET N 588 -21.32 -86.99 11.37
C MET N 588 -21.33 -87.02 9.85
N LEU N 589 -22.17 -86.19 9.22
CA LEU N 589 -22.19 -86.17 7.76
C LEU N 589 -20.75 -86.10 7.31
N VAL N 590 -19.97 -85.34 8.08
CA VAL N 590 -18.56 -85.19 7.77
C VAL N 590 -17.82 -86.51 7.93
N SER N 591 -17.61 -86.96 9.17
CA SER N 591 -16.88 -88.18 9.40
C SER N 591 -17.60 -89.46 8.95
N THR N 592 -18.15 -89.38 7.74
CA THR N 592 -18.84 -90.48 7.09
C THR N 592 -18.37 -90.41 5.66
N MET N 593 -18.39 -89.21 5.09
CA MET N 593 -17.92 -89.01 3.73
C MET N 593 -16.44 -89.36 3.79
N ARG N 594 -15.76 -88.81 4.80
CA ARG N 594 -14.35 -89.05 5.02
C ARG N 594 -14.04 -90.54 5.21
N ASP N 595 -15.01 -91.31 5.69
CA ASP N 595 -14.79 -92.74 5.88
C ASP N 595 -15.12 -93.42 4.56
N LEU N 596 -15.93 -92.73 3.76
CA LEU N 596 -16.35 -93.25 2.48
C LEU N 596 -15.19 -93.15 1.49
N ARG N 597 -14.44 -92.05 1.55
CA ARG N 597 -13.30 -91.87 0.66
C ARG N 597 -12.20 -92.87 0.98
N ARG N 598 -11.89 -93.01 2.27
CA ARG N 598 -10.83 -93.92 2.72
C ARG N 598 -11.02 -95.40 2.38
N SER N 599 -12.27 -95.83 2.15
CA SER N 599 -12.52 -97.22 1.75
C SER N 599 -12.42 -97.16 0.23
N GLY N 600 -12.65 -95.96 -0.31
CA GLY N 600 -12.57 -95.75 -1.74
C GLY N 600 -13.90 -95.88 -2.42
N ALA N 601 -14.92 -95.18 -1.95
CA ALA N 601 -16.23 -95.23 -2.57
C ALA N 601 -16.68 -93.86 -3.11
N ILE N 602 -15.82 -92.86 -2.92
CA ILE N 602 -16.00 -91.49 -3.41
C ILE N 602 -14.56 -91.07 -3.74
N SER N 603 -14.16 -91.28 -4.99
CA SER N 603 -12.81 -90.98 -5.48
C SER N 603 -11.86 -90.18 -4.57
N PRO N 604 -10.66 -90.72 -4.27
CA PRO N 604 -9.67 -90.05 -3.41
C PRO N 604 -9.30 -88.66 -3.90
N GLU N 605 -9.77 -88.34 -5.10
CA GLU N 605 -9.52 -87.08 -5.78
C GLU N 605 -10.48 -85.95 -5.44
N VAL N 606 -11.62 -86.29 -4.86
CA VAL N 606 -12.61 -85.29 -4.50
C VAL N 606 -12.22 -84.52 -3.25
N SER N 607 -12.68 -83.28 -3.13
CA SER N 607 -12.36 -82.47 -1.96
C SER N 607 -13.59 -82.17 -1.12
N ILE N 608 -13.43 -82.31 0.20
CA ILE N 608 -14.49 -82.06 1.15
C ILE N 608 -13.94 -81.23 2.30
N ILE N 609 -14.42 -80.00 2.42
CA ILE N 609 -13.95 -79.09 3.46
C ILE N 609 -15.07 -78.63 4.39
N ARG N 610 -14.90 -78.82 5.69
CA ARG N 610 -15.93 -78.35 6.61
C ARG N 610 -15.43 -77.12 7.34
N ASP N 611 -16.12 -76.01 7.13
CA ASP N 611 -15.73 -74.74 7.75
C ASP N 611 -16.72 -74.43 8.87
N ILE N 612 -16.50 -75.06 10.03
CA ILE N 612 -17.35 -74.88 11.19
C ILE N 612 -17.50 -73.39 11.49
N ARG N 613 -16.36 -72.72 11.51
CA ARG N 613 -16.27 -71.29 11.80
C ARG N 613 -17.13 -70.43 10.89
N GLU N 614 -18.01 -71.05 10.12
CA GLU N 614 -18.87 -70.32 9.21
C GLU N 614 -20.10 -71.17 8.89
N ARG N 615 -20.03 -72.44 9.25
CA ARG N 615 -21.13 -73.36 9.01
C ARG N 615 -21.39 -73.56 7.52
N GLU N 616 -20.52 -74.33 6.87
CA GLU N 616 -20.66 -74.63 5.45
C GLU N 616 -19.95 -75.93 5.11
N PHE N 617 -20.32 -76.53 3.98
CA PHE N 617 -19.70 -77.78 3.55
C PHE N 617 -19.32 -77.73 2.07
N LYS N 618 -18.00 -77.72 1.85
CA LYS N 618 -17.45 -77.66 0.50
C LYS N 618 -17.29 -79.03 -0.19
N ILE N 619 -17.82 -79.12 -1.40
CA ILE N 619 -17.74 -80.34 -2.20
C ILE N 619 -17.09 -80.04 -3.55
N PHE N 620 -15.96 -80.69 -3.82
CA PHE N 620 -15.25 -80.46 -5.08
C PHE N 620 -14.85 -81.72 -5.85
N THR N 621 -15.32 -81.78 -7.08
CA THR N 621 -15.04 -82.86 -8.00
C THR N 621 -14.05 -82.34 -9.03
N ASP N 622 -14.23 -81.06 -9.36
CA ASP N 622 -13.43 -80.27 -10.30
C ASP N 622 -12.20 -80.90 -10.94
N VAL N 623 -11.82 -80.37 -12.10
CA VAL N 623 -10.65 -80.85 -12.82
C VAL N 623 -9.59 -79.75 -12.92
N GLY N 624 -8.54 -79.86 -12.11
CA GLY N 624 -7.47 -78.86 -12.12
C GLY N 624 -7.06 -78.42 -10.73
N ARG N 625 -7.40 -79.22 -9.72
CA ARG N 625 -7.06 -78.89 -8.36
C ARG N 625 -5.80 -79.64 -7.98
N VAL N 626 -4.75 -78.90 -7.67
CA VAL N 626 -3.49 -79.51 -7.28
C VAL N 626 -3.63 -80.09 -5.88
N TYR N 627 -3.15 -81.32 -5.69
CA TYR N 627 -3.23 -81.97 -4.39
C TYR N 627 -1.99 -82.76 -4.08
N ARG N 628 -1.72 -82.94 -2.80
CA ARG N 628 -0.55 -83.70 -2.38
C ARG N 628 -1.04 -84.82 -1.47
N PRO N 629 -0.17 -85.79 -1.13
CA PRO N 629 -0.56 -86.89 -0.25
C PRO N 629 0.00 -86.79 1.16
N LEU N 630 -0.75 -87.23 2.15
CA LEU N 630 -0.31 -87.20 3.54
C LEU N 630 -0.70 -88.43 4.33
N PHE N 631 0.05 -88.69 5.41
CA PHE N 631 -0.26 -89.80 6.30
C PHE N 631 -1.41 -89.31 7.17
N ILE N 632 -2.32 -90.20 7.53
CA ILE N 632 -3.45 -89.82 8.38
C ILE N 632 -3.06 -90.13 9.83
N VAL N 633 -3.40 -89.22 10.74
CA VAL N 633 -3.03 -89.41 12.15
C VAL N 633 -4.06 -90.09 13.03
N GLU N 634 -5.30 -89.58 13.03
CA GLU N 634 -6.39 -90.14 13.83
C GLU N 634 -5.94 -90.69 15.19
N ASP N 635 -6.39 -90.07 16.28
CA ASP N 635 -6.03 -90.52 17.62
C ASP N 635 -6.57 -91.92 17.88
N ASP N 636 -6.60 -92.74 16.84
CA ASP N 636 -7.10 -94.11 16.91
C ASP N 636 -6.23 -95.10 17.69
N GLU N 637 -5.77 -94.73 18.88
CA GLU N 637 -4.97 -95.66 19.65
C GLU N 637 -5.53 -95.98 21.02
N SER N 638 -6.26 -97.09 21.06
CA SER N 638 -6.86 -97.58 22.29
C SER N 638 -5.72 -98.22 23.09
N LYS N 639 -4.49 -97.84 22.73
CA LYS N 639 -3.28 -98.31 23.40
C LYS N 639 -2.33 -97.14 23.66
N ASP N 640 -2.88 -95.93 23.66
CA ASP N 640 -2.04 -94.77 23.91
C ASP N 640 -2.61 -93.40 23.59
N ASN N 641 -2.07 -92.79 22.54
CA ASN N 641 -2.47 -91.45 22.10
C ASN N 641 -2.84 -91.37 20.61
N GLU N 644 -1.96 -91.33 16.66
CA GLU N 644 -0.93 -92.12 15.96
C GLU N 644 -1.18 -92.47 14.48
N LEU N 645 -0.13 -92.33 13.66
CA LEU N 645 -0.21 -92.64 12.23
C LEU N 645 -0.88 -93.98 12.02
N ARG N 646 -1.97 -94.00 11.25
CA ARG N 646 -2.68 -95.25 11.01
C ARG N 646 -1.69 -96.26 10.45
N ILE N 647 -0.74 -95.78 9.65
CA ILE N 647 0.27 -96.65 9.07
C ILE N 647 1.23 -97.16 10.14
N THR N 648 1.68 -98.40 10.00
CA THR N 648 2.59 -99.00 10.96
C THR N 648 3.77 -99.69 10.27
N LYS N 649 4.79 -100.05 11.05
CA LYS N 649 5.99 -100.70 10.52
C LYS N 649 5.71 -102.08 9.95
N GLU N 650 4.44 -102.47 9.98
CA GLU N 650 4.03 -103.76 9.44
C GLU N 650 3.53 -103.53 8.02
N HIS N 651 2.99 -102.34 7.79
CA HIS N 651 2.51 -101.98 6.48
C HIS N 651 3.76 -101.77 5.64
N ILE N 652 4.71 -101.05 6.22
CA ILE N 652 5.98 -100.74 5.57
C ILE N 652 6.69 -101.97 5.04
N ARG N 653 7.21 -102.79 5.96
CA ARG N 653 7.92 -104.00 5.57
C ARG N 653 7.08 -104.90 4.67
N LYS N 654 5.78 -104.61 4.59
CA LYS N 654 4.85 -105.38 3.77
C LYS N 654 5.01 -104.86 2.32
N ILE N 655 5.59 -103.65 2.22
CA ILE N 655 5.86 -103.01 0.94
C ILE N 655 7.28 -103.33 0.47
N VAL N 675 2.14 -107.28 -4.31
CA VAL N 675 0.70 -107.05 -4.42
C VAL N 675 0.23 -105.97 -3.43
N TYR N 676 1.15 -105.12 -2.99
CA TYR N 676 0.86 -104.05 -2.04
C TYR N 676 1.36 -102.71 -2.58
N GLY N 677 0.64 -102.14 -3.54
CA GLY N 677 1.04 -100.88 -4.16
C GLY N 677 0.77 -99.63 -3.31
N TRP N 678 0.52 -98.55 -4.03
CA TRP N 678 0.20 -97.26 -3.43
C TRP N 678 -1.33 -97.23 -3.45
N SER N 679 -1.91 -98.01 -4.37
CA SER N 679 -3.37 -98.09 -4.49
C SER N 679 -3.94 -98.71 -3.21
N SER N 680 -3.17 -99.55 -2.55
CA SER N 680 -3.64 -100.16 -1.31
C SER N 680 -3.39 -99.22 -0.12
N LEU N 681 -2.29 -98.46 -0.16
CA LEU N 681 -1.96 -97.52 0.91
C LEU N 681 -3.06 -96.49 1.05
N VAL N 682 -3.89 -96.40 0.01
CA VAL N 682 -5.00 -95.46 -0.06
C VAL N 682 -6.35 -96.14 0.16
N THR N 683 -6.46 -97.40 -0.26
CA THR N 683 -7.69 -98.15 -0.10
C THR N 683 -7.86 -98.66 1.32
N SER N 684 -6.94 -98.28 2.19
CA SER N 684 -7.00 -98.66 3.59
C SER N 684 -7.06 -97.46 4.52
N GLY N 685 -7.21 -96.27 3.94
CA GLY N 685 -7.28 -95.06 4.72
C GLY N 685 -6.03 -94.75 5.54
N VAL N 686 -4.86 -95.00 4.95
CA VAL N 686 -3.57 -94.75 5.61
C VAL N 686 -2.92 -93.48 5.07
N ILE N 687 -3.43 -93.03 3.93
CA ILE N 687 -2.95 -91.83 3.27
C ILE N 687 -4.11 -91.15 2.56
N GLU N 688 -4.07 -89.83 2.49
CA GLU N 688 -5.13 -89.06 1.85
C GLU N 688 -4.62 -88.03 0.83
N TYR N 689 -5.44 -87.73 -0.17
CA TYR N 689 -5.08 -86.73 -1.18
C TYR N 689 -5.71 -85.39 -0.77
N VAL N 690 -4.90 -84.49 -0.21
CA VAL N 690 -5.35 -83.17 0.25
C VAL N 690 -5.16 -82.02 -0.71
N ASP N 691 -6.25 -81.51 -1.30
CA ASP N 691 -6.06 -80.38 -2.21
C ASP N 691 -5.82 -79.14 -1.34
N GLY N 692 -5.50 -78.02 -1.99
CA GLY N 692 -5.19 -76.77 -1.27
C GLY N 692 -6.30 -76.22 -0.41
N GLU N 693 -7.54 -76.44 -0.85
CA GLU N 693 -8.73 -75.97 -0.15
C GLU N 693 -8.96 -76.71 1.16
N GLU N 694 -9.01 -78.03 1.05
CA GLU N 694 -9.23 -78.94 2.18
C GLU N 694 -8.12 -78.75 3.19
N GLU N 695 -6.94 -78.44 2.66
CA GLU N 695 -5.75 -78.21 3.47
C GLU N 695 -6.11 -77.23 4.59
N GLU N 696 -6.75 -76.13 4.20
CA GLU N 696 -7.14 -75.09 5.13
C GLU N 696 -7.64 -75.58 6.51
N THR N 697 -8.42 -76.67 6.53
CA THR N 697 -9.01 -77.19 7.76
C THR N 697 -8.39 -78.45 8.41
N ILE N 698 -7.10 -78.67 8.17
CA ILE N 698 -6.39 -79.80 8.73
C ILE N 698 -5.17 -79.31 9.49
N MET N 699 -4.53 -80.20 10.23
CA MET N 699 -3.32 -79.83 10.94
C MET N 699 -2.27 -80.85 10.57
N ILE N 700 -1.23 -80.41 9.88
CA ILE N 700 -0.17 -81.30 9.42
C ILE N 700 1.08 -81.31 10.30
N ALA N 701 1.51 -82.52 10.67
CA ALA N 701 2.70 -82.69 11.48
C ALA N 701 3.88 -82.92 10.54
N MET N 702 5.01 -82.27 10.82
CA MET N 702 6.20 -82.40 9.97
C MET N 702 6.81 -83.78 10.09
N THR N 703 7.81 -83.90 10.96
CA THR N 703 8.48 -85.16 11.21
C THR N 703 7.47 -86.08 11.92
N PRO N 704 7.24 -87.29 11.38
CA PRO N 704 6.30 -88.27 11.94
C PRO N 704 6.71 -88.67 13.35
N GLU N 705 7.98 -89.04 13.46
CA GLU N 705 8.57 -89.43 14.73
C GLU N 705 8.35 -88.29 15.72
N ASP N 706 9.42 -87.55 16.00
CA ASP N 706 9.46 -86.42 16.94
C ASP N 706 8.13 -85.73 17.31
N LEU N 707 7.34 -85.33 16.32
CA LEU N 707 6.08 -84.66 16.59
C LEU N 707 5.00 -85.63 17.13
N ASP N 721 21.65 -82.54 21.07
CA ASP N 721 22.90 -82.38 20.31
C ASP N 721 23.17 -80.91 20.02
N THR N 722 24.39 -80.43 20.30
CA THR N 722 24.73 -79.02 20.05
C THR N 722 25.12 -78.71 18.60
N ALA N 723 24.67 -79.55 17.66
CA ALA N 723 25.02 -79.36 16.25
C ALA N 723 23.85 -79.13 15.30
N LYS N 724 22.90 -80.07 15.29
CA LYS N 724 21.74 -79.98 14.42
C LYS N 724 21.06 -78.63 14.54
N ARG N 725 20.10 -78.38 13.64
CA ARG N 725 19.37 -77.14 13.62
C ARG N 725 18.37 -77.17 14.78
N ILE N 726 18.20 -76.06 15.48
CA ILE N 726 17.26 -76.02 16.61
C ILE N 726 15.83 -76.18 16.12
N LYS N 727 15.13 -77.20 16.62
CA LYS N 727 13.75 -77.47 16.24
C LYS N 727 12.76 -77.02 17.31
N PRO N 728 11.65 -76.44 16.89
CA PRO N 728 10.63 -75.99 17.83
C PRO N 728 9.94 -77.22 18.42
N THR N 737 -3.89 -82.28 18.25
CA THR N 737 -4.98 -82.10 17.30
C THR N 737 -4.68 -82.68 15.90
N PHE N 738 -3.41 -82.89 15.60
CA PHE N 738 -2.97 -83.40 14.29
C PHE N 738 -3.93 -84.34 13.56
N THR N 739 -4.07 -84.13 12.26
CA THR N 739 -4.94 -84.93 11.41
C THR N 739 -4.12 -85.70 10.37
N HIS N 740 -3.00 -85.11 9.95
CA HIS N 740 -2.11 -85.72 8.97
C HIS N 740 -0.63 -85.40 9.21
N CYS N 741 0.22 -86.25 8.69
CA CYS N 741 1.65 -86.06 8.83
C CYS N 741 2.26 -85.93 7.42
N GLU N 742 3.44 -85.32 7.34
CA GLU N 742 4.12 -85.11 6.06
C GLU N 742 4.95 -86.30 5.59
N ILE N 743 4.59 -86.85 4.42
CA ILE N 743 5.31 -88.00 3.86
C ILE N 743 6.80 -87.74 4.07
N HIS N 744 7.21 -86.52 3.69
CA HIS N 744 8.56 -86.01 3.88
C HIS N 744 8.68 -84.60 3.33
N PRO N 745 9.13 -83.66 4.18
CA PRO N 745 9.31 -82.24 3.86
C PRO N 745 10.13 -82.04 2.61
N SER N 746 11.11 -82.90 2.40
CA SER N 746 11.94 -82.78 1.22
C SER N 746 11.12 -83.17 -0.02
N MET N 747 9.81 -83.12 0.11
CA MET N 747 8.96 -83.45 -1.03
C MET N 747 8.25 -82.20 -1.52
N ILE N 748 8.49 -81.09 -0.84
CA ILE N 748 7.88 -79.83 -1.24
C ILE N 748 8.68 -79.28 -2.41
N LEU N 749 9.77 -79.99 -2.74
CA LEU N 749 10.63 -79.61 -3.86
C LEU N 749 10.21 -80.32 -5.15
N GLY N 750 10.56 -79.72 -6.30
CA GLY N 750 10.22 -80.31 -7.59
C GLY N 750 11.51 -80.80 -8.21
N VAL N 751 11.41 -81.38 -9.39
CA VAL N 751 12.58 -81.92 -10.09
C VAL N 751 13.89 -81.18 -9.89
N ALA N 752 13.89 -79.87 -10.16
CA ALA N 752 15.06 -78.99 -10.06
C ALA N 752 15.90 -79.05 -8.79
N ALA N 753 15.31 -78.60 -7.70
CA ALA N 753 16.01 -78.57 -6.43
C ALA N 753 16.39 -79.96 -5.93
N SER N 754 15.59 -80.95 -6.30
CA SER N 754 15.82 -82.31 -5.87
C SER N 754 17.24 -82.83 -6.09
N ILE N 755 17.97 -82.19 -7.00
CA ILE N 755 19.36 -82.57 -7.30
C ILE N 755 20.37 -81.71 -6.54
N ILE N 756 19.88 -80.65 -5.90
CA ILE N 756 20.71 -79.72 -5.12
C ILE N 756 21.02 -80.25 -3.73
N PRO N 757 22.32 -80.39 -3.41
CA PRO N 757 22.78 -80.88 -2.12
C PRO N 757 22.70 -79.83 -1.01
N PHE N 758 21.95 -80.16 0.04
CA PHE N 758 21.79 -79.29 1.19
C PHE N 758 21.15 -77.95 0.87
N PRO N 759 20.13 -77.96 0.01
CA PRO N 759 19.43 -76.73 -0.38
C PRO N 759 18.96 -75.99 0.85
N ASP N 760 19.04 -76.67 1.97
CA ASP N 760 18.63 -76.13 3.25
C ASP N 760 19.84 -75.50 3.93
N HIS N 761 20.85 -75.11 3.14
CA HIS N 761 22.05 -74.50 3.71
C HIS N 761 22.56 -73.34 2.89
N ASN N 762 21.86 -73.05 1.80
CA ASN N 762 22.25 -71.96 0.91
C ASN N 762 21.26 -70.83 0.99
N GLN N 763 21.68 -69.67 0.51
CA GLN N 763 20.81 -68.51 0.46
C GLN N 763 19.74 -68.90 -0.55
N SER N 764 18.47 -68.87 -0.16
CA SER N 764 17.40 -69.30 -1.05
C SER N 764 17.52 -68.74 -2.47
N PRO N 765 17.75 -67.42 -2.62
CA PRO N 765 17.84 -66.97 -4.00
C PRO N 765 18.89 -67.69 -4.86
N ARG N 766 19.89 -68.32 -4.25
CA ARG N 766 20.86 -69.05 -5.06
C ARG N 766 20.26 -70.36 -5.55
N ASN N 767 19.66 -71.13 -4.63
CA ASN N 767 19.03 -72.39 -5.02
C ASN N 767 18.19 -72.14 -6.25
N THR N 768 17.47 -71.02 -6.26
CA THR N 768 16.61 -70.63 -7.36
C THR N 768 17.35 -70.51 -8.67
N TYR N 769 18.63 -70.18 -8.60
CA TYR N 769 19.46 -70.05 -9.80
C TYR N 769 19.84 -71.44 -10.29
N GLN N 770 20.54 -72.21 -9.45
CA GLN N 770 20.90 -73.56 -9.83
C GLN N 770 19.65 -74.26 -10.38
N SER N 771 18.50 -73.86 -9.88
CA SER N 771 17.24 -74.41 -10.31
C SER N 771 17.08 -74.20 -11.78
N ALA N 772 17.82 -73.24 -12.32
CA ALA N 772 17.75 -72.96 -13.73
C ALA N 772 18.95 -73.54 -14.51
N MET N 773 20.17 -73.37 -13.99
CA MET N 773 21.34 -73.85 -14.70
C MET N 773 21.35 -75.34 -14.94
N GLY N 774 20.69 -76.10 -14.08
CA GLY N 774 20.63 -77.54 -14.25
C GLY N 774 20.06 -77.88 -15.63
N LYS N 775 19.00 -77.19 -16.03
CA LYS N 775 18.39 -77.41 -17.34
C LYS N 775 19.35 -77.00 -18.46
N GLN N 776 20.60 -76.77 -18.12
CA GLN N 776 21.62 -76.34 -19.08
C GLN N 776 22.97 -77.01 -18.91
N ALA N 777 23.01 -78.14 -18.22
CA ALA N 777 24.28 -78.84 -18.06
C ALA N 777 24.30 -79.95 -19.11
N MET N 778 25.39 -80.71 -19.12
CA MET N 778 25.49 -81.78 -20.08
C MET N 778 25.37 -83.14 -19.45
N GLY N 779 25.05 -84.14 -20.27
CA GLY N 779 24.93 -85.50 -19.79
C GLY N 779 24.43 -86.51 -20.81
N VAL N 780 23.27 -87.07 -20.52
CA VAL N 780 22.65 -88.05 -21.38
C VAL N 780 21.17 -87.81 -21.23
N PHE N 781 20.50 -87.52 -22.32
CA PHE N 781 19.07 -87.24 -22.23
C PHE N 781 18.19 -88.45 -22.52
N LEU N 782 18.82 -89.50 -23.02
CA LEU N 782 18.16 -90.75 -23.36
C LEU N 782 19.31 -91.64 -23.76
N THR N 783 19.06 -92.93 -23.95
CA THR N 783 20.12 -93.84 -24.33
C THR N 783 20.03 -94.16 -25.80
N ASN N 784 18.83 -94.01 -26.33
CA ASN N 784 18.59 -94.28 -27.74
C ASN N 784 19.23 -93.22 -28.59
N TYR N 785 19.73 -92.17 -27.95
CA TYR N 785 20.31 -91.04 -28.64
C TYR N 785 21.10 -91.40 -29.88
N ASN N 786 21.73 -92.57 -29.89
CA ASN N 786 22.51 -92.98 -31.05
C ASN N 786 21.65 -93.29 -32.28
N VAL N 787 20.32 -93.28 -32.11
CA VAL N 787 19.39 -93.54 -33.21
C VAL N 787 18.41 -92.39 -33.32
N ARG N 788 18.85 -91.21 -32.94
CA ARG N 788 18.00 -90.03 -32.98
C ARG N 788 18.50 -88.97 -33.95
N MET N 789 17.61 -88.48 -34.82
CA MET N 789 17.97 -87.47 -35.79
C MET N 789 17.47 -86.05 -35.46
N ASP N 790 17.82 -85.60 -34.26
CA ASP N 790 17.44 -84.27 -33.76
C ASP N 790 18.56 -83.22 -33.93
N THR N 791 18.19 -81.98 -34.25
CA THR N 791 19.19 -80.91 -34.42
C THR N 791 19.72 -80.59 -33.04
N MET N 792 21.03 -80.57 -32.90
CA MET N 792 21.67 -80.29 -31.61
C MET N 792 21.30 -81.29 -30.52
N ALA N 793 22.33 -81.76 -29.83
CA ALA N 793 22.21 -82.71 -28.73
C ALA N 793 23.63 -82.86 -28.25
N ASN N 794 23.81 -82.91 -26.94
CA ASN N 794 25.17 -83.06 -26.41
C ASN N 794 25.26 -84.20 -25.40
N ILE N 795 26.34 -84.97 -25.50
CA ILE N 795 26.59 -86.04 -24.55
C ILE N 795 27.97 -85.85 -23.93
N LEU N 796 28.01 -85.84 -22.60
CA LEU N 796 29.26 -85.69 -21.88
C LEU N 796 30.01 -87.00 -22.06
N TYR N 797 31.20 -86.92 -22.63
CA TYR N 797 32.01 -88.11 -22.86
C TYR N 797 31.82 -89.13 -21.73
N TYR N 798 32.29 -88.78 -20.55
CA TYR N 798 32.15 -89.71 -19.43
C TYR N 798 31.36 -89.08 -18.29
N PRO N 799 30.16 -89.62 -18.02
CA PRO N 799 29.32 -89.07 -16.94
C PRO N 799 29.88 -89.48 -15.58
N GLN N 800 29.10 -89.25 -14.53
CA GLN N 800 29.52 -89.59 -13.19
C GLN N 800 28.43 -89.23 -12.22
N LYS N 801 27.88 -90.22 -11.54
CA LYS N 801 26.84 -89.96 -10.55
C LYS N 801 27.62 -89.24 -9.44
N PRO N 802 27.02 -88.23 -8.82
CA PRO N 802 27.67 -87.46 -7.74
C PRO N 802 28.13 -88.21 -6.48
N LEU N 803 29.17 -87.67 -5.86
CA LEU N 803 29.71 -88.24 -4.63
C LEU N 803 28.72 -87.98 -3.49
N ALA N 804 27.81 -87.05 -3.71
CA ALA N 804 26.80 -86.75 -2.70
C ALA N 804 25.46 -86.69 -3.39
N LYS N 805 24.40 -87.27 -2.82
CA LYS N 805 23.12 -87.24 -3.52
C LYS N 805 21.86 -87.06 -2.68
N THR N 806 20.75 -86.80 -3.37
CA THR N 806 19.47 -86.64 -2.70
C THR N 806 18.79 -87.98 -2.80
N GLN N 807 18.07 -88.32 -1.75
CA GLN N 807 17.34 -89.57 -1.72
C GLN N 807 16.35 -89.47 -2.88
N ALA N 808 15.95 -88.25 -3.19
CA ALA N 808 14.99 -88.00 -4.26
C ALA N 808 15.55 -88.32 -5.63
N MET N 809 16.85 -88.14 -5.80
CA MET N 809 17.47 -88.42 -7.09
C MET N 809 17.06 -89.79 -7.61
N GLU N 810 16.84 -90.70 -6.67
CA GLU N 810 16.48 -92.07 -6.96
C GLU N 810 15.28 -92.22 -7.88
N TYR N 811 14.45 -91.18 -7.96
CA TYR N 811 13.26 -91.23 -8.82
C TYR N 811 13.45 -90.33 -10.03
N LEU N 812 14.59 -89.64 -10.03
CA LEU N 812 14.94 -88.73 -11.10
C LEU N 812 15.99 -89.41 -11.98
N LYS N 813 16.08 -90.73 -11.80
CA LYS N 813 17.01 -91.62 -12.51
C LYS N 813 18.36 -90.94 -12.67
N PHE N 814 18.60 -89.94 -11.84
CA PHE N 814 19.82 -89.17 -11.92
C PHE N 814 21.10 -89.96 -11.83
N ARG N 815 21.14 -90.96 -10.93
CA ARG N 815 22.35 -91.73 -10.80
C ARG N 815 22.76 -92.43 -12.10
N GLU N 816 21.76 -92.74 -12.94
CA GLU N 816 22.01 -93.41 -14.22
C GLU N 816 22.09 -92.44 -15.39
N LEU N 817 21.78 -91.17 -15.13
CA LEU N 817 21.85 -90.16 -16.17
C LEU N 817 22.37 -88.84 -15.61
N PRO N 818 23.58 -88.87 -14.98
CA PRO N 818 24.18 -87.66 -14.39
C PRO N 818 24.29 -86.45 -15.32
N ALA N 819 24.40 -85.27 -14.71
CA ALA N 819 24.47 -83.99 -15.41
C ALA N 819 25.87 -83.43 -15.27
N GLY N 820 26.77 -84.24 -14.76
CA GLY N 820 28.14 -83.77 -14.59
C GLY N 820 29.14 -84.80 -14.12
N GLN N 821 30.25 -84.30 -13.57
CA GLN N 821 31.34 -85.11 -13.06
C GLN N 821 31.83 -84.57 -11.72
N ASN N 822 32.53 -85.43 -10.98
CA ASN N 822 33.06 -85.07 -9.67
C ASN N 822 34.48 -84.57 -9.84
N ALA N 823 34.63 -83.25 -9.87
CA ALA N 823 35.91 -82.58 -10.05
C ALA N 823 36.64 -82.37 -8.76
N ILE N 824 37.95 -82.50 -8.81
CA ILE N 824 38.76 -82.30 -7.63
C ILE N 824 39.01 -80.80 -7.44
N VAL N 825 38.01 -80.15 -6.86
CA VAL N 825 38.00 -78.72 -6.57
C VAL N 825 39.13 -78.24 -5.64
N ALA N 826 39.38 -76.94 -5.63
CA ALA N 826 40.40 -76.37 -4.77
C ALA N 826 40.13 -74.88 -4.76
N ILE N 827 39.44 -74.47 -3.71
CA ILE N 827 39.07 -73.07 -3.50
C ILE N 827 40.22 -72.23 -2.98
N ALA N 828 40.97 -71.60 -3.89
CA ALA N 828 42.08 -70.77 -3.48
C ALA N 828 42.46 -69.75 -4.55
N CYS N 829 43.33 -68.82 -4.16
CA CYS N 829 43.83 -67.79 -5.05
C CYS N 829 45.11 -68.36 -5.59
N TYR N 830 45.47 -68.00 -6.82
CA TYR N 830 46.71 -68.54 -7.38
C TYR N 830 47.33 -67.56 -8.35
N SER N 831 47.11 -67.79 -9.63
CA SER N 831 47.67 -66.89 -10.61
C SER N 831 46.87 -65.59 -10.63
N GLY N 832 45.66 -65.64 -10.11
CA GLY N 832 44.82 -64.47 -10.13
C GLY N 832 44.04 -64.55 -11.43
N TYR N 833 43.85 -65.77 -11.91
CA TYR N 833 43.08 -66.03 -13.14
C TYR N 833 41.77 -66.70 -12.78
N ASN N 834 41.56 -66.92 -11.49
CA ASN N 834 40.34 -67.55 -11.00
C ASN N 834 39.53 -66.42 -10.38
N GLN N 835 39.95 -65.20 -10.71
CA GLN N 835 39.33 -63.97 -10.23
C GLN N 835 37.98 -63.68 -10.89
N GLU N 836 37.12 -62.95 -10.20
CA GLU N 836 35.80 -62.55 -10.67
C GLU N 836 34.92 -63.59 -11.37
N ASP N 837 34.78 -64.75 -10.71
CA ASP N 837 33.98 -65.86 -11.20
C ASP N 837 34.52 -66.62 -12.39
N SER N 838 35.80 -66.41 -12.68
CA SER N 838 36.47 -67.14 -13.75
C SER N 838 37.28 -68.19 -12.98
N MET N 839 37.30 -69.42 -13.47
CA MET N 839 38.00 -70.51 -12.79
C MET N 839 39.17 -71.09 -13.57
N ILE N 840 40.14 -71.67 -12.85
CA ILE N 840 41.32 -72.29 -13.48
C ILE N 840 41.05 -73.77 -13.59
N MET N 841 41.22 -74.34 -14.79
CA MET N 841 41.03 -75.78 -14.99
C MET N 841 42.32 -76.48 -15.45
N ASN N 842 42.69 -77.50 -14.69
CA ASN N 842 43.89 -78.32 -14.92
C ASN N 842 43.92 -79.01 -16.28
N GLN N 843 44.62 -78.35 -17.21
CA GLN N 843 44.78 -78.84 -18.57
C GLN N 843 45.06 -80.33 -18.62
N SER N 844 46.10 -80.75 -17.91
CA SER N 844 46.50 -82.15 -17.88
C SER N 844 45.33 -83.13 -17.86
N SER N 845 44.41 -82.93 -16.92
CA SER N 845 43.25 -83.81 -16.82
C SER N 845 42.18 -83.47 -17.84
N ILE N 846 42.32 -82.31 -18.48
CA ILE N 846 41.37 -81.92 -19.49
C ILE N 846 41.70 -82.81 -20.68
N ASP N 847 42.97 -83.20 -20.75
CA ASP N 847 43.51 -84.06 -21.80
C ASP N 847 43.08 -85.50 -21.55
N ARG N 848 43.18 -85.93 -20.30
CA ARG N 848 42.77 -87.30 -19.94
C ARG N 848 41.24 -87.44 -20.17
N GLY N 849 40.70 -86.51 -20.94
CA GLY N 849 39.29 -86.51 -21.28
C GLY N 849 38.30 -85.88 -20.32
N LEU N 850 38.76 -85.12 -19.32
CA LEU N 850 37.81 -84.53 -18.38
C LEU N 850 36.88 -83.46 -18.99
N PHE N 851 35.59 -83.68 -18.86
CA PHE N 851 34.60 -82.74 -19.36
C PHE N 851 34.58 -82.55 -20.86
N ARG N 852 34.87 -83.62 -21.59
CA ARG N 852 34.82 -83.54 -23.04
C ARG N 852 33.40 -83.98 -23.36
N SER N 853 32.86 -83.51 -24.49
CA SER N 853 31.50 -83.84 -24.87
C SER N 853 31.27 -83.91 -26.36
N LEU N 854 30.46 -84.86 -26.80
CA LEU N 854 30.14 -84.97 -28.22
C LEU N 854 29.06 -83.96 -28.55
N PHE N 855 29.05 -83.50 -29.79
CA PHE N 855 28.05 -82.54 -30.24
C PHE N 855 27.44 -83.02 -31.54
N PHE N 856 26.12 -83.12 -31.59
CA PHE N 856 25.49 -83.57 -32.82
C PHE N 856 24.71 -82.44 -33.47
N ARG N 857 24.36 -82.64 -34.74
CA ARG N 857 23.57 -81.67 -35.49
C ARG N 857 22.93 -82.38 -36.66
N SER N 858 21.78 -81.87 -37.11
CA SER N 858 21.08 -82.51 -38.21
C SER N 858 20.44 -81.56 -39.19
N TYR N 859 21.11 -81.30 -40.31
CA TYR N 859 20.54 -80.43 -41.33
C TYR N 859 19.62 -81.37 -42.09
N MET N 860 18.43 -80.90 -42.47
CA MET N 860 17.48 -81.75 -43.20
C MET N 860 16.78 -81.08 -44.38
N ASP N 861 16.47 -81.86 -45.42
CA ASP N 861 15.82 -81.32 -46.61
C ASP N 861 14.82 -82.29 -47.27
N GLN N 862 14.01 -81.75 -48.18
CA GLN N 862 12.99 -82.48 -48.91
C GLN N 862 13.10 -82.17 -50.39
N GLU N 863 12.32 -82.90 -51.19
CA GLU N 863 12.27 -82.67 -52.63
C GLU N 863 10.83 -82.25 -52.95
N LYS N 864 10.58 -80.93 -52.91
CA LYS N 864 9.25 -80.36 -53.18
C LYS N 864 8.76 -80.67 -54.59
N ARG N 865 7.44 -80.77 -54.76
CA ARG N 865 6.84 -81.04 -56.07
C ARG N 865 5.68 -80.06 -56.25
N PHE N 866 4.83 -80.32 -57.24
CA PHE N 866 3.66 -79.49 -57.53
C PHE N 866 2.59 -80.42 -58.12
N GLY N 867 1.31 -80.18 -57.84
CA GLY N 867 0.27 -81.03 -58.41
C GLY N 867 0.54 -81.14 -59.91
N ILE N 868 1.27 -80.14 -60.41
CA ILE N 868 1.67 -80.01 -61.81
C ILE N 868 3.06 -80.62 -61.95
N SER N 869 3.12 -81.95 -62.09
CA SER N 869 4.36 -82.71 -62.21
C SER N 869 5.65 -81.95 -62.60
N ILE N 870 6.23 -81.31 -61.60
CA ILE N 870 7.48 -80.54 -61.74
C ILE N 870 8.21 -80.83 -60.42
N VAL N 871 9.17 -81.76 -60.45
CA VAL N 871 9.89 -82.16 -59.23
C VAL N 871 11.33 -81.63 -59.10
N GLU N 872 11.83 -81.62 -57.87
CA GLU N 872 13.19 -81.16 -57.58
C GLU N 872 14.14 -82.34 -57.70
N GLU N 873 15.42 -82.11 -57.42
CA GLU N 873 16.43 -83.17 -57.54
C GLU N 873 17.52 -83.17 -56.46
N PHE N 874 18.09 -84.35 -56.24
CA PHE N 874 19.15 -84.59 -55.30
C PHE N 874 20.32 -85.12 -56.12
N GLU N 875 21.17 -84.23 -56.59
CA GLU N 875 22.31 -84.68 -57.40
C GLU N 875 23.58 -83.93 -57.04
N LYS N 876 24.57 -84.01 -57.93
CA LYS N 876 25.85 -83.32 -57.71
C LYS N 876 26.06 -82.31 -58.86
N PRO N 877 25.17 -81.31 -58.95
CA PRO N 877 25.15 -80.24 -59.96
C PRO N 877 26.41 -79.38 -60.12
N THR N 878 26.61 -78.91 -61.34
CA THR N 878 27.73 -78.04 -61.74
C THR N 878 27.25 -77.29 -62.99
N ARG N 879 27.98 -76.25 -63.41
CA ARG N 879 27.57 -75.47 -64.59
C ARG N 879 26.11 -75.64 -64.94
N ALA N 880 25.87 -75.88 -66.23
CA ALA N 880 24.53 -76.11 -66.73
C ALA N 880 23.59 -74.88 -66.73
N THR N 881 23.83 -73.97 -67.69
CA THR N 881 23.05 -72.75 -67.95
C THR N 881 22.61 -71.77 -66.84
N THR N 882 22.49 -72.24 -65.60
CA THR N 882 22.01 -71.40 -64.46
C THR N 882 23.02 -70.55 -63.63
N LEU N 883 24.01 -71.21 -63.04
CA LEU N 883 25.03 -70.59 -62.20
C LEU N 883 24.62 -70.63 -60.72
N ARG N 884 23.33 -70.42 -60.44
CA ARG N 884 22.80 -70.44 -59.08
C ARG N 884 23.48 -71.51 -58.24
N LEU N 885 24.65 -71.21 -57.69
CA LEU N 885 25.38 -72.19 -56.87
C LEU N 885 26.04 -71.55 -55.67
N LYS N 886 26.67 -72.37 -54.84
CA LYS N 886 27.33 -71.88 -53.64
C LYS N 886 28.81 -71.62 -53.87
N HIS N 887 29.48 -71.18 -52.80
CA HIS N 887 30.92 -70.87 -52.83
C HIS N 887 31.76 -72.12 -52.53
N GLY N 888 31.42 -72.80 -51.43
CA GLY N 888 32.15 -73.99 -51.00
C GLY N 888 32.35 -75.11 -52.01
N THR N 889 32.70 -76.31 -51.54
CA THR N 889 32.92 -77.45 -52.44
C THR N 889 31.79 -78.45 -52.41
N TYR N 890 31.60 -79.13 -53.53
CA TYR N 890 30.56 -80.14 -53.64
C TYR N 890 31.19 -81.52 -53.78
N GLU N 891 32.51 -81.54 -53.96
CA GLU N 891 33.27 -82.77 -54.13
C GLU N 891 33.10 -83.89 -53.10
N LYS N 892 32.69 -83.54 -51.88
CA LYS N 892 32.50 -84.54 -50.84
C LYS N 892 31.08 -85.07 -50.97
N LEU N 893 30.54 -84.88 -52.16
CA LEU N 893 29.19 -85.34 -52.46
C LEU N 893 29.17 -86.48 -53.47
N ASP N 894 28.81 -87.66 -52.99
CA ASP N 894 28.70 -88.81 -53.86
C ASP N 894 27.60 -88.42 -54.84
N GLU N 895 27.41 -89.18 -55.89
CA GLU N 895 26.40 -88.84 -56.90
C GLU N 895 24.94 -88.85 -56.42
N ASP N 896 24.70 -89.40 -55.23
CA ASP N 896 23.33 -89.45 -54.70
C ASP N 896 22.94 -88.12 -54.07
N GLY N 897 23.84 -87.14 -54.18
CA GLY N 897 23.60 -85.82 -53.64
C GLY N 897 23.82 -85.80 -52.14
N LEU N 898 24.52 -86.83 -51.65
CA LEU N 898 24.78 -86.95 -50.23
C LEU N 898 26.25 -87.21 -49.94
N ILE N 899 26.59 -87.10 -48.66
CA ILE N 899 27.94 -87.35 -48.22
C ILE N 899 27.87 -88.76 -47.66
N ALA N 900 29.01 -89.28 -47.26
CA ALA N 900 29.06 -90.61 -46.66
C ALA N 900 29.26 -90.34 -45.19
N PRO N 901 28.95 -91.31 -44.32
CA PRO N 901 29.17 -91.01 -42.90
C PRO N 901 30.61 -90.92 -42.45
N GLY N 902 31.57 -91.20 -43.34
CA GLY N 902 32.97 -91.12 -42.94
C GLY N 902 33.60 -89.76 -43.13
N VAL N 903 33.15 -89.09 -44.19
CA VAL N 903 33.60 -87.77 -44.59
C VAL N 903 33.84 -86.72 -43.51
N ARG N 904 34.99 -86.06 -43.60
CA ARG N 904 35.31 -85.01 -42.65
C ARG N 904 35.01 -83.67 -43.33
N VAL N 905 33.83 -83.13 -43.05
CA VAL N 905 33.37 -81.84 -43.61
C VAL N 905 33.82 -80.66 -42.74
N SER N 906 33.84 -79.46 -43.32
CA SER N 906 34.26 -78.27 -42.56
C SER N 906 33.71 -76.93 -43.09
N GLY N 907 34.56 -75.90 -43.03
CA GLY N 907 34.20 -74.56 -43.50
C GLY N 907 32.78 -74.25 -43.95
N ASP N 908 32.41 -74.68 -45.15
CA ASP N 908 31.08 -74.45 -45.66
C ASP N 908 30.62 -75.61 -46.52
N ASP N 909 31.59 -76.46 -46.85
CA ASP N 909 31.39 -77.66 -47.67
C ASP N 909 29.92 -78.05 -47.80
N ILE N 910 29.45 -78.11 -49.05
CA ILE N 910 28.07 -78.48 -49.33
C ILE N 910 27.76 -79.85 -48.74
N ILE N 911 26.84 -79.89 -47.78
CA ILE N 911 26.45 -81.16 -47.15
C ILE N 911 25.42 -81.93 -47.96
N ILE N 912 24.60 -81.21 -48.71
CA ILE N 912 23.59 -81.84 -49.53
C ILE N 912 23.51 -81.14 -50.87
N GLY N 913 23.05 -81.87 -51.87
CA GLY N 913 22.92 -81.33 -53.21
C GLY N 913 21.51 -81.50 -53.77
N LYS N 914 20.87 -80.36 -54.02
CA LYS N 914 19.52 -80.34 -54.53
C LYS N 914 19.45 -79.31 -55.64
N THR N 915 18.50 -79.46 -56.55
CA THR N 915 18.35 -78.54 -57.66
C THR N 915 16.89 -78.25 -58.01
N THR N 916 16.69 -77.19 -58.77
CA THR N 916 15.36 -76.78 -59.18
C THR N 916 15.27 -76.49 -60.68
N PRO N 917 14.62 -77.37 -61.43
CA PRO N 917 14.50 -77.14 -62.87
C PRO N 917 13.35 -76.17 -63.12
N ILE N 918 13.67 -75.02 -63.71
CA ILE N 918 12.66 -74.01 -64.02
C ILE N 918 13.02 -73.28 -65.32
N LYS N 934 19.54 -75.05 -64.07
CA LYS N 934 19.88 -75.63 -62.76
C LYS N 934 20.17 -74.62 -61.62
N ARG N 935 19.15 -74.27 -60.85
CA ARG N 935 19.35 -73.36 -59.71
C ARG N 935 19.54 -74.24 -58.46
N ASP N 936 20.57 -73.93 -57.65
CA ASP N 936 20.91 -74.70 -56.44
C ASP N 936 20.05 -74.51 -55.20
N ALA N 937 19.84 -75.62 -54.49
CA ALA N 937 19.07 -75.63 -53.25
C ALA N 937 19.82 -76.55 -52.28
N SER N 938 21.11 -76.70 -52.54
CA SER N 938 22.01 -77.54 -51.74
C SER N 938 22.31 -76.90 -50.36
N THR N 939 22.44 -77.74 -49.32
CA THR N 939 22.69 -77.24 -47.96
C THR N 939 24.15 -77.19 -47.52
N PRO N 940 24.58 -76.04 -46.98
CA PRO N 940 25.96 -75.83 -46.51
C PRO N 940 26.13 -75.89 -44.99
N LEU N 941 27.19 -76.55 -44.57
CA LEU N 941 27.49 -76.68 -43.16
C LEU N 941 27.62 -75.26 -42.61
N ARG N 942 26.91 -74.95 -41.54
CA ARG N 942 26.99 -73.62 -40.94
C ARG N 942 28.41 -73.10 -40.87
N SER N 943 28.62 -71.90 -41.39
CA SER N 943 29.95 -71.28 -41.43
C SER N 943 30.84 -71.36 -40.18
N THR N 944 30.28 -71.32 -38.97
CA THR N 944 31.10 -71.37 -37.76
C THR N 944 31.54 -72.78 -37.38
N GLU N 945 30.78 -73.75 -37.88
CA GLU N 945 30.97 -75.16 -37.58
C GLU N 945 31.96 -75.98 -38.39
N ASN N 946 31.83 -77.30 -38.18
CA ASN N 946 32.61 -78.34 -38.83
C ASN N 946 32.69 -79.58 -37.92
N GLY N 947 33.09 -80.70 -38.52
CA GLY N 947 33.21 -81.95 -37.80
C GLY N 947 33.37 -83.12 -38.75
N ILE N 948 32.47 -84.10 -38.61
CA ILE N 948 32.45 -85.31 -39.44
C ILE N 948 31.00 -85.75 -39.62
N VAL N 949 30.69 -86.33 -40.78
CA VAL N 949 29.32 -86.79 -41.01
C VAL N 949 29.17 -87.99 -40.10
N ASP N 950 27.99 -88.19 -39.53
CA ASP N 950 27.80 -89.30 -38.61
C ASP N 950 26.67 -90.26 -38.99
N GLN N 951 25.82 -89.87 -39.92
CA GLN N 951 24.72 -90.73 -40.32
C GLN N 951 23.78 -90.03 -41.27
N VAL N 952 23.63 -90.60 -42.45
CA VAL N 952 22.78 -90.08 -43.52
C VAL N 952 21.60 -91.03 -43.69
N LEU N 953 20.43 -90.54 -44.10
CA LEU N 953 19.32 -91.45 -44.29
C LEU N 953 18.26 -90.91 -45.25
N LEU N 954 17.86 -91.76 -46.21
CA LEU N 954 16.86 -91.40 -47.21
C LEU N 954 15.51 -91.93 -46.78
N THR N 955 14.42 -91.26 -47.16
CA THR N 955 13.10 -91.72 -46.76
C THR N 955 11.94 -91.10 -47.51
N THR N 956 10.80 -91.78 -47.43
CA THR N 956 9.56 -91.36 -48.06
C THR N 956 8.93 -90.25 -47.22
N ASN N 957 7.95 -89.58 -47.81
CA ASN N 957 7.17 -88.53 -47.17
C ASN N 957 5.73 -89.00 -47.42
N GLN N 958 4.73 -88.46 -46.71
CA GLN N 958 3.36 -88.89 -46.97
C GLN N 958 3.07 -88.73 -48.46
N GLU N 959 3.62 -87.63 -49.02
CA GLU N 959 3.48 -87.26 -50.43
C GLU N 959 4.51 -87.96 -51.34
N GLY N 960 4.98 -89.14 -50.92
CA GLY N 960 5.95 -89.89 -51.70
C GLY N 960 7.17 -89.10 -52.17
N LEU N 961 7.52 -88.05 -51.43
CA LEU N 961 8.65 -87.21 -51.77
C LEU N 961 9.92 -87.78 -51.10
N LYS N 962 11.10 -87.37 -51.59
CA LYS N 962 12.37 -87.84 -51.04
C LYS N 962 12.83 -87.03 -49.82
N PHE N 963 12.72 -87.68 -48.66
CA PHE N 963 13.09 -87.10 -47.38
C PHE N 963 14.50 -87.57 -47.02
N VAL N 964 15.35 -86.63 -46.65
CA VAL N 964 16.73 -86.94 -46.29
C VAL N 964 17.25 -86.02 -45.19
N LYS N 965 17.69 -86.62 -44.09
CA LYS N 965 18.26 -85.88 -42.97
C LYS N 965 19.73 -86.31 -42.85
N VAL N 966 20.59 -85.39 -42.43
CA VAL N 966 22.01 -85.67 -42.26
C VAL N 966 22.43 -85.31 -40.85
N ARG N 967 23.27 -86.14 -40.24
CA ARG N 967 23.72 -85.84 -38.90
C ARG N 967 25.25 -85.74 -38.86
N MET N 968 25.76 -84.67 -38.25
CA MET N 968 27.20 -84.45 -38.12
C MET N 968 27.64 -84.50 -36.67
N ARG N 969 28.78 -85.13 -36.40
CA ARG N 969 29.27 -85.25 -35.04
C ARG N 969 30.52 -84.40 -34.87
N THR N 970 30.90 -84.13 -33.63
CA THR N 970 32.11 -83.34 -33.31
C THR N 970 32.41 -83.56 -31.85
N THR N 971 33.68 -83.67 -31.50
CA THR N 971 33.96 -83.80 -30.09
C THR N 971 34.33 -82.39 -29.69
N LYS N 972 33.75 -81.91 -28.61
CA LYS N 972 34.01 -80.54 -28.14
C LYS N 972 34.84 -80.60 -26.88
N VAL N 973 36.01 -79.97 -26.94
CA VAL N 973 36.90 -79.96 -25.79
C VAL N 973 36.76 -78.71 -24.95
N PRO N 974 36.84 -78.85 -23.61
CA PRO N 974 36.73 -77.68 -22.74
C PRO N 974 37.84 -76.69 -23.15
N GLN N 975 37.51 -75.41 -23.22
CA GLN N 975 38.47 -74.39 -23.65
C GLN N 975 38.51 -73.17 -22.71
N ILE N 976 39.62 -72.44 -22.75
CA ILE N 976 39.80 -71.26 -21.90
C ILE N 976 38.72 -70.18 -22.06
N GLY N 977 37.48 -70.53 -21.74
CA GLY N 977 36.39 -69.57 -21.87
C GLY N 977 35.04 -70.22 -21.61
N ASP N 978 34.95 -71.52 -21.89
CA ASP N 978 33.72 -72.27 -21.68
C ASP N 978 33.20 -72.13 -20.23
N LYS N 979 31.88 -72.12 -20.11
CA LYS N 979 31.21 -71.96 -18.84
C LYS N 979 30.93 -73.27 -18.14
N PHE N 980 31.01 -73.23 -16.80
CA PHE N 980 30.74 -74.37 -15.92
C PHE N 980 30.05 -73.85 -14.68
N ALA N 981 29.73 -74.76 -13.76
CA ALA N 981 29.05 -74.40 -12.51
C ALA N 981 28.72 -75.62 -11.68
N SER N 982 28.58 -75.41 -10.38
CA SER N 982 28.22 -76.51 -9.49
C SER N 982 26.70 -76.51 -9.41
N ARG N 983 26.16 -77.00 -8.30
CA ARG N 983 24.71 -77.05 -8.13
C ARG N 983 24.30 -75.98 -7.13
N HIS N 984 25.08 -74.93 -7.03
CA HIS N 984 24.81 -73.84 -6.09
C HIS N 984 24.84 -72.43 -6.65
N GLY N 985 24.42 -72.25 -7.90
CA GLY N 985 24.47 -70.92 -8.50
C GLY N 985 25.90 -70.38 -8.52
N GLN N 986 26.84 -71.30 -8.36
CA GLN N 986 28.25 -71.01 -8.35
C GLN N 986 28.77 -71.20 -9.78
N LYS N 987 28.23 -70.40 -10.69
CA LYS N 987 28.57 -70.41 -12.10
C LYS N 987 29.85 -69.62 -12.36
N GLY N 988 30.66 -70.07 -13.32
CA GLY N 988 31.89 -69.38 -13.63
C GLY N 988 32.48 -69.88 -14.93
N THR N 989 33.31 -69.08 -15.60
CA THR N 989 33.91 -69.54 -16.86
C THR N 989 35.42 -69.71 -16.69
N ILE N 990 36.03 -70.38 -17.66
CA ILE N 990 37.45 -70.61 -17.63
C ILE N 990 38.25 -69.34 -17.98
N GLY N 991 39.29 -69.07 -17.18
CA GLY N 991 40.12 -67.91 -17.41
C GLY N 991 41.46 -68.31 -18.03
N VAL N 992 41.93 -69.51 -17.69
CA VAL N 992 43.19 -70.03 -18.21
C VAL N 992 43.18 -71.51 -17.89
N THR N 993 44.23 -72.21 -18.30
CA THR N 993 44.38 -73.64 -18.00
C THR N 993 45.86 -73.94 -17.78
N TYR N 994 46.19 -74.43 -16.59
CA TYR N 994 47.56 -74.79 -16.23
C TYR N 994 47.66 -76.31 -16.28
N ARG N 995 48.86 -76.86 -16.12
CA ARG N 995 49.02 -78.32 -16.10
C ARG N 995 49.37 -78.83 -14.70
N HIS N 996 49.82 -80.08 -14.61
CA HIS N 996 50.16 -80.63 -13.30
C HIS N 996 51.31 -79.92 -12.61
N GLU N 997 52.42 -79.71 -13.30
CA GLU N 997 53.54 -79.02 -12.69
C GLU N 997 53.08 -77.67 -12.16
N ASP N 998 52.71 -76.80 -13.08
CA ASP N 998 52.23 -75.45 -12.76
C ASP N 998 51.17 -75.44 -11.64
N MET N 999 50.41 -76.52 -11.56
CA MET N 999 49.35 -76.61 -10.56
C MET N 999 49.86 -76.69 -9.12
N PRO N 1000 49.08 -76.17 -8.17
CA PRO N 1000 49.49 -76.21 -6.76
C PRO N 1000 49.14 -77.64 -6.33
N PHE N 1001 49.82 -78.17 -5.31
CA PHE N 1001 49.52 -79.54 -4.91
C PHE N 1001 49.68 -79.85 -3.45
N SER N 1002 49.26 -81.07 -3.09
CA SER N 1002 49.32 -81.59 -1.72
C SER N 1002 50.23 -82.80 -1.67
N ALA N 1003 50.99 -82.92 -0.58
CA ALA N 1003 51.92 -84.02 -0.39
C ALA N 1003 51.50 -85.34 -1.01
N GLU N 1004 50.25 -85.74 -0.80
CA GLU N 1004 49.72 -86.99 -1.35
C GLU N 1004 50.01 -87.12 -2.84
N GLY N 1005 49.99 -85.97 -3.50
CA GLY N 1005 50.21 -85.94 -4.93
C GLY N 1005 48.97 -85.23 -5.43
N ILE N 1006 47.81 -85.76 -5.03
CA ILE N 1006 46.52 -85.20 -5.43
C ILE N 1006 46.65 -83.73 -5.79
N VAL N 1007 46.10 -83.37 -6.94
CA VAL N 1007 46.14 -82.00 -7.45
C VAL N 1007 44.73 -81.63 -7.93
N PRO N 1008 44.37 -80.34 -7.92
CA PRO N 1008 43.03 -79.95 -8.34
C PRO N 1008 42.77 -80.03 -9.82
N ASP N 1009 41.51 -80.21 -10.16
CA ASP N 1009 41.11 -80.23 -11.56
C ASP N 1009 40.59 -78.83 -11.77
N LEU N 1010 40.08 -78.26 -10.69
CA LEU N 1010 39.52 -76.93 -10.76
C LEU N 1010 39.96 -76.09 -9.59
N ILE N 1011 40.12 -74.80 -9.84
CA ILE N 1011 40.54 -73.84 -8.82
C ILE N 1011 39.59 -72.64 -8.92
N ILE N 1012 38.61 -72.58 -8.03
CA ILE N 1012 37.67 -71.48 -8.03
C ILE N 1012 38.10 -70.53 -6.92
N ASN N 1013 37.72 -69.27 -7.03
CA ASN N 1013 38.16 -68.28 -6.06
C ASN N 1013 37.42 -68.21 -4.72
N PRO N 1014 38.18 -68.13 -3.60
CA PRO N 1014 37.57 -68.06 -2.26
C PRO N 1014 36.56 -66.91 -2.17
N HIS N 1015 36.71 -65.92 -3.06
CA HIS N 1015 35.84 -64.75 -3.11
C HIS N 1015 34.39 -65.04 -3.56
N ALA N 1016 34.16 -66.17 -4.23
CA ALA N 1016 32.81 -66.50 -4.69
C ALA N 1016 32.01 -67.17 -3.58
N ILE N 1017 32.49 -67.07 -2.35
CA ILE N 1017 31.82 -67.70 -1.23
C ILE N 1017 31.14 -66.77 -0.21
N PRO N 1018 31.87 -65.76 0.31
CA PRO N 1018 31.37 -64.79 1.30
C PRO N 1018 30.01 -64.11 1.08
N SER N 1019 29.76 -63.61 -0.12
CA SER N 1019 28.52 -62.92 -0.41
C SER N 1019 27.47 -63.78 -1.12
N ARG N 1020 27.90 -64.87 -1.73
CA ARG N 1020 27.01 -65.81 -2.41
C ARG N 1020 26.25 -66.55 -1.31
N MET N 1021 26.96 -66.72 -0.19
CA MET N 1021 26.47 -67.39 0.98
C MET N 1021 26.19 -68.87 0.80
N THR N 1022 26.14 -69.33 -0.45
CA THR N 1022 25.92 -70.75 -0.69
C THR N 1022 26.97 -71.55 0.08
N VAL N 1023 26.59 -72.04 1.27
CA VAL N 1023 27.51 -72.82 2.11
C VAL N 1023 27.44 -74.31 1.85
N ALA N 1024 26.24 -74.80 1.60
CA ALA N 1024 26.05 -76.22 1.30
C ALA N 1024 27.13 -76.63 0.32
N HIS N 1025 27.50 -75.69 -0.55
CA HIS N 1025 28.54 -75.92 -1.54
C HIS N 1025 29.73 -76.44 -0.73
N LEU N 1026 30.16 -75.64 0.23
CA LEU N 1026 31.28 -75.99 1.12
C LEU N 1026 31.10 -77.36 1.77
N ILE N 1027 29.86 -77.68 2.11
CA ILE N 1027 29.53 -78.93 2.75
C ILE N 1027 29.60 -80.12 1.81
N GLU N 1028 29.00 -79.99 0.63
CA GLU N 1028 29.01 -81.07 -0.37
C GLU N 1028 30.45 -81.52 -0.58
N CYS N 1029 31.37 -80.57 -0.56
CA CYS N 1029 32.77 -80.86 -0.75
C CYS N 1029 33.28 -81.77 0.33
N LEU N 1030 33.12 -81.33 1.59
CA LEU N 1030 33.56 -82.09 2.74
C LEU N 1030 32.96 -83.48 2.65
N LEU N 1031 31.64 -83.56 2.80
CA LEU N 1031 30.95 -84.84 2.69
C LEU N 1031 31.53 -85.70 1.55
N SER N 1032 31.53 -85.14 0.34
CA SER N 1032 32.05 -85.85 -0.83
C SER N 1032 33.52 -86.23 -0.75
N LYS N 1033 34.28 -85.59 0.15
CA LYS N 1033 35.70 -85.92 0.29
C LYS N 1033 35.80 -87.17 1.16
N VAL N 1034 34.73 -87.43 1.90
CA VAL N 1034 34.64 -88.60 2.76
C VAL N 1034 34.12 -89.74 1.88
N GLY N 1035 32.96 -89.52 1.26
CA GLY N 1035 32.34 -90.51 0.37
C GLY N 1035 33.35 -90.96 -0.68
N SER N 1036 34.33 -90.12 -0.91
CA SER N 1036 35.37 -90.41 -1.86
C SER N 1036 36.20 -91.53 -1.24
N ILE N 1037 36.72 -91.25 -0.05
CA ILE N 1037 37.56 -92.19 0.69
C ILE N 1037 36.84 -93.44 1.22
N ARG N 1038 35.58 -93.27 1.62
CA ARG N 1038 34.80 -94.36 2.20
C ARG N 1038 34.04 -95.26 1.24
N GLY N 1039 33.90 -94.86 -0.01
CA GLY N 1039 33.18 -95.69 -0.94
C GLY N 1039 31.68 -95.72 -0.72
N TYR N 1040 31.25 -95.22 0.43
CA TYR N 1040 29.83 -95.17 0.75
C TYR N 1040 29.24 -93.92 0.13
N GLU N 1041 28.01 -94.02 -0.37
CA GLU N 1041 27.39 -92.85 -0.97
C GLU N 1041 27.12 -91.81 0.11
N GLY N 1042 27.48 -90.56 -0.19
CA GLY N 1042 27.27 -89.48 0.76
C GLY N 1042 25.95 -88.82 0.52
N ASP N 1043 25.08 -88.84 1.52
CA ASP N 1043 23.77 -88.25 1.39
C ASP N 1043 23.86 -86.76 1.70
N ALA N 1044 23.26 -85.96 0.84
CA ALA N 1044 23.25 -84.54 1.04
C ALA N 1044 21.80 -84.16 1.20
N THR N 1045 20.89 -85.08 0.86
CA THR N 1045 19.45 -84.85 0.96
C THR N 1045 19.02 -83.83 2.05
N PRO N 1046 18.08 -82.91 1.70
CA PRO N 1046 17.51 -81.84 2.51
C PRO N 1046 17.57 -81.92 4.02
N PHE N 1047 16.40 -81.94 4.63
CA PHE N 1047 16.31 -81.94 6.08
C PHE N 1047 16.47 -83.31 6.73
N THR N 1048 17.73 -83.69 6.92
CA THR N 1048 18.02 -84.96 7.54
C THR N 1048 18.79 -84.75 8.81
N ASP N 1049 19.38 -85.84 9.30
CA ASP N 1049 20.14 -85.80 10.54
C ASP N 1049 21.62 -85.98 10.28
N LEU N 1050 22.20 -85.09 9.46
CA LEU N 1050 23.63 -85.15 9.16
C LEU N 1050 24.21 -83.77 9.44
N THR N 1051 25.34 -83.71 10.13
CA THR N 1051 25.90 -82.40 10.42
C THR N 1051 27.34 -82.21 10.05
N VAL N 1052 27.74 -80.94 10.03
CA VAL N 1052 29.08 -80.53 9.69
C VAL N 1052 30.04 -81.06 10.75
N ASP N 1053 29.57 -81.10 12.00
CA ASP N 1053 30.38 -81.61 13.10
C ASP N 1053 30.60 -83.10 12.94
N ALA N 1054 29.57 -83.78 12.43
CA ALA N 1054 29.66 -85.21 12.22
C ALA N 1054 30.63 -85.59 11.11
N VAL N 1055 30.38 -85.08 9.91
CA VAL N 1055 31.23 -85.37 8.77
C VAL N 1055 32.68 -85.10 9.10
N SER N 1056 32.94 -83.97 9.74
CA SER N 1056 34.30 -83.61 10.11
C SER N 1056 34.97 -84.69 10.94
N ASN N 1057 34.20 -85.40 11.76
CA ASN N 1057 34.79 -86.46 12.58
C ASN N 1057 35.10 -87.65 11.70
N LEU N 1058 34.23 -87.91 10.72
CA LEU N 1058 34.43 -89.02 9.79
C LEU N 1058 35.67 -88.80 8.93
N LEU N 1059 35.97 -87.53 8.64
CA LEU N 1059 37.12 -87.19 7.82
C LEU N 1059 38.43 -87.28 8.61
N ARG N 1060 38.31 -87.23 9.94
CA ARG N 1060 39.50 -87.31 10.79
C ARG N 1060 39.89 -88.77 11.00
N ASP N 1061 38.93 -89.66 10.79
CA ASP N 1061 39.16 -91.08 10.93
C ASP N 1061 39.97 -91.56 9.73
N ASN N 1062 39.79 -90.89 8.60
CA ASN N 1062 40.49 -91.26 7.39
C ASN N 1062 41.92 -90.71 7.28
N GLY N 1063 42.19 -89.59 7.94
CA GLY N 1063 43.55 -89.05 7.89
C GLY N 1063 43.75 -87.57 7.68
N TYR N 1064 42.85 -86.91 6.96
CA TYR N 1064 43.02 -85.48 6.70
C TYR N 1064 42.34 -84.53 7.68
N GLN N 1065 42.82 -83.29 7.72
CA GLN N 1065 42.28 -82.25 8.58
C GLN N 1065 40.79 -82.42 8.74
N SER N 1066 40.29 -82.19 9.95
CA SER N 1066 38.86 -82.32 10.23
C SER N 1066 37.95 -81.31 9.51
N ARG N 1067 38.57 -80.34 8.83
CA ARG N 1067 37.79 -79.31 8.14
C ARG N 1067 37.99 -79.27 6.63
N GLY N 1068 38.82 -80.17 6.12
CA GLY N 1068 39.09 -80.22 4.70
C GLY N 1068 40.48 -79.71 4.36
N PHE N 1069 40.75 -78.46 4.71
CA PHE N 1069 42.03 -77.79 4.48
C PHE N 1069 43.20 -78.76 4.37
N GLU N 1070 44.15 -78.48 3.47
CA GLU N 1070 45.32 -79.33 3.34
C GLU N 1070 46.50 -78.44 3.03
N VAL N 1071 47.69 -78.96 3.28
CA VAL N 1071 48.90 -78.22 2.99
C VAL N 1071 49.14 -78.31 1.52
N MET N 1072 49.68 -77.26 0.95
CA MET N 1072 49.96 -77.28 -0.46
C MET N 1072 51.27 -76.57 -0.81
N TYR N 1073 51.95 -77.10 -1.81
CA TYR N 1073 53.23 -76.56 -2.24
C TYR N 1073 53.06 -75.96 -3.62
N ASN N 1074 53.39 -74.67 -3.71
CA ASN N 1074 53.27 -73.89 -4.94
C ASN N 1074 53.99 -74.50 -6.15
N GLY N 1075 53.19 -75.04 -7.06
CA GLY N 1075 53.70 -75.68 -8.27
C GLY N 1075 54.88 -75.10 -9.03
N HIS N 1076 55.19 -73.83 -8.79
CA HIS N 1076 56.30 -73.19 -9.50
C HIS N 1076 57.61 -73.34 -8.74
N THR N 1077 57.56 -73.14 -7.42
CA THR N 1077 58.76 -73.22 -6.59
C THR N 1077 58.90 -74.41 -5.69
N GLY N 1078 57.81 -75.08 -5.37
CA GLY N 1078 57.89 -76.23 -4.51
C GLY N 1078 57.81 -75.87 -3.04
N LYS N 1079 58.03 -74.59 -2.73
CA LYS N 1079 57.96 -74.12 -1.34
C LYS N 1079 56.50 -74.23 -0.89
N LYS N 1080 56.28 -74.58 0.37
CA LYS N 1080 54.92 -74.71 0.87
C LYS N 1080 54.16 -73.39 0.74
N LEU N 1081 52.84 -73.50 0.83
CA LEU N 1081 52.03 -72.31 0.77
C LEU N 1081 51.85 -71.85 2.19
N MET N 1082 52.15 -70.59 2.44
CA MET N 1082 51.98 -70.03 3.77
C MET N 1082 50.60 -70.35 4.33
N ALA N 1083 49.64 -70.61 3.44
CA ALA N 1083 48.28 -70.92 3.86
C ALA N 1083 47.89 -72.37 3.56
N GLN N 1084 46.67 -72.72 3.94
CA GLN N 1084 46.11 -74.05 3.72
C GLN N 1084 44.92 -73.82 2.81
N VAL N 1085 44.47 -74.88 2.13
CA VAL N 1085 43.36 -74.74 1.19
C VAL N 1085 42.18 -75.69 1.36
N PHE N 1086 40.99 -75.22 0.98
CA PHE N 1086 39.79 -76.05 1.06
C PHE N 1086 39.76 -76.96 -0.16
N PHE N 1087 40.63 -77.96 -0.15
CA PHE N 1087 40.79 -78.92 -1.24
C PHE N 1087 39.83 -80.11 -1.08
N GLY N 1088 38.87 -80.26 -1.99
CA GLY N 1088 37.92 -81.37 -1.90
C GLY N 1088 36.98 -81.59 -3.09
N PRO N 1089 36.78 -82.86 -3.50
CA PRO N 1089 35.91 -83.24 -4.63
C PRO N 1089 34.49 -82.69 -4.58
N THR N 1090 34.13 -81.93 -5.61
CA THR N 1090 32.81 -81.35 -5.70
C THR N 1090 32.26 -81.59 -7.10
N TYR N 1091 30.95 -81.81 -7.17
CA TYR N 1091 30.29 -82.04 -8.45
C TYR N 1091 30.23 -80.74 -9.24
N TYR N 1092 30.48 -80.84 -10.54
CA TYR N 1092 30.44 -79.69 -11.43
C TYR N 1092 29.78 -80.07 -12.75
N GLN N 1093 28.75 -79.32 -13.10
CA GLN N 1093 28.01 -79.51 -14.33
C GLN N 1093 28.64 -78.66 -15.42
N ARG N 1094 28.81 -79.23 -16.61
CA ARG N 1094 29.39 -78.45 -17.68
C ARG N 1094 28.25 -77.87 -18.50
N LEU N 1095 27.81 -76.68 -18.08
CA LEU N 1095 26.72 -75.99 -18.74
C LEU N 1095 27.10 -75.83 -20.17
N ARG N 1096 26.10 -75.76 -21.04
CA ARG N 1096 26.32 -75.55 -22.48
C ARG N 1096 26.76 -74.10 -22.51
N HIS N 1097 26.99 -73.55 -23.70
CA HIS N 1097 27.49 -72.15 -23.80
C HIS N 1097 29.01 -72.16 -23.89
N MET N 1098 29.57 -72.75 -24.93
CA MET N 1098 31.04 -72.72 -25.04
C MET N 1098 31.40 -71.53 -25.92
N VAL N 1099 32.52 -70.90 -25.62
CA VAL N 1099 32.94 -69.73 -26.35
C VAL N 1099 32.74 -69.82 -27.85
N ASP N 1100 33.49 -70.70 -28.51
CA ASP N 1100 33.42 -70.87 -29.97
C ASP N 1100 32.07 -70.95 -30.65
N ASP N 1101 31.00 -70.78 -29.88
CA ASP N 1101 29.67 -70.79 -30.46
C ASP N 1101 29.12 -69.36 -30.39
N LYS N 1102 29.93 -68.46 -29.80
CA LYS N 1102 29.56 -67.07 -29.61
C LYS N 1102 30.50 -66.10 -30.29
N ILE N 1103 31.81 -66.37 -30.20
CA ILE N 1103 32.83 -65.49 -30.81
C ILE N 1103 32.44 -65.06 -32.22
N HIS N 1104 32.25 -63.75 -32.38
CA HIS N 1104 31.82 -63.21 -33.66
C HIS N 1104 32.44 -61.85 -33.97
N ALA N 1105 32.91 -61.69 -35.21
CA ALA N 1105 33.53 -60.43 -35.63
C ALA N 1105 33.19 -60.13 -37.08
N ARG N 1106 32.79 -58.89 -37.37
CA ARG N 1106 32.42 -58.50 -38.72
C ARG N 1106 32.95 -57.13 -39.15
N ALA N 1107 33.20 -57.03 -40.45
CA ALA N 1107 33.67 -55.81 -41.08
C ALA N 1107 33.08 -55.87 -42.48
N ARG N 1108 32.10 -55.00 -42.74
CA ARG N 1108 31.39 -54.92 -44.02
C ARG N 1108 30.96 -56.31 -44.53
N GLY N 1109 29.79 -56.75 -44.09
CA GLY N 1109 29.31 -58.05 -44.51
C GLY N 1109 27.99 -57.89 -45.20
N PRO N 1110 27.17 -58.95 -45.25
CA PRO N 1110 25.85 -58.92 -45.89
C PRO N 1110 25.02 -57.74 -45.41
N VAL N 1111 24.61 -56.91 -46.37
CA VAL N 1111 23.83 -55.74 -46.06
C VAL N 1111 22.35 -56.05 -46.26
N GLN N 1112 21.52 -55.44 -45.42
CA GLN N 1112 20.07 -55.63 -45.49
C GLN N 1112 19.52 -55.04 -46.77
N VAL N 1113 18.27 -55.36 -47.10
CA VAL N 1113 17.70 -54.84 -48.34
C VAL N 1113 16.94 -53.54 -48.22
N LEU N 1114 15.91 -53.54 -47.38
CA LEU N 1114 15.09 -52.35 -47.19
C LEU N 1114 15.91 -51.17 -46.69
N THR N 1115 16.62 -51.41 -45.60
CA THR N 1115 17.44 -50.41 -44.97
C THR N 1115 18.74 -50.15 -45.67
N ARG N 1116 19.48 -51.22 -45.89
CA ARG N 1116 20.80 -51.16 -46.51
C ARG N 1116 21.84 -51.09 -45.39
N GLN N 1117 21.37 -51.29 -44.16
CA GLN N 1117 22.23 -51.31 -43.00
C GLN N 1117 22.75 -52.74 -42.91
N PRO N 1118 23.58 -53.07 -41.92
CA PRO N 1118 24.05 -54.45 -41.88
C PRO N 1118 22.85 -55.34 -41.62
N VAL N 1119 23.09 -56.63 -41.45
CA VAL N 1119 22.01 -57.56 -41.17
C VAL N 1119 22.16 -58.01 -39.71
N GLU N 1120 21.09 -58.55 -39.13
CA GLU N 1120 21.11 -59.00 -37.72
C GLU N 1120 21.72 -60.38 -37.55
N GLY N 1121 22.07 -60.69 -36.29
CA GLY N 1121 22.61 -62.00 -35.93
C GLY N 1121 23.96 -62.52 -36.42
N ARG N 1122 24.74 -63.12 -35.52
CA ARG N 1122 26.05 -63.63 -35.88
C ARG N 1122 25.99 -64.78 -36.88
N SER N 1123 24.87 -65.51 -36.88
CA SER N 1123 24.68 -66.66 -37.77
C SER N 1123 24.62 -66.29 -39.24
N ARG N 1124 24.02 -65.13 -39.52
CA ARG N 1124 23.88 -64.64 -40.87
C ARG N 1124 24.96 -63.60 -41.14
N ASP N 1125 26.03 -63.70 -40.36
CA ASP N 1125 27.20 -62.82 -40.48
C ASP N 1125 26.96 -61.38 -40.05
N GLY N 1126 25.82 -61.15 -39.41
CA GLY N 1126 25.46 -59.81 -38.97
C GLY N 1126 26.50 -58.91 -38.33
N GLY N 1127 26.02 -57.80 -37.81
CA GLY N 1127 26.90 -56.86 -37.18
C GLY N 1127 26.26 -56.37 -35.91
N LEU N 1128 27.07 -56.16 -34.89
CA LEU N 1128 26.56 -55.69 -33.61
C LEU N 1128 25.96 -54.29 -33.78
N ARG N 1129 24.83 -54.08 -33.12
CA ARG N 1129 24.12 -52.81 -33.16
C ARG N 1129 24.81 -51.76 -32.29
N PHE N 1130 24.68 -50.49 -32.67
CA PHE N 1130 25.28 -49.39 -31.92
C PHE N 1130 24.14 -48.60 -31.32
N GLY N 1131 23.05 -49.29 -30.97
CA GLY N 1131 21.88 -48.65 -30.37
C GLY N 1131 22.00 -47.36 -29.59
N GLU N 1132 20.85 -46.77 -29.32
CA GLU N 1132 20.76 -45.51 -28.61
C GLU N 1132 21.78 -45.29 -27.49
N MET N 1133 21.67 -46.07 -26.42
CA MET N 1133 22.55 -45.94 -25.26
C MET N 1133 24.03 -45.79 -25.62
N GLU N 1134 24.47 -46.49 -26.67
CA GLU N 1134 25.86 -46.41 -27.12
C GLU N 1134 26.03 -45.03 -27.74
N ARG N 1135 24.98 -44.54 -28.38
CA ARG N 1135 25.04 -43.22 -28.98
C ARG N 1135 25.35 -42.31 -27.81
N ASP N 1136 24.36 -42.16 -26.95
CA ASP N 1136 24.47 -41.30 -25.78
C ASP N 1136 25.92 -41.16 -25.31
N CYS N 1137 26.48 -42.22 -24.73
CA CYS N 1137 27.87 -42.18 -24.26
C CYS N 1137 28.82 -41.38 -25.14
N MET N 1138 28.97 -41.79 -26.39
CA MET N 1138 29.85 -41.08 -27.29
C MET N 1138 29.55 -39.60 -27.23
N ILE N 1139 28.27 -39.26 -27.19
CA ILE N 1139 27.88 -37.85 -27.15
C ILE N 1139 28.38 -37.21 -25.85
N ALA N 1140 28.40 -38.00 -24.76
CA ALA N 1140 28.86 -37.54 -23.44
C ALA N 1140 30.36 -37.24 -23.51
N HIS N 1141 31.08 -38.09 -24.24
CA HIS N 1141 32.51 -37.97 -24.46
C HIS N 1141 32.86 -36.80 -25.35
N GLY N 1142 31.84 -36.28 -26.00
CA GLY N 1142 32.06 -35.19 -26.92
C GLY N 1142 32.80 -35.75 -28.12
N ALA N 1143 32.63 -37.06 -28.34
CA ALA N 1143 33.28 -37.79 -29.42
C ALA N 1143 32.60 -37.62 -30.76
N ALA N 1144 32.33 -36.36 -31.07
CA ALA N 1144 31.67 -35.93 -32.29
C ALA N 1144 31.92 -36.76 -33.53
N GLY N 1145 33.13 -36.67 -34.04
CA GLY N 1145 33.49 -37.38 -35.26
C GLY N 1145 33.26 -38.89 -35.20
N PHE N 1146 33.87 -39.57 -34.24
CA PHE N 1146 33.72 -41.02 -34.12
C PHE N 1146 32.26 -41.46 -34.21
N LEU N 1147 31.37 -40.77 -33.50
CA LEU N 1147 29.95 -41.12 -33.57
C LEU N 1147 29.46 -40.92 -35.01
N LYS N 1148 29.83 -39.81 -35.61
CA LYS N 1148 29.42 -39.55 -36.98
C LYS N 1148 29.90 -40.72 -37.84
N GLU N 1149 31.03 -41.30 -37.43
CA GLU N 1149 31.61 -42.41 -38.18
C GLU N 1149 30.92 -43.76 -37.97
N LEU N 1151 26.35 -44.27 -36.16
CA LEU N 1151 25.16 -44.09 -37.00
C LEU N 1151 25.34 -43.92 -38.50
N MET N 1152 26.50 -43.49 -38.95
CA MET N 1152 26.67 -43.34 -40.37
C MET N 1152 27.63 -44.35 -40.99
N GLU N 1153 28.92 -44.15 -40.78
CA GLU N 1153 29.92 -45.05 -41.36
C GLU N 1153 29.72 -46.52 -41.05
N ALA N 1154 29.37 -46.84 -39.82
CA ALA N 1154 29.17 -48.24 -39.41
C ALA N 1154 27.73 -48.75 -39.46
N SER N 1155 27.00 -48.37 -40.49
CA SER N 1155 25.63 -48.79 -40.57
C SER N 1155 25.03 -48.20 -41.81
N ASP N 1156 23.96 -47.42 -41.63
CA ASP N 1156 23.24 -46.79 -42.75
C ASP N 1156 24.07 -46.04 -43.77
N ALA N 1157 23.98 -44.71 -43.73
CA ALA N 1157 24.71 -43.88 -44.69
C ALA N 1157 24.02 -44.11 -46.01
N PHE N 1158 24.08 -43.14 -46.90
CA PHE N 1158 23.45 -43.30 -48.20
C PHE N 1158 23.43 -41.94 -48.87
N ARG N 1159 23.56 -41.93 -50.20
CA ARG N 1159 23.56 -40.67 -50.90
C ARG N 1159 22.24 -40.41 -51.59
N VAL N 1160 21.51 -39.43 -51.10
CA VAL N 1160 20.22 -39.10 -51.68
C VAL N 1160 20.38 -37.76 -52.39
N HIS N 1161 19.52 -37.52 -53.38
CA HIS N 1161 19.57 -36.27 -54.10
C HIS N 1161 18.32 -35.44 -53.87
N VAL N 1162 18.52 -34.32 -53.19
CA VAL N 1162 17.44 -33.41 -52.85
C VAL N 1162 17.23 -32.39 -53.94
N CYS N 1163 16.15 -31.62 -53.82
CA CYS N 1163 15.81 -30.55 -54.75
C CYS N 1163 16.10 -29.24 -54.01
N GLY N 1164 16.70 -28.29 -54.70
CA GLY N 1164 16.99 -27.03 -54.05
C GLY N 1164 15.71 -26.26 -53.76
N ILE N 1165 14.63 -26.61 -54.46
CA ILE N 1165 13.35 -25.93 -54.26
C ILE N 1165 12.39 -26.74 -53.40
N CYS N 1166 11.68 -27.73 -53.94
CA CYS N 1166 10.82 -28.51 -53.06
C CYS N 1166 11.78 -29.49 -52.43
N GLY N 1167 12.18 -29.19 -51.18
CA GLY N 1167 13.16 -30.03 -50.49
C GLY N 1167 12.84 -31.50 -50.40
N LEU N 1168 12.81 -32.19 -51.55
CA LEU N 1168 12.48 -33.60 -51.56
C LEU N 1168 13.49 -34.51 -52.21
N MET N 1169 13.25 -35.81 -52.08
CA MET N 1169 14.11 -36.83 -52.64
C MET N 1169 13.55 -37.27 -53.97
N SER N 1170 13.15 -36.28 -54.77
CA SER N 1170 12.54 -36.53 -56.07
C SER N 1170 13.54 -36.76 -57.16
N VAL N 1171 14.40 -35.76 -57.33
CA VAL N 1171 15.46 -35.75 -58.32
C VAL N 1171 15.76 -37.05 -59.06
N ILE N 1172 15.65 -36.96 -60.38
CA ILE N 1172 15.93 -38.09 -61.23
C ILE N 1172 17.38 -37.96 -61.62
N ALA N 1173 18.26 -38.45 -60.76
CA ALA N 1173 19.69 -38.35 -61.02
C ALA N 1173 20.33 -39.49 -61.81
N ASN N 1174 20.35 -39.37 -63.13
CA ASN N 1174 20.97 -40.39 -63.96
C ASN N 1174 22.49 -40.16 -63.91
N LEU N 1175 23.12 -40.69 -62.86
CA LEU N 1175 24.56 -40.54 -62.58
C LEU N 1175 25.58 -40.97 -63.62
N LYS N 1176 25.70 -40.17 -64.67
CA LYS N 1176 26.64 -40.41 -65.74
C LYS N 1176 26.55 -39.18 -66.60
N LYS N 1177 25.52 -39.17 -67.42
CA LYS N 1177 25.28 -38.06 -68.33
C LYS N 1177 24.86 -36.86 -67.48
N ASN N 1178 25.20 -36.92 -66.20
CA ASN N 1178 24.93 -35.87 -65.23
C ASN N 1178 23.47 -35.46 -65.07
N GLN N 1179 22.69 -35.58 -66.15
CA GLN N 1179 21.28 -35.20 -66.12
C GLN N 1179 20.71 -35.38 -64.73
N PHE N 1180 20.22 -34.29 -64.16
CA PHE N 1180 19.66 -34.37 -62.83
C PHE N 1180 18.15 -34.18 -62.74
N GLU N 1181 17.64 -33.05 -63.21
CA GLU N 1181 16.19 -32.83 -63.21
C GLU N 1181 15.39 -33.05 -61.91
N CYS N 1182 14.08 -32.94 -62.10
CA CYS N 1182 13.04 -33.11 -61.10
C CYS N 1182 11.85 -32.36 -61.67
N ARG N 1183 11.32 -32.87 -62.77
CA ARG N 1183 10.15 -32.26 -63.39
C ARG N 1183 9.11 -32.09 -62.26
N SER N 1184 8.04 -31.36 -62.53
CA SER N 1184 7.03 -31.15 -61.50
C SER N 1184 7.49 -29.93 -60.73
N CYS N 1185 8.82 -29.76 -60.72
CA CYS N 1185 9.46 -28.64 -60.08
C CYS N 1185 10.37 -28.14 -61.19
N LYS N 1186 10.35 -28.89 -62.30
CA LYS N 1186 11.14 -28.60 -63.49
C LYS N 1186 12.46 -27.90 -63.18
N ASN N 1187 13.45 -28.70 -62.81
CA ASN N 1187 14.75 -28.19 -62.46
C ASN N 1187 15.78 -29.14 -63.03
N LYS N 1188 17.01 -28.66 -63.21
CA LYS N 1188 18.11 -29.47 -63.74
C LYS N 1188 19.35 -28.71 -63.34
N THR N 1189 19.12 -27.53 -62.76
CA THR N 1189 20.17 -26.62 -62.35
C THR N 1189 20.50 -26.53 -60.84
N ASN N 1190 19.50 -26.32 -59.98
CA ASN N 1190 19.77 -26.23 -58.54
C ASN N 1190 19.48 -27.56 -57.83
N ILE N 1191 20.54 -28.33 -57.61
CA ILE N 1191 20.41 -29.62 -56.98
C ILE N 1191 21.55 -29.91 -56.01
N TYR N 1192 21.21 -30.57 -54.91
CA TYR N 1192 22.20 -30.90 -53.88
C TYR N 1192 22.20 -32.37 -53.59
N GLN N 1193 23.34 -32.84 -53.08
CA GLN N 1193 23.53 -34.23 -52.73
C GLN N 1193 23.74 -34.28 -51.21
N LEU N 1194 23.16 -35.24 -50.53
CA LEU N 1194 23.40 -35.28 -49.09
C LEU N 1194 23.67 -36.67 -48.56
N HIS N 1195 24.26 -36.71 -47.37
CA HIS N 1195 24.59 -37.98 -46.74
C HIS N 1195 23.78 -38.21 -45.45
N ILE N 1196 22.74 -39.04 -45.54
CA ILE N 1196 21.89 -39.37 -44.37
C ILE N 1196 21.68 -40.88 -44.20
N PRO N 1197 21.31 -41.30 -42.98
CA PRO N 1197 21.09 -42.73 -42.72
C PRO N 1197 19.87 -43.21 -43.49
N TYR N 1198 20.06 -44.21 -44.36
CA TYR N 1198 18.95 -44.72 -45.15
C TYR N 1198 17.67 -44.94 -44.34
N ALA N 1199 17.80 -45.37 -43.09
CA ALA N 1199 16.64 -45.55 -42.21
C ALA N 1199 15.85 -44.26 -42.28
N ALA N 1200 16.56 -43.14 -42.25
CA ALA N 1200 15.99 -41.80 -42.32
C ALA N 1200 15.45 -41.49 -43.74
N LYS N 1201 16.23 -41.77 -44.79
CA LYS N 1201 15.72 -41.54 -46.15
C LYS N 1201 14.34 -42.17 -46.11
N LEU N 1202 14.28 -43.39 -45.59
CA LEU N 1202 13.02 -44.12 -45.49
C LEU N 1202 12.01 -43.38 -44.63
N LEU N 1203 12.45 -42.86 -43.48
CA LEU N 1203 11.53 -42.13 -42.60
C LEU N 1203 10.70 -41.17 -43.43
N PHE N 1204 11.39 -40.50 -44.33
CA PHE N 1204 10.79 -39.53 -45.21
C PHE N 1204 9.89 -40.10 -46.28
N GLN N 1205 10.40 -41.03 -47.08
CA GLN N 1205 9.54 -41.62 -48.10
C GLN N 1205 8.25 -42.01 -47.40
N GLU N 1206 8.39 -42.60 -46.22
CA GLU N 1206 7.23 -43.03 -45.44
C GLU N 1206 6.30 -41.87 -45.16
N LEU N 1207 6.81 -40.83 -44.52
CA LEU N 1207 5.99 -39.68 -44.20
C LEU N 1207 5.23 -39.15 -45.41
N MET N 1208 5.91 -39.11 -46.56
CA MET N 1208 5.28 -38.62 -47.76
C MET N 1208 4.07 -39.46 -48.12
N ALA N 1209 4.24 -40.77 -48.26
CA ALA N 1209 3.12 -41.66 -48.60
C ALA N 1209 1.95 -41.58 -47.60
N MET N 1210 2.16 -40.80 -46.55
CA MET N 1210 1.15 -40.55 -45.54
C MET N 1210 0.76 -39.10 -45.70
N ASN N 1211 1.26 -38.53 -46.78
CA ASN N 1211 1.00 -37.16 -47.19
C ASN N 1211 1.66 -36.03 -46.44
N ILE N 1212 2.54 -36.32 -45.50
CA ILE N 1212 3.21 -35.24 -44.80
C ILE N 1212 4.47 -34.96 -45.63
N ALA N 1213 4.91 -33.70 -45.70
CA ALA N 1213 6.09 -33.38 -46.51
C ALA N 1213 7.32 -32.90 -45.76
N PRO N 1214 8.31 -33.79 -45.59
CA PRO N 1214 9.55 -33.45 -44.89
C PRO N 1214 10.49 -32.78 -45.87
N ARG N 1215 10.46 -31.45 -45.93
CA ARG N 1215 11.34 -30.75 -46.84
C ARG N 1215 12.73 -30.68 -46.26
N LEU N 1216 13.72 -30.96 -47.10
CA LEU N 1216 15.10 -30.91 -46.66
C LEU N 1216 15.76 -29.71 -47.31
N TYR N 1217 16.20 -28.76 -46.49
CA TYR N 1217 16.82 -27.55 -46.98
C TYR N 1217 18.24 -27.48 -46.54
N THR N 1218 19.11 -27.10 -47.46
CA THR N 1218 20.53 -26.98 -47.20
C THR N 1218 21.06 -25.64 -46.66
N GLU N 1219 20.17 -24.69 -46.43
CA GLU N 1219 20.58 -23.37 -45.94
C GLU N 1219 19.55 -22.82 -44.99
N ARG N 1220 19.98 -22.27 -43.87
CA ARG N 1220 19.03 -21.70 -42.94
C ARG N 1220 18.59 -20.36 -43.50
N SER N 1221 17.28 -20.10 -43.42
CA SER N 1221 16.74 -18.87 -43.92
C SER N 1221 16.11 -18.12 -42.76
N GLY N 1222 15.64 -18.87 -41.78
CA GLY N 1222 14.98 -18.29 -40.62
C GLY N 1222 15.91 -17.55 -39.64
N VAL N 1223 17.21 -17.81 -39.72
CA VAL N 1223 18.20 -17.15 -38.85
C VAL N 1223 17.87 -17.17 -37.36
N SER N 1224 18.85 -16.74 -36.56
CA SER N 1224 18.76 -16.68 -35.10
C SER N 1224 20.14 -17.10 -34.61
N SER O 2 78.45 -90.83 -1.73
CA SER O 2 79.60 -90.50 -2.61
C SER O 2 79.99 -89.00 -2.66
N LYS O 3 79.12 -88.13 -3.22
CA LYS O 3 79.46 -86.70 -3.33
C LYS O 3 78.46 -85.66 -2.77
N GLU O 4 77.88 -84.84 -3.66
CA GLU O 4 76.95 -83.81 -3.26
C GLU O 4 75.61 -84.27 -2.66
N PRO O 5 74.48 -84.03 -3.35
CA PRO O 5 73.16 -84.45 -2.84
C PRO O 5 73.12 -85.96 -2.60
N LYS O 6 72.28 -86.42 -1.67
CA LYS O 6 72.23 -87.85 -1.41
C LYS O 6 70.87 -88.48 -1.17
N VAL O 7 70.74 -89.70 -1.70
CA VAL O 7 69.50 -90.46 -1.61
C VAL O 7 69.58 -91.48 -0.47
N ASN O 8 68.40 -91.92 -0.02
CA ASN O 8 68.29 -92.91 1.06
C ASN O 8 66.97 -93.65 0.92
N ILE O 9 66.80 -94.34 -0.21
CA ILE O 9 65.60 -95.09 -0.51
C ILE O 9 64.97 -95.78 0.69
N ILE O 10 63.64 -95.69 0.75
CA ILE O 10 62.85 -96.35 1.78
C ILE O 10 62.12 -97.42 0.99
N ASN O 11 61.24 -98.18 1.63
CA ASN O 11 60.50 -99.24 0.93
C ASN O 11 60.21 -98.89 -0.54
N ALA O 12 60.78 -99.66 -1.47
CA ALA O 12 60.61 -99.43 -2.91
C ALA O 12 60.13 -100.69 -3.65
N GLN O 13 59.25 -100.51 -4.64
CA GLN O 13 58.71 -101.61 -5.41
C GLN O 13 58.84 -101.42 -6.92
N ASP O 14 57.89 -101.95 -7.67
CA ASP O 14 57.86 -101.87 -9.14
C ASP O 14 57.03 -100.69 -9.65
N ASP O 15 56.08 -100.26 -8.82
CA ASP O 15 55.19 -99.16 -9.16
C ASP O 15 55.28 -98.05 -8.13
N GLU O 16 56.48 -97.81 -7.62
CA GLU O 16 56.68 -96.78 -6.64
C GLU O 16 58.15 -96.78 -6.27
N VAL O 17 58.60 -95.71 -5.65
CA VAL O 17 59.99 -95.58 -5.23
C VAL O 17 60.09 -94.49 -4.17
N GLU O 18 59.77 -94.85 -2.94
CA GLU O 18 59.86 -93.89 -1.86
C GLU O 18 61.34 -93.72 -1.62
N LEU O 19 61.76 -92.54 -1.16
CA LEU O 19 63.17 -92.30 -0.89
C LEU O 19 63.36 -90.89 -0.33
N MET O 20 64.45 -90.68 0.37
CA MET O 20 64.70 -89.36 0.92
C MET O 20 65.86 -88.70 0.19
N LEU O 21 65.61 -87.51 -0.32
CA LEU O 21 66.60 -86.76 -1.05
C LEU O 21 67.12 -85.62 -0.15
N SER O 22 68.35 -85.74 0.32
CA SER O 22 68.91 -84.71 1.19
C SER O 22 70.08 -83.99 0.59
N ASP O 23 70.42 -82.86 1.21
CA ASP O 23 71.51 -82.03 0.74
C ASP O 23 71.28 -81.53 -0.70
N VAL O 24 70.20 -80.78 -0.87
CA VAL O 24 69.81 -80.18 -2.13
C VAL O 24 68.92 -78.99 -1.77
N ASN O 25 68.85 -78.00 -2.67
CA ASN O 25 68.01 -76.84 -2.43
C ASN O 25 66.60 -77.23 -2.89
N LEU O 26 65.58 -76.85 -2.13
CA LEU O 26 64.22 -77.17 -2.52
C LEU O 26 64.09 -76.80 -3.97
N SER O 27 64.44 -75.56 -4.28
CA SER O 27 64.37 -75.06 -5.63
C SER O 27 64.69 -76.18 -6.63
N LEU O 28 65.83 -76.86 -6.41
CA LEU O 28 66.30 -77.94 -7.29
C LEU O 28 65.51 -79.25 -7.14
N ALA O 29 65.01 -79.52 -5.95
CA ALA O 29 64.22 -80.73 -5.76
C ALA O 29 63.02 -80.57 -6.67
N ASN O 30 62.27 -79.51 -6.42
CA ASN O 30 61.05 -79.16 -7.16
C ASN O 30 61.24 -79.22 -8.67
N SER O 31 62.32 -78.62 -9.15
CA SER O 31 62.61 -78.63 -10.57
C SER O 31 62.54 -80.06 -11.08
N LEU O 32 63.27 -80.97 -10.42
CA LEU O 32 63.28 -82.38 -10.80
C LEU O 32 61.86 -82.92 -10.67
N ARG O 33 61.18 -82.46 -9.63
CA ARG O 33 59.81 -82.87 -9.39
C ARG O 33 59.06 -82.83 -10.71
N ARG O 34 58.77 -81.62 -11.15
CA ARG O 34 58.01 -81.40 -12.38
C ARG O 34 58.56 -82.03 -13.65
N THR O 35 59.89 -82.08 -13.78
CA THR O 35 60.52 -82.66 -14.96
C THR O 35 60.02 -84.09 -15.23
N MET O 36 59.79 -84.84 -14.16
CA MET O 36 59.32 -86.22 -14.28
C MET O 36 57.87 -86.14 -14.73
N LEU O 37 57.13 -85.32 -14.00
CA LEU O 37 55.73 -85.11 -14.28
C LEU O 37 55.47 -84.76 -15.74
N ALA O 38 56.33 -83.93 -16.33
CA ALA O 38 56.10 -83.48 -17.71
C ALA O 38 57.04 -83.71 -18.91
N GLU O 39 58.36 -83.76 -18.71
CA GLU O 39 59.20 -83.86 -19.89
C GLU O 39 60.06 -85.11 -20.19
N VAL O 40 59.58 -86.30 -19.82
CA VAL O 40 60.36 -87.50 -20.15
C VAL O 40 59.78 -88.11 -21.41
N PRO O 41 60.63 -88.36 -22.41
CA PRO O 41 60.16 -88.95 -23.67
C PRO O 41 59.45 -90.29 -23.39
N THR O 42 58.34 -90.58 -24.07
CA THR O 42 57.60 -91.82 -23.88
C THR O 42 57.20 -92.36 -25.25
N LEU O 43 56.07 -93.04 -25.31
CA LEU O 43 55.54 -93.56 -26.56
C LEU O 43 54.05 -93.87 -26.41
N ALA O 44 53.24 -93.16 -27.20
CA ALA O 44 51.81 -93.32 -27.16
C ALA O 44 51.29 -93.32 -28.59
N ILE O 45 50.09 -93.90 -28.76
CA ILE O 45 49.45 -93.93 -30.06
C ILE O 45 49.12 -92.46 -30.35
N ASP O 46 49.27 -92.03 -31.61
CA ASP O 46 49.03 -90.63 -31.95
C ASP O 46 48.12 -90.46 -33.15
N LEU O 47 48.21 -91.41 -34.07
CA LEU O 47 47.42 -91.38 -35.28
C LEU O 47 46.59 -92.66 -35.36
N VAL O 48 45.28 -92.53 -35.57
CA VAL O 48 44.42 -93.69 -35.67
C VAL O 48 43.61 -93.70 -36.96
N GLU O 49 43.83 -94.72 -37.78
CA GLU O 49 43.15 -94.85 -39.07
C GLU O 49 41.99 -95.85 -39.10
N ILE O 50 40.88 -95.49 -38.49
CA ILE O 50 39.71 -96.36 -38.43
C ILE O 50 39.17 -96.75 -39.81
N LYS O 51 38.92 -98.04 -40.00
CA LYS O 51 38.36 -98.55 -41.26
C LYS O 51 36.89 -98.90 -41.14
N MET O 52 36.56 -99.65 -40.09
CA MET O 52 35.18 -100.02 -39.85
C MET O 52 34.97 -99.94 -38.36
N ASN O 53 33.77 -99.58 -37.94
CA ASN O 53 33.47 -99.41 -36.53
C ASN O 53 31.97 -99.36 -36.21
N THR O 54 31.42 -100.50 -35.76
CA THR O 54 30.00 -100.57 -35.42
C THR O 54 29.81 -100.44 -33.89
N SER O 55 30.85 -100.06 -33.16
CA SER O 55 30.73 -99.92 -31.72
C SER O 55 29.82 -98.77 -31.39
N VAL O 56 29.25 -98.80 -30.19
CA VAL O 56 28.36 -97.72 -29.78
C VAL O 56 29.18 -96.47 -29.49
N LEU O 57 30.50 -96.63 -29.32
CA LEU O 57 31.37 -95.47 -29.09
C LEU O 57 31.70 -94.84 -30.44
N ALA O 58 31.93 -93.54 -30.45
CA ALA O 58 32.26 -92.89 -31.71
C ALA O 58 33.74 -93.06 -32.04
N ASP O 59 34.10 -92.71 -33.25
CA ASP O 59 35.47 -92.81 -33.73
C ASP O 59 36.48 -92.18 -32.75
N GLU O 60 36.47 -90.85 -32.69
CA GLU O 60 37.39 -90.07 -31.85
C GLU O 60 37.31 -90.33 -30.36
N PHE O 61 36.30 -91.07 -29.93
CA PHE O 61 36.11 -91.40 -28.52
C PHE O 61 37.07 -92.54 -28.23
N ILE O 62 37.10 -93.50 -29.17
CA ILE O 62 37.98 -94.64 -29.07
C ILE O 62 39.40 -94.12 -29.29
N SER O 63 39.54 -93.26 -30.29
CA SER O 63 40.80 -92.64 -30.66
C SER O 63 41.48 -92.09 -29.41
N HIS O 64 40.68 -91.41 -28.59
CA HIS O 64 41.15 -90.83 -27.34
C HIS O 64 41.70 -91.96 -26.51
N ARG O 65 40.81 -92.89 -26.22
CA ARG O 65 41.10 -94.08 -25.43
C ARG O 65 42.50 -94.60 -25.75
N LEU O 66 42.74 -94.98 -27.00
CA LEU O 66 44.04 -95.51 -27.37
C LEU O 66 45.21 -94.54 -27.14
N GLY O 67 44.93 -93.26 -27.18
CA GLY O 67 45.98 -92.29 -26.98
C GLY O 67 46.52 -92.51 -25.57
N LEU O 68 45.60 -92.90 -24.68
CA LEU O 68 45.95 -93.12 -23.28
C LEU O 68 46.53 -94.49 -22.98
N ILE O 69 46.17 -95.49 -23.76
CA ILE O 69 46.71 -96.83 -23.51
C ILE O 69 48.23 -96.74 -23.44
N PRO O 70 48.82 -97.18 -22.33
CA PRO O 70 50.26 -97.19 -22.05
C PRO O 70 51.03 -98.19 -22.90
N LEU O 71 52.01 -97.69 -23.65
CA LEU O 71 52.81 -98.54 -24.51
C LEU O 71 54.20 -98.68 -23.92
N VAL O 72 54.98 -99.62 -24.42
CA VAL O 72 56.32 -99.78 -23.88
C VAL O 72 57.14 -98.56 -24.25
N SER O 73 58.12 -98.24 -23.43
CA SER O 73 58.96 -97.09 -23.70
C SER O 73 60.34 -97.30 -23.08
N GLU O 74 60.86 -98.52 -23.16
CA GLU O 74 62.14 -98.83 -22.58
C GLU O 74 63.24 -98.14 -23.39
N ASP O 75 63.44 -98.63 -24.60
CA ASP O 75 64.45 -98.07 -25.46
C ASP O 75 63.82 -96.95 -26.28
N VAL O 76 62.95 -96.21 -25.63
CA VAL O 76 62.27 -95.10 -26.27
C VAL O 76 63.30 -94.07 -26.74
N GLU O 77 64.41 -93.99 -26.03
CA GLU O 77 65.47 -93.04 -26.37
C GLU O 77 66.22 -93.33 -27.66
N GLU O 78 66.18 -94.58 -28.14
CA GLU O 78 66.87 -94.88 -29.40
C GLU O 78 65.93 -94.85 -30.60
N MET O 79 64.93 -93.99 -30.51
CA MET O 79 63.93 -93.76 -31.56
C MET O 79 63.93 -92.24 -31.81
N LYS O 80 63.43 -91.81 -32.96
CA LYS O 80 63.42 -90.38 -33.22
C LYS O 80 62.05 -89.76 -33.34
N TYR O 81 61.98 -88.46 -33.04
CA TYR O 81 60.74 -87.73 -33.13
C TYR O 81 60.37 -87.61 -34.61
N SER O 82 59.15 -88.01 -34.97
CA SER O 82 58.71 -87.94 -36.36
C SER O 82 59.10 -86.61 -36.98
N ARG O 83 59.22 -85.57 -36.16
CA ARG O 83 59.59 -84.26 -36.66
C ARG O 83 61.02 -84.16 -37.16
N ASP O 84 61.92 -85.00 -36.64
CA ASP O 84 63.30 -84.94 -37.06
C ASP O 84 63.65 -85.99 -38.11
N CYS O 85 62.87 -87.06 -38.15
CA CYS O 85 63.11 -88.13 -39.13
C CYS O 85 62.88 -87.66 -40.56
N THR O 86 63.83 -87.93 -41.44
CA THR O 86 63.72 -87.49 -42.83
C THR O 86 62.72 -88.25 -43.70
N CYS O 87 61.71 -88.85 -43.09
CA CYS O 87 60.74 -89.59 -43.87
C CYS O 87 59.42 -88.86 -43.94
N GLU O 88 58.88 -88.74 -45.15
CA GLU O 88 57.61 -88.08 -45.33
C GLU O 88 56.58 -88.88 -44.50
N ASP O 89 56.02 -88.26 -43.47
CA ASP O 89 55.01 -88.87 -42.57
C ASP O 89 55.51 -89.76 -41.41
N TYR O 90 55.88 -91.02 -41.68
CA TYR O 90 56.37 -91.93 -40.62
C TYR O 90 57.13 -93.15 -41.13
N CYS O 91 57.68 -93.93 -40.21
CA CYS O 91 58.40 -95.15 -40.58
C CYS O 91 58.89 -95.94 -39.36
N ASP O 92 59.49 -97.11 -39.63
CA ASP O 92 60.01 -98.00 -38.58
C ASP O 92 61.04 -97.26 -37.72
N GLU O 93 61.83 -96.40 -38.35
CA GLU O 93 62.86 -95.65 -37.65
C GLU O 93 62.35 -94.58 -36.70
N CYS O 94 61.04 -94.34 -36.67
CA CYS O 94 60.50 -93.34 -35.75
C CYS O 94 59.07 -93.61 -35.24
N SER O 95 58.48 -94.73 -35.68
CA SER O 95 57.14 -95.08 -35.24
C SER O 95 56.86 -96.58 -35.07
N VAL O 96 55.76 -96.85 -34.38
CA VAL O 96 55.32 -98.21 -34.12
C VAL O 96 53.87 -98.30 -34.59
N VAL O 97 53.63 -99.18 -35.55
CA VAL O 97 52.29 -99.34 -36.09
C VAL O 97 51.59 -100.50 -35.39
N LEU O 98 50.29 -100.38 -35.19
CA LEU O 98 49.51 -101.43 -34.52
C LEU O 98 48.20 -101.76 -35.23
N GLU O 99 47.72 -102.98 -35.03
CA GLU O 99 46.49 -103.45 -35.62
C GLU O 99 45.47 -103.76 -34.54
N LEU O 100 44.20 -103.76 -34.91
CA LEU O 100 43.15 -104.10 -33.97
C LEU O 100 41.92 -104.48 -34.74
N SER O 101 41.49 -105.73 -34.55
CA SER O 101 40.32 -106.26 -35.22
C SER O 101 39.43 -106.85 -34.14
N ALA O 102 38.15 -106.52 -34.18
CA ALA O 102 37.22 -107.03 -33.17
C ALA O 102 35.85 -107.30 -33.76
N ARG O 103 35.56 -108.59 -33.97
CA ARG O 103 34.28 -109.01 -34.53
C ARG O 103 33.44 -109.56 -33.38
N HIS O 104 32.19 -109.15 -33.32
CA HIS O 104 31.32 -109.65 -32.28
C HIS O 104 30.88 -111.04 -32.72
N GLU O 105 31.32 -112.06 -32.00
CA GLU O 105 30.94 -113.44 -32.35
C GLU O 105 30.25 -114.07 -31.16
N GLY O 106 30.95 -114.09 -30.03
CA GLY O 106 30.42 -114.65 -28.80
C GLY O 106 29.11 -113.93 -28.47
N GLU O 107 28.00 -114.51 -28.93
CA GLU O 107 26.68 -113.95 -28.73
C GLU O 107 26.42 -113.46 -27.29
N THR O 110 28.23 -109.89 -25.36
CA THR O 110 29.29 -108.95 -24.97
C THR O 110 30.73 -109.45 -25.14
N THR O 111 31.36 -109.03 -26.24
CA THR O 111 32.75 -109.40 -26.52
C THR O 111 33.54 -108.12 -26.21
N ASP O 112 34.63 -108.26 -25.44
CA ASP O 112 35.44 -107.11 -25.03
C ASP O 112 36.73 -106.87 -25.83
N VAL O 113 37.13 -105.60 -25.90
CA VAL O 113 38.32 -105.19 -26.62
C VAL O 113 39.40 -104.68 -25.66
N TYR O 114 40.32 -105.54 -25.22
CA TYR O 114 41.38 -105.13 -24.30
C TYR O 114 42.63 -104.70 -25.04
N SER O 115 43.41 -103.82 -24.43
CA SER O 115 44.63 -103.35 -25.07
C SER O 115 45.54 -104.51 -25.47
N SER O 116 45.29 -105.69 -24.91
CA SER O 116 46.10 -106.87 -25.22
C SER O 116 45.92 -107.22 -26.71
N SER O 117 44.75 -106.93 -27.25
CA SER O 117 44.38 -107.24 -28.63
C SER O 117 45.07 -106.47 -29.75
N LEU O 118 46.16 -105.80 -29.39
CA LEU O 118 46.93 -105.02 -30.35
C LEU O 118 48.13 -105.74 -30.93
N ILE O 119 48.22 -105.67 -32.26
CA ILE O 119 49.33 -106.26 -33.01
C ILE O 119 50.42 -105.18 -33.19
N LYS O 120 51.60 -105.60 -33.61
CA LYS O 120 52.70 -104.64 -33.79
C LYS O 120 53.26 -104.79 -35.21
N VAL O 121 52.41 -104.54 -36.19
CA VAL O 121 52.70 -104.66 -37.61
C VAL O 121 54.03 -104.11 -38.15
N SER O 122 54.60 -103.07 -37.54
CA SER O 122 55.86 -102.55 -38.05
C SER O 122 57.04 -103.24 -37.39
N GLY O 123 58.23 -103.04 -37.97
CA GLY O 123 59.44 -103.68 -37.48
C GLY O 123 60.01 -103.03 -36.23
N PRO O 124 59.92 -103.73 -35.10
CA PRO O 124 60.43 -103.19 -33.84
C PRO O 124 61.93 -102.96 -33.87
N GLY O 125 62.61 -103.50 -34.88
CA GLY O 125 64.06 -103.37 -35.03
C GLY O 125 64.80 -103.93 -33.81
N ASN O 126 64.14 -104.84 -33.10
CA ASN O 126 64.72 -105.46 -31.93
C ASN O 126 65.03 -104.51 -30.78
N LEU O 127 64.02 -103.82 -30.28
CA LEU O 127 64.19 -102.89 -29.16
C LEU O 127 62.92 -102.79 -28.34
N ASN O 128 63.07 -102.88 -27.01
CA ASN O 128 61.94 -102.83 -26.09
C ASN O 128 61.14 -101.58 -26.34
N VAL O 129 59.94 -101.76 -26.88
CA VAL O 129 59.06 -100.65 -27.18
C VAL O 129 57.79 -101.10 -27.88
N GLY O 130 56.77 -100.27 -27.83
CA GLY O 130 55.52 -100.58 -28.50
C GLY O 130 54.68 -101.72 -27.97
N GLU O 131 54.79 -102.03 -26.69
CA GLU O 131 54.01 -103.12 -26.16
C GLU O 131 52.96 -102.67 -25.18
N PRO O 132 51.72 -103.12 -25.39
CA PRO O 132 50.53 -102.82 -24.58
C PRO O 132 50.72 -103.10 -23.08
N VAL O 133 51.54 -102.31 -22.39
CA VAL O 133 51.78 -102.51 -20.96
C VAL O 133 50.54 -103.04 -20.20
N ARG O 134 50.63 -104.32 -19.83
CA ARG O 134 49.58 -105.01 -19.10
C ARG O 134 50.07 -105.36 -17.68
N ARG O 135 49.29 -104.94 -16.66
CA ARG O 135 49.60 -105.20 -15.26
C ARG O 135 48.39 -105.85 -14.62
N ASP O 136 47.37 -106.01 -15.45
CA ASP O 136 46.11 -106.62 -15.08
C ASP O 136 46.36 -108.05 -14.57
N ASP O 137 45.59 -108.51 -13.60
CA ASP O 137 45.77 -109.85 -13.04
C ASP O 137 45.61 -110.97 -14.06
N TYR O 138 44.54 -110.94 -14.85
CA TYR O 138 44.27 -111.98 -15.86
C TYR O 138 45.24 -111.94 -17.04
N ASP O 139 45.34 -110.79 -17.70
CA ASP O 139 46.24 -110.68 -18.83
C ASP O 139 45.69 -109.94 -20.02
N GLN O 140 44.95 -108.85 -19.75
CA GLN O 140 44.35 -108.05 -20.81
C GLN O 140 44.11 -106.59 -20.36
N GLY O 141 45.05 -106.06 -19.56
CA GLY O 141 44.95 -104.71 -19.05
C GLY O 141 44.29 -103.65 -19.92
N ILE O 142 43.48 -102.81 -19.30
CA ILE O 142 42.80 -101.72 -19.99
C ILE O 142 41.73 -102.17 -20.99
N LEU O 143 40.49 -102.22 -20.53
CA LEU O 143 39.37 -102.59 -21.40
C LEU O 143 39.12 -101.42 -22.34
N LEU O 144 39.45 -101.57 -23.62
CA LEU O 144 39.21 -100.49 -24.56
C LEU O 144 37.72 -100.29 -24.65
N CYS O 145 37.01 -101.31 -25.08
CA CYS O 145 35.56 -101.20 -25.16
C CYS O 145 34.86 -102.51 -25.47
N LYS O 146 33.54 -102.49 -25.24
CA LYS O 146 32.68 -103.66 -25.44
C LYS O 146 31.84 -103.52 -26.70
N LEU O 147 31.37 -104.65 -27.21
CA LEU O 147 30.54 -104.65 -28.42
C LEU O 147 29.63 -105.86 -28.45
N ARG O 148 28.46 -105.72 -29.06
CA ARG O 148 27.45 -106.79 -29.11
C ARG O 148 27.57 -107.92 -30.14
N ASN O 149 26.45 -108.21 -30.79
CA ASN O 149 26.32 -109.29 -31.76
C ASN O 149 27.26 -109.24 -32.97
N HIS O 150 26.87 -108.51 -34.01
CA HIS O 150 27.67 -108.43 -35.22
C HIS O 150 28.42 -107.14 -35.47
N GLN O 151 28.66 -106.39 -34.41
CA GLN O 151 29.36 -105.13 -34.53
C GLN O 151 30.87 -105.38 -34.72
N GLU O 152 31.43 -104.83 -35.79
CA GLU O 152 32.85 -105.01 -36.08
C GLU O 152 33.65 -103.78 -35.59
N LEU O 153 34.94 -103.76 -35.90
CA LEU O 153 35.81 -102.64 -35.56
C LEU O 153 37.25 -102.90 -35.97
N ASN O 154 37.72 -102.17 -37.00
CA ASN O 154 39.08 -102.29 -37.53
C ASN O 154 39.84 -100.96 -37.41
N ILE O 155 41.01 -100.98 -36.78
CA ILE O 155 41.78 -99.76 -36.61
C ILE O 155 43.12 -99.89 -37.28
N ARG O 156 44.07 -99.16 -36.73
CA ARG O 156 45.44 -99.13 -37.20
C ARG O 156 46.06 -97.95 -36.50
N CYS O 157 46.87 -98.22 -35.49
CA CYS O 157 47.49 -97.16 -34.73
C CYS O 157 48.93 -96.90 -35.10
N ILE O 158 49.38 -95.67 -34.86
CA ILE O 158 50.75 -95.24 -35.11
C ILE O 158 51.21 -94.52 -33.85
N ALA O 159 52.24 -95.04 -33.19
CA ALA O 159 52.69 -94.42 -31.94
C ALA O 159 53.89 -93.54 -32.25
N LYS O 160 54.16 -92.57 -31.39
CA LYS O 160 55.29 -91.67 -31.61
C LYS O 160 55.89 -91.24 -30.27
N LYS O 161 57.07 -90.60 -30.33
CA LYS O 161 57.75 -90.18 -29.12
C LYS O 161 56.93 -89.21 -28.29
N GLY O 162 57.31 -87.93 -28.26
CA GLY O 162 56.55 -86.93 -27.50
C GLY O 162 56.62 -86.91 -25.96
N ILE O 163 56.14 -85.81 -25.36
CA ILE O 163 56.18 -85.67 -23.91
C ILE O 163 54.91 -85.11 -23.28
N ALA O 164 54.87 -85.07 -21.96
CA ALA O 164 53.71 -84.58 -21.21
C ALA O 164 53.36 -83.13 -21.54
N LYS O 165 54.34 -82.34 -21.97
CA LYS O 165 54.03 -80.98 -22.33
C LYS O 165 53.04 -81.10 -23.49
N GLU O 166 53.50 -81.70 -24.59
CA GLU O 166 52.68 -81.90 -25.81
C GLU O 166 51.34 -82.52 -25.46
N HIS O 167 51.34 -83.46 -24.52
CA HIS O 167 50.10 -84.09 -24.09
C HIS O 167 50.31 -84.95 -22.87
N ALA O 168 49.25 -85.02 -22.08
CA ALA O 168 49.25 -85.81 -20.88
C ALA O 168 49.41 -87.29 -21.26
N LYS O 169 48.89 -87.67 -22.42
CA LYS O 169 49.01 -89.07 -22.82
C LYS O 169 50.47 -89.53 -22.85
N TRP O 170 51.40 -88.63 -22.53
CA TRP O 170 52.82 -89.00 -22.52
C TRP O 170 53.44 -89.20 -21.16
N SER O 171 53.63 -88.11 -20.40
CA SER O 171 54.23 -88.23 -19.07
C SER O 171 53.96 -89.59 -18.41
N PRO O 172 55.03 -90.31 -18.01
CA PRO O 172 54.95 -91.61 -17.37
C PRO O 172 54.80 -91.54 -15.86
N CYS O 173 54.86 -90.32 -15.34
CA CYS O 173 54.76 -90.05 -13.91
C CYS O 173 53.45 -90.50 -13.27
N SER O 174 52.44 -89.64 -13.29
CA SER O 174 51.12 -89.93 -12.71
C SER O 174 51.10 -89.95 -11.17
N ALA O 175 51.05 -88.74 -10.59
CA ALA O 175 51.03 -88.51 -9.13
C ALA O 175 52.41 -88.63 -8.54
N ILE O 176 52.79 -87.68 -7.70
CA ILE O 176 54.10 -87.74 -7.08
C ILE O 176 54.08 -87.04 -5.74
N ALA O 177 54.44 -87.78 -4.68
CA ALA O 177 54.44 -87.24 -3.32
C ALA O 177 55.65 -86.36 -3.06
N PHE O 178 55.45 -85.32 -2.25
CA PHE O 178 56.50 -84.36 -1.97
C PHE O 178 56.18 -83.69 -0.64
N GLU O 179 57.12 -83.72 0.31
CA GLU O 179 56.92 -83.06 1.62
C GLU O 179 58.28 -82.71 2.18
N TYR O 180 58.31 -81.83 3.17
CA TYR O 180 59.58 -81.44 3.75
C TYR O 180 59.41 -80.66 5.05
N ASP O 181 60.19 -81.03 6.07
CA ASP O 181 60.11 -80.36 7.36
C ASP O 181 58.73 -80.52 7.98
N PRO O 182 58.23 -81.77 8.09
CA PRO O 182 56.91 -82.08 8.66
C PRO O 182 56.56 -81.28 9.91
N HIS O 183 57.57 -81.02 10.73
CA HIS O 183 57.40 -80.21 11.94
C HIS O 183 57.70 -78.83 11.41
N ASN O 184 56.68 -77.98 11.32
CA ASN O 184 56.91 -76.64 10.78
C ASN O 184 57.98 -75.88 11.59
N LYS O 185 59.25 -76.07 11.25
CA LYS O 185 60.35 -75.40 11.94
C LYS O 185 60.79 -74.19 11.14
N LEU O 186 60.72 -74.33 9.82
CA LEU O 186 61.09 -73.29 8.87
C LEU O 186 59.99 -72.23 8.80
N LYS O 187 58.83 -72.58 9.33
CA LYS O 187 57.66 -71.72 9.37
C LYS O 187 57.23 -71.22 8.00
N HIS O 188 57.25 -72.14 7.05
CA HIS O 188 56.84 -71.87 5.67
C HIS O 188 55.32 -72.04 5.63
N THR O 189 54.67 -71.96 6.79
CA THR O 189 53.22 -72.10 6.86
C THR O 189 52.68 -71.54 8.14
N ASP O 190 51.41 -71.16 8.10
CA ASP O 190 50.75 -70.61 9.26
C ASP O 190 49.50 -71.47 9.41
N PHE O 191 49.56 -72.43 10.32
CA PHE O 191 48.44 -73.34 10.53
C PHE O 191 47.12 -72.66 10.92
N TRP O 192 46.05 -73.13 10.30
CA TRP O 192 44.71 -72.64 10.56
C TRP O 192 44.33 -73.45 11.80
N PHE O 193 43.40 -72.95 12.60
CA PHE O 193 42.97 -73.68 13.79
C PHE O 193 41.82 -72.97 14.50
N GLU O 194 41.13 -73.69 15.39
CA GLU O 194 40.04 -73.06 16.16
C GLU O 194 40.56 -72.78 17.58
N VAL O 195 41.36 -73.72 18.11
CA VAL O 195 41.97 -73.60 19.45
C VAL O 195 43.43 -74.10 19.44
N ASP O 196 43.62 -75.36 19.04
CA ASP O 196 44.97 -75.92 19.00
C ASP O 196 45.33 -76.41 17.60
N ALA O 197 46.36 -75.80 17.02
CA ALA O 197 46.79 -76.21 15.69
C ALA O 197 47.23 -77.65 15.74
N LYS O 198 48.25 -77.91 16.57
CA LYS O 198 48.86 -79.22 16.77
C LYS O 198 47.91 -80.42 16.92
N LYS O 199 46.85 -80.27 17.70
CA LYS O 199 45.90 -81.36 17.91
C LYS O 199 44.93 -81.55 16.74
N GLU O 200 44.51 -80.43 16.15
CA GLU O 200 43.56 -80.42 15.04
C GLU O 200 44.14 -80.75 13.67
N TRP O 201 45.46 -80.61 13.54
CA TRP O 201 46.19 -80.88 12.28
C TRP O 201 46.98 -82.19 12.28
N PRO O 202 46.57 -83.18 11.46
CA PRO O 202 47.24 -84.47 11.39
C PRO O 202 48.76 -84.41 11.30
N ASP O 203 49.41 -85.21 12.14
CA ASP O 203 50.87 -85.31 12.21
C ASP O 203 51.23 -86.22 11.00
N SER O 204 52.29 -85.92 10.26
CA SER O 204 52.61 -86.76 9.09
C SER O 204 53.49 -87.96 9.39
N LYS O 205 53.28 -89.05 8.65
CA LYS O 205 54.08 -90.25 8.86
C LYS O 205 55.56 -89.93 8.64
N TYR O 206 55.83 -88.76 8.06
CA TYR O 206 57.20 -88.34 7.80
C TYR O 206 57.92 -87.70 8.99
N ALA O 207 57.19 -87.42 10.08
CA ALA O 207 57.78 -86.78 11.25
C ALA O 207 58.81 -87.61 12.03
N THR O 208 58.89 -88.91 11.72
CA THR O 208 59.79 -89.81 12.42
C THR O 208 61.24 -89.92 11.94
N TRP O 209 61.58 -89.25 10.83
CA TRP O 209 62.95 -89.32 10.33
C TRP O 209 63.64 -87.98 10.51
N GLU O 210 63.07 -87.16 11.38
CA GLU O 210 63.58 -85.84 11.67
C GLU O 210 63.26 -85.66 13.14
N GLU O 211 64.04 -84.86 13.86
CA GLU O 211 63.80 -84.68 15.29
C GLU O 211 62.68 -83.71 15.62
N PRO O 212 61.94 -83.97 16.72
CA PRO O 212 60.83 -83.10 17.13
C PRO O 212 61.29 -81.66 17.36
N PRO O 213 60.34 -80.74 17.61
CA PRO O 213 60.62 -79.31 17.85
C PRO O 213 61.50 -78.95 19.06
N LYS O 214 61.01 -79.27 20.26
CA LYS O 214 61.70 -78.96 21.52
C LYS O 214 61.46 -77.50 21.90
N PRO O 215 60.50 -77.31 22.81
CA PRO O 215 60.09 -75.98 23.29
C PRO O 215 61.17 -74.96 23.68
N GLY O 216 62.03 -75.34 24.62
CA GLY O 216 63.07 -74.44 25.10
C GLY O 216 63.90 -73.68 24.06
N GLU O 217 63.92 -74.18 22.83
CA GLU O 217 64.68 -73.56 21.74
C GLU O 217 63.96 -72.37 21.12
N VAL O 218 64.69 -71.26 20.88
CA VAL O 218 64.09 -70.08 20.25
C VAL O 218 63.89 -70.43 18.78
N PHE O 219 63.32 -69.52 18.00
CA PHE O 219 63.11 -69.79 16.58
C PHE O 219 64.41 -69.73 15.77
N ASP O 220 64.81 -70.85 15.18
CA ASP O 220 66.02 -70.90 14.35
C ASP O 220 65.67 -70.19 13.05
N TYR O 221 66.55 -69.30 12.60
CA TYR O 221 66.26 -68.58 11.38
C TYR O 221 67.19 -68.97 10.24
N LYS O 222 68.49 -68.99 10.51
CA LYS O 222 69.49 -69.31 9.49
C LYS O 222 69.33 -70.68 8.82
N ALA O 223 68.34 -71.46 9.25
CA ALA O 223 68.11 -72.80 8.70
C ALA O 223 67.36 -72.78 7.37
N LYS O 224 67.76 -73.65 6.43
CA LYS O 224 67.11 -73.71 5.11
C LYS O 224 66.49 -75.06 4.79
N PRO O 225 65.60 -75.07 3.80
CA PRO O 225 64.89 -76.28 3.37
C PRO O 225 65.81 -77.36 2.80
N ASN O 226 66.18 -78.29 3.67
CA ASN O 226 67.06 -79.38 3.31
C ASN O 226 66.32 -80.70 3.55
N ARG O 227 66.48 -81.66 2.65
CA ARG O 227 65.83 -82.98 2.79
C ARG O 227 64.36 -83.01 2.36
N PHE O 228 64.02 -83.91 1.44
CA PHE O 228 62.64 -84.02 0.98
C PHE O 228 62.12 -85.46 0.80
N TYR O 229 61.04 -85.77 1.51
CA TYR O 229 60.47 -87.10 1.46
C TYR O 229 59.48 -87.19 0.30
N MET O 230 59.84 -88.02 -0.67
CA MET O 230 59.04 -88.20 -1.86
C MET O 230 58.49 -89.60 -2.08
N THR O 231 58.04 -89.84 -3.31
CA THR O 231 57.49 -91.11 -3.72
C THR O 231 57.12 -90.95 -5.17
N VAL O 232 57.76 -91.76 -6.01
CA VAL O 232 57.57 -91.71 -7.44
C VAL O 232 56.80 -92.91 -8.02
N GLU O 233 55.49 -92.73 -8.20
CA GLU O 233 54.60 -93.76 -8.77
C GLU O 233 54.80 -93.82 -10.28
N THR O 234 54.59 -94.98 -10.87
CA THR O 234 54.70 -95.09 -12.32
C THR O 234 53.46 -95.77 -12.90
N THR O 235 53.20 -95.48 -14.17
CA THR O 235 52.03 -96.05 -14.84
C THR O 235 52.42 -97.25 -15.69
N GLY O 236 53.73 -97.42 -15.88
CA GLY O 236 54.22 -98.53 -16.65
C GLY O 236 55.33 -98.08 -17.56
N SER O 237 55.01 -97.92 -18.86
CA SER O 237 55.96 -97.50 -19.91
C SER O 237 57.42 -97.53 -19.46
N LEU O 238 57.74 -96.73 -18.46
CA LEU O 238 59.09 -96.71 -17.94
C LEU O 238 59.12 -97.17 -16.47
N LYS O 239 60.12 -98.00 -16.11
CA LYS O 239 60.32 -98.54 -14.76
C LYS O 239 60.46 -97.43 -13.72
N ALA O 240 59.66 -97.50 -12.67
CA ALA O 240 59.70 -96.50 -11.60
C ALA O 240 61.11 -95.92 -11.36
N ASN O 241 62.14 -96.75 -11.46
CA ASN O 241 63.50 -96.30 -11.23
C ASN O 241 63.95 -95.31 -12.29
N GLN O 242 63.71 -95.66 -13.54
CA GLN O 242 64.07 -94.82 -14.68
C GLN O 242 63.31 -93.49 -14.70
N VAL O 243 62.02 -93.57 -14.37
CA VAL O 243 61.16 -92.40 -14.33
C VAL O 243 61.75 -91.38 -13.35
N PHE O 244 62.86 -91.74 -12.75
CA PHE O 244 63.53 -90.87 -11.80
C PHE O 244 64.89 -90.55 -12.37
N SER O 245 65.55 -91.57 -12.90
CA SER O 245 66.87 -91.40 -13.49
C SER O 245 66.73 -90.46 -14.67
N ARG O 246 66.03 -90.94 -15.69
CA ARG O 246 65.80 -90.18 -16.91
C ARG O 246 65.37 -88.75 -16.59
N GLY O 247 64.52 -88.60 -15.58
CA GLY O 247 64.10 -87.27 -15.19
C GLY O 247 65.36 -86.51 -14.83
N ILE O 248 66.05 -86.98 -13.79
CA ILE O 248 67.30 -86.37 -13.32
C ILE O 248 68.19 -86.00 -14.50
N LYS O 249 68.15 -86.81 -15.55
CA LYS O 249 68.98 -86.57 -16.72
C LYS O 249 68.44 -85.54 -17.72
N THR O 250 67.17 -85.64 -18.09
CA THR O 250 66.65 -84.66 -19.05
C THR O 250 66.86 -83.25 -18.54
N LEU O 251 66.52 -83.02 -17.26
CA LEU O 251 66.72 -81.71 -16.64
C LEU O 251 68.16 -81.27 -16.91
N GLN O 252 69.06 -82.23 -16.82
CA GLN O 252 70.46 -81.98 -17.03
C GLN O 252 70.73 -81.58 -18.49
N GLU O 253 70.20 -82.36 -19.45
CA GLU O 253 70.39 -82.09 -20.88
C GLU O 253 69.98 -80.66 -21.21
N LYS O 254 68.91 -80.20 -20.56
CA LYS O 254 68.41 -78.86 -20.76
C LYS O 254 69.44 -77.89 -20.21
N LEU O 255 69.81 -78.07 -18.95
CA LEU O 255 70.82 -77.20 -18.33
C LEU O 255 72.06 -77.15 -19.23
N ALA O 256 72.22 -78.18 -20.06
CA ALA O 256 73.35 -78.31 -20.96
C ALA O 256 73.31 -77.31 -22.10
N ASN O 257 72.25 -77.39 -22.90
CA ASN O 257 72.06 -76.50 -24.05
C ASN O 257 72.06 -75.04 -23.62
N VAL O 258 71.58 -74.77 -22.42
CA VAL O 258 71.57 -73.40 -21.95
C VAL O 258 73.04 -72.95 -21.91
N LEU O 259 73.92 -73.92 -21.75
CA LEU O 259 75.35 -73.64 -21.70
C LEU O 259 75.90 -73.80 -23.10
N PHE O 260 75.28 -74.72 -23.85
CA PHE O 260 75.68 -74.97 -25.24
C PHE O 260 75.24 -73.79 -26.08
N GLU O 261 73.93 -73.55 -26.14
CA GLU O 261 73.38 -72.43 -26.90
C GLU O 261 74.28 -71.23 -26.60
N LEU O 262 74.72 -71.14 -25.35
CA LEU O 262 75.59 -70.05 -24.94
C LEU O 262 76.80 -69.98 -25.87
N GLU O 263 77.57 -71.06 -25.91
CA GLU O 263 78.78 -71.14 -26.74
C GLU O 263 78.58 -70.71 -28.20
N ASN O 264 77.49 -71.16 -28.82
CA ASN O 264 77.18 -70.88 -30.22
C ASN O 264 77.02 -69.39 -30.46
N SER O 265 77.11 -68.62 -29.38
CA SER O 265 76.92 -67.17 -29.46
C SER O 265 78.15 -66.35 -29.11
N ARG O 266 79.29 -67.02 -28.91
CA ARG O 266 80.52 -66.31 -28.57
C ARG O 266 81.41 -66.04 -29.77
N PRO O 267 81.46 -66.99 -30.70
CA PRO O 267 82.28 -66.91 -31.92
C PRO O 267 82.06 -65.62 -32.70
N ALA O 268 80.78 -65.35 -32.97
CA ALA O 268 80.32 -64.19 -33.71
C ALA O 268 80.45 -62.91 -32.90
N SER P 4 29.78 -24.01 -59.11
CA SER P 4 28.69 -23.06 -59.47
C SER P 4 29.17 -21.61 -59.39
N THR P 5 28.68 -20.89 -58.39
CA THR P 5 28.99 -19.48 -58.11
C THR P 5 27.69 -18.73 -57.82
N SER P 6 27.38 -18.54 -56.53
CA SER P 6 26.15 -17.86 -56.13
C SER P 6 26.38 -16.40 -55.72
N THR P 7 25.38 -15.55 -55.92
CA THR P 7 25.47 -14.13 -55.62
C THR P 7 25.21 -13.78 -54.17
N VAL P 8 25.27 -12.49 -53.87
CA VAL P 8 25.06 -11.99 -52.52
C VAL P 8 23.59 -11.85 -52.12
N GLY P 9 22.72 -12.69 -52.70
CA GLY P 9 21.29 -12.66 -52.40
C GLY P 9 20.76 -14.05 -52.00
N ALA P 10 21.18 -14.52 -50.82
CA ALA P 10 20.80 -15.84 -50.30
C ALA P 10 19.41 -15.92 -49.66
N ARG P 11 18.40 -16.15 -50.50
CA ARG P 11 17.03 -16.28 -50.02
C ARG P 11 16.83 -17.76 -49.73
N ARG P 12 15.86 -18.06 -48.87
CA ARG P 12 15.56 -19.45 -48.49
C ARG P 12 14.36 -20.04 -49.27
N ARG P 13 14.63 -20.57 -50.47
CA ARG P 13 13.60 -21.16 -51.33
C ARG P 13 12.95 -22.39 -50.67
N ARG P 14 12.07 -22.13 -49.70
CA ARG P 14 11.38 -23.19 -48.95
C ARG P 14 10.23 -23.84 -49.73
N ALA P 15 10.54 -24.98 -50.37
CA ALA P 15 9.59 -25.78 -51.14
C ALA P 15 8.84 -25.11 -52.28
N VAL P 19 8.17 -21.52 -57.47
CA VAL P 19 7.47 -21.38 -58.75
C VAL P 19 6.86 -19.98 -58.90
N ASP P 20 7.68 -18.95 -58.79
CA ASP P 20 7.20 -17.56 -58.90
C ASP P 20 8.22 -16.61 -59.56
N ASP P 21 8.63 -16.93 -60.78
CA ASP P 21 9.57 -16.11 -61.55
C ASP P 21 8.93 -15.61 -62.85
N GLU P 22 8.14 -14.52 -62.73
CA GLU P 22 7.45 -13.91 -63.88
C GLU P 22 8.38 -13.72 -65.07
N GLU P 23 7.82 -13.36 -66.22
CA GLU P 23 8.63 -13.17 -67.43
C GLU P 23 9.60 -12.01 -67.27
N ASN P 24 10.62 -11.98 -68.14
CA ASN P 24 11.63 -10.93 -68.14
C ASN P 24 11.29 -9.96 -69.27
N ALA P 25 11.04 -8.68 -68.96
CA ALA P 25 10.71 -7.72 -70.01
C ALA P 25 11.37 -6.37 -69.76
N THR P 26 11.41 -5.54 -70.81
CA THR P 26 11.98 -4.21 -70.70
C THR P 26 10.91 -3.36 -70.00
N LEU P 27 10.16 -4.03 -69.12
CA LEU P 27 9.12 -3.42 -68.30
C LEU P 27 9.89 -3.12 -67.02
N LEU P 28 11.21 -3.17 -67.12
CA LEU P 28 12.13 -2.95 -66.01
C LEU P 28 11.96 -4.04 -64.96
N ARG P 29 11.58 -5.24 -65.40
CA ARG P 29 11.41 -6.37 -64.51
C ARG P 29 12.52 -7.37 -64.78
N LEU P 30 13.73 -6.99 -64.42
CA LEU P 30 14.89 -7.84 -64.62
C LEU P 30 14.86 -8.98 -63.61
N GLY P 31 15.60 -10.05 -63.87
CA GLY P 31 15.63 -11.19 -62.96
C GLY P 31 15.73 -10.75 -61.51
N PRO P 32 15.35 -11.60 -60.57
CA PRO P 32 15.43 -11.23 -59.16
C PRO P 32 16.88 -11.00 -58.76
N GLU P 33 17.79 -11.46 -59.60
CA GLU P 33 19.22 -11.32 -59.33
C GLU P 33 19.75 -9.94 -59.73
N PHE P 34 18.88 -9.12 -60.33
CA PHE P 34 19.25 -7.77 -60.76
C PHE P 34 18.19 -6.73 -60.39
N ALA P 35 17.83 -6.69 -59.12
CA ALA P 35 16.83 -5.73 -58.65
C ALA P 35 17.55 -4.42 -58.42
N LEU P 36 16.82 -3.33 -58.59
CA LEU P 36 17.38 -2.00 -58.39
C LEU P 36 18.17 -1.95 -57.08
N LYS P 37 17.89 -2.91 -56.20
CA LYS P 37 18.57 -3.00 -54.90
C LYS P 37 19.30 -4.34 -54.74
N GLN P 38 20.58 -4.41 -55.10
CA GLN P 38 21.33 -5.64 -54.92
C GLN P 38 22.20 -5.42 -53.67
N TYR P 39 22.82 -6.48 -53.14
CA TYR P 39 23.64 -6.34 -51.93
C TYR P 39 25.17 -6.47 -52.06
N ASP P 40 25.86 -5.44 -51.59
CA ASP P 40 27.32 -5.31 -51.61
C ASP P 40 28.07 -6.40 -50.84
N HIS P 41 29.26 -6.73 -51.30
CA HIS P 41 30.10 -7.77 -50.69
C HIS P 41 30.44 -7.52 -49.21
N ASP P 42 30.53 -6.25 -48.81
CA ASP P 42 30.82 -5.89 -47.42
C ASP P 42 29.58 -5.92 -46.54
N GLY P 43 28.44 -6.30 -47.12
CA GLY P 43 27.21 -6.32 -46.35
C GLY P 43 26.65 -4.91 -46.27
N ASN P 44 26.41 -4.32 -47.43
CA ASN P 44 25.86 -2.98 -47.54
C ASN P 44 24.83 -3.01 -48.66
N GLU P 45 24.05 -1.94 -48.78
CA GLU P 45 23.06 -1.86 -49.84
C GLU P 45 23.67 -1.01 -50.94
N HIS P 46 23.53 -1.46 -52.18
CA HIS P 46 24.10 -0.73 -53.30
C HIS P 46 23.24 -0.81 -54.57
N ASP P 47 23.10 0.33 -55.25
CA ASP P 47 22.32 0.42 -56.49
C ASP P 47 22.94 -0.48 -57.53
N LEU P 48 22.09 -1.06 -58.38
CA LEU P 48 22.55 -1.96 -59.43
C LEU P 48 23.72 -1.32 -60.14
N ILE P 49 24.29 -2.01 -61.12
CA ILE P 49 25.41 -1.44 -61.85
C ILE P 49 25.25 -1.49 -63.36
N ALA P 50 24.65 -0.41 -63.87
CA ALA P 50 24.41 -0.21 -65.27
C ALA P 50 25.76 -0.04 -65.97
N LEU P 51 25.94 -0.71 -67.09
CA LEU P 51 27.20 -0.61 -67.81
C LEU P 51 27.00 -0.51 -69.30
N SER P 52 26.74 0.69 -69.81
CA SER P 52 26.55 0.85 -71.25
C SER P 52 27.85 0.48 -71.93
N LEU P 53 27.76 0.15 -73.22
CA LEU P 53 28.94 -0.23 -74.00
C LEU P 53 30.02 0.83 -73.81
N SER P 54 31.17 0.65 -74.45
CA SER P 54 32.27 1.60 -74.32
C SER P 54 32.65 1.82 -72.85
N GLU P 55 31.69 2.20 -72.03
CA GLU P 55 31.95 2.39 -70.60
C GLU P 55 32.36 1.01 -70.10
N SER P 56 31.79 -0.02 -70.75
CA SER P 56 32.10 -1.40 -70.42
C SER P 56 33.50 -1.65 -70.93
N ARG P 57 33.74 -1.22 -72.18
CA ARG P 57 35.03 -1.38 -72.84
C ARG P 57 36.19 -0.86 -72.00
N LEU P 58 35.91 0.03 -71.07
CA LEU P 58 36.97 0.59 -70.23
C LEU P 58 37.21 -0.25 -68.98
N LEU P 59 36.15 -0.54 -68.23
CA LEU P 59 36.27 -1.35 -67.02
C LEU P 59 37.10 -2.56 -67.39
N ILE P 60 36.78 -3.14 -68.54
CA ILE P 60 37.50 -4.30 -69.05
C ILE P 60 38.98 -3.98 -69.31
N ARG P 61 39.25 -3.08 -70.26
CA ARG P 61 40.61 -2.72 -70.58
C ARG P 61 41.44 -2.40 -69.33
N GLU P 62 40.82 -1.77 -68.33
CA GLU P 62 41.51 -1.39 -67.10
C GLU P 62 41.96 -2.56 -66.23
N ALA P 63 41.07 -3.55 -66.06
CA ALA P 63 41.37 -4.72 -65.24
C ALA P 63 42.36 -5.65 -65.94
N LEU P 64 42.20 -5.83 -67.25
CA LEU P 64 43.11 -6.66 -68.00
C LEU P 64 44.50 -6.06 -67.92
N LYS P 65 44.57 -4.78 -67.57
CA LYS P 65 45.84 -4.09 -67.46
C LYS P 65 46.47 -4.13 -66.07
N ALA P 66 45.76 -3.66 -65.03
CA ALA P 66 46.37 -3.71 -63.69
C ALA P 66 46.56 -5.18 -63.35
N ARG P 67 46.13 -6.05 -64.28
CA ARG P 67 46.28 -7.49 -64.15
C ARG P 67 47.60 -7.87 -64.77
N SER P 68 47.81 -7.48 -66.04
CA SER P 68 49.08 -7.80 -66.67
C SER P 68 50.18 -6.97 -66.01
N ARG P 69 49.85 -6.36 -64.87
CA ARG P 69 50.80 -5.53 -64.12
C ARG P 69 51.38 -6.34 -62.96
N ALA P 70 50.50 -6.86 -62.10
CA ALA P 70 50.92 -7.66 -60.97
C ALA P 70 51.28 -9.05 -61.46
N ARG P 71 50.97 -9.31 -62.73
CA ARG P 71 51.28 -10.60 -63.32
C ARG P 71 52.76 -10.59 -63.67
N ASN P 72 53.37 -9.42 -63.49
CA ASN P 72 54.80 -9.25 -63.73
C ASN P 72 55.40 -8.57 -62.51
N GLY P 73 54.97 -9.07 -61.36
CA GLY P 73 55.44 -8.64 -60.03
C GLY P 73 55.80 -9.95 -59.35
N ASN P 81 43.14 0.23 -84.82
CA ASN P 81 44.46 0.27 -84.20
C ASN P 81 44.40 -0.32 -82.80
N GLY P 82 43.24 -0.24 -82.17
CA GLY P 82 43.07 -0.80 -80.84
C GLY P 82 42.67 -2.26 -80.97
N GLU P 83 42.18 -2.62 -82.14
CA GLU P 83 41.78 -4.01 -82.42
C GLU P 83 43.00 -4.88 -82.15
N ILE P 84 44.18 -4.32 -82.34
CA ILE P 84 45.43 -5.02 -82.13
C ILE P 84 45.92 -4.83 -80.70
N ASP P 85 45.97 -3.56 -80.26
CA ASP P 85 46.44 -3.21 -78.93
C ASP P 85 45.56 -3.76 -77.82
N ASP P 86 44.62 -4.63 -78.19
CA ASP P 86 43.74 -5.27 -77.23
C ASP P 86 43.77 -6.78 -77.47
N ASP P 87 44.12 -7.19 -78.68
CA ASP P 87 44.21 -8.62 -78.98
C ASP P 87 45.46 -9.16 -78.30
N GLU P 88 46.44 -8.28 -78.10
CA GLU P 88 47.68 -8.65 -77.44
C GLU P 88 47.52 -8.77 -75.91
N LEU P 89 47.08 -7.69 -75.27
CA LEU P 89 46.87 -7.72 -73.82
C LEU P 89 46.02 -8.92 -73.42
N ALA P 90 45.39 -9.54 -74.42
CA ALA P 90 44.56 -10.71 -74.15
C ALA P 90 45.40 -11.97 -74.01
N LYS P 91 45.96 -12.45 -75.12
CA LYS P 91 46.77 -13.67 -75.10
C LYS P 91 47.97 -13.57 -74.15
N VAL P 92 47.68 -13.19 -72.90
CA VAL P 92 48.68 -13.06 -71.85
C VAL P 92 47.97 -13.12 -70.50
N THR P 93 46.92 -12.32 -70.36
CA THR P 93 46.14 -12.25 -69.12
C THR P 93 44.77 -12.94 -69.20
N SER P 94 44.46 -13.50 -70.37
CA SER P 94 43.18 -14.18 -70.60
C SER P 94 43.38 -15.68 -70.60
N GLY P 95 42.35 -16.40 -70.17
CA GLY P 95 42.41 -17.86 -70.15
C GLY P 95 42.95 -18.43 -71.44
N ALA P 96 43.06 -17.59 -72.47
CA ALA P 96 43.57 -18.02 -73.76
C ALA P 96 42.49 -18.68 -74.62
N ASN P 99 39.27 -18.32 -73.60
CA ASN P 99 38.14 -17.49 -73.24
C ASN P 99 37.70 -16.68 -74.46
N GLY P 100 37.49 -17.35 -75.59
CA GLY P 100 37.08 -16.69 -76.81
C GLY P 100 36.01 -15.63 -76.54
N VAL P 101 35.09 -15.94 -75.64
CA VAL P 101 34.00 -15.04 -75.31
C VAL P 101 34.45 -13.59 -75.11
N VAL P 102 35.58 -13.38 -74.45
CA VAL P 102 36.04 -12.02 -74.23
C VAL P 102 36.42 -11.34 -75.52
N LYS P 103 37.30 -11.98 -76.31
CA LYS P 103 37.73 -11.42 -77.60
C LYS P 103 36.52 -10.82 -78.29
N LYS P 104 35.47 -11.61 -78.38
CA LYS P 104 34.23 -11.18 -79.01
C LYS P 104 33.63 -10.00 -78.25
N THR P 105 33.52 -10.13 -76.94
CA THR P 105 32.97 -9.06 -76.14
C THR P 105 33.87 -7.82 -76.16
N LEU P 106 35.09 -7.98 -76.67
CA LEU P 106 36.00 -6.84 -76.73
C LEU P 106 35.97 -6.21 -78.12
N ASP P 107 35.95 -7.05 -79.16
CA ASP P 107 35.87 -6.52 -80.50
C ASP P 107 34.55 -5.78 -80.52
N TYR P 108 33.46 -6.53 -80.40
CA TYR P 108 32.14 -5.92 -80.40
C TYR P 108 32.09 -4.68 -79.51
N LEU P 109 32.58 -4.81 -78.28
CA LEU P 109 32.53 -3.67 -77.36
C LEU P 109 33.48 -2.57 -77.79
N ASN P 110 34.24 -2.81 -78.86
CA ASN P 110 35.17 -1.81 -79.32
C ASN P 110 34.80 -1.34 -80.73
N THR P 111 33.92 -2.07 -81.39
CA THR P 111 33.47 -1.68 -82.73
C THR P 111 32.13 -1.00 -82.60
N PHE P 112 31.66 -0.88 -81.36
CA PHE P 112 30.38 -0.24 -81.10
C PHE P 112 30.47 0.76 -79.97
N ALA P 113 31.59 0.73 -79.26
CA ALA P 113 31.78 1.67 -78.16
C ALA P 113 31.55 3.05 -78.75
N ARG P 114 30.83 3.90 -78.00
CA ARG P 114 30.52 5.23 -78.50
C ARG P 114 31.46 6.34 -78.00
N PHE P 115 32.59 5.97 -77.41
CA PHE P 115 33.53 6.97 -76.88
C PHE P 115 35.02 6.56 -76.93
N LYS P 116 35.87 7.29 -76.18
CA LYS P 116 37.32 6.99 -76.11
C LYS P 116 38.01 7.42 -74.81
N ASP P 117 37.72 8.62 -74.32
CA ASP P 117 38.39 9.10 -73.11
C ASP P 117 37.61 8.83 -71.83
N GLU P 118 38.34 8.42 -70.78
CA GLU P 118 37.75 8.13 -69.49
C GLU P 118 36.97 9.34 -68.98
N GLU P 119 37.16 10.49 -69.63
CA GLU P 119 36.46 11.71 -69.24
C GLU P 119 35.20 11.82 -70.06
N THR P 120 35.38 11.68 -71.37
CA THR P 120 34.26 11.73 -72.28
C THR P 120 33.20 10.73 -71.77
N CYS P 121 33.67 9.66 -71.10
CA CYS P 121 32.79 8.63 -70.52
C CYS P 121 32.32 9.10 -69.14
N THR P 122 33.20 9.79 -68.42
CA THR P 122 32.81 10.30 -67.13
C THR P 122 31.67 11.25 -67.38
N ALA P 123 31.87 12.16 -68.34
CA ALA P 123 30.89 13.17 -68.71
C ALA P 123 29.50 12.60 -68.91
N VAL P 124 29.39 11.61 -69.81
CA VAL P 124 28.11 11.00 -70.09
C VAL P 124 27.41 10.59 -68.80
N ASP P 125 28.17 9.98 -67.89
CA ASP P 125 27.63 9.53 -66.61
C ASP P 125 27.36 10.66 -65.63
N GLN P 126 28.29 11.62 -65.53
CA GLN P 126 28.13 12.77 -64.62
C GLN P 126 26.84 13.50 -64.98
N LEU P 127 26.36 13.19 -66.19
CA LEU P 127 25.16 13.78 -66.77
C LEU P 127 23.92 12.93 -66.56
N LEU P 128 23.76 11.96 -67.45
CA LEU P 128 22.62 11.04 -67.46
C LEU P 128 22.09 10.68 -66.06
N HIS P 129 22.99 10.36 -65.14
CA HIS P 129 22.57 9.97 -63.78
C HIS P 129 21.78 11.00 -62.98
N LEU P 137 16.52 7.92 -63.33
CA LEU P 137 16.18 6.78 -64.16
C LEU P 137 16.77 5.51 -63.56
N HIS P 138 16.13 4.37 -63.84
CA HIS P 138 16.56 3.07 -63.30
C HIS P 138 17.70 2.44 -64.13
N PRO P 139 18.92 2.40 -63.55
CA PRO P 139 20.18 1.88 -64.08
C PRO P 139 20.23 1.35 -65.50
N PHE P 140 19.30 0.46 -65.84
CA PHE P 140 19.25 -0.11 -67.18
C PHE P 140 19.13 0.99 -68.23
N GLU P 141 18.25 1.95 -67.97
CA GLU P 141 18.02 3.07 -68.88
C GLU P 141 19.28 3.94 -68.99
N ILE P 142 19.69 4.54 -67.88
CA ILE P 142 20.87 5.39 -67.86
C ILE P 142 22.00 4.80 -68.69
N ALA P 143 21.92 3.50 -68.96
CA ALA P 143 22.93 2.82 -69.74
C ALA P 143 22.49 2.70 -71.19
N GLN P 144 21.30 2.16 -71.41
CA GLN P 144 20.82 2.01 -72.77
C GLN P 144 20.91 3.33 -73.51
N LEU P 145 20.49 4.41 -72.85
CA LEU P 145 20.55 5.72 -73.48
C LEU P 145 21.97 6.04 -73.91
N SER P 146 22.93 5.58 -73.12
CA SER P 146 24.33 5.85 -73.42
C SER P 146 24.96 4.99 -74.51
N SER P 147 24.61 3.71 -74.56
CA SER P 147 25.18 2.81 -75.56
C SER P 147 24.41 2.70 -76.90
N LEU P 148 23.23 3.33 -76.94
CA LEU P 148 22.41 3.31 -78.13
C LEU P 148 22.26 4.67 -78.79
N GLY P 149 22.61 4.76 -80.06
CA GLY P 149 22.49 6.01 -80.81
C GLY P 149 21.02 6.41 -80.73
N CYS P 150 20.74 7.71 -80.69
CA CYS P 150 19.36 8.18 -80.60
C CYS P 150 19.21 9.64 -80.95
N GLU P 151 18.16 9.96 -81.68
CA GLU P 151 17.92 11.33 -82.09
C GLU P 151 16.61 11.90 -81.54
N ASP P 152 15.50 11.26 -81.91
CA ASP P 152 14.18 11.71 -81.47
C ASP P 152 13.86 11.09 -80.12
N VAL P 153 12.86 11.65 -79.44
CA VAL P 153 12.41 11.10 -78.18
C VAL P 153 11.49 9.94 -78.60
N ASP P 154 10.70 10.19 -79.66
CA ASP P 154 9.77 9.19 -80.24
C ASP P 154 10.61 7.92 -80.42
N GLU P 155 11.90 8.10 -80.70
CA GLU P 155 12.84 7.02 -80.92
C GLU P 155 13.37 6.38 -79.65
N ALA P 156 13.92 7.19 -78.76
CA ALA P 156 14.46 6.68 -77.50
C ALA P 156 13.35 6.02 -76.72
N ILE P 157 12.25 6.74 -76.54
CA ILE P 157 11.07 6.25 -75.80
C ILE P 157 10.52 4.95 -76.42
N THR P 158 10.99 4.64 -77.64
CA THR P 158 10.56 3.45 -78.36
C THR P 158 11.53 2.27 -78.20
N LEU P 159 12.82 2.54 -78.28
CA LEU P 159 13.84 1.50 -78.12
C LEU P 159 14.15 1.31 -76.62
N ILE P 160 13.52 2.14 -75.79
CA ILE P 160 13.70 2.11 -74.35
C ILE P 160 12.28 2.36 -73.82
N PRO P 161 11.35 1.47 -74.16
CA PRO P 161 9.93 1.50 -73.79
C PRO P 161 9.60 1.59 -72.32
N SER P 162 10.61 1.69 -71.47
CA SER P 162 10.33 1.78 -70.04
C SER P 162 10.18 3.25 -69.63
N LEU P 163 10.73 4.13 -70.46
CA LEU P 163 10.67 5.57 -70.21
C LEU P 163 9.21 5.97 -70.42
N ALA P 164 8.93 6.49 -71.61
CA ALA P 164 7.58 6.92 -71.99
C ALA P 164 6.95 8.07 -71.15
N ALA P 165 6.82 7.86 -69.83
CA ALA P 165 6.24 8.89 -68.97
C ALA P 165 7.19 9.38 -67.90
N LYS P 166 8.44 8.91 -67.95
CA LYS P 166 9.45 9.28 -66.96
C LYS P 166 10.37 10.42 -67.39
N LYS P 167 9.86 11.35 -68.21
CA LYS P 167 10.66 12.49 -68.66
C LYS P 167 10.09 13.05 -69.96
N GLU P 168 9.60 14.28 -69.89
CA GLU P 168 9.02 14.93 -71.06
C GLU P 168 9.94 14.83 -72.27
N VAL P 169 9.32 14.72 -73.44
CA VAL P 169 10.05 14.59 -74.68
C VAL P 169 11.11 15.67 -74.92
N LEU P 171 14.20 14.89 -72.35
CA LEU P 171 15.00 13.77 -72.79
C LEU P 171 15.68 14.14 -74.11
N GLN P 172 14.99 14.97 -74.90
CA GLN P 172 15.49 15.42 -76.20
C GLN P 172 16.80 16.18 -76.07
N ARG P 173 16.86 17.10 -75.12
CA ARG P 173 18.07 17.88 -74.88
C ARG P 173 19.21 16.90 -74.72
N ILE P 174 19.11 16.14 -73.64
CA ILE P 174 20.09 15.14 -73.28
C ILE P 174 20.52 14.33 -74.49
N LEU P 175 19.56 13.82 -75.25
CA LEU P 175 19.89 13.03 -76.43
C LEU P 175 20.86 13.75 -77.37
N ASP P 176 20.74 15.07 -77.43
CA ASP P 176 21.61 15.89 -78.27
C ASP P 176 22.97 15.95 -77.61
N GLU P 177 22.98 16.44 -76.37
CA GLU P 177 24.19 16.56 -75.58
C GLU P 177 25.09 15.33 -75.66
N LEU P 178 24.53 14.22 -76.15
CA LEU P 178 25.33 13.01 -76.30
C LEU P 178 26.09 13.09 -77.62
N ASN P 179 25.35 13.15 -78.73
CA ASN P 179 26.02 13.24 -80.03
C ASN P 179 27.00 14.42 -80.04
N ARG P 180 26.79 15.38 -79.13
CA ARG P 180 27.68 16.55 -79.02
C ARG P 180 28.98 16.20 -78.32
N LEU P 181 28.97 15.12 -77.55
CA LEU P 181 30.16 14.66 -76.84
C LEU P 181 30.48 13.29 -77.41
N GLU P 182 29.90 13.02 -78.57
CA GLU P 182 30.08 11.75 -79.25
C GLU P 182 31.45 11.62 -79.91
N ASP P 183 32.46 11.39 -79.08
CA ASP P 183 33.85 11.24 -79.53
C ASP P 183 33.93 10.83 -80.99
N PRO P 184 34.82 11.49 -81.73
CA PRO P 184 34.98 11.17 -83.15
C PRO P 184 35.66 9.81 -83.33
N TYR P 185 35.56 9.26 -84.53
CA TYR P 185 36.16 7.97 -84.84
C TYR P 185 37.02 8.05 -86.08
N MET Q 1 -13.10 -12.70 25.98
CA MET Q 1 -12.11 -12.68 24.87
C MET Q 1 -12.64 -13.39 23.63
N GLU Q 2 -13.42 -14.45 23.86
CA GLU Q 2 -14.00 -15.24 22.77
C GLU Q 2 -12.96 -15.54 21.69
N ASP Q 3 -13.44 -15.88 20.48
CA ASP Q 3 -12.56 -16.20 19.36
C ASP Q 3 -12.56 -15.11 18.29
N ASN Q 4 -12.54 -13.86 18.74
CA ASN Q 4 -12.50 -12.70 17.87
C ASN Q 4 -11.22 -11.95 18.22
N ASN Q 5 -10.65 -12.34 19.35
CA ASN Q 5 -9.41 -11.74 19.84
C ASN Q 5 -8.32 -12.04 18.80
N ARG Q 6 -8.48 -13.14 18.07
CA ARG Q 6 -7.50 -13.56 17.06
C ARG Q 6 -7.74 -12.95 15.69
N ILE Q 7 -8.99 -12.63 15.36
CA ILE Q 7 -9.30 -12.04 14.07
C ILE Q 7 -8.73 -10.62 13.96
N ILE Q 8 -8.03 -10.22 15.01
CA ILE Q 8 -7.41 -8.89 15.07
C ILE Q 8 -5.92 -9.12 14.89
N SER Q 9 -5.40 -10.02 15.72
CA SER Q 9 -3.99 -10.42 15.71
C SER Q 9 -3.52 -10.70 14.30
N ARG Q 10 -4.43 -11.20 13.48
CA ARG Q 10 -4.10 -11.50 12.10
C ARG Q 10 -4.20 -10.27 11.22
N LEU Q 11 -5.33 -9.56 11.27
CA LEU Q 11 -5.49 -8.35 10.46
C LEU Q 11 -4.28 -7.44 10.62
N TRP Q 12 -3.58 -7.60 11.74
CA TRP Q 12 -2.40 -6.81 12.03
C TRP Q 12 -1.15 -7.30 11.30
N ARG Q 13 -0.92 -8.61 11.33
CA ARG Q 13 0.25 -9.17 10.65
C ARG Q 13 0.06 -8.95 9.16
N SER Q 14 -1.18 -9.10 8.72
CA SER Q 14 -1.51 -8.92 7.32
C SER Q 14 -1.15 -7.50 6.94
N PHE Q 15 -1.32 -6.60 7.90
CA PHE Q 15 -1.01 -5.19 7.69
C PHE Q 15 0.49 -5.01 7.43
N ARG Q 16 1.28 -5.16 8.48
CA ARG Q 16 2.74 -5.02 8.40
C ARG Q 16 3.29 -5.58 7.10
N THR Q 17 2.76 -6.72 6.68
CA THR Q 17 3.18 -7.37 5.44
C THR Q 17 2.99 -6.40 4.28
N VAL Q 18 1.78 -5.86 4.16
CA VAL Q 18 1.44 -4.91 3.12
C VAL Q 18 2.54 -3.87 3.05
N LYS Q 19 2.80 -3.25 4.19
CA LYS Q 19 3.83 -2.22 4.31
C LYS Q 19 5.13 -2.68 3.66
N GLU Q 20 5.71 -3.74 4.22
CA GLU Q 20 6.95 -4.30 3.74
C GLU Q 20 6.94 -4.42 2.23
N MET Q 21 5.87 -4.98 1.69
CA MET Q 21 5.74 -5.13 0.24
C MET Q 21 5.80 -3.77 -0.42
N ALA Q 22 5.17 -2.78 0.21
CA ALA Q 22 5.14 -1.45 -0.34
C ALA Q 22 6.52 -0.79 -0.34
N ALA Q 23 7.35 -1.10 0.65
CA ALA Q 23 8.68 -0.50 0.67
C ALA Q 23 9.61 -1.28 -0.24
N ASP Q 24 9.36 -2.57 -0.34
CA ASP Q 24 10.18 -3.41 -1.19
C ASP Q 24 9.82 -3.09 -2.64
N ARG Q 25 8.55 -2.78 -2.88
CA ARG Q 25 8.11 -2.44 -4.23
C ARG Q 25 8.95 -1.29 -4.71
N GLY Q 26 9.25 -0.40 -3.78
CA GLY Q 26 10.06 0.78 -4.08
C GLY Q 26 9.39 2.05 -3.61
N TYR Q 27 9.01 2.10 -2.33
CA TYR Q 27 8.36 3.27 -1.74
C TYR Q 27 8.95 3.66 -0.37
N PHE Q 28 8.40 4.72 0.21
CA PHE Q 28 8.86 5.20 1.52
C PHE Q 28 8.11 4.47 2.62
N ILE Q 29 8.79 4.22 3.73
CA ILE Q 29 8.21 3.54 4.88
C ILE Q 29 9.30 3.32 5.93
N SER Q 30 8.99 3.69 7.18
CA SER Q 30 9.93 3.53 8.28
C SER Q 30 9.83 2.14 8.88
N GLN Q 31 10.96 1.60 9.30
CA GLN Q 31 11.00 0.29 9.91
C GLN Q 31 9.99 0.25 11.06
N GLU Q 32 9.80 1.39 11.71
CA GLU Q 32 8.85 1.48 12.82
C GLU Q 32 7.43 1.30 12.30
N GLU Q 33 7.09 2.05 11.25
CA GLU Q 33 5.76 1.99 10.65
C GLU Q 33 5.37 0.53 10.35
N MET Q 34 6.37 -0.33 10.40
CA MET Q 34 6.20 -1.76 10.16
C MET Q 34 6.15 -2.44 11.53
N ASP Q 35 6.92 -1.91 12.47
CA ASP Q 35 6.99 -2.46 13.81
C ASP Q 35 6.00 -1.87 14.82
N GLN Q 36 4.76 -1.67 14.38
CA GLN Q 36 3.73 -1.15 15.27
C GLN Q 36 3.18 -2.31 16.08
N SER Q 37 3.71 -2.52 17.31
CA SER Q 37 3.24 -3.63 18.15
C SER Q 37 1.73 -3.79 18.15
N LEU Q 38 1.27 -4.99 18.51
CA LEU Q 38 -0.17 -5.29 18.54
C LEU Q 38 -0.87 -4.35 19.51
N GLU Q 39 -0.18 -4.04 20.61
CA GLU Q 39 -0.70 -3.15 21.64
C GLU Q 39 -1.07 -1.79 21.08
N GLU Q 40 -0.04 -0.98 20.78
CA GLU Q 40 -0.20 0.37 20.25
C GLU Q 40 -0.92 0.43 18.89
N PHE Q 41 -1.50 -0.71 18.49
CA PHE Q 41 -2.23 -0.78 17.23
C PHE Q 41 -3.70 -0.79 17.55
N ARG Q 42 -4.10 -1.65 18.48
CA ARG Q 42 -5.50 -1.76 18.89
C ARG Q 42 -6.09 -0.35 18.95
N SER Q 43 -5.67 0.40 19.96
CA SER Q 43 -6.12 1.76 20.15
C SER Q 43 -5.57 2.69 19.08
N LYS Q 44 -6.17 2.61 17.88
CA LYS Q 44 -5.78 3.46 16.77
C LYS Q 44 -6.74 3.23 15.61
N ILE Q 45 -7.24 2.01 15.47
CA ILE Q 45 -8.18 1.69 14.40
C ILE Q 45 -9.37 0.88 14.92
N CYS Q 46 -9.66 1.06 16.21
CA CYS Q 46 -10.78 0.38 16.85
C CYS Q 46 -11.87 1.39 17.26
N ASP Q 47 -13.11 0.92 17.42
CA ASP Q 47 -14.22 1.80 17.79
C ASP Q 47 -14.51 1.82 19.29
N SER Q 48 -15.48 1.01 19.71
CA SER Q 48 -15.87 0.94 21.12
C SER Q 48 -15.40 -0.35 21.80
N MET Q 49 -16.29 -1.34 21.88
CA MET Q 49 -16.01 -2.63 22.52
C MET Q 49 -14.58 -3.13 22.30
N GLY Q 50 -14.21 -3.29 21.03
CA GLY Q 50 -12.86 -3.76 20.71
C GLY Q 50 -12.73 -4.23 19.28
N ASN Q 51 -13.62 -3.77 18.40
CA ASN Q 51 -13.59 -4.15 16.98
C ASN Q 51 -12.84 -3.13 16.12
N PRO Q 52 -12.04 -3.61 15.17
CA PRO Q 52 -11.25 -2.78 14.26
C PRO Q 52 -12.05 -2.29 13.06
N GLN Q 53 -11.96 -1.00 12.79
CA GLN Q 53 -12.67 -0.43 11.65
C GLN Q 53 -11.63 -0.13 10.57
N ARG Q 54 -11.68 -0.92 9.50
CA ARG Q 54 -10.74 -0.81 8.39
C ARG Q 54 -10.87 0.42 7.51
N LYS Q 55 -12.09 0.89 7.30
CA LYS Q 55 -12.31 2.06 6.45
C LYS Q 55 -11.35 3.19 6.82
N LEU Q 56 -10.73 3.06 7.98
CA LEU Q 56 -9.80 4.07 8.49
C LEU Q 56 -8.31 3.64 8.43
N MET Q 57 -8.05 2.45 7.90
CA MET Q 57 -6.68 1.93 7.80
C MET Q 57 -5.98 2.32 6.51
N SER Q 58 -6.71 2.22 5.40
CA SER Q 58 -6.17 2.54 4.08
C SER Q 58 -5.27 3.75 4.13
N PHE Q 59 -4.30 3.81 3.22
CA PHE Q 59 -3.38 4.94 3.16
C PHE Q 59 -2.64 5.05 1.82
N LEU Q 60 -1.75 6.03 1.74
CA LEU Q 60 -0.97 6.27 0.55
C LEU Q 60 0.52 6.15 0.91
N ALA Q 61 1.39 6.30 -0.08
CA ALA Q 61 2.84 6.23 0.13
C ALA Q 61 3.48 6.66 -1.16
N ASN Q 62 4.77 6.95 -1.14
CA ASN Q 62 5.40 7.42 -2.36
C ASN Q 62 6.83 7.01 -2.62
N PRO Q 63 7.27 7.18 -3.88
CA PRO Q 63 8.60 6.87 -4.40
C PRO Q 63 9.76 7.49 -3.60
N THR Q 64 10.58 6.65 -2.98
CA THR Q 64 11.71 7.13 -2.18
C THR Q 64 12.66 8.00 -2.99
N PRO Q 65 13.50 8.73 -2.25
CA PRO Q 65 14.49 9.61 -2.82
C PRO Q 65 15.30 8.87 -3.88
N GLU Q 66 15.46 7.57 -3.62
CA GLU Q 66 16.23 6.68 -4.47
C GLU Q 66 15.43 6.15 -5.66
N ALA Q 67 14.27 5.57 -5.37
CA ALA Q 67 13.42 4.99 -6.39
C ALA Q 67 13.29 5.84 -7.65
N LEU Q 68 13.35 7.16 -7.49
CA LEU Q 68 13.22 8.04 -8.65
C LEU Q 68 14.46 8.03 -9.53
N GLU Q 69 15.56 7.51 -8.97
CA GLU Q 69 16.83 7.45 -9.68
C GLU Q 69 16.94 6.35 -10.74
N LYS Q 70 16.47 5.15 -10.45
CA LYS Q 70 16.51 4.04 -11.42
C LYS Q 70 15.24 4.08 -12.26
N TYR Q 71 14.10 4.19 -11.57
CA TYR Q 71 12.78 4.26 -12.20
C TYR Q 71 12.29 5.70 -12.18
N SER Q 72 12.24 6.35 -13.35
CA SER Q 72 11.76 7.74 -13.29
C SER Q 72 10.28 7.78 -12.93
N ASP Q 73 9.46 7.67 -13.95
CA ASP Q 73 8.00 7.74 -13.85
C ASP Q 73 7.26 6.76 -12.93
N LEU Q 74 7.94 6.11 -12.01
CA LEU Q 74 7.22 5.22 -11.12
C LEU Q 74 6.29 6.09 -10.29
N GLY Q 75 4.99 6.00 -10.57
CA GLY Q 75 4.02 6.82 -9.85
C GLY Q 75 3.82 6.53 -8.38
N THR Q 76 2.72 7.05 -7.81
CA THR Q 76 2.40 6.85 -6.40
C THR Q 76 1.41 5.71 -6.20
N LEU Q 77 1.59 4.96 -5.12
CA LEU Q 77 0.74 3.82 -4.79
C LEU Q 77 -0.32 4.13 -3.75
N TRP Q 78 -1.37 3.30 -3.72
CA TRP Q 78 -2.45 3.45 -2.75
C TRP Q 78 -2.99 2.09 -2.32
N VAL Q 79 -2.89 1.79 -1.03
CA VAL Q 79 -3.36 0.54 -0.46
C VAL Q 79 -4.69 0.80 0.24
N GLU Q 80 -5.68 -0.07 0.02
CA GLU Q 80 -6.99 0.10 0.66
C GLU Q 80 -7.52 -1.20 1.28
N PHE Q 81 -8.27 -1.03 2.37
CA PHE Q 81 -8.86 -2.15 3.08
C PHE Q 81 -10.36 -1.86 3.11
N CYS Q 82 -11.17 -2.84 3.51
CA CYS Q 82 -12.62 -2.63 3.57
C CYS Q 82 -13.29 -3.51 4.63
N ASP Q 83 -14.28 -2.95 5.31
CA ASP Q 83 -14.99 -3.68 6.35
C ASP Q 83 -16.09 -4.61 5.83
N GLU Q 84 -16.38 -4.52 4.53
CA GLU Q 84 -17.42 -5.35 3.90
C GLU Q 84 -16.89 -6.76 3.56
N PRO Q 85 -17.09 -7.74 4.48
CA PRO Q 85 -16.61 -9.11 4.26
C PRO Q 85 -17.17 -9.81 3.01
N SER Q 86 -17.37 -9.05 1.93
CA SER Q 86 -17.89 -9.61 0.69
C SER Q 86 -18.02 -8.53 -0.38
N VAL Q 87 -17.27 -7.43 -0.23
CA VAL Q 87 -17.30 -6.30 -1.16
C VAL Q 87 -17.73 -6.66 -2.58
N GLY Q 88 -18.51 -5.78 -3.21
CA GLY Q 88 -18.97 -6.04 -4.55
C GLY Q 88 -18.81 -4.95 -5.60
N ILE Q 89 -19.36 -5.19 -6.78
CA ILE Q 89 -19.24 -4.28 -7.91
C ILE Q 89 -19.66 -2.82 -7.66
N LYS Q 90 -20.41 -2.56 -6.60
CA LYS Q 90 -20.86 -1.21 -6.31
C LYS Q 90 -19.82 -0.42 -5.50
N THR Q 91 -19.48 -0.92 -4.32
CA THR Q 91 -18.49 -0.27 -3.46
C THR Q 91 -17.17 -0.20 -4.21
N MET Q 92 -17.20 -0.64 -5.47
CA MET Q 92 -16.05 -0.67 -6.36
C MET Q 92 -15.75 0.67 -7.00
N ARG Q 93 -16.76 1.25 -7.64
CA ARG Q 93 -16.60 2.52 -8.32
C ARG Q 93 -15.93 3.55 -7.40
N ASN Q 94 -16.06 3.35 -6.09
CA ASN Q 94 -15.47 4.25 -5.07
C ASN Q 94 -13.94 4.19 -5.12
N PHE Q 95 -13.45 3.05 -5.58
CA PHE Q 95 -12.02 2.78 -5.69
C PHE Q 95 -11.56 3.11 -7.11
N CYS Q 96 -12.26 2.54 -8.08
CA CYS Q 96 -11.97 2.74 -9.49
C CYS Q 96 -11.87 4.22 -9.84
N LEU Q 97 -12.68 5.02 -9.17
CA LEU Q 97 -12.71 6.46 -9.42
C LEU Q 97 -11.71 7.25 -8.57
N ARG Q 98 -11.68 6.97 -7.27
CA ARG Q 98 -10.79 7.67 -6.34
C ARG Q 98 -9.37 7.90 -6.86
N ILE Q 99 -8.90 7.05 -7.76
CA ILE Q 99 -7.54 7.19 -8.28
C ILE Q 99 -7.48 7.71 -9.71
N GLN Q 100 -8.47 7.35 -10.52
CA GLN Q 100 -8.50 7.78 -11.91
C GLN Q 100 -8.48 9.30 -11.99
N GLU Q 101 -8.74 9.95 -10.86
CA GLU Q 101 -8.77 11.40 -10.79
C GLU Q 101 -7.57 11.95 -10.01
N LYS Q 102 -7.34 11.43 -8.80
CA LYS Q 102 -6.20 11.88 -8.01
C LYS Q 102 -4.96 11.70 -8.88
N ASN Q 103 -5.02 10.69 -9.75
CA ASN Q 103 -3.95 10.35 -10.69
C ASN Q 103 -2.72 9.81 -9.96
N PHE Q 104 -2.75 8.52 -9.65
CA PHE Q 104 -1.66 7.84 -8.96
C PHE Q 104 -0.86 6.94 -9.92
N SER Q 105 -1.43 5.78 -10.23
CA SER Q 105 -0.88 4.76 -11.13
C SER Q 105 -0.83 3.35 -10.51
N THR Q 106 -1.03 3.24 -9.19
CA THR Q 106 -1.01 1.95 -8.51
C THR Q 106 -2.14 1.71 -7.51
N GLY Q 107 -3.08 0.84 -7.89
CA GLY Q 107 -4.19 0.54 -7.02
C GLY Q 107 -3.99 -0.77 -6.29
N ILE Q 108 -4.39 -0.84 -5.04
CA ILE Q 108 -4.19 -2.05 -4.26
C ILE Q 108 -5.30 -2.31 -3.25
N PHE Q 109 -6.37 -2.96 -3.69
CA PHE Q 109 -7.49 -3.27 -2.82
C PHE Q 109 -7.25 -4.57 -2.06
N ILE Q 110 -7.62 -4.60 -0.78
CA ILE Q 110 -7.43 -5.80 0.02
C ILE Q 110 -8.76 -6.45 0.39
N TYR Q 111 -9.34 -7.18 -0.55
CA TYR Q 111 -10.62 -7.86 -0.30
C TYR Q 111 -10.54 -8.92 0.80
N GLN Q 112 -11.42 -8.82 1.78
CA GLN Q 112 -11.45 -9.74 2.91
C GLN Q 112 -11.74 -11.19 2.55
N ASN Q 113 -12.94 -11.45 2.02
CA ASN Q 113 -13.30 -12.82 1.63
C ASN Q 113 -13.33 -12.97 0.12
N ASN Q 114 -13.91 -12.02 -0.59
CA ASN Q 114 -13.95 -12.10 -2.04
C ASN Q 114 -14.71 -10.97 -2.72
N ILE Q 115 -14.23 -10.60 -3.89
CA ILE Q 115 -14.85 -9.55 -4.67
C ILE Q 115 -15.77 -10.19 -5.70
N THR Q 116 -16.74 -9.42 -6.18
CA THR Q 116 -17.72 -9.90 -7.14
C THR Q 116 -17.22 -9.99 -8.57
N PRO Q 117 -17.66 -11.01 -9.31
CA PRO Q 117 -17.28 -11.22 -10.71
C PRO Q 117 -17.70 -10.03 -11.58
N SER Q 118 -18.69 -9.27 -11.10
CA SER Q 118 -19.19 -8.09 -11.79
C SER Q 118 -18.21 -6.96 -11.52
N ALA Q 119 -17.68 -6.97 -10.31
CA ALA Q 119 -16.73 -5.97 -9.84
C ALA Q 119 -15.41 -5.93 -10.59
N ASN Q 120 -14.45 -6.73 -10.13
CA ASN Q 120 -13.12 -6.80 -10.72
C ASN Q 120 -13.06 -6.73 -12.25
N LYS Q 121 -14.19 -6.98 -12.91
CA LYS Q 121 -14.28 -6.92 -14.37
C LYS Q 121 -14.28 -5.45 -14.80
N MET Q 122 -13.58 -4.63 -14.01
CA MET Q 122 -13.48 -3.18 -14.25
C MET Q 122 -12.08 -2.68 -13.87
N ILE Q 123 -11.12 -3.59 -13.82
CA ILE Q 123 -9.75 -3.27 -13.46
C ILE Q 123 -8.96 -2.66 -14.61
N PRO Q 124 -8.73 -3.44 -15.66
CA PRO Q 124 -7.95 -2.95 -16.80
C PRO Q 124 -8.70 -1.89 -17.61
N THR Q 125 -9.62 -1.21 -16.96
CA THR Q 125 -10.44 -0.19 -17.61
C THR Q 125 -9.97 1.24 -17.35
N VAL Q 126 -8.76 1.41 -16.81
CA VAL Q 126 -8.27 2.76 -16.54
C VAL Q 126 -6.77 2.94 -16.74
N SER Q 127 -6.28 2.72 -17.97
CA SER Q 127 -4.85 2.87 -18.27
C SER Q 127 -4.49 4.35 -18.49
N PRO Q 128 -3.21 4.71 -18.40
CA PRO Q 128 -2.06 3.85 -18.12
C PRO Q 128 -2.12 3.11 -16.77
N ALA Q 129 -2.53 3.83 -15.73
CA ALA Q 129 -2.63 3.27 -14.38
C ALA Q 129 -3.04 1.79 -14.38
N ILE Q 130 -2.59 1.07 -13.36
CA ILE Q 130 -2.89 -0.36 -13.23
C ILE Q 130 -3.29 -0.70 -11.79
N ILE Q 131 -4.17 -1.69 -11.64
CA ILE Q 131 -4.68 -2.10 -10.32
C ILE Q 131 -4.51 -3.58 -9.96
N GLU Q 132 -4.23 -3.84 -8.68
CA GLU Q 132 -4.03 -5.20 -8.19
C GLU Q 132 -5.02 -5.60 -7.11
N THR Q 133 -5.23 -6.91 -6.94
CA THR Q 133 -6.16 -7.41 -5.94
C THR Q 133 -5.48 -8.45 -5.07
N PHE Q 134 -5.55 -8.27 -3.76
CA PHE Q 134 -4.93 -9.21 -2.84
C PHE Q 134 -5.89 -9.67 -1.76
N GLN Q 135 -6.06 -10.98 -1.67
CA GLN Q 135 -6.93 -11.56 -0.66
C GLN Q 135 -6.29 -11.33 0.70
N GLU Q 136 -7.11 -11.21 1.74
CA GLU Q 136 -6.56 -10.98 3.06
C GLU Q 136 -5.77 -12.19 3.57
N SER Q 137 -6.49 -13.30 3.76
CA SER Q 137 -5.90 -14.54 4.28
C SER Q 137 -4.64 -15.02 3.54
N ASP Q 138 -4.22 -14.27 2.53
CA ASP Q 138 -3.03 -14.62 1.74
C ASP Q 138 -1.87 -13.64 1.96
N LEU Q 139 -2.04 -12.69 2.88
CA LEU Q 139 -1.00 -11.71 3.16
C LEU Q 139 -0.70 -11.70 4.65
N VAL Q 140 -1.18 -12.71 5.36
CA VAL Q 140 -0.97 -12.80 6.81
C VAL Q 140 0.50 -13.01 7.11
N VAL Q 141 1.14 -13.79 6.25
CA VAL Q 141 2.56 -14.05 6.41
C VAL Q 141 3.25 -13.60 5.13
N ASN Q 142 4.25 -12.74 5.27
CA ASN Q 142 5.00 -12.28 4.11
C ASN Q 142 5.72 -13.51 3.62
N ILE Q 143 5.42 -13.88 2.38
CA ILE Q 143 6.00 -15.05 1.74
C ILE Q 143 7.50 -14.90 1.45
N THR Q 144 7.93 -13.71 1.11
CA THR Q 144 9.34 -13.48 0.83
C THR Q 144 10.17 -13.93 2.03
N HIS Q 145 9.63 -13.71 3.21
CA HIS Q 145 10.28 -14.07 4.46
C HIS Q 145 10.71 -15.53 4.56
N HIS Q 146 10.12 -16.39 3.74
CA HIS Q 146 10.46 -17.79 3.83
C HIS Q 146 11.91 -18.17 3.53
N GLU Q 147 12.32 -19.25 4.19
CA GLU Q 147 13.66 -19.82 4.09
C GLU Q 147 14.06 -20.06 2.66
N LEU Q 148 13.22 -20.81 1.95
CA LEU Q 148 13.47 -21.15 0.56
C LEU Q 148 13.37 -19.97 -0.39
N VAL Q 149 12.63 -18.93 -0.02
CA VAL Q 149 12.48 -17.81 -0.93
C VAL Q 149 13.72 -16.95 -0.98
N PRO Q 150 14.41 -16.94 -2.13
CA PRO Q 150 15.62 -16.17 -2.36
C PRO Q 150 15.21 -14.76 -2.70
N LYS Q 151 16.13 -13.81 -2.60
CA LYS Q 151 15.83 -12.42 -2.90
C LYS Q 151 15.70 -12.13 -4.40
N HIS Q 152 14.61 -11.47 -4.79
CA HIS Q 152 14.44 -11.13 -6.20
C HIS Q 152 14.74 -9.64 -6.32
N ILE Q 153 14.62 -9.09 -7.53
CA ILE Q 153 14.87 -7.68 -7.76
C ILE Q 153 14.42 -7.25 -9.16
N ARG Q 154 13.82 -6.07 -9.25
CA ARG Q 154 13.35 -5.57 -10.55
C ARG Q 154 14.48 -5.04 -11.37
N LEU Q 155 14.18 -4.59 -12.58
CA LEU Q 155 15.21 -4.09 -13.47
C LEU Q 155 14.72 -3.05 -14.44
N SER Q 156 15.30 -1.87 -14.35
CA SER Q 156 14.93 -0.78 -15.25
C SER Q 156 15.05 -1.31 -16.67
N ASP Q 157 14.25 -0.74 -17.57
CA ASP Q 157 14.34 -1.16 -18.97
C ASP Q 157 15.75 -0.85 -19.48
N GLY Q 158 16.63 -0.44 -18.56
CA GLY Q 158 18.04 -0.11 -18.84
C GLY Q 158 18.89 -1.29 -18.38
N GLU Q 159 18.68 -1.69 -17.12
CA GLU Q 159 19.41 -2.79 -16.54
C GLU Q 159 19.08 -4.07 -17.31
N LYS Q 160 17.89 -4.07 -17.95
CA LYS Q 160 17.39 -5.21 -18.74
C LYS Q 160 18.02 -5.23 -20.13
N SER Q 161 17.83 -4.13 -20.86
CA SER Q 161 18.38 -3.98 -22.19
C SER Q 161 19.90 -4.13 -22.14
N GLN Q 162 20.43 -4.37 -20.93
CA GLN Q 162 21.86 -4.56 -20.69
C GLN Q 162 22.09 -6.07 -20.59
N LEU Q 163 21.46 -6.70 -19.61
CA LEU Q 163 21.57 -8.15 -19.44
C LEU Q 163 21.55 -8.81 -20.82
N LEU Q 164 20.55 -8.45 -21.64
CA LEU Q 164 20.41 -8.98 -22.99
C LEU Q 164 21.62 -8.79 -23.89
N GLN Q 165 22.19 -7.60 -23.87
CA GLN Q 165 23.34 -7.37 -24.72
C GLN Q 165 24.52 -8.14 -24.15
N ARG Q 166 24.69 -8.06 -22.83
CA ARG Q 166 25.79 -8.72 -22.13
C ARG Q 166 25.86 -10.24 -22.24
N TYR Q 167 24.72 -10.88 -22.50
CA TYR Q 167 24.69 -12.32 -22.61
C TYR Q 167 24.31 -12.78 -24.01
N LYS Q 168 23.97 -11.84 -24.89
CA LYS Q 168 23.55 -12.16 -26.25
C LYS Q 168 22.28 -13.00 -26.21
N LEU Q 169 21.26 -12.49 -25.51
CA LEU Q 169 20.00 -13.21 -25.36
C LEU Q 169 18.87 -12.62 -26.21
N LYS Q 170 17.96 -13.50 -26.62
CA LYS Q 170 16.84 -13.12 -27.46
C LYS Q 170 15.56 -13.08 -26.63
N GLU Q 171 15.68 -12.61 -25.39
CA GLU Q 171 14.56 -12.46 -24.47
C GLU Q 171 13.86 -13.77 -24.08
N SER Q 172 13.42 -14.52 -25.08
CA SER Q 172 12.74 -15.79 -24.85
C SER Q 172 13.70 -16.81 -24.26
N GLN Q 173 14.97 -16.67 -24.61
CA GLN Q 173 16.00 -17.59 -24.13
C GLN Q 173 16.30 -17.37 -22.66
N LEU Q 174 15.54 -16.51 -22.01
CA LEU Q 174 15.79 -16.25 -20.61
C LEU Q 174 14.79 -16.93 -19.72
N PRO Q 175 15.26 -17.57 -18.64
CA PRO Q 175 14.39 -18.27 -17.70
C PRO Q 175 13.24 -17.35 -17.36
N ARG Q 176 12.04 -17.90 -17.31
CA ARG Q 176 10.86 -17.08 -17.04
C ARG Q 176 10.31 -17.15 -15.61
N ILE Q 177 9.25 -16.39 -15.36
CA ILE Q 177 8.56 -16.39 -14.07
C ILE Q 177 7.10 -16.05 -14.37
N GLN Q 178 6.18 -16.75 -13.71
CA GLN Q 178 4.76 -16.56 -13.93
C GLN Q 178 4.16 -15.25 -13.41
N ARG Q 179 3.23 -14.67 -14.17
CA ARG Q 179 2.58 -13.42 -13.78
C ARG Q 179 1.84 -13.61 -12.46
N GLU Q 180 1.20 -14.76 -12.31
CA GLU Q 180 0.46 -15.08 -11.09
C GLU Q 180 1.37 -15.79 -10.07
N ASP Q 181 2.68 -15.56 -10.19
CA ASP Q 181 3.66 -16.15 -9.29
C ASP Q 181 3.59 -15.37 -7.98
N PRO Q 182 3.56 -16.07 -6.84
CA PRO Q 182 3.49 -15.46 -5.51
C PRO Q 182 4.44 -14.29 -5.29
N VAL Q 183 5.68 -14.45 -5.75
CA VAL Q 183 6.68 -13.40 -5.59
C VAL Q 183 6.49 -12.32 -6.65
N ALA Q 184 6.15 -12.75 -7.87
CA ALA Q 184 5.92 -11.86 -9.00
C ALA Q 184 4.86 -10.83 -8.65
N ARG Q 185 3.83 -11.30 -7.96
CA ARG Q 185 2.74 -10.43 -7.54
C ARG Q 185 3.29 -9.52 -6.44
N TYR Q 186 3.87 -10.12 -5.41
CA TYR Q 186 4.43 -9.36 -4.30
C TYR Q 186 5.21 -8.12 -4.76
N LEU Q 187 6.10 -8.26 -5.73
CA LEU Q 187 6.84 -7.11 -6.22
C LEU Q 187 6.12 -6.45 -7.37
N GLY Q 188 4.91 -6.92 -7.65
CA GLY Q 188 4.09 -6.38 -8.71
C GLY Q 188 4.70 -6.26 -10.09
N LEU Q 189 5.09 -7.41 -10.68
CA LEU Q 189 5.69 -7.41 -12.00
C LEU Q 189 4.68 -7.16 -13.09
N LYS Q 190 5.17 -7.21 -14.33
CA LYS Q 190 4.33 -7.03 -15.50
C LYS Q 190 4.98 -7.79 -16.65
N ARG Q 191 4.16 -8.21 -17.61
CA ARG Q 191 4.60 -8.95 -18.78
C ARG Q 191 5.66 -8.19 -19.59
N GLY Q 192 6.93 -8.53 -19.37
CA GLY Q 192 8.02 -7.87 -20.08
C GLY Q 192 9.15 -7.43 -19.18
N GLN Q 193 8.89 -7.44 -17.87
CA GLN Q 193 9.86 -7.04 -16.87
C GLN Q 193 10.77 -8.21 -16.45
N VAL Q 194 12.00 -7.89 -16.08
CA VAL Q 194 12.98 -8.89 -15.67
C VAL Q 194 13.22 -8.90 -14.17
N VAL Q 195 13.75 -10.00 -13.65
CA VAL Q 195 14.00 -10.07 -12.24
C VAL Q 195 15.28 -10.82 -11.94
N LYS Q 196 16.18 -10.19 -11.20
CA LYS Q 196 17.45 -10.82 -10.83
C LYS Q 196 17.24 -11.51 -9.49
N ILE Q 197 17.56 -12.79 -9.46
CA ILE Q 197 17.43 -13.59 -8.25
C ILE Q 197 18.84 -13.81 -7.74
N ILE Q 198 19.03 -13.63 -6.44
CA ILE Q 198 20.34 -13.80 -5.84
C ILE Q 198 20.23 -14.71 -4.60
N ARG Q 199 20.64 -15.97 -4.74
CA ARG Q 199 20.56 -16.89 -3.61
C ARG Q 199 21.87 -17.53 -3.22
N ARG Q 200 21.88 -18.12 -2.03
CA ARG Q 200 23.06 -18.79 -1.51
C ARG Q 200 23.28 -20.07 -2.31
N SER Q 201 24.54 -20.45 -2.50
CA SER Q 201 24.92 -21.66 -3.26
C SER Q 201 26.07 -22.45 -2.65
N GLU Q 202 25.81 -23.71 -2.30
CA GLU Q 202 26.81 -24.59 -1.70
C GLU Q 202 27.93 -24.92 -2.65
N THR Q 203 28.04 -24.16 -3.73
CA THR Q 203 29.09 -24.43 -4.70
C THR Q 203 30.00 -23.23 -4.93
N SER Q 204 29.42 -22.03 -4.89
CA SER Q 204 30.17 -20.79 -5.12
C SER Q 204 29.93 -19.76 -4.03
N GLY Q 205 28.84 -19.93 -3.30
CA GLY Q 205 28.51 -18.98 -2.25
C GLY Q 205 27.26 -18.22 -2.64
N ARG Q 206 27.28 -17.61 -3.81
CA ARG Q 206 26.13 -16.85 -4.30
C ARG Q 206 26.08 -16.97 -5.81
N TYR Q 207 24.91 -17.26 -6.35
CA TYR Q 207 24.74 -17.38 -7.79
C TYR Q 207 23.76 -16.30 -8.15
N ALA Q 208 23.82 -15.82 -9.39
CA ALA Q 208 22.94 -14.75 -9.85
C ALA Q 208 22.07 -15.18 -11.03
N SER Q 209 20.82 -15.54 -10.79
CA SER Q 209 19.94 -15.97 -11.86
C SER Q 209 18.97 -14.87 -12.26
N TYR Q 210 18.36 -14.97 -13.45
CA TYR Q 210 17.38 -13.97 -13.88
C TYR Q 210 16.16 -14.63 -14.49
N ARG Q 211 14.98 -14.07 -14.20
CA ARG Q 211 13.71 -14.57 -14.72
C ARG Q 211 12.91 -13.42 -15.31
N ILE Q 212 12.49 -13.55 -16.57
CA ILE Q 212 11.67 -12.51 -17.20
C ILE Q 212 10.25 -12.95 -16.88
N CYS Q 213 9.32 -12.00 -16.84
CA CYS Q 213 7.95 -12.35 -16.48
C CYS Q 213 6.99 -12.47 -17.65
N LEU Q 214 6.60 -13.70 -17.98
CA LEU Q 214 5.67 -13.92 -19.08
C LEU Q 214 4.26 -13.88 -18.51
N LEU R 72 29.05 -11.25 -40.11
CA LEU R 72 29.45 -11.28 -38.67
C LEU R 72 30.95 -11.03 -38.52
N ALA R 73 31.49 -11.36 -37.33
CA ALA R 73 32.92 -11.21 -37.00
C ALA R 73 33.27 -11.30 -35.49
N ILE R 74 34.12 -10.37 -35.07
CA ILE R 74 34.63 -10.21 -33.69
C ILE R 74 36.14 -9.95 -33.77
N LEU R 75 36.58 -8.71 -33.44
CA LEU R 75 38.00 -8.37 -33.51
C LEU R 75 38.91 -9.33 -32.73
N LYS R 76 40.20 -9.29 -33.05
CA LYS R 76 41.20 -10.13 -32.35
C LYS R 76 41.13 -9.54 -30.93
N GLU R 77 40.56 -8.34 -30.87
CA GLU R 77 40.37 -7.61 -29.62
C GLU R 77 39.02 -8.01 -29.06
N GLU R 78 38.78 -7.61 -27.82
CA GLU R 78 37.51 -7.89 -27.17
C GLU R 78 37.19 -9.38 -27.17
N ARG R 79 38.20 -10.21 -27.43
CA ARG R 79 37.98 -11.64 -27.43
C ARG R 79 37.77 -12.11 -25.99
N THR R 80 36.67 -12.83 -25.73
CA THR R 80 36.33 -13.29 -24.37
C THR R 80 36.60 -14.75 -23.93
N THR R 81 36.42 -15.71 -24.84
CA THR R 81 36.63 -17.12 -24.53
C THR R 81 37.93 -17.44 -23.83
N THR R 82 38.07 -18.70 -23.40
CA THR R 82 39.28 -19.14 -22.68
C THR R 82 40.54 -19.01 -23.53
N PRO R 83 41.67 -18.64 -22.89
CA PRO R 83 42.92 -18.51 -23.64
C PRO R 83 43.57 -19.88 -23.63
N TYR R 84 42.88 -20.83 -22.99
CA TYR R 84 43.33 -22.22 -22.89
C TYR R 84 42.60 -23.11 -23.88
N LEU R 85 43.21 -24.22 -24.25
CA LEU R 85 42.61 -25.13 -25.24
C LEU R 85 41.77 -26.26 -24.64
N THR R 86 40.48 -26.26 -24.94
CA THR R 86 39.56 -27.28 -24.42
C THR R 86 40.02 -28.67 -24.82
N LYS R 87 39.85 -29.62 -23.92
CA LYS R 87 40.27 -30.97 -24.23
C LYS R 87 39.78 -31.41 -25.60
N TYR R 88 38.55 -31.01 -25.94
CA TYR R 88 37.95 -31.35 -27.23
C TYR R 88 38.68 -30.68 -28.40
N GLU R 89 39.14 -29.45 -28.18
CA GLU R 89 39.84 -28.76 -29.24
C GLU R 89 41.10 -29.56 -29.54
N ARG R 90 41.97 -29.70 -28.55
CA ARG R 90 43.21 -30.44 -28.69
C ARG R 90 42.98 -31.80 -29.31
N ALA R 91 42.09 -32.57 -28.69
CA ALA R 91 41.79 -33.90 -29.17
C ALA R 91 41.50 -33.91 -30.68
N ARG R 92 40.65 -32.97 -31.10
CA ARG R 92 40.30 -32.91 -32.51
C ARG R 92 41.39 -32.32 -33.36
N ILE R 93 42.10 -31.31 -32.84
CA ILE R 93 43.17 -30.71 -33.62
C ILE R 93 44.12 -31.84 -33.96
N LEU R 94 44.69 -32.46 -32.93
CA LEU R 94 45.59 -33.58 -33.11
C LEU R 94 44.92 -34.57 -34.05
N GLY R 95 43.61 -34.72 -33.87
CA GLY R 95 42.86 -35.62 -34.72
C GLY R 95 43.12 -35.25 -36.17
N THR R 96 42.52 -34.13 -36.59
CA THR R 96 42.64 -33.61 -37.95
C THR R 96 44.04 -33.66 -38.51
N ARG R 97 44.91 -32.89 -37.89
CA ARG R 97 46.29 -32.79 -38.31
C ARG R 97 46.92 -34.16 -38.50
N ALA R 98 46.50 -35.11 -37.66
CA ALA R 98 47.00 -36.48 -37.75
C ALA R 98 46.64 -37.13 -39.10
N LEU R 99 45.34 -37.20 -39.42
CA LEU R 99 44.93 -37.79 -40.70
C LEU R 99 45.46 -36.96 -41.86
N GLN R 100 45.53 -35.65 -41.65
CA GLN R 100 46.06 -34.74 -42.67
C GLN R 100 47.41 -35.28 -43.11
N ILE R 101 48.26 -35.55 -42.12
CA ILE R 101 49.60 -36.05 -42.36
C ILE R 101 49.55 -37.40 -43.06
N SER R 102 48.61 -38.24 -42.64
CA SER R 102 48.46 -39.58 -43.22
C SER R 102 47.86 -39.53 -44.60
N MET R 103 47.51 -38.32 -45.04
CA MET R 103 46.94 -38.10 -46.36
C MET R 103 48.07 -37.59 -47.24
N ASN R 104 49.30 -37.93 -46.86
CA ASN R 104 50.50 -37.54 -47.59
C ASN R 104 50.69 -36.01 -47.58
N ALA R 105 50.08 -35.36 -46.59
CA ALA R 105 50.17 -33.90 -46.42
C ALA R 105 51.62 -33.46 -46.16
N PRO R 106 51.84 -32.17 -45.86
CA PRO R 106 53.21 -31.75 -45.61
C PRO R 106 53.42 -31.43 -44.14
N VAL R 107 54.53 -31.90 -43.56
CA VAL R 107 54.83 -31.67 -42.13
C VAL R 107 55.82 -30.51 -41.85
N LEU R 108 55.61 -29.83 -40.74
CA LEU R 108 56.43 -28.67 -40.38
C LEU R 108 57.29 -28.84 -39.15
N VAL R 109 57.94 -29.99 -39.05
CA VAL R 109 58.82 -30.26 -37.92
C VAL R 109 59.90 -31.19 -38.43
N ASP R 110 60.55 -31.87 -37.50
CA ASP R 110 61.59 -32.83 -37.85
C ASP R 110 61.09 -34.20 -37.42
N ILE R 111 60.61 -34.99 -38.37
CA ILE R 111 60.16 -36.31 -38.03
C ILE R 111 61.48 -36.88 -37.53
N GLU R 112 61.72 -36.74 -36.23
CA GLU R 112 62.96 -37.22 -35.66
C GLU R 112 62.89 -38.73 -35.63
N GLY R 113 62.54 -39.31 -36.78
CA GLY R 113 62.44 -40.75 -36.89
C GLY R 113 61.02 -41.25 -36.66
N GLU R 114 60.08 -40.33 -36.44
CA GLU R 114 58.69 -40.70 -36.21
C GLU R 114 58.03 -41.16 -37.51
N THR R 115 56.94 -41.92 -37.39
CA THR R 115 56.26 -42.44 -38.57
C THR R 115 54.73 -42.57 -38.46
N ASP R 116 54.24 -42.59 -37.23
CA ASP R 116 52.80 -42.67 -36.99
C ASP R 116 52.29 -41.24 -36.91
N PRO R 117 51.44 -40.83 -37.86
CA PRO R 117 50.87 -39.49 -37.91
C PRO R 117 50.49 -38.80 -36.59
N LEU R 118 49.73 -39.47 -35.73
CA LEU R 118 49.32 -38.87 -34.46
C LEU R 118 50.49 -38.43 -33.59
N GLN R 119 51.64 -39.07 -33.81
CA GLN R 119 52.87 -38.78 -33.07
C GLN R 119 53.41 -37.49 -33.68
N ILE R 120 53.57 -37.54 -35.00
CA ILE R 120 54.03 -36.43 -35.81
C ILE R 120 53.23 -35.18 -35.45
N ALA R 121 51.92 -35.36 -35.37
CA ALA R 121 51.04 -34.26 -35.02
C ALA R 121 51.26 -33.89 -33.56
N MET R 122 51.47 -34.85 -32.67
CA MET R 122 51.69 -34.51 -31.26
C MET R 122 52.92 -33.62 -31.12
N LYS R 123 53.89 -33.83 -32.01
CA LYS R 123 55.11 -33.04 -32.01
C LYS R 123 54.72 -31.69 -32.57
N GLU R 124 54.13 -31.69 -33.76
CA GLU R 124 53.68 -30.47 -34.42
C GLU R 124 52.96 -29.57 -33.43
N LEU R 125 52.45 -30.17 -32.35
CA LEU R 125 51.73 -29.41 -31.33
C LEU R 125 52.73 -28.77 -30.36
N SER R 126 53.59 -29.59 -29.75
CA SER R 126 54.57 -29.08 -28.79
C SER R 126 55.46 -27.97 -29.31
N GLN R 127 55.60 -27.85 -30.63
CA GLN R 127 56.40 -26.81 -31.23
C GLN R 127 55.50 -25.77 -31.85
N ARG R 128 54.22 -25.85 -31.49
CA ARG R 128 53.16 -24.96 -31.96
C ARG R 128 53.19 -24.55 -33.45
N LYS R 129 53.63 -25.48 -34.29
CA LYS R 129 53.69 -25.24 -35.72
C LYS R 129 52.61 -26.04 -36.47
N ILE R 130 51.35 -25.87 -36.09
CA ILE R 130 50.26 -26.55 -36.78
C ILE R 130 49.37 -25.44 -37.30
N PRO R 131 49.46 -25.10 -38.60
CA PRO R 131 48.65 -24.04 -39.18
C PRO R 131 47.18 -24.38 -39.13
N LEU R 132 46.51 -23.92 -38.09
CA LEU R 132 45.09 -24.18 -37.91
C LEU R 132 44.44 -23.14 -37.03
N VAL R 133 43.14 -22.94 -37.26
CA VAL R 133 42.40 -21.98 -36.50
C VAL R 133 41.10 -22.55 -36.01
N ILE R 134 40.80 -22.27 -34.75
CA ILE R 134 39.56 -22.73 -34.14
C ILE R 134 38.59 -21.58 -34.14
N ARG R 135 37.49 -21.75 -34.86
CA ARG R 135 36.48 -20.72 -34.92
C ARG R 135 35.42 -21.13 -33.90
N ARG R 136 35.50 -20.54 -32.70
CA ARG R 136 34.57 -20.84 -31.62
C ARG R 136 33.23 -20.11 -31.77
N TYR R 137 32.14 -20.87 -31.80
CA TYR R 137 30.80 -20.32 -31.95
C TYR R 137 30.11 -20.00 -30.64
N LEU R 138 29.38 -18.89 -30.63
CA LEU R 138 28.59 -18.52 -29.46
C LEU R 138 27.13 -18.84 -29.76
N PRO R 139 26.38 -19.27 -28.74
CA PRO R 139 24.97 -19.61 -28.91
C PRO R 139 24.18 -18.69 -29.83
N ASP R 140 24.55 -17.41 -29.86
CA ASP R 140 23.84 -16.46 -30.70
C ASP R 140 24.22 -16.66 -32.17
N GLY R 141 25.45 -17.10 -32.43
CA GLY R 141 25.86 -17.31 -33.81
C GLY R 141 27.20 -16.70 -34.21
N SER R 142 27.70 -15.78 -33.40
CA SER R 142 28.98 -15.16 -33.69
C SER R 142 30.13 -16.05 -33.26
N TYR R 143 31.35 -15.68 -33.61
CA TYR R 143 32.52 -16.49 -33.27
C TYR R 143 33.78 -15.75 -32.83
N GLU R 144 34.79 -16.53 -32.45
CA GLU R 144 36.08 -16.03 -32.01
C GLU R 144 37.15 -16.97 -32.56
N ASP R 145 38.01 -16.45 -33.43
CA ASP R 145 39.08 -17.23 -34.04
C ASP R 145 40.30 -17.19 -33.13
N TRP R 146 41.01 -18.32 -33.02
CA TRP R 146 42.25 -18.41 -32.23
C TRP R 146 43.15 -19.41 -32.95
N GLY R 147 44.46 -19.16 -32.98
CA GLY R 147 45.38 -20.08 -33.65
C GLY R 147 45.85 -21.12 -32.66
N CYS R 148 46.34 -22.25 -33.15
CA CYS R 148 46.81 -23.30 -32.26
C CYS R 148 48.08 -22.78 -31.57
N ASP R 149 48.71 -21.81 -32.23
CA ASP R 149 49.91 -21.20 -31.70
C ASP R 149 49.54 -20.38 -30.47
N GLU R 150 48.46 -19.61 -30.59
CA GLU R 150 48.00 -18.79 -29.48
C GLU R 150 47.65 -19.67 -28.32
N LEU R 151 46.45 -20.24 -28.42
CA LEU R 151 45.90 -21.10 -27.40
C LEU R 151 46.90 -21.84 -26.54
N ILE R 152 46.96 -21.42 -25.28
CA ILE R 152 47.84 -22.03 -24.30
C ILE R 152 47.36 -23.48 -24.25
N VAL R 153 48.31 -24.40 -24.15
CA VAL R 153 47.96 -25.80 -24.12
C VAL R 153 48.35 -26.42 -22.80
N ASP R 154 47.63 -26.07 -21.74
CA ASP R 154 47.95 -26.61 -20.43
C ASP R 154 47.75 -28.11 -20.44
N ASN R 155 46.52 -28.52 -20.13
CA ASN R 155 46.09 -29.92 -20.08
C ASN R 155 47.21 -30.92 -19.76
N MET S 1 22.88 -2.86 -70.23
CA MET S 1 22.79 -4.35 -70.28
C MET S 1 24.02 -5.05 -69.66
N PHE S 2 25.22 -4.50 -69.81
CA PHE S 2 26.34 -5.15 -69.18
C PHE S 2 26.20 -4.78 -67.71
N PHE S 3 26.56 -5.70 -66.83
CA PHE S 3 26.47 -5.43 -65.41
C PHE S 3 27.76 -5.77 -64.68
N LEU S 4 27.78 -5.42 -63.39
CA LEU S 4 28.91 -5.72 -62.52
C LEU S 4 28.35 -6.32 -61.22
N LYS S 5 28.07 -7.62 -61.23
CA LYS S 5 27.50 -8.32 -60.09
C LYS S 5 28.55 -8.91 -59.14
N ASP S 6 28.29 -8.77 -57.83
CA ASP S 6 29.19 -9.27 -56.76
C ASP S 6 28.94 -10.74 -56.40
N LEU S 7 29.60 -11.64 -57.11
CA LEU S 7 29.46 -13.07 -56.90
C LEU S 7 30.49 -13.65 -55.93
N SER S 8 30.55 -14.98 -55.91
CA SER S 8 31.48 -15.74 -55.08
C SER S 8 31.56 -17.16 -55.62
N LEU S 9 32.61 -17.88 -55.25
CA LEU S 9 32.80 -19.26 -55.68
C LEU S 9 33.52 -20.09 -54.65
N ILE S 10 33.25 -21.39 -54.69
CA ILE S 10 33.88 -22.35 -53.79
C ILE S 10 34.79 -23.25 -54.59
N LEU S 11 36.01 -23.43 -54.11
CA LEU S 11 36.95 -24.32 -54.76
C LEU S 11 37.56 -25.18 -53.69
N THR S 12 37.63 -26.47 -53.96
CA THR S 12 38.24 -27.38 -53.01
C THR S 12 39.67 -27.41 -53.52
N LEU S 13 40.63 -27.57 -52.62
CA LEU S 13 42.03 -27.56 -53.00
C LEU S 13 42.78 -28.73 -52.39
N HIS S 14 43.41 -29.53 -53.23
CA HIS S 14 44.19 -30.67 -52.75
C HIS S 14 45.35 -30.12 -51.90
N PRO S 15 45.79 -30.87 -50.84
CA PRO S 15 46.89 -30.41 -49.98
C PRO S 15 48.21 -30.15 -50.69
N SER S 16 48.44 -30.85 -51.80
CA SER S 16 49.66 -30.67 -52.56
C SER S 16 49.98 -29.19 -52.70
N TYR S 17 49.04 -28.45 -53.26
CA TYR S 17 49.18 -27.01 -53.52
C TYR S 17 49.19 -26.11 -52.26
N PHE S 18 49.69 -26.64 -51.14
CA PHE S 18 49.75 -25.88 -49.89
C PHE S 18 51.07 -25.18 -49.67
N GLY S 19 51.56 -24.59 -50.76
CA GLY S 19 52.82 -23.88 -50.74
C GLY S 19 52.76 -22.48 -50.14
N PRO S 20 53.80 -21.66 -50.37
CA PRO S 20 53.91 -20.29 -49.88
C PRO S 20 53.11 -19.33 -50.75
N GLN S 21 53.03 -19.63 -52.05
CA GLN S 21 52.23 -18.82 -52.93
C GLN S 21 51.05 -19.67 -53.36
N MET S 22 50.09 -19.72 -52.46
CA MET S 22 48.88 -20.49 -52.64
C MET S 22 47.80 -19.55 -53.14
N ASN S 23 47.65 -18.43 -52.43
CA ASN S 23 46.67 -17.38 -52.75
C ASN S 23 46.64 -17.31 -54.26
N GLN S 24 47.85 -17.34 -54.81
CA GLN S 24 48.10 -17.30 -56.23
C GLN S 24 47.39 -18.41 -57.00
N TYR S 25 47.63 -19.66 -56.60
CA TYR S 25 46.99 -20.75 -57.32
C TYR S 25 45.46 -20.73 -57.26
N LEU S 26 44.90 -20.41 -56.10
CA LEU S 26 43.44 -20.36 -56.00
C LEU S 26 43.00 -19.37 -57.06
N ARG S 27 43.50 -18.14 -56.92
CA ARG S 27 43.18 -17.07 -57.85
C ARG S 27 43.21 -17.55 -59.29
N GLU S 28 44.35 -18.02 -59.76
CA GLU S 28 44.42 -18.48 -61.14
C GLU S 28 43.44 -19.59 -61.45
N LYS S 29 43.09 -20.41 -60.46
CA LYS S 29 42.13 -21.48 -60.74
C LYS S 29 40.74 -20.88 -60.78
N LEU S 30 40.54 -19.84 -59.97
CA LEU S 30 39.26 -19.15 -59.93
C LEU S 30 38.94 -18.81 -61.37
N LEU S 31 39.83 -18.00 -61.96
CA LEU S 31 39.72 -17.56 -63.34
C LEU S 31 39.40 -18.68 -64.32
N THR S 32 40.01 -19.83 -64.13
CA THR S 32 39.78 -20.95 -65.03
C THR S 32 38.37 -21.51 -64.90
N ASP S 33 37.73 -21.21 -63.77
CA ASP S 33 36.38 -21.71 -63.58
C ASP S 33 35.28 -20.67 -63.73
N VAL S 34 35.63 -19.39 -63.71
CA VAL S 34 34.63 -18.33 -63.85
C VAL S 34 34.67 -17.60 -65.21
N GLU S 35 35.72 -16.81 -65.47
CA GLU S 35 35.83 -16.07 -66.73
C GLU S 35 35.58 -16.98 -67.92
N GLY S 36 34.37 -16.90 -68.46
CA GLY S 36 34.02 -17.71 -69.61
C GLY S 36 32.85 -18.65 -69.37
N THR S 37 32.30 -18.62 -68.16
CA THR S 37 31.17 -19.49 -67.83
C THR S 37 29.91 -18.80 -68.34
N CYS S 38 28.76 -19.43 -68.10
CA CYS S 38 27.50 -18.86 -68.55
C CYS S 38 26.31 -19.56 -67.94
N THR S 39 25.54 -18.83 -67.14
CA THR S 39 24.34 -19.39 -66.51
C THR S 39 23.17 -18.45 -66.75
N GLY S 40 22.01 -19.01 -67.08
CA GLY S 40 20.86 -18.16 -67.29
C GLY S 40 20.57 -17.43 -65.99
N GLN S 41 21.09 -18.00 -64.91
CA GLN S 41 20.91 -17.42 -63.60
C GLN S 41 21.73 -16.15 -63.51
N PHE S 42 23.02 -16.23 -63.81
CA PHE S 42 23.87 -15.05 -63.71
C PHE S 42 24.37 -14.43 -65.01
N GLY S 43 24.08 -15.09 -66.13
CA GLY S 43 24.46 -14.58 -67.41
C GLY S 43 25.80 -15.02 -67.91
N TYR S 44 26.47 -14.14 -68.65
CA TYR S 44 27.78 -14.43 -69.18
C TYR S 44 28.84 -13.84 -68.31
N ILE S 45 29.60 -14.71 -67.65
CA ILE S 45 30.71 -14.26 -66.82
C ILE S 45 31.81 -14.04 -67.86
N VAL S 46 32.27 -12.81 -67.98
CA VAL S 46 33.27 -12.48 -68.98
C VAL S 46 34.59 -12.00 -68.40
N THR S 47 34.52 -11.17 -67.35
CA THR S 47 35.74 -10.62 -66.77
C THR S 47 35.68 -10.32 -65.27
N VAL S 48 36.76 -10.65 -64.57
CA VAL S 48 36.85 -10.41 -63.14
C VAL S 48 37.57 -9.09 -62.91
N LEU S 49 36.90 -8.13 -62.28
CA LEU S 49 37.54 -6.84 -62.03
C LEU S 49 38.53 -6.97 -60.89
N ASP S 50 39.12 -5.83 -60.53
CA ASP S 50 40.09 -5.71 -59.43
C ASP S 50 40.68 -7.05 -58.99
N GLY S 51 41.54 -7.64 -59.82
CA GLY S 51 42.14 -8.91 -59.44
C GLY S 51 42.87 -8.75 -58.11
N MET S 52 44.06 -8.15 -58.18
CA MET S 52 44.93 -7.89 -57.02
C MET S 52 44.34 -8.17 -55.63
N ASN S 53 43.34 -7.39 -55.22
CA ASN S 53 42.73 -7.56 -53.90
C ASN S 53 41.58 -8.57 -53.87
N ILE S 54 41.75 -9.73 -54.51
CA ILE S 54 40.68 -10.74 -54.49
C ILE S 54 40.57 -11.17 -53.03
N ASP S 55 39.39 -11.59 -52.64
CA ASP S 55 39.18 -12.02 -51.26
C ASP S 55 39.13 -13.54 -51.16
N VAL S 56 39.98 -14.09 -50.29
CA VAL S 56 40.02 -15.53 -50.09
C VAL S 56 39.39 -15.95 -48.77
N GLY S 57 39.65 -15.18 -47.72
CA GLY S 57 39.14 -15.52 -46.39
C GLY S 57 39.81 -16.84 -46.01
N LYS S 58 39.76 -17.19 -44.73
CA LYS S 58 40.35 -18.45 -44.33
C LYS S 58 39.48 -19.57 -44.89
N GLY S 59 40.11 -20.67 -45.30
CA GLY S 59 39.37 -21.79 -45.83
C GLY S 59 39.36 -22.89 -44.79
N ARG S 60 38.34 -23.75 -44.80
CA ARG S 60 38.28 -24.83 -43.82
C ARG S 60 38.71 -26.15 -44.44
N ILE S 61 39.23 -27.04 -43.60
CA ILE S 61 39.73 -28.32 -44.03
C ILE S 61 38.69 -29.44 -43.95
N ILE S 62 38.25 -29.94 -45.11
CA ILE S 62 37.30 -31.02 -45.16
C ILE S 62 37.81 -32.19 -44.31
N PRO S 63 36.97 -32.76 -43.44
CA PRO S 63 37.40 -33.86 -42.58
C PRO S 63 37.92 -35.19 -43.18
N GLY S 64 37.16 -35.83 -44.08
CA GLY S 64 37.58 -37.11 -44.68
C GLY S 64 39.02 -37.15 -45.23
N SER S 65 39.24 -36.39 -46.29
CA SER S 65 40.55 -36.29 -46.96
C SER S 65 41.35 -35.17 -46.28
N GLY S 66 41.96 -34.30 -47.08
CA GLY S 66 42.72 -33.22 -46.51
C GLY S 66 42.46 -31.83 -47.08
N SER S 67 41.88 -31.78 -48.28
CA SER S 67 41.59 -30.53 -48.98
C SER S 67 41.01 -29.41 -48.11
N ALA S 68 41.17 -28.18 -48.58
CA ALA S 68 40.64 -27.01 -47.86
C ALA S 68 39.54 -26.37 -48.71
N GLU S 69 38.49 -25.88 -48.06
CA GLU S 69 37.38 -25.28 -48.77
C GLU S 69 37.42 -23.79 -48.63
N PHE S 70 37.52 -23.12 -49.78
CA PHE S 70 37.57 -21.66 -49.80
C PHE S 70 36.37 -21.01 -50.47
N GLU S 71 35.82 -19.99 -49.82
CA GLU S 71 34.69 -19.26 -50.37
C GLU S 71 35.25 -17.94 -50.87
N VAL S 72 35.73 -17.93 -52.12
CA VAL S 72 36.30 -16.73 -52.72
C VAL S 72 35.19 -15.74 -53.09
N LYS S 73 35.28 -14.54 -52.54
CA LYS S 73 34.26 -13.52 -52.81
C LYS S 73 34.84 -12.39 -53.69
N TYR S 74 34.45 -12.34 -54.97
CA TYR S 74 34.91 -11.31 -55.89
C TYR S 74 33.80 -10.43 -56.44
N ARG S 75 34.06 -9.89 -57.63
CA ARG S 75 33.13 -9.02 -58.37
C ARG S 75 33.54 -9.10 -59.84
N ALA S 76 32.57 -9.16 -60.76
CA ALA S 76 32.91 -9.27 -62.18
C ALA S 76 31.93 -8.62 -63.13
N VAL S 77 32.36 -8.54 -64.39
CA VAL S 77 31.59 -7.94 -65.45
C VAL S 77 30.83 -8.99 -66.23
N VAL S 78 29.50 -8.94 -66.17
CA VAL S 78 28.66 -9.89 -66.89
C VAL S 78 27.63 -9.26 -67.83
N TRP S 79 27.00 -10.10 -68.65
CA TRP S 79 26.04 -9.63 -69.64
C TRP S 79 24.99 -10.67 -69.98
N LYS S 80 23.73 -10.43 -69.64
CA LYS S 80 22.68 -11.40 -69.97
C LYS S 80 21.44 -10.77 -70.55
N PRO S 81 21.21 -11.00 -71.84
CA PRO S 81 20.07 -10.47 -72.57
C PRO S 81 18.73 -10.67 -71.91
N PHE S 82 17.88 -9.65 -72.01
CA PHE S 82 16.54 -9.74 -71.48
C PHE S 82 15.63 -9.60 -72.66
N LYS S 83 14.38 -9.99 -72.49
CA LYS S 83 13.39 -9.90 -73.55
C LYS S 83 13.03 -8.43 -73.71
N GLY S 84 12.57 -8.07 -74.90
CA GLY S 84 12.21 -6.68 -75.11
C GLY S 84 13.43 -5.77 -75.13
N GLU S 85 14.59 -6.28 -74.71
CA GLU S 85 15.80 -5.46 -74.73
C GLU S 85 16.25 -5.16 -76.15
N VAL S 86 16.76 -3.96 -76.37
CA VAL S 86 17.20 -3.58 -77.70
C VAL S 86 18.68 -3.25 -77.82
N VAL S 87 19.35 -3.96 -78.73
CA VAL S 87 20.76 -3.74 -78.98
C VAL S 87 21.05 -4.08 -80.43
N ASP S 88 22.30 -3.89 -80.81
CA ASP S 88 22.71 -4.12 -82.19
C ASP S 88 24.10 -4.75 -82.29
N ALA S 89 24.24 -5.72 -83.19
CA ALA S 89 25.53 -6.38 -83.39
C ALA S 89 25.82 -6.62 -84.85
N ILE S 90 26.97 -7.18 -85.15
CA ILE S 90 27.34 -7.47 -86.53
C ILE S 90 26.67 -8.78 -87.02
N VAL S 91 26.07 -8.74 -88.20
CA VAL S 91 25.42 -9.92 -88.76
C VAL S 91 26.50 -10.98 -88.90
N SER S 92 26.25 -12.18 -88.40
CA SER S 92 27.25 -13.26 -88.47
C SER S 92 27.04 -14.27 -89.60
N ASN S 93 25.82 -14.79 -89.72
CA ASN S 93 25.49 -15.76 -90.77
C ASN S 93 24.17 -15.31 -91.41
N VAL S 94 23.69 -16.06 -92.41
CA VAL S 94 22.45 -15.68 -93.09
C VAL S 94 21.89 -16.72 -94.07
N SER S 95 20.74 -17.30 -93.74
CA SER S 95 20.11 -18.31 -94.57
C SER S 95 18.73 -17.87 -95.05
N PRO S 96 18.03 -18.82 -95.66
CA PRO S 96 16.69 -18.63 -96.19
C PRO S 96 15.66 -18.39 -95.09
N ILE S 97 15.97 -18.83 -93.89
CA ILE S 97 15.06 -18.69 -92.75
C ILE S 97 15.33 -17.43 -91.94
N GLY S 98 16.36 -16.70 -92.32
CA GLY S 98 16.69 -15.48 -91.63
C GLY S 98 18.19 -15.26 -91.54
N PHE S 99 18.61 -14.45 -90.59
CA PHE S 99 20.02 -14.18 -90.40
C PHE S 99 20.33 -14.07 -88.91
N PHE S 100 21.55 -14.45 -88.55
CA PHE S 100 21.96 -14.40 -87.16
C PHE S 100 22.87 -13.20 -86.97
N ALA S 101 22.73 -12.54 -85.82
CA ALA S 101 23.53 -11.35 -85.48
C ALA S 101 24.33 -11.61 -84.24
N ASP S 102 25.41 -10.84 -84.06
CA ASP S 102 26.24 -11.02 -82.90
C ASP S 102 26.47 -9.80 -82.01
N VAL S 103 25.76 -9.77 -80.89
CA VAL S 103 25.88 -8.70 -79.92
C VAL S 103 26.76 -9.25 -78.78
N GLY S 104 28.00 -8.78 -78.78
CA GLY S 104 28.97 -9.21 -77.78
C GLY S 104 29.19 -10.71 -77.83
N PRO S 105 29.13 -11.36 -76.67
CA PRO S 105 29.32 -12.81 -76.56
C PRO S 105 28.07 -13.55 -76.96
N LEU S 106 27.17 -12.83 -77.60
CA LEU S 106 25.90 -13.42 -77.96
C LEU S 106 25.59 -13.53 -79.44
N ASN S 107 24.59 -14.35 -79.74
CA ASN S 107 24.09 -14.59 -81.10
C ASN S 107 22.57 -14.70 -81.11
N VAL S 108 21.93 -13.63 -81.57
CA VAL S 108 20.47 -13.57 -81.66
C VAL S 108 20.12 -13.76 -83.13
N PHE S 109 19.09 -14.58 -83.39
CA PHE S 109 18.66 -14.89 -84.76
C PHE S 109 17.32 -14.26 -85.15
N VAL S 110 17.25 -13.72 -86.37
CA VAL S 110 16.04 -13.08 -86.87
C VAL S 110 15.39 -13.88 -87.98
N SER S 111 14.11 -14.20 -87.80
CA SER S 111 13.33 -14.98 -88.77
C SER S 111 12.82 -14.16 -89.96
N THR S 112 12.79 -14.80 -91.12
CA THR S 112 12.30 -14.19 -92.35
C THR S 112 10.86 -13.78 -92.07
N ARG S 113 10.33 -14.28 -90.96
CA ARG S 113 8.98 -13.97 -90.54
C ARG S 113 8.95 -12.85 -89.51
N LEU S 114 10.14 -12.41 -89.12
CA LEU S 114 10.24 -11.34 -88.15
C LEU S 114 10.98 -10.16 -88.73
N ILE S 115 10.77 -9.94 -90.03
CA ILE S 115 11.40 -8.82 -90.74
C ILE S 115 10.28 -8.14 -91.50
N PRO S 116 10.58 -7.00 -92.15
CA PRO S 116 9.52 -6.34 -92.90
C PRO S 116 9.39 -7.07 -94.24
N ASP S 117 8.18 -7.54 -94.53
CA ASP S 117 7.85 -8.29 -95.75
C ASP S 117 8.65 -7.93 -97.01
N ASN S 118 8.60 -6.66 -97.41
CA ASN S 118 9.30 -6.17 -98.61
C ASN S 118 10.81 -6.42 -98.63
N LEU S 119 11.29 -7.30 -97.75
CA LEU S 119 12.70 -7.63 -97.69
C LEU S 119 12.79 -9.13 -97.84
N VAL S 120 13.02 -9.59 -99.06
CA VAL S 120 13.10 -11.01 -99.35
C VAL S 120 14.53 -11.58 -99.36
N TYR S 121 14.64 -12.87 -99.04
CA TYR S 121 15.92 -13.59 -99.01
C TYR S 121 16.50 -13.76 -100.41
N ASN S 122 17.73 -13.29 -100.61
CA ASN S 122 18.39 -13.38 -101.91
C ASN S 122 18.83 -14.79 -102.26
N PRO S 123 18.55 -15.21 -103.49
CA PRO S 123 18.92 -16.55 -103.96
C PRO S 123 20.44 -16.66 -104.10
N SER S 124 20.90 -16.88 -105.33
CA SER S 124 22.34 -17.02 -105.57
C SER S 124 23.13 -15.72 -105.54
N ASN S 125 23.52 -15.28 -104.34
CA ASN S 125 24.30 -14.07 -104.17
C ASN S 125 25.44 -14.36 -103.20
N SER S 126 26.58 -13.72 -103.43
CA SER S 126 27.75 -13.94 -102.58
C SER S 126 28.39 -12.69 -101.97
N PRO S 127 28.38 -12.60 -100.63
CA PRO S 127 27.78 -13.65 -99.77
C PRO S 127 26.25 -13.51 -99.60
N PRO S 128 25.51 -14.65 -99.61
CA PRO S 128 24.05 -14.65 -99.46
C PRO S 128 23.49 -13.47 -98.65
N ALA S 129 22.56 -12.72 -99.27
CA ALA S 129 21.98 -11.53 -98.64
C ALA S 129 20.46 -11.37 -98.70
N TYR S 130 19.99 -10.21 -98.25
CA TYR S 130 18.57 -9.84 -98.24
C TYR S 130 18.38 -8.49 -98.91
N MET S 131 17.40 -8.40 -99.82
CA MET S 131 17.12 -7.15 -100.52
C MET S 131 15.81 -6.46 -100.13
N SER S 132 15.91 -5.14 -99.96
CA SER S 132 14.77 -4.32 -99.60
C SER S 132 14.52 -3.39 -100.77
N ASN S 133 13.43 -2.63 -100.72
CA ASN S 133 13.12 -1.69 -101.79
C ASN S 133 14.30 -0.72 -101.92
N ASP S 134 15.16 -0.72 -100.91
CA ASP S 134 16.31 0.17 -100.87
C ASP S 134 17.51 -0.42 -100.11
N GLU S 135 17.22 -1.23 -99.10
CA GLU S 135 18.27 -1.86 -98.28
C GLU S 135 18.81 -3.20 -98.79
N LEU S 136 19.99 -3.56 -98.31
CA LEU S 136 20.65 -4.83 -98.67
C LEU S 136 21.48 -5.29 -97.46
N ILE S 137 21.18 -6.47 -96.93
CA ILE S 137 21.88 -7.01 -95.76
C ILE S 137 22.68 -8.28 -96.03
N THR S 138 23.89 -8.32 -95.48
CA THR S 138 24.81 -9.46 -95.64
C THR S 138 25.60 -9.62 -94.35
N LYS S 139 26.58 -10.51 -94.38
CA LYS S 139 27.43 -10.75 -93.25
C LYS S 139 27.78 -9.43 -92.59
N GLY S 140 28.81 -8.79 -93.13
CA GLY S 140 29.33 -7.52 -92.64
C GLY S 140 28.36 -6.47 -92.04
N SER S 141 27.32 -6.09 -92.79
CA SER S 141 26.37 -5.06 -92.33
C SER S 141 25.92 -5.10 -90.86
N LYS S 142 25.84 -3.91 -90.27
CA LYS S 142 25.44 -3.72 -88.88
C LYS S 142 23.94 -3.57 -88.70
N VAL S 143 23.37 -4.33 -87.78
CA VAL S 143 21.94 -4.29 -87.52
C VAL S 143 21.57 -4.05 -86.07
N ARG S 144 20.51 -3.27 -85.87
CA ARG S 144 20.02 -2.98 -84.54
C ARG S 144 18.71 -3.73 -84.34
N LEU S 145 18.75 -4.79 -83.54
CA LEU S 145 17.56 -5.62 -83.30
C LEU S 145 16.98 -5.57 -81.89
N LYS S 146 15.76 -6.12 -81.77
CA LYS S 146 15.01 -6.18 -80.51
C LYS S 146 14.87 -7.65 -80.11
N VAL S 147 15.32 -8.02 -78.92
CA VAL S 147 15.25 -9.42 -78.45
C VAL S 147 13.90 -9.87 -77.91
N VAL S 148 13.11 -10.52 -78.78
CA VAL S 148 11.79 -11.03 -78.43
C VAL S 148 11.83 -12.06 -77.33
N GLY S 149 12.48 -13.20 -77.59
CA GLY S 149 12.57 -14.25 -76.57
C GLY S 149 13.99 -14.73 -76.30
N THR S 150 14.20 -15.35 -75.14
CA THR S 150 15.54 -15.83 -74.79
C THR S 150 15.55 -17.28 -74.32
N ARG S 151 16.42 -18.09 -74.92
CA ARG S 151 16.55 -19.50 -74.55
C ARG S 151 17.91 -19.72 -73.87
N THR S 152 17.89 -20.19 -72.62
CA THR S 152 19.11 -20.44 -71.84
C THR S 152 19.66 -21.81 -72.23
N ASP S 153 20.95 -21.90 -72.52
CA ASP S 153 21.52 -23.18 -72.93
C ASP S 153 22.79 -23.62 -72.19
N VAL S 154 23.47 -24.63 -72.75
CA VAL S 154 24.70 -25.20 -72.21
C VAL S 154 25.54 -24.15 -71.48
N ASN S 155 26.59 -23.70 -72.15
CA ASN S 155 27.48 -22.69 -71.63
C ASN S 155 27.35 -21.49 -72.57
N GLU S 156 26.14 -21.31 -73.10
CA GLU S 156 25.82 -20.21 -74.03
C GLU S 156 24.32 -19.89 -74.03
N ILE S 157 23.99 -18.61 -73.98
CA ILE S 157 22.59 -18.17 -73.99
C ILE S 157 22.26 -17.51 -75.33
N TYR S 158 21.44 -18.17 -76.13
CA TYR S 158 21.06 -17.59 -77.40
C TYR S 158 19.66 -17.04 -77.25
N ALA S 159 19.19 -16.32 -78.26
CA ALA S 159 17.85 -15.75 -78.21
C ALA S 159 17.34 -15.47 -79.61
N ILE S 160 16.17 -14.83 -79.68
CA ILE S 160 15.58 -14.51 -80.96
C ILE S 160 15.07 -13.09 -80.93
N GLY S 161 14.71 -12.56 -82.09
CA GLY S 161 14.21 -11.19 -82.15
C GLY S 161 13.81 -10.69 -83.52
N SER S 162 13.23 -9.51 -83.58
CA SER S 162 12.79 -8.95 -84.84
C SER S 162 13.15 -7.49 -85.06
N ILE S 163 13.02 -7.08 -86.32
CA ILE S 163 13.29 -5.72 -86.76
C ILE S 163 12.06 -5.32 -87.56
N LYS S 164 10.90 -5.74 -87.07
CA LYS S 164 9.64 -5.43 -87.73
C LYS S 164 9.09 -4.11 -87.17
N GLU S 165 9.53 -3.74 -85.98
CA GLU S 165 9.08 -2.49 -85.35
C GLU S 165 9.67 -1.32 -86.15
N ASP S 166 9.89 -0.19 -85.48
CA ASP S 166 10.47 0.96 -86.16
C ASP S 166 11.88 1.13 -85.65
N PHE S 167 12.57 2.14 -86.18
CA PHE S 167 13.94 2.45 -85.78
C PHE S 167 14.90 1.25 -85.65
N LEU S 168 14.56 0.12 -86.27
CA LEU S 168 15.39 -1.09 -86.22
C LEU S 168 15.90 -1.44 -87.63
N GLY S 169 16.97 -2.23 -87.69
CA GLY S 169 17.53 -2.60 -88.99
C GLY S 169 18.94 -2.06 -89.22
N ALA S 170 19.27 -1.77 -90.47
CA ALA S 170 20.59 -1.25 -90.81
C ALA S 170 20.75 0.14 -90.21
N ILE S 171 21.97 0.69 -90.28
CA ILE S 171 22.25 2.03 -89.74
C ILE S 171 23.27 2.86 -90.52
N SER T 2 79.79 -39.58 9.46
CA SER T 2 80.15 -41.00 9.79
C SER T 2 80.30 -41.27 11.29
N SER T 3 79.50 -40.58 12.11
CA SER T 3 79.55 -40.73 13.57
C SER T 3 78.28 -41.34 14.16
N ALA T 4 78.32 -41.59 15.47
CA ALA T 4 77.18 -42.14 16.20
C ALA T 4 76.30 -40.98 16.62
N LEU T 5 75.01 -41.24 16.85
CA LEU T 5 74.08 -40.19 17.24
C LEU T 5 73.29 -40.48 18.52
N PHE T 6 73.51 -41.64 19.10
CA PHE T 6 72.84 -41.98 20.35
C PHE T 6 73.39 -43.25 21.00
N ASP T 7 73.43 -43.22 22.34
CA ASP T 7 73.92 -44.33 23.14
C ASP T 7 73.29 -44.23 24.53
N ASP T 8 72.55 -45.27 24.93
CA ASP T 8 71.93 -45.29 26.25
C ASP T 8 71.26 -46.63 26.54
N ILE T 9 71.38 -47.09 27.78
CA ILE T 9 70.79 -48.36 28.17
C ILE T 9 69.45 -48.12 28.86
N PHE T 10 68.42 -48.85 28.44
CA PHE T 10 67.09 -48.70 29.02
C PHE T 10 66.73 -50.03 29.71
N THR T 11 65.51 -50.07 30.26
CA THR T 11 65.02 -51.28 30.93
C THR T 11 63.56 -51.50 30.55
N VAL T 12 63.30 -52.64 29.91
CA VAL T 12 61.98 -53.02 29.46
C VAL T 12 60.88 -52.84 30.49
N GLN T 13 60.06 -51.81 30.34
CA GLN T 13 58.98 -51.63 31.28
C GLN T 13 57.92 -52.68 30.95
N THR T 14 57.79 -53.03 29.67
CA THR T 14 56.83 -54.06 29.24
C THR T 14 56.88 -54.40 27.75
N VAL T 15 56.35 -55.59 27.42
CA VAL T 15 56.31 -56.12 26.05
C VAL T 15 54.86 -56.41 25.60
N ASP T 16 54.41 -55.77 24.51
CA ASP T 16 53.05 -55.97 24.00
C ASP T 16 52.93 -56.64 22.62
N ASN T 17 52.05 -57.67 22.52
CA ASN T 17 51.78 -58.43 21.29
C ASN T 17 50.33 -58.35 20.83
N GLY T 18 49.77 -57.14 20.72
CA GLY T 18 48.39 -56.99 20.30
C GLY T 18 47.98 -57.64 18.98
N ARG T 19 47.83 -58.96 18.98
CA ARG T 19 47.43 -59.70 17.79
C ARG T 19 48.53 -59.88 16.74
N TYR T 20 49.78 -60.01 17.20
CA TYR T 20 50.91 -60.18 16.30
C TYR T 20 51.75 -61.40 16.66
N ASN T 21 51.63 -62.46 15.86
CA ASN T 21 52.36 -63.69 16.11
C ASN T 21 53.88 -63.57 15.99
N LYS T 22 54.39 -62.50 15.38
CA LYS T 22 55.83 -62.39 15.22
C LYS T 22 56.46 -61.03 15.53
N VAL T 23 55.68 -60.13 16.11
CA VAL T 23 56.19 -58.78 16.44
C VAL T 23 55.61 -58.23 17.72
N SER T 24 56.42 -57.51 18.50
CA SER T 24 55.97 -56.90 19.75
C SER T 24 56.47 -55.47 19.90
N ARG T 25 55.58 -54.58 20.32
CA ARG T 25 55.94 -53.19 20.53
C ARG T 25 56.28 -53.06 22.01
N ILE T 26 57.54 -52.78 22.30
CA ILE T 26 57.97 -52.65 23.68
C ILE T 26 58.29 -51.21 24.07
N ILE T 27 58.25 -50.96 25.38
CA ILE T 27 58.55 -49.65 25.93
C ILE T 27 59.48 -49.81 27.15
N GLY T 28 60.32 -48.81 27.37
CA GLY T 28 61.26 -48.84 28.48
C GLY T 28 61.86 -47.47 28.73
N ILE T 29 62.09 -47.14 30.00
CA ILE T 29 62.68 -45.85 30.36
C ILE T 29 64.21 -45.94 30.38
N SER T 30 64.86 -44.79 30.37
CA SER T 30 66.32 -44.70 30.39
C SER T 30 66.91 -44.83 31.80
N THR T 31 68.16 -45.29 31.90
CA THR T 31 68.83 -45.45 33.19
C THR T 31 69.55 -44.17 33.64
N THR T 32 69.82 -43.26 32.70
CA THR T 32 70.49 -42.00 33.01
C THR T 32 69.45 -40.95 33.41
N ASN T 33 68.87 -40.25 32.42
CA ASN T 33 67.85 -39.25 32.72
C ASN T 33 66.51 -39.89 33.03
N SER T 34 65.63 -39.12 33.68
CA SER T 34 64.30 -39.58 34.02
C SER T 34 63.33 -38.79 33.16
N ALA T 35 63.76 -38.51 31.92
CA ALA T 35 62.97 -37.77 30.95
C ALA T 35 62.85 -38.59 29.67
N ILE T 36 63.83 -39.46 29.43
CA ILE T 36 63.89 -40.29 28.23
C ILE T 36 63.13 -41.63 28.27
N LYS T 37 62.09 -41.71 27.46
CA LYS T 37 61.27 -42.92 27.36
C LYS T 37 61.56 -43.49 25.98
N LEU T 38 61.16 -44.74 25.76
CA LEU T 38 61.35 -45.35 24.46
C LEU T 38 60.21 -46.27 24.08
N THR T 39 59.73 -46.10 22.86
CA THR T 39 58.65 -46.91 22.32
C THR T 39 59.22 -47.53 21.06
N LEU T 40 59.19 -48.85 20.95
CA LEU T 40 59.73 -49.52 19.78
C LEU T 40 59.09 -50.86 19.44
N ASP T 41 58.77 -51.02 18.16
CA ASP T 41 58.19 -52.25 17.63
C ASP T 41 59.39 -53.15 17.39
N ILE T 42 59.21 -54.46 17.48
CA ILE T 42 60.33 -55.37 17.26
C ILE T 42 59.94 -56.79 16.90
N ASN T 43 60.85 -57.45 16.19
CA ASN T 43 60.68 -58.81 15.74
C ASN T 43 60.94 -59.81 16.87
N ASN T 44 59.90 -60.15 17.63
CA ASN T 44 60.02 -61.09 18.74
C ASN T 44 60.58 -62.44 18.28
N GLU T 45 60.47 -62.71 16.99
CA GLU T 45 60.94 -63.98 16.47
C GLU T 45 62.45 -63.99 16.32
N MET T 46 63.02 -62.93 15.76
CA MET T 46 64.47 -62.84 15.55
C MET T 46 65.23 -62.51 16.82
N PHE T 47 64.63 -61.66 17.65
CA PHE T 47 65.25 -61.21 18.89
C PHE T 47 64.24 -61.18 20.05
N PRO T 48 64.09 -62.30 20.78
CA PRO T 48 63.15 -62.36 21.90
C PRO T 48 63.47 -61.35 22.99
N VAL T 49 62.45 -60.90 23.71
CA VAL T 49 62.61 -59.94 24.79
C VAL T 49 61.39 -59.98 25.71
N SER T 50 61.67 -60.07 27.02
CA SER T 50 60.62 -60.10 28.03
C SER T 50 60.77 -58.87 28.92
N GLN T 51 59.79 -58.63 29.79
CA GLN T 51 59.83 -57.49 30.69
C GLN T 51 61.05 -57.51 31.61
N ASP T 52 61.67 -56.34 31.80
CA ASP T 52 62.86 -56.19 32.65
C ASP T 52 64.12 -56.74 31.99
N ASP T 53 64.58 -56.06 30.94
CA ASP T 53 65.79 -56.47 30.25
C ASP T 53 66.70 -55.25 30.13
N SER T 54 68.01 -55.49 30.08
CA SER T 54 69.01 -54.42 29.98
C SER T 54 69.53 -54.30 28.55
N LEU T 55 68.91 -53.43 27.75
CA LEU T 55 69.31 -53.25 26.37
C LEU T 55 70.00 -51.92 26.12
N THR T 56 70.92 -51.92 25.17
CA THR T 56 71.65 -50.72 24.84
C THR T 56 71.20 -50.27 23.47
N VAL T 57 70.56 -49.09 23.40
CA VAL T 57 70.06 -48.58 22.13
C VAL T 57 71.00 -47.55 21.50
N THR T 58 71.18 -47.66 20.19
CA THR T 58 72.04 -46.75 19.46
C THR T 58 71.32 -46.29 18.18
N LEU T 59 71.91 -45.30 17.52
CA LEU T 59 71.38 -44.75 16.27
C LEU T 59 72.59 -44.25 15.51
N ALA T 60 72.36 -43.51 14.43
CA ALA T 60 73.40 -42.92 13.57
C ALA T 60 73.36 -43.44 12.15
N ASN T 61 74.10 -42.77 11.28
CA ASN T 61 74.14 -43.15 9.88
C ASN T 61 75.54 -43.54 9.42
N SER T 62 75.72 -44.83 9.16
CA SER T 62 77.00 -45.36 8.67
C SER T 62 77.06 -46.88 8.80
N LEU T 63 78.28 -47.39 8.65
CA LEU T 63 78.61 -48.82 8.74
C LEU T 63 77.81 -49.56 9.83
N SER T 77 72.40 -49.66 -4.35
CA SER T 77 71.78 -50.94 -3.99
C SER T 77 72.45 -51.50 -2.74
N TRP T 78 71.91 -52.59 -2.22
CA TRP T 78 72.40 -53.21 -1.00
C TRP T 78 73.15 -54.53 -1.20
N ARG T 79 74.47 -54.50 -1.07
CA ARG T 79 75.30 -55.69 -1.25
C ARG T 79 74.93 -56.85 -0.30
N PRO T 80 75.00 -58.10 -0.80
CA PRO T 80 74.69 -59.31 -0.02
C PRO T 80 75.73 -59.45 1.11
N PRO T 81 76.15 -60.68 1.45
CA PRO T 81 77.14 -60.73 2.54
C PRO T 81 78.50 -60.26 2.05
N LYS T 82 79.41 -61.21 1.80
CA LYS T 82 80.77 -60.93 1.33
C LYS T 82 81.57 -59.98 2.23
N PRO T 83 80.86 -59.11 2.95
CA PRO T 83 81.48 -58.17 3.87
C PRO T 83 82.04 -58.90 5.10
N THR T 84 82.18 -60.22 4.98
CA THR T 84 82.71 -61.01 6.08
C THR T 84 84.08 -60.42 6.36
N ASP T 85 84.70 -59.97 5.26
CA ASP T 85 86.02 -59.33 5.29
C ASP T 85 85.81 -57.85 4.91
N LYS T 86 85.04 -57.17 5.76
CA LYS T 86 84.71 -55.75 5.59
C LYS T 86 84.31 -55.18 6.95
N SER T 87 83.89 -53.93 6.98
CA SER T 87 83.46 -53.30 8.23
C SER T 87 82.28 -54.10 8.77
N LEU T 88 81.94 -53.88 10.04
CA LEU T 88 80.84 -54.59 10.67
C LEU T 88 80.33 -53.79 11.86
N ALA T 89 79.88 -52.56 11.64
CA ALA T 89 79.38 -51.77 12.75
C ALA T 89 78.17 -52.47 13.36
N ASP T 90 78.23 -53.80 13.37
CA ASP T 90 77.18 -54.67 13.87
C ASP T 90 77.52 -55.30 15.22
N ASP T 91 78.31 -54.61 16.04
CA ASP T 91 78.66 -55.17 17.35
C ASP T 91 77.45 -55.26 18.26
N TYR T 92 76.35 -55.75 17.72
CA TYR T 92 75.09 -55.89 18.46
C TYR T 92 74.37 -57.18 18.09
N ASP T 93 73.07 -57.25 18.40
CA ASP T 93 72.26 -58.42 18.11
C ASP T 93 70.88 -58.05 17.54
N TYR T 94 70.81 -56.91 16.86
CA TYR T 94 69.57 -56.40 16.24
C TYR T 94 69.96 -55.09 15.60
N VAL T 95 69.78 -55.00 14.28
CA VAL T 95 70.15 -53.79 13.53
C VAL T 95 69.14 -53.44 12.41
N MET T 96 68.16 -52.60 12.72
CA MET T 96 67.19 -52.24 11.72
C MET T 96 67.54 -50.92 11.03
N PHE T 97 66.99 -50.73 9.83
CA PHE T 97 67.19 -49.50 9.10
C PHE T 97 65.78 -49.00 8.88
N GLY T 98 65.61 -47.68 8.90
CA GLY T 98 64.30 -47.09 8.70
C GLY T 98 64.44 -45.61 8.52
N THR T 99 63.34 -44.90 8.66
CA THR T 99 63.33 -43.44 8.53
C THR T 99 62.54 -42.89 9.68
N VAL T 100 62.77 -41.62 9.98
CA VAL T 100 62.03 -41.01 11.05
C VAL T 100 61.13 -40.01 10.35
N TYR T 101 59.91 -39.84 10.84
CA TYR T 101 59.03 -38.88 10.21
C TYR T 101 58.84 -37.60 11.03
N LYS T 102 57.93 -37.58 12.00
CA LYS T 102 57.71 -36.34 12.75
C LYS T 102 58.63 -36.00 13.91
N PHE T 103 58.84 -34.69 14.06
CA PHE T 103 59.63 -34.06 15.12
C PHE T 103 58.67 -33.26 15.99
N GLU T 104 58.22 -33.89 17.07
CA GLU T 104 57.25 -33.31 18.01
C GLU T 104 57.87 -32.72 19.27
N GLU T 105 57.17 -31.77 19.89
CA GLU T 105 57.64 -31.15 21.12
C GLU T 105 56.60 -31.38 22.21
N GLY T 106 56.96 -32.21 23.20
CA GLY T 106 56.03 -32.51 24.29
C GLY T 106 56.28 -31.53 25.44
N ASP T 107 55.53 -30.43 25.44
CA ASP T 107 55.64 -29.38 26.46
C ASP T 107 57.10 -29.03 26.80
N GLU T 108 57.29 -28.13 27.77
CA GLU T 108 58.63 -27.71 28.17
C GLU T 108 59.51 -27.62 26.92
N ASP T 109 60.79 -27.92 27.04
CA ASP T 109 61.64 -27.91 25.87
C ASP T 109 62.08 -29.36 25.61
N LYS T 110 61.17 -30.29 25.96
CA LYS T 110 61.36 -31.72 25.77
C LYS T 110 60.92 -32.12 24.36
N ILE T 111 61.82 -32.76 23.62
CA ILE T 111 61.57 -33.17 22.24
C ILE T 111 61.33 -34.68 22.13
N LYS T 112 60.83 -35.12 20.97
CA LYS T 112 60.55 -36.54 20.72
C LYS T 112 60.41 -36.82 19.20
N VAL T 113 61.38 -37.53 18.64
CA VAL T 113 61.37 -37.86 17.22
C VAL T 113 60.71 -39.21 16.98
N TYR T 114 59.98 -39.31 15.87
CA TYR T 114 59.30 -40.55 15.50
C TYR T 114 59.99 -41.30 14.35
N VAL T 115 60.40 -42.54 14.63
CA VAL T 115 61.11 -43.38 13.66
C VAL T 115 60.32 -44.60 13.18
N SER T 116 60.15 -44.71 11.86
CA SER T 116 59.48 -45.86 11.27
C SER T 116 60.49 -46.62 10.44
N PHE T 117 60.52 -47.93 10.60
CA PHE T 117 61.45 -48.76 9.86
C PHE T 117 60.66 -49.56 8.87
N GLY T 118 60.52 -48.99 7.67
CA GLY T 118 59.78 -49.65 6.62
C GLY T 118 58.52 -50.36 7.09
N GLY T 119 57.95 -49.93 8.21
CA GLY T 119 56.75 -50.58 8.70
C GLY T 119 56.74 -50.71 10.20
N LEU T 120 57.90 -50.53 10.82
CA LEU T 120 58.03 -50.62 12.27
C LEU T 120 58.19 -49.23 12.90
N LEU T 121 57.19 -48.81 13.65
CA LEU T 121 57.19 -47.49 14.27
C LEU T 121 58.10 -47.42 15.50
N MET T 122 58.41 -46.20 15.92
CA MET T 122 59.25 -45.92 17.09
C MET T 122 59.18 -44.47 17.58
N CYS T 123 59.33 -44.27 18.88
CA CYS T 123 59.31 -42.94 19.47
C CYS T 123 60.39 -42.77 20.53
N LEU T 124 61.08 -41.63 20.50
CA LEU T 124 62.13 -41.35 21.48
C LEU T 124 61.78 -40.04 22.19
N GLU T 125 62.20 -39.89 23.46
CA GLU T 125 61.88 -38.69 24.22
C GLU T 125 63.00 -38.25 25.18
N GLY T 126 63.09 -36.94 25.45
CA GLY T 126 64.12 -36.40 26.33
C GLY T 126 64.38 -34.95 25.95
N GLY T 127 65.62 -34.65 25.52
CA GLY T 127 66.00 -33.29 25.08
C GLY T 127 67.50 -32.97 24.90
N TYR T 128 68.38 -33.97 24.94
CA TYR T 128 69.81 -33.65 24.80
C TYR T 128 70.56 -33.99 23.51
N LYS T 129 69.83 -34.20 22.41
CA LYS T 129 70.48 -34.45 21.13
C LYS T 129 70.08 -33.30 20.22
N SER T 130 70.15 -32.10 20.82
CA SER T 130 69.81 -30.83 20.18
C SER T 130 70.82 -30.51 19.07
N LEU T 131 71.82 -31.35 18.94
CA LEU T 131 72.86 -31.17 17.93
C LEU T 131 73.37 -32.53 17.47
N ALA T 132 72.66 -33.59 17.86
CA ALA T 132 73.05 -34.95 17.50
C ALA T 132 72.04 -35.66 16.59
N SER T 133 70.79 -35.75 17.04
CA SER T 133 69.76 -36.40 16.25
C SER T 133 69.29 -35.51 15.12
N LEU T 134 69.63 -35.88 13.89
CA LEU T 134 69.23 -35.11 12.70
C LEU T 134 67.81 -35.44 12.22
N LYS T 135 67.36 -34.72 11.20
CA LYS T 135 66.01 -34.87 10.66
C LYS T 135 66.00 -35.64 9.34
N GLN T 136 67.07 -36.37 9.07
CA GLN T 136 67.20 -37.13 7.84
C GLN T 136 66.53 -38.49 7.92
N ASP T 137 66.51 -39.16 6.77
CA ASP T 137 65.93 -40.49 6.65
C ASP T 137 66.90 -41.49 7.24
N ASN T 138 68.18 -41.26 7.00
CA ASN T 138 69.23 -42.12 7.53
C ASN T 138 68.84 -42.47 8.96
N LEU T 139 69.26 -43.65 9.40
CA LEU T 139 68.97 -44.09 10.76
C LEU T 139 69.13 -45.59 10.86
N TYR T 140 70.07 -46.03 11.68
CA TYR T 140 70.31 -47.44 11.90
C TYR T 140 70.09 -47.67 13.39
N ILE T 141 69.23 -48.60 13.77
CA ILE T 141 69.00 -48.87 15.17
C ILE T 141 69.92 -50.04 15.51
N LEU T 142 70.42 -50.06 16.73
CA LEU T 142 71.32 -51.13 17.18
C LEU T 142 70.94 -51.51 18.61
N ILE T 143 71.20 -52.77 18.98
CA ILE T 143 70.84 -53.26 20.31
C ILE T 143 71.70 -54.45 20.73
N ARG T 144 71.96 -54.61 22.04
CA ARG T 144 72.78 -55.75 22.52
C ARG T 144 72.46 -56.29 23.92
N ALA U 2 -33.35 -52.44 17.80
CA ALA U 2 -34.45 -51.99 16.91
C ALA U 2 -35.50 -53.08 16.71
N SER U 3 -35.11 -54.14 16.00
CA SER U 3 -36.02 -55.24 15.70
C SER U 3 -37.32 -54.62 15.16
N PHE U 4 -37.29 -54.09 13.93
CA PHE U 4 -38.48 -53.46 13.33
C PHE U 4 -39.55 -54.44 12.83
N ARG U 5 -40.65 -53.90 12.30
CA ARG U 5 -41.78 -54.72 11.87
C ARG U 5 -42.27 -54.48 10.45
N PHE U 6 -43.03 -55.46 9.94
CA PHE U 6 -43.64 -55.41 8.60
C PHE U 6 -45.11 -55.08 8.78
N CYS U 7 -45.99 -55.91 8.21
CA CYS U 7 -47.42 -55.68 8.34
C CYS U 7 -48.24 -56.83 7.74
N LEU U 8 -49.38 -57.15 8.37
CA LEU U 8 -50.23 -58.20 7.84
C LEU U 8 -50.70 -57.67 6.50
N GLU U 9 -51.68 -58.35 5.90
CA GLU U 9 -52.23 -57.93 4.62
C GLU U 9 -51.23 -58.03 3.44
N CYS U 10 -50.35 -57.03 3.29
CA CYS U 10 -49.38 -57.05 2.17
C CYS U 10 -47.88 -57.05 2.54
N ASN U 11 -47.52 -57.81 3.57
CA ASN U 11 -46.14 -57.95 4.05
C ASN U 11 -45.13 -56.97 3.44
N ASN U 12 -45.00 -55.79 4.03
CA ASN U 12 -44.05 -54.79 3.53
C ASN U 12 -43.25 -54.07 4.59
N MET U 13 -42.52 -53.05 4.17
CA MET U 13 -41.69 -52.25 5.06
C MET U 13 -42.57 -51.27 5.81
N LEU U 14 -42.14 -50.91 7.02
CA LEU U 14 -42.87 -49.98 7.86
C LEU U 14 -42.19 -48.63 8.05
N TYR U 15 -42.89 -47.59 7.61
CA TYR U 15 -42.44 -46.20 7.68
C TYR U 15 -43.16 -45.52 8.84
N PRO U 16 -42.45 -44.67 9.60
CA PRO U 16 -43.11 -44.00 10.72
C PRO U 16 -43.69 -42.59 10.43
N LYS U 17 -44.78 -42.25 11.12
CA LYS U 17 -45.44 -40.95 11.03
C LYS U 17 -45.89 -40.52 12.42
N GLU U 18 -46.07 -39.21 12.60
CA GLU U 18 -46.43 -38.67 13.89
C GLU U 18 -47.91 -38.44 14.19
N ASP U 19 -48.30 -38.78 15.42
CA ASP U 19 -49.67 -38.59 15.89
C ASP U 19 -49.71 -37.16 16.40
N LYS U 20 -49.77 -36.21 15.46
CA LYS U 20 -49.81 -34.79 15.78
C LYS U 20 -50.65 -34.49 17.00
N GLU U 21 -51.94 -34.33 16.76
CA GLU U 21 -52.92 -34.00 17.78
C GLU U 21 -52.84 -34.77 19.11
N ASN U 22 -52.35 -36.00 19.10
CA ASN U 22 -52.27 -36.77 20.35
C ASN U 22 -50.87 -36.98 20.92
N GLN U 23 -49.84 -36.59 20.17
CA GLN U 23 -48.45 -36.72 20.61
C GLN U 23 -48.01 -38.15 20.96
N ARG U 24 -47.70 -38.94 19.94
CA ARG U 24 -47.23 -40.32 20.10
C ARG U 24 -46.80 -40.87 18.74
N LEU U 25 -46.04 -41.96 18.74
CA LEU U 25 -45.52 -42.52 17.49
C LEU U 25 -46.29 -43.63 16.78
N LEU U 26 -46.37 -43.49 15.45
CA LEU U 26 -47.04 -44.46 14.61
C LEU U 26 -46.08 -45.04 13.57
N TYR U 27 -46.43 -46.22 13.07
CA TYR U 27 -45.66 -46.90 12.03
C TYR U 27 -46.72 -47.17 10.95
N SER U 28 -46.34 -47.35 9.69
CA SER U 28 -47.35 -47.55 8.65
C SER U 28 -46.91 -48.35 7.44
N CYS U 29 -47.61 -48.09 6.34
CA CYS U 29 -47.34 -48.73 5.06
C CYS U 29 -47.77 -47.77 3.97
N ARG U 30 -47.03 -47.79 2.86
CA ARG U 30 -47.31 -46.92 1.72
C ARG U 30 -47.70 -47.71 0.48
N ASN U 31 -48.31 -48.87 0.71
CA ASN U 31 -48.80 -49.76 -0.35
C ASN U 31 -50.31 -49.96 -0.15
N CYS U 32 -50.71 -49.95 1.12
CA CYS U 32 -52.11 -50.11 1.50
C CYS U 32 -52.58 -48.98 2.41
N ASP U 33 -52.71 -49.27 3.71
CA ASP U 33 -53.15 -48.27 4.66
C ASP U 33 -52.83 -48.66 6.11
N TYR U 34 -52.62 -49.96 6.36
CA TYR U 34 -52.31 -50.46 7.70
C TYR U 34 -51.50 -49.47 8.52
N THR U 35 -51.74 -49.46 9.83
CA THR U 35 -51.03 -48.55 10.72
C THR U 35 -51.05 -49.06 12.16
N GLU U 36 -49.87 -49.13 12.77
CA GLU U 36 -49.77 -49.60 14.15
C GLU U 36 -48.96 -48.63 15.01
N LEU U 37 -49.31 -48.55 16.29
CA LEU U 37 -48.63 -47.65 17.22
C LEU U 37 -47.16 -48.05 17.34
N ALA U 38 -46.38 -47.25 18.05
CA ALA U 38 -44.96 -47.52 18.23
C ALA U 38 -44.70 -48.62 19.25
N GLU U 39 -43.81 -49.55 18.91
CA GLU U 39 -43.47 -50.63 19.82
C GLU U 39 -42.54 -50.09 20.90
N ASP U 40 -41.61 -49.24 20.50
CA ASP U 40 -40.65 -48.61 21.40
C ASP U 40 -40.33 -47.22 20.90
N PRO U 41 -39.89 -46.33 21.81
CA PRO U 41 -39.55 -44.97 21.42
C PRO U 41 -38.25 -44.92 20.60
N LYS U 42 -37.54 -46.05 20.56
CA LYS U 42 -36.29 -46.19 19.79
C LYS U 42 -36.62 -46.35 18.32
N VAL U 43 -35.95 -45.60 17.46
CA VAL U 43 -36.24 -45.70 16.04
C VAL U 43 -35.06 -46.17 15.20
N TYR U 44 -33.90 -45.57 15.43
CA TYR U 44 -32.72 -45.89 14.65
C TYR U 44 -31.45 -45.87 15.50
N ARG U 45 -30.54 -46.77 15.17
CA ARG U 45 -29.27 -46.84 15.88
C ARG U 45 -28.18 -47.00 14.85
N HIS U 46 -27.00 -46.49 15.19
CA HIS U 46 -25.85 -46.54 14.30
C HIS U 46 -24.80 -47.54 14.80
N GLU U 47 -24.38 -47.36 16.05
CA GLU U 47 -23.38 -48.21 16.69
C GLU U 47 -22.05 -48.26 15.94
N LEU U 48 -21.08 -47.49 16.42
CA LEU U 48 -19.76 -47.40 15.82
C LEU U 48 -18.73 -48.31 16.45
N ASN U 51 -18.74 -54.03 18.55
CA ASN U 51 -18.34 -54.93 19.62
C ASN U 51 -19.18 -56.20 19.56
N ILE U 52 -20.07 -56.26 18.56
CA ILE U 52 -20.96 -57.40 18.32
C ILE U 52 -20.51 -58.22 17.11
N GLY U 53 -20.15 -59.48 17.36
CA GLY U 53 -19.70 -60.37 16.30
C GLY U 53 -18.33 -60.96 16.62
N GLU U 54 -17.87 -60.77 17.85
CA GLU U 54 -16.58 -61.30 18.31
C GLU U 54 -16.74 -62.77 18.66
N THR U 55 -17.95 -63.12 19.10
CA THR U 55 -18.29 -64.48 19.50
C THR U 55 -18.57 -65.36 18.30
N ALA U 56 -18.59 -64.75 17.12
CA ALA U 56 -18.85 -65.42 15.83
C ALA U 56 -19.21 -66.91 15.91
N GLY U 57 -20.37 -67.24 15.34
CA GLY U 57 -20.87 -68.62 15.32
C GLY U 57 -19.99 -69.64 15.99
N ILE U 58 -20.36 -70.05 17.20
CA ILE U 58 -19.58 -71.03 17.94
C ILE U 58 -20.38 -72.31 18.21
N VAL U 59 -20.62 -73.07 17.16
CA VAL U 59 -21.37 -74.32 17.31
C VAL U 59 -20.57 -75.17 18.28
N ASP U 60 -21.25 -76.05 19.01
CA ASP U 60 -20.59 -76.93 19.98
C ASP U 60 -19.42 -77.65 19.28
N ASP U 61 -19.58 -77.84 17.98
CA ASP U 61 -18.57 -78.50 17.16
C ASP U 61 -17.27 -77.71 17.09
N ILE U 62 -17.24 -76.53 17.70
CA ILE U 62 -16.04 -75.68 17.68
C ILE U 62 -14.90 -76.32 18.49
N GLY U 63 -15.13 -77.56 18.92
CA GLY U 63 -14.12 -78.29 19.66
C GLY U 63 -13.64 -79.41 18.78
N GLN U 64 -14.08 -79.38 17.53
CA GLN U 64 -13.72 -80.37 16.52
C GLN U 64 -12.92 -79.75 15.37
N ASP U 65 -12.68 -78.44 15.43
CA ASP U 65 -11.90 -77.71 14.42
C ASP U 65 -10.47 -77.79 14.94
N PRO U 66 -9.75 -78.86 14.57
CA PRO U 66 -8.36 -79.17 14.94
C PRO U 66 -7.34 -78.06 14.76
N THR U 67 -7.67 -77.11 13.89
CA THR U 67 -6.79 -75.99 13.58
C THR U 67 -6.78 -74.92 14.67
N LEU U 68 -7.43 -75.21 15.79
CA LEU U 68 -7.51 -74.27 16.88
C LEU U 68 -6.61 -74.69 18.04
N PRO U 69 -6.02 -73.71 18.75
CA PRO U 69 -5.12 -73.88 19.89
C PRO U 69 -5.73 -74.45 21.17
N ARG U 70 -4.89 -75.02 22.02
CA ARG U 70 -5.32 -75.62 23.27
C ARG U 70 -4.68 -74.97 24.48
N SER U 71 -5.51 -74.47 25.40
CA SER U 71 -5.03 -73.85 26.64
C SER U 71 -5.60 -74.64 27.82
N ASP U 72 -4.78 -74.85 28.84
CA ASP U 72 -5.19 -75.61 30.01
C ASP U 72 -5.57 -74.76 31.22
N LYS U 73 -6.55 -73.88 31.06
CA LYS U 73 -6.99 -73.03 32.17
C LYS U 73 -8.15 -73.72 32.86
N GLU U 74 -9.17 -72.93 33.22
CA GLU U 74 -10.37 -73.45 33.85
C GLU U 74 -11.46 -72.39 33.93
N CYS U 75 -12.48 -72.59 33.10
CA CYS U 75 -13.61 -71.68 33.02
C CYS U 75 -14.04 -71.13 34.37
N PRO U 76 -14.77 -70.01 34.36
CA PRO U 76 -15.24 -69.36 35.59
C PRO U 76 -16.45 -70.09 36.22
N GLU U 77 -16.80 -71.26 35.70
CA GLU U 77 -17.95 -72.01 36.21
C GLU U 77 -17.77 -73.51 36.42
N CYS U 78 -17.53 -74.27 35.34
CA CYS U 78 -17.38 -75.72 35.46
C CYS U 78 -15.98 -76.19 35.92
N HIS U 79 -15.02 -75.28 35.93
CA HIS U 79 -13.67 -75.61 36.35
C HIS U 79 -13.10 -76.83 35.61
N SER U 80 -12.98 -76.71 34.29
CA SER U 80 -12.43 -77.79 33.44
C SER U 80 -11.00 -77.39 33.07
N ARG U 81 -10.41 -78.09 32.10
CA ARG U 81 -9.03 -77.76 31.69
C ARG U 81 -8.77 -78.05 30.21
N ASP U 82 -9.82 -77.92 29.40
CA ASP U 82 -9.72 -78.15 27.97
C ASP U 82 -10.47 -77.05 27.25
N CYS U 83 -9.73 -75.98 26.92
CA CYS U 83 -10.31 -74.83 26.25
C CYS U 83 -9.62 -74.51 24.93
N VAL U 84 -10.37 -73.89 24.03
CA VAL U 84 -9.88 -73.50 22.71
C VAL U 84 -10.09 -71.98 22.63
N PHE U 85 -9.35 -71.29 21.76
CA PHE U 85 -9.47 -69.84 21.68
C PHE U 85 -9.16 -69.19 20.35
N PHE U 86 -9.13 -67.86 20.38
CA PHE U 86 -8.85 -67.05 19.19
C PHE U 86 -8.93 -65.55 19.50
N GLN U 87 -9.04 -64.72 18.47
CA GLN U 87 -9.15 -63.28 18.65
C GLN U 87 -10.47 -62.88 18.01
N SER U 88 -10.88 -61.64 18.21
CA SER U 88 -12.13 -61.19 17.62
C SER U 88 -12.14 -61.53 16.13
N GLN U 89 -13.33 -61.83 15.60
CA GLN U 89 -13.49 -62.16 14.18
C GLN U 89 -13.82 -60.86 13.47
N GLN U 90 -13.90 -59.78 14.25
CA GLN U 90 -14.19 -58.47 13.69
C GLN U 90 -12.91 -58.04 12.97
N ARG U 91 -12.86 -58.26 11.66
CA ARG U 91 -11.68 -57.91 10.85
C ARG U 91 -11.45 -56.39 10.76
N ARG U 92 -10.96 -55.82 11.85
CA ARG U 92 -10.70 -54.39 11.92
C ARG U 92 -9.24 -54.15 12.33
N LYS U 93 -8.48 -53.53 11.43
CA LYS U 93 -7.06 -53.24 11.65
C LYS U 93 -6.79 -52.54 12.98
N ASP U 94 -7.86 -52.04 13.62
CA ASP U 94 -7.76 -51.32 14.89
C ASP U 94 -8.29 -52.08 16.10
N THR U 95 -8.72 -53.31 15.88
CA THR U 95 -9.25 -54.14 16.95
C THR U 95 -8.18 -54.39 18.01
N ASN U 96 -8.48 -55.23 19.00
CA ASN U 96 -7.53 -55.57 20.06
C ASN U 96 -7.27 -57.07 20.03
N MET U 97 -6.37 -57.54 20.89
CA MET U 97 -6.01 -58.96 20.91
C MET U 97 -6.23 -59.69 22.21
N THR U 98 -7.50 -59.87 22.60
CA THR U 98 -7.85 -60.60 23.81
C THR U 98 -8.35 -61.98 23.41
N LEU U 99 -8.15 -62.97 24.27
CA LEU U 99 -8.58 -64.32 23.92
C LEU U 99 -9.93 -64.73 24.48
N PHE U 100 -10.76 -65.29 23.62
CA PHE U 100 -12.08 -65.78 23.99
C PHE U 100 -11.91 -67.29 24.09
N TYR U 101 -12.42 -67.90 25.15
CA TYR U 101 -12.29 -69.34 25.34
C TYR U 101 -13.61 -70.10 25.38
N VAL U 102 -13.60 -71.29 24.79
CA VAL U 102 -14.76 -72.16 24.78
C VAL U 102 -14.28 -73.40 25.53
N CYS U 103 -15.15 -74.06 26.27
CA CYS U 103 -14.77 -75.24 27.04
C CYS U 103 -15.44 -76.52 26.54
N LEU U 104 -14.65 -77.58 26.36
CA LEU U 104 -15.17 -78.87 25.90
C LEU U 104 -16.19 -79.44 26.91
N ASN U 105 -16.38 -78.71 28.01
CA ASN U 105 -17.31 -79.12 29.06
C ASN U 105 -18.33 -78.05 29.47
N CYS U 106 -18.97 -77.41 28.48
CA CYS U 106 -19.99 -76.41 28.75
C CYS U 106 -20.41 -75.60 27.53
N LYS U 107 -19.51 -74.79 26.99
CA LYS U 107 -19.74 -73.91 25.84
C LYS U 107 -19.90 -72.48 26.33
N LYS U 108 -19.04 -72.10 27.26
CA LYS U 108 -19.03 -70.77 27.86
C LYS U 108 -18.25 -69.83 26.94
N THR U 109 -18.05 -68.59 27.38
CA THR U 109 -17.33 -67.59 26.59
C THR U 109 -16.43 -66.71 27.47
N PHE U 110 -15.50 -67.31 28.22
CA PHE U 110 -14.65 -66.51 29.09
C PHE U 110 -13.39 -65.95 28.43
N ARG U 111 -13.09 -64.69 28.75
CA ARG U 111 -11.95 -63.98 28.19
C ARG U 111 -10.66 -64.06 29.02
N ASP U 112 -9.68 -63.26 28.63
CA ASP U 112 -8.39 -63.18 29.29
C ASP U 112 -8.18 -61.73 29.68
N GLU U 113 -9.10 -60.88 29.20
CA GLU U 113 -9.08 -59.44 29.44
C GLU U 113 -8.92 -59.09 30.92
N SER U 114 -8.60 -57.81 31.20
CA SER U 114 -8.43 -57.33 32.56
C SER U 114 -8.48 -55.82 32.74
N GLU U 115 -9.37 -55.17 31.96
CA GLU U 115 -9.60 -53.73 32.03
C GLU U 115 -11.10 -53.50 31.83
N MET V 1 28.84 -95.66 -20.06
CA MET V 1 29.59 -95.01 -21.18
C MET V 1 31.06 -95.40 -21.06
N ILE V 2 31.31 -96.68 -20.79
CA ILE V 2 32.65 -97.25 -20.65
C ILE V 2 33.49 -96.70 -19.50
N ILE V 3 34.56 -97.42 -19.17
CA ILE V 3 35.46 -97.02 -18.10
C ILE V 3 36.55 -96.09 -18.61
N PRO V 4 36.90 -95.10 -17.80
CA PRO V 4 37.94 -94.12 -18.14
C PRO V 4 39.37 -94.59 -17.89
N VAL V 5 40.12 -94.79 -18.98
CA VAL V 5 41.52 -95.19 -18.89
C VAL V 5 42.26 -94.08 -18.17
N ARG V 6 43.05 -94.45 -17.17
CA ARG V 6 43.80 -93.46 -16.39
C ARG V 6 42.88 -92.42 -15.73
N CYS V 7 43.19 -92.09 -14.48
CA CYS V 7 42.44 -91.12 -13.71
C CYS V 7 42.73 -89.68 -14.17
N PHE V 8 41.70 -88.87 -14.33
CA PHE V 8 41.89 -87.48 -14.77
C PHE V 8 42.93 -86.82 -13.90
N SER V 9 42.56 -86.64 -12.64
CA SER V 9 43.35 -85.99 -11.61
C SER V 9 44.86 -86.26 -11.52
N CYS V 10 45.26 -87.51 -11.23
CA CYS V 10 46.67 -87.85 -11.11
C CYS V 10 47.28 -88.58 -12.32
N GLY V 11 46.51 -89.42 -12.99
CA GLY V 11 47.05 -90.08 -14.16
C GLY V 11 47.12 -91.59 -14.13
N LYS V 12 47.16 -92.18 -12.93
CA LYS V 12 47.26 -93.65 -12.81
C LYS V 12 46.21 -94.39 -13.66
N VAL V 13 46.66 -95.41 -14.38
CA VAL V 13 45.81 -96.24 -15.23
C VAL V 13 44.60 -96.76 -14.44
N VAL V 14 43.51 -97.12 -15.09
CA VAL V 14 42.37 -97.62 -14.33
C VAL V 14 41.39 -98.34 -15.23
N GLY V 15 41.83 -98.71 -16.43
CA GLY V 15 40.94 -99.36 -17.37
C GLY V 15 40.63 -100.79 -17.04
N ASP V 16 41.69 -101.49 -16.67
CA ASP V 16 41.68 -102.90 -16.30
C ASP V 16 40.88 -103.10 -15.01
N LYS V 17 41.17 -102.25 -14.04
CA LYS V 17 40.51 -102.33 -12.77
C LYS V 17 38.98 -102.35 -12.84
N TRP V 18 38.35 -102.10 -13.98
CA TRP V 18 36.89 -102.12 -13.90
C TRP V 18 36.34 -103.47 -13.57
N ASP V 19 36.58 -104.46 -14.42
CA ASP V 19 36.04 -105.77 -14.14
C ASP V 19 36.44 -106.32 -12.76
N ALA V 20 37.68 -106.10 -12.35
CA ALA V 20 38.15 -106.57 -11.04
C ALA V 20 37.18 -106.08 -9.95
N TYR V 21 36.90 -104.79 -9.98
CA TYR V 21 35.99 -104.15 -9.03
C TYR V 21 34.57 -104.70 -9.10
N LEU V 22 33.89 -104.47 -10.23
CA LEU V 22 32.52 -104.93 -10.42
C LEU V 22 32.36 -106.41 -10.07
N ARG V 23 33.50 -107.09 -9.89
CA ARG V 23 33.55 -108.51 -9.55
C ARG V 23 33.66 -108.69 -8.02
N LEU V 24 34.68 -108.08 -7.41
CA LEU V 24 34.90 -108.15 -5.96
C LEU V 24 33.64 -107.74 -5.21
N LEU V 25 32.60 -107.37 -5.96
CA LEU V 25 31.34 -106.98 -5.36
C LEU V 25 30.40 -108.16 -5.47
N GLU V 26 29.92 -108.40 -6.69
CA GLU V 26 29.00 -109.47 -6.96
C GLU V 26 29.31 -110.73 -6.15
N GLU V 27 30.55 -111.23 -6.24
CA GLU V 27 30.97 -112.45 -5.53
C GLU V 27 31.58 -112.32 -4.13
N GLY V 28 32.86 -111.98 -4.06
CA GLY V 28 33.58 -111.83 -2.79
C GLY V 28 32.81 -111.00 -1.77
N LYS V 29 31.69 -110.45 -2.22
CA LYS V 29 30.82 -109.62 -1.41
C LYS V 29 31.59 -108.70 -0.47
N GLN V 30 32.22 -107.69 -1.05
CA GLN V 30 32.98 -106.70 -0.29
C GLN V 30 32.40 -105.34 -0.64
N ASP V 33 36.35 -100.70 0.42
CA ASP V 33 37.32 -101.77 0.56
C ASP V 33 37.78 -102.33 -0.77
N ALA V 34 36.84 -102.65 -1.65
CA ALA V 34 37.19 -103.18 -2.96
C ALA V 34 38.33 -102.33 -3.55
N LEU V 35 38.04 -101.05 -3.72
CA LEU V 35 38.99 -100.08 -4.25
C LEU V 35 40.34 -100.22 -3.59
N ASP V 36 40.38 -100.08 -2.27
CA ASP V 36 41.62 -100.19 -1.51
C ASP V 36 42.52 -101.36 -1.94
N GLU V 37 41.93 -102.55 -2.14
CA GLU V 37 42.73 -103.71 -2.54
C GLU V 37 43.10 -103.62 -4.01
N LEU V 38 42.22 -103.02 -4.81
CA LEU V 38 42.46 -102.83 -6.25
C LEU V 38 43.62 -101.86 -6.43
N LYS V 39 44.08 -101.30 -5.30
CA LYS V 39 45.20 -100.37 -5.31
C LYS V 39 44.85 -98.93 -5.60
N LEU V 40 43.61 -98.52 -5.33
CA LEU V 40 43.18 -97.14 -5.59
C LEU V 40 43.21 -96.32 -4.31
N LYS V 41 44.39 -95.79 -3.99
CA LYS V 41 44.62 -94.99 -2.77
C LYS V 41 43.89 -93.65 -2.65
N ARG V 42 44.58 -92.56 -2.99
CA ARG V 42 44.02 -91.21 -2.91
C ARG V 42 42.74 -90.98 -3.73
N TYR V 43 41.76 -90.36 -3.09
CA TYR V 43 40.46 -90.08 -3.69
C TYR V 43 40.38 -89.65 -5.15
N CYS V 44 41.43 -89.04 -5.67
CA CYS V 44 41.40 -88.58 -7.06
C CYS V 44 41.06 -89.73 -7.99
N CYS V 45 41.81 -90.81 -7.87
CA CYS V 45 41.55 -91.99 -8.68
C CYS V 45 40.36 -92.73 -8.06
N ARG V 46 40.27 -92.69 -6.73
CA ARG V 46 39.17 -93.34 -6.03
C ARG V 46 37.82 -92.99 -6.67
N ARG V 47 37.52 -91.69 -6.64
CA ARG V 47 36.29 -91.16 -7.20
C ARG V 47 36.08 -91.63 -8.64
N MET V 48 37.19 -91.84 -9.34
CA MET V 48 37.13 -92.26 -10.73
C MET V 48 36.23 -93.50 -10.89
N VAL V 49 36.63 -94.58 -10.22
CA VAL V 49 35.92 -95.87 -10.26
C VAL V 49 34.59 -95.87 -9.53
N LEU V 50 34.64 -95.47 -8.26
CA LEU V 50 33.48 -95.43 -7.40
C LEU V 50 32.34 -94.56 -7.92
N THR V 51 32.57 -93.81 -9.00
CA THR V 51 31.53 -92.94 -9.56
C THR V 51 31.15 -93.24 -10.99
N HIS V 52 31.84 -94.17 -11.63
CA HIS V 52 31.51 -94.49 -13.00
C HIS V 52 30.16 -95.18 -13.11
N VAL V 53 29.33 -94.70 -14.05
CA VAL V 53 28.03 -95.29 -14.34
C VAL V 53 28.15 -95.77 -15.79
N ASP V 54 28.43 -97.07 -15.90
CA ASP V 54 28.63 -97.78 -17.15
C ASP V 54 27.39 -97.88 -18.03
N LEU V 55 27.17 -96.85 -18.85
CA LEU V 55 26.03 -96.77 -19.76
C LEU V 55 26.19 -97.73 -20.91
N ILE V 56 27.42 -97.84 -21.41
CA ILE V 56 27.71 -98.71 -22.53
C ILE V 56 26.88 -99.97 -22.48
N GLU V 57 26.64 -100.46 -21.28
CA GLU V 57 25.85 -101.67 -21.11
C GLU V 57 24.48 -101.48 -21.74
N LYS V 58 23.81 -100.41 -21.37
CA LYS V 58 22.48 -100.17 -21.88
C LYS V 58 22.52 -99.87 -23.38
N PHE V 59 23.53 -99.11 -23.82
CA PHE V 59 23.69 -98.77 -25.24
C PHE V 59 23.75 -100.07 -26.05
N LEU V 60 24.51 -101.03 -25.50
CA LEU V 60 24.74 -102.37 -26.07
C LEU V 60 23.48 -103.17 -26.20
N ARG V 61 22.46 -102.76 -25.46
CA ARG V 61 21.22 -103.48 -25.50
C ARG V 61 20.44 -103.13 -26.76
N TYR V 62 20.97 -102.20 -27.56
CA TYR V 62 20.32 -101.80 -28.81
C TYR V 62 20.68 -102.76 -29.95
N ASN V 63 19.81 -102.86 -30.96
CA ASN V 63 20.01 -103.83 -32.05
C ASN V 63 21.17 -103.75 -33.08
N PRO V 64 20.95 -103.13 -34.28
CA PRO V 64 22.07 -103.08 -35.24
C PRO V 64 23.20 -102.09 -34.93
N MET W 1 40.18 -73.75 -31.53
CA MET W 1 39.80 -72.57 -32.36
C MET W 1 40.82 -71.43 -32.44
N ASN W 2 41.27 -70.95 -31.29
CA ASN W 2 42.25 -69.86 -31.23
C ASN W 2 43.51 -70.22 -30.46
N ALA W 3 43.49 -71.39 -29.81
CA ALA W 3 44.62 -71.89 -29.04
C ALA W 3 45.70 -72.43 -29.95
N PRO W 4 46.96 -72.15 -29.60
CA PRO W 4 48.11 -72.59 -30.38
C PRO W 4 48.24 -74.11 -30.47
N ASP W 5 49.24 -74.56 -31.19
CA ASP W 5 49.47 -75.98 -31.31
C ASP W 5 50.33 -76.29 -30.12
N ARG W 6 49.94 -77.33 -29.39
CA ARG W 6 50.67 -77.72 -28.19
C ARG W 6 52.20 -77.61 -28.28
N PHE W 7 52.78 -78.16 -29.34
CA PHE W 7 54.23 -78.15 -29.50
C PHE W 7 54.93 -76.79 -29.52
N GLU W 8 54.25 -75.76 -29.06
CA GLU W 8 54.85 -74.44 -29.05
C GLU W 8 55.39 -74.14 -27.66
N LEU W 9 55.31 -75.14 -26.78
CA LEU W 9 55.78 -74.96 -25.41
C LEU W 9 57.22 -75.38 -25.22
N PHE W 10 57.84 -75.92 -26.27
CA PHE W 10 59.23 -76.37 -26.21
C PHE W 10 60.08 -76.18 -27.47
N ILE W 11 59.44 -76.20 -28.64
CA ILE W 11 60.12 -76.04 -29.94
C ILE W 11 60.34 -74.57 -30.31
N LEU W 12 61.58 -74.23 -30.65
CA LEU W 12 61.85 -72.87 -31.05
C LEU W 12 61.27 -72.71 -32.43
N PRO W 13 60.63 -71.57 -32.67
CA PRO W 13 60.03 -71.31 -33.97
C PRO W 13 60.96 -70.53 -34.88
N ASP W 14 60.75 -70.68 -36.18
CA ASP W 14 61.52 -70.01 -37.21
C ASP W 14 62.50 -68.94 -36.72
N ASP W 15 63.80 -69.25 -36.82
CA ASP W 15 64.82 -68.33 -36.38
C ASP W 15 64.51 -67.71 -35.03
N VAL W 16 64.99 -68.36 -33.97
CA VAL W 16 64.80 -67.91 -32.59
C VAL W 16 65.80 -68.60 -31.70
N PRO W 17 66.58 -67.82 -30.95
CA PRO W 17 67.57 -68.42 -30.07
C PRO W 17 67.00 -68.66 -28.68
N LYS W 18 67.41 -69.77 -28.07
CA LYS W 18 66.97 -70.09 -26.73
C LYS W 18 67.26 -68.85 -25.95
N LEU W 19 68.48 -68.35 -26.12
CA LEU W 19 68.94 -67.17 -25.42
C LEU W 19 69.10 -65.91 -26.25
N LYS W 20 68.76 -64.81 -25.63
CA LYS W 20 68.90 -63.50 -26.22
C LYS W 20 69.34 -62.76 -24.98
N ILE W 21 70.51 -62.14 -25.05
CA ILE W 21 71.03 -61.39 -23.92
C ILE W 21 71.08 -59.92 -24.24
N THR W 22 70.50 -59.12 -23.35
CA THR W 22 70.46 -57.68 -23.52
C THR W 22 71.07 -56.97 -22.32
N PRO W 23 71.87 -55.93 -22.57
CA PRO W 23 72.49 -55.18 -21.48
C PRO W 23 71.44 -54.32 -20.79
N ASP W 24 71.57 -54.10 -19.49
CA ASP W 24 70.60 -53.27 -18.79
C ASP W 24 71.21 -51.91 -18.49
N SER W 25 70.49 -50.86 -18.87
CA SER W 25 70.94 -49.48 -18.68
C SER W 25 70.58 -48.92 -17.30
N ARG W 26 69.50 -49.44 -16.71
CA ARG W 26 69.01 -49.03 -15.39
C ARG W 26 70.13 -48.92 -14.36
N VAL W 27 70.99 -49.94 -14.31
CA VAL W 27 72.11 -49.97 -13.38
C VAL W 27 73.34 -50.59 -14.07
N PRO W 28 74.56 -50.28 -13.58
CA PRO W 28 75.80 -50.80 -14.17
C PRO W 28 76.06 -52.31 -13.98
N ASN W 29 76.75 -52.88 -14.97
CA ASN W 29 77.08 -54.30 -14.96
C ASN W 29 75.81 -55.10 -14.64
N CYS W 30 74.91 -55.17 -15.63
CA CYS W 30 73.66 -55.88 -15.48
C CYS W 30 73.17 -56.34 -16.84
N ILE W 31 72.41 -57.44 -16.85
CA ILE W 31 71.89 -57.98 -18.09
C ILE W 31 70.55 -58.68 -17.91
N ILE W 32 69.80 -58.78 -18.99
CA ILE W 32 68.50 -59.43 -19.00
C ILE W 32 68.49 -60.51 -20.08
N ILE W 33 68.39 -61.76 -19.67
CA ILE W 33 68.40 -62.87 -20.60
C ILE W 33 67.03 -63.49 -20.89
N LYS W 34 66.64 -63.41 -22.15
CA LYS W 34 65.37 -63.95 -22.60
C LYS W 34 65.55 -65.44 -22.93
N PHE W 35 64.89 -66.30 -22.17
CA PHE W 35 64.96 -67.73 -22.44
C PHE W 35 63.69 -68.08 -23.22
N GLU W 36 63.83 -68.70 -24.39
CA GLU W 36 62.67 -69.09 -25.18
C GLU W 36 62.28 -70.55 -24.99
N ARG W 37 60.98 -70.83 -25.01
CA ARG W 37 60.47 -72.17 -24.81
C ARG W 37 61.11 -72.76 -23.56
N GLU W 38 60.67 -72.25 -22.41
CA GLU W 38 61.14 -72.68 -21.09
C GLU W 38 60.15 -72.24 -20.00
N ASP W 39 60.43 -72.62 -18.76
CA ASP W 39 59.56 -72.26 -17.64
C ASP W 39 60.30 -72.27 -16.32
N HIS W 40 59.52 -72.31 -15.24
CA HIS W 40 60.03 -72.34 -13.87
C HIS W 40 60.94 -73.56 -13.67
N THR W 41 60.51 -74.68 -14.24
CA THR W 41 61.28 -75.91 -14.19
C THR W 41 62.74 -75.48 -14.35
N LEU W 42 63.08 -74.79 -15.43
CA LEU W 42 64.47 -74.36 -15.64
C LEU W 42 64.81 -72.97 -15.12
N ALA W 43 63.86 -72.05 -15.19
CA ALA W 43 64.14 -70.71 -14.70
C ALA W 43 64.61 -70.78 -13.26
N ASN W 44 63.66 -70.75 -12.32
CA ASN W 44 63.92 -70.81 -10.89
C ASN W 44 65.15 -71.61 -10.47
N LEU W 45 65.50 -72.65 -11.24
CA LEU W 45 66.68 -73.48 -10.95
C LEU W 45 67.95 -72.68 -11.20
N LEU W 46 67.98 -71.93 -12.30
CA LEU W 46 69.10 -71.06 -12.66
C LEU W 46 69.12 -69.87 -11.69
N ARG W 47 67.96 -69.27 -11.44
CA ARG W 47 67.84 -68.14 -10.53
C ARG W 47 68.51 -68.55 -9.23
N GLU W 48 68.04 -69.67 -8.68
CA GLU W 48 68.57 -70.18 -7.43
C GLU W 48 70.10 -70.26 -7.36
N GLU W 49 70.70 -71.17 -8.13
CA GLU W 49 72.16 -71.36 -8.08
C GLU W 49 73.03 -70.13 -8.32
N LEU W 50 72.40 -68.97 -8.45
CA LEU W 50 73.16 -67.73 -8.67
C LEU W 50 73.31 -66.94 -7.37
N ALA W 51 72.38 -67.14 -6.44
CA ALA W 51 72.44 -66.47 -5.15
C ALA W 51 73.40 -67.34 -4.33
N LEU W 52 74.04 -68.26 -5.05
CA LEU W 52 75.03 -69.17 -4.48
C LEU W 52 76.42 -68.63 -4.75
N TYR W 53 76.61 -68.03 -5.92
CA TYR W 53 77.90 -67.43 -6.23
C TYR W 53 77.81 -66.07 -5.53
N PRO W 54 78.27 -66.00 -4.29
CA PRO W 54 78.20 -64.75 -3.55
C PRO W 54 78.92 -63.65 -4.29
N ASP W 55 79.24 -63.92 -5.55
CA ASP W 55 79.92 -62.97 -6.45
C ASP W 55 78.86 -62.32 -7.35
N VAL W 56 77.63 -62.82 -7.25
CA VAL W 56 76.51 -62.31 -8.02
C VAL W 56 75.78 -61.32 -7.12
N THR W 57 75.65 -60.09 -7.61
CA THR W 57 75.01 -59.01 -6.87
C THR W 57 73.50 -58.96 -7.00
N PHE W 58 72.96 -59.67 -7.98
CA PHE W 58 71.52 -59.69 -8.14
C PHE W 58 71.06 -60.80 -9.06
N VAL W 59 69.87 -61.34 -8.78
CA VAL W 59 69.36 -62.40 -9.61
C VAL W 59 67.90 -62.75 -9.36
N ALA W 60 67.04 -62.32 -10.26
CA ALA W 60 65.63 -62.63 -10.17
C ALA W 60 65.23 -63.05 -11.58
N TYR W 61 64.08 -63.70 -11.71
CA TYR W 61 63.63 -64.12 -13.03
C TYR W 61 62.09 -64.05 -13.07
N LYS W 62 61.49 -64.10 -14.25
CA LYS W 62 60.04 -64.01 -14.31
C LYS W 62 59.40 -64.50 -15.61
N VAL W 63 58.13 -64.86 -15.53
CA VAL W 63 57.37 -65.29 -16.69
C VAL W 63 56.41 -64.15 -17.04
N GLU W 64 56.79 -63.39 -18.06
CA GLU W 64 56.01 -62.25 -18.55
C GLU W 64 54.49 -62.49 -18.49
N HIS W 65 54.06 -63.59 -19.12
CA HIS W 65 52.65 -64.00 -19.19
C HIS W 65 52.56 -65.50 -19.50
N PRO W 66 51.67 -66.23 -18.79
CA PRO W 66 51.50 -67.68 -18.97
C PRO W 66 51.16 -68.28 -20.34
N LEU W 67 50.56 -67.51 -21.25
CA LEU W 67 50.22 -68.02 -22.58
C LEU W 67 51.47 -68.39 -23.34
N PHE W 68 52.52 -67.61 -23.12
CA PHE W 68 53.79 -67.80 -23.80
C PHE W 68 54.85 -68.46 -22.91
N ALA W 69 55.40 -69.58 -23.37
CA ALA W 69 56.43 -70.25 -22.61
C ALA W 69 57.80 -69.59 -22.87
N ASN W 70 58.12 -68.57 -22.10
CA ASN W 70 59.39 -67.85 -22.23
C ASN W 70 59.65 -67.39 -20.83
N PHE W 71 60.68 -66.57 -20.64
CA PHE W 71 60.95 -66.03 -19.33
C PHE W 71 62.19 -65.19 -19.34
N VAL W 72 62.20 -64.15 -18.52
CA VAL W 72 63.33 -63.26 -18.46
C VAL W 72 64.12 -63.46 -17.19
N MET W 73 65.44 -63.45 -17.33
CA MET W 73 66.37 -63.59 -16.23
C MET W 73 67.32 -62.39 -16.19
N ARG W 74 67.31 -61.66 -15.08
CA ARG W 74 68.17 -60.48 -14.89
C ARG W 74 69.30 -60.74 -13.89
N LEU W 75 70.53 -60.50 -14.33
CA LEU W 75 71.70 -60.72 -13.49
C LEU W 75 72.68 -59.54 -13.43
N GLN W 76 73.24 -59.33 -12.25
CA GLN W 76 74.20 -58.26 -12.01
C GLN W 76 75.27 -58.76 -11.05
N THR W 77 76.54 -58.56 -11.41
CA THR W 77 77.65 -59.03 -10.58
C THR W 77 78.62 -57.96 -10.11
N GLU W 78 79.60 -58.39 -9.32
CA GLU W 78 80.63 -57.52 -8.76
C GLU W 78 81.40 -56.81 -9.87
N GLU W 79 82.42 -56.04 -9.49
CA GLU W 79 83.22 -55.32 -10.47
C GLU W 79 83.89 -56.30 -11.45
N GLY W 80 84.33 -55.79 -12.59
CA GLY W 80 85.01 -56.57 -13.62
C GLY W 80 84.84 -58.08 -13.68
N THR W 81 83.65 -58.57 -13.39
CA THR W 81 83.34 -60.00 -13.42
C THR W 81 82.10 -60.06 -14.30
N ARG W 82 82.18 -60.73 -15.44
CA ARG W 82 81.02 -60.80 -16.33
C ARG W 82 79.98 -61.80 -15.84
N PRO W 83 78.72 -61.36 -15.73
CA PRO W 83 77.63 -62.22 -15.27
C PRO W 83 77.46 -63.47 -16.13
N LYS W 84 77.55 -63.30 -17.46
CA LYS W 84 77.39 -64.41 -18.39
C LYS W 84 78.19 -65.59 -17.84
N GLN W 85 79.40 -65.32 -17.39
CA GLN W 85 80.27 -66.35 -16.82
C GLN W 85 79.56 -66.93 -15.60
N ALA W 86 79.22 -66.08 -14.64
CA ALA W 86 78.53 -66.52 -13.43
C ALA W 86 77.32 -67.37 -13.82
N LEU W 87 76.79 -67.13 -15.00
CA LEU W 87 75.64 -67.91 -15.48
C LEU W 87 76.16 -69.29 -15.87
N GLU W 88 77.32 -69.31 -16.52
CA GLU W 88 77.95 -70.55 -16.93
C GLU W 88 78.21 -71.37 -15.66
N ARG W 89 79.07 -70.82 -14.79
CA ARG W 89 79.42 -71.48 -13.53
C ARG W 89 78.20 -71.97 -12.81
N ALA W 90 77.40 -71.04 -12.28
CA ALA W 90 76.20 -71.43 -11.56
C ALA W 90 75.38 -72.46 -12.35
N CYS W 91 75.55 -72.47 -13.67
CA CYS W 91 74.82 -73.41 -14.52
C CYS W 91 75.49 -74.80 -14.46
N ALA W 92 76.82 -74.80 -14.44
CA ALA W 92 77.63 -76.02 -14.36
C ALA W 92 77.49 -76.71 -13.00
N SER W 93 77.55 -75.89 -11.94
CA SER W 93 77.40 -76.32 -10.56
C SER W 93 76.11 -77.14 -10.47
N ILE W 94 75.13 -76.74 -11.29
CA ILE W 94 73.84 -77.38 -11.38
C ILE W 94 73.94 -78.80 -11.92
N ILE W 95 74.61 -78.94 -13.06
CA ILE W 95 74.75 -80.27 -13.65
C ILE W 95 75.48 -81.22 -12.72
N ASN W 96 76.57 -80.75 -12.13
CA ASN W 96 77.34 -81.61 -11.22
C ASN W 96 76.45 -82.09 -10.09
N LYS W 97 75.78 -81.15 -9.44
CA LYS W 97 74.89 -81.50 -8.34
C LYS W 97 73.99 -82.65 -8.79
N LEU W 98 73.49 -82.56 -10.02
CA LEU W 98 72.61 -83.59 -10.59
C LEU W 98 73.37 -84.84 -11.04
N LYS W 99 74.61 -84.63 -11.49
CA LYS W 99 75.41 -85.73 -11.95
C LYS W 99 75.62 -86.63 -10.76
N THR W 100 75.97 -86.01 -9.64
CA THR W 100 76.18 -86.74 -8.40
C THR W 100 74.86 -87.45 -8.10
N LEU W 101 73.77 -86.70 -8.07
CA LEU W 101 72.44 -87.26 -7.76
C LEU W 101 72.14 -88.53 -8.56
N ASP W 102 72.19 -88.43 -9.88
CA ASP W 102 71.93 -89.58 -10.74
C ASP W 102 72.67 -90.79 -10.17
N HIS W 103 73.98 -90.65 -10.05
CA HIS W 103 74.85 -91.71 -9.54
C HIS W 103 74.42 -92.24 -8.16
N LYS W 104 74.33 -91.35 -7.18
CA LYS W 104 73.94 -91.75 -5.83
C LYS W 104 72.59 -92.44 -5.80
N PHE W 105 71.78 -92.26 -6.84
CA PHE W 105 70.47 -92.91 -6.89
C PHE W 105 70.53 -94.27 -7.57
N ASN W 106 71.59 -94.52 -8.34
CA ASN W 106 71.73 -95.79 -9.05
C ASN W 106 72.38 -96.91 -8.22
N GLU W 107 73.48 -96.60 -7.54
CA GLU W 107 74.10 -97.60 -6.70
C GLU W 107 73.06 -97.93 -5.64
N GLU W 108 72.50 -96.88 -5.04
CA GLU W 108 71.46 -97.02 -4.03
C GLU W 108 70.35 -97.99 -4.45
N TRP W 109 69.84 -97.80 -5.66
CA TRP W 109 68.78 -98.63 -6.18
C TRP W 109 69.15 -100.11 -6.21
N ASN W 110 70.17 -100.45 -7.00
CA ASN W 110 70.59 -101.85 -7.11
C ASN W 110 70.49 -102.63 -5.81
N ILE W 111 70.78 -101.99 -4.68
CA ILE W 111 70.72 -102.66 -3.39
C ILE W 111 69.30 -102.92 -2.91
N LYS W 112 68.35 -103.02 -3.86
CA LYS W 112 66.96 -103.27 -3.51
C LYS W 112 66.44 -104.64 -3.98
N ASN W 113 65.61 -105.23 -3.14
CA ASN W 113 64.99 -106.54 -3.42
C ASN W 113 63.48 -106.49 -3.15
N TYR X 27 32.39 -106.91 -51.46
CA TYR X 27 32.79 -105.65 -52.14
C TYR X 27 31.56 -104.81 -52.53
N GLY X 28 31.57 -103.54 -52.12
CA GLY X 28 30.50 -102.57 -52.40
C GLY X 28 29.20 -102.68 -51.58
N VAL X 29 28.66 -101.51 -51.24
CA VAL X 29 27.41 -101.36 -50.48
C VAL X 29 26.87 -99.92 -50.67
N LYS X 30 25.55 -99.75 -50.74
CA LYS X 30 24.96 -98.41 -50.92
C LYS X 30 24.17 -97.93 -49.71
N TYR X 31 22.97 -98.47 -49.50
CA TYR X 31 22.16 -98.07 -48.37
C TYR X 31 21.88 -99.28 -47.47
N THR X 32 21.55 -99.03 -46.20
CA THR X 32 21.24 -100.11 -45.24
C THR X 32 19.83 -99.85 -44.67
N CYS X 33 19.28 -100.82 -43.94
CA CYS X 33 17.94 -100.68 -43.34
C CYS X 33 18.02 -100.45 -41.83
N GLY X 34 17.15 -99.61 -41.29
CA GLY X 34 17.16 -99.30 -39.85
C GLY X 34 17.09 -100.48 -38.90
N ALA X 35 16.62 -101.64 -39.38
CA ALA X 35 16.48 -102.82 -38.53
C ALA X 35 17.26 -104.03 -39.06
N CYS X 36 16.73 -104.61 -40.14
CA CYS X 36 17.35 -105.77 -40.78
C CYS X 36 18.49 -105.23 -41.63
N ALA X 37 19.57 -104.84 -40.95
CA ALA X 37 20.74 -104.29 -41.61
C ALA X 37 21.26 -105.12 -42.78
N HIS X 38 20.57 -105.05 -43.91
CA HIS X 38 20.95 -105.79 -45.11
C HIS X 38 21.32 -104.83 -46.25
N ASN X 39 22.59 -104.86 -46.63
CA ASN X 39 23.09 -104.02 -47.72
C ASN X 39 22.12 -104.03 -48.90
N PHE X 40 21.67 -102.85 -49.30
CA PHE X 40 20.73 -102.74 -50.40
C PHE X 40 21.43 -102.24 -51.67
N SER X 41 21.04 -101.05 -52.13
CA SER X 41 21.57 -100.37 -53.33
C SER X 41 20.46 -100.04 -54.33
N LEU X 42 20.31 -98.76 -54.64
CA LEU X 42 19.28 -98.35 -55.59
C LEU X 42 19.66 -97.09 -56.34
N ASN X 43 18.63 -96.42 -56.84
CA ASN X 43 18.76 -95.18 -57.59
C ASN X 43 17.33 -94.75 -57.88
N LYS X 44 17.18 -93.49 -58.30
CA LYS X 44 15.88 -92.90 -58.63
C LYS X 44 14.77 -93.86 -59.05
N SER X 45 13.54 -93.53 -58.63
CA SER X 45 12.32 -94.28 -58.93
C SER X 45 12.25 -95.76 -58.52
N ASP X 46 13.38 -96.39 -58.19
CA ASP X 46 13.39 -97.80 -57.80
C ASP X 46 12.75 -98.06 -56.43
N PRO X 47 11.90 -97.13 -55.99
CA PRO X 47 11.21 -97.22 -54.72
C PRO X 47 12.18 -96.90 -53.59
N VAL X 48 11.63 -96.68 -52.40
CA VAL X 48 12.47 -96.38 -51.25
C VAL X 48 12.04 -97.27 -50.09
N ARG X 49 12.11 -98.59 -50.30
CA ARG X 49 11.77 -99.57 -49.27
C ARG X 49 12.95 -100.54 -49.10
N CYS X 50 12.66 -101.77 -48.68
CA CYS X 50 13.74 -102.74 -48.48
C CYS X 50 13.35 -104.14 -48.99
N LYS X 51 14.35 -105.00 -49.18
CA LYS X 51 14.14 -106.38 -49.66
C LYS X 51 13.34 -107.20 -48.65
N GLU X 52 12.23 -106.64 -48.19
CA GLU X 52 11.34 -107.26 -47.22
C GLU X 52 10.65 -106.17 -46.39
N CYS X 53 11.11 -105.98 -45.16
CA CYS X 53 10.55 -104.97 -44.26
C CYS X 53 10.12 -103.73 -45.01
N GLY X 54 8.83 -103.41 -44.92
CA GLY X 54 8.32 -102.22 -45.58
C GLY X 54 9.02 -100.99 -45.05
N HIS X 55 9.21 -100.94 -43.73
CA HIS X 55 9.86 -99.81 -43.05
C HIS X 55 10.87 -99.07 -43.93
N ARG X 56 10.38 -97.99 -44.54
CA ARG X 56 11.13 -97.16 -45.48
C ARG X 56 12.19 -96.19 -44.95
N VAL X 57 13.07 -96.66 -44.07
CA VAL X 57 14.11 -95.79 -43.52
C VAL X 57 15.37 -95.82 -44.41
N ILE X 58 16.43 -96.48 -43.94
CA ILE X 58 17.70 -96.62 -44.68
C ILE X 58 18.80 -95.59 -44.51
N TYR X 59 19.95 -96.08 -44.00
CA TYR X 59 21.12 -95.26 -43.79
C TYR X 59 22.04 -95.43 -45.00
N LYS X 60 22.98 -94.51 -45.19
CA LYS X 60 23.85 -94.56 -46.35
C LYS X 60 25.28 -95.02 -46.06
N ALA X 61 25.41 -96.22 -45.48
CA ALA X 61 26.69 -96.84 -45.12
C ALA X 61 28.02 -96.08 -45.34
N ARG X 62 28.92 -96.24 -44.37
CA ARG X 62 30.24 -95.60 -44.32
C ARG X 62 30.95 -95.30 -45.64
N THR X 63 32.10 -94.66 -45.53
CA THR X 63 32.88 -94.31 -46.70
C THR X 63 33.99 -95.31 -46.95
N LYS X 64 34.53 -95.24 -48.15
CA LYS X 64 35.62 -96.08 -48.56
C LYS X 64 36.92 -95.37 -48.13
N ARG X 65 37.01 -94.07 -48.40
CA ARG X 65 38.20 -93.29 -48.03
C ARG X 65 38.40 -93.22 -46.51
N MET X 66 39.42 -93.90 -46.03
CA MET X 66 39.72 -93.92 -44.60
C MET X 66 39.76 -92.55 -43.94
N SER X 67 39.33 -92.50 -42.69
CA SER X 67 39.32 -91.29 -41.88
C SER X 67 40.48 -91.39 -40.90
N LYS X 68 41.25 -90.32 -40.80
CA LYS X 68 42.41 -90.31 -39.92
C LYS X 68 42.19 -89.48 -38.65
N PHE X 69 42.51 -90.06 -37.48
CA PHE X 69 42.34 -89.38 -36.20
C PHE X 69 43.62 -89.11 -35.40
N LEU X 70 43.48 -88.17 -34.46
CA LEU X 70 44.54 -87.74 -33.55
C LEU X 70 44.24 -88.30 -32.16
N THR X 71 45.28 -88.66 -31.42
CA THR X 71 45.08 -89.27 -30.12
C THR X 71 44.96 -88.35 -28.90
N THR X 72 44.47 -87.13 -29.09
CA THR X 72 44.30 -86.20 -27.96
C THR X 72 42.84 -85.83 -27.75
ZN ZN Y . -12.65 101.65 -10.87
ZN ZN Z . -36.14 89.96 29.18
ZN ZN AA . -38.68 92.40 14.28
ZN ZN BA . -40.51 38.51 74.13
ZN ZN CA . 45.98 67.51 -10.38
ZN ZN DA . 39.83 25.02 4.46
ZN ZN EA . -16.63 22.52 54.81
ZN ZN FA . 0.08 63.85 72.39
ZN ZN GA . -21.43 -18.08 -43.96
ZN ZN HA . 16.18 -44.31 -60.11
ZN ZN IA . 12.43 -29.76 -57.11
ZN ZN JA . 60.36 -91.90 -39.91
ZN ZN KA . -49.46 -53.12 4.05
ZN ZN LA . -17.50 -74.34 31.65
ZN ZN MA . 43.96 -90.59 -9.43
ZN ZN NA . 14.28 -104.03 -44.58
#